data_5J7U
#
_entry.id   5J7U
#
_cell.length_a   86.380
_cell.length_b   390.830
_cell.length_c   130.140
_cell.angle_alpha   90.00
_cell.angle_beta   91.66
_cell.angle_gamma   90.00
#
_symmetry.space_group_name_H-M   'P 1 21 1'
#
loop_
_entity.id
_entity.type
_entity.pdbx_description
1 polymer 'major capsid protein'
2 polymer unknown
3 water water
#
loop_
_entity_poly.entity_id
_entity_poly.type
_entity_poly.pdbx_seq_one_letter_code
_entity_poly.pdbx_strand_id
1 'polypeptide(L)'
;EAGGVFKLIANDGKADRMIMANDLLNDRIKSIMCLRAKQGFSDPTPTLVDIERTHILLINSHYKPFAAMGYEYQKTRPNT
GNPTYNSTIQFSIPQFGDFFSDMVVHVQLAATSASAGTVPALPAFIGADDQVLTSTSVVSATENTTSGVYTLYTQSYVNQ
QGTTQTVAAAATNFVRYCEYPGLRLFKRVKFEVNGNPLDEYTALAAIMYNKFHVPDFKLTGWKRLIGQEVPVEAASNLVN
IASTTPWGSPIVALSDVNGTAVTGSPVNAAITARKLTQVVFGAQTPKATQEQLNMFVPLLFWFRDPRLAIASVSIPYGQR
FITVDIEQQSNILFTAPGNLFLQTTVETLLTTGAGKGTATGVLLTQYNRYTTYTPTLASGSSIDGTQAVQNIELYINNIF
VTPEIHDIYIKRIGFTLIRVYREQVQREVNAADQVLQSQLKWPVEFIYLGLRPANNIAAGNTYQWRDWHHLTSVTNEPVY
DVSQSYARVSIDDTVAPVGSTTFKQSASQVMQNQYIVPVETETLDTVRVKAHGIELYAQYRAQFYRDYIPWNYGSFNLVT
PQDKGALFLNFCLYPGTYQPSGHVNISRAREFYIEYTSSFCDSSNPCDLISIAKCINFLLISDGSAVLRYSTKEFYLQCL
ILRCI
;
A,B,C,D,E,F,G,H,I,J,K,L
2 'polypeptide(L)'
;(UNK)(UNK)(UNK)(UNK)(UNK)(UNK)(UNK)(UNK)(UNK)(UNK)(UNK)(UNK)(UNK)(UNK)(UNK)(UNK)
(UNK)(UNK)(UNK)(UNK)(UNK)
;
M,N,O,P,Q,R,S,T,U,V,W,X
#
# COMPACT_ATOMS: atom_id res chain seq x y z
N GLY A 13 19.59 27.51 3.56
CA GLY A 13 20.50 28.13 4.50
C GLY A 13 21.90 28.34 3.97
N LYS A 14 22.61 27.24 3.73
CA LYS A 14 24.00 27.29 3.29
C LYS A 14 24.18 28.22 2.10
N ALA A 15 23.32 28.07 1.08
CA ALA A 15 23.45 28.91 -0.11
C ALA A 15 23.03 30.34 0.17
N ASP A 16 21.93 30.53 0.90
CA ASP A 16 21.50 31.88 1.26
C ASP A 16 22.49 32.57 2.18
N ARG A 17 23.18 31.80 3.03
CA ARG A 17 24.13 32.38 3.97
C ARG A 17 25.22 33.17 3.26
N MET A 18 25.66 32.68 2.10
CA MET A 18 26.74 33.35 1.37
C MET A 18 26.23 34.49 0.49
N ILE A 19 24.96 34.45 0.09
CA ILE A 19 24.42 35.48 -0.80
C ILE A 19 23.87 36.66 -0.01
N MET A 20 23.16 36.39 1.09
CA MET A 20 22.52 37.45 1.85
C MET A 20 23.10 37.64 3.24
N ALA A 21 23.73 36.61 3.81
CA ALA A 21 24.39 36.71 5.12
C ALA A 21 23.50 37.41 6.15
N ASN A 22 22.23 36.98 6.19
CA ASN A 22 21.26 37.66 7.04
C ASN A 22 21.50 37.39 8.51
N ASP A 23 22.04 36.21 8.84
CA ASP A 23 22.38 35.92 10.23
C ASP A 23 23.47 36.87 10.73
N LEU A 24 24.48 37.13 9.90
CA LEU A 24 25.51 38.09 10.27
C LEU A 24 24.95 39.50 10.35
N LEU A 25 24.02 39.85 9.46
CA LEU A 25 23.42 41.18 9.47
C LEU A 25 22.62 41.41 10.75
N ASN A 26 21.74 40.46 11.09
CA ASN A 26 20.93 40.61 12.30
C ASN A 26 21.80 40.75 13.54
N ASP A 27 22.98 40.14 13.54
CA ASP A 27 23.90 40.31 14.66
C ASP A 27 24.60 41.66 14.63
N ARG A 28 24.91 42.20 13.45
CA ARG A 28 25.48 43.53 13.37
C ARG A 28 24.49 44.58 13.87
N ILE A 29 23.20 44.40 13.56
CA ILE A 29 22.17 45.31 14.08
C ILE A 29 22.09 45.20 15.58
N LYS A 30 21.88 43.97 16.09
CA LYS A 30 21.85 43.74 17.52
C LYS A 30 23.12 44.25 18.20
N SER A 31 24.27 44.11 17.53
CA SER A 31 25.53 44.61 18.08
C SER A 31 25.56 46.13 18.13
N ILE A 32 25.15 46.77 17.04
CA ILE A 32 25.24 48.23 16.95
C ILE A 32 24.30 48.89 17.95
N MET A 33 23.09 48.35 18.10
CA MET A 33 22.13 48.92 19.04
C MET A 33 22.64 48.83 20.47
N CYS A 34 23.37 47.76 20.80
CA CYS A 34 23.95 47.63 22.13
C CYS A 34 24.99 48.71 22.39
N LEU A 35 25.89 48.92 21.43
CA LEU A 35 26.96 49.89 21.61
C LEU A 35 26.42 51.31 21.71
N ARG A 36 25.51 51.68 20.80
CA ARG A 36 24.92 53.02 20.85
C ARG A 36 24.18 53.26 22.15
N ALA A 37 23.53 52.23 22.69
CA ALA A 37 22.86 52.37 23.98
C ALA A 37 23.86 52.55 25.10
N LYS A 38 24.97 51.81 25.07
CA LYS A 38 26.00 51.97 26.09
C LYS A 38 26.60 53.37 26.06
N GLN A 39 26.87 53.89 24.86
CA GLN A 39 27.53 55.18 24.72
C GLN A 39 26.58 56.36 24.94
N GLY A 40 25.32 56.12 25.26
CA GLY A 40 24.42 57.19 25.64
C GLY A 40 23.78 57.94 24.49
N PHE A 41 23.63 57.30 23.33
CA PHE A 41 22.86 57.92 22.26
C PHE A 41 21.38 57.85 22.57
N SER A 42 20.66 58.93 22.25
CA SER A 42 19.20 58.91 22.39
C SER A 42 18.59 57.83 21.53
N ASP A 43 19.06 57.70 20.29
CA ASP A 43 18.51 56.76 19.33
C ASP A 43 19.47 55.59 19.14
N PRO A 44 19.16 54.40 19.66
CA PRO A 44 20.05 53.25 19.42
C PRO A 44 19.95 52.70 18.01
N THR A 45 19.00 53.17 17.22
CA THR A 45 18.79 52.64 15.87
C THR A 45 20.03 52.88 15.02
N PRO A 46 20.54 51.87 14.31
CA PRO A 46 21.76 52.06 13.52
C PRO A 46 21.55 53.05 12.39
N THR A 47 22.68 53.52 11.87
CA THR A 47 22.71 54.34 10.66
C THR A 47 22.65 53.44 9.43
N LEU A 48 22.12 53.97 8.33
CA LEU A 48 22.16 53.23 7.07
C LEU A 48 23.59 53.00 6.60
N VAL A 49 24.48 53.95 6.86
CA VAL A 49 25.89 53.76 6.53
C VAL A 49 26.49 52.61 7.34
N ASP A 50 26.04 52.44 8.59
CA ASP A 50 26.42 51.26 9.36
C ASP A 50 26.07 49.99 8.62
N ILE A 51 24.85 49.92 8.08
CA ILE A 51 24.42 48.73 7.34
C ILE A 51 25.29 48.54 6.10
N GLU A 52 25.56 49.63 5.38
CA GLU A 52 26.28 49.54 4.11
C GLU A 52 27.75 49.18 4.27
N ARG A 53 28.27 49.12 5.50
CA ARG A 53 29.63 48.66 5.69
C ARG A 53 29.76 47.18 5.33
N THR A 54 28.67 46.42 5.41
CA THR A 54 28.69 44.99 5.15
C THR A 54 27.71 44.59 4.06
N HIS A 55 26.48 45.07 4.11
CA HIS A 55 25.44 44.68 3.16
C HIS A 55 25.10 45.83 2.22
N ILE A 56 24.44 45.49 1.12
CA ILE A 56 23.93 46.46 0.17
C ILE A 56 22.42 46.49 0.28
N LEU A 57 21.85 47.70 0.21
CA LEU A 57 20.41 47.91 0.29
C LEU A 57 19.86 48.05 -1.12
N LEU A 58 18.98 47.14 -1.52
CA LEU A 58 18.41 47.21 -2.86
C LEU A 58 17.31 48.26 -2.96
N ILE A 59 16.63 48.57 -1.87
CA ILE A 59 15.67 49.66 -1.82
C ILE A 59 16.35 50.81 -1.07
N ASN A 60 16.68 51.88 -1.79
CA ASN A 60 17.50 52.93 -1.21
C ASN A 60 17.42 54.16 -2.11
N SER A 61 16.77 55.21 -1.64
CA SER A 61 16.60 56.46 -2.40
C SER A 61 17.71 57.47 -2.11
N HIS A 62 18.87 57.01 -1.65
CA HIS A 62 19.97 57.92 -1.34
C HIS A 62 20.57 58.51 -2.62
N TYR A 63 21.13 59.71 -2.48
CA TYR A 63 21.85 60.37 -3.56
C TYR A 63 22.78 61.40 -2.93
N LYS A 64 23.79 61.77 -3.67
CA LYS A 64 24.60 62.84 -3.11
C LYS A 64 24.22 64.16 -3.75
N PRO A 65 24.31 65.27 -3.01
CA PRO A 65 24.18 66.58 -3.67
C PRO A 65 25.40 66.84 -4.53
N PHE A 66 25.19 67.48 -5.66
CA PHE A 66 26.31 67.82 -6.53
C PHE A 66 26.71 69.27 -6.33
N ALA A 67 28.02 69.52 -6.43
CA ALA A 67 28.51 70.89 -6.45
C ALA A 67 27.82 71.64 -7.57
N ALA A 68 27.20 72.77 -7.24
CA ALA A 68 26.33 73.48 -8.15
C ALA A 68 26.96 73.64 -9.52
N MET A 69 26.13 73.47 -10.55
CA MET A 69 26.62 73.49 -11.93
C MET A 69 25.45 73.72 -12.87
N GLY A 70 25.68 74.54 -13.89
CA GLY A 70 24.76 74.68 -14.99
C GLY A 70 25.52 74.67 -16.29
N TYR A 71 24.78 74.61 -17.39
CA TYR A 71 25.42 74.67 -18.70
C TYR A 71 24.53 75.41 -19.67
N GLU A 72 25.16 75.93 -20.72
CA GLU A 72 24.46 76.61 -21.80
C GLU A 72 25.30 76.46 -23.06
N TYR A 73 24.61 76.41 -24.20
CA TYR A 73 25.29 76.36 -25.48
C TYR A 73 25.52 77.76 -26.03
N GLN A 74 26.60 77.92 -26.78
CA GLN A 74 26.94 79.18 -27.40
C GLN A 74 27.37 78.92 -28.84
N LYS A 75 26.98 79.83 -29.73
CA LYS A 75 27.08 79.66 -31.17
C LYS A 75 28.03 80.71 -31.74
N THR A 76 28.96 80.29 -32.58
CA THR A 76 29.99 81.19 -33.08
C THR A 76 30.22 80.97 -34.57
N ARG A 77 30.56 82.05 -35.25
CA ARG A 77 30.88 82.04 -36.68
C ARG A 77 32.38 81.94 -36.88
N PRO A 78 32.83 81.63 -38.10
CA PRO A 78 34.27 81.46 -38.34
C PRO A 78 35.04 82.77 -38.27
N ASN A 79 36.36 82.63 -38.14
CA ASN A 79 37.31 83.73 -38.27
C ASN A 79 37.77 83.94 -39.71
N THR A 80 37.49 82.99 -40.59
CA THR A 80 38.08 82.95 -41.92
C THR A 80 37.18 83.54 -42.99
N GLY A 81 36.11 84.23 -42.60
CA GLY A 81 35.24 84.84 -43.59
C GLY A 81 34.13 83.91 -44.04
N ASN A 82 33.62 84.12 -45.25
CA ASN A 82 32.47 83.36 -45.72
C ASN A 82 32.90 81.96 -46.13
N PRO A 83 32.21 80.92 -45.66
CA PRO A 83 32.63 79.55 -45.97
C PRO A 83 32.39 79.19 -47.42
N THR A 84 33.27 78.32 -47.93
CA THR A 84 33.18 77.79 -49.29
C THR A 84 33.66 76.35 -49.26
N TYR A 85 33.26 75.57 -50.26
CA TYR A 85 33.86 74.27 -50.47
C TYR A 85 35.37 74.43 -50.67
N ASN A 86 36.12 73.37 -50.34
CA ASN A 86 37.55 73.28 -50.62
C ASN A 86 38.32 74.46 -50.02
N SER A 87 38.18 74.62 -48.71
CA SER A 87 38.86 75.69 -48.00
C SER A 87 39.04 75.26 -46.55
N THR A 88 39.71 76.12 -45.78
CA THR A 88 39.92 75.90 -44.35
C THR A 88 39.11 76.93 -43.58
N ILE A 89 38.34 76.46 -42.61
CA ILE A 89 37.50 77.29 -41.77
C ILE A 89 37.98 77.13 -40.33
N GLN A 90 38.18 78.25 -39.65
CA GLN A 90 38.66 78.24 -38.28
C GLN A 90 37.68 78.97 -37.37
N PHE A 91 37.35 78.34 -36.24
CA PHE A 91 36.52 78.94 -35.22
C PHE A 91 37.35 79.22 -33.97
N SER A 92 37.10 80.37 -33.36
CA SER A 92 37.60 80.58 -32.00
C SER A 92 36.65 79.92 -31.01
N ILE A 93 37.17 79.64 -29.82
CA ILE A 93 36.36 79.12 -28.72
C ILE A 93 36.22 80.24 -27.71
N PRO A 94 35.10 80.95 -27.69
CA PRO A 94 35.02 82.19 -26.91
C PRO A 94 35.08 81.94 -25.41
N GLN A 95 35.54 82.96 -24.69
CA GLN A 95 35.48 82.94 -23.23
C GLN A 95 34.03 83.07 -22.78
N PHE A 96 33.51 82.02 -22.14
CA PHE A 96 32.13 82.03 -21.67
C PHE A 96 32.01 81.27 -20.36
N GLY A 97 32.05 79.93 -20.42
CA GLY A 97 31.96 79.12 -19.23
C GLY A 97 33.32 78.86 -18.60
N ASP A 98 33.28 78.26 -17.40
CA ASP A 98 34.50 77.83 -16.75
C ASP A 98 35.08 76.61 -17.44
N PHE A 99 34.23 75.78 -18.04
CA PHE A 99 34.64 74.64 -18.84
C PHE A 99 33.84 74.65 -20.14
N PHE A 100 34.43 74.12 -21.21
CA PHE A 100 33.68 73.87 -22.43
C PHE A 100 33.75 72.38 -22.75
N SER A 101 32.69 71.88 -23.39
CA SER A 101 32.51 70.44 -23.54
C SER A 101 32.13 70.05 -24.96
N ASP A 102 30.95 69.48 -25.16
CA ASP A 102 30.59 68.91 -26.45
C ASP A 102 30.41 70.00 -27.49
N MET A 103 30.80 69.69 -28.72
CA MET A 103 30.82 70.65 -29.83
C MET A 103 30.13 70.04 -31.04
N VAL A 104 29.37 70.88 -31.76
CA VAL A 104 28.67 70.46 -32.96
C VAL A 104 28.67 71.62 -33.96
N VAL A 105 28.77 71.29 -35.25
CA VAL A 105 28.91 72.27 -36.31
C VAL A 105 27.65 72.25 -37.17
N HIS A 106 26.96 73.39 -37.22
CA HIS A 106 25.79 73.54 -38.08
C HIS A 106 26.25 73.92 -39.49
N VAL A 107 25.99 73.05 -40.46
CA VAL A 107 26.32 73.30 -41.85
C VAL A 107 25.03 73.44 -42.64
N GLN A 108 24.99 74.43 -43.53
CA GLN A 108 23.80 74.72 -44.34
C GLN A 108 24.24 74.92 -45.78
N LEU A 109 23.90 73.95 -46.64
CA LEU A 109 24.24 74.00 -48.05
C LEU A 109 22.99 74.35 -48.84
N ALA A 110 23.13 75.34 -49.74
CA ALA A 110 21.98 75.88 -50.46
C ALA A 110 21.28 74.83 -51.31
N ALA A 111 19.99 75.06 -51.55
CA ALA A 111 19.26 74.26 -52.53
C ALA A 111 19.92 74.39 -53.90
N THR A 112 19.89 73.31 -54.66
CA THR A 112 20.69 73.26 -55.87
C THR A 112 20.06 72.34 -56.90
N SER A 113 20.38 72.59 -58.16
CA SER A 113 19.92 71.77 -59.27
C SER A 113 21.04 71.61 -60.29
N ALA A 114 20.85 70.65 -61.18
CA ALA A 114 21.79 70.46 -62.28
C ALA A 114 21.46 71.43 -63.41
N SER A 115 22.47 71.70 -64.24
CA SER A 115 22.27 72.60 -65.37
C SER A 115 21.46 71.91 -66.46
N ALA A 116 20.91 72.72 -67.36
CA ALA A 116 20.09 72.18 -68.44
C ALA A 116 20.97 71.49 -69.47
N GLY A 117 20.53 70.31 -69.90
CA GLY A 117 21.27 69.56 -70.89
C GLY A 117 20.42 69.02 -72.03
N THR A 118 20.83 67.92 -72.65
CA THR A 118 20.14 67.42 -73.83
C THR A 118 20.02 65.90 -73.76
N VAL A 119 18.97 65.38 -74.40
CA VAL A 119 18.78 63.96 -74.60
C VAL A 119 19.96 63.43 -75.42
N PRO A 120 20.69 62.42 -74.93
CA PRO A 120 21.85 61.93 -75.66
C PRO A 120 21.44 61.19 -76.93
N ALA A 121 22.44 60.91 -77.76
CA ALA A 121 22.21 60.15 -78.98
C ALA A 121 21.76 58.73 -78.65
N LEU A 122 20.99 58.15 -79.55
CA LEU A 122 20.45 56.82 -79.35
C LEU A 122 21.52 55.75 -79.55
N PRO A 123 21.32 54.56 -78.98
CA PRO A 123 22.35 53.52 -79.08
C PRO A 123 22.56 53.06 -80.51
N ALA A 124 23.70 52.41 -80.73
CA ALA A 124 24.00 51.84 -82.03
C ALA A 124 23.00 50.73 -82.37
N PHE A 125 22.96 50.36 -83.65
CA PHE A 125 22.10 49.27 -84.08
C PHE A 125 22.50 47.96 -83.39
N ILE A 126 21.54 47.06 -83.29
CA ILE A 126 21.77 45.72 -82.74
C ILE A 126 21.74 44.66 -83.83
N GLY A 127 20.63 44.55 -84.55
CA GLY A 127 20.54 43.60 -85.64
C GLY A 127 21.13 44.14 -86.93
N ALA A 128 21.43 43.21 -87.84
CA ALA A 128 22.05 43.58 -89.10
C ALA A 128 21.05 43.96 -90.18
N ASP A 129 19.76 43.65 -90.00
CA ASP A 129 18.76 43.87 -91.03
C ASP A 129 17.79 44.98 -90.64
N ASP A 130 17.20 45.60 -91.67
CA ASP A 130 16.02 46.46 -91.52
C ASP A 130 16.29 47.64 -90.58
N GLN A 131 17.47 48.22 -90.68
CA GLN A 131 17.88 49.27 -89.75
C GLN A 131 17.21 50.59 -90.11
N VAL A 132 16.61 51.23 -89.11
CA VAL A 132 15.89 52.49 -89.27
C VAL A 132 16.25 53.40 -88.11
N LEU A 133 16.62 54.64 -88.40
CA LEU A 133 17.01 55.59 -87.37
C LEU A 133 16.25 56.90 -87.55
N THR A 134 15.35 57.18 -86.61
CA THR A 134 14.69 58.47 -86.49
C THR A 134 15.24 59.21 -85.28
N SER A 135 14.69 60.40 -85.03
CA SER A 135 15.09 61.13 -83.83
C SER A 135 14.40 60.61 -82.57
N THR A 136 13.60 59.55 -82.66
CA THR A 136 12.93 59.00 -81.50
C THR A 136 13.17 57.52 -81.24
N SER A 137 13.75 56.78 -82.19
CA SER A 137 13.91 55.35 -81.98
C SER A 137 14.97 54.77 -82.89
N VAL A 138 15.60 53.68 -82.43
CA VAL A 138 16.49 52.85 -83.22
C VAL A 138 15.78 51.51 -83.46
N VAL A 139 15.82 51.04 -84.70
CA VAL A 139 15.23 49.76 -85.05
C VAL A 139 16.22 48.96 -85.87
N SER A 140 16.38 47.68 -85.52
CA SER A 140 17.20 46.74 -86.27
C SER A 140 16.64 45.34 -86.00
N ALA A 141 16.98 44.41 -86.89
CA ALA A 141 16.34 43.11 -86.85
C ALA A 141 17.34 42.00 -87.16
N THR A 142 17.02 40.80 -86.68
CA THR A 142 17.74 39.57 -87.00
C THR A 142 16.76 38.58 -87.59
N GLU A 143 17.00 38.17 -88.83
CA GLU A 143 16.15 37.18 -89.48
C GLU A 143 16.53 35.78 -89.04
N ASN A 144 15.62 34.83 -89.26
CA ASN A 144 15.93 33.41 -89.09
C ASN A 144 14.95 32.62 -89.95
N THR A 145 15.36 32.35 -91.19
CA THR A 145 14.49 31.63 -92.11
C THR A 145 14.34 30.16 -91.77
N THR A 146 15.26 29.62 -90.96
CA THR A 146 15.15 28.21 -90.56
C THR A 146 14.02 28.01 -89.56
N SER A 147 14.03 28.79 -88.47
CA SER A 147 13.01 28.65 -87.44
C SER A 147 11.74 29.42 -87.77
N GLY A 148 11.82 30.44 -88.61
CA GLY A 148 10.68 31.30 -88.85
C GLY A 148 10.52 32.41 -87.85
N VAL A 149 11.51 32.64 -86.99
CA VAL A 149 11.45 33.68 -85.97
C VAL A 149 12.13 34.93 -86.51
N TYR A 150 11.37 36.02 -86.62
CA TYR A 150 11.89 37.32 -86.98
C TYR A 150 12.00 38.16 -85.71
N THR A 151 13.21 38.56 -85.36
CA THR A 151 13.47 39.28 -84.11
C THR A 151 13.67 40.75 -84.39
N LEU A 152 12.97 41.59 -83.63
CA LEU A 152 12.90 43.03 -83.88
C LEU A 152 13.41 43.77 -82.65
N TYR A 153 14.46 44.58 -82.83
CA TYR A 153 15.07 45.32 -81.74
C TYR A 153 14.66 46.79 -81.81
N THR A 154 14.19 47.32 -80.69
CA THR A 154 13.74 48.71 -80.62
C THR A 154 14.27 49.33 -79.34
N GLN A 155 14.96 50.47 -79.48
CA GLN A 155 15.45 51.23 -78.34
C GLN A 155 15.07 52.69 -78.51
N SER A 156 14.73 53.34 -77.40
CA SER A 156 14.24 54.72 -77.43
C SER A 156 14.31 55.29 -76.02
N TYR A 157 14.17 56.60 -75.94
CA TYR A 157 14.13 57.30 -74.67
C TYR A 157 12.69 57.69 -74.32
N VAL A 158 12.31 57.46 -73.07
CA VAL A 158 11.00 57.83 -72.56
C VAL A 158 11.20 58.53 -71.22
N ASN A 159 10.13 59.17 -70.74
CA ASN A 159 10.06 59.61 -69.36
C ASN A 159 9.30 58.57 -68.54
N GLN A 160 9.10 58.85 -67.26
CA GLN A 160 8.46 57.86 -66.40
C GLN A 160 7.05 57.52 -66.87
N GLN A 161 6.35 58.49 -67.46
CA GLN A 161 5.01 58.23 -67.98
C GLN A 161 5.03 57.45 -69.28
N GLY A 162 6.19 57.31 -69.92
CA GLY A 162 6.31 56.56 -71.16
C GLY A 162 6.28 57.41 -72.41
N THR A 163 6.18 58.72 -72.29
CA THR A 163 6.19 59.60 -73.46
C THR A 163 7.58 59.60 -74.08
N THR A 164 7.63 59.38 -75.39
CA THR A 164 8.90 59.29 -76.10
C THR A 164 9.61 60.64 -76.10
N GLN A 165 10.88 60.63 -75.72
CA GLN A 165 11.71 61.83 -75.78
C GLN A 165 12.50 61.86 -77.07
N THR A 166 12.77 63.07 -77.56
CA THR A 166 13.43 63.29 -78.83
C THR A 166 14.93 63.52 -78.61
N VAL A 167 15.75 62.94 -79.48
CA VAL A 167 17.20 63.12 -79.39
C VAL A 167 17.53 64.60 -79.51
N ALA A 168 18.46 65.06 -78.67
CA ALA A 168 18.99 66.42 -78.59
C ALA A 168 17.97 67.43 -78.08
N ALA A 169 16.79 66.99 -77.65
CA ALA A 169 15.86 67.87 -76.95
C ALA A 169 16.30 68.05 -75.50
N ALA A 170 15.64 68.98 -74.81
CA ALA A 170 16.04 69.32 -73.45
C ALA A 170 15.85 68.15 -72.50
N ALA A 171 16.72 68.08 -71.50
CA ALA A 171 16.67 67.09 -70.43
C ALA A 171 17.64 67.54 -69.35
N THR A 172 17.22 67.43 -68.09
CA THR A 172 18.05 67.81 -66.96
C THR A 172 18.25 66.61 -66.05
N ASN A 173 19.50 66.36 -65.68
CA ASN A 173 19.81 65.32 -64.72
C ASN A 173 19.27 65.71 -63.34
N PHE A 174 19.30 64.75 -62.43
CA PHE A 174 18.97 64.99 -61.03
C PHE A 174 20.24 65.12 -60.21
N VAL A 175 20.08 65.55 -58.96
CA VAL A 175 21.21 65.78 -58.07
C VAL A 175 21.02 64.95 -56.81
N ARG A 176 22.09 64.34 -56.34
CA ARG A 176 22.11 63.54 -55.13
C ARG A 176 23.36 63.86 -54.33
N TYR A 177 23.27 63.72 -53.00
CA TYR A 177 24.43 63.81 -52.14
C TYR A 177 24.99 62.41 -51.89
N CYS A 178 26.29 62.35 -51.64
CA CYS A 178 26.91 61.09 -51.24
C CYS A 178 26.34 60.64 -49.90
N GLU A 179 26.46 59.34 -49.64
CA GLU A 179 26.02 58.82 -48.35
C GLU A 179 26.86 59.45 -47.24
N TYR A 180 26.20 59.68 -46.10
CA TYR A 180 26.83 60.30 -44.93
C TYR A 180 27.62 61.55 -45.31
N PRO A 181 26.97 62.56 -45.91
CA PRO A 181 27.72 63.71 -46.41
C PRO A 181 28.35 64.54 -45.30
N GLY A 182 27.75 64.56 -44.10
CA GLY A 182 28.36 65.29 -43.01
C GLY A 182 29.69 64.71 -42.56
N LEU A 183 29.88 63.41 -42.75
CA LEU A 183 31.13 62.77 -42.40
C LEU A 183 32.22 62.95 -43.45
N ARG A 184 31.84 63.18 -44.70
CA ARG A 184 32.83 63.39 -45.75
C ARG A 184 33.19 64.84 -45.95
N LEU A 185 32.25 65.76 -45.71
CA LEU A 185 32.51 67.18 -45.91
C LEU A 185 33.69 67.66 -45.05
N PHE A 186 33.79 67.14 -43.83
CA PHE A 186 34.88 67.51 -42.93
C PHE A 186 36.09 66.64 -43.25
N LYS A 187 36.93 67.16 -44.16
CA LYS A 187 38.11 66.44 -44.60
C LYS A 187 39.09 66.26 -43.45
N ARG A 188 39.33 67.33 -42.69
CA ARG A 188 40.16 67.30 -41.50
C ARG A 188 39.50 68.15 -40.43
N VAL A 189 39.43 67.63 -39.20
CA VAL A 189 38.86 68.32 -38.06
C VAL A 189 39.92 68.35 -36.96
N LYS A 190 40.05 69.50 -36.30
CA LYS A 190 41.28 69.76 -35.56
C LYS A 190 41.04 70.73 -34.41
N PHE A 191 41.53 70.35 -33.23
CA PHE A 191 41.48 71.17 -32.02
C PHE A 191 42.90 71.67 -31.74
N GLU A 192 43.16 72.92 -32.10
CA GLU A 192 44.49 73.51 -31.95
C GLU A 192 44.62 74.25 -30.63
N VAL A 193 45.77 74.07 -29.98
CA VAL A 193 46.06 74.68 -28.69
C VAL A 193 47.48 75.22 -28.73
N ASN A 194 47.65 76.52 -28.51
CA ASN A 194 48.96 77.16 -28.49
C ASN A 194 49.73 76.87 -29.77
N GLY A 195 49.02 76.91 -30.90
CA GLY A 195 49.61 76.69 -32.19
C GLY A 195 49.76 75.25 -32.62
N ASN A 196 49.56 74.29 -31.73
CA ASN A 196 49.83 72.92 -32.11
C ASN A 196 48.58 72.06 -32.01
N PRO A 197 48.41 71.11 -32.94
CA PRO A 197 47.27 70.19 -32.87
C PRO A 197 47.29 69.39 -31.57
N LEU A 198 46.24 69.57 -30.76
CA LEU A 198 46.10 68.73 -29.58
C LEU A 198 45.43 67.41 -29.93
N ASP A 199 44.45 67.45 -30.83
CA ASP A 199 43.87 66.25 -31.41
C ASP A 199 43.27 66.63 -32.76
N GLU A 200 43.38 65.72 -33.73
CA GLU A 200 42.81 65.94 -35.04
C GLU A 200 42.39 64.59 -35.62
N TYR A 201 41.47 64.64 -36.58
CA TYR A 201 40.99 63.42 -37.22
C TYR A 201 40.46 63.79 -38.60
N THR A 202 40.38 62.79 -39.47
CA THR A 202 39.89 62.98 -40.82
C THR A 202 38.55 62.28 -40.99
N ALA A 203 38.05 62.26 -42.24
CA ALA A 203 36.81 61.56 -42.53
C ALA A 203 36.94 60.06 -42.27
N LEU A 204 38.16 59.52 -42.38
CA LEU A 204 38.36 58.11 -42.12
C LEU A 204 38.03 57.76 -40.67
N ALA A 205 38.47 58.60 -39.73
CA ALA A 205 38.08 58.42 -38.33
C ALA A 205 36.57 58.48 -38.18
N ALA A 206 35.94 59.46 -38.82
CA ALA A 206 34.50 59.68 -38.62
C ALA A 206 33.69 58.48 -39.10
N ILE A 207 34.09 57.85 -40.20
CA ILE A 207 33.31 56.71 -40.68
C ILE A 207 33.54 55.48 -39.80
N MET A 208 34.72 55.36 -39.20
CA MET A 208 34.93 54.31 -38.20
C MET A 208 33.96 54.46 -37.04
N TYR A 209 33.76 55.70 -36.59
CA TYR A 209 32.76 55.97 -35.57
C TYR A 209 31.37 55.60 -36.07
N ASN A 210 31.08 55.90 -37.33
CA ASN A 210 29.78 55.55 -37.91
C ASN A 210 29.53 54.05 -37.84
N LYS A 211 30.57 53.24 -38.02
CA LYS A 211 30.43 51.80 -38.07
C LYS A 211 30.47 51.13 -36.70
N PHE A 212 31.22 51.69 -35.74
CA PHE A 212 31.46 51.02 -34.48
C PHE A 212 30.77 51.63 -33.27
N HIS A 213 30.31 52.88 -33.35
CA HIS A 213 29.90 53.59 -32.14
C HIS A 213 28.54 54.28 -32.24
N VAL A 214 27.68 53.86 -33.16
CA VAL A 214 26.34 54.44 -33.23
C VAL A 214 25.30 53.34 -33.05
N PRO A 215 24.92 53.02 -31.81
CA PRO A 215 23.85 52.04 -31.60
C PRO A 215 22.52 52.57 -32.11
N ASP A 216 21.55 51.66 -32.23
CA ASP A 216 20.34 52.02 -32.94
C ASP A 216 19.38 52.88 -32.12
N PHE A 217 19.53 52.93 -30.80
CA PHE A 217 18.77 53.96 -30.09
C PHE A 217 19.32 55.35 -30.33
N LYS A 218 20.44 55.47 -31.06
CA LYS A 218 21.00 56.75 -31.45
C LYS A 218 21.04 56.95 -32.96
N LEU A 219 20.59 55.97 -33.74
CA LEU A 219 20.91 55.92 -35.16
C LEU A 219 20.11 56.92 -35.98
N THR A 220 18.82 57.09 -35.69
CA THR A 220 18.02 58.04 -36.45
C THR A 220 18.50 59.47 -36.26
N GLY A 221 18.80 59.84 -35.00
CA GLY A 221 19.37 61.15 -34.76
C GLY A 221 20.71 61.33 -35.45
N TRP A 222 21.58 60.33 -35.33
CA TRP A 222 22.89 60.39 -35.98
C TRP A 222 22.75 60.62 -37.48
N LYS A 223 21.90 59.84 -38.14
CA LYS A 223 21.71 60.00 -39.57
C LYS A 223 21.19 61.39 -39.92
N ARG A 224 20.22 61.89 -39.14
CA ARG A 224 19.72 63.23 -39.39
C ARG A 224 20.74 64.31 -39.10
N LEU A 225 21.71 64.05 -38.21
CA LEU A 225 22.73 65.04 -37.92
C LEU A 225 23.73 65.22 -39.05
N ILE A 226 24.08 64.13 -39.76
CA ILE A 226 25.14 64.19 -40.76
C ILE A 226 24.59 64.02 -42.18
N GLY A 227 23.30 64.30 -42.38
CA GLY A 227 22.75 64.37 -43.73
C GLY A 227 22.43 63.06 -44.39
N GLN A 228 22.30 61.97 -43.63
CA GLN A 228 21.91 60.69 -44.19
C GLN A 228 20.40 60.53 -44.10
N GLU A 229 19.78 60.16 -45.22
CA GLU A 229 18.32 60.03 -45.25
C GLU A 229 17.86 58.86 -44.40
N VAL A 230 16.64 58.97 -43.89
CA VAL A 230 16.05 57.99 -43.00
C VAL A 230 14.94 57.25 -43.75
N PRO A 231 14.90 55.92 -43.71
CA PRO A 231 13.82 55.20 -44.38
C PRO A 231 12.48 55.44 -43.70
N VAL A 232 11.42 55.46 -44.51
CA VAL A 232 10.08 55.79 -44.05
C VAL A 232 9.18 54.59 -44.31
N GLU A 233 8.62 54.04 -43.25
CA GLU A 233 7.76 52.86 -43.33
C GLU A 233 6.45 53.20 -44.04
N ALA A 234 6.00 52.30 -44.93
CA ALA A 234 4.81 52.54 -45.74
C ALA A 234 4.00 51.26 -45.85
N ALA A 235 2.70 51.36 -45.58
CA ALA A 235 1.78 50.23 -45.59
C ALA A 235 0.99 50.20 -46.89
N SER A 236 0.67 48.99 -47.34
CA SER A 236 -0.07 48.78 -48.56
C SER A 236 -1.53 48.46 -48.26
N ASN A 237 -2.30 48.25 -49.33
CA ASN A 237 -3.63 47.69 -49.18
C ASN A 237 -3.53 46.23 -48.73
N LEU A 238 -4.65 45.68 -48.29
CA LEU A 238 -4.69 44.27 -47.90
C LEU A 238 -4.28 43.39 -49.06
N VAL A 239 -3.31 42.51 -48.82
CA VAL A 239 -2.85 41.59 -49.86
C VAL A 239 -3.42 40.20 -49.60
N ASN A 240 -3.71 39.92 -48.33
CA ASN A 240 -4.44 38.72 -47.94
C ASN A 240 -5.70 39.14 -47.21
N ILE A 241 -6.83 38.57 -47.61
CA ILE A 241 -8.10 38.76 -46.92
C ILE A 241 -8.62 37.37 -46.57
N ALA A 242 -8.71 37.08 -45.26
CA ALA A 242 -9.10 35.75 -44.81
C ALA A 242 -10.42 35.33 -45.43
N SER A 243 -10.44 34.10 -45.94
CA SER A 243 -11.59 33.45 -46.58
C SER A 243 -11.86 33.94 -48.00
N THR A 244 -10.86 34.51 -48.66
CA THR A 244 -10.98 34.86 -50.08
C THR A 244 -9.58 34.99 -50.65
N THR A 245 -9.52 35.29 -51.95
CA THR A 245 -8.28 35.17 -52.71
C THR A 245 -8.30 36.17 -53.85
N PRO A 246 -7.13 36.64 -54.31
CA PRO A 246 -7.12 37.46 -55.54
C PRO A 246 -7.32 36.64 -56.79
N TRP A 247 -6.96 35.36 -56.77
CA TRP A 247 -7.02 34.53 -57.98
C TRP A 247 -8.45 34.35 -58.44
N GLY A 248 -8.64 34.34 -59.75
CA GLY A 248 -9.94 33.99 -60.30
C GLY A 248 -10.31 32.56 -60.01
N SER A 249 -11.61 32.30 -59.94
CA SER A 249 -12.20 31.04 -59.54
C SER A 249 -11.59 29.79 -60.18
N PRO A 250 -11.35 29.77 -61.50
CA PRO A 250 -10.94 28.50 -62.14
C PRO A 250 -9.68 27.83 -61.58
N ILE A 251 -8.84 28.52 -60.80
CA ILE A 251 -7.59 27.92 -60.33
C ILE A 251 -7.57 27.79 -58.81
N VAL A 252 -8.67 28.11 -58.14
CA VAL A 252 -8.73 28.06 -56.69
C VAL A 252 -9.24 26.72 -56.22
N ALA A 253 -8.52 26.10 -55.28
CA ALA A 253 -8.97 24.91 -54.55
C ALA A 253 -9.32 23.76 -55.49
N LEU A 254 -8.38 23.42 -56.37
CA LEU A 254 -8.58 22.31 -57.28
C LEU A 254 -8.20 21.00 -56.63
N SER A 255 -8.85 19.93 -57.06
CA SER A 255 -8.50 18.57 -56.68
C SER A 255 -8.28 17.74 -57.94
N ASP A 256 -7.37 16.78 -57.85
CA ASP A 256 -7.14 15.89 -58.99
C ASP A 256 -8.22 14.81 -59.01
N VAL A 257 -8.15 13.93 -60.01
CA VAL A 257 -9.11 12.86 -60.16
C VAL A 257 -9.06 11.86 -59.01
N ASN A 258 -8.08 11.97 -58.13
CA ASN A 258 -7.96 11.11 -56.96
C ASN A 258 -8.43 11.81 -55.68
N GLY A 259 -9.01 13.00 -55.78
CA GLY A 259 -9.44 13.74 -54.62
C GLY A 259 -8.35 14.50 -53.89
N THR A 260 -7.10 14.41 -54.34
CA THR A 260 -6.00 15.11 -53.70
C THR A 260 -5.94 16.55 -54.17
N ALA A 261 -5.69 17.47 -53.24
CA ALA A 261 -5.52 18.87 -53.58
C ALA A 261 -4.40 19.04 -54.59
N VAL A 262 -4.62 19.92 -55.56
CA VAL A 262 -3.66 20.11 -56.66
C VAL A 262 -2.50 20.96 -56.18
N THR A 263 -1.29 20.47 -56.43
CA THR A 263 -0.08 21.24 -56.13
C THR A 263 -0.02 22.46 -57.04
N GLY A 264 0.01 23.65 -56.44
CA GLY A 264 0.04 24.88 -57.20
C GLY A 264 -1.32 25.50 -57.43
N SER A 265 -2.38 24.94 -56.86
CA SER A 265 -3.70 25.56 -56.90
C SER A 265 -3.87 26.38 -55.64
N PRO A 266 -3.85 27.71 -55.71
CA PRO A 266 -4.02 28.52 -54.51
C PRO A 266 -5.31 28.20 -53.78
N VAL A 267 -5.32 28.46 -52.48
CA VAL A 267 -6.50 28.30 -51.64
C VAL A 267 -6.78 29.63 -50.96
N ASN A 268 -7.93 29.70 -50.30
CA ASN A 268 -8.32 30.92 -49.61
C ASN A 268 -7.31 31.28 -48.54
N ALA A 269 -7.06 32.57 -48.39
CA ALA A 269 -6.16 33.05 -47.35
C ALA A 269 -6.71 32.71 -45.97
N ALA A 270 -5.80 32.40 -45.05
CA ALA A 270 -6.17 32.11 -43.67
C ALA A 270 -6.00 33.31 -42.75
N ILE A 271 -5.28 34.34 -43.17
CA ILE A 271 -5.10 35.56 -42.39
C ILE A 271 -5.46 36.76 -43.25
N THR A 272 -5.68 37.88 -42.59
CA THR A 272 -5.83 39.18 -43.25
C THR A 272 -4.59 40.00 -42.95
N ALA A 273 -3.83 40.33 -44.00
CA ALA A 273 -2.53 40.96 -43.82
C ALA A 273 -2.30 42.00 -44.89
N ARG A 274 -1.37 42.91 -44.58
CA ARG A 274 -0.94 43.95 -45.51
C ARG A 274 0.58 44.04 -45.46
N LYS A 275 1.16 44.53 -46.55
CA LYS A 275 2.61 44.63 -46.67
C LYS A 275 3.13 45.93 -46.08
N LEU A 276 4.35 45.88 -45.59
CA LEU A 276 5.12 47.05 -45.25
C LEU A 276 6.32 47.16 -46.19
N THR A 277 6.50 48.32 -46.80
CA THR A 277 7.69 48.63 -47.55
C THR A 277 8.35 49.88 -46.96
N GLN A 278 9.61 50.07 -47.29
CA GLN A 278 10.36 51.23 -46.86
C GLN A 278 10.76 52.05 -48.07
N VAL A 279 10.66 53.37 -47.96
CA VAL A 279 11.05 54.27 -49.04
C VAL A 279 12.01 55.31 -48.47
N VAL A 280 12.81 55.88 -49.37
CA VAL A 280 13.65 57.03 -49.03
C VAL A 280 13.35 58.14 -50.02
N PHE A 281 13.45 59.37 -49.52
CA PHE A 281 13.29 60.56 -50.35
C PHE A 281 14.04 61.71 -49.71
N GLY A 282 15.26 61.42 -49.25
CA GLY A 282 16.11 62.44 -48.65
C GLY A 282 17.28 62.81 -49.53
N ALA A 283 18.42 63.15 -48.91
CA ALA A 283 19.52 63.73 -49.65
C ALA A 283 20.21 62.74 -50.59
N GLN A 284 20.08 61.43 -50.36
CA GLN A 284 20.70 60.45 -51.24
C GLN A 284 19.83 60.08 -52.43
N THR A 285 18.55 60.39 -52.38
CA THR A 285 17.65 60.09 -53.49
C THR A 285 17.78 61.18 -54.55
N PRO A 286 18.03 60.82 -55.81
CA PRO A 286 18.12 61.83 -56.87
C PRO A 286 16.83 62.62 -56.98
N LYS A 287 16.96 63.93 -57.20
CA LYS A 287 15.82 64.84 -57.26
C LYS A 287 16.12 65.94 -58.26
N ALA A 288 15.06 66.49 -58.86
CA ALA A 288 15.23 67.66 -59.72
C ALA A 288 15.90 68.79 -58.98
N THR A 289 15.48 69.01 -57.73
CA THR A 289 16.08 70.01 -56.85
C THR A 289 16.34 69.37 -55.50
N GLN A 290 17.57 69.42 -55.03
CA GLN A 290 17.87 69.11 -53.64
C GLN A 290 17.59 70.35 -52.81
N GLU A 291 16.68 70.23 -51.85
CA GLU A 291 16.43 71.37 -51.00
C GLU A 291 17.61 71.58 -50.06
N GLN A 292 17.65 72.77 -49.45
CA GLN A 292 18.77 73.18 -48.62
C GLN A 292 19.09 72.14 -47.54
N LEU A 293 20.35 71.72 -47.49
CA LEU A 293 20.79 70.68 -46.57
C LEU A 293 21.30 71.31 -45.29
N ASN A 294 20.68 70.93 -44.16
CA ASN A 294 21.07 71.42 -42.84
C ASN A 294 21.57 70.24 -42.02
N MET A 295 22.85 70.26 -41.69
CA MET A 295 23.45 69.23 -40.85
C MET A 295 23.98 69.85 -39.57
N PHE A 296 24.09 69.02 -38.53
CA PHE A 296 24.71 69.36 -37.26
C PHE A 296 25.78 68.29 -37.02
N VAL A 297 27.00 68.54 -37.48
CA VAL A 297 28.05 67.54 -37.50
C VAL A 297 28.75 67.56 -36.13
N PRO A 298 28.61 66.51 -35.32
CA PRO A 298 29.29 66.49 -34.03
C PRO A 298 30.79 66.35 -34.20
N LEU A 299 31.53 67.07 -33.36
CA LEU A 299 32.98 66.96 -33.34
C LEU A 299 33.37 65.89 -32.33
N LEU A 300 34.11 64.88 -32.80
CA LEU A 300 34.29 63.63 -32.06
C LEU A 300 35.54 63.64 -31.18
N PHE A 301 35.68 64.67 -30.36
CA PHE A 301 36.82 64.75 -29.46
C PHE A 301 36.48 64.13 -28.11
N TRP A 302 37.55 63.82 -27.37
CA TRP A 302 37.43 63.15 -26.08
C TRP A 302 36.63 63.95 -25.07
N PHE A 303 36.64 65.28 -25.18
CA PHE A 303 36.05 66.13 -24.16
C PHE A 303 34.57 66.38 -24.35
N ARG A 304 33.90 65.62 -25.23
CA ARG A 304 32.45 65.64 -25.26
C ARG A 304 31.87 65.14 -23.93
N ASP A 305 32.62 64.31 -23.24
CA ASP A 305 32.27 63.83 -21.91
C ASP A 305 32.23 64.99 -20.93
N PRO A 306 31.10 65.25 -20.27
CA PRO A 306 31.06 66.36 -19.31
C PRO A 306 32.07 66.23 -18.18
N ARG A 307 32.37 65.00 -17.75
CA ARG A 307 33.39 64.80 -16.72
C ARG A 307 34.76 65.27 -17.16
N LEU A 308 35.00 65.32 -18.47
CA LEU A 308 36.32 65.66 -19.01
C LEU A 308 36.31 67.00 -19.74
N ALA A 309 35.36 67.87 -19.43
CA ALA A 309 35.33 69.19 -20.05
C ALA A 309 36.62 69.95 -19.73
N ILE A 310 37.13 70.67 -20.73
CA ILE A 310 38.41 71.34 -20.59
C ILE A 310 38.21 72.64 -19.84
N ALA A 311 39.06 72.88 -18.84
CA ALA A 311 38.98 74.10 -18.05
C ALA A 311 39.43 75.30 -18.89
N SER A 312 38.68 76.40 -18.77
CA SER A 312 38.97 77.57 -19.59
C SER A 312 40.31 78.19 -19.22
N VAL A 313 40.62 78.30 -17.93
CA VAL A 313 41.84 78.99 -17.52
C VAL A 313 43.09 78.19 -17.91
N SER A 314 42.97 76.87 -18.06
CA SER A 314 44.13 76.07 -18.42
C SER A 314 44.49 76.23 -19.89
N ILE A 315 43.50 76.41 -20.76
CA ILE A 315 43.72 76.70 -22.17
C ILE A 315 42.91 77.94 -22.50
N PRO A 316 43.43 79.14 -22.28
CA PRO A 316 42.59 80.34 -22.33
C PRO A 316 42.19 80.69 -23.76
N TYR A 317 41.26 81.64 -23.84
CA TYR A 317 40.87 82.20 -25.13
C TYR A 317 42.09 82.76 -25.85
N GLY A 318 42.04 82.74 -27.18
CA GLY A 318 43.10 83.26 -28.00
C GLY A 318 44.10 82.22 -28.46
N GLN A 319 44.31 81.17 -27.67
CA GLN A 319 45.22 80.08 -28.04
C GLN A 319 44.47 78.76 -28.17
N ARG A 320 43.18 78.82 -28.49
CA ARG A 320 42.36 77.62 -28.69
C ARG A 320 41.47 77.83 -29.90
N PHE A 321 41.52 76.88 -30.84
CA PHE A 321 40.79 77.00 -32.09
C PHE A 321 40.27 75.64 -32.54
N ILE A 322 39.18 75.66 -33.29
CA ILE A 322 38.72 74.52 -34.07
C ILE A 322 38.95 74.84 -35.54
N THR A 323 39.70 74.00 -36.23
CA THR A 323 40.08 74.22 -37.62
C THR A 323 39.56 73.06 -38.47
N VAL A 324 38.76 73.37 -39.48
CA VAL A 324 38.09 72.37 -40.30
C VAL A 324 38.46 72.62 -41.76
N ASP A 325 38.90 71.56 -42.44
CA ASP A 325 39.16 71.60 -43.87
C ASP A 325 37.97 71.00 -44.60
N ILE A 326 37.46 71.72 -45.59
CA ILE A 326 36.23 71.37 -46.29
C ILE A 326 36.55 70.60 -47.56
N GLU A 327 35.80 69.51 -47.78
CA GLU A 327 35.94 68.71 -48.99
C GLU A 327 35.52 69.52 -50.22
N GLN A 328 36.00 69.07 -51.38
CA GLN A 328 35.55 69.65 -52.64
C GLN A 328 34.11 69.25 -52.91
N GLN A 329 33.38 70.15 -53.59
CA GLN A 329 31.99 69.87 -53.93
C GLN A 329 31.86 68.62 -54.80
N SER A 330 32.87 68.33 -55.63
CA SER A 330 32.78 67.22 -56.57
C SER A 330 32.71 65.86 -55.88
N ASN A 331 33.10 65.77 -54.61
CA ASN A 331 33.01 64.54 -53.85
C ASN A 331 31.82 64.52 -52.89
N ILE A 332 31.01 65.57 -52.89
CA ILE A 332 29.86 65.67 -52.02
C ILE A 332 28.55 65.61 -52.80
N LEU A 333 28.47 66.32 -53.92
CA LEU A 333 27.26 66.42 -54.72
C LEU A 333 27.49 65.76 -56.08
N PHE A 334 26.46 65.05 -56.56
CA PHE A 334 26.60 64.23 -57.76
C PHE A 334 25.35 64.34 -58.62
N THR A 335 25.54 64.27 -59.93
CA THR A 335 24.43 64.17 -60.86
C THR A 335 23.98 62.71 -60.98
N ALA A 336 22.71 62.53 -61.29
CA ALA A 336 22.09 61.21 -61.35
C ALA A 336 21.07 61.21 -62.47
N PRO A 337 20.69 60.04 -62.97
CA PRO A 337 19.60 59.98 -63.95
C PRO A 337 18.33 60.60 -63.38
N GLY A 338 17.73 61.50 -64.15
CA GLY A 338 16.47 62.09 -63.79
C GLY A 338 15.30 61.39 -64.45
N ASN A 339 14.39 62.16 -65.03
CA ASN A 339 13.17 61.60 -65.64
C ASN A 339 13.42 61.23 -67.10
N LEU A 340 14.40 60.35 -67.30
CA LEU A 340 14.82 59.94 -68.63
C LEU A 340 15.28 58.49 -68.58
N PHE A 341 14.72 57.65 -69.44
CA PHE A 341 14.96 56.22 -69.41
C PHE A 341 15.20 55.68 -70.81
N LEU A 342 16.17 54.78 -70.92
CA LEU A 342 16.38 54.05 -72.17
C LEU A 342 15.47 52.82 -72.18
N GLN A 343 14.49 52.81 -73.08
CA GLN A 343 13.61 51.65 -73.24
C GLN A 343 14.22 50.71 -74.27
N THR A 344 14.45 49.47 -73.88
CA THR A 344 14.98 48.43 -74.76
C THR A 344 13.90 47.39 -74.99
N THR A 345 13.45 47.25 -76.23
CA THR A 345 12.36 46.36 -76.59
C THR A 345 12.84 45.34 -77.60
N VAL A 346 12.57 44.06 -77.32
CA VAL A 346 12.79 42.98 -78.27
C VAL A 346 11.44 42.34 -78.55
N GLU A 347 11.14 42.14 -79.84
CA GLU A 347 9.90 41.50 -80.26
C GLU A 347 10.25 40.34 -81.17
N THR A 348 9.67 39.18 -80.90
CA THR A 348 9.84 38.01 -81.75
C THR A 348 8.52 37.64 -82.41
N LEU A 349 8.59 37.33 -83.69
CA LEU A 349 7.43 36.99 -84.50
C LEU A 349 7.69 35.64 -85.15
N LEU A 350 6.98 34.61 -84.69
CA LEU A 350 7.09 33.28 -85.29
C LEU A 350 6.06 33.17 -86.40
N THR A 351 6.53 33.13 -87.64
CA THR A 351 5.67 32.88 -88.80
C THR A 351 6.01 31.52 -89.38
N THR A 352 5.01 30.90 -90.03
CA THR A 352 5.15 29.57 -90.59
C THR A 352 5.05 29.52 -92.10
N GLY A 353 4.42 30.51 -92.74
CA GLY A 353 4.25 30.50 -94.17
C GLY A 353 5.45 31.05 -94.90
N ALA A 354 5.22 31.45 -96.16
CA ALA A 354 6.30 31.92 -97.01
C ALA A 354 6.97 33.15 -96.42
N GLY A 355 8.28 33.24 -96.61
CA GLY A 355 9.05 34.33 -96.03
C GLY A 355 9.23 34.25 -94.54
N LYS A 356 9.10 33.06 -93.95
CA LYS A 356 9.14 32.92 -92.50
C LYS A 356 10.50 33.35 -91.95
N GLY A 357 10.46 34.02 -90.80
CA GLY A 357 11.66 34.55 -90.19
C GLY A 357 12.14 35.87 -90.74
N THR A 358 11.42 36.45 -91.70
CA THR A 358 11.76 37.77 -92.24
C THR A 358 10.56 38.69 -92.07
N ALA A 359 10.78 39.98 -92.36
CA ALA A 359 9.75 40.98 -92.19
C ALA A 359 8.56 40.77 -93.10
N THR A 360 8.67 39.89 -94.10
CA THR A 360 7.58 39.64 -95.04
C THR A 360 6.88 38.31 -94.81
N GLY A 361 7.21 37.60 -93.73
CA GLY A 361 6.60 36.30 -93.48
C GLY A 361 5.14 36.43 -93.07
N VAL A 362 4.32 35.51 -93.56
CA VAL A 362 2.90 35.49 -93.28
C VAL A 362 2.58 34.29 -92.39
N LEU A 363 1.38 34.32 -91.81
CA LEU A 363 0.89 33.33 -90.84
C LEU A 363 1.64 33.47 -89.52
N LEU A 364 1.26 34.46 -88.70
CA LEU A 364 1.91 34.72 -87.43
C LEU A 364 1.19 33.96 -86.33
N THR A 365 1.90 33.05 -85.66
CA THR A 365 1.32 32.20 -84.62
C THR A 365 1.67 32.65 -83.21
N GLN A 366 2.89 33.14 -82.99
CA GLN A 366 3.36 33.50 -81.66
C GLN A 366 4.04 34.87 -81.69
N TYR A 367 3.61 35.75 -80.79
CA TYR A 367 4.25 37.04 -80.58
C TYR A 367 4.81 37.09 -79.17
N ASN A 368 5.99 37.69 -79.01
CA ASN A 368 6.60 37.90 -77.71
C ASN A 368 7.22 39.29 -77.66
N ARG A 369 7.05 39.97 -76.53
CA ARG A 369 7.68 41.25 -76.30
C ARG A 369 8.44 41.22 -74.98
N TYR A 370 9.65 41.77 -74.99
CA TYR A 370 10.47 41.91 -73.79
C TYR A 370 10.94 43.35 -73.72
N THR A 371 10.75 44.00 -72.57
CA THR A 371 11.03 45.43 -72.45
C THR A 371 11.66 45.74 -71.11
N THR A 372 12.82 46.38 -71.13
CA THR A 372 13.49 46.88 -69.95
C THR A 372 13.61 48.39 -70.02
N TYR A 373 13.85 49.01 -68.87
CA TYR A 373 14.06 50.45 -68.78
C TYR A 373 15.33 50.72 -67.98
N THR A 374 16.19 51.56 -68.53
CA THR A 374 17.46 51.91 -67.88
C THR A 374 17.52 53.41 -67.68
N PRO A 375 17.55 53.90 -66.45
CA PRO A 375 17.67 55.35 -66.23
C PRO A 375 18.94 55.89 -66.88
N THR A 376 18.82 57.05 -67.53
CA THR A 376 19.82 57.54 -68.46
C THR A 376 20.20 58.98 -68.15
N LEU A 377 21.50 59.24 -68.11
CA LEU A 377 22.02 60.59 -67.93
C LEU A 377 21.71 61.46 -69.13
N ALA A 378 21.50 62.75 -68.87
CA ALA A 378 21.41 63.75 -69.92
C ALA A 378 22.79 64.30 -70.23
N SER A 379 23.01 64.65 -71.49
CA SER A 379 24.29 65.21 -71.91
C SER A 379 24.39 66.66 -71.50
N GLY A 380 25.58 67.07 -71.04
CA GLY A 380 25.84 68.46 -70.70
C GLY A 380 25.05 68.99 -69.53
N SER A 381 24.69 68.13 -68.58
CA SER A 381 23.91 68.51 -67.40
C SER A 381 24.70 68.14 -66.16
N SER A 382 25.28 69.14 -65.49
CA SER A 382 26.22 68.93 -64.40
C SER A 382 25.76 69.69 -63.16
N ILE A 383 26.42 69.40 -62.03
CA ILE A 383 26.09 70.08 -60.78
C ILE A 383 26.47 71.56 -60.85
N ASP A 384 25.87 72.32 -59.95
CA ASP A 384 26.06 73.78 -59.89
C ASP A 384 27.29 74.09 -59.04
N GLY A 385 28.36 74.53 -59.69
CA GLY A 385 29.57 74.91 -58.97
C GLY A 385 29.47 76.20 -58.19
N THR A 386 28.38 76.96 -58.38
CA THR A 386 28.14 78.18 -57.63
C THR A 386 27.46 77.91 -56.28
N GLN A 387 27.00 76.67 -56.06
CA GLN A 387 26.30 76.30 -54.83
C GLN A 387 27.01 76.87 -53.60
N ALA A 388 26.24 77.53 -52.75
CA ALA A 388 26.79 78.27 -51.62
C ALA A 388 26.77 77.41 -50.37
N VAL A 389 27.85 77.50 -49.59
CA VAL A 389 27.81 77.20 -48.17
C VAL A 389 27.16 78.42 -47.50
N GLN A 390 25.88 78.30 -47.18
CA GLN A 390 25.13 79.48 -46.77
C GLN A 390 25.41 79.89 -45.33
N ASN A 391 25.73 78.93 -44.47
CA ASN A 391 26.00 79.23 -43.07
C ASN A 391 26.79 78.07 -42.48
N ILE A 392 27.74 78.40 -41.61
CA ILE A 392 28.47 77.38 -40.86
C ILE A 392 28.80 77.95 -39.49
N GLU A 393 28.46 77.21 -38.45
CA GLU A 393 28.60 77.74 -37.10
C GLU A 393 28.93 76.62 -36.13
N LEU A 394 29.80 76.94 -35.17
CA LEU A 394 30.24 76.00 -34.16
C LEU A 394 29.47 76.25 -32.87
N TYR A 395 28.84 75.21 -32.35
CA TYR A 395 28.15 75.27 -31.07
C TYR A 395 29.03 74.62 -30.01
N ILE A 396 29.15 75.26 -28.85
CA ILE A 396 30.02 74.79 -27.78
C ILE A 396 29.22 74.80 -26.49
N ASN A 397 29.16 73.64 -25.83
CA ASN A 397 28.55 73.57 -24.51
C ASN A 397 29.49 74.19 -23.49
N ASN A 398 29.03 75.22 -22.80
CA ASN A 398 29.80 75.87 -21.75
C ASN A 398 29.22 75.51 -20.39
N ILE A 399 30.10 75.25 -19.43
CA ILE A 399 29.71 74.74 -18.13
C ILE A 399 30.19 75.72 -17.07
N PHE A 400 29.32 76.03 -16.11
CA PHE A 400 29.59 77.01 -15.08
C PHE A 400 29.56 76.34 -13.72
N VAL A 401 30.53 76.67 -12.88
CA VAL A 401 30.63 76.15 -11.52
C VAL A 401 30.87 77.31 -10.57
N THR A 402 30.62 77.06 -9.29
CA THR A 402 30.80 78.10 -8.29
C THR A 402 32.28 78.45 -8.15
N PRO A 403 32.59 79.70 -7.78
CA PRO A 403 34.01 80.09 -7.67
C PRO A 403 34.79 79.28 -6.65
N GLU A 404 34.13 78.81 -5.59
CA GLU A 404 34.85 78.07 -4.54
C GLU A 404 35.32 76.72 -5.06
N ILE A 405 34.45 75.99 -5.76
CA ILE A 405 34.82 74.67 -6.26
C ILE A 405 35.81 74.79 -7.42
N HIS A 406 35.61 75.78 -8.29
CA HIS A 406 36.54 75.96 -9.42
C HIS A 406 37.96 76.21 -8.93
N ASP A 407 38.10 77.05 -7.90
CA ASP A 407 39.42 77.30 -7.34
C ASP A 407 40.04 76.02 -6.80
N ILE A 408 39.25 75.20 -6.10
CA ILE A 408 39.75 73.95 -5.57
C ILE A 408 40.11 72.99 -6.70
N TYR A 409 39.25 72.90 -7.72
CA TYR A 409 39.48 71.93 -8.79
C TYR A 409 40.73 72.27 -9.60
N ILE A 410 40.94 73.54 -9.91
CA ILE A 410 42.10 73.93 -10.71
C ILE A 410 43.39 73.73 -9.92
N LYS A 411 43.31 73.78 -8.59
CA LYS A 411 44.49 73.59 -7.74
C LYS A 411 44.74 72.14 -7.37
N ARG A 412 43.78 71.24 -7.57
CA ARG A 412 43.87 69.89 -7.02
C ARG A 412 43.91 68.78 -8.06
N ILE A 413 43.28 68.97 -9.22
CA ILE A 413 43.09 67.84 -10.13
C ILE A 413 44.43 67.40 -10.72
N GLY A 414 45.33 68.33 -10.99
CA GLY A 414 46.64 68.00 -11.53
C GLY A 414 46.67 67.77 -13.02
N PHE A 415 45.91 66.79 -13.50
CA PHE A 415 45.94 66.42 -14.92
C PHE A 415 44.66 65.68 -15.27
N THR A 416 44.41 65.57 -16.56
CA THR A 416 43.31 64.75 -17.07
C THR A 416 43.82 63.82 -18.16
N LEU A 417 43.29 62.61 -18.16
CA LEU A 417 43.59 61.63 -19.19
C LEU A 417 42.79 61.96 -20.44
N ILE A 418 43.44 61.93 -21.61
CA ILE A 418 42.78 62.22 -22.87
C ILE A 418 42.96 61.04 -23.82
N ARG A 419 42.20 61.08 -24.91
CA ARG A 419 42.30 60.12 -26.01
C ARG A 419 42.39 60.89 -27.31
N VAL A 420 43.31 60.45 -28.19
CA VAL A 420 43.58 61.17 -29.43
C VAL A 420 43.71 60.18 -30.59
N TYR A 421 43.47 60.68 -31.79
CA TYR A 421 43.51 59.87 -33.01
C TYR A 421 44.91 59.87 -33.61
N ARG A 422 45.32 58.70 -34.11
CA ARG A 422 46.61 58.54 -34.77
C ARG A 422 46.37 57.72 -36.04
N GLU A 423 46.41 58.38 -37.19
CA GLU A 423 46.00 57.79 -38.45
C GLU A 423 47.21 57.54 -39.35
N GLN A 424 47.19 56.40 -40.04
CA GLN A 424 48.13 56.10 -41.12
C GLN A 424 47.36 55.43 -42.25
N VAL A 425 47.61 55.87 -43.47
CA VAL A 425 47.01 55.30 -44.67
C VAL A 425 48.14 55.00 -45.64
N GLN A 426 48.38 53.72 -45.90
CA GLN A 426 49.44 53.29 -46.81
C GLN A 426 48.81 52.58 -48.00
N ARG A 427 49.05 53.11 -49.20
CA ARG A 427 48.58 52.48 -50.43
C ARG A 427 49.30 51.16 -50.65
N GLU A 428 48.55 50.12 -50.99
CA GLU A 428 49.09 48.78 -51.15
C GLU A 428 48.69 48.19 -52.49
N VAL A 429 49.60 47.41 -53.07
CA VAL A 429 49.32 46.58 -54.23
C VAL A 429 49.61 45.12 -53.97
N ASN A 430 50.02 44.75 -52.76
CA ASN A 430 50.43 43.40 -52.44
C ASN A 430 49.25 42.57 -51.94
N ALA A 431 49.24 41.28 -52.30
CA ALA A 431 48.27 40.37 -51.72
C ALA A 431 48.56 40.12 -50.24
N ALA A 432 49.81 40.27 -49.83
CA ALA A 432 50.19 40.14 -48.43
C ALA A 432 51.34 41.09 -48.14
N ASP A 433 51.37 41.61 -46.92
CA ASP A 433 52.39 42.58 -46.54
C ASP A 433 52.40 42.72 -45.03
N GLN A 434 53.53 43.18 -44.50
CA GLN A 434 53.71 43.50 -43.09
C GLN A 434 54.03 44.99 -43.01
N VAL A 435 53.16 45.76 -42.38
CA VAL A 435 53.15 47.21 -42.50
C VAL A 435 53.44 47.84 -41.15
N LEU A 436 54.56 48.56 -41.06
CA LEU A 436 54.93 49.25 -39.84
C LEU A 436 54.02 50.45 -39.60
N GLN A 437 53.43 50.52 -38.40
CA GLN A 437 52.60 51.65 -38.01
C GLN A 437 53.52 52.76 -37.50
N SER A 438 53.83 53.71 -38.37
CA SER A 438 54.77 54.78 -38.03
C SER A 438 54.15 55.87 -37.18
N GLN A 439 52.83 55.90 -37.05
CA GLN A 439 52.13 57.00 -36.40
C GLN A 439 51.86 56.76 -34.92
N LEU A 440 52.13 55.56 -34.42
CA LEU A 440 51.90 55.24 -33.01
C LEU A 440 53.15 55.57 -32.21
N LYS A 441 53.04 56.54 -31.31
CA LYS A 441 54.12 56.80 -30.36
C LYS A 441 53.58 57.07 -28.96
N TRP A 442 52.39 56.58 -28.65
CA TRP A 442 51.75 56.69 -27.35
C TRP A 442 51.02 55.38 -27.08
N PRO A 443 50.65 55.11 -25.82
CA PRO A 443 49.90 53.88 -25.53
C PRO A 443 48.68 53.73 -26.43
N VAL A 444 48.33 52.48 -26.74
CA VAL A 444 47.32 52.19 -27.75
C VAL A 444 46.22 51.35 -27.12
N GLU A 445 44.99 51.89 -27.11
CA GLU A 445 43.86 51.14 -26.59
C GLU A 445 43.30 50.18 -27.64
N PHE A 446 43.10 50.65 -28.87
CA PHE A 446 42.60 49.82 -29.96
C PHE A 446 42.81 50.55 -31.28
N ILE A 447 42.77 49.78 -32.36
CA ILE A 447 43.01 50.29 -33.71
C ILE A 447 41.83 49.90 -34.59
N TYR A 448 41.28 50.87 -35.33
CA TYR A 448 40.33 50.58 -36.39
C TYR A 448 41.10 50.22 -37.65
N LEU A 449 40.71 49.12 -38.30
CA LEU A 449 41.46 48.60 -39.43
C LEU A 449 40.54 48.32 -40.61
N GLY A 450 40.97 48.74 -41.80
CA GLY A 450 40.27 48.42 -43.02
C GLY A 450 41.21 48.50 -44.20
N LEU A 451 40.90 47.74 -45.25
CA LEU A 451 41.64 47.75 -46.50
C LEU A 451 40.68 48.22 -47.58
N ARG A 452 40.60 49.53 -47.78
CA ARG A 452 39.62 50.09 -48.72
C ARG A 452 40.18 50.13 -50.12
N PRO A 453 39.48 49.57 -51.11
CA PRO A 453 39.93 49.68 -52.50
C PRO A 453 40.00 51.13 -52.94
N ALA A 454 41.06 51.46 -53.68
CA ALA A 454 41.25 52.83 -54.16
C ALA A 454 40.14 53.27 -55.10
N ASN A 455 39.41 52.32 -55.72
CA ASN A 455 38.35 52.67 -56.64
C ASN A 455 37.09 53.11 -55.90
N ASN A 456 37.00 52.85 -54.60
CA ASN A 456 35.84 53.31 -53.84
C ASN A 456 35.78 54.82 -53.78
N ILE A 457 36.91 55.50 -53.94
CA ILE A 457 36.97 56.95 -53.89
C ILE A 457 37.35 57.54 -55.24
N ALA A 458 37.25 56.75 -56.30
CA ALA A 458 37.67 57.18 -57.63
C ALA A 458 36.53 57.93 -58.33
N ALA A 459 36.89 59.02 -59.02
CA ALA A 459 35.88 59.81 -59.71
C ALA A 459 35.25 59.01 -60.85
N GLY A 460 36.03 58.15 -61.50
CA GLY A 460 35.51 57.29 -62.52
C GLY A 460 34.57 56.21 -62.04
N ASN A 461 34.38 56.09 -60.72
CA ASN A 461 33.41 55.16 -60.15
C ASN A 461 32.07 55.87 -60.06
N THR A 462 31.13 55.48 -60.92
CA THR A 462 29.79 56.05 -60.88
C THR A 462 29.16 55.88 -59.50
N TYR A 463 29.53 54.83 -58.79
CA TYR A 463 29.00 54.57 -57.46
C TYR A 463 29.91 55.11 -56.34
N GLN A 464 30.74 56.12 -56.64
CA GLN A 464 31.56 56.72 -55.60
C GLN A 464 30.69 57.32 -54.50
N TRP A 465 29.54 57.89 -54.85
CA TRP A 465 28.65 58.49 -53.86
C TRP A 465 28.25 57.50 -52.77
N ARG A 466 28.34 56.20 -53.05
CA ARG A 466 27.97 55.16 -52.10
C ARG A 466 29.15 54.34 -51.58
N ASP A 467 30.19 54.14 -52.40
CA ASP A 467 31.28 53.24 -52.04
C ASP A 467 32.37 53.90 -51.21
N TRP A 468 32.37 55.23 -51.09
CA TRP A 468 33.54 55.93 -50.56
C TRP A 468 33.85 55.51 -49.12
N HIS A 469 32.82 55.26 -48.32
CA HIS A 469 33.03 54.92 -46.92
C HIS A 469 33.07 53.41 -46.67
N HIS A 470 32.87 52.60 -47.70
CA HIS A 470 32.96 51.15 -47.56
C HIS A 470 34.42 50.70 -47.53
N LEU A 471 34.67 49.64 -46.75
CA LEU A 471 36.01 49.09 -46.61
C LEU A 471 36.18 47.77 -47.37
N THR A 472 35.25 47.48 -48.29
CA THR A 472 35.37 46.32 -49.17
C THR A 472 35.17 46.76 -50.61
N SER A 473 35.42 45.82 -51.52
CA SER A 473 35.09 46.02 -52.93
C SER A 473 33.61 45.72 -53.13
N VAL A 474 32.86 46.73 -53.52
CA VAL A 474 31.41 46.61 -53.65
C VAL A 474 31.06 46.42 -55.12
N THR A 475 30.31 45.35 -55.40
CA THR A 475 29.86 45.04 -56.74
C THR A 475 28.33 45.11 -56.77
N ASN A 476 27.79 45.34 -57.97
CA ASN A 476 26.36 45.61 -58.13
C ASN A 476 25.68 44.44 -58.83
N GLU A 477 24.70 43.85 -58.17
CA GLU A 477 23.93 42.74 -58.71
C GLU A 477 22.49 43.17 -58.93
N PRO A 478 22.00 43.16 -60.17
CA PRO A 478 20.61 43.55 -60.40
C PRO A 478 19.63 42.51 -59.89
N VAL A 479 18.49 42.99 -59.43
CA VAL A 479 17.34 42.16 -59.07
C VAL A 479 16.12 42.74 -59.77
N TYR A 480 15.42 41.92 -60.55
CA TYR A 480 14.33 42.38 -61.40
C TYR A 480 12.98 41.93 -60.88
N ASP A 481 12.01 42.83 -60.92
CA ASP A 481 10.60 42.49 -60.82
C ASP A 481 10.04 42.50 -62.23
N VAL A 482 9.62 41.33 -62.71
CA VAL A 482 9.14 41.17 -64.08
C VAL A 482 7.64 40.93 -64.06
N SER A 483 6.92 41.68 -64.88
CA SER A 483 5.50 41.45 -65.09
C SER A 483 5.32 40.55 -66.30
N GLN A 484 4.76 39.37 -66.08
CA GLN A 484 4.49 38.42 -67.15
C GLN A 484 3.04 38.56 -67.61
N SER A 485 2.84 38.37 -68.91
CA SER A 485 1.54 38.62 -69.52
C SER A 485 1.30 37.61 -70.63
N TYR A 486 0.06 37.15 -70.77
CA TYR A 486 -0.31 36.19 -71.79
C TYR A 486 -1.62 36.62 -72.43
N ALA A 487 -1.72 36.39 -73.75
CA ALA A 487 -2.92 36.74 -74.49
C ALA A 487 -3.14 35.74 -75.61
N ARG A 488 -4.37 35.27 -75.74
CA ARG A 488 -4.80 34.40 -76.83
C ARG A 488 -6.04 35.01 -77.47
N VAL A 489 -6.15 34.89 -78.79
CA VAL A 489 -7.28 35.46 -79.53
C VAL A 489 -7.55 34.59 -80.76
N SER A 490 -8.79 34.14 -80.89
CA SER A 490 -9.22 33.41 -82.08
C SER A 490 -9.62 34.40 -83.17
N ILE A 491 -9.04 34.24 -84.37
CA ILE A 491 -9.26 35.18 -85.45
C ILE A 491 -10.20 34.63 -86.52
N ASP A 492 -10.87 33.51 -86.27
CA ASP A 492 -11.79 32.94 -87.25
C ASP A 492 -12.95 32.30 -86.47
N ASP A 493 -14.09 33.01 -86.42
CA ASP A 493 -15.25 32.55 -85.68
C ASP A 493 -15.92 31.33 -86.30
N THR A 494 -15.39 30.77 -87.38
CA THR A 494 -15.94 29.57 -88.00
C THR A 494 -15.06 28.36 -87.80
N VAL A 495 -13.91 28.50 -87.14
CA VAL A 495 -12.98 27.41 -86.90
C VAL A 495 -12.74 27.29 -85.40
N ALA A 496 -12.86 26.08 -84.88
CA ALA A 496 -12.66 25.85 -83.46
C ALA A 496 -11.22 26.23 -83.07
N PRO A 497 -11.02 27.01 -82.01
CA PRO A 497 -9.67 27.50 -81.72
C PRO A 497 -8.73 26.42 -81.22
N VAL A 498 -9.22 25.44 -80.47
CA VAL A 498 -8.34 24.45 -79.85
C VAL A 498 -7.66 23.63 -80.94
N GLY A 499 -6.34 23.73 -81.02
CA GLY A 499 -5.56 23.01 -82.01
C GLY A 499 -5.41 23.72 -83.33
N SER A 500 -5.86 24.96 -83.46
CA SER A 500 -5.83 25.71 -84.71
C SER A 500 -4.78 26.82 -84.63
N THR A 501 -4.19 27.12 -85.80
CA THR A 501 -3.28 28.26 -85.88
C THR A 501 -4.02 29.58 -86.06
N THR A 502 -5.35 29.55 -86.23
CA THR A 502 -6.16 30.75 -86.13
C THR A 502 -6.36 31.19 -84.70
N PHE A 503 -5.85 30.42 -83.74
CA PHE A 503 -5.90 30.72 -82.31
C PHE A 503 -4.53 31.28 -81.94
N LYS A 504 -4.40 32.61 -81.92
CA LYS A 504 -3.11 33.26 -81.83
C LYS A 504 -2.58 33.29 -80.41
N GLN A 505 -1.24 33.35 -80.29
CA GLN A 505 -0.56 33.45 -79.00
C GLN A 505 0.18 34.77 -78.90
N SER A 506 0.17 35.36 -77.72
CA SER A 506 0.82 36.64 -77.47
C SER A 506 1.28 36.67 -76.02
N ALA A 507 2.48 37.21 -75.81
CA ALA A 507 3.06 37.27 -74.47
C ALA A 507 4.02 38.44 -74.37
N SER A 508 4.14 39.00 -73.18
CA SER A 508 5.05 40.11 -72.95
C SER A 508 5.71 40.00 -71.57
N GLN A 509 6.95 40.47 -71.50
CA GLN A 509 7.70 40.59 -70.25
C GLN A 509 8.18 42.03 -70.14
N VAL A 510 7.65 42.77 -69.18
CA VAL A 510 7.97 44.18 -69.01
C VAL A 510 8.64 44.37 -67.65
N MET A 511 9.72 45.14 -67.64
CA MET A 511 10.40 45.44 -66.38
C MET A 511 9.52 46.33 -65.51
N GLN A 512 9.12 45.81 -64.35
CA GLN A 512 8.31 46.61 -63.44
C GLN A 512 9.20 47.49 -62.56
N ASN A 513 10.30 46.94 -62.07
CA ASN A 513 11.26 47.70 -61.28
C ASN A 513 12.58 46.94 -61.30
N GLN A 514 13.65 47.65 -60.97
CA GLN A 514 14.95 47.03 -60.78
C GLN A 514 15.56 47.50 -59.48
N TYR A 515 16.05 46.57 -58.68
CA TYR A 515 16.83 46.87 -57.49
C TYR A 515 18.30 46.59 -57.75
N ILE A 516 19.16 47.25 -56.98
CA ILE A 516 20.60 47.05 -57.07
C ILE A 516 21.08 46.55 -55.72
N VAL A 517 21.63 45.34 -55.70
CA VAL A 517 22.16 44.75 -54.47
C VAL A 517 23.64 45.06 -54.39
N PRO A 518 24.08 45.80 -53.38
CA PRO A 518 25.53 45.98 -53.21
C PRO A 518 26.15 44.75 -52.56
N VAL A 519 26.84 43.94 -53.36
CA VAL A 519 27.49 42.74 -52.87
C VAL A 519 28.92 43.10 -52.46
N GLU A 520 29.26 42.85 -51.20
CA GLU A 520 30.55 43.24 -50.64
C GLU A 520 31.51 42.05 -50.72
N THR A 521 32.63 42.25 -51.41
CA THR A 521 33.73 41.29 -51.43
C THR A 521 34.81 41.78 -50.47
N GLU A 522 35.18 40.93 -49.52
CA GLU A 522 36.12 41.33 -48.49
C GLU A 522 37.54 41.41 -49.05
N THR A 523 38.29 42.40 -48.59
CA THR A 523 39.66 42.60 -49.01
C THR A 523 40.68 42.09 -48.00
N LEU A 524 40.25 41.71 -46.80
CA LEU A 524 41.13 41.18 -45.77
C LEU A 524 40.72 39.76 -45.45
N ASP A 525 41.67 38.82 -45.56
CA ASP A 525 41.44 37.45 -45.14
C ASP A 525 41.91 37.20 -43.72
N THR A 526 43.15 37.60 -43.41
CA THR A 526 43.71 37.43 -42.08
C THR A 526 44.44 38.69 -41.64
N VAL A 527 44.63 38.81 -40.33
CA VAL A 527 45.38 39.91 -39.72
C VAL A 527 46.23 39.35 -38.59
N ARG A 528 47.53 39.69 -38.61
CA ARG A 528 48.46 39.36 -37.54
C ARG A 528 49.10 40.64 -37.04
N VAL A 529 49.26 40.76 -35.72
CA VAL A 529 49.77 41.99 -35.11
C VAL A 529 51.04 41.66 -34.32
N LYS A 530 52.10 42.43 -34.58
CA LYS A 530 53.39 42.28 -33.91
C LYS A 530 53.83 43.61 -33.33
N ALA A 531 54.57 43.54 -32.23
CA ALA A 531 55.12 44.75 -31.62
C ALA A 531 56.40 44.40 -30.88
N HIS A 532 57.53 44.88 -31.42
CA HIS A 532 58.84 44.79 -30.77
C HIS A 532 59.18 43.35 -30.39
N GLY A 533 59.02 42.45 -31.36
CA GLY A 533 59.33 41.05 -31.16
C GLY A 533 58.28 40.25 -30.43
N ILE A 534 57.07 40.78 -30.29
CA ILE A 534 55.99 40.10 -29.59
C ILE A 534 54.80 39.98 -30.53
N GLU A 535 54.17 38.81 -30.52
CA GLU A 535 52.92 38.60 -31.23
C GLU A 535 51.78 39.10 -30.35
N LEU A 536 51.14 40.20 -30.74
CA LEU A 536 49.97 40.68 -30.00
C LEU A 536 48.71 39.96 -30.44
N TYR A 537 48.62 39.64 -31.72
CA TYR A 537 47.53 38.83 -32.27
C TYR A 537 48.12 37.88 -33.29
N ALA A 538 47.92 36.58 -33.10
CA ALA A 538 48.34 35.63 -34.10
C ALA A 538 47.51 35.80 -35.37
N GLN A 539 48.00 35.23 -36.47
CA GLN A 539 47.30 35.38 -37.73
C GLN A 539 45.92 34.72 -37.65
N TYR A 540 44.89 35.55 -37.52
CA TYR A 540 43.51 35.09 -37.43
C TYR A 540 42.71 35.62 -38.61
N ARG A 541 41.60 34.95 -38.89
CA ARG A 541 40.70 35.42 -39.94
C ARG A 541 40.13 36.79 -39.59
N ALA A 542 39.82 37.57 -40.64
CA ALA A 542 39.26 38.90 -40.43
C ALA A 542 37.99 38.84 -39.58
N GLN A 543 37.14 37.84 -39.81
CA GLN A 543 35.86 37.75 -39.12
C GLN A 543 36.03 37.66 -37.61
N PHE A 544 37.23 37.35 -37.13
CA PHE A 544 37.51 37.38 -35.70
C PHE A 544 37.60 38.81 -35.18
N TYR A 545 38.20 39.71 -35.95
CA TYR A 545 38.30 41.11 -35.57
C TYR A 545 37.05 41.92 -35.91
N ARG A 546 36.33 41.52 -36.95
CA ARG A 546 35.13 42.25 -37.34
C ARG A 546 33.91 41.84 -36.52
N ASP A 547 33.78 40.54 -36.25
CA ASP A 547 32.57 40.01 -35.63
C ASP A 547 32.76 39.67 -34.16
N TYR A 548 33.71 38.80 -33.82
CA TYR A 548 33.80 38.32 -32.44
C TYR A 548 34.20 39.44 -31.48
N ILE A 549 35.26 40.17 -31.81
CA ILE A 549 35.76 41.20 -30.87
C ILE A 549 34.72 42.29 -30.61
N PRO A 550 34.09 42.90 -31.62
CA PRO A 550 33.04 43.89 -31.31
C PRO A 550 31.82 43.29 -30.62
N TRP A 551 31.58 41.98 -30.79
CA TRP A 551 30.45 41.37 -30.11
C TRP A 551 30.71 41.19 -28.62
N ASN A 552 31.93 40.77 -28.26
CA ASN A 552 32.21 40.40 -26.89
C ASN A 552 32.56 41.59 -26.01
N TYR A 553 33.13 42.64 -26.59
CA TYR A 553 33.66 43.76 -25.82
C TYR A 553 32.81 45.02 -26.02
N GLY A 554 32.92 45.91 -25.05
CA GLY A 554 32.40 47.25 -25.18
C GLY A 554 30.96 47.47 -24.79
N SER A 555 30.19 46.40 -24.56
CA SER A 555 28.77 46.56 -24.24
C SER A 555 28.08 47.47 -25.24
N PHE A 556 27.29 48.41 -24.72
CA PHE A 556 26.59 49.31 -25.64
C PHE A 556 27.50 50.36 -26.27
N ASN A 557 28.79 50.36 -25.95
CA ASN A 557 29.74 51.31 -26.53
C ASN A 557 30.37 50.81 -27.82
N LEU A 558 30.19 49.54 -28.16
CA LEU A 558 30.85 48.94 -29.32
C LEU A 558 29.80 48.19 -30.13
N VAL A 559 29.55 48.67 -31.34
CA VAL A 559 28.55 48.10 -32.24
C VAL A 559 29.25 47.13 -33.19
N THR A 560 28.68 45.95 -33.33
CA THR A 560 29.18 45.01 -34.35
C THR A 560 28.91 45.60 -35.72
N PRO A 561 29.93 45.93 -36.50
CA PRO A 561 29.72 46.74 -37.69
C PRO A 561 29.03 45.98 -38.82
N GLN A 562 28.29 46.73 -39.63
CA GLN A 562 27.65 46.16 -40.81
C GLN A 562 28.62 46.04 -41.98
N ASP A 563 29.58 46.96 -42.08
CA ASP A 563 30.60 46.88 -43.12
C ASP A 563 31.45 45.64 -42.92
N LYS A 564 31.39 44.71 -43.87
CA LYS A 564 32.13 43.44 -43.78
C LYS A 564 33.63 43.63 -43.74
N GLY A 565 34.14 44.84 -44.01
CA GLY A 565 35.56 45.12 -43.99
C GLY A 565 36.08 45.90 -42.81
N ALA A 566 35.25 46.20 -41.80
CA ALA A 566 35.68 46.99 -40.65
C ALA A 566 36.16 46.05 -39.55
N LEU A 567 37.41 46.23 -39.12
CA LEU A 567 38.05 45.36 -38.15
C LEU A 567 38.46 46.16 -36.92
N PHE A 568 38.43 45.50 -35.76
CA PHE A 568 38.65 46.13 -34.47
C PHE A 568 39.76 45.38 -33.73
N LEU A 569 40.99 45.90 -33.80
CA LEU A 569 42.13 45.31 -33.10
C LEU A 569 42.14 45.87 -31.69
N ASN A 570 41.70 45.07 -30.72
CA ASN A 570 41.46 45.53 -29.36
C ASN A 570 42.62 45.18 -28.45
N PHE A 571 42.98 46.13 -27.58
CA PHE A 571 44.04 45.90 -26.59
C PHE A 571 43.62 46.34 -25.20
N CYS A 572 42.33 46.51 -24.95
CA CYS A 572 41.83 46.85 -23.62
C CYS A 572 40.61 46.01 -23.32
N LEU A 573 40.23 45.97 -22.05
CA LEU A 573 39.09 45.17 -21.61
C LEU A 573 37.75 45.88 -21.79
N TYR A 574 37.71 47.20 -21.59
CA TYR A 574 36.47 47.96 -21.61
C TYR A 574 36.59 49.15 -22.54
N PRO A 575 36.65 48.90 -23.85
CA PRO A 575 36.77 50.01 -24.81
C PRO A 575 35.57 50.94 -24.74
N GLY A 576 35.83 52.24 -24.70
CA GLY A 576 34.79 53.23 -24.63
C GLY A 576 34.57 53.83 -23.24
N THR A 577 35.15 53.23 -22.21
CA THR A 577 35.05 53.79 -20.87
C THR A 577 36.26 54.67 -20.58
N TYR A 578 36.07 55.60 -19.65
CA TYR A 578 37.16 56.52 -19.32
C TYR A 578 38.26 55.83 -18.53
N GLN A 579 37.90 55.00 -17.56
CA GLN A 579 38.87 54.30 -16.74
C GLN A 579 39.75 53.40 -17.59
N PRO A 580 41.07 53.56 -17.55
CA PRO A 580 41.94 52.70 -18.36
C PRO A 580 41.75 51.23 -18.03
N SER A 581 41.83 50.38 -19.07
CA SER A 581 41.65 48.96 -18.88
C SER A 581 42.52 48.14 -19.84
N GLY A 582 43.70 48.66 -20.18
CA GLY A 582 44.63 47.91 -21.01
C GLY A 582 45.12 48.70 -22.21
N HIS A 583 46.38 48.47 -22.58
CA HIS A 583 46.98 49.23 -23.67
C HIS A 583 48.23 48.51 -24.16
N VAL A 584 48.65 48.87 -25.38
CA VAL A 584 49.95 48.48 -25.90
C VAL A 584 50.98 49.48 -25.40
N ASN A 585 52.02 48.98 -24.76
CA ASN A 585 53.00 49.83 -24.10
C ASN A 585 53.75 50.69 -25.12
N ILE A 586 54.39 51.75 -24.61
CA ILE A 586 55.07 52.70 -25.48
C ILE A 586 56.18 52.01 -26.27
N SER A 587 56.89 51.07 -25.64
CA SER A 587 58.01 50.41 -26.30
C SER A 587 57.53 49.56 -27.47
N ARG A 588 56.39 48.91 -27.32
CA ARG A 588 55.87 48.05 -28.38
C ARG A 588 55.16 48.86 -29.46
N ALA A 589 54.43 49.91 -29.07
CA ALA A 589 53.72 50.75 -30.03
C ALA A 589 54.67 51.49 -30.96
N ARG A 590 55.91 51.72 -30.52
CA ARG A 590 56.93 52.43 -31.28
C ARG A 590 57.61 51.55 -32.34
N GLU A 591 57.30 50.25 -32.37
CA GLU A 591 57.77 49.33 -33.42
C GLU A 591 56.64 48.32 -33.66
N PHE A 592 55.61 48.78 -34.38
CA PHE A 592 54.31 48.13 -34.44
C PHE A 592 54.01 47.71 -35.87
N TYR A 593 53.74 46.42 -36.08
CA TYR A 593 53.49 45.87 -37.40
C TYR A 593 52.10 45.25 -37.47
N ILE A 594 51.37 45.56 -38.54
CA ILE A 594 50.09 44.92 -38.85
C ILE A 594 50.27 44.17 -40.16
N GLU A 595 50.26 42.84 -40.09
CA GLU A 595 50.44 41.98 -41.25
C GLU A 595 49.09 41.43 -41.68
N TYR A 596 48.79 41.54 -42.97
CA TYR A 596 47.49 41.15 -43.49
C TYR A 596 47.64 40.17 -44.65
N THR A 597 46.55 39.47 -44.94
CA THR A 597 46.41 38.66 -46.13
C THR A 597 45.20 39.17 -46.92
N SER A 598 45.34 39.24 -48.24
CA SER A 598 44.28 39.73 -49.10
C SER A 598 44.08 38.81 -50.29
N SER A 599 42.83 38.44 -50.55
CA SER A 599 42.46 37.76 -51.79
C SER A 599 42.00 38.72 -52.87
N PHE A 600 42.04 40.03 -52.61
CA PHE A 600 41.56 41.02 -53.55
C PHE A 600 42.67 41.97 -54.03
N CYS A 601 43.48 42.49 -53.12
CA CYS A 601 44.46 43.49 -53.47
C CYS A 601 45.56 42.89 -54.34
N ASP A 602 45.77 43.48 -55.51
CA ASP A 602 46.93 43.16 -56.33
C ASP A 602 47.24 44.37 -57.21
N SER A 603 48.06 44.16 -58.24
CA SER A 603 48.51 45.27 -59.09
C SER A 603 47.35 45.98 -59.77
N SER A 604 46.27 45.26 -60.06
CA SER A 604 45.14 45.85 -60.77
C SER A 604 44.08 46.42 -59.84
N ASN A 605 44.10 46.06 -58.55
CA ASN A 605 43.12 46.53 -57.57
C ASN A 605 43.86 47.17 -56.40
N PRO A 606 44.33 48.41 -56.55
CA PRO A 606 45.03 49.06 -55.45
C PRO A 606 44.09 49.32 -54.27
N CYS A 607 44.62 49.11 -53.06
CA CYS A 607 43.87 49.31 -51.84
C CYS A 607 44.68 50.16 -50.87
N ASP A 608 43.98 50.82 -49.96
CA ASP A 608 44.57 51.67 -48.93
C ASP A 608 44.37 51.02 -47.57
N LEU A 609 45.48 50.66 -46.92
CA LEU A 609 45.43 50.08 -45.58
C LEU A 609 45.24 51.22 -44.58
N ILE A 610 44.05 51.28 -43.99
CA ILE A 610 43.66 52.37 -43.09
C ILE A 610 43.74 51.88 -41.65
N SER A 611 44.61 52.50 -40.86
CA SER A 611 44.74 52.22 -39.44
C SER A 611 44.55 53.51 -38.66
N ILE A 612 43.52 53.56 -37.83
CA ILE A 612 43.25 54.70 -36.96
C ILE A 612 43.30 54.20 -35.53
N ALA A 613 44.23 54.71 -34.75
CA ALA A 613 44.43 54.26 -33.38
C ALA A 613 43.87 55.30 -32.41
N LYS A 614 43.28 54.80 -31.33
CA LYS A 614 42.92 55.62 -30.18
C LYS A 614 44.04 55.46 -29.16
N CYS A 615 44.74 56.55 -28.89
CA CYS A 615 45.89 56.54 -28.00
C CYS A 615 45.61 57.34 -26.75
N ILE A 616 46.23 56.93 -25.65
CA ILE A 616 46.10 57.60 -24.37
C ILE A 616 47.21 58.65 -24.26
N ASN A 617 46.82 59.86 -23.87
CA ASN A 617 47.76 60.92 -23.52
C ASN A 617 47.23 61.58 -22.26
N PHE A 618 47.93 62.61 -21.80
CA PHE A 618 47.52 63.31 -20.59
C PHE A 618 47.62 64.81 -20.83
N LEU A 619 46.83 65.56 -20.07
CA LEU A 619 46.71 67.00 -20.23
C LEU A 619 46.85 67.66 -18.87
N LEU A 620 47.86 68.52 -18.73
CA LEU A 620 48.07 69.23 -17.48
C LEU A 620 47.11 70.42 -17.36
N ILE A 621 46.80 70.78 -16.13
CA ILE A 621 45.94 71.91 -15.81
C ILE A 621 46.81 73.16 -15.68
N LYS B 7 54.94 38.33 -22.54
CA LYS B 7 55.47 39.05 -21.39
C LYS B 7 54.56 40.20 -20.98
N LEU B 8 54.27 40.27 -19.69
CA LEU B 8 53.64 41.46 -19.10
C LEU B 8 54.74 42.45 -18.77
N ILE B 9 54.63 43.68 -19.30
CA ILE B 9 55.72 44.64 -19.21
C ILE B 9 55.64 45.43 -17.91
N ALA B 10 54.53 46.15 -17.72
CA ALA B 10 54.10 46.79 -16.49
C ALA B 10 54.86 48.06 -16.11
N ASN B 11 55.91 48.48 -16.85
CA ASN B 11 56.60 49.70 -16.47
C ASN B 11 57.42 50.31 -17.61
N ASP B 12 56.75 50.91 -18.60
CA ASP B 12 57.43 51.63 -19.67
C ASP B 12 57.29 53.13 -19.45
N GLY B 13 58.18 53.66 -18.63
CA GLY B 13 58.32 55.09 -18.47
C GLY B 13 57.07 55.78 -17.97
N LYS B 14 56.93 57.05 -18.37
CA LYS B 14 55.90 57.93 -17.81
C LYS B 14 54.51 57.36 -18.00
N ALA B 15 54.17 56.96 -19.22
CA ALA B 15 52.82 56.50 -19.52
C ALA B 15 52.39 55.37 -18.58
N ASP B 16 53.28 54.40 -18.35
CA ASP B 16 52.90 53.21 -17.60
C ASP B 16 52.80 53.46 -16.09
N ARG B 17 53.54 54.45 -15.57
CA ARG B 17 53.38 54.80 -14.15
C ARG B 17 52.06 55.51 -13.91
N MET B 18 51.69 56.44 -14.79
CA MET B 18 50.46 57.17 -14.61
C MET B 18 49.24 56.28 -14.78
N ILE B 19 49.33 55.28 -15.64
CA ILE B 19 48.21 54.38 -15.91
C ILE B 19 48.18 53.20 -14.95
N MET B 20 49.35 52.63 -14.63
CA MET B 20 49.42 51.40 -13.84
C MET B 20 50.14 51.55 -12.52
N ALA B 21 51.11 52.46 -12.41
CA ALA B 21 51.79 52.78 -11.14
C ALA B 21 52.27 51.52 -10.43
N ASN B 22 52.98 50.67 -11.16
CA ASN B 22 53.32 49.36 -10.62
C ASN B 22 54.43 49.42 -9.58
N ASP B 23 55.42 50.28 -9.79
CA ASP B 23 56.45 50.49 -8.77
C ASP B 23 55.82 50.93 -7.45
N LEU B 24 54.84 51.83 -7.53
CA LEU B 24 54.12 52.22 -6.33
C LEU B 24 53.41 51.02 -5.70
N LEU B 25 52.73 50.22 -6.53
CA LEU B 25 51.99 49.08 -6.01
C LEU B 25 52.91 48.07 -5.32
N ASN B 26 54.06 47.78 -5.93
CA ASN B 26 54.99 46.85 -5.30
C ASN B 26 55.59 47.43 -4.03
N ASP B 27 55.81 48.75 -3.98
CA ASP B 27 56.23 49.38 -2.74
C ASP B 27 55.17 49.23 -1.65
N ARG B 28 53.90 49.42 -2.01
CA ARG B 28 52.82 49.21 -1.05
C ARG B 28 52.81 47.78 -0.54
N ILE B 29 53.06 46.81 -1.42
CA ILE B 29 53.02 45.41 -1.03
C ILE B 29 54.17 45.10 -0.07
N LYS B 30 55.38 45.50 -0.44
CA LYS B 30 56.53 45.34 0.46
C LYS B 30 56.23 46.00 1.81
N SER B 31 55.80 47.25 1.77
CA SER B 31 55.45 47.99 2.98
C SER B 31 54.49 47.19 3.85
N ILE B 32 53.30 46.89 3.32
CA ILE B 32 52.29 46.19 4.11
C ILE B 32 52.83 44.88 4.68
N MET B 33 53.58 44.14 3.87
CA MET B 33 54.11 42.86 4.34
C MET B 33 55.08 43.04 5.49
N CYS B 34 55.86 44.13 5.47
CA CYS B 34 56.78 44.39 6.57
C CYS B 34 56.03 44.82 7.82
N LEU B 35 54.97 45.60 7.66
CA LEU B 35 54.19 46.05 8.81
C LEU B 35 53.48 44.88 9.48
N ARG B 36 52.70 44.12 8.70
CA ARG B 36 51.90 43.04 9.26
C ARG B 36 52.79 42.01 9.96
N ALA B 37 54.00 41.79 9.44
CA ALA B 37 54.96 40.95 10.15
C ALA B 37 55.39 41.60 11.46
N LYS B 38 55.73 42.89 11.40
CA LYS B 38 56.21 43.59 12.58
C LYS B 38 55.12 43.74 13.64
N GLN B 39 53.87 43.90 13.22
CA GLN B 39 52.77 44.05 14.16
C GLN B 39 52.33 42.72 14.77
N GLY B 40 52.80 41.60 14.23
CA GLY B 40 52.48 40.31 14.79
C GLY B 40 51.39 39.52 14.07
N PHE B 41 51.04 39.89 12.84
CA PHE B 41 50.14 39.07 12.07
C PHE B 41 50.86 37.82 11.57
N SER B 42 50.18 36.68 11.64
CA SER B 42 50.81 35.43 11.22
C SER B 42 50.94 35.36 9.71
N ASP B 43 49.92 35.82 8.97
CA ASP B 43 49.98 35.85 7.53
C ASP B 43 50.24 37.28 7.07
N PRO B 44 51.45 37.63 6.64
CA PRO B 44 51.76 39.02 6.31
C PRO B 44 51.33 39.46 4.93
N THR B 45 50.62 38.63 4.16
CA THR B 45 50.23 39.03 2.82
C THR B 45 49.10 40.06 2.88
N PRO B 46 49.18 41.12 2.07
CA PRO B 46 48.17 42.18 2.15
C PRO B 46 46.78 41.67 1.84
N THR B 47 45.79 42.45 2.24
CA THR B 47 44.41 42.17 1.87
C THR B 47 44.13 42.71 0.47
N LEU B 48 43.08 42.16 -0.16
CA LEU B 48 42.60 42.77 -1.39
C LEU B 48 42.11 44.19 -1.14
N VAL B 49 41.62 44.46 0.06
CA VAL B 49 41.15 45.80 0.39
C VAL B 49 42.33 46.78 0.46
N ASP B 50 43.46 46.34 1.02
CA ASP B 50 44.66 47.17 1.02
C ASP B 50 45.06 47.56 -0.39
N ILE B 51 45.03 46.60 -1.32
CA ILE B 51 45.43 46.85 -2.69
C ILE B 51 44.53 47.89 -3.33
N GLU B 52 43.22 47.82 -3.06
CA GLU B 52 42.26 48.66 -3.74
C GLU B 52 42.20 50.08 -3.20
N ARG B 53 42.97 50.40 -2.16
CA ARG B 53 43.04 51.79 -1.72
C ARG B 53 43.81 52.67 -2.70
N THR B 54 44.49 52.07 -3.68
CA THR B 54 45.19 52.84 -4.70
C THR B 54 44.93 52.29 -6.09
N HIS B 55 44.71 50.98 -6.21
CA HIS B 55 44.58 50.35 -7.51
C HIS B 55 43.26 49.61 -7.65
N ILE B 56 42.81 49.47 -8.89
CA ILE B 56 41.63 48.69 -9.21
C ILE B 56 42.09 47.33 -9.71
N LEU B 57 41.40 46.27 -9.28
CA LEU B 57 41.71 44.90 -9.69
C LEU B 57 40.76 44.52 -10.81
N LEU B 58 41.29 44.41 -12.03
CA LEU B 58 40.44 44.07 -13.17
C LEU B 58 39.93 42.64 -13.10
N ILE B 59 40.56 41.79 -12.30
CA ILE B 59 40.03 40.48 -11.95
C ILE B 59 39.62 40.57 -10.49
N ASN B 60 38.32 40.48 -10.22
CA ASN B 60 37.82 40.56 -8.84
C ASN B 60 36.41 40.01 -8.79
N SER B 61 36.24 38.91 -8.06
CA SER B 61 34.93 38.28 -7.90
C SER B 61 34.18 38.80 -6.68
N HIS B 62 34.59 39.94 -6.13
CA HIS B 62 33.95 40.46 -4.94
C HIS B 62 32.53 40.94 -5.24
N TYR B 63 31.64 40.73 -4.27
CA TYR B 63 30.29 41.26 -4.32
C TYR B 63 29.87 41.57 -2.90
N LYS B 64 28.78 42.28 -2.76
CA LYS B 64 28.32 42.48 -1.39
C LYS B 64 27.04 41.71 -1.15
N PRO B 65 26.90 41.03 -0.01
CA PRO B 65 25.61 40.42 0.32
C PRO B 65 24.55 41.50 0.44
N PHE B 66 23.35 41.19 -0.06
CA PHE B 66 22.26 42.16 0.00
C PHE B 66 21.33 41.81 1.15
N ALA B 67 20.91 42.84 1.88
CA ALA B 67 19.86 42.69 2.86
C ALA B 67 18.69 41.95 2.22
N ALA B 68 18.26 40.86 2.86
CA ALA B 68 17.31 39.95 2.25
C ALA B 68 16.07 40.67 1.76
N MET B 69 15.66 40.38 0.54
CA MET B 69 14.41 40.89 -0.01
C MET B 69 13.92 39.94 -1.08
N GLY B 70 12.61 39.89 -1.23
CA GLY B 70 11.96 39.21 -2.33
C GLY B 70 10.85 40.06 -2.89
N TYR B 71 10.26 39.60 -3.99
CA TYR B 71 9.15 40.35 -4.56
C TYR B 71 8.17 39.38 -5.20
N GLU B 72 6.91 39.82 -5.28
CA GLU B 72 5.83 39.02 -5.80
C GLU B 72 4.71 39.95 -6.27
N TYR B 73 4.14 39.64 -7.42
CA TYR B 73 3.07 40.46 -7.97
C TYR B 73 1.72 40.07 -7.38
N GLN B 74 0.82 41.04 -7.32
CA GLN B 74 -0.54 40.84 -6.87
C GLN B 74 -1.47 41.67 -7.73
N LYS B 75 -2.55 41.07 -8.22
CA LYS B 75 -3.50 41.76 -9.08
C LYS B 75 -4.79 42.03 -8.34
N THR B 76 -5.41 43.15 -8.68
CA THR B 76 -6.61 43.61 -7.99
C THR B 76 -7.60 44.18 -8.99
N ARG B 77 -8.88 44.02 -8.66
CA ARG B 77 -9.96 44.53 -9.48
C ARG B 77 -10.37 45.93 -9.03
N PRO B 78 -11.00 46.70 -9.90
CA PRO B 78 -11.36 48.08 -9.54
C PRO B 78 -12.53 48.14 -8.56
N ASN B 79 -12.59 49.26 -7.84
CA ASN B 79 -13.65 49.52 -6.88
C ASN B 79 -14.91 50.11 -7.54
N THR B 80 -14.83 50.49 -8.80
CA THR B 80 -15.88 51.27 -9.46
C THR B 80 -16.82 50.40 -10.29
N GLY B 81 -16.92 49.11 -9.99
CA GLY B 81 -17.86 48.24 -10.68
C GLY B 81 -17.33 47.66 -11.97
N ASN B 82 -18.19 47.57 -12.98
CA ASN B 82 -17.82 46.97 -14.26
C ASN B 82 -17.23 48.04 -15.17
N PRO B 83 -15.99 47.86 -15.65
CA PRO B 83 -15.37 48.90 -16.47
C PRO B 83 -16.01 49.04 -17.84
N THR B 84 -15.96 50.25 -18.37
CA THR B 84 -16.44 50.56 -19.72
C THR B 84 -15.52 51.63 -20.32
N TYR B 85 -15.74 51.91 -21.60
CA TYR B 85 -15.13 53.10 -22.18
C TYR B 85 -15.73 54.35 -21.55
N ASN B 86 -15.02 55.47 -21.71
CA ASN B 86 -15.47 56.80 -21.27
C ASN B 86 -15.98 56.76 -19.84
N SER B 87 -15.12 56.28 -18.94
CA SER B 87 -15.47 56.19 -17.53
C SER B 87 -14.18 56.26 -16.72
N THR B 88 -14.36 56.42 -15.41
CA THR B 88 -13.24 56.50 -14.47
C THR B 88 -13.10 55.17 -13.74
N ILE B 89 -11.93 54.57 -13.83
CA ILE B 89 -11.61 53.33 -13.15
C ILE B 89 -10.68 53.65 -11.99
N GLN B 90 -11.01 53.16 -10.80
CA GLN B 90 -10.20 53.39 -9.60
C GLN B 90 -9.82 52.05 -8.98
N PHE B 91 -8.55 51.92 -8.62
CA PHE B 91 -8.02 50.74 -7.94
C PHE B 91 -7.50 51.14 -6.58
N SER B 92 -7.75 50.31 -5.58
CA SER B 92 -7.02 50.41 -4.33
C SER B 92 -5.67 49.75 -4.49
N ILE B 93 -4.67 50.30 -3.82
CA ILE B 93 -3.36 49.66 -3.76
C ILE B 93 -3.37 48.76 -2.53
N PRO B 94 -3.59 47.45 -2.71
CA PRO B 94 -3.87 46.58 -1.56
C PRO B 94 -2.67 46.43 -0.64
N GLN B 95 -2.95 45.98 0.57
CA GLN B 95 -1.93 45.79 1.59
C GLN B 95 -1.32 44.40 1.43
N PHE B 96 0.01 44.35 1.26
CA PHE B 96 0.65 43.08 1.00
C PHE B 96 2.14 43.11 1.36
N GLY B 97 2.93 43.89 0.62
CA GLY B 97 4.35 43.96 0.84
C GLY B 97 4.76 45.18 1.66
N ASP B 98 6.02 45.17 2.09
CA ASP B 98 6.56 46.32 2.79
C ASP B 98 6.72 47.51 1.86
N PHE B 99 6.95 47.24 0.58
CA PHE B 99 7.08 48.28 -0.44
C PHE B 99 6.34 47.83 -1.69
N PHE B 100 5.83 48.79 -2.45
CA PHE B 100 5.27 48.49 -3.77
C PHE B 100 6.01 49.27 -4.84
N SER B 101 6.09 48.67 -6.03
CA SER B 101 6.98 49.17 -7.08
C SER B 101 6.27 49.23 -8.42
N ASP B 102 6.83 48.54 -9.43
CA ASP B 102 6.33 48.67 -10.79
C ASP B 102 4.88 48.18 -10.89
N MET B 103 4.10 48.87 -11.73
CA MET B 103 2.68 48.60 -11.89
C MET B 103 2.32 48.49 -13.36
N VAL B 104 1.50 47.50 -13.69
CA VAL B 104 0.98 47.30 -15.03
C VAL B 104 -0.49 46.92 -14.92
N VAL B 105 -1.26 47.27 -15.94
CA VAL B 105 -2.71 47.08 -15.95
C VAL B 105 -3.08 46.23 -17.15
N HIS B 106 -3.74 45.10 -16.88
CA HIS B 106 -4.25 44.25 -17.95
C HIS B 106 -5.59 44.79 -18.42
N VAL B 107 -5.68 45.14 -19.69
CA VAL B 107 -6.92 45.57 -20.32
C VAL B 107 -7.34 44.50 -21.32
N GLN B 108 -8.62 44.12 -21.29
CA GLN B 108 -9.14 43.07 -22.15
C GLN B 108 -10.38 43.61 -22.86
N LEU B 109 -10.23 43.91 -24.16
CA LEU B 109 -11.32 44.39 -24.99
C LEU B 109 -11.83 43.25 -25.86
N ALA B 110 -13.16 43.20 -26.04
CA ALA B 110 -13.78 42.04 -26.65
C ALA B 110 -13.52 41.98 -28.15
N ALA B 111 -13.68 40.77 -28.70
CA ALA B 111 -13.76 40.61 -30.15
C ALA B 111 -14.90 41.45 -30.70
N THR B 112 -14.67 42.08 -31.85
CA THR B 112 -15.64 43.03 -32.38
C THR B 112 -15.59 43.01 -33.89
N SER B 113 -16.67 43.54 -34.50
CA SER B 113 -16.76 43.65 -35.94
C SER B 113 -17.81 44.70 -36.29
N ALA B 114 -17.75 45.21 -37.51
CA ALA B 114 -18.64 46.26 -37.93
C ALA B 114 -20.04 45.73 -38.21
N SER B 115 -21.00 46.65 -38.26
CA SER B 115 -22.38 46.30 -38.55
C SER B 115 -22.60 46.18 -40.05
N ALA B 116 -23.65 45.45 -40.43
CA ALA B 116 -23.95 45.21 -41.83
C ALA B 116 -24.30 46.51 -42.54
N GLY B 117 -23.66 46.74 -43.69
CA GLY B 117 -23.93 47.92 -44.48
C GLY B 117 -24.29 47.58 -45.91
N THR B 118 -24.20 48.55 -46.81
CA THR B 118 -24.58 48.36 -48.19
C THR B 118 -23.51 48.93 -49.12
N VAL B 119 -23.45 48.36 -50.33
CA VAL B 119 -22.53 48.87 -51.35
C VAL B 119 -23.00 50.28 -51.75
N PRO B 120 -22.13 51.28 -51.71
CA PRO B 120 -22.57 52.65 -51.99
C PRO B 120 -22.93 52.84 -53.45
N ALA B 121 -23.50 54.02 -53.74
CA ALA B 121 -23.86 54.37 -55.10
C ALA B 121 -22.60 54.56 -55.95
N LEU B 122 -22.78 54.38 -57.27
CA LEU B 122 -21.69 54.57 -58.20
C LEU B 122 -21.39 56.05 -58.38
N PRO B 123 -20.15 56.39 -58.78
CA PRO B 123 -19.81 57.81 -58.97
C PRO B 123 -20.57 58.45 -60.12
N ALA B 124 -20.33 59.74 -60.34
CA ALA B 124 -20.97 60.46 -61.43
C ALA B 124 -20.29 60.10 -62.76
N PHE B 125 -20.95 60.50 -63.85
CA PHE B 125 -20.37 60.33 -65.18
C PHE B 125 -19.08 61.13 -65.31
N ILE B 126 -18.18 60.64 -66.16
CA ILE B 126 -16.91 61.33 -66.38
C ILE B 126 -16.97 62.00 -67.74
N GLY B 127 -17.13 61.18 -68.78
CA GLY B 127 -17.28 61.71 -70.12
C GLY B 127 -18.70 62.19 -70.38
N ALA B 128 -18.85 63.03 -71.42
CA ALA B 128 -20.16 63.59 -71.74
C ALA B 128 -21.00 62.69 -72.63
N ASP B 129 -20.38 61.79 -73.38
CA ASP B 129 -21.07 61.00 -74.39
C ASP B 129 -21.30 59.56 -73.92
N ASP B 130 -22.39 58.98 -74.40
CA ASP B 130 -22.68 57.54 -74.26
C ASP B 130 -22.85 57.15 -72.79
N GLN B 131 -23.53 57.98 -72.02
CA GLN B 131 -23.69 57.77 -70.59
C GLN B 131 -24.77 56.71 -70.31
N VAL B 132 -24.41 55.70 -69.52
CA VAL B 132 -25.33 54.65 -69.08
C VAL B 132 -25.04 54.35 -67.62
N LEU B 133 -26.07 54.40 -66.78
CA LEU B 133 -25.96 54.02 -65.38
C LEU B 133 -26.79 52.77 -65.12
N THR B 134 -26.15 51.76 -64.54
CA THR B 134 -26.78 50.49 -64.23
C THR B 134 -26.48 50.17 -62.75
N SER B 135 -27.14 49.14 -62.23
CA SER B 135 -26.93 48.72 -60.85
C SER B 135 -25.54 48.15 -60.61
N THR B 136 -24.75 47.91 -61.67
CA THR B 136 -23.43 47.30 -61.51
C THR B 136 -22.29 48.11 -62.10
N SER B 137 -22.57 49.17 -62.86
CA SER B 137 -21.48 49.96 -63.45
C SER B 137 -22.02 51.31 -63.89
N VAL B 138 -21.11 52.26 -64.03
CA VAL B 138 -21.40 53.58 -64.59
C VAL B 138 -20.45 53.81 -65.77
N VAL B 139 -21.00 54.20 -66.91
CA VAL B 139 -20.25 54.27 -68.15
C VAL B 139 -20.49 55.62 -68.81
N SER B 140 -19.42 56.24 -69.28
CA SER B 140 -19.47 57.51 -69.99
C SER B 140 -18.27 57.55 -70.94
N ALA B 141 -18.31 58.46 -71.91
CA ALA B 141 -17.28 58.45 -72.93
C ALA B 141 -16.97 59.87 -73.39
N THR B 142 -15.81 60.00 -74.04
CA THR B 142 -15.37 61.24 -74.66
C THR B 142 -14.91 60.93 -76.06
N GLU B 143 -15.68 61.37 -77.06
CA GLU B 143 -15.30 61.17 -78.45
C GLU B 143 -14.19 62.14 -78.84
N ASN B 144 -13.42 61.75 -79.86
CA ASN B 144 -12.40 62.64 -80.43
C ASN B 144 -12.24 62.24 -81.90
N THR B 145 -13.06 62.86 -82.75
CA THR B 145 -13.08 62.55 -84.17
C THR B 145 -11.89 63.11 -84.94
N THR B 146 -11.02 63.89 -84.29
CA THR B 146 -9.80 64.36 -84.92
C THR B 146 -8.68 63.34 -84.78
N SER B 147 -8.48 62.81 -83.57
CA SER B 147 -7.45 61.82 -83.34
C SER B 147 -7.90 60.42 -83.74
N GLY B 148 -9.21 60.17 -83.72
CA GLY B 148 -9.71 58.82 -83.87
C GLY B 148 -9.73 58.01 -82.60
N VAL B 149 -9.36 58.60 -81.48
CA VAL B 149 -9.33 57.90 -80.19
C VAL B 149 -10.70 58.02 -79.54
N TYR B 150 -11.29 56.88 -79.19
CA TYR B 150 -12.53 56.84 -78.42
C TYR B 150 -12.18 56.48 -76.99
N THR B 151 -12.52 57.35 -76.05
CA THR B 151 -12.18 57.16 -74.64
C THR B 151 -13.42 56.73 -73.88
N LEU B 152 -13.35 55.57 -73.23
CA LEU B 152 -14.47 55.01 -72.48
C LEU B 152 -14.08 54.92 -71.01
N TYR B 153 -14.89 55.52 -70.15
CA TYR B 153 -14.70 55.47 -68.70
C TYR B 153 -15.74 54.52 -68.10
N THR B 154 -15.27 53.58 -67.28
CA THR B 154 -16.16 52.63 -66.63
C THR B 154 -15.72 52.47 -65.18
N GLN B 155 -16.66 52.63 -64.26
CA GLN B 155 -16.39 52.42 -62.84
C GLN B 155 -17.43 51.47 -62.27
N SER B 156 -17.00 50.68 -61.29
CA SER B 156 -17.83 49.64 -60.69
C SER B 156 -17.17 49.19 -59.41
N TYR B 157 -17.94 48.50 -58.57
CA TYR B 157 -17.43 47.94 -57.33
C TYR B 157 -17.15 46.45 -57.50
N VAL B 158 -15.99 46.01 -56.99
CA VAL B 158 -15.59 44.60 -57.03
C VAL B 158 -15.03 44.21 -55.66
N ASN B 159 -14.91 42.91 -55.44
CA ASN B 159 -14.23 42.38 -54.28
C ASN B 159 -12.81 41.96 -54.68
N GLN B 160 -12.07 41.38 -53.74
CA GLN B 160 -10.67 41.05 -54.00
C GLN B 160 -10.53 40.05 -55.15
N GLN B 161 -11.53 39.22 -55.36
CA GLN B 161 -11.51 38.28 -56.48
C GLN B 161 -11.90 38.92 -57.80
N GLY B 162 -12.37 40.17 -57.78
CA GLY B 162 -12.80 40.85 -58.98
C GLY B 162 -14.26 40.68 -59.33
N THR B 163 -15.04 40.02 -58.48
CA THR B 163 -16.46 39.83 -58.75
C THR B 163 -17.20 41.15 -58.58
N THR B 164 -18.06 41.48 -59.53
CA THR B 164 -18.82 42.72 -59.47
C THR B 164 -19.83 42.67 -58.32
N GLN B 165 -19.99 43.80 -57.65
CA GLN B 165 -20.93 43.95 -56.54
C GLN B 165 -22.01 44.93 -56.93
N THR B 166 -23.26 44.57 -56.68
CA THR B 166 -24.39 45.42 -57.05
C THR B 166 -24.53 46.58 -56.08
N VAL B 167 -24.82 47.77 -56.63
CA VAL B 167 -25.11 48.93 -55.80
C VAL B 167 -26.26 48.60 -54.86
N ALA B 168 -26.11 48.96 -53.58
CA ALA B 168 -27.02 48.71 -52.47
C ALA B 168 -27.03 47.26 -52.01
N ALA B 169 -26.18 46.40 -52.57
CA ALA B 169 -26.04 45.04 -52.03
C ALA B 169 -25.28 45.08 -50.72
N ALA B 170 -25.36 43.97 -49.98
CA ALA B 170 -24.76 43.90 -48.66
C ALA B 170 -23.24 44.04 -48.74
N ALA B 171 -22.67 44.81 -47.81
CA ALA B 171 -21.24 45.03 -47.73
C ALA B 171 -20.89 45.45 -46.31
N THR B 172 -19.79 44.94 -45.79
CA THR B 172 -19.41 45.18 -44.40
C THR B 172 -18.01 45.75 -44.32
N ASN B 173 -17.85 46.81 -43.53
CA ASN B 173 -16.54 47.37 -43.31
C ASN B 173 -15.71 46.48 -42.39
N PHE B 174 -14.39 46.70 -42.43
CA PHE B 174 -13.48 46.09 -41.47
C PHE B 174 -13.26 47.04 -40.31
N VAL B 175 -12.64 46.53 -39.25
CA VAL B 175 -12.37 47.33 -38.06
C VAL B 175 -10.89 47.23 -37.72
N ARG B 176 -10.38 48.30 -37.10
CA ARG B 176 -8.98 48.38 -36.71
C ARG B 176 -8.88 49.20 -35.44
N TYR B 177 -7.84 48.92 -34.66
CA TYR B 177 -7.50 49.76 -33.52
C TYR B 177 -6.51 50.83 -33.95
N CYS B 178 -6.51 51.94 -33.23
CA CYS B 178 -5.55 53.01 -33.51
C CYS B 178 -4.13 52.52 -33.19
N GLU B 179 -3.15 53.35 -33.53
CA GLU B 179 -1.78 52.87 -33.68
C GLU B 179 -1.09 52.50 -32.37
N TYR B 180 -1.52 53.05 -31.23
CA TYR B 180 -0.98 52.65 -29.94
C TYR B 180 -2.11 52.62 -28.94
N PRO B 181 -3.04 51.68 -29.10
CA PRO B 181 -4.30 51.74 -28.33
C PRO B 181 -4.08 51.73 -26.82
N GLY B 182 -3.02 51.08 -26.33
CA GLY B 182 -2.72 51.16 -24.91
C GLY B 182 -2.34 52.55 -24.45
N LEU B 183 -1.65 53.30 -25.29
CA LEU B 183 -1.24 54.66 -24.91
C LEU B 183 -2.38 55.66 -25.06
N ARG B 184 -3.26 55.48 -26.04
CA ARG B 184 -4.38 56.41 -26.16
C ARG B 184 -5.53 56.07 -25.21
N LEU B 185 -5.63 54.82 -24.77
CA LEU B 185 -6.79 54.39 -23.99
C LEU B 185 -6.83 55.09 -22.63
N PHE B 186 -5.68 55.23 -22.00
CA PHE B 186 -5.62 55.87 -20.68
C PHE B 186 -5.52 57.36 -20.90
N LYS B 187 -6.69 58.01 -20.98
CA LYS B 187 -6.75 59.45 -21.13
C LYS B 187 -5.95 60.16 -20.04
N ARG B 188 -6.06 59.68 -18.81
CA ARG B 188 -5.40 60.24 -17.65
C ARG B 188 -5.08 59.11 -16.70
N VAL B 189 -3.93 59.19 -16.02
CA VAL B 189 -3.50 58.18 -15.07
C VAL B 189 -2.99 58.90 -13.82
N LYS B 190 -3.70 58.74 -12.70
CA LYS B 190 -3.38 59.45 -11.47
C LYS B 190 -2.95 58.47 -10.39
N PHE B 191 -2.10 58.95 -9.49
CA PHE B 191 -1.72 58.24 -8.27
C PHE B 191 -2.08 59.17 -7.12
N GLU B 192 -3.24 58.91 -6.49
CA GLU B 192 -3.80 59.80 -5.47
C GLU B 192 -3.50 59.26 -4.07
N VAL B 193 -3.12 60.17 -3.18
CA VAL B 193 -3.01 59.89 -1.75
C VAL B 193 -3.81 60.96 -1.02
N ASN B 194 -4.78 60.54 -0.21
CA ASN B 194 -5.64 61.45 0.54
C ASN B 194 -6.44 62.34 -0.41
N GLY B 195 -6.90 61.78 -1.52
CA GLY B 195 -7.70 62.50 -2.47
C GLY B 195 -6.96 63.54 -3.28
N ASN B 196 -5.66 63.70 -3.09
CA ASN B 196 -4.90 64.67 -3.86
C ASN B 196 -3.95 63.96 -4.82
N PRO B 197 -3.79 64.48 -6.04
CA PRO B 197 -2.88 63.83 -6.99
C PRO B 197 -1.42 64.06 -6.63
N LEU B 198 -0.72 62.99 -6.28
CA LEU B 198 0.72 63.08 -6.02
C LEU B 198 1.52 63.09 -7.33
N ASP B 199 1.03 62.39 -8.35
CA ASP B 199 1.57 62.47 -9.69
C ASP B 199 0.52 61.99 -10.66
N GLU B 200 0.48 62.59 -11.85
CA GLU B 200 -0.48 62.21 -12.86
C GLU B 200 0.07 62.58 -14.23
N TYR B 201 -0.36 61.82 -15.24
CA TYR B 201 0.06 62.08 -16.60
C TYR B 201 -1.06 61.68 -17.55
N THR B 202 -0.97 62.17 -18.79
CA THR B 202 -1.97 61.92 -19.82
C THR B 202 -1.36 61.09 -20.93
N ALA B 203 -2.18 60.77 -21.94
CA ALA B 203 -1.69 60.04 -23.10
C ALA B 203 -0.54 60.78 -23.77
N LEU B 204 -0.52 62.11 -23.68
CA LEU B 204 0.58 62.88 -24.27
C LEU B 204 1.91 62.51 -23.63
N ALA B 205 1.91 62.25 -22.32
CA ALA B 205 3.13 61.78 -21.67
C ALA B 205 3.50 60.38 -22.14
N ALA B 206 2.49 59.55 -22.44
CA ALA B 206 2.77 58.18 -22.87
C ALA B 206 3.43 58.16 -24.24
N ILE B 207 2.95 58.99 -25.17
CA ILE B 207 3.57 59.00 -26.50
C ILE B 207 4.95 59.63 -26.44
N MET B 208 5.18 60.56 -25.51
CA MET B 208 6.53 61.08 -25.32
C MET B 208 7.46 59.98 -24.83
N TYR B 209 6.98 59.14 -23.90
CA TYR B 209 7.75 57.96 -23.49
C TYR B 209 7.98 57.04 -24.67
N ASN B 210 6.94 56.86 -25.52
CA ASN B 210 7.05 55.96 -26.66
C ASN B 210 8.10 56.44 -27.66
N LYS B 211 8.30 57.75 -27.77
CA LYS B 211 9.26 58.28 -28.73
C LYS B 211 10.68 58.34 -28.19
N PHE B 212 10.84 58.58 -26.89
CA PHE B 212 12.16 58.90 -26.35
C PHE B 212 12.79 57.80 -25.49
N HIS B 213 12.01 56.85 -24.99
CA HIS B 213 12.54 55.95 -23.96
C HIS B 213 12.27 54.47 -24.22
N VAL B 214 11.91 54.09 -25.44
CA VAL B 214 11.80 52.68 -25.76
C VAL B 214 12.89 52.31 -26.76
N PRO B 215 14.08 51.93 -26.30
CA PRO B 215 15.11 51.48 -27.23
C PRO B 215 14.72 50.17 -27.89
N ASP B 216 15.42 49.84 -28.97
CA ASP B 216 14.98 48.72 -29.80
C ASP B 216 15.04 47.39 -29.06
N PHE B 217 15.94 47.25 -28.08
CA PHE B 217 15.98 45.99 -27.35
C PHE B 217 14.81 45.82 -26.37
N LYS B 218 13.94 46.83 -26.24
CA LYS B 218 12.69 46.70 -25.49
C LYS B 218 11.47 46.92 -26.37
N LEU B 219 11.65 47.13 -27.68
CA LEU B 219 10.59 47.70 -28.51
C LEU B 219 9.50 46.68 -28.81
N THR B 220 9.88 45.46 -29.20
CA THR B 220 8.88 44.45 -29.56
C THR B 220 7.94 44.17 -28.39
N GLY B 221 8.51 43.94 -27.20
CA GLY B 221 7.67 43.73 -26.03
C GLY B 221 6.81 44.93 -25.72
N TRP B 222 7.39 46.14 -25.80
CA TRP B 222 6.62 47.36 -25.58
C TRP B 222 5.42 47.43 -26.53
N LYS B 223 5.63 47.12 -27.80
CA LYS B 223 4.54 47.13 -28.77
C LYS B 223 3.44 46.15 -28.37
N ARG B 224 3.82 44.92 -28.02
CA ARG B 224 2.84 43.91 -27.64
C ARG B 224 2.14 44.25 -26.34
N LEU B 225 2.76 45.04 -25.47
CA LEU B 225 2.12 45.40 -24.21
C LEU B 225 0.97 46.37 -24.43
N ILE B 226 1.11 47.29 -25.39
CA ILE B 226 0.16 48.38 -25.57
C ILE B 226 -0.63 48.24 -26.86
N GLY B 227 -0.60 47.07 -27.50
CA GLY B 227 -1.48 46.79 -28.60
C GLY B 227 -1.00 47.23 -29.96
N GLN B 228 0.29 47.48 -30.15
CA GLN B 228 0.81 47.83 -31.46
C GLN B 228 1.26 46.55 -32.18
N GLU B 229 0.72 46.33 -33.37
CA GLU B 229 1.08 45.15 -34.14
C GLU B 229 2.56 45.19 -34.51
N VAL B 230 3.15 44.01 -34.62
CA VAL B 230 4.59 43.87 -34.86
C VAL B 230 4.82 43.34 -36.27
N PRO B 231 5.78 43.87 -37.01
CA PRO B 231 6.05 43.35 -38.35
C PRO B 231 6.61 41.93 -38.30
N VAL B 232 6.20 41.13 -39.27
CA VAL B 232 6.66 39.75 -39.42
C VAL B 232 7.43 39.63 -40.72
N GLU B 233 8.65 39.10 -40.65
CA GLU B 233 9.50 38.93 -41.82
C GLU B 233 9.02 37.76 -42.67
N ALA B 234 8.97 37.98 -43.99
CA ALA B 234 8.51 36.97 -44.93
C ALA B 234 9.48 36.86 -46.10
N ALA B 235 9.90 35.64 -46.41
CA ALA B 235 10.84 35.36 -47.48
C ALA B 235 10.10 34.91 -48.74
N SER B 236 10.68 35.24 -49.89
CA SER B 236 10.10 34.92 -51.18
C SER B 236 10.83 33.75 -51.82
N ASN B 237 10.29 33.30 -52.96
CA ASN B 237 11.03 32.39 -53.82
C ASN B 237 12.31 33.07 -54.31
N LEU B 238 13.22 32.27 -54.85
CA LEU B 238 14.46 32.81 -55.38
C LEU B 238 14.15 33.79 -56.52
N VAL B 239 14.76 34.97 -56.46
CA VAL B 239 14.55 35.99 -57.49
C VAL B 239 15.78 35.99 -58.40
N ASN B 240 16.94 35.72 -57.81
CA ASN B 240 18.19 35.56 -58.55
C ASN B 240 18.66 34.13 -58.35
N ILE B 241 18.90 33.43 -59.46
CA ILE B 241 19.58 32.15 -59.43
C ILE B 241 20.86 32.32 -60.23
N ALA B 242 21.99 32.04 -59.58
CA ALA B 242 23.29 32.25 -60.22
C ALA B 242 23.38 31.45 -61.51
N SER B 243 23.97 32.08 -62.52
CA SER B 243 24.21 31.51 -63.85
C SER B 243 22.94 31.35 -64.68
N THR B 244 21.84 32.00 -64.30
CA THR B 244 20.64 32.01 -65.13
C THR B 244 19.84 33.28 -64.86
N THR B 245 18.67 33.38 -65.48
CA THR B 245 17.92 34.63 -65.48
C THR B 245 16.45 34.32 -65.73
N PRO B 246 15.53 35.14 -65.19
CA PRO B 246 14.11 34.96 -65.52
C PRO B 246 13.71 35.55 -66.86
N TRP B 247 14.52 36.42 -67.45
CA TRP B 247 14.15 37.04 -68.72
C TRP B 247 14.18 36.01 -69.84
N GLY B 248 13.31 36.22 -70.83
CA GLY B 248 13.39 35.43 -72.05
C GLY B 248 14.71 35.63 -72.75
N SER B 249 15.16 34.57 -73.44
CA SER B 249 16.47 34.61 -74.07
C SER B 249 16.65 35.64 -75.19
N PRO B 250 15.63 36.07 -75.94
CA PRO B 250 15.88 37.07 -76.99
C PRO B 250 16.47 38.39 -76.49
N ILE B 251 16.32 38.71 -75.21
CA ILE B 251 16.83 39.97 -74.68
C ILE B 251 18.08 39.80 -73.83
N VAL B 252 18.48 38.57 -73.52
CA VAL B 252 19.58 38.33 -72.59
C VAL B 252 20.92 38.43 -73.33
N ALA B 253 21.85 39.17 -72.73
CA ALA B 253 23.25 39.20 -73.15
C ALA B 253 23.40 39.56 -74.63
N LEU B 254 22.74 40.66 -75.02
CA LEU B 254 22.85 41.13 -76.39
C LEU B 254 24.12 41.96 -76.57
N SER B 255 24.57 42.03 -77.81
CA SER B 255 25.69 42.88 -78.22
C SER B 255 25.27 43.67 -79.45
N ASP B 256 25.73 44.92 -79.54
CA ASP B 256 25.37 45.73 -80.70
C ASP B 256 26.32 45.41 -81.86
N VAL B 257 26.07 46.06 -83.00
CA VAL B 257 26.82 45.76 -84.22
C VAL B 257 28.32 45.97 -84.06
N ASN B 258 28.74 46.70 -83.02
CA ASN B 258 30.15 46.92 -82.74
C ASN B 258 30.67 46.01 -81.64
N GLY B 259 29.93 44.98 -81.27
CA GLY B 259 30.36 44.04 -80.25
C GLY B 259 30.22 44.50 -78.82
N THR B 260 29.74 45.72 -78.60
CA THR B 260 29.58 46.24 -77.25
C THR B 260 28.31 45.70 -76.62
N ALA B 261 28.39 45.38 -75.32
CA ALA B 261 27.23 44.86 -74.60
C ALA B 261 26.13 45.91 -74.56
N VAL B 262 24.89 45.45 -74.78
CA VAL B 262 23.76 46.37 -74.97
C VAL B 262 23.28 46.88 -73.62
N THR B 263 23.13 48.20 -73.52
CA THR B 263 22.49 48.80 -72.36
C THR B 263 21.03 48.35 -72.29
N GLY B 264 20.60 47.95 -71.10
CA GLY B 264 19.24 47.46 -70.95
C GLY B 264 19.04 46.01 -71.33
N SER B 265 20.11 45.30 -71.67
CA SER B 265 20.04 43.86 -71.92
C SER B 265 20.45 43.13 -70.65
N PRO B 266 19.54 42.43 -69.99
CA PRO B 266 19.92 41.72 -68.76
C PRO B 266 20.92 40.61 -69.05
N VAL B 267 21.73 40.29 -68.05
CA VAL B 267 22.64 39.16 -68.11
C VAL B 267 22.29 38.20 -66.96
N ASN B 268 22.86 37.01 -67.02
CA ASN B 268 22.64 36.02 -65.97
C ASN B 268 23.03 36.59 -64.61
N ALA B 269 22.30 36.16 -63.59
CA ALA B 269 22.61 36.57 -62.23
C ALA B 269 23.98 36.02 -61.80
N ALA B 270 24.57 36.69 -60.81
CA ALA B 270 25.83 36.25 -60.24
C ALA B 270 25.72 35.86 -58.78
N ILE B 271 24.57 36.09 -58.15
CA ILE B 271 24.28 35.58 -56.81
C ILE B 271 22.96 34.84 -56.88
N THR B 272 22.72 34.01 -55.87
CA THR B 272 21.43 33.38 -55.67
C THR B 272 20.81 34.00 -54.42
N ALA B 273 19.68 34.68 -54.59
CA ALA B 273 19.11 35.47 -53.51
C ALA B 273 17.59 35.43 -53.57
N ARG B 274 16.98 35.74 -52.42
CA ARG B 274 15.54 35.89 -52.30
C ARG B 274 15.25 37.20 -51.60
N LYS B 275 14.00 37.65 -51.69
CA LYS B 275 13.58 38.91 -51.11
C LYS B 275 12.92 38.68 -49.76
N LEU B 276 13.23 39.54 -48.80
CA LEU B 276 12.52 39.61 -47.54
C LEU B 276 11.50 40.75 -47.60
N THR B 277 10.31 40.49 -47.08
CA THR B 277 9.31 41.55 -46.95
C THR B 277 8.64 41.42 -45.59
N GLN B 278 8.22 42.57 -45.06
CA GLN B 278 7.51 42.64 -43.79
C GLN B 278 6.02 42.67 -44.06
N VAL B 279 5.26 41.95 -43.23
CA VAL B 279 3.81 42.02 -43.24
C VAL B 279 3.35 42.29 -41.81
N VAL B 280 2.21 42.95 -41.70
CA VAL B 280 1.54 43.08 -40.41
C VAL B 280 0.13 42.55 -40.56
N PHE B 281 -0.40 42.03 -39.44
CA PHE B 281 -1.74 41.49 -39.41
C PHE B 281 -2.23 41.48 -37.97
N GLY B 282 -2.07 42.60 -37.29
CA GLY B 282 -2.48 42.73 -35.91
C GLY B 282 -3.62 43.71 -35.72
N ALA B 283 -3.60 44.46 -34.61
CA ALA B 283 -4.73 45.27 -34.23
C ALA B 283 -4.93 46.49 -35.12
N GLN B 284 -3.88 46.97 -35.79
CA GLN B 284 -4.01 48.13 -36.66
C GLN B 284 -4.29 47.76 -38.10
N THR B 285 -4.38 46.47 -38.40
CA THR B 285 -4.75 46.03 -39.75
C THR B 285 -6.26 45.83 -39.82
N PRO B 286 -6.92 46.38 -40.83
CA PRO B 286 -8.37 46.16 -40.94
C PRO B 286 -8.69 44.69 -41.13
N LYS B 287 -9.60 44.19 -40.31
CA LYS B 287 -10.02 42.79 -40.39
C LYS B 287 -11.54 42.72 -40.28
N ALA B 288 -12.10 41.65 -40.86
CA ALA B 288 -13.53 41.39 -40.68
C ALA B 288 -13.88 41.29 -39.21
N THR B 289 -13.09 40.53 -38.46
CA THR B 289 -13.18 40.47 -37.01
C THR B 289 -11.85 40.85 -36.40
N GLN B 290 -11.86 41.85 -35.53
CA GLN B 290 -10.71 42.16 -34.69
C GLN B 290 -10.83 41.30 -33.43
N GLU B 291 -9.88 40.38 -33.25
CA GLU B 291 -9.97 39.44 -32.15
C GLU B 291 -9.74 40.16 -30.82
N GLN B 292 -10.01 39.44 -29.74
CA GLN B 292 -9.94 40.01 -28.39
C GLN B 292 -8.56 40.61 -28.15
N LEU B 293 -8.54 41.87 -27.73
CA LEU B 293 -7.29 42.62 -27.54
C LEU B 293 -6.91 42.58 -26.07
N ASN B 294 -5.81 41.90 -25.77
CA ASN B 294 -5.28 41.82 -24.42
C ASN B 294 -4.00 42.64 -24.34
N MET B 295 -4.03 43.71 -23.54
CA MET B 295 -2.90 44.60 -23.35
C MET B 295 -2.48 44.60 -21.90
N PHE B 296 -1.19 44.89 -21.67
CA PHE B 296 -0.62 45.09 -20.34
C PHE B 296 0.06 46.45 -20.37
N VAL B 297 -0.66 47.49 -19.97
CA VAL B 297 -0.20 48.86 -20.10
C VAL B 297 0.62 49.21 -18.86
N PRO B 298 1.92 49.45 -18.99
CA PRO B 298 2.72 49.82 -17.81
C PRO B 298 2.42 51.24 -17.37
N LEU B 299 2.35 51.44 -16.06
CA LEU B 299 2.10 52.75 -15.48
C LEU B 299 3.43 53.47 -15.28
N LEU B 300 3.58 54.62 -15.92
CA LEU B 300 4.89 55.26 -16.08
C LEU B 300 5.17 56.26 -14.95
N PHE B 301 5.17 55.73 -13.73
CA PHE B 301 5.50 56.50 -12.54
C PHE B 301 6.96 56.27 -12.16
N TRP B 302 7.48 57.19 -11.33
CA TRP B 302 8.89 57.16 -10.96
C TRP B 302 9.24 55.93 -10.13
N PHE B 303 8.31 55.44 -9.29
CA PHE B 303 8.63 54.34 -8.38
C PHE B 303 8.69 52.99 -9.09
N ARG B 304 8.61 52.98 -10.42
CA ARG B 304 8.86 51.77 -11.18
C ARG B 304 10.29 51.27 -10.97
N ASP B 305 11.22 52.18 -10.75
CA ASP B 305 12.58 51.82 -10.34
C ASP B 305 12.52 51.06 -9.02
N PRO B 306 13.13 49.87 -8.93
CA PRO B 306 13.08 49.13 -7.66
C PRO B 306 13.78 49.84 -6.51
N ARG B 307 14.84 50.62 -6.77
CA ARG B 307 15.46 51.40 -5.71
C ARG B 307 14.47 52.34 -5.05
N LEU B 308 13.46 52.80 -5.78
CA LEU B 308 12.59 53.88 -5.36
C LEU B 308 11.19 53.37 -5.00
N ALA B 309 11.08 52.12 -4.56
CA ALA B 309 9.78 51.57 -4.20
C ALA B 309 9.18 52.35 -3.04
N ILE B 310 7.86 52.36 -2.98
CA ILE B 310 7.14 53.14 -1.98
C ILE B 310 6.90 52.28 -0.75
N ALA B 311 7.34 52.77 0.41
CA ALA B 311 7.08 52.06 1.66
C ALA B 311 5.58 52.08 1.95
N SER B 312 5.00 50.89 2.15
CA SER B 312 3.57 50.82 2.42
C SER B 312 3.20 51.51 3.72
N VAL B 313 4.14 51.57 4.67
CA VAL B 313 3.91 52.28 5.92
C VAL B 313 3.82 53.79 5.72
N SER B 314 4.45 54.30 4.66
CA SER B 314 4.51 55.74 4.46
C SER B 314 3.24 56.30 3.81
N ILE B 315 2.62 55.53 2.94
CA ILE B 315 1.36 55.92 2.30
C ILE B 315 0.29 54.92 2.74
N PRO B 316 -0.60 55.31 3.64
CA PRO B 316 -1.45 54.32 4.32
C PRO B 316 -2.49 53.72 3.38
N TYR B 317 -2.73 52.43 3.56
CA TYR B 317 -3.83 51.77 2.87
C TYR B 317 -5.15 52.37 3.33
N GLY B 318 -6.11 52.43 2.40
CA GLY B 318 -7.40 53.04 2.65
C GLY B 318 -7.52 54.46 2.14
N GLN B 319 -6.44 55.05 1.65
CA GLN B 319 -6.51 56.39 1.09
C GLN B 319 -5.57 56.57 -0.10
N ARG B 320 -4.98 55.50 -0.62
CA ARG B 320 -4.06 55.54 -1.76
C ARG B 320 -4.72 54.84 -2.94
N PHE B 321 -4.68 55.46 -4.11
CA PHE B 321 -5.41 54.93 -5.24
C PHE B 321 -4.65 55.18 -6.54
N ILE B 322 -4.87 54.28 -7.50
CA ILE B 322 -4.53 54.49 -8.89
C ILE B 322 -5.82 54.73 -9.64
N THR B 323 -5.93 55.89 -10.28
CA THR B 323 -7.16 56.30 -10.95
C THR B 323 -6.88 56.53 -12.43
N VAL B 324 -7.65 55.85 -13.28
CA VAL B 324 -7.46 55.88 -14.72
C VAL B 324 -8.76 56.34 -15.36
N ASP B 325 -8.67 57.34 -16.23
CA ASP B 325 -9.80 57.79 -17.03
C ASP B 325 -9.70 57.14 -18.40
N ILE B 326 -10.75 56.44 -18.81
CA ILE B 326 -10.74 55.64 -20.02
C ILE B 326 -11.27 56.47 -21.19
N GLU B 327 -10.55 56.43 -22.31
CA GLU B 327 -10.92 57.15 -23.52
C GLU B 327 -12.20 56.57 -24.12
N GLN B 328 -12.84 57.37 -24.97
CA GLN B 328 -14.04 56.92 -25.68
C GLN B 328 -13.68 55.91 -26.77
N GLN B 329 -14.61 54.98 -27.02
CA GLN B 329 -14.36 53.91 -27.98
C GLN B 329 -14.08 54.45 -29.38
N SER B 330 -14.76 55.53 -29.77
CA SER B 330 -14.60 56.04 -31.13
C SER B 330 -13.24 56.66 -31.37
N ASN B 331 -12.47 56.95 -30.31
CA ASN B 331 -11.10 57.40 -30.46
C ASN B 331 -10.11 56.24 -30.46
N ILE B 332 -10.58 55.01 -30.29
CA ILE B 332 -9.74 53.83 -30.13
C ILE B 332 -9.97 52.82 -31.25
N LEU B 333 -11.23 52.54 -31.55
CA LEU B 333 -11.61 51.55 -32.55
C LEU B 333 -12.17 52.27 -33.78
N PHE B 334 -11.78 51.79 -34.97
CA PHE B 334 -12.06 52.54 -36.18
C PHE B 334 -12.57 51.64 -37.30
N THR B 335 -13.34 52.25 -38.19
CA THR B 335 -13.87 51.62 -39.38
C THR B 335 -12.89 51.80 -40.52
N ALA B 336 -12.75 50.78 -41.35
CA ALA B 336 -11.88 50.80 -42.52
C ALA B 336 -12.54 50.05 -43.66
N PRO B 337 -12.14 50.33 -44.90
CA PRO B 337 -12.64 49.53 -46.03
C PRO B 337 -12.35 48.05 -45.82
N GLY B 338 -13.27 47.22 -46.29
CA GLY B 338 -13.10 45.79 -46.24
C GLY B 338 -12.92 45.18 -47.62
N ASN B 339 -13.62 44.09 -47.89
CA ASN B 339 -13.52 43.39 -49.17
C ASN B 339 -14.40 44.05 -50.23
N LEU B 340 -14.16 45.33 -50.45
CA LEU B 340 -14.93 46.12 -51.42
C LEU B 340 -14.02 47.16 -52.03
N PHE B 341 -14.01 47.24 -53.37
CA PHE B 341 -13.10 48.13 -54.08
C PHE B 341 -13.81 48.81 -55.23
N LEU B 342 -13.52 50.10 -55.41
CA LEU B 342 -13.95 50.81 -56.61
C LEU B 342 -12.96 50.53 -57.74
N GLN B 343 -13.44 49.89 -58.80
CA GLN B 343 -12.63 49.66 -59.99
C GLN B 343 -12.85 50.80 -60.97
N THR B 344 -11.79 51.52 -61.30
CA THR B 344 -11.84 52.64 -62.23
C THR B 344 -11.05 52.28 -63.47
N THR B 345 -11.76 52.01 -64.57
CA THR B 345 -11.16 51.55 -65.81
C THR B 345 -11.30 52.61 -66.88
N VAL B 346 -10.21 52.88 -67.59
CA VAL B 346 -10.21 53.76 -68.76
C VAL B 346 -9.69 52.96 -69.94
N GLU B 347 -10.47 52.93 -71.02
CA GLU B 347 -10.10 52.23 -72.25
C GLU B 347 -10.05 53.25 -73.39
N THR B 348 -8.98 53.20 -74.18
CA THR B 348 -8.83 54.06 -75.36
C THR B 348 -8.82 53.19 -76.60
N LEU B 349 -9.68 53.53 -77.56
CA LEU B 349 -9.86 52.76 -78.79
C LEU B 349 -9.45 53.63 -79.97
N LEU B 350 -8.28 53.32 -80.55
CA LEU B 350 -7.80 54.02 -81.74
C LEU B 350 -8.28 53.26 -82.97
N THR B 351 -9.39 53.71 -83.53
CA THR B 351 -9.85 53.25 -84.84
C THR B 351 -9.43 54.27 -85.89
N THR B 352 -9.28 53.82 -87.13
CA THR B 352 -8.87 54.71 -88.21
C THR B 352 -9.83 54.75 -89.38
N GLY B 353 -10.83 53.88 -89.44
CA GLY B 353 -11.80 53.91 -90.52
C GLY B 353 -12.86 54.96 -90.28
N ALA B 354 -14.00 54.77 -90.94
CA ALA B 354 -15.08 55.74 -90.85
C ALA B 354 -15.60 55.86 -89.44
N GLY B 355 -15.94 57.07 -89.03
CA GLY B 355 -16.43 57.32 -87.70
C GLY B 355 -15.38 57.21 -86.61
N LYS B 356 -14.13 57.50 -86.93
CA LYS B 356 -13.05 57.33 -85.97
C LYS B 356 -13.26 58.24 -84.76
N GLY B 357 -12.84 57.75 -83.60
CA GLY B 357 -13.05 58.46 -82.34
C GLY B 357 -14.43 58.33 -81.75
N THR B 358 -15.25 57.44 -82.29
CA THR B 358 -16.66 57.32 -81.91
C THR B 358 -16.94 55.85 -81.58
N ALA B 359 -18.05 55.61 -80.88
CA ALA B 359 -18.52 54.26 -80.64
C ALA B 359 -18.77 53.49 -81.95
N THR B 360 -18.77 54.15 -83.10
CA THR B 360 -19.01 53.52 -84.38
C THR B 360 -17.77 53.46 -85.27
N GLY B 361 -16.59 53.69 -84.69
CA GLY B 361 -15.35 53.55 -85.45
C GLY B 361 -15.10 52.10 -85.84
N VAL B 362 -14.46 51.90 -86.99
CA VAL B 362 -14.46 50.60 -87.65
C VAL B 362 -13.15 49.85 -87.49
N LEU B 363 -12.03 50.45 -87.92
CA LEU B 363 -10.75 49.76 -88.06
C LEU B 363 -9.88 50.04 -86.84
N LEU B 364 -9.98 49.16 -85.84
CA LEU B 364 -9.30 49.38 -84.56
C LEU B 364 -7.85 48.95 -84.65
N THR B 365 -6.93 49.88 -84.38
CA THR B 365 -5.50 49.64 -84.48
C THR B 365 -4.84 49.42 -83.12
N GLN B 366 -5.14 50.27 -82.14
CA GLN B 366 -4.50 50.22 -80.83
C GLN B 366 -5.57 50.29 -79.74
N TYR B 367 -5.47 49.41 -78.75
CA TYR B 367 -6.38 49.39 -77.61
C TYR B 367 -5.55 49.46 -76.33
N ASN B 368 -5.83 50.44 -75.48
CA ASN B 368 -5.18 50.57 -74.19
C ASN B 368 -6.21 50.52 -73.08
N ARG B 369 -5.88 49.83 -72.00
CA ARG B 369 -6.71 49.78 -70.80
C ARG B 369 -5.89 50.18 -69.59
N TYR B 370 -6.49 51.02 -68.74
CA TYR B 370 -5.88 51.45 -67.50
C TYR B 370 -6.87 51.19 -66.38
N THR B 371 -6.41 50.57 -65.29
CA THR B 371 -7.30 50.17 -64.22
C THR B 371 -6.64 50.40 -62.86
N THR B 372 -7.35 51.12 -62.00
CA THR B 372 -6.97 51.30 -60.61
C THR B 372 -8.05 50.67 -59.72
N TYR B 373 -7.65 50.30 -58.51
CA TYR B 373 -8.59 49.80 -57.50
C TYR B 373 -8.48 50.67 -56.27
N THR B 374 -9.63 51.09 -55.75
CA THR B 374 -9.67 51.97 -54.57
C THR B 374 -10.51 51.32 -53.48
N PRO B 375 -9.91 50.93 -52.35
CA PRO B 375 -10.70 50.35 -51.25
C PRO B 375 -11.76 51.33 -50.77
N THR B 376 -12.99 50.84 -50.69
CA THR B 376 -14.16 51.69 -50.48
C THR B 376 -14.93 51.26 -49.24
N LEU B 377 -15.33 52.25 -48.44
CA LEU B 377 -16.18 51.98 -47.28
C LEU B 377 -17.58 51.58 -47.73
N ALA B 378 -18.17 50.65 -46.99
CA ALA B 378 -19.58 50.35 -47.18
C ALA B 378 -20.43 51.41 -46.48
N SER B 379 -21.65 51.61 -46.98
CA SER B 379 -22.55 52.60 -46.41
C SER B 379 -23.23 52.05 -45.17
N GLY B 380 -23.31 52.88 -44.13
CA GLY B 380 -24.02 52.51 -42.92
C GLY B 380 -23.47 51.30 -42.20
N SER B 381 -22.14 51.19 -42.15
CA SER B 381 -21.45 50.08 -41.47
C SER B 381 -20.44 50.70 -40.52
N SER B 382 -20.70 50.59 -39.22
CA SER B 382 -19.92 51.27 -38.20
C SER B 382 -19.55 50.31 -37.08
N ILE B 383 -18.76 50.81 -36.11
CA ILE B 383 -18.27 49.96 -35.04
C ILE B 383 -19.39 49.60 -34.08
N ASP B 384 -19.25 48.45 -33.44
CA ASP B 384 -20.21 47.97 -32.45
C ASP B 384 -20.04 48.75 -31.16
N GLY B 385 -20.98 49.65 -30.88
CA GLY B 385 -20.92 50.43 -29.65
C GLY B 385 -21.14 49.64 -28.38
N THR B 386 -21.58 48.39 -28.48
CA THR B 386 -21.78 47.53 -27.33
C THR B 386 -20.54 46.74 -26.95
N GLN B 387 -19.41 46.98 -27.61
CA GLN B 387 -18.19 46.23 -27.31
C GLN B 387 -17.84 46.39 -25.84
N ALA B 388 -17.60 45.26 -25.18
CA ALA B 388 -17.39 45.23 -23.75
C ALA B 388 -15.92 45.29 -23.40
N VAL B 389 -15.60 46.06 -22.35
CA VAL B 389 -14.35 45.89 -21.61
C VAL B 389 -14.54 44.64 -20.76
N GLN B 390 -13.93 43.54 -21.17
CA GLN B 390 -14.19 42.27 -20.51
C GLN B 390 -13.39 42.10 -19.22
N ASN B 391 -12.34 42.87 -19.01
CA ASN B 391 -11.53 42.71 -17.81
C ASN B 391 -10.50 43.83 -17.78
N ILE B 392 -10.36 44.45 -16.61
CA ILE B 392 -9.24 45.35 -16.33
C ILE B 392 -8.73 45.05 -14.92
N GLU B 393 -7.42 44.87 -14.79
CA GLU B 393 -6.83 44.48 -13.51
C GLU B 393 -5.49 45.16 -13.33
N LEU B 394 -5.28 45.74 -12.16
CA LEU B 394 -4.01 46.38 -11.81
C LEU B 394 -3.09 45.36 -11.17
N TYR B 395 -1.86 45.28 -11.69
CA TYR B 395 -0.81 44.42 -11.15
C TYR B 395 0.20 45.31 -10.45
N ILE B 396 0.48 45.01 -9.17
CA ILE B 396 1.45 45.76 -8.39
C ILE B 396 2.53 44.81 -7.90
N ASN B 397 3.79 45.12 -8.22
CA ASN B 397 4.90 44.37 -7.65
C ASN B 397 5.08 44.78 -6.19
N ASN B 398 4.98 43.79 -5.29
CA ASN B 398 5.20 44.00 -3.87
C ASN B 398 6.58 43.49 -3.50
N ILE B 399 7.26 44.22 -2.60
CA ILE B 399 8.59 43.86 -2.16
C ILE B 399 8.56 43.61 -0.66
N PHE B 400 9.19 42.52 -0.24
CA PHE B 400 9.27 42.13 1.16
C PHE B 400 10.73 42.19 1.61
N VAL B 401 10.97 42.77 2.78
CA VAL B 401 12.29 42.82 3.38
C VAL B 401 12.20 42.28 4.80
N THR B 402 13.37 42.09 5.42
CA THR B 402 13.39 41.61 6.80
C THR B 402 12.78 42.64 7.73
N PRO B 403 12.10 42.20 8.80
CA PRO B 403 11.55 43.17 9.76
C PRO B 403 12.61 44.05 10.38
N GLU B 404 13.84 43.55 10.49
CA GLU B 404 14.93 44.32 11.08
C GLU B 404 15.32 45.48 10.19
N ILE B 405 15.53 45.22 8.90
CA ILE B 405 15.93 46.29 7.98
C ILE B 405 14.78 47.26 7.76
N HIS B 406 13.53 46.77 7.75
CA HIS B 406 12.39 47.63 7.52
C HIS B 406 12.31 48.75 8.55
N ASP B 407 12.33 48.38 9.85
CA ASP B 407 12.25 49.41 10.88
C ASP B 407 13.47 50.33 10.84
N ILE B 408 14.65 49.81 10.51
CA ILE B 408 15.82 50.67 10.38
C ILE B 408 15.65 51.65 9.22
N TYR B 409 15.19 51.14 8.08
CA TYR B 409 15.14 51.98 6.87
C TYR B 409 14.13 53.10 7.02
N ILE B 410 12.93 52.80 7.55
CA ILE B 410 11.92 53.83 7.70
C ILE B 410 12.37 54.87 8.72
N LYS B 411 13.13 54.45 9.74
CA LYS B 411 13.60 55.40 10.75
C LYS B 411 14.63 56.38 10.18
N ARG B 412 15.47 55.96 9.24
CA ARG B 412 16.68 56.70 8.90
C ARG B 412 16.72 57.29 7.50
N ILE B 413 15.84 56.86 6.59
CA ILE B 413 15.98 57.31 5.20
C ILE B 413 15.53 58.77 5.04
N GLY B 414 14.59 59.22 5.85
CA GLY B 414 14.14 60.60 5.79
C GLY B 414 13.16 60.89 4.67
N PHE B 415 13.67 60.97 3.44
CA PHE B 415 12.86 61.35 2.29
C PHE B 415 13.35 60.61 1.06
N THR B 416 12.59 60.77 -0.04
CA THR B 416 12.95 60.18 -1.31
C THR B 416 12.68 61.18 -2.42
N LEU B 417 13.51 61.15 -3.45
CA LEU B 417 13.29 61.97 -4.62
C LEU B 417 12.28 61.33 -5.54
N ILE B 418 11.39 62.15 -6.09
CA ILE B 418 10.39 61.70 -7.05
C ILE B 418 10.44 62.61 -8.26
N ARG B 419 9.96 62.10 -9.38
CA ARG B 419 9.80 62.85 -10.62
C ARG B 419 8.33 62.88 -10.97
N VAL B 420 7.82 64.06 -11.29
CA VAL B 420 6.41 64.22 -11.61
C VAL B 420 6.27 64.80 -13.01
N TYR B 421 5.09 64.59 -13.59
CA TYR B 421 4.75 65.17 -14.87
C TYR B 421 4.05 66.50 -14.69
N ARG B 422 4.39 67.47 -15.52
CA ARG B 422 3.77 68.78 -15.49
C ARG B 422 3.47 69.17 -16.94
N GLU B 423 2.20 69.07 -17.31
CA GLU B 423 1.76 69.20 -18.69
C GLU B 423 1.00 70.50 -18.90
N GLN B 424 1.31 71.17 -20.00
CA GLN B 424 0.55 72.29 -20.50
C GLN B 424 0.28 72.10 -21.98
N VAL B 425 -0.96 72.35 -22.40
CA VAL B 425 -1.35 72.27 -23.80
C VAL B 425 -1.94 73.62 -24.19
N GLN B 426 -1.38 74.22 -25.23
CA GLN B 426 -1.82 75.52 -25.71
C GLN B 426 -2.18 75.40 -27.18
N ARG B 427 -3.42 75.74 -27.53
CA ARG B 427 -3.79 75.82 -28.93
C ARG B 427 -3.31 77.13 -29.53
N GLU B 428 -2.76 77.04 -30.74
CA GLU B 428 -2.10 78.16 -31.39
C GLU B 428 -2.60 78.30 -32.82
N VAL B 429 -2.72 79.55 -33.28
CA VAL B 429 -2.96 79.84 -34.69
C VAL B 429 -1.90 80.83 -35.15
N ASN B 430 -0.92 81.08 -34.29
CA ASN B 430 0.15 82.02 -34.60
C ASN B 430 1.34 81.29 -35.23
N ALA B 431 1.96 81.94 -36.21
CA ALA B 431 3.21 81.44 -36.77
C ALA B 431 4.36 81.56 -35.81
N ALA B 432 4.28 82.47 -34.84
CA ALA B 432 5.31 82.68 -33.83
C ALA B 432 4.64 83.21 -32.57
N ASP B 433 5.18 82.84 -31.42
CA ASP B 433 4.55 83.21 -30.16
C ASP B 433 5.48 82.89 -29.00
N GLN B 434 5.16 83.49 -27.85
CA GLN B 434 5.82 83.25 -26.57
C GLN B 434 4.79 82.63 -25.64
N VAL B 435 5.01 81.38 -25.24
CA VAL B 435 4.02 80.65 -24.45
C VAL B 435 4.56 80.49 -23.03
N LEU B 436 3.95 81.21 -22.09
CA LEU B 436 4.28 81.05 -20.68
C LEU B 436 3.91 79.66 -20.20
N GLN B 437 4.83 79.03 -19.47
CA GLN B 437 4.62 77.69 -18.92
C GLN B 437 4.09 77.85 -17.50
N SER B 438 2.77 77.94 -17.38
CA SER B 438 2.14 78.13 -16.09
C SER B 438 2.13 76.87 -15.24
N GLN B 439 2.52 75.73 -15.80
CA GLN B 439 2.47 74.48 -15.07
C GLN B 439 3.72 74.18 -14.28
N LEU B 440 4.78 74.98 -14.42
CA LEU B 440 6.07 74.67 -13.82
C LEU B 440 6.17 75.33 -12.45
N LYS B 441 6.06 74.52 -11.39
CA LYS B 441 6.23 75.01 -10.02
C LYS B 441 7.50 74.51 -9.35
N TRP B 442 8.03 73.37 -9.79
CA TRP B 442 9.14 72.69 -9.16
C TRP B 442 10.33 72.65 -10.11
N PRO B 443 11.53 72.36 -9.61
CA PRO B 443 12.72 72.34 -10.48
C PRO B 443 12.54 71.43 -11.68
N VAL B 444 12.89 71.95 -12.86
CA VAL B 444 12.67 71.29 -14.13
C VAL B 444 13.96 70.62 -14.58
N GLU B 445 13.89 69.32 -14.82
CA GLU B 445 15.04 68.56 -15.34
C GLU B 445 15.12 68.62 -16.85
N PHE B 446 14.03 68.31 -17.54
CA PHE B 446 13.95 68.40 -18.98
C PHE B 446 12.49 68.47 -19.38
N ILE B 447 12.24 68.90 -20.62
CA ILE B 447 10.89 69.10 -21.12
C ILE B 447 10.75 68.40 -22.46
N TYR B 448 9.65 67.65 -22.63
CA TYR B 448 9.26 67.13 -23.92
C TYR B 448 8.41 68.19 -24.62
N LEU B 449 8.70 68.45 -25.89
CA LEU B 449 8.07 69.56 -26.61
C LEU B 449 7.62 69.13 -28.00
N GLY B 450 6.37 69.47 -28.33
CA GLY B 450 5.86 69.24 -29.66
C GLY B 450 4.76 70.22 -29.99
N LEU B 451 4.53 70.41 -31.29
CA LEU B 451 3.47 71.28 -31.80
C LEU B 451 2.60 70.45 -32.75
N ARG B 452 1.59 69.79 -32.19
CA ARG B 452 0.82 68.79 -32.92
C ARG B 452 -0.40 69.43 -33.57
N PRO B 453 -0.56 69.34 -34.88
CA PRO B 453 -1.72 69.95 -35.53
C PRO B 453 -3.02 69.39 -34.99
N ALA B 454 -4.01 70.27 -34.84
CA ALA B 454 -5.29 69.84 -34.27
C ALA B 454 -5.98 68.81 -35.16
N ASN B 455 -5.74 68.84 -36.46
CA ASN B 455 -6.33 67.88 -37.37
C ASN B 455 -5.88 66.45 -37.11
N ASN B 456 -4.81 66.24 -36.34
CA ASN B 456 -4.32 64.90 -36.08
C ASN B 456 -5.28 64.11 -35.19
N ILE B 457 -6.02 64.78 -34.31
CA ILE B 457 -6.95 64.12 -33.40
C ILE B 457 -8.39 64.45 -33.72
N ALA B 458 -8.66 65.03 -34.89
CA ALA B 458 -10.02 65.38 -35.28
C ALA B 458 -10.73 64.17 -35.87
N ALA B 459 -12.04 64.12 -35.66
CA ALA B 459 -12.83 62.99 -36.15
C ALA B 459 -12.96 62.99 -37.66
N GLY B 460 -12.88 64.16 -38.30
CA GLY B 460 -12.98 64.24 -39.74
C GLY B 460 -11.74 63.76 -40.48
N ASN B 461 -10.61 63.67 -39.79
CA ASN B 461 -9.38 63.12 -40.37
C ASN B 461 -9.52 61.61 -40.45
N THR B 462 -9.67 61.08 -41.67
CA THR B 462 -9.81 59.64 -41.84
C THR B 462 -8.55 58.88 -41.46
N TYR B 463 -7.45 59.58 -41.17
CA TYR B 463 -6.21 58.97 -40.73
C TYR B 463 -5.92 59.24 -39.26
N GLN B 464 -6.91 59.74 -38.50
CA GLN B 464 -6.70 60.01 -37.08
C GLN B 464 -6.16 58.80 -36.35
N TRP B 465 -6.62 57.60 -36.72
CA TRP B 465 -6.16 56.37 -36.09
C TRP B 465 -4.65 56.23 -36.11
N ARG B 466 -3.98 56.92 -37.04
CA ARG B 466 -2.54 56.89 -37.17
C ARG B 466 -1.86 58.20 -36.82
N ASP B 467 -2.48 59.34 -37.12
CA ASP B 467 -1.87 60.64 -36.90
C ASP B 467 -1.94 61.12 -35.46
N TRP B 468 -2.75 60.46 -34.61
CA TRP B 468 -3.06 61.04 -33.30
C TRP B 468 -1.82 61.23 -32.44
N HIS B 469 -0.82 60.37 -32.59
CA HIS B 469 0.40 60.46 -31.79
C HIS B 469 1.54 61.18 -32.50
N HIS B 470 1.33 61.60 -33.75
CA HIS B 470 2.38 62.31 -34.48
C HIS B 470 2.41 63.78 -34.09
N LEU B 471 3.62 64.35 -34.06
CA LEU B 471 3.81 65.74 -33.70
C LEU B 471 4.06 66.64 -34.92
N THR B 472 3.79 66.14 -36.12
CA THR B 472 3.91 66.95 -37.34
C THR B 472 2.61 66.84 -38.13
N SER B 473 2.55 67.64 -39.20
CA SER B 473 1.48 67.49 -40.19
C SER B 473 1.84 66.36 -41.14
N VAL B 474 0.91 65.42 -41.32
CA VAL B 474 1.17 64.19 -42.05
C VAL B 474 0.23 64.13 -43.25
N THR B 475 0.80 64.18 -44.45
CA THR B 475 0.05 64.00 -45.68
C THR B 475 0.39 62.66 -46.30
N ASN B 476 -0.51 62.17 -47.14
CA ASN B 476 -0.46 60.80 -47.65
C ASN B 476 -0.09 60.80 -49.13
N GLU B 477 1.13 60.37 -49.43
CA GLU B 477 1.60 60.25 -50.80
C GLU B 477 1.42 58.82 -51.28
N PRO B 478 0.74 58.58 -52.39
CA PRO B 478 0.63 57.21 -52.91
C PRO B 478 1.91 56.76 -53.60
N VAL B 479 2.16 55.45 -53.50
CA VAL B 479 3.17 54.76 -54.29
C VAL B 479 2.49 53.59 -54.98
N TYR B 480 2.56 53.54 -56.31
CA TYR B 480 1.83 52.56 -57.08
C TYR B 480 2.77 51.47 -57.58
N ASP B 481 2.30 50.23 -57.52
CA ASP B 481 2.88 49.13 -58.27
C ASP B 481 1.98 48.85 -59.46
N VAL B 482 2.51 49.01 -60.66
CA VAL B 482 1.74 48.88 -61.91
C VAL B 482 2.22 47.65 -62.67
N SER B 483 1.25 46.91 -63.22
CA SER B 483 1.54 45.77 -64.07
C SER B 483 1.29 46.20 -65.52
N GLN B 484 2.38 46.33 -66.29
CA GLN B 484 2.28 46.72 -67.68
C GLN B 484 2.25 45.47 -68.57
N SER B 485 1.26 45.41 -69.46
CA SER B 485 1.15 44.32 -70.41
C SER B 485 1.12 44.89 -71.82
N TYR B 486 1.60 44.09 -72.77
CA TYR B 486 1.48 44.39 -74.20
C TYR B 486 1.03 43.12 -74.92
N ALA B 487 0.16 43.30 -75.91
CA ALA B 487 -0.26 42.20 -76.76
C ALA B 487 -0.28 42.67 -78.20
N ARG B 488 0.03 41.75 -79.11
CA ARG B 488 0.03 42.03 -80.54
C ARG B 488 -0.44 40.78 -81.27
N VAL B 489 -1.42 40.95 -82.16
CA VAL B 489 -2.04 39.83 -82.85
C VAL B 489 -2.32 40.22 -84.29
N SER B 490 -1.91 39.37 -85.23
CA SER B 490 -2.28 39.51 -86.63
C SER B 490 -3.63 38.86 -86.86
N ILE B 491 -4.56 39.60 -87.48
CA ILE B 491 -5.91 39.13 -87.72
C ILE B 491 -6.12 38.64 -89.15
N ASP B 492 -5.05 38.58 -89.95
CA ASP B 492 -5.15 38.16 -91.34
C ASP B 492 -3.94 37.31 -91.67
N ASP B 493 -4.17 36.02 -91.95
CA ASP B 493 -3.08 35.08 -92.16
C ASP B 493 -2.43 35.19 -93.53
N THR B 494 -2.93 36.07 -94.40
CA THR B 494 -2.35 36.23 -95.73
C THR B 494 -1.51 37.49 -95.88
N VAL B 495 -1.56 38.40 -94.90
CA VAL B 495 -0.83 39.66 -94.96
C VAL B 495 0.33 39.59 -93.98
N ALA B 496 1.50 40.02 -94.42
CA ALA B 496 2.64 40.10 -93.53
C ALA B 496 2.34 41.08 -92.41
N PRO B 497 2.51 40.69 -91.14
CA PRO B 497 2.11 41.59 -90.04
C PRO B 497 2.92 42.87 -89.99
N VAL B 498 4.23 42.79 -90.17
CA VAL B 498 5.12 43.94 -90.01
C VAL B 498 4.73 45.04 -91.00
N GLY B 499 4.20 46.15 -90.47
CA GLY B 499 3.77 47.27 -91.28
C GLY B 499 2.32 47.25 -91.70
N SER B 500 1.53 46.28 -91.23
CA SER B 500 0.14 46.13 -91.61
C SER B 500 -0.77 46.55 -90.47
N THR B 501 -1.85 47.27 -90.81
CA THR B 501 -2.85 47.59 -89.80
C THR B 501 -3.62 46.36 -89.35
N THR B 502 -3.43 45.22 -90.02
CA THR B 502 -3.92 43.94 -89.53
C THR B 502 -3.12 43.44 -88.33
N PHE B 503 -1.95 44.02 -88.08
CA PHE B 503 -1.09 43.66 -86.95
C PHE B 503 -1.52 44.51 -85.76
N LYS B 504 -2.44 43.96 -84.97
CA LYS B 504 -3.08 44.75 -83.91
C LYS B 504 -2.10 45.07 -82.79
N GLN B 505 -2.49 46.07 -81.99
CA GLN B 505 -1.76 46.48 -80.79
C GLN B 505 -2.72 46.53 -79.62
N SER B 506 -2.28 46.02 -78.48
CA SER B 506 -3.09 46.01 -77.28
C SER B 506 -2.17 46.13 -76.07
N ALA B 507 -2.61 46.89 -75.08
CA ALA B 507 -1.79 47.14 -73.89
C ALA B 507 -2.70 47.45 -72.71
N SER B 508 -2.26 47.06 -71.52
CA SER B 508 -3.03 47.31 -70.32
C SER B 508 -2.10 47.70 -69.16
N GLN B 509 -2.63 48.55 -68.29
CA GLN B 509 -1.95 49.03 -67.09
C GLN B 509 -2.86 48.76 -65.91
N VAL B 510 -2.45 47.86 -65.02
CA VAL B 510 -3.30 47.42 -63.92
C VAL B 510 -2.59 47.71 -62.61
N MET B 511 -3.31 48.33 -61.67
CA MET B 511 -2.75 48.61 -60.35
C MET B 511 -2.54 47.30 -59.61
N GLN B 512 -1.27 46.94 -59.40
CA GLN B 512 -0.97 45.74 -58.63
C GLN B 512 -1.18 45.96 -57.14
N ASN B 513 -0.72 47.10 -56.63
CA ASN B 513 -0.92 47.44 -55.22
C ASN B 513 -0.74 48.95 -55.09
N GLN B 514 -0.93 49.44 -53.87
CA GLN B 514 -0.76 50.85 -53.57
C GLN B 514 -0.19 50.97 -52.17
N TYR B 515 0.79 51.86 -52.01
CA TYR B 515 1.39 52.16 -50.72
C TYR B 515 1.10 53.60 -50.35
N ILE B 516 0.88 53.85 -49.06
CA ILE B 516 0.68 55.19 -48.53
C ILE B 516 1.93 55.57 -47.74
N VAL B 517 2.64 56.58 -48.22
CA VAL B 517 3.83 57.09 -47.54
C VAL B 517 3.40 58.26 -46.66
N PRO B 518 3.60 58.18 -45.34
CA PRO B 518 3.28 59.33 -44.48
C PRO B 518 4.40 60.36 -44.48
N VAL B 519 4.21 61.45 -45.22
CA VAL B 519 5.20 62.52 -45.32
C VAL B 519 4.98 63.48 -44.16
N GLU B 520 6.05 63.74 -43.40
CA GLU B 520 5.97 64.62 -42.25
C GLU B 520 6.38 66.04 -42.65
N THR B 521 5.50 67.01 -42.43
CA THR B 521 5.83 68.41 -42.55
C THR B 521 6.01 68.97 -41.15
N GLU B 522 7.20 69.46 -40.85
CA GLU B 522 7.50 69.92 -39.50
C GLU B 522 6.76 71.21 -39.20
N THR B 523 6.22 71.30 -38.00
CA THR B 523 5.49 72.48 -37.54
C THR B 523 6.36 73.44 -36.74
N LEU B 524 7.56 73.04 -36.35
CA LEU B 524 8.45 73.88 -35.57
C LEU B 524 9.70 74.18 -36.38
N ASP B 525 10.04 75.47 -36.48
CA ASP B 525 11.26 75.90 -37.14
C ASP B 525 12.39 76.17 -36.15
N THR B 526 12.13 77.02 -35.15
CA THR B 526 13.10 77.29 -34.09
C THR B 526 12.40 77.26 -32.74
N VAL B 527 13.20 77.06 -31.69
CA VAL B 527 12.75 77.14 -30.31
C VAL B 527 13.76 77.95 -29.51
N ARG B 528 13.26 78.91 -28.74
CA ARG B 528 14.06 79.65 -27.79
C ARG B 528 13.44 79.46 -26.40
N VAL B 529 14.28 79.26 -25.40
CA VAL B 529 13.83 79.07 -24.03
C VAL B 529 14.36 80.21 -23.19
N LYS B 530 13.47 80.83 -22.42
CA LYS B 530 13.73 82.10 -21.75
C LYS B 530 13.07 82.07 -20.38
N ALA B 531 13.84 82.32 -19.33
CA ALA B 531 13.34 82.15 -17.97
C ALA B 531 13.79 83.32 -17.10
N HIS B 532 12.83 84.05 -16.55
CA HIS B 532 13.10 85.19 -15.66
C HIS B 532 14.07 86.17 -16.32
N GLY B 533 13.87 86.40 -17.61
CA GLY B 533 14.77 87.26 -18.36
C GLY B 533 16.15 86.69 -18.56
N ILE B 534 16.25 85.37 -18.68
CA ILE B 534 17.52 84.70 -18.96
C ILE B 534 17.31 83.75 -20.12
N GLU B 535 18.15 83.86 -21.15
CA GLU B 535 18.14 82.92 -22.25
C GLU B 535 18.77 81.62 -21.78
N LEU B 536 17.95 80.58 -21.59
CA LEU B 536 18.49 79.26 -21.28
C LEU B 536 18.93 78.52 -22.54
N TYR B 537 18.10 78.56 -23.58
CA TYR B 537 18.46 78.14 -24.91
C TYR B 537 18.24 79.32 -25.85
N ALA B 538 19.27 79.70 -26.60
CA ALA B 538 19.09 80.70 -27.63
C ALA B 538 18.21 80.13 -28.75
N GLN B 539 17.77 81.00 -29.65
CA GLN B 539 16.86 80.60 -30.71
C GLN B 539 17.59 79.64 -31.65
N TYR B 540 17.28 78.34 -31.54
CA TYR B 540 17.95 77.29 -32.30
C TYR B 540 16.94 76.54 -33.16
N ARG B 541 17.41 76.05 -34.30
CA ARG B 541 16.58 75.23 -35.17
C ARG B 541 16.09 73.99 -34.44
N ALA B 542 14.93 73.49 -34.87
CA ALA B 542 14.28 72.39 -34.17
C ALA B 542 15.17 71.14 -34.15
N GLN B 543 15.91 70.90 -35.23
CA GLN B 543 16.73 69.69 -35.31
C GLN B 543 17.80 69.64 -34.24
N PHE B 544 18.14 70.79 -33.64
CA PHE B 544 19.05 70.78 -32.50
C PHE B 544 18.43 70.09 -31.30
N TYR B 545 17.11 70.21 -31.13
CA TYR B 545 16.41 69.61 -29.99
C TYR B 545 15.89 68.22 -30.28
N ARG B 546 15.58 67.91 -31.54
CA ARG B 546 15.07 66.59 -31.88
C ARG B 546 16.19 65.59 -32.11
N ASP B 547 17.30 66.05 -32.69
CA ASP B 547 18.38 65.15 -33.11
C ASP B 547 19.62 65.23 -32.24
N TYR B 548 20.20 66.41 -32.04
CA TYR B 548 21.50 66.47 -31.41
C TYR B 548 21.41 66.19 -29.91
N ILE B 549 20.54 66.90 -29.20
CA ILE B 549 20.41 66.67 -27.76
C ILE B 549 20.04 65.22 -27.44
N PRO B 550 19.07 64.58 -28.12
CA PRO B 550 18.85 63.15 -27.87
C PRO B 550 20.02 62.27 -28.31
N TRP B 551 20.79 62.68 -29.31
CA TRP B 551 21.95 61.88 -29.70
C TRP B 551 23.04 61.95 -28.65
N ASN B 552 23.28 63.14 -28.10
CA ASN B 552 24.44 63.38 -27.24
C ASN B 552 24.20 62.98 -25.78
N TYR B 553 22.96 62.99 -25.30
CA TYR B 553 22.68 62.81 -23.88
C TYR B 553 21.93 61.51 -23.62
N GLY B 554 21.89 61.14 -22.34
CA GLY B 554 21.01 60.10 -21.86
C GLY B 554 21.44 58.67 -22.13
N SER B 555 22.44 58.46 -22.99
CA SER B 555 22.95 57.12 -23.32
C SER B 555 21.78 56.26 -23.76
N PHE B 556 21.61 55.04 -23.25
CA PHE B 556 20.50 54.19 -23.63
C PHE B 556 19.19 54.55 -22.94
N ASN B 557 19.18 55.59 -22.11
CA ASN B 557 17.94 56.10 -21.52
C ASN B 557 17.21 57.07 -22.43
N LEU B 558 17.87 57.54 -23.50
CA LEU B 558 17.29 58.54 -24.40
C LEU B 558 17.44 58.03 -25.83
N VAL B 559 16.31 57.76 -26.48
CA VAL B 559 16.27 57.33 -27.86
C VAL B 559 16.18 58.55 -28.76
N THR B 560 16.92 58.55 -29.85
CA THR B 560 16.76 59.60 -30.85
C THR B 560 15.42 59.38 -31.55
N PRO B 561 14.46 60.27 -31.40
CA PRO B 561 13.08 59.95 -31.80
C PRO B 561 12.92 59.88 -33.30
N GLN B 562 12.07 58.94 -33.74
CA GLN B 562 11.73 58.84 -35.16
C GLN B 562 10.86 60.00 -35.60
N ASP B 563 9.92 60.41 -34.74
CA ASP B 563 8.99 61.49 -35.05
C ASP B 563 9.75 62.79 -35.28
N LYS B 564 9.57 63.37 -36.47
CA LYS B 564 10.26 64.61 -36.82
C LYS B 564 9.83 65.79 -35.95
N GLY B 565 8.75 65.65 -35.17
CA GLY B 565 8.25 66.73 -34.34
C GLY B 565 8.54 66.60 -32.86
N ALA B 566 9.28 65.58 -32.44
CA ALA B 566 9.55 65.35 -31.02
C ALA B 566 10.83 66.08 -30.62
N LEU B 567 10.71 67.04 -29.70
CA LEU B 567 11.83 67.87 -29.29
C LEU B 567 12.08 67.71 -27.80
N PHE B 568 13.37 67.71 -27.43
CA PHE B 568 13.80 67.44 -26.06
C PHE B 568 14.59 68.63 -25.55
N LEU B 569 14.00 69.39 -24.62
CA LEU B 569 14.69 70.51 -23.98
C LEU B 569 15.34 69.97 -22.70
N ASN B 570 16.67 69.95 -22.67
CA ASN B 570 17.42 69.29 -21.62
C ASN B 570 18.05 70.34 -20.70
N PHE B 571 18.04 70.05 -19.39
CA PHE B 571 18.66 70.91 -18.40
C PHE B 571 19.51 70.13 -17.40
N CYS B 572 19.69 68.82 -17.60
CA CYS B 572 20.54 68.00 -16.77
C CYS B 572 21.55 67.28 -17.65
N LEU B 573 22.59 66.75 -17.01
CA LEU B 573 23.67 66.10 -17.76
C LEU B 573 23.40 64.64 -18.04
N TYR B 574 22.61 63.97 -17.21
CA TYR B 574 22.31 62.55 -17.38
C TYR B 574 20.81 62.32 -17.22
N PRO B 575 20.02 62.74 -18.21
CA PRO B 575 18.56 62.49 -18.14
C PRO B 575 18.29 61.00 -18.10
N GLY B 576 17.43 60.60 -17.16
CA GLY B 576 17.07 59.21 -16.97
C GLY B 576 17.69 58.58 -15.72
N THR B 577 18.72 59.21 -15.15
CA THR B 577 19.35 58.68 -13.96
C THR B 577 18.63 59.16 -12.70
N TYR B 578 18.90 58.50 -11.59
CA TYR B 578 18.31 58.93 -10.32
C TYR B 578 19.12 60.05 -9.68
N GLN B 579 20.45 59.95 -9.73
CA GLN B 579 21.30 60.98 -9.17
C GLN B 579 21.08 62.29 -9.92
N PRO B 580 20.68 63.37 -9.23
CA PRO B 580 20.43 64.64 -9.93
C PRO B 580 21.68 65.16 -10.63
N SER B 581 21.48 65.81 -11.78
CA SER B 581 22.60 66.26 -12.60
C SER B 581 22.30 67.60 -13.29
N GLY B 582 21.46 68.44 -12.67
CA GLY B 582 21.15 69.74 -13.22
C GLY B 582 19.66 69.96 -13.36
N HIS B 583 19.25 71.21 -13.29
CA HIS B 583 17.83 71.57 -13.34
C HIS B 583 17.68 73.07 -13.49
N VAL B 584 16.46 73.49 -13.79
CA VAL B 584 16.08 74.90 -13.76
C VAL B 584 15.46 75.18 -12.39
N ASN B 585 16.02 76.17 -11.69
CA ASN B 585 15.59 76.49 -10.33
C ASN B 585 14.13 76.95 -10.31
N ILE B 586 13.51 76.80 -9.14
CA ILE B 586 12.10 77.18 -8.96
C ILE B 586 11.87 78.60 -9.44
N SER B 587 12.79 79.52 -9.12
CA SER B 587 12.60 80.93 -9.44
C SER B 587 12.36 81.14 -10.92
N ARG B 588 13.23 80.58 -11.77
CA ARG B 588 13.05 80.69 -13.21
C ARG B 588 11.91 79.82 -13.72
N ALA B 589 11.70 78.66 -13.10
CA ALA B 589 10.54 77.85 -13.42
C ALA B 589 9.23 78.60 -13.19
N ARG B 590 9.26 79.61 -12.32
CA ARG B 590 8.07 80.40 -12.00
C ARG B 590 7.77 81.48 -13.04
N GLU B 591 8.70 81.76 -13.96
CA GLU B 591 8.43 82.73 -15.04
C GLU B 591 9.18 82.23 -16.28
N PHE B 592 8.58 81.23 -16.92
CA PHE B 592 9.26 80.40 -17.91
C PHE B 592 8.52 80.51 -19.24
N TYR B 593 9.24 80.88 -20.29
CA TYR B 593 8.66 81.08 -21.61
C TYR B 593 9.32 80.17 -22.63
N ILE B 594 8.52 79.54 -23.48
CA ILE B 594 8.98 78.82 -24.65
C ILE B 594 8.55 79.62 -25.87
N GLU B 595 9.52 80.11 -26.63
CA GLU B 595 9.26 80.83 -27.88
C GLU B 595 9.52 79.89 -29.05
N TYR B 596 8.59 79.86 -29.99
CA TYR B 596 8.72 79.05 -31.19
C TYR B 596 8.48 79.90 -32.42
N THR B 597 9.02 79.45 -33.55
CA THR B 597 8.64 79.95 -34.86
C THR B 597 8.19 78.76 -35.70
N SER B 598 7.25 79.02 -36.62
CA SER B 598 6.61 77.94 -37.35
C SER B 598 6.26 78.39 -38.76
N SER B 599 6.59 77.55 -39.74
CA SER B 599 6.20 77.76 -41.11
C SER B 599 4.90 77.05 -41.46
N PHE B 600 4.20 76.50 -40.46
CA PHE B 600 2.98 75.75 -40.69
C PHE B 600 1.79 76.30 -39.93
N CYS B 601 1.95 76.60 -38.65
CA CYS B 601 0.83 76.99 -37.80
C CYS B 601 0.29 78.35 -38.21
N ASP B 602 -0.95 78.38 -38.65
CA ASP B 602 -1.68 79.63 -38.90
C ASP B 602 -3.14 79.40 -38.51
N SER B 603 -4.03 80.27 -39.01
CA SER B 603 -5.44 80.13 -38.68
C SER B 603 -6.07 78.93 -39.39
N SER B 604 -5.61 78.61 -40.60
CA SER B 604 -6.12 77.44 -41.30
C SER B 604 -5.61 76.15 -40.68
N ASN B 605 -4.56 76.22 -39.85
CA ASN B 605 -3.90 75.03 -39.30
C ASN B 605 -3.62 75.25 -37.83
N PRO B 606 -4.66 75.19 -36.99
CA PRO B 606 -4.42 75.30 -35.54
C PRO B 606 -3.60 74.13 -35.05
N CYS B 607 -2.71 74.41 -34.10
CA CYS B 607 -1.79 73.40 -33.58
C CYS B 607 -1.69 73.55 -32.07
N ASP B 608 -1.48 72.42 -31.40
CA ASP B 608 -1.38 72.37 -29.95
C ASP B 608 0.09 72.33 -29.56
N LEU B 609 0.56 73.39 -28.90
CA LEU B 609 1.91 73.39 -28.35
C LEU B 609 1.89 72.56 -27.08
N ILE B 610 2.20 71.29 -27.22
CA ILE B 610 2.22 70.36 -26.09
C ILE B 610 3.56 70.47 -25.39
N SER B 611 3.52 70.64 -24.07
CA SER B 611 4.70 70.81 -23.25
C SER B 611 4.56 69.97 -22.00
N ILE B 612 5.49 69.03 -21.80
CA ILE B 612 5.43 68.11 -20.66
C ILE B 612 6.81 68.11 -20.00
N ALA B 613 6.88 68.64 -18.79
CA ALA B 613 8.12 68.75 -18.05
C ALA B 613 8.22 67.64 -17.01
N LYS B 614 9.43 67.15 -16.79
CA LYS B 614 9.73 66.23 -15.70
C LYS B 614 10.41 67.00 -14.59
N CYS B 615 9.77 67.06 -13.43
CA CYS B 615 10.19 67.92 -12.34
C CYS B 615 10.62 67.10 -11.13
N ILE B 616 11.48 67.70 -10.32
CA ILE B 616 11.98 67.07 -9.11
C ILE B 616 11.14 67.51 -7.93
N ASN B 617 10.61 66.55 -7.19
CA ASN B 617 9.91 66.80 -5.94
C ASN B 617 10.39 65.79 -4.90
N PHE B 618 9.85 65.88 -3.69
CA PHE B 618 10.30 65.06 -2.58
C PHE B 618 9.11 64.45 -1.86
N LEU B 619 9.32 63.28 -1.29
CA LEU B 619 8.29 62.54 -0.55
C LEU B 619 8.88 62.06 0.76
N LEU B 620 8.22 62.39 1.87
CA LEU B 620 8.72 62.08 3.20
C LEU B 620 8.19 60.74 3.71
N ILE B 621 8.93 60.17 4.67
CA ILE B 621 8.55 59.02 5.47
C ILE B 621 8.04 59.59 6.80
N SER B 622 7.08 58.96 7.49
CA SER B 622 6.30 57.81 7.03
C SER B 622 4.83 58.19 6.92
N PHE C 6 23.36 84.27 -18.94
CA PHE C 6 23.20 83.13 -18.04
C PHE C 6 24.11 83.26 -16.83
N LYS C 7 23.50 83.21 -15.65
CA LYS C 7 24.22 83.18 -14.39
C LYS C 7 23.88 81.88 -13.66
N LEU C 8 24.84 81.39 -12.88
CA LEU C 8 24.66 80.16 -12.12
C LEU C 8 24.11 80.51 -10.74
N ILE C 9 22.83 80.27 -10.53
CA ILE C 9 22.21 80.44 -9.23
C ILE C 9 22.31 79.12 -8.48
N ALA C 10 22.93 79.14 -7.30
CA ALA C 10 23.25 77.93 -6.56
C ALA C 10 22.50 77.79 -5.24
N ASN C 11 21.75 78.80 -4.82
CA ASN C 11 20.96 78.73 -3.59
C ASN C 11 19.65 79.47 -3.83
N ASP C 12 18.58 78.71 -4.08
CA ASP C 12 17.27 79.26 -4.42
C ASP C 12 16.21 78.38 -3.75
N GLY C 13 15.95 78.65 -2.49
CA GLY C 13 14.87 77.99 -1.77
C GLY C 13 15.21 76.55 -1.38
N LYS C 14 14.19 75.89 -0.80
CA LYS C 14 14.36 74.56 -0.25
C LYS C 14 14.84 73.56 -1.29
N ALA C 15 14.42 73.72 -2.54
CA ALA C 15 14.74 72.71 -3.55
C ALA C 15 16.22 72.68 -3.89
N ASP C 16 16.86 73.86 -3.99
CA ASP C 16 18.28 73.88 -4.32
C ASP C 16 19.15 73.45 -3.15
N ARG C 17 18.71 73.74 -1.91
CA ARG C 17 19.47 73.27 -0.76
C ARG C 17 19.43 71.75 -0.63
N MET C 18 18.33 71.12 -1.06
CA MET C 18 18.23 69.68 -0.96
C MET C 18 18.98 68.96 -2.09
N ILE C 19 19.13 69.62 -3.24
CA ILE C 19 19.74 69.00 -4.41
C ILE C 19 21.22 69.34 -4.54
N MET C 20 21.60 70.59 -4.22
CA MET C 20 22.98 71.02 -4.37
C MET C 20 23.64 71.36 -3.04
N ALA C 21 22.88 71.74 -2.02
CA ALA C 21 23.40 71.97 -0.66
C ALA C 21 24.61 72.89 -0.67
N ASN C 22 24.54 73.95 -1.47
CA ASN C 22 25.72 74.76 -1.73
C ASN C 22 26.14 75.59 -0.52
N ASP C 23 25.23 75.84 0.42
CA ASP C 23 25.63 76.59 1.62
C ASP C 23 26.33 75.70 2.63
N LEU C 24 25.90 74.45 2.76
CA LEU C 24 26.68 73.49 3.54
C LEU C 24 28.04 73.27 2.91
N LEU C 25 28.09 73.20 1.57
CA LEU C 25 29.36 73.03 0.89
C LEU C 25 30.29 74.21 1.13
N ASN C 26 29.75 75.44 1.12
CA ASN C 26 30.59 76.59 1.41
C ASN C 26 31.00 76.63 2.88
N ASP C 27 30.12 76.18 3.78
CA ASP C 27 30.51 76.10 5.17
C ASP C 27 31.58 75.03 5.38
N ARG C 28 31.51 73.93 4.63
CA ARG C 28 32.57 72.93 4.72
C ARG C 28 33.89 73.49 4.22
N ILE C 29 33.85 74.29 3.15
CA ILE C 29 35.09 74.81 2.58
C ILE C 29 35.67 75.90 3.47
N LYS C 30 34.83 76.82 3.95
CA LYS C 30 35.30 77.81 4.93
C LYS C 30 35.93 77.12 6.14
N SER C 31 35.22 76.13 6.70
CA SER C 31 35.71 75.45 7.89
C SER C 31 36.96 74.65 7.61
N ILE C 32 37.04 74.00 6.44
CA ILE C 32 38.19 73.15 6.17
C ILE C 32 39.44 73.99 5.92
N MET C 33 39.29 75.12 5.21
CA MET C 33 40.43 76.01 5.05
C MET C 33 40.88 76.58 6.39
N CYS C 34 39.93 76.84 7.28
CA CYS C 34 40.27 77.37 8.60
C CYS C 34 41.11 76.38 9.40
N LEU C 35 40.82 75.09 9.27
CA LEU C 35 41.55 74.08 10.03
C LEU C 35 42.91 73.80 9.40
N ARG C 36 42.95 73.63 8.08
CA ARG C 36 44.23 73.46 7.39
C ARG C 36 45.21 74.56 7.77
N ALA C 37 44.73 75.81 7.78
CA ALA C 37 45.59 76.92 8.22
C ALA C 37 46.00 76.76 9.67
N LYS C 38 45.02 76.51 10.55
CA LYS C 38 45.30 76.45 11.99
C LYS C 38 46.33 75.37 12.32
N GLN C 39 46.29 74.24 11.61
CA GLN C 39 47.14 73.10 11.94
C GLN C 39 48.54 73.20 11.36
N GLY C 40 48.85 74.26 10.62
CA GLY C 40 50.19 74.43 10.07
C GLY C 40 50.38 73.92 8.66
N PHE C 41 49.31 73.76 7.89
CA PHE C 41 49.45 73.35 6.49
C PHE C 41 49.91 74.50 5.64
N SER C 42 50.70 74.18 4.61
CA SER C 42 51.21 75.21 3.71
C SER C 42 50.11 75.77 2.83
N ASP C 43 49.28 74.89 2.27
CA ASP C 43 48.20 75.26 1.36
C ASP C 43 46.86 75.06 2.06
N PRO C 44 46.11 76.11 2.39
CA PRO C 44 44.85 75.91 3.12
C PRO C 44 43.74 75.33 2.27
N THR C 45 43.87 75.33 0.95
CA THR C 45 42.76 74.96 0.09
C THR C 45 42.47 73.46 0.22
N PRO C 46 41.19 73.08 0.19
CA PRO C 46 40.82 71.69 0.48
C PRO C 46 41.30 70.74 -0.60
N THR C 47 41.19 69.45 -0.28
CA THR C 47 41.46 68.38 -1.23
C THR C 47 40.17 67.98 -1.93
N LEU C 48 40.31 67.31 -3.07
CA LEU C 48 39.12 66.89 -3.81
C LEU C 48 38.32 65.84 -3.07
N VAL C 49 38.99 64.99 -2.26
CA VAL C 49 38.23 64.01 -1.49
C VAL C 49 37.55 64.67 -0.30
N ASP C 50 38.12 65.77 0.23
CA ASP C 50 37.42 66.54 1.25
C ASP C 50 36.04 66.95 0.77
N ILE C 51 35.97 67.54 -0.43
CA ILE C 51 34.68 67.93 -1.00
C ILE C 51 33.80 66.71 -1.22
N GLU C 52 34.39 65.63 -1.76
CA GLU C 52 33.61 64.45 -2.11
C GLU C 52 33.13 63.65 -0.90
N ARG C 53 33.46 64.09 0.32
CA ARG C 53 32.85 63.48 1.49
C ARG C 53 31.35 63.74 1.56
N THR C 54 30.90 64.90 1.08
CA THR C 54 29.47 65.20 1.04
C THR C 54 28.92 65.38 -0.37
N HIS C 55 29.67 66.01 -1.26
CA HIS C 55 29.18 66.36 -2.58
C HIS C 55 29.81 65.50 -3.67
N ILE C 56 29.13 65.41 -4.81
CA ILE C 56 29.65 64.74 -5.99
C ILE C 56 30.06 65.81 -7.01
N LEU C 57 31.22 65.61 -7.62
CA LEU C 57 31.75 66.52 -8.63
C LEU C 57 31.44 65.95 -10.01
N LEU C 58 30.53 66.61 -10.73
CA LEU C 58 30.15 66.13 -12.04
C LEU C 58 31.25 66.34 -13.07
N ILE C 59 32.10 67.34 -12.86
CA ILE C 59 33.30 67.54 -13.67
C ILE C 59 34.47 66.97 -12.87
N ASN C 60 34.92 65.78 -13.25
CA ASN C 60 35.96 65.07 -12.51
C ASN C 60 36.71 64.17 -13.46
N SER C 61 38.04 64.36 -13.54
CA SER C 61 38.89 63.59 -14.42
C SER C 61 39.61 62.45 -13.71
N HIS C 62 39.27 62.20 -12.45
CA HIS C 62 39.97 61.19 -11.66
C HIS C 62 39.77 59.80 -12.24
N TYR C 63 40.76 58.94 -12.02
CA TYR C 63 40.67 57.52 -12.34
C TYR C 63 41.62 56.79 -11.40
N LYS C 64 41.45 55.48 -11.34
CA LYS C 64 42.39 54.73 -10.53
C LYS C 64 43.37 53.97 -11.40
N PRO C 65 44.65 53.92 -11.03
CA PRO C 65 45.58 53.02 -11.71
C PRO C 65 45.14 51.58 -11.49
N PHE C 66 45.29 50.74 -12.50
CA PHE C 66 44.92 49.34 -12.37
C PHE C 66 46.17 48.47 -12.22
N ALA C 67 46.05 47.43 -11.40
CA ALA C 67 47.12 46.45 -11.28
C ALA C 67 47.44 45.88 -12.65
N ALA C 68 48.71 45.97 -13.03
CA ALA C 68 49.13 45.73 -14.41
C ALA C 68 48.60 44.39 -14.93
N MET C 69 48.03 44.43 -16.13
CA MET C 69 47.46 43.23 -16.72
C MET C 69 47.50 43.34 -18.24
N GLY C 70 47.51 42.17 -18.88
CA GLY C 70 47.41 42.09 -20.32
C GLY C 70 46.85 40.73 -20.69
N TYR C 71 46.34 40.63 -21.91
CA TYR C 71 45.72 39.38 -22.35
C TYR C 71 46.15 39.04 -23.76
N GLU C 72 45.86 37.81 -24.16
CA GLU C 72 46.18 37.32 -25.49
C GLU C 72 45.34 36.08 -25.77
N TYR C 73 44.95 35.92 -27.03
CA TYR C 73 44.18 34.76 -27.43
C TYR C 73 45.12 33.63 -27.85
N GLN C 74 44.63 32.40 -27.65
CA GLN C 74 45.38 31.21 -28.03
C GLN C 74 44.44 30.22 -28.68
N LYS C 75 44.88 29.64 -29.79
CA LYS C 75 44.13 28.60 -30.48
C LYS C 75 44.57 27.23 -30.00
N THR C 76 43.63 26.28 -30.04
CA THR C 76 43.92 24.90 -29.64
C THR C 76 43.05 23.96 -30.46
N ARG C 77 43.66 22.88 -30.93
CA ARG C 77 43.00 21.80 -31.65
C ARG C 77 42.54 20.72 -30.68
N PRO C 78 41.59 19.87 -31.07
CA PRO C 78 41.04 18.88 -30.14
C PRO C 78 42.02 17.75 -29.85
N ASN C 79 41.74 17.04 -28.74
CA ASN C 79 42.42 15.79 -28.44
C ASN C 79 41.88 14.62 -29.24
N THR C 80 40.68 14.75 -29.79
CA THR C 80 39.88 13.62 -30.21
C THR C 80 40.00 13.31 -31.70
N GLY C 81 41.09 13.74 -32.33
CA GLY C 81 41.33 13.40 -33.72
C GLY C 81 40.65 14.34 -34.69
N ASN C 82 40.41 13.83 -35.89
CA ASN C 82 39.78 14.64 -36.94
C ASN C 82 38.30 14.84 -36.62
N PRO C 83 37.79 16.06 -36.74
CA PRO C 83 36.39 16.32 -36.34
C PRO C 83 35.39 15.88 -37.40
N THR C 84 34.27 15.35 -36.93
CA THR C 84 33.17 14.94 -37.79
C THR C 84 31.87 15.45 -37.20
N TYR C 85 30.82 15.45 -38.03
CA TYR C 85 29.47 15.59 -37.51
C TYR C 85 29.17 14.45 -36.54
N ASN C 86 28.19 14.67 -35.67
CA ASN C 86 27.63 13.61 -34.83
C ASN C 86 28.74 12.87 -34.07
N SER C 87 29.53 13.64 -33.33
CA SER C 87 30.60 13.08 -32.51
C SER C 87 30.85 14.04 -31.35
N THR C 88 31.67 13.58 -30.41
CA THR C 88 32.04 14.37 -29.25
C THR C 88 33.47 14.84 -29.42
N ILE C 89 33.68 16.15 -29.27
CA ILE C 89 34.98 16.77 -29.45
C ILE C 89 35.41 17.39 -28.13
N GLN C 90 36.63 17.07 -27.70
CA GLN C 90 37.14 17.49 -26.41
C GLN C 90 38.36 18.36 -26.59
N PHE C 91 38.42 19.47 -25.84
CA PHE C 91 39.54 20.39 -25.87
C PHE C 91 40.19 20.44 -24.49
N SER C 92 41.52 20.40 -24.48
CA SER C 92 42.26 20.66 -23.25
C SER C 92 42.42 22.16 -23.07
N ILE C 93 42.30 22.62 -21.83
CA ILE C 93 42.57 24.02 -21.54
C ILE C 93 44.08 24.15 -21.31
N PRO C 94 44.82 24.72 -22.25
CA PRO C 94 46.28 24.74 -22.12
C PRO C 94 46.71 25.63 -20.97
N GLN C 95 47.95 25.41 -20.54
CA GLN C 95 48.56 26.20 -19.48
C GLN C 95 49.28 27.37 -20.14
N PHE C 96 48.70 28.57 -20.01
CA PHE C 96 49.26 29.74 -20.68
C PHE C 96 49.11 30.96 -19.79
N GLY C 97 47.91 31.53 -19.72
CA GLY C 97 47.69 32.67 -18.87
C GLY C 97 47.52 32.27 -17.40
N ASP C 98 47.70 33.27 -16.53
CA ASP C 98 47.35 33.07 -15.13
C ASP C 98 45.87 32.83 -14.97
N PHE C 99 45.06 33.53 -15.76
CA PHE C 99 43.62 33.34 -15.84
C PHE C 99 43.24 33.06 -17.28
N PHE C 100 42.05 32.49 -17.47
CA PHE C 100 41.46 32.39 -18.79
C PHE C 100 40.01 32.83 -18.71
N SER C 101 39.54 33.45 -19.79
CA SER C 101 38.24 34.12 -19.78
C SER C 101 37.37 33.66 -20.94
N ASP C 102 36.98 34.60 -21.80
CA ASP C 102 36.05 34.29 -22.89
C ASP C 102 36.64 33.25 -23.84
N MET C 103 35.76 32.39 -24.34
CA MET C 103 36.12 31.33 -25.28
C MET C 103 35.22 31.41 -26.50
N VAL C 104 35.78 31.02 -27.66
CA VAL C 104 35.01 30.97 -28.89
C VAL C 104 35.60 29.85 -29.74
N VAL C 105 34.76 29.21 -30.55
CA VAL C 105 35.14 28.04 -31.33
C VAL C 105 34.95 28.35 -32.80
N HIS C 106 36.04 28.25 -33.56
CA HIS C 106 35.97 28.39 -35.02
C HIS C 106 35.54 27.06 -35.62
N VAL C 107 34.46 27.06 -36.40
CA VAL C 107 33.95 25.87 -37.06
C VAL C 107 33.95 26.12 -38.55
N GLN C 108 34.53 25.17 -39.31
CA GLN C 108 34.66 25.28 -40.75
C GLN C 108 33.98 24.09 -41.40
N LEU C 109 32.98 24.35 -42.22
CA LEU C 109 32.24 23.32 -42.95
C LEU C 109 32.48 23.51 -44.46
N ALA C 110 32.85 22.43 -45.13
CA ALA C 110 33.26 22.52 -46.53
C ALA C 110 32.11 22.94 -47.42
N ALA C 111 32.46 23.57 -48.54
CA ALA C 111 31.48 23.84 -49.59
C ALA C 111 30.85 22.53 -50.04
N THR C 112 29.52 22.56 -50.26
CA THR C 112 28.79 21.32 -50.43
C THR C 112 27.64 21.51 -51.40
N SER C 113 27.31 20.43 -52.11
CA SER C 113 26.24 20.42 -53.09
C SER C 113 25.46 19.12 -52.97
N ALA C 114 24.23 19.13 -53.46
CA ALA C 114 23.43 17.92 -53.50
C ALA C 114 23.89 17.03 -54.66
N SER C 115 23.53 15.75 -54.56
CA SER C 115 23.84 14.81 -55.63
C SER C 115 22.85 14.96 -56.78
N ALA C 116 23.28 14.51 -57.96
CA ALA C 116 22.45 14.64 -59.15
C ALA C 116 21.24 13.71 -59.06
N GLY C 117 20.06 14.25 -59.35
CA GLY C 117 18.82 13.52 -59.35
C GLY C 117 18.11 13.65 -60.68
N THR C 118 16.78 13.58 -60.63
CA THR C 118 15.98 13.60 -61.84
C THR C 118 14.70 14.42 -61.63
N VAL C 119 14.10 14.81 -62.75
CA VAL C 119 12.77 15.43 -62.74
C VAL C 119 11.73 14.39 -62.37
N PRO C 120 10.86 14.65 -61.40
CA PRO C 120 9.90 13.63 -60.96
C PRO C 120 8.74 13.50 -61.91
N ALA C 121 7.82 12.59 -61.57
CA ALA C 121 6.64 12.37 -62.39
C ALA C 121 5.72 13.59 -62.35
N LEU C 122 4.99 13.80 -63.44
CA LEU C 122 4.03 14.87 -63.51
C LEU C 122 2.82 14.55 -62.62
N PRO C 123 2.07 15.58 -62.22
CA PRO C 123 0.89 15.34 -61.38
C PRO C 123 -0.15 14.48 -62.08
N ALA C 124 -1.19 14.14 -61.32
CA ALA C 124 -2.32 13.41 -61.87
C ALA C 124 -3.22 14.34 -62.68
N PHE C 125 -4.10 13.74 -63.48
CA PHE C 125 -5.09 14.51 -64.22
C PHE C 125 -5.97 15.31 -63.24
N ILE C 126 -6.50 16.42 -63.72
CA ILE C 126 -7.44 17.24 -62.97
C ILE C 126 -8.85 17.11 -63.53
N GLY C 127 -9.01 17.36 -64.83
CA GLY C 127 -10.29 17.19 -65.47
C GLY C 127 -10.51 15.77 -65.97
N ALA C 128 -11.77 15.45 -66.24
CA ALA C 128 -12.14 14.10 -66.65
C ALA C 128 -12.10 13.87 -68.16
N ASP C 129 -11.92 14.92 -68.95
CA ASP C 129 -12.00 14.83 -70.41
C ASP C 129 -10.69 15.25 -71.05
N ASP C 130 -10.44 14.72 -72.24
CA ASP C 130 -9.33 15.14 -73.10
C ASP C 130 -7.99 15.03 -72.38
N GLN C 131 -7.75 13.87 -71.76
CA GLN C 131 -6.57 13.65 -70.94
C GLN C 131 -5.41 13.16 -71.79
N VAL C 132 -4.32 13.93 -71.84
CA VAL C 132 -3.12 13.57 -72.58
C VAL C 132 -1.92 13.74 -71.67
N LEU C 133 -1.09 12.70 -71.59
CA LEU C 133 0.09 12.67 -70.72
C LEU C 133 1.31 12.38 -71.56
N THR C 134 2.20 13.35 -71.68
CA THR C 134 3.47 13.18 -72.37
C THR C 134 4.60 13.19 -71.35
N SER C 135 5.83 13.28 -71.85
CA SER C 135 7.01 13.41 -71.00
C SER C 135 7.28 14.86 -70.61
N THR C 136 6.49 15.81 -71.12
CA THR C 136 6.72 17.22 -70.87
C THR C 136 5.52 17.96 -70.32
N SER C 137 4.32 17.38 -70.38
CA SER C 137 3.15 18.04 -69.80
C SER C 137 2.08 16.99 -69.55
N VAL C 138 1.14 17.36 -68.68
CA VAL C 138 -0.07 16.58 -68.44
C VAL C 138 -1.25 17.52 -68.65
N VAL C 139 -2.16 17.13 -69.55
CA VAL C 139 -3.27 17.99 -69.96
C VAL C 139 -4.57 17.26 -69.72
N SER C 140 -5.54 17.97 -69.17
CA SER C 140 -6.89 17.44 -68.93
C SER C 140 -7.86 18.60 -69.12
N ALA C 141 -9.16 18.27 -69.09
CA ALA C 141 -10.16 19.29 -69.39
C ALA C 141 -11.45 18.99 -68.65
N THR C 142 -12.23 20.05 -68.45
CA THR C 142 -13.60 19.95 -67.98
C THR C 142 -14.50 20.59 -69.02
N GLU C 143 -15.50 19.84 -69.48
CA GLU C 143 -16.47 20.39 -70.41
C GLU C 143 -17.64 21.00 -69.63
N ASN C 144 -18.29 21.98 -70.27
CA ASN C 144 -19.46 22.64 -69.67
C ASN C 144 -20.30 23.19 -70.82
N THR C 145 -21.15 22.32 -71.39
CA THR C 145 -21.95 22.69 -72.53
C THR C 145 -23.10 23.63 -72.18
N THR C 146 -23.37 23.84 -70.89
CA THR C 146 -24.41 24.78 -70.49
C THR C 146 -23.95 26.22 -70.67
N SER C 147 -22.79 26.56 -70.11
CA SER C 147 -22.27 27.92 -70.18
C SER C 147 -21.48 28.20 -71.45
N GLY C 148 -20.94 27.17 -72.10
CA GLY C 148 -20.04 27.37 -73.21
C GLY C 148 -18.60 27.62 -72.80
N VAL C 149 -18.26 27.36 -71.54
CA VAL C 149 -16.89 27.54 -71.06
C VAL C 149 -16.20 26.18 -71.05
N TYR C 150 -15.10 26.09 -71.79
CA TYR C 150 -14.25 24.90 -71.83
C TYR C 150 -13.00 25.20 -71.01
N THR C 151 -12.76 24.41 -69.98
CA THR C 151 -11.66 24.66 -69.04
C THR C 151 -10.57 23.61 -69.25
N LEU C 152 -9.35 24.07 -69.48
CA LEU C 152 -8.23 23.23 -69.86
C LEU C 152 -7.11 23.39 -68.84
N TYR C 153 -6.76 22.29 -68.18
CA TYR C 153 -5.69 22.28 -67.19
C TYR C 153 -4.40 21.77 -67.79
N THR C 154 -3.29 22.42 -67.47
CA THR C 154 -1.97 22.00 -67.93
C THR C 154 -0.96 22.22 -66.82
N GLN C 155 -0.20 21.16 -66.50
CA GLN C 155 0.89 21.25 -65.55
C GLN C 155 2.17 20.73 -66.20
N SER C 156 3.29 21.34 -65.82
CA SER C 156 4.57 21.03 -66.44
C SER C 156 5.69 21.52 -65.53
N TYR C 157 6.90 21.05 -65.81
CA TYR C 157 8.10 21.46 -65.09
C TYR C 157 8.93 22.39 -65.96
N VAL C 158 9.31 23.54 -65.41
CA VAL C 158 10.11 24.52 -66.12
C VAL C 158 11.27 24.93 -65.23
N ASN C 159 12.21 25.67 -65.80
CA ASN C 159 13.26 26.34 -65.03
C ASN C 159 12.87 27.81 -64.88
N GLN C 160 13.76 28.59 -64.25
CA GLN C 160 13.45 30.00 -64.00
C GLN C 160 13.23 30.77 -65.29
N GLN C 161 13.93 30.40 -66.35
CA GLN C 161 13.80 31.06 -67.65
C GLN C 161 12.59 30.59 -68.43
N GLY C 162 11.84 29.62 -67.91
CA GLY C 162 10.62 29.15 -68.55
C GLY C 162 10.79 27.92 -69.43
N THR C 163 12.02 27.44 -69.61
CA THR C 163 12.26 26.29 -70.46
C THR C 163 11.71 25.02 -69.80
N THR C 164 10.89 24.28 -70.55
CA THR C 164 10.27 23.09 -70.00
C THR C 164 11.28 21.97 -69.84
N GLN C 165 11.19 21.26 -68.71
CA GLN C 165 12.06 20.14 -68.41
C GLN C 165 11.33 18.82 -68.65
N THR C 166 12.06 17.81 -69.07
CA THR C 166 11.48 16.51 -69.39
C THR C 166 11.50 15.62 -68.14
N VAL C 167 10.39 14.90 -67.94
CA VAL C 167 10.29 13.95 -66.85
C VAL C 167 11.42 12.94 -66.95
N ALA C 168 11.97 12.56 -65.80
CA ALA C 168 13.09 11.62 -65.63
C ALA C 168 14.41 12.16 -66.17
N ALA C 169 14.46 13.40 -66.63
CA ALA C 169 15.73 13.99 -67.04
C ALA C 169 16.46 14.56 -65.82
N ALA C 170 17.71 14.98 -66.05
CA ALA C 170 18.58 15.38 -64.96
C ALA C 170 18.08 16.66 -64.28
N ALA C 171 18.17 16.68 -62.95
CA ALA C 171 17.80 17.84 -62.15
C ALA C 171 18.43 17.69 -60.78
N THR C 172 18.96 18.78 -60.24
CA THR C 172 19.66 18.76 -58.96
C THR C 172 19.01 19.75 -58.01
N ASN C 173 18.77 19.31 -56.78
CA ASN C 173 18.25 20.20 -55.74
C ASN C 173 19.32 21.19 -55.30
N PHE C 174 18.87 22.23 -54.62
CA PHE C 174 19.76 23.15 -53.93
C PHE C 174 19.94 22.68 -52.48
N VAL C 175 20.82 23.38 -51.76
CA VAL C 175 21.09 23.05 -50.36
C VAL C 175 21.10 24.32 -49.53
N ARG C 176 20.78 24.18 -48.25
CA ARG C 176 20.67 25.31 -47.33
C ARG C 176 20.96 24.83 -45.92
N TYR C 177 21.38 25.77 -45.07
CA TYR C 177 21.56 25.49 -43.66
C TYR C 177 20.31 25.86 -42.87
N CYS C 178 20.11 25.16 -41.75
CA CYS C 178 19.10 25.58 -40.80
C CYS C 178 19.42 26.97 -40.27
N GLU C 179 18.40 27.67 -39.79
CA GLU C 179 18.63 28.98 -39.22
C GLU C 179 19.47 28.85 -37.95
N TYR C 180 20.39 29.80 -37.77
CA TYR C 180 21.30 29.81 -36.64
C TYR C 180 22.06 28.49 -36.50
N PRO C 181 22.80 28.06 -37.53
CA PRO C 181 23.41 26.72 -37.49
C PRO C 181 24.42 26.55 -36.37
N GLY C 182 25.25 27.57 -36.10
CA GLY C 182 26.18 27.50 -34.98
C GLY C 182 25.53 27.22 -33.65
N LEU C 183 24.26 27.57 -33.48
CA LEU C 183 23.54 27.28 -32.24
C LEU C 183 22.98 25.86 -32.22
N ARG C 184 22.64 25.30 -33.39
CA ARG C 184 22.16 23.93 -33.42
C ARG C 184 23.31 22.93 -33.45
N LEU C 185 24.47 23.33 -33.98
CA LEU C 185 25.59 22.41 -34.16
C LEU C 185 26.05 21.81 -32.83
N PHE C 186 25.97 22.58 -31.75
CA PHE C 186 26.47 22.16 -30.44
C PHE C 186 25.32 21.62 -29.63
N LYS C 187 25.10 20.30 -29.69
CA LYS C 187 24.05 19.67 -28.90
C LYS C 187 24.27 19.92 -27.42
N ARG C 188 25.50 19.74 -26.94
CA ARG C 188 25.85 19.98 -25.55
C ARG C 188 27.24 20.60 -25.49
N VAL C 189 27.43 21.52 -24.55
CA VAL C 189 28.72 22.16 -24.30
C VAL C 189 29.02 21.99 -22.82
N LYS C 190 30.16 21.37 -22.51
CA LYS C 190 30.49 21.02 -21.13
C LYS C 190 31.87 21.55 -20.77
N PHE C 191 31.95 22.21 -19.61
CA PHE C 191 33.22 22.59 -18.99
C PHE C 191 33.52 21.57 -17.92
N GLU C 192 34.59 20.80 -18.11
CA GLU C 192 34.83 19.58 -17.35
C GLU C 192 36.06 19.73 -16.46
N VAL C 193 35.89 19.41 -15.19
CA VAL C 193 37.00 19.35 -14.23
C VAL C 193 36.84 18.08 -13.40
N ASN C 194 37.88 17.25 -13.37
CA ASN C 194 37.91 16.02 -12.57
C ASN C 194 36.84 15.03 -13.03
N GLY C 195 36.59 14.99 -14.34
CA GLY C 195 35.59 14.14 -14.92
C GLY C 195 34.16 14.61 -14.74
N ASN C 196 33.90 15.51 -13.79
CA ASN C 196 32.58 16.01 -13.42
C ASN C 196 32.27 17.30 -14.17
N PRO C 197 31.02 17.46 -14.61
CA PRO C 197 30.62 18.73 -15.25
C PRO C 197 30.55 19.85 -14.23
N LEU C 198 31.33 20.91 -14.45
CA LEU C 198 31.21 22.10 -13.63
C LEU C 198 30.10 23.02 -14.12
N ASP C 199 29.89 23.05 -15.44
CA ASP C 199 28.71 23.69 -16.03
C ASP C 199 28.53 23.12 -17.42
N GLU C 200 27.28 23.03 -17.86
CA GLU C 200 26.98 22.55 -19.19
C GLU C 200 25.63 23.10 -19.62
N TYR C 201 25.46 23.24 -20.94
CA TYR C 201 24.22 23.73 -21.52
C TYR C 201 24.03 23.07 -22.87
N THR C 202 22.79 23.10 -23.35
CA THR C 202 22.45 22.50 -24.64
C THR C 202 22.07 23.58 -25.64
N ALA C 203 21.78 23.15 -26.87
CA ALA C 203 21.26 24.06 -27.88
C ALA C 203 20.04 24.81 -27.38
N LEU C 204 19.26 24.20 -26.49
CA LEU C 204 18.11 24.89 -25.91
C LEU C 204 18.53 26.16 -25.18
N ALA C 205 19.61 26.09 -24.39
CA ALA C 205 20.09 27.27 -23.71
C ALA C 205 20.68 28.28 -24.68
N ALA C 206 21.26 27.81 -25.79
CA ALA C 206 21.87 28.71 -26.76
C ALA C 206 20.81 29.55 -27.47
N ILE C 207 19.67 28.95 -27.81
CA ILE C 207 18.63 29.72 -28.50
C ILE C 207 17.91 30.64 -27.54
N MET C 208 17.83 30.26 -26.25
CA MET C 208 17.29 31.16 -25.25
C MET C 208 18.17 32.40 -25.12
N TYR C 209 19.50 32.20 -25.14
CA TYR C 209 20.40 33.34 -25.24
C TYR C 209 20.13 34.14 -26.50
N ASN C 210 19.83 33.45 -27.60
CA ASN C 210 19.57 34.12 -28.86
C ASN C 210 18.32 35.00 -28.78
N LYS C 211 17.30 34.56 -28.04
CA LYS C 211 16.05 35.30 -27.98
C LYS C 211 16.09 36.43 -26.95
N PHE C 212 16.86 36.28 -25.87
CA PHE C 212 16.77 37.18 -24.74
C PHE C 212 17.99 38.08 -24.52
N HIS C 213 19.14 37.78 -25.12
CA HIS C 213 20.37 38.47 -24.73
C HIS C 213 21.21 38.96 -25.90
N VAL C 214 20.62 39.20 -27.06
CA VAL C 214 21.39 39.77 -28.16
C VAL C 214 20.71 41.05 -28.63
N PRO C 215 20.98 42.19 -28.00
CA PRO C 215 20.39 43.46 -28.45
C PRO C 215 20.92 43.86 -29.82
N ASP C 216 20.30 44.89 -30.38
CA ASP C 216 20.51 45.23 -31.79
C ASP C 216 21.94 45.66 -32.06
N PHE C 217 22.55 46.43 -31.15
CA PHE C 217 23.92 46.87 -31.42
C PHE C 217 24.92 45.72 -31.43
N LYS C 218 24.51 44.51 -31.04
CA LYS C 218 25.34 43.32 -31.12
C LYS C 218 24.83 42.31 -32.16
N LEU C 219 23.74 42.62 -32.85
CA LEU C 219 23.01 41.58 -33.57
C LEU C 219 23.70 41.16 -34.87
N THR C 220 24.26 42.11 -35.63
CA THR C 220 24.89 41.74 -36.90
C THR C 220 26.12 40.87 -36.67
N GLY C 221 26.90 41.16 -35.63
CA GLY C 221 28.06 40.33 -35.34
C GLY C 221 27.67 38.95 -34.85
N TRP C 222 26.65 38.87 -34.00
CA TRP C 222 26.16 37.60 -33.49
C TRP C 222 25.75 36.67 -34.63
N LYS C 223 24.90 37.18 -35.54
CA LYS C 223 24.45 36.35 -36.66
C LYS C 223 25.63 35.86 -37.50
N ARG C 224 26.62 36.71 -37.72
CA ARG C 224 27.80 36.30 -38.48
C ARG C 224 28.66 35.33 -37.71
N LEU C 225 28.67 35.43 -36.38
CA LEU C 225 29.44 34.49 -35.58
C LEU C 225 28.87 33.08 -35.67
N ILE C 226 27.55 32.97 -35.74
CA ILE C 226 26.89 31.67 -35.65
C ILE C 226 26.25 31.26 -36.97
N GLY C 227 26.64 31.90 -38.08
CA GLY C 227 26.28 31.42 -39.39
C GLY C 227 24.88 31.76 -39.87
N GLN C 228 24.24 32.78 -39.31
CA GLN C 228 22.93 33.22 -39.75
C GLN C 228 23.08 34.37 -40.74
N GLU C 229 22.42 34.25 -41.89
CA GLU C 229 22.55 35.26 -42.94
C GLU C 229 21.99 36.60 -42.47
N VAL C 230 22.62 37.68 -42.91
CA VAL C 230 22.17 39.03 -42.56
C VAL C 230 21.52 39.65 -43.79
N PRO C 231 20.39 40.34 -43.63
CA PRO C 231 19.74 40.96 -44.79
C PRO C 231 20.57 42.12 -45.33
N VAL C 232 20.60 42.23 -46.65
CA VAL C 232 21.31 43.30 -47.35
C VAL C 232 20.27 44.24 -47.95
N GLU C 233 20.48 45.54 -47.76
CA GLU C 233 19.56 46.55 -48.26
C GLU C 233 19.83 46.83 -49.73
N ALA C 234 18.76 46.81 -50.54
CA ALA C 234 18.86 47.11 -51.96
C ALA C 234 17.85 48.19 -52.33
N ALA C 235 18.29 49.15 -53.13
CA ALA C 235 17.47 50.30 -53.51
C ALA C 235 16.98 50.14 -54.94
N SER C 236 15.76 50.60 -55.19
CA SER C 236 15.14 50.50 -56.51
C SER C 236 15.40 51.76 -57.32
N ASN C 237 14.81 51.81 -58.51
CA ASN C 237 14.71 53.05 -59.24
C ASN C 237 13.66 53.95 -58.59
N LEU C 238 13.64 55.20 -59.03
CA LEU C 238 12.59 56.10 -58.60
C LEU C 238 11.22 55.51 -58.92
N VAL C 239 10.37 55.42 -57.91
CA VAL C 239 9.00 54.96 -58.09
C VAL C 239 8.08 56.17 -58.09
N ASN C 240 8.51 57.23 -57.39
CA ASN C 240 7.83 58.51 -57.38
C ASN C 240 8.78 59.58 -57.88
N ILE C 241 8.34 60.37 -58.86
CA ILE C 241 9.07 61.52 -59.35
C ILE C 241 8.12 62.70 -59.26
N ALA C 242 8.44 63.65 -58.38
CA ALA C 242 7.56 64.79 -58.14
C ALA C 242 7.13 65.45 -59.44
N SER C 243 5.82 65.69 -59.56
CA SER C 243 5.17 66.35 -60.70
C SER C 243 4.96 65.44 -61.90
N THR C 244 5.05 64.12 -61.75
CA THR C 244 4.69 63.22 -62.83
C THR C 244 4.23 61.89 -62.24
N THR C 245 3.90 60.95 -63.11
CA THR C 245 3.29 59.69 -62.72
C THR C 245 3.70 58.63 -63.73
N PRO C 246 3.69 57.35 -63.34
CA PRO C 246 3.89 56.28 -64.31
C PRO C 246 2.62 55.93 -65.08
N TRP C 247 1.46 56.42 -64.65
CA TRP C 247 0.21 56.07 -65.28
C TRP C 247 0.05 56.77 -66.62
N GLY C 248 -0.49 56.03 -67.60
CA GLY C 248 -0.90 56.62 -68.86
C GLY C 248 -1.82 57.80 -68.59
N SER C 249 -1.76 58.82 -69.45
CA SER C 249 -2.47 60.06 -69.21
C SER C 249 -3.99 59.96 -69.31
N PRO C 250 -4.58 59.03 -70.08
CA PRO C 250 -6.06 58.94 -70.08
C PRO C 250 -6.69 58.81 -68.70
N ILE C 251 -5.99 58.25 -67.73
CA ILE C 251 -6.55 58.03 -66.39
C ILE C 251 -6.00 59.01 -65.37
N VAL C 252 -5.14 59.94 -65.78
CA VAL C 252 -4.48 60.86 -64.85
C VAL C 252 -5.29 62.15 -64.72
N ALA C 253 -5.60 62.54 -63.48
CA ALA C 253 -6.14 63.86 -63.17
C ALA C 253 -7.50 64.08 -63.84
N LEU C 254 -8.41 63.13 -63.65
CA LEU C 254 -9.75 63.23 -64.23
C LEU C 254 -10.69 63.95 -63.27
N SER C 255 -11.72 64.56 -63.86
CA SER C 255 -12.79 65.23 -63.12
C SER C 255 -14.13 64.78 -63.68
N ASP C 256 -15.10 64.56 -62.81
CA ASP C 256 -16.41 64.13 -63.29
C ASP C 256 -17.19 65.33 -63.82
N VAL C 257 -18.38 65.06 -64.34
CA VAL C 257 -19.18 66.08 -65.01
C VAL C 257 -19.59 67.22 -64.08
N ASN C 258 -19.43 67.04 -62.76
CA ASN C 258 -19.73 68.09 -61.81
C ASN C 258 -18.46 68.77 -61.28
N GLY C 259 -17.31 68.48 -61.87
CA GLY C 259 -16.07 69.14 -61.50
C GLY C 259 -15.34 68.55 -60.33
N THR C 260 -15.83 67.44 -59.77
CA THR C 260 -15.15 66.79 -58.65
C THR C 260 -14.04 65.89 -59.16
N ALA C 261 -12.89 65.95 -58.49
CA ALA C 261 -11.79 65.03 -58.82
C ALA C 261 -12.26 63.59 -58.70
N VAL C 262 -11.87 62.78 -59.68
CA VAL C 262 -12.38 61.41 -59.79
C VAL C 262 -11.71 60.52 -58.76
N THR C 263 -12.51 59.71 -58.07
CA THR C 263 -11.97 58.71 -57.17
C THR C 263 -11.41 57.54 -57.98
N GLY C 264 -10.19 57.13 -57.63
CA GLY C 264 -9.50 56.12 -58.41
C GLY C 264 -8.66 56.66 -59.55
N SER C 265 -8.66 57.98 -59.76
CA SER C 265 -7.85 58.59 -60.80
C SER C 265 -6.55 59.09 -60.19
N PRO C 266 -5.39 58.56 -60.59
CA PRO C 266 -4.13 59.00 -60.00
C PRO C 266 -3.80 60.43 -60.39
N VAL C 267 -3.05 61.10 -59.52
CA VAL C 267 -2.51 62.42 -59.78
C VAL C 267 -0.99 62.35 -59.66
N ASN C 268 -0.34 63.39 -60.19
CA ASN C 268 1.12 63.46 -60.16
C ASN C 268 1.65 63.28 -58.74
N ALA C 269 2.83 62.67 -58.64
CA ALA C 269 3.48 62.52 -57.35
C ALA C 269 3.87 63.87 -56.78
N ALA C 270 3.97 63.94 -55.46
CA ALA C 270 4.40 65.16 -54.77
C ALA C 270 5.76 65.03 -54.13
N ILE C 271 6.36 63.84 -54.11
CA ILE C 271 7.73 63.64 -53.64
C ILE C 271 8.47 62.80 -54.67
N THR C 272 9.79 62.81 -54.56
CA THR C 272 10.65 61.99 -55.40
C THR C 272 11.30 60.94 -54.51
N ALA C 273 10.92 59.68 -54.69
CA ALA C 273 11.31 58.62 -53.76
C ALA C 273 11.69 57.35 -54.52
N ARG C 274 12.46 56.51 -53.84
CA ARG C 274 12.78 55.17 -54.30
C ARG C 274 12.48 54.19 -53.16
N LYS C 275 12.40 52.91 -53.51
CA LYS C 275 12.06 51.86 -52.55
C LYS C 275 13.30 51.16 -52.03
N LEU C 276 13.22 50.73 -50.77
CA LEU C 276 14.20 49.84 -50.17
C LEU C 276 13.58 48.46 -50.03
N THR C 277 14.37 47.44 -50.39
CA THR C 277 14.01 46.06 -50.12
C THR C 277 15.22 45.35 -49.54
N GLN C 278 14.96 44.33 -48.72
CA GLN C 278 16.00 43.51 -48.14
C GLN C 278 16.12 42.22 -48.93
N VAL C 279 17.35 41.80 -49.19
CA VAL C 279 17.62 40.51 -49.79
C VAL C 279 18.53 39.73 -48.86
N VAL C 280 18.39 38.41 -48.90
CA VAL C 280 19.33 37.51 -48.24
C VAL C 280 19.92 36.59 -49.30
N PHE C 281 21.20 36.28 -49.16
CA PHE C 281 21.86 35.33 -50.03
C PHE C 281 23.00 34.66 -49.27
N GLY C 282 22.70 34.21 -48.06
CA GLY C 282 23.68 33.53 -47.22
C GLY C 282 23.39 32.05 -47.03
N ALA C 283 23.75 31.51 -45.86
CA ALA C 283 23.71 30.08 -45.63
C ALA C 283 22.28 29.52 -45.56
N GLN C 284 21.29 30.36 -45.23
CA GLN C 284 19.92 29.88 -45.16
C GLN C 284 19.19 29.99 -46.50
N THR C 285 19.80 30.63 -47.48
CA THR C 285 19.21 30.75 -48.80
C THR C 285 19.62 29.57 -49.66
N PRO C 286 18.66 28.85 -50.25
CA PRO C 286 19.01 27.66 -51.04
C PRO C 286 19.89 28.03 -52.22
N LYS C 287 20.95 27.26 -52.42
CA LYS C 287 21.90 27.51 -53.49
C LYS C 287 22.34 26.19 -54.10
N ALA C 288 22.74 26.23 -55.37
CA ALA C 288 23.33 25.06 -56.00
C ALA C 288 24.57 24.61 -55.24
N THR C 289 25.30 25.55 -54.65
CA THR C 289 26.47 25.25 -53.84
C THR C 289 26.51 26.21 -52.66
N GLN C 290 26.33 25.67 -51.46
CA GLN C 290 26.68 26.44 -50.26
C GLN C 290 28.20 26.47 -50.14
N GLU C 291 28.77 27.66 -50.16
CA GLU C 291 30.22 27.79 -50.02
C GLU C 291 30.64 27.45 -48.59
N GLN C 292 31.95 27.38 -48.40
CA GLN C 292 32.51 27.04 -47.10
C GLN C 292 31.96 27.97 -46.02
N LEU C 293 31.43 27.37 -44.96
CA LEU C 293 30.79 28.10 -43.87
C LEU C 293 31.74 28.19 -42.68
N ASN C 294 32.14 29.40 -42.33
CA ASN C 294 33.02 29.67 -41.20
C ASN C 294 32.23 30.35 -40.09
N MET C 295 32.15 29.69 -38.93
CA MET C 295 31.45 30.23 -37.78
C MET C 295 32.41 30.33 -36.60
N PHE C 296 32.16 31.31 -35.73
CA PHE C 296 32.87 31.48 -34.47
C PHE C 296 31.83 31.41 -33.36
N VAL C 297 31.49 30.19 -32.96
CA VAL C 297 30.47 29.96 -31.94
C VAL C 297 31.05 30.25 -30.56
N PRO C 298 30.59 31.29 -29.87
CA PRO C 298 31.10 31.55 -28.53
C PRO C 298 30.46 30.63 -27.51
N LEU C 299 31.24 30.30 -26.48
CA LEU C 299 30.78 29.42 -25.42
C LEU C 299 30.19 30.26 -24.28
N LEU C 300 28.96 29.94 -23.88
CA LEU C 300 28.15 30.81 -23.04
C LEU C 300 28.30 30.45 -21.57
N PHE C 301 29.51 30.60 -21.06
CA PHE C 301 29.81 30.33 -19.67
C PHE C 301 29.97 31.62 -18.88
N TRP C 302 29.75 31.52 -17.56
CA TRP C 302 29.80 32.70 -16.70
C TRP C 302 31.14 33.39 -16.76
N PHE C 303 32.23 32.64 -16.99
CA PHE C 303 33.56 33.23 -16.92
C PHE C 303 33.95 33.98 -18.18
N ARG C 304 33.02 34.16 -19.12
CA ARG C 304 33.22 35.11 -20.20
C ARG C 304 33.54 36.49 -19.66
N ASP C 305 32.87 36.88 -18.57
CA ASP C 305 33.13 38.13 -17.89
C ASP C 305 34.59 38.20 -17.45
N PRO C 306 35.34 39.24 -17.85
CA PRO C 306 36.74 39.33 -17.42
C PRO C 306 36.92 39.37 -15.91
N ARG C 307 35.99 40.02 -15.18
CA ARG C 307 36.06 40.02 -13.73
C ARG C 307 36.02 38.62 -13.15
N LEU C 308 35.45 37.66 -13.88
CA LEU C 308 35.24 36.31 -13.40
C LEU C 308 36.16 35.29 -14.06
N ALA C 309 37.28 35.74 -14.61
CA ALA C 309 38.26 34.83 -15.18
C ALA C 309 38.74 33.84 -14.12
N ILE C 310 39.13 32.66 -14.57
CA ILE C 310 39.37 31.53 -13.69
C ILE C 310 40.87 31.31 -13.54
N ALA C 311 41.32 31.18 -12.30
CA ALA C 311 42.74 30.97 -12.01
C ALA C 311 43.19 29.63 -12.57
N SER C 312 44.25 29.66 -13.39
CA SER C 312 44.78 28.43 -13.97
C SER C 312 45.34 27.50 -12.90
N VAL C 313 45.93 28.04 -11.83
CA VAL C 313 46.43 27.20 -10.75
C VAL C 313 45.30 26.58 -9.94
N SER C 314 44.09 27.12 -10.06
CA SER C 314 42.97 26.65 -9.26
C SER C 314 42.32 25.40 -9.85
N ILE C 315 42.58 25.08 -11.11
CA ILE C 315 41.93 23.97 -11.79
C ILE C 315 43.02 23.11 -12.43
N PRO C 316 43.19 21.85 -12.03
CA PRO C 316 44.36 21.07 -12.44
C PRO C 316 44.35 20.81 -13.94
N TYR C 317 45.49 21.11 -14.59
CA TYR C 317 45.61 20.88 -16.03
C TYR C 317 45.38 19.41 -16.37
N GLY C 318 45.69 18.50 -15.45
CA GLY C 318 45.45 17.09 -15.64
C GLY C 318 44.11 16.79 -16.27
N GLN C 319 43.04 17.41 -15.77
CA GLN C 319 41.75 17.15 -16.42
C GLN C 319 40.87 18.40 -16.30
N ARG C 320 41.18 19.41 -17.11
CA ARG C 320 40.29 20.53 -17.37
C ARG C 320 40.01 20.54 -18.86
N PHE C 321 38.74 20.38 -19.23
CA PHE C 321 38.37 20.21 -20.63
C PHE C 321 37.15 21.03 -20.97
N ILE C 322 37.08 21.43 -22.23
CA ILE C 322 35.83 21.83 -22.87
C ILE C 322 35.42 20.69 -23.79
N THR C 323 34.18 20.24 -23.66
CA THR C 323 33.67 19.10 -24.42
C THR C 323 32.40 19.53 -25.14
N VAL C 324 32.36 19.28 -26.45
CA VAL C 324 31.27 19.73 -27.31
C VAL C 324 30.75 18.53 -28.09
N ASP C 325 29.46 18.22 -27.93
CA ASP C 325 28.80 17.19 -28.72
C ASP C 325 28.27 17.81 -30.01
N ILE C 326 28.70 17.26 -31.15
CA ILE C 326 28.33 17.80 -32.45
C ILE C 326 27.04 17.15 -32.92
N GLU C 327 26.17 17.96 -33.52
CA GLU C 327 24.88 17.52 -34.03
C GLU C 327 25.06 16.74 -35.35
N GLN C 328 24.05 15.93 -35.66
CA GLN C 328 24.04 15.21 -36.93
C GLN C 328 23.95 16.18 -38.11
N GLN C 329 24.53 15.78 -39.23
CA GLN C 329 24.51 16.62 -40.42
C GLN C 329 23.09 16.80 -40.93
N SER C 330 22.25 15.77 -40.82
CA SER C 330 20.89 15.85 -41.33
C SER C 330 20.01 16.80 -40.54
N ASN C 331 20.49 17.32 -39.41
CA ASN C 331 19.80 18.38 -38.68
C ASN C 331 20.40 19.76 -38.93
N ILE C 332 21.44 19.85 -39.76
CA ILE C 332 22.15 21.09 -40.02
C ILE C 332 22.03 21.51 -41.48
N LEU C 333 22.24 20.57 -42.40
CA LEU C 333 22.19 20.83 -43.83
C LEU C 333 20.96 20.16 -44.43
N PHE C 334 20.28 20.87 -45.32
CA PHE C 334 19.02 20.42 -45.87
C PHE C 334 18.97 20.62 -47.38
N THR C 335 18.20 19.78 -48.05
CA THR C 335 17.86 20.01 -49.44
C THR C 335 16.69 20.97 -49.54
N ALA C 336 16.55 21.58 -50.72
CA ALA C 336 15.46 22.49 -51.00
C ALA C 336 15.36 22.65 -52.52
N PRO C 337 14.19 23.02 -53.04
CA PRO C 337 14.03 23.08 -54.50
C PRO C 337 15.04 24.03 -55.14
N GLY C 338 15.60 23.58 -56.25
CA GLY C 338 16.53 24.35 -57.05
C GLY C 338 15.86 25.00 -58.24
N ASN C 339 16.54 24.94 -59.38
CA ASN C 339 16.04 25.58 -60.60
C ASN C 339 14.99 24.72 -61.28
N LEU C 340 13.94 24.35 -60.54
CA LEU C 340 12.88 23.50 -61.07
C LEU C 340 11.55 23.91 -60.46
N PHE C 341 10.56 24.17 -61.30
CA PHE C 341 9.27 24.69 -60.86
C PHE C 341 8.14 23.96 -61.56
N LEU C 342 7.15 23.51 -60.80
CA LEU C 342 5.90 23.03 -61.38
C LEU C 342 5.07 24.22 -61.83
N GLN C 343 4.75 24.28 -63.11
CA GLN C 343 3.88 25.32 -63.66
C GLN C 343 2.47 24.77 -63.79
N THR C 344 1.54 25.33 -63.03
CA THR C 344 0.13 24.97 -63.11
C THR C 344 -0.62 26.02 -63.91
N THR C 345 -1.37 25.58 -64.91
CA THR C 345 -2.03 26.50 -65.83
C THR C 345 -3.48 26.08 -66.05
N VAL C 346 -4.40 27.03 -65.86
CA VAL C 346 -5.81 26.85 -66.16
C VAL C 346 -6.20 27.87 -67.23
N GLU C 347 -6.82 27.38 -68.30
CA GLU C 347 -7.33 28.23 -69.37
C GLU C 347 -8.84 28.01 -69.52
N THR C 348 -9.58 29.11 -69.60
CA THR C 348 -11.03 29.05 -69.84
C THR C 348 -11.33 29.63 -71.21
N LEU C 349 -12.13 28.90 -71.99
CA LEU C 349 -12.52 29.27 -73.34
C LEU C 349 -14.03 29.41 -73.37
N LEU C 350 -14.52 30.62 -73.68
CA LEU C 350 -15.95 30.90 -73.73
C LEU C 350 -16.41 30.97 -75.18
N THR C 351 -17.11 29.93 -75.63
CA THR C 351 -17.65 29.89 -76.98
C THR C 351 -19.16 29.97 -76.96
N THR C 352 -19.73 30.48 -78.06
CA THR C 352 -21.16 30.65 -78.20
C THR C 352 -21.77 29.76 -79.27
N GLY C 353 -20.99 29.27 -80.22
CA GLY C 353 -21.49 28.51 -81.33
C GLY C 353 -21.67 27.04 -81.02
N ALA C 354 -21.63 26.23 -82.07
CA ALA C 354 -21.77 24.79 -81.91
C ALA C 354 -20.59 24.21 -81.15
N GLY C 355 -20.85 23.17 -80.36
CA GLY C 355 -19.83 22.56 -79.56
C GLY C 355 -19.33 23.39 -78.41
N LYS C 356 -20.03 24.46 -78.05
CA LYS C 356 -19.59 25.36 -77.00
C LYS C 356 -19.37 24.60 -75.69
N GLY C 357 -18.37 25.03 -74.93
CA GLY C 357 -18.00 24.34 -73.72
C GLY C 357 -17.21 23.07 -73.92
N THR C 358 -16.82 22.76 -75.14
CA THR C 358 -16.01 21.59 -75.45
C THR C 358 -14.82 22.01 -76.30
N ALA C 359 -13.92 21.05 -76.54
CA ALA C 359 -12.74 21.32 -77.35
C ALA C 359 -13.09 21.74 -78.77
N THR C 360 -14.33 21.52 -79.21
CA THR C 360 -14.75 21.80 -80.57
C THR C 360 -15.62 23.04 -80.69
N GLY C 361 -15.69 23.87 -79.65
CA GLY C 361 -16.55 25.04 -79.70
C GLY C 361 -16.08 26.06 -80.71
N VAL C 362 -17.03 26.79 -81.26
CA VAL C 362 -16.78 27.80 -82.25
C VAL C 362 -17.21 29.16 -81.78
N LEU C 363 -16.51 30.18 -82.25
CA LEU C 363 -16.76 31.56 -81.88
C LEU C 363 -16.28 31.81 -80.46
N LEU C 364 -15.03 32.22 -80.33
CA LEU C 364 -14.43 32.43 -79.02
C LEU C 364 -14.52 33.90 -78.65
N THR C 365 -15.20 34.19 -77.54
CA THR C 365 -15.37 35.57 -77.10
C THR C 365 -14.44 35.96 -75.96
N GLN C 366 -14.16 35.06 -75.02
CA GLN C 366 -13.40 35.41 -73.82
C GLN C 366 -12.42 34.30 -73.49
N TYR C 367 -11.14 34.64 -73.44
CA TYR C 367 -10.07 33.73 -73.04
C TYR C 367 -9.46 34.24 -71.74
N ASN C 368 -9.30 33.34 -70.77
CA ASN C 368 -8.61 33.64 -69.52
C ASN C 368 -7.53 32.60 -69.29
N ARG C 369 -6.47 33.02 -68.61
CA ARG C 369 -5.38 32.12 -68.27
C ARG C 369 -4.87 32.44 -66.87
N TYR C 370 -4.64 31.39 -66.08
CA TYR C 370 -4.13 31.51 -64.73
C TYR C 370 -2.93 30.58 -64.59
N THR C 371 -1.79 31.12 -64.18
CA THR C 371 -0.55 30.37 -64.13
C THR C 371 0.19 30.67 -62.84
N THR C 372 0.40 29.64 -62.02
CA THR C 372 1.24 29.71 -60.84
C THR C 372 2.49 28.86 -61.04
N TYR C 373 3.49 29.11 -60.19
CA TYR C 373 4.72 28.33 -60.20
C TYR C 373 5.02 27.87 -58.79
N THR C 374 5.32 26.58 -58.65
CA THR C 374 5.63 25.99 -57.34
C THR C 374 7.03 25.39 -57.40
N PRO C 375 7.99 25.90 -56.62
CA PRO C 375 9.32 25.27 -56.60
C PRO C 375 9.22 23.81 -56.20
N THR C 376 9.84 22.94 -56.99
CA THR C 376 9.68 21.50 -56.86
C THR C 376 11.01 20.84 -56.57
N LEU C 377 11.00 19.88 -55.64
CA LEU C 377 12.18 19.09 -55.36
C LEU C 377 12.43 18.09 -56.48
N ALA C 378 13.71 17.85 -56.77
CA ALA C 378 14.08 16.76 -57.65
C ALA C 378 14.18 15.46 -56.85
N SER C 379 13.85 14.36 -57.51
CA SER C 379 13.93 13.06 -56.87
C SER C 379 15.35 12.51 -56.96
N GLY C 380 15.75 11.80 -55.89
CA GLY C 380 17.07 11.21 -55.86
C GLY C 380 18.21 12.18 -55.67
N SER C 381 17.94 13.35 -55.11
CA SER C 381 18.94 14.40 -54.93
C SER C 381 18.93 14.80 -53.46
N SER C 382 20.00 14.45 -52.74
CA SER C 382 20.04 14.62 -51.29
C SER C 382 21.38 15.20 -50.88
N ILE C 383 21.47 15.56 -49.60
CA ILE C 383 22.69 16.22 -49.10
C ILE C 383 23.86 15.25 -49.12
N ASP C 384 25.04 15.79 -49.39
CA ASP C 384 26.27 15.01 -49.45
C ASP C 384 26.64 14.59 -48.03
N GLY C 385 26.39 13.32 -47.70
CA GLY C 385 26.73 12.81 -46.38
C GLY C 385 28.21 12.76 -46.08
N THR C 386 29.06 13.04 -47.06
CA THR C 386 30.51 13.07 -46.89
C THR C 386 31.04 14.47 -46.63
N GLN C 387 30.17 15.46 -46.43
CA GLN C 387 30.60 16.83 -46.22
C GLN C 387 31.58 16.91 -45.04
N ALA C 388 32.76 17.47 -45.31
CA ALA C 388 33.83 17.48 -44.32
C ALA C 388 33.68 18.64 -43.35
N VAL C 389 33.89 18.34 -42.07
CA VAL C 389 34.20 19.37 -41.07
C VAL C 389 35.69 19.63 -41.20
N GLN C 390 36.06 20.69 -41.92
CA GLN C 390 37.45 20.90 -42.29
C GLN C 390 38.30 21.44 -41.15
N ASN C 391 37.70 22.03 -40.13
CA ASN C 391 38.47 22.64 -39.05
C ASN C 391 37.57 22.94 -37.87
N ILE C 392 38.08 22.68 -36.67
CA ILE C 392 37.46 23.17 -35.44
C ILE C 392 38.56 23.50 -34.43
N GLU C 393 38.58 24.75 -33.97
CA GLU C 393 39.62 25.21 -33.06
C GLU C 393 38.99 26.06 -31.97
N LEU C 394 39.47 25.88 -30.75
CA LEU C 394 38.99 26.61 -29.59
C LEU C 394 39.93 27.77 -29.30
N TYR C 395 39.36 28.98 -29.21
CA TYR C 395 40.09 30.18 -28.84
C TYR C 395 39.83 30.48 -27.38
N ILE C 396 40.89 30.77 -26.63
CA ILE C 396 40.80 31.09 -25.21
C ILE C 396 41.52 32.41 -24.97
N ASN C 397 40.84 33.35 -24.33
CA ASN C 397 41.48 34.58 -23.89
C ASN C 397 42.25 34.27 -22.61
N ASN C 398 43.57 34.44 -22.65
CA ASN C 398 44.43 34.20 -21.49
C ASN C 398 44.87 35.55 -20.92
N ILE C 399 44.73 35.70 -19.61
CA ILE C 399 45.01 36.95 -18.91
C ILE C 399 46.22 36.77 -18.01
N PHE C 400 47.10 37.77 -17.99
CA PHE C 400 48.36 37.72 -17.26
C PHE C 400 48.43 38.88 -16.28
N VAL C 401 48.90 38.59 -15.06
CA VAL C 401 49.05 39.60 -14.02
C VAL C 401 50.44 39.47 -13.41
N THR C 402 50.83 40.51 -12.65
CA THR C 402 52.13 40.51 -12.02
C THR C 402 52.19 39.42 -10.95
N PRO C 403 53.38 38.84 -10.72
CA PRO C 403 53.48 37.76 -9.70
C PRO C 403 53.06 38.22 -8.32
N GLU C 404 53.26 39.49 -7.98
CA GLU C 404 52.86 39.98 -6.66
C GLU C 404 51.35 39.95 -6.50
N ILE C 405 50.62 40.50 -7.48
CA ILE C 405 49.17 40.52 -7.40
C ILE C 405 48.60 39.11 -7.49
N HIS C 406 49.21 38.26 -8.32
CA HIS C 406 48.76 36.87 -8.42
C HIS C 406 48.77 36.20 -7.05
N ASP C 407 49.91 36.25 -6.35
CA ASP C 407 50.04 35.63 -5.05
C ASP C 407 48.96 36.13 -4.08
N ILE C 408 48.79 37.45 -3.98
CA ILE C 408 47.80 38.02 -3.08
C ILE C 408 46.40 37.54 -3.44
N TYR C 409 46.09 37.51 -4.74
CA TYR C 409 44.76 37.18 -5.22
C TYR C 409 44.38 35.75 -4.88
N ILE C 410 45.28 34.80 -5.15
CA ILE C 410 45.01 33.39 -4.83
C ILE C 410 44.81 33.21 -3.34
N LYS C 411 45.60 33.89 -2.53
CA LYS C 411 45.59 33.70 -1.08
C LYS C 411 44.46 34.45 -0.37
N ARG C 412 43.63 35.22 -1.06
CA ARG C 412 42.73 36.13 -0.38
C ARG C 412 41.30 36.14 -0.86
N ILE C 413 40.99 35.66 -2.04
CA ILE C 413 39.58 35.69 -2.41
C ILE C 413 38.81 34.59 -1.78
N GLY C 414 39.39 33.41 -1.71
CA GLY C 414 38.70 32.29 -1.11
C GLY C 414 37.75 31.60 -2.06
N PHE C 415 36.73 32.32 -2.53
CA PHE C 415 35.69 31.75 -3.38
C PHE C 415 35.26 32.75 -4.44
N THR C 416 34.54 32.24 -5.43
CA THR C 416 33.97 33.09 -6.47
C THR C 416 32.55 32.62 -6.77
N LEU C 417 31.67 33.59 -7.00
CA LEU C 417 30.26 33.34 -7.29
C LEU C 417 30.10 33.12 -8.78
N ILE C 418 29.39 32.06 -9.16
CA ILE C 418 29.24 31.68 -10.56
C ILE C 418 27.78 31.35 -10.87
N ARG C 419 27.47 31.30 -12.16
CA ARG C 419 26.15 30.96 -12.66
C ARG C 419 26.24 29.71 -13.52
N VAL C 420 25.28 28.80 -13.33
CA VAL C 420 25.25 27.53 -14.04
C VAL C 420 23.86 27.30 -14.64
N TYR C 421 23.82 26.43 -15.65
CA TYR C 421 22.59 26.07 -16.33
C TYR C 421 22.01 24.79 -15.76
N ARG C 422 20.69 24.78 -15.57
CA ARG C 422 19.97 23.58 -15.14
C ARG C 422 18.75 23.42 -16.04
N GLU C 423 18.79 22.41 -16.91
CA GLU C 423 17.75 22.20 -17.91
C GLU C 423 16.84 21.04 -17.50
N GLN C 424 15.60 21.10 -17.96
CA GLN C 424 14.66 20.00 -17.87
C GLN C 424 13.69 20.09 -19.03
N VAL C 425 13.44 18.95 -19.68
CA VAL C 425 12.56 18.87 -20.84
C VAL C 425 11.54 17.77 -20.58
N GLN C 426 10.26 18.16 -20.50
CA GLN C 426 9.17 17.23 -20.20
C GLN C 426 8.23 17.15 -21.39
N ARG C 427 8.11 15.98 -21.98
CA ARG C 427 7.15 15.79 -23.07
C ARG C 427 5.73 15.85 -22.53
N GLU C 428 4.86 16.53 -23.27
CA GLU C 428 3.49 16.76 -22.83
C GLU C 428 2.51 16.46 -23.95
N VAL C 429 1.43 15.77 -23.61
CA VAL C 429 0.24 15.66 -24.43
C VAL C 429 -0.98 16.27 -23.74
N ASN C 430 -0.77 16.98 -22.63
CA ASN C 430 -1.84 17.50 -21.80
C ASN C 430 -2.07 18.99 -22.05
N ALA C 431 -3.34 19.37 -22.15
CA ALA C 431 -3.69 20.78 -22.27
C ALA C 431 -3.44 21.55 -20.97
N ALA C 432 -3.19 20.86 -19.86
CA ALA C 432 -2.91 21.50 -18.59
C ALA C 432 -2.17 20.51 -17.70
N ASP C 433 -1.09 20.95 -17.08
CA ASP C 433 -0.31 20.06 -16.24
C ASP C 433 0.54 20.87 -15.28
N GLN C 434 0.98 20.19 -14.21
CA GLN C 434 1.78 20.78 -13.15
C GLN C 434 3.07 19.95 -13.08
N VAL C 435 4.13 20.46 -13.71
CA VAL C 435 5.35 19.68 -13.95
C VAL C 435 6.35 19.99 -12.85
N LEU C 436 6.72 18.96 -12.09
CA LEU C 436 7.73 19.10 -11.06
C LEU C 436 9.09 19.35 -11.70
N GLN C 437 9.77 20.40 -11.26
CA GLN C 437 11.04 20.82 -11.84
C GLN C 437 12.17 20.08 -11.11
N SER C 438 12.40 18.83 -11.54
CA SER C 438 13.26 17.92 -10.81
C SER C 438 14.74 18.29 -10.87
N GLN C 439 15.17 19.02 -11.89
CA GLN C 439 16.59 19.25 -12.13
C GLN C 439 17.13 20.50 -11.43
N LEU C 440 16.29 21.24 -10.71
CA LEU C 440 16.70 22.49 -10.08
C LEU C 440 17.14 22.21 -8.65
N LYS C 441 18.35 22.66 -8.31
CA LYS C 441 18.94 22.28 -7.03
C LYS C 441 19.70 23.41 -6.34
N TRP C 442 19.69 24.64 -6.87
CA TRP C 442 20.39 25.75 -6.24
C TRP C 442 19.52 27.00 -6.21
N PRO C 443 19.98 28.10 -5.60
CA PRO C 443 19.28 29.37 -5.80
C PRO C 443 19.09 29.67 -7.27
N VAL C 444 17.85 29.93 -7.66
CA VAL C 444 17.50 30.18 -9.05
C VAL C 444 17.21 31.66 -9.21
N GLU C 445 17.96 32.31 -10.11
CA GLU C 445 17.73 33.73 -10.39
C GLU C 445 16.53 33.92 -11.31
N PHE C 446 16.43 33.12 -12.37
CA PHE C 446 15.34 33.22 -13.33
C PHE C 446 15.32 31.95 -14.18
N ILE C 447 14.19 31.73 -14.83
CA ILE C 447 13.95 30.50 -15.59
C ILE C 447 13.45 30.87 -16.98
N TYR C 448 14.20 30.48 -18.02
CA TYR C 448 13.67 30.51 -19.38
C TYR C 448 12.66 29.40 -19.55
N LEU C 449 11.55 29.70 -20.23
CA LEU C 449 10.44 28.75 -20.32
C LEU C 449 9.79 28.81 -21.68
N GLY C 450 9.63 27.63 -22.31
CA GLY C 450 8.89 27.50 -23.55
C GLY C 450 8.21 26.16 -23.62
N LEU C 451 7.25 26.05 -24.55
CA LEU C 451 6.50 24.82 -24.79
C LEU C 451 6.60 24.53 -26.29
N ARG C 452 7.71 23.91 -26.69
CA ARG C 452 8.02 23.75 -28.10
C ARG C 452 7.31 22.52 -28.68
N PRO C 453 6.49 22.68 -29.72
CA PRO C 453 5.84 21.51 -30.32
C PRO C 453 6.88 20.56 -30.89
N ALA C 454 6.68 19.26 -30.65
CA ALA C 454 7.62 18.25 -31.12
C ALA C 454 7.80 18.29 -32.62
N ASN C 455 6.80 18.79 -33.36
CA ASN C 455 6.88 18.85 -34.81
C ASN C 455 7.94 19.81 -35.31
N ASN C 456 8.31 20.81 -34.50
CA ASN C 456 9.31 21.80 -34.94
C ASN C 456 10.65 21.16 -35.25
N ILE C 457 10.93 19.98 -34.71
CA ILE C 457 12.20 19.30 -34.92
C ILE C 457 12.01 17.98 -35.66
N ALA C 458 10.85 17.77 -36.26
CA ALA C 458 10.59 16.51 -36.96
C ALA C 458 11.24 16.52 -38.34
N ALA C 459 11.82 15.37 -38.70
CA ALA C 459 12.36 15.21 -40.05
C ALA C 459 11.25 15.28 -41.09
N GLY C 460 10.03 14.90 -40.70
CA GLY C 460 8.87 15.05 -41.58
C GLY C 460 8.37 16.46 -41.72
N ASN C 461 8.89 17.40 -40.93
CA ASN C 461 8.57 18.81 -41.06
C ASN C 461 9.55 19.42 -42.06
N THR C 462 9.05 19.74 -43.26
CA THR C 462 9.90 20.33 -44.29
C THR C 462 10.35 21.75 -43.93
N TYR C 463 9.82 22.33 -42.86
CA TYR C 463 10.28 23.62 -42.36
C TYR C 463 11.08 23.47 -41.07
N GLN C 464 11.59 22.27 -40.78
CA GLN C 464 12.38 22.08 -39.57
C GLN C 464 13.63 22.95 -39.57
N TRP C 465 14.19 23.22 -40.76
CA TRP C 465 15.36 24.08 -40.85
C TRP C 465 15.09 25.45 -40.23
N ARG C 466 13.83 25.89 -40.23
CA ARG C 466 13.42 27.17 -39.69
C ARG C 466 12.69 27.08 -38.36
N ASP C 467 11.84 26.05 -38.19
CA ASP C 467 11.00 25.96 -37.00
C ASP C 467 11.74 25.47 -35.75
N TRP C 468 12.96 24.95 -35.89
CA TRP C 468 13.55 24.17 -34.80
C TRP C 468 13.77 25.01 -33.55
N HIS C 469 14.16 26.27 -33.71
CA HIS C 469 14.38 27.15 -32.57
C HIS C 469 13.14 27.92 -32.14
N HIS C 470 12.02 27.78 -32.86
CA HIS C 470 10.80 28.47 -32.50
C HIS C 470 10.09 27.75 -31.36
N LEU C 471 9.52 28.53 -30.44
CA LEU C 471 8.81 28.00 -29.28
C LEU C 471 7.29 28.04 -29.46
N THR C 472 6.81 28.20 -30.69
CA THR C 472 5.38 28.18 -30.98
C THR C 472 5.12 27.18 -32.09
N SER C 473 3.83 26.98 -32.38
CA SER C 473 3.43 26.27 -33.59
C SER C 473 3.43 27.24 -34.75
N VAL C 474 4.19 26.91 -35.81
CA VAL C 474 4.36 27.79 -36.95
C VAL C 474 3.59 27.20 -38.13
N THR C 475 2.66 27.98 -38.66
CA THR C 475 1.95 27.65 -39.89
C THR C 475 2.39 28.61 -40.98
N ASN C 476 2.36 28.13 -42.22
CA ASN C 476 2.97 28.85 -43.34
C ASN C 476 1.88 29.42 -44.22
N GLU C 477 1.94 30.73 -44.41
CA GLU C 477 0.84 31.50 -45.02
C GLU C 477 1.29 32.15 -46.32
N PRO C 478 0.74 31.76 -47.47
CA PRO C 478 1.19 32.34 -48.73
C PRO C 478 0.67 33.76 -48.92
N VAL C 479 1.55 34.62 -49.44
CA VAL C 479 1.17 35.94 -49.93
C VAL C 479 1.61 36.00 -51.39
N TYR C 480 0.65 36.19 -52.29
CA TYR C 480 0.87 36.08 -53.72
C TYR C 480 1.07 37.45 -54.35
N ASP C 481 2.13 37.57 -55.14
CA ASP C 481 2.29 38.68 -56.08
C ASP C 481 1.73 38.22 -57.43
N VAL C 482 0.70 38.91 -57.92
CA VAL C 482 0.00 38.52 -59.12
C VAL C 482 0.11 39.64 -60.16
N SER C 483 0.44 39.27 -61.39
CA SER C 483 0.43 40.18 -62.52
C SER C 483 -0.86 39.97 -63.30
N GLN C 484 -1.60 41.05 -63.54
CA GLN C 484 -2.89 40.99 -64.22
C GLN C 484 -2.77 41.63 -65.60
N SER C 485 -3.29 40.95 -66.61
CA SER C 485 -3.32 41.47 -67.96
C SER C 485 -4.74 41.55 -68.48
N TYR C 486 -4.96 42.47 -69.42
CA TYR C 486 -6.15 42.53 -70.24
C TYR C 486 -5.72 42.87 -71.65
N ALA C 487 -6.32 42.20 -72.62
CA ALA C 487 -6.02 42.46 -74.03
C ALA C 487 -7.33 42.40 -74.80
N ARG C 488 -7.49 43.36 -75.72
CA ARG C 488 -8.66 43.42 -76.59
C ARG C 488 -8.19 43.55 -78.03
N VAL C 489 -8.89 42.85 -78.93
CA VAL C 489 -8.48 42.79 -80.33
C VAL C 489 -9.72 42.70 -81.19
N SER C 490 -9.78 43.55 -82.22
CA SER C 490 -10.82 43.45 -83.24
C SER C 490 -10.31 42.60 -84.39
N ILE C 491 -11.13 41.63 -84.81
CA ILE C 491 -10.75 40.69 -85.87
C ILE C 491 -11.50 40.94 -87.16
N ASP C 492 -12.34 41.96 -87.22
CA ASP C 492 -13.12 42.28 -88.41
C ASP C 492 -12.95 43.77 -88.68
N ASP C 493 -12.19 44.10 -89.73
CA ASP C 493 -11.87 45.49 -90.05
C ASP C 493 -12.97 46.22 -90.81
N THR C 494 -14.19 45.67 -90.82
CA THR C 494 -15.34 46.37 -91.39
C THR C 494 -16.45 46.59 -90.36
N VAL C 495 -16.27 46.11 -89.13
CA VAL C 495 -17.29 46.15 -88.09
C VAL C 495 -16.76 46.96 -86.92
N ALA C 496 -17.58 47.88 -86.41
CA ALA C 496 -17.21 48.61 -85.21
C ALA C 496 -17.02 47.62 -84.05
N PRO C 497 -15.92 47.71 -83.31
CA PRO C 497 -15.71 46.73 -82.22
C PRO C 497 -16.58 46.97 -81.01
N VAL C 498 -17.00 48.20 -80.73
CA VAL C 498 -17.82 48.46 -79.55
C VAL C 498 -19.19 47.81 -79.74
N GLY C 499 -19.50 46.83 -78.90
CA GLY C 499 -20.76 46.12 -78.96
C GLY C 499 -20.76 44.86 -79.79
N SER C 500 -19.63 44.50 -80.39
CA SER C 500 -19.54 43.37 -81.30
C SER C 500 -18.83 42.19 -80.64
N THR C 501 -19.20 40.98 -81.06
CA THR C 501 -18.48 39.80 -80.65
C THR C 501 -17.18 39.59 -81.43
N THR C 502 -16.99 40.34 -82.51
CA THR C 502 -15.70 40.39 -83.19
C THR C 502 -14.67 41.19 -82.41
N PHE C 503 -15.04 41.73 -81.25
CA PHE C 503 -14.13 42.49 -80.39
C PHE C 503 -13.74 41.57 -79.24
N LYS C 504 -12.67 40.79 -79.47
CA LYS C 504 -12.32 39.69 -78.59
C LYS C 504 -11.77 40.18 -77.26
N GLN C 505 -11.79 39.28 -76.27
CA GLN C 505 -11.32 39.56 -74.93
C GLN C 505 -10.32 38.51 -74.48
N SER C 506 -9.23 38.96 -73.87
CA SER C 506 -8.24 38.08 -73.29
C SER C 506 -7.78 38.67 -71.96
N ALA C 507 -7.55 37.80 -70.99
CA ALA C 507 -7.04 38.22 -69.69
C ALA C 507 -6.17 37.11 -69.13
N SER C 508 -5.22 37.48 -68.29
CA SER C 508 -4.34 36.49 -67.68
C SER C 508 -3.94 36.95 -66.28
N GLN C 509 -3.75 35.97 -65.41
CA GLN C 509 -3.19 36.19 -64.07
C GLN C 509 -2.00 35.26 -63.91
N VAL C 510 -0.82 35.83 -63.67
CA VAL C 510 0.42 35.09 -63.60
C VAL C 510 1.08 35.38 -62.26
N MET C 511 1.53 34.34 -61.57
CA MET C 511 2.23 34.52 -60.31
C MET C 511 3.56 35.20 -60.55
N GLN C 512 3.75 36.37 -59.93
CA GLN C 512 5.02 37.08 -60.03
C GLN C 512 6.01 36.57 -58.99
N ASN C 513 5.56 36.45 -57.74
CA ASN C 513 6.36 35.82 -56.70
C ASN C 513 5.40 35.31 -55.64
N GLN C 514 5.96 34.65 -54.62
CA GLN C 514 5.17 34.16 -53.50
C GLN C 514 6.04 34.22 -52.25
N TYR C 515 5.52 34.88 -51.22
CA TYR C 515 6.15 34.89 -49.90
C TYR C 515 5.43 33.91 -48.99
N ILE C 516 6.15 33.44 -47.97
CA ILE C 516 5.60 32.55 -46.96
C ILE C 516 5.71 33.26 -45.63
N VAL C 517 4.56 33.58 -45.04
CA VAL C 517 4.50 34.25 -43.74
C VAL C 517 4.48 33.17 -42.66
N PRO C 518 5.44 33.14 -41.76
CA PRO C 518 5.38 32.18 -40.64
C PRO C 518 4.49 32.69 -39.51
N VAL C 519 3.28 32.17 -39.43
CA VAL C 519 2.32 32.59 -38.41
C VAL C 519 2.55 31.75 -37.16
N GLU C 520 2.90 32.41 -36.06
CA GLU C 520 3.11 31.73 -34.79
C GLU C 520 1.79 31.51 -34.08
N THR C 521 1.58 30.31 -33.56
CA THR C 521 0.46 29.99 -32.69
C THR C 521 1.01 29.70 -31.30
N GLU C 522 0.59 30.49 -30.32
CA GLU C 522 1.09 30.33 -28.96
C GLU C 522 0.67 28.99 -28.38
N THR C 523 1.60 28.34 -27.70
CA THR C 523 1.34 27.08 -27.02
C THR C 523 1.03 27.26 -25.54
N LEU C 524 1.55 28.30 -24.92
CA LEU C 524 1.28 28.59 -23.52
C LEU C 524 0.23 29.68 -23.41
N ASP C 525 -0.79 29.45 -22.57
CA ASP C 525 -1.79 30.47 -22.27
C ASP C 525 -1.51 31.13 -20.92
N THR C 526 -1.43 30.33 -19.86
CA THR C 526 -1.11 30.82 -18.52
C THR C 526 -0.01 29.95 -17.92
N VAL C 527 0.77 30.55 -17.03
CA VAL C 527 1.81 29.84 -16.29
C VAL C 527 1.73 30.26 -14.83
N ARG C 528 1.84 29.27 -13.94
CA ARG C 528 1.83 29.46 -12.50
C ARG C 528 3.05 28.78 -11.90
N VAL C 529 3.65 29.42 -10.89
CA VAL C 529 4.85 28.90 -10.24
C VAL C 529 4.53 28.70 -8.76
N LYS C 530 4.59 27.44 -8.31
CA LYS C 530 4.27 27.06 -6.95
C LYS C 530 5.46 26.35 -6.33
N ALA C 531 5.68 26.60 -5.04
CA ALA C 531 6.73 25.92 -4.28
C ALA C 531 6.20 25.63 -2.88
N HIS C 532 6.21 24.36 -2.48
CA HIS C 532 5.66 23.91 -1.20
C HIS C 532 4.19 24.30 -1.03
N GLY C 533 3.48 24.60 -2.12
CA GLY C 533 2.11 25.02 -2.06
C GLY C 533 1.89 26.51 -1.99
N ILE C 534 2.95 27.32 -2.01
CA ILE C 534 2.83 28.77 -1.97
C ILE C 534 3.19 29.31 -3.35
N GLU C 535 2.39 30.27 -3.83
CA GLU C 535 2.57 30.78 -5.19
C GLU C 535 3.76 31.73 -5.24
N LEU C 536 4.76 31.36 -6.04
CA LEU C 536 5.76 32.35 -6.42
C LEU C 536 5.20 33.29 -7.48
N TYR C 537 4.53 32.74 -8.49
CA TYR C 537 3.77 33.50 -9.46
C TYR C 537 2.34 32.96 -9.50
N ALA C 538 1.37 33.85 -9.40
CA ALA C 538 -0.01 33.44 -9.60
C ALA C 538 -0.21 33.00 -11.05
N GLN C 539 -1.38 32.43 -11.32
CA GLN C 539 -1.70 32.00 -12.67
C GLN C 539 -1.89 33.23 -13.55
N TYR C 540 -0.87 33.59 -14.32
CA TYR C 540 -0.88 34.78 -15.14
C TYR C 540 -0.78 34.42 -16.62
N ARG C 541 -1.29 35.31 -17.47
CA ARG C 541 -1.27 35.09 -18.91
C ARG C 541 0.15 35.06 -19.44
N ALA C 542 0.34 34.35 -20.56
CA ALA C 542 1.66 34.14 -21.11
C ALA C 542 2.35 35.46 -21.45
N GLN C 543 1.60 36.43 -21.99
CA GLN C 543 2.19 37.69 -22.41
C GLN C 543 2.83 38.45 -21.24
N PHE C 544 2.44 38.13 -20.00
CA PHE C 544 3.06 38.77 -18.84
C PHE C 544 4.52 38.39 -18.71
N TYR C 545 4.85 37.11 -18.93
CA TYR C 545 6.23 36.65 -18.80
C TYR C 545 7.05 36.85 -20.06
N ARG C 546 6.41 36.99 -21.22
CA ARG C 546 7.14 37.16 -22.47
C ARG C 546 7.35 38.64 -22.81
N ASP C 547 6.37 39.48 -22.54
CA ASP C 547 6.45 40.90 -22.86
C ASP C 547 6.78 41.76 -21.64
N TYR C 548 6.00 41.66 -20.58
CA TYR C 548 6.11 42.63 -19.48
C TYR C 548 7.41 42.46 -18.72
N ILE C 549 7.67 41.25 -18.21
CA ILE C 549 8.89 41.03 -17.42
C ILE C 549 10.15 41.33 -18.24
N PRO C 550 10.29 40.87 -19.49
CA PRO C 550 11.47 41.28 -20.26
C PRO C 550 11.50 42.76 -20.59
N TRP C 551 10.35 43.43 -20.71
CA TRP C 551 10.36 44.87 -20.95
C TRP C 551 10.85 45.62 -19.70
N ASN C 552 10.38 45.21 -18.53
CA ASN C 552 10.59 46.00 -17.33
C ASN C 552 11.98 45.79 -16.74
N TYR C 553 12.42 44.53 -16.65
CA TYR C 553 13.64 44.19 -15.96
C TYR C 553 14.83 44.09 -16.91
N GLY C 554 16.02 44.26 -16.34
CA GLY C 554 17.25 43.85 -16.99
C GLY C 554 17.93 44.90 -17.85
N SER C 555 17.23 45.96 -18.23
CA SER C 555 17.82 47.06 -19.02
C SER C 555 18.40 46.46 -20.30
N PHE C 556 19.57 46.92 -20.76
CA PHE C 556 20.15 46.42 -22.00
C PHE C 556 20.65 44.99 -21.90
N ASN C 557 20.56 44.35 -20.73
CA ASN C 557 20.95 42.96 -20.60
C ASN C 557 19.83 41.99 -20.99
N LEU C 558 18.57 42.44 -20.97
CA LEU C 558 17.43 41.58 -21.23
C LEU C 558 16.64 42.14 -22.40
N VAL C 559 16.47 41.34 -23.45
CA VAL C 559 15.79 41.75 -24.67
C VAL C 559 14.37 41.20 -24.66
N THR C 560 13.41 42.08 -24.94
CA THR C 560 12.04 41.61 -25.17
C THR C 560 12.05 40.71 -26.41
N PRO C 561 11.74 39.43 -26.28
CA PRO C 561 12.04 38.48 -27.36
C PRO C 561 11.06 38.56 -28.51
N GLN C 562 11.59 38.33 -29.71
CA GLN C 562 10.76 38.27 -30.91
C GLN C 562 9.87 37.04 -30.89
N ASP C 563 10.38 35.91 -30.43
CA ASP C 563 9.62 34.67 -30.38
C ASP C 563 8.45 34.81 -29.41
N LYS C 564 7.23 34.57 -29.92
CA LYS C 564 6.02 34.70 -29.12
C LYS C 564 5.92 33.60 -28.07
N GLY C 565 6.89 32.70 -28.04
CA GLY C 565 6.86 31.60 -27.11
C GLY C 565 7.93 31.60 -26.04
N ALA C 566 8.75 32.66 -25.99
CA ALA C 566 9.86 32.76 -25.04
C ALA C 566 9.37 33.48 -23.79
N LEU C 567 9.33 32.77 -22.66
CA LEU C 567 8.84 33.32 -21.41
C LEU C 567 9.95 33.35 -20.38
N PHE C 568 9.94 34.40 -19.55
CA PHE C 568 11.01 34.69 -18.60
C PHE C 568 10.42 34.71 -17.19
N LEU C 569 10.63 33.63 -16.44
CA LEU C 569 10.24 33.57 -15.04
C LEU C 569 11.34 34.21 -14.22
N ASN C 570 11.10 35.42 -13.69
CA ASN C 570 12.14 36.20 -13.06
C ASN C 570 12.01 36.13 -11.53
N PHE C 571 13.15 36.07 -10.85
CA PHE C 571 13.18 36.06 -9.39
C PHE C 571 14.23 37.01 -8.81
N CYS C 572 14.92 37.80 -9.63
CA CYS C 572 15.84 38.82 -9.14
C CYS C 572 15.47 40.16 -9.77
N LEU C 573 16.10 41.21 -9.26
CA LEU C 573 15.79 42.57 -9.69
C LEU C 573 16.67 43.05 -10.85
N TYR C 574 17.86 42.48 -11.02
CA TYR C 574 18.81 42.93 -12.04
C TYR C 574 19.36 41.72 -12.79
N PRO C 575 18.52 41.10 -13.64
CA PRO C 575 18.87 39.80 -14.24
C PRO C 575 20.20 39.74 -14.98
N GLY C 576 20.74 40.86 -15.43
CA GLY C 576 21.97 40.80 -16.19
C GLY C 576 23.24 40.90 -15.37
N THR C 577 23.15 41.45 -14.17
CA THR C 577 24.32 41.93 -13.45
C THR C 577 24.92 40.86 -12.55
N TYR C 578 26.23 40.99 -12.32
CA TYR C 578 26.95 40.02 -11.49
C TYR C 578 26.49 40.09 -10.04
N GLN C 579 26.35 41.29 -9.50
CA GLN C 579 25.92 41.45 -8.12
C GLN C 579 24.56 40.76 -7.93
N PRO C 580 24.43 39.85 -6.96
CA PRO C 580 23.15 39.17 -6.76
C PRO C 580 22.07 40.15 -6.35
N SER C 581 20.82 39.80 -6.68
CA SER C 581 19.70 40.68 -6.39
C SER C 581 18.38 39.94 -6.28
N GLY C 582 18.43 38.67 -5.85
CA GLY C 582 17.20 37.92 -5.63
C GLY C 582 17.21 36.53 -6.22
N HIS C 583 16.58 35.58 -5.54
CA HIS C 583 16.54 34.20 -6.02
C HIS C 583 15.49 33.43 -5.23
N VAL C 584 15.26 32.19 -5.66
CA VAL C 584 14.39 31.25 -4.94
C VAL C 584 15.26 30.29 -4.17
N ASN C 585 14.98 30.13 -2.87
CA ASN C 585 15.83 29.37 -1.96
C ASN C 585 15.85 27.89 -2.37
N ILE C 586 16.80 27.15 -1.78
CA ILE C 586 17.02 25.77 -2.20
C ILE C 586 15.93 24.85 -1.66
N SER C 587 15.35 25.16 -0.50
CA SER C 587 14.29 24.31 0.02
C SER C 587 13.04 24.37 -0.85
N ARG C 588 12.75 25.55 -1.40
CA ARG C 588 11.70 25.66 -2.42
C ARG C 588 12.18 25.14 -3.77
N ALA C 589 13.47 25.28 -4.08
CA ALA C 589 14.00 24.80 -5.35
C ALA C 589 13.85 23.29 -5.50
N ARG C 590 13.65 22.57 -4.39
CA ARG C 590 13.36 21.14 -4.45
C ARG C 590 11.99 20.89 -5.06
N GLU C 591 10.94 21.20 -4.30
CA GLU C 591 9.56 20.89 -4.71
C GLU C 591 9.01 22.08 -5.49
N PHE C 592 9.43 22.17 -6.74
CA PHE C 592 9.20 23.33 -7.60
C PHE C 592 8.31 22.91 -8.77
N TYR C 593 7.14 23.53 -8.88
CA TYR C 593 6.19 23.21 -9.93
C TYR C 593 6.00 24.38 -10.88
N ILE C 594 6.00 24.09 -12.18
CA ILE C 594 5.57 25.02 -13.20
C ILE C 594 4.27 24.47 -13.78
N GLU C 595 3.17 25.18 -13.57
CA GLU C 595 1.86 24.78 -14.08
C GLU C 595 1.52 25.62 -15.29
N TYR C 596 1.14 24.95 -16.39
CA TYR C 596 0.78 25.65 -17.62
C TYR C 596 -0.65 25.29 -18.02
N THR C 597 -1.23 26.17 -18.82
CA THR C 597 -2.46 25.90 -19.57
C THR C 597 -2.19 26.15 -21.05
N SER C 598 -2.70 25.27 -21.91
CA SER C 598 -2.42 25.35 -23.33
C SER C 598 -3.71 25.21 -24.12
N SER C 599 -3.86 26.04 -25.14
CA SER C 599 -4.92 25.88 -26.14
C SER C 599 -4.46 25.05 -27.33
N PHE C 600 -3.19 24.64 -27.35
CA PHE C 600 -2.62 23.91 -28.47
C PHE C 600 -2.29 22.46 -28.14
N CYS C 601 -1.56 22.24 -27.05
CA CYS C 601 -0.98 20.94 -26.75
C CYS C 601 -2.08 19.91 -26.46
N ASP C 602 -2.07 18.81 -27.21
CA ASP C 602 -2.91 17.66 -26.90
C ASP C 602 -2.25 16.42 -27.52
N SER C 603 -2.96 15.29 -27.48
CA SER C 603 -2.43 14.05 -28.02
C SER C 603 -2.06 14.20 -29.49
N SER C 604 -2.85 14.99 -30.24
CA SER C 604 -2.55 15.20 -31.65
C SER C 604 -1.39 16.16 -31.87
N ASN C 605 -1.01 16.94 -30.86
CA ASN C 605 0.04 17.95 -30.98
C ASN C 605 0.89 17.95 -29.72
N PRO C 606 1.74 16.93 -29.56
CA PRO C 606 2.59 16.87 -28.37
C PRO C 606 3.62 17.99 -28.34
N CYS C 607 3.98 18.40 -27.13
CA CYS C 607 4.89 19.52 -26.92
C CYS C 607 5.86 19.20 -25.80
N ASP C 608 7.02 19.84 -25.84
CA ASP C 608 8.05 19.71 -24.81
C ASP C 608 8.08 20.98 -23.98
N LEU C 609 7.88 20.84 -22.67
CA LEU C 609 7.94 21.98 -21.75
C LEU C 609 9.40 22.17 -21.36
N ILE C 610 10.06 23.13 -22.01
CA ILE C 610 11.48 23.39 -21.80
C ILE C 610 11.64 24.46 -20.73
N SER C 611 12.31 24.10 -19.63
CA SER C 611 12.66 25.05 -18.59
C SER C 611 14.16 25.04 -18.40
N ILE C 612 14.78 26.22 -18.54
CA ILE C 612 16.22 26.39 -18.37
C ILE C 612 16.42 27.44 -17.29
N ALA C 613 17.06 27.05 -16.19
CA ALA C 613 17.28 27.95 -15.08
C ALA C 613 18.74 28.37 -14.99
N LYS C 614 18.96 29.64 -14.64
CA LYS C 614 20.27 30.15 -14.30
C LYS C 614 20.37 30.20 -12.79
N CYS C 615 21.30 29.45 -12.22
CA CYS C 615 21.40 29.25 -10.80
C CYS C 615 22.72 29.79 -10.27
N ILE C 616 22.72 30.20 -9.01
CA ILE C 616 23.92 30.71 -8.34
C ILE C 616 24.63 29.54 -7.67
N ASN C 617 25.93 29.43 -7.93
CA ASN C 617 26.79 28.48 -7.23
C ASN C 617 28.10 29.20 -6.90
N PHE C 618 29.02 28.48 -6.26
CA PHE C 618 30.28 29.06 -5.84
C PHE C 618 31.43 28.12 -6.18
N LEU C 619 32.62 28.70 -6.29
CA LEU C 619 33.86 27.94 -6.52
C LEU C 619 34.88 28.37 -5.48
N LEU C 620 35.43 27.40 -4.77
CA LEU C 620 36.54 27.64 -3.85
C LEU C 620 37.87 27.50 -4.59
N ILE C 621 38.88 28.20 -4.08
CA ILE C 621 40.24 28.08 -4.61
C ILE C 621 41.11 27.37 -3.57
N GLY D 13 -43.42 3.27 29.73
CA GLY D 13 -44.41 4.30 30.04
C GLY D 13 -44.27 5.53 29.18
N LYS D 14 -45.16 6.51 29.43
CA LYS D 14 -45.11 7.76 28.66
C LYS D 14 -43.80 8.50 28.86
N ALA D 15 -43.14 8.29 29.99
CA ALA D 15 -41.91 9.03 30.27
C ALA D 15 -40.75 8.52 29.44
N ASP D 16 -40.66 7.21 29.23
CA ASP D 16 -39.61 6.68 28.35
C ASP D 16 -39.83 7.10 26.90
N ARG D 17 -41.10 7.15 26.47
CA ARG D 17 -41.39 7.55 25.10
C ARG D 17 -40.98 9.00 24.83
N MET D 18 -41.06 9.87 25.84
CA MET D 18 -40.73 11.26 25.65
C MET D 18 -39.25 11.56 25.84
N ILE D 19 -38.54 10.74 26.61
CA ILE D 19 -37.12 10.94 26.82
C ILE D 19 -36.29 10.18 25.78
N MET D 20 -36.69 8.96 25.44
CA MET D 20 -35.90 8.11 24.56
C MET D 20 -36.59 7.76 23.25
N ALA D 21 -37.92 7.72 23.21
CA ALA D 21 -38.70 7.48 21.99
C ALA D 21 -38.15 6.28 21.22
N ASN D 22 -37.97 5.17 21.95
CA ASN D 22 -37.35 4.00 21.34
C ASN D 22 -38.27 3.33 20.33
N ASP D 23 -39.59 3.39 20.55
CA ASP D 23 -40.54 2.90 19.55
C ASP D 23 -40.33 3.60 18.22
N LEU D 24 -40.30 4.93 18.23
CA LEU D 24 -40.01 5.69 17.02
C LEU D 24 -38.68 5.25 16.42
N LEU D 25 -37.63 5.21 17.24
CA LEU D 25 -36.30 4.87 16.75
C LEU D 25 -36.28 3.50 16.07
N ASN D 26 -36.95 2.51 16.66
CA ASN D 26 -37.00 1.20 16.03
C ASN D 26 -37.73 1.26 14.69
N ASP D 27 -38.84 2.01 14.63
CA ASP D 27 -39.60 2.10 13.39
C ASP D 27 -38.81 2.82 12.30
N ARG D 28 -38.05 3.85 12.68
CA ARG D 28 -37.23 4.55 11.69
C ARG D 28 -36.16 3.64 11.12
N ILE D 29 -35.48 2.88 11.99
CA ILE D 29 -34.47 1.93 11.53
C ILE D 29 -35.09 0.90 10.58
N LYS D 30 -36.24 0.35 10.97
CA LYS D 30 -36.91 -0.63 10.12
C LYS D 30 -37.29 -0.03 8.77
N SER D 31 -37.85 1.18 8.78
CA SER D 31 -38.22 1.84 7.54
C SER D 31 -36.99 2.09 6.67
N ILE D 32 -35.98 2.76 7.22
CA ILE D 32 -34.84 3.17 6.42
C ILE D 32 -34.10 1.95 5.85
N MET D 33 -34.11 0.82 6.57
CA MET D 33 -33.55 -0.40 5.99
C MET D 33 -34.38 -0.89 4.81
N CYS D 34 -35.70 -0.74 4.90
CA CYS D 34 -36.57 -1.16 3.79
C CYS D 34 -36.37 -0.25 2.58
N LEU D 35 -36.24 1.06 2.80
CA LEU D 35 -36.01 1.99 1.70
C LEU D 35 -34.73 1.66 0.95
N ARG D 36 -33.62 1.50 1.68
CA ARG D 36 -32.32 1.33 1.03
C ARG D 36 -32.27 0.03 0.24
N ALA D 37 -32.80 -1.06 0.80
CA ALA D 37 -32.90 -2.30 0.05
C ALA D 37 -33.75 -2.12 -1.21
N LYS D 38 -34.85 -1.36 -1.09
CA LYS D 38 -35.69 -1.10 -2.25
C LYS D 38 -34.98 -0.22 -3.27
N GLN D 39 -34.31 0.84 -2.81
CA GLN D 39 -33.54 1.67 -3.73
C GLN D 39 -32.29 0.97 -4.26
N GLY D 40 -32.05 -0.27 -3.87
CA GLY D 40 -30.94 -1.03 -4.42
C GLY D 40 -29.59 -0.75 -3.80
N PHE D 41 -29.55 -0.35 -2.53
CA PHE D 41 -28.27 -0.13 -1.86
C PHE D 41 -27.65 -1.45 -1.43
N SER D 42 -26.33 -1.54 -1.57
CA SER D 42 -25.61 -2.74 -1.17
C SER D 42 -25.85 -3.05 0.30
N ASP D 43 -25.74 -2.03 1.16
CA ASP D 43 -25.87 -2.20 2.60
C ASP D 43 -27.16 -1.55 3.07
N PRO D 44 -28.16 -2.31 3.52
CA PRO D 44 -29.40 -1.69 4.02
C PRO D 44 -29.24 -1.00 5.36
N THR D 45 -28.12 -1.22 6.05
CA THR D 45 -27.88 -0.60 7.34
C THR D 45 -28.08 0.91 7.26
N PRO D 46 -28.77 1.52 8.23
CA PRO D 46 -28.87 2.97 8.24
C PRO D 46 -27.53 3.61 8.54
N THR D 47 -27.35 4.84 8.08
CA THR D 47 -26.21 5.64 8.46
C THR D 47 -26.51 6.36 9.78
N LEU D 48 -25.46 6.66 10.53
CA LEU D 48 -25.69 7.31 11.81
C LEU D 48 -26.11 8.77 11.64
N VAL D 49 -25.86 9.36 10.48
CA VAL D 49 -26.50 10.64 10.16
C VAL D 49 -28.01 10.46 10.08
N ASP D 50 -28.47 9.29 9.63
CA ASP D 50 -29.91 9.04 9.58
C ASP D 50 -30.50 8.95 10.99
N ILE D 51 -29.85 8.21 11.88
CA ILE D 51 -30.33 8.10 13.25
C ILE D 51 -30.32 9.46 13.93
N GLU D 52 -29.26 10.23 13.73
CA GLU D 52 -29.09 11.49 14.44
C GLU D 52 -30.01 12.59 13.94
N ARG D 53 -30.84 12.34 12.92
CA ARG D 53 -31.86 13.32 12.55
C ARG D 53 -32.99 13.41 13.55
N THR D 54 -33.09 12.44 14.48
CA THR D 54 -34.12 12.48 15.52
C THR D 54 -33.51 12.24 16.90
N HIS D 55 -32.43 11.48 16.97
CA HIS D 55 -31.88 11.02 18.23
C HIS D 55 -30.43 11.44 18.39
N ILE D 56 -30.07 11.84 19.59
CA ILE D 56 -28.67 12.07 19.94
C ILE D 56 -28.08 10.74 20.39
N LEU D 57 -26.87 10.45 19.93
CA LEU D 57 -26.14 9.25 20.31
C LEU D 57 -25.13 9.64 21.39
N LEU D 58 -25.35 9.13 22.61
CA LEU D 58 -24.48 9.52 23.72
C LEU D 58 -23.06 8.98 23.57
N ILE D 59 -22.87 7.91 22.82
CA ILE D 59 -21.55 7.35 22.54
C ILE D 59 -21.23 7.67 21.09
N ASN D 60 -20.49 8.74 20.85
CA ASN D 60 -20.24 9.21 19.51
C ASN D 60 -18.85 9.80 19.41
N SER D 61 -18.05 9.30 18.47
CA SER D 61 -16.67 9.73 18.30
C SER D 61 -16.50 10.64 17.09
N HIS D 62 -17.57 11.26 16.61
CA HIS D 62 -17.54 12.04 15.38
C HIS D 62 -17.13 13.47 15.64
N TYR D 63 -16.34 14.02 14.71
CA TYR D 63 -15.81 15.37 14.78
C TYR D 63 -15.71 15.91 13.36
N LYS D 64 -15.55 17.20 13.26
CA LYS D 64 -15.32 17.66 11.90
C LYS D 64 -13.86 18.04 11.70
N PRO D 65 -13.31 17.82 10.51
CA PRO D 65 -11.94 18.29 10.25
C PRO D 65 -11.92 19.81 10.19
N PHE D 66 -10.85 20.40 10.69
CA PHE D 66 -10.76 21.86 10.71
C PHE D 66 -9.86 22.37 9.60
N ALA D 67 -10.21 23.55 9.09
CA ALA D 67 -9.39 24.21 8.09
C ALA D 67 -7.98 24.44 8.62
N ALA D 68 -6.98 23.96 7.88
CA ALA D 68 -5.62 23.88 8.37
C ALA D 68 -5.13 25.22 8.91
N MET D 69 -4.58 25.18 10.13
CA MET D 69 -4.23 26.38 10.88
C MET D 69 -3.02 26.08 11.76
N GLY D 70 -2.21 27.09 11.97
CA GLY D 70 -1.12 27.03 12.94
C GLY D 70 -0.81 28.42 13.45
N TYR D 71 -0.33 28.49 14.69
CA TYR D 71 -0.04 29.79 15.29
C TYR D 71 1.38 29.81 15.85
N GLU D 72 1.83 31.03 16.17
CA GLU D 72 3.18 31.30 16.61
C GLU D 72 3.24 32.70 17.19
N TYR D 73 3.94 32.85 18.31
CA TYR D 73 4.07 34.14 18.98
C TYR D 73 5.27 34.91 18.43
N GLN D 74 5.15 36.24 18.46
CA GLN D 74 6.22 37.15 18.06
C GLN D 74 6.28 38.28 19.08
N LYS D 75 7.48 38.57 19.58
CA LYS D 75 7.66 39.65 20.54
C LYS D 75 8.29 40.84 19.85
N THR D 76 7.74 42.03 20.13
CA THR D 76 8.11 43.25 19.45
C THR D 76 8.44 44.33 20.48
N ARG D 77 9.26 45.29 20.06
CA ARG D 77 9.79 46.32 20.94
C ARG D 77 9.10 47.66 20.70
N PRO D 78 9.22 48.61 21.63
CA PRO D 78 8.60 49.92 21.43
C PRO D 78 9.22 50.68 20.26
N ASN D 79 8.41 51.55 19.66
CA ASN D 79 8.91 52.58 18.75
C ASN D 79 9.43 53.80 19.49
N THR D 80 9.13 53.92 20.79
CA THR D 80 9.32 55.15 21.55
C THR D 80 10.63 55.16 22.33
N GLY D 81 11.65 54.47 21.85
CA GLY D 81 12.96 54.56 22.47
C GLY D 81 13.06 53.71 23.72
N ASN D 82 13.53 54.32 24.81
CA ASN D 82 13.85 53.62 26.05
C ASN D 82 12.71 53.75 27.05
N PRO D 83 12.19 52.64 27.58
CA PRO D 83 11.04 52.72 28.47
C PRO D 83 11.42 53.20 29.86
N THR D 84 10.59 54.09 30.40
CA THR D 84 10.75 54.59 31.76
C THR D 84 9.38 54.60 32.43
N TYR D 85 9.39 54.77 33.75
CA TYR D 85 8.15 55.12 34.46
C TYR D 85 7.62 56.45 33.92
N ASN D 86 6.32 56.65 34.09
CA ASN D 86 5.64 57.89 33.73
C ASN D 86 5.97 58.30 32.30
N SER D 87 5.66 57.42 31.36
CA SER D 87 5.88 57.71 29.96
C SER D 87 4.92 56.91 29.10
N THR D 88 4.77 57.36 27.87
CA THR D 88 3.89 56.72 26.89
C THR D 88 4.74 55.86 25.97
N ILE D 89 4.41 54.58 25.90
CA ILE D 89 5.18 53.59 25.13
C ILE D 89 4.30 53.06 24.01
N GLN D 90 4.84 53.03 22.79
CA GLN D 90 4.08 52.66 21.60
C GLN D 90 4.75 51.49 20.91
N PHE D 91 3.96 50.47 20.60
CA PHE D 91 4.40 49.32 19.81
C PHE D 91 3.67 49.30 18.48
N SER D 92 4.41 48.97 17.42
CA SER D 92 3.77 48.65 16.16
C SER D 92 3.25 47.23 16.22
N ILE D 93 2.09 46.99 15.59
CA ILE D 93 1.58 45.65 15.38
C ILE D 93 2.15 45.15 14.06
N PRO D 94 3.13 44.24 14.07
CA PRO D 94 3.80 43.87 12.82
C PRO D 94 2.86 43.15 11.88
N GLN D 95 3.25 43.14 10.60
CA GLN D 95 2.53 42.36 9.58
C GLN D 95 3.23 41.01 9.46
N PHE D 96 2.61 39.98 10.02
CA PHE D 96 3.23 38.67 10.14
C PHE D 96 2.22 37.58 9.80
N GLY D 97 1.31 37.29 10.73
CA GLY D 97 0.30 36.28 10.49
C GLY D 97 -0.90 36.82 9.73
N ASP D 98 -1.68 35.89 9.18
CA ASP D 98 -2.93 36.28 8.52
C ASP D 98 -3.90 36.88 9.53
N PHE D 99 -3.84 36.44 10.78
CA PHE D 99 -4.61 37.01 11.88
C PHE D 99 -3.69 37.24 13.06
N PHE D 100 -4.05 38.19 13.92
CA PHE D 100 -3.37 38.36 15.20
C PHE D 100 -4.40 38.30 16.31
N SER D 101 -4.01 37.68 17.43
CA SER D 101 -4.96 37.36 18.48
C SER D 101 -4.49 37.88 19.84
N ASP D 102 -4.35 36.97 20.82
CA ASP D 102 -4.06 37.37 22.18
C ASP D 102 -2.69 38.04 22.29
N MET D 103 -2.60 39.00 23.21
CA MET D 103 -1.40 39.80 23.39
C MET D 103 -1.08 39.95 24.87
N VAL D 104 0.22 40.00 25.16
CA VAL D 104 0.72 40.09 26.52
C VAL D 104 2.06 40.81 26.49
N VAL D 105 2.32 41.64 27.50
CA VAL D 105 3.50 42.47 27.54
C VAL D 105 4.40 42.03 28.68
N HIS D 106 5.60 41.56 28.34
CA HIS D 106 6.58 41.24 29.36
C HIS D 106 7.14 42.53 29.95
N VAL D 107 7.01 42.71 31.26
CA VAL D 107 7.53 43.86 31.96
C VAL D 107 8.63 43.40 32.91
N GLN D 108 9.78 44.07 32.86
CA GLN D 108 10.92 43.73 33.70
C GLN D 108 11.39 45.00 34.39
N LEU D 109 11.24 45.03 35.72
CA LEU D 109 11.67 46.15 36.54
C LEU D 109 12.88 45.73 37.35
N ALA D 110 13.92 46.56 37.32
CA ALA D 110 15.19 46.20 37.95
C ALA D 110 15.03 45.97 39.44
N ALA D 111 15.86 45.07 39.98
CA ALA D 111 15.98 44.95 41.43
C ALA D 111 16.30 46.30 42.05
N THR D 112 15.84 46.50 43.27
CA THR D 112 15.87 47.84 43.84
C THR D 112 15.86 47.75 45.35
N SER D 113 16.40 48.79 46.00
CA SER D 113 16.42 48.87 47.45
C SER D 113 16.36 50.34 47.86
N ALA D 114 16.01 50.57 49.11
CA ALA D 114 15.86 51.93 49.61
C ALA D 114 17.22 52.57 49.83
N SER D 115 17.20 53.91 49.90
CA SER D 115 18.40 54.66 50.22
C SER D 115 18.73 54.50 51.71
N ALA D 116 19.99 54.75 52.04
CA ALA D 116 20.42 54.69 53.42
C ALA D 116 19.73 55.79 54.23
N GLY D 117 19.21 55.43 55.39
CA GLY D 117 18.55 56.40 56.24
C GLY D 117 19.13 56.45 57.64
N THR D 118 18.34 56.91 58.61
CA THR D 118 18.79 57.00 59.98
C THR D 118 17.71 56.51 60.92
N VAL D 119 18.14 55.99 62.06
CA VAL D 119 17.21 55.69 63.15
C VAL D 119 16.57 57.00 63.63
N PRO D 120 15.25 57.10 63.70
CA PRO D 120 14.62 58.39 63.98
C PRO D 120 14.64 58.75 65.45
N ALA D 121 14.17 59.97 65.73
CA ALA D 121 14.18 60.47 67.10
C ALA D 121 13.15 59.75 67.96
N LEU D 122 13.49 59.54 69.22
CA LEU D 122 12.62 58.84 70.14
C LEU D 122 11.37 59.66 70.44
N PRO D 123 10.26 59.01 70.80
CA PRO D 123 9.03 59.74 71.11
C PRO D 123 9.20 60.66 72.31
N ALA D 124 8.16 61.46 72.54
CA ALA D 124 8.13 62.37 73.69
C ALA D 124 8.01 61.57 74.99
N PHE D 125 8.17 62.26 76.11
CA PHE D 125 7.95 61.64 77.40
C PHE D 125 6.48 61.25 77.55
N ILE D 126 6.22 60.24 78.37
CA ILE D 126 4.87 59.81 78.69
C ILE D 126 4.50 60.22 80.12
N GLY D 127 5.33 59.84 81.10
CA GLY D 127 5.12 60.28 82.45
C GLY D 127 5.68 61.68 82.69
N ALA D 128 5.26 62.25 83.82
CA ALA D 128 5.73 63.58 84.20
C ALA D 128 7.02 63.55 85.01
N ASP D 129 7.30 62.45 85.70
CA ASP D 129 8.42 62.35 86.62
C ASP D 129 9.55 61.52 86.02
N ASP D 130 10.76 61.77 86.55
CA ASP D 130 11.93 60.94 86.26
C ASP D 130 12.21 60.86 84.76
N GLN D 131 12.13 62.00 84.08
CA GLN D 131 12.24 62.05 82.62
C GLN D 131 13.71 62.07 82.21
N VAL D 132 14.14 61.03 81.50
CA VAL D 132 15.52 60.89 81.05
C VAL D 132 15.51 60.55 79.57
N LEU D 133 16.28 61.31 78.79
CA LEU D 133 16.46 61.05 77.37
C LEU D 133 17.95 60.81 77.11
N THR D 134 18.28 59.60 76.69
CA THR D 134 19.62 59.26 76.23
C THR D 134 19.58 59.02 74.73
N SER D 135 20.73 58.67 74.17
CA SER D 135 20.80 58.34 72.76
C SER D 135 20.21 56.99 72.43
N THR D 136 19.81 56.21 73.44
CA THR D 136 19.32 54.85 73.21
C THR D 136 17.95 54.56 73.82
N SER D 137 17.38 55.46 74.61
CA SER D 137 16.05 55.25 75.16
C SER D 137 15.54 56.54 75.77
N VAL D 138 14.21 56.65 75.84
CA VAL D 138 13.54 57.72 76.55
C VAL D 138 12.77 57.10 77.72
N VAL D 139 12.99 57.62 78.92
CA VAL D 139 12.40 57.08 80.13
C VAL D 139 11.63 58.19 80.83
N SER D 140 10.39 57.89 81.22
CA SER D 140 9.59 58.77 82.06
C SER D 140 8.77 57.89 83.00
N ALA D 141 8.13 58.53 83.98
CA ALA D 141 7.42 57.78 84.99
C ALA D 141 6.23 58.56 85.51
N THR D 142 5.22 57.83 85.97
CA THR D 142 4.10 58.37 86.72
C THR D 142 4.12 57.73 88.09
N GLU D 143 4.31 58.54 89.13
CA GLU D 143 4.33 57.97 90.46
C GLU D 143 2.96 58.03 91.10
N ASN D 144 2.76 57.20 92.13
CA ASN D 144 1.46 57.07 92.78
C ASN D 144 1.72 56.69 94.24
N THR D 145 1.81 57.70 95.09
CA THR D 145 2.09 57.48 96.50
C THR D 145 0.89 56.98 97.28
N THR D 146 -0.31 56.92 96.66
CA THR D 146 -1.48 56.39 97.33
C THR D 146 -1.55 54.86 97.21
N SER D 147 -1.55 54.35 95.99
CA SER D 147 -1.62 52.92 95.77
C SER D 147 -0.26 52.22 95.84
N GLY D 148 0.84 52.98 95.82
CA GLY D 148 2.16 52.39 95.87
C GLY D 148 2.66 51.83 94.55
N VAL D 149 2.02 52.17 93.44
CA VAL D 149 2.40 51.68 92.13
C VAL D 149 3.23 52.76 91.44
N TYR D 150 4.53 52.51 91.30
CA TYR D 150 5.41 53.36 90.52
C TYR D 150 5.47 52.80 89.10
N THR D 151 5.02 53.58 88.13
CA THR D 151 4.87 53.13 86.76
C THR D 151 5.94 53.78 85.89
N LEU D 152 6.69 52.95 85.17
CA LEU D 152 7.85 53.39 84.41
C LEU D 152 7.65 53.07 82.93
N TYR D 153 7.77 54.09 82.08
CA TYR D 153 7.62 53.94 80.64
C TYR D 153 8.98 54.07 79.98
N THR D 154 9.29 53.14 79.09
CA THR D 154 10.57 53.10 78.38
C THR D 154 10.31 52.80 76.92
N GLN D 155 10.75 53.68 76.03
CA GLN D 155 10.65 53.48 74.60
C GLN D 155 12.04 53.54 73.96
N SER D 156 12.28 52.65 73.01
CA SER D 156 13.58 52.54 72.36
C SER D 156 13.41 51.83 71.03
N TYR D 157 14.49 51.80 70.26
CA TYR D 157 14.51 51.13 68.96
C TYR D 157 15.41 49.90 69.02
N VAL D 158 14.93 48.80 68.43
CA VAL D 158 15.66 47.55 68.35
C VAL D 158 15.52 47.00 66.93
N ASN D 159 16.31 45.98 66.64
CA ASN D 159 16.14 45.18 65.43
C ASN D 159 15.36 43.92 65.79
N GLN D 160 15.27 42.98 64.85
CA GLN D 160 14.47 41.78 65.11
C GLN D 160 15.06 40.94 66.23
N GLN D 161 16.37 41.05 66.47
CA GLN D 161 17.00 40.26 67.51
C GLN D 161 16.83 40.87 68.90
N GLY D 162 16.55 42.17 68.98
CA GLY D 162 16.44 42.84 70.25
C GLY D 162 17.60 43.74 70.62
N THR D 163 18.52 43.97 69.68
CA THR D 163 19.66 44.84 69.95
C THR D 163 19.24 46.30 69.82
N THR D 164 19.51 47.07 70.87
CA THR D 164 19.14 48.49 70.89
C THR D 164 19.83 49.25 69.76
N GLN D 165 19.06 50.04 69.02
CA GLN D 165 19.59 50.92 67.99
C GLN D 165 19.72 52.33 68.56
N THR D 166 20.81 53.00 68.21
CA THR D 166 21.08 54.36 68.68
C THR D 166 20.40 55.38 67.78
N VAL D 167 19.82 56.41 68.41
CA VAL D 167 19.18 57.47 67.65
C VAL D 167 20.16 58.06 66.65
N ALA D 168 19.68 58.27 65.42
CA ALA D 168 20.41 58.80 64.27
C ALA D 168 21.44 57.83 63.72
N ALA D 169 21.58 56.63 64.28
CA ALA D 169 22.44 55.64 63.66
C ALA D 169 21.82 55.16 62.35
N ALA D 170 22.59 54.39 61.60
CA ALA D 170 22.18 53.97 60.27
C ALA D 170 21.01 52.99 60.32
N ALA D 171 20.12 53.10 59.34
CA ALA D 171 18.96 52.22 59.19
C ALA D 171 18.35 52.45 57.82
N THR D 172 18.03 51.38 57.10
CA THR D 172 17.50 51.49 55.74
C THR D 172 16.12 50.85 55.67
N ASN D 173 15.16 51.58 55.12
CA ASN D 173 13.82 51.04 54.94
C ASN D 173 13.82 49.89 53.96
N PHE D 174 12.80 49.05 54.05
CA PHE D 174 12.56 48.03 53.05
C PHE D 174 11.75 48.62 51.90
N VAL D 175 11.58 47.83 50.85
CA VAL D 175 10.79 48.26 49.70
C VAL D 175 9.80 47.18 49.33
N ARG D 176 8.67 47.61 48.76
CA ARG D 176 7.58 46.72 48.40
C ARG D 176 6.88 47.30 47.18
N TYR D 177 6.17 46.42 46.48
CA TYR D 177 5.29 46.85 45.39
C TYR D 177 3.86 46.94 45.89
N CYS D 178 3.09 47.83 45.27
CA CYS D 178 1.65 47.84 45.49
C CYS D 178 1.07 46.50 45.08
N GLU D 179 -0.13 46.21 45.60
CA GLU D 179 -0.80 44.99 45.19
C GLU D 179 -1.16 45.08 43.71
N TYR D 180 -1.11 43.93 43.04
CA TYR D 180 -1.37 43.81 41.62
C TYR D 180 -0.62 44.89 40.80
N PRO D 181 0.71 45.00 40.97
CA PRO D 181 1.43 46.11 40.31
C PRO D 181 1.31 46.07 38.80
N GLY D 182 1.20 44.88 38.21
CA GLY D 182 0.98 44.81 36.78
C GLY D 182 -0.35 45.40 36.35
N LEU D 183 -1.32 45.44 37.26
CA LEU D 183 -2.60 46.06 36.94
C LEU D 183 -2.55 47.58 37.15
N ARG D 184 -1.76 48.05 38.11
CA ARG D 184 -1.63 49.49 38.30
C ARG D 184 -0.61 50.11 37.36
N LEU D 185 0.37 49.33 36.88
CA LEU D 185 1.45 49.89 36.08
C LEU D 185 0.95 50.48 34.76
N PHE D 186 -0.08 49.86 34.17
CA PHE D 186 -0.60 50.33 32.89
C PHE D 186 -1.73 51.31 33.17
N LYS D 187 -1.35 52.58 33.32
CA LYS D 187 -2.33 53.65 33.52
C LYS D 187 -3.40 53.62 32.44
N ARG D 188 -3.00 53.28 31.21
CA ARG D 188 -3.89 53.32 30.05
C ARG D 188 -3.33 52.37 28.99
N VAL D 189 -4.22 51.65 28.31
CA VAL D 189 -3.86 50.75 27.23
C VAL D 189 -4.74 51.06 26.03
N LYS D 190 -4.12 51.26 24.86
CA LYS D 190 -4.83 51.75 23.69
C LYS D 190 -4.51 50.89 22.47
N PHE D 191 -5.54 50.64 21.66
CA PHE D 191 -5.42 49.97 20.37
C PHE D 191 -5.78 50.99 19.30
N GLU D 192 -4.77 51.50 18.61
CA GLU D 192 -4.94 52.61 17.68
C GLU D 192 -4.99 52.13 16.23
N VAL D 193 -5.89 52.74 15.46
CA VAL D 193 -5.89 52.63 14.01
C VAL D 193 -6.12 54.01 13.43
N ASN D 194 -5.14 54.52 12.67
CA ASN D 194 -5.26 55.81 11.98
C ASN D 194 -5.47 56.96 12.95
N GLY D 195 -4.74 56.95 14.06
CA GLY D 195 -4.80 58.01 15.04
C GLY D 195 -5.93 57.91 16.04
N ASN D 196 -6.96 57.06 15.78
CA ASN D 196 -8.11 56.94 16.66
C ASN D 196 -8.03 55.66 17.48
N PRO D 197 -8.38 55.72 18.76
CA PRO D 197 -8.49 54.50 19.57
C PRO D 197 -9.68 53.67 19.13
N LEU D 198 -9.41 52.46 18.67
CA LEU D 198 -10.49 51.52 18.38
C LEU D 198 -11.05 50.91 19.65
N ASP D 199 -10.21 50.78 20.68
CA ASP D 199 -10.63 50.33 21.99
C ASP D 199 -9.53 50.73 22.97
N GLU D 200 -9.92 51.09 24.18
CA GLU D 200 -8.94 51.52 25.18
C GLU D 200 -9.55 51.35 26.57
N TYR D 201 -8.69 51.01 27.52
CA TYR D 201 -9.13 50.81 28.90
C TYR D 201 -8.02 51.27 29.83
N THR D 202 -8.40 51.53 31.08
CA THR D 202 -7.48 52.00 32.09
C THR D 202 -7.21 50.90 33.11
N ALA D 203 -6.50 51.26 34.18
CA ALA D 203 -6.29 50.32 35.28
C ALA D 203 -7.59 49.96 35.98
N LEU D 204 -8.55 50.89 36.02
CA LEU D 204 -9.85 50.59 36.61
C LEU D 204 -10.54 49.44 35.89
N ALA D 205 -10.39 49.38 34.56
CA ALA D 205 -10.92 48.24 33.83
C ALA D 205 -10.17 46.96 34.18
N ALA D 206 -8.86 47.07 34.40
CA ALA D 206 -8.05 45.90 34.72
C ALA D 206 -8.40 45.35 36.10
N ILE D 207 -8.65 46.22 37.07
CA ILE D 207 -8.99 45.70 38.40
C ILE D 207 -10.40 45.13 38.43
N MET D 208 -11.33 45.70 37.66
CA MET D 208 -12.64 45.07 37.51
C MET D 208 -12.49 43.66 36.95
N TYR D 209 -11.56 43.47 36.01
CA TYR D 209 -11.28 42.13 35.52
C TYR D 209 -10.79 41.23 36.65
N ASN D 210 -9.91 41.75 37.50
CA ASN D 210 -9.33 40.97 38.59
C ASN D 210 -10.40 40.49 39.56
N LYS D 211 -11.48 41.26 39.74
CA LYS D 211 -12.51 40.89 40.71
C LYS D 211 -13.55 39.95 40.11
N PHE D 212 -13.84 40.08 38.82
CA PHE D 212 -15.01 39.45 38.22
C PHE D 212 -14.72 38.28 37.29
N HIS D 213 -13.52 38.19 36.71
CA HIS D 213 -13.28 37.23 35.63
C HIS D 213 -12.03 36.39 35.83
N VAL D 214 -11.54 36.26 37.06
CA VAL D 214 -10.42 35.37 37.31
C VAL D 214 -10.87 34.26 38.25
N PRO D 215 -11.44 33.17 37.72
CA PRO D 215 -11.84 32.06 38.59
C PRO D 215 -10.63 31.36 39.17
N ASP D 216 -10.89 30.52 40.18
CA ASP D 216 -9.80 29.94 40.97
C ASP D 216 -8.88 29.06 40.14
N PHE D 217 -9.41 28.36 39.13
CA PHE D 217 -8.51 27.54 38.33
C PHE D 217 -7.60 28.33 37.42
N LYS D 218 -7.70 29.67 37.42
CA LYS D 218 -6.78 30.53 36.70
C LYS D 218 -6.03 31.50 37.60
N LEU D 219 -6.19 31.41 38.92
CA LEU D 219 -5.81 32.51 39.80
C LEU D 219 -4.31 32.55 40.08
N THR D 220 -3.66 31.39 40.20
CA THR D 220 -2.23 31.41 40.49
C THR D 220 -1.43 31.93 39.30
N GLY D 221 -1.77 31.49 38.09
CA GLY D 221 -1.13 32.04 36.92
C GLY D 221 -1.37 33.53 36.79
N TRP D 222 -2.62 33.95 36.97
CA TRP D 222 -2.98 35.36 36.84
C TRP D 222 -2.15 36.24 37.78
N LYS D 223 -2.09 35.87 39.06
CA LYS D 223 -1.29 36.65 40.01
C LYS D 223 0.16 36.73 39.59
N ARG D 224 0.73 35.62 39.12
CA ARG D 224 2.13 35.63 38.70
C ARG D 224 2.33 36.46 37.44
N LEU D 225 1.32 36.52 36.57
CA LEU D 225 1.41 37.37 35.38
C LEU D 225 1.53 38.84 35.75
N ILE D 226 0.87 39.26 36.83
CA ILE D 226 0.69 40.67 37.15
C ILE D 226 1.49 41.07 38.38
N GLY D 227 2.35 40.19 38.89
CA GLY D 227 3.26 40.55 39.96
C GLY D 227 2.71 40.48 41.36
N GLN D 228 1.59 39.79 41.57
CA GLN D 228 1.03 39.61 42.91
C GLN D 228 1.57 38.32 43.51
N GLU D 229 1.99 38.40 44.78
CA GLU D 229 2.62 37.26 45.42
C GLU D 229 1.59 36.17 45.75
N VAL D 230 2.07 34.93 45.76
CA VAL D 230 1.24 33.74 45.95
C VAL D 230 1.50 33.17 47.34
N PRO D 231 0.47 32.78 48.08
CA PRO D 231 0.72 32.18 49.40
C PRO D 231 1.31 30.79 49.27
N VAL D 232 2.20 30.45 50.21
CA VAL D 232 2.83 29.14 50.28
C VAL D 232 2.36 28.45 51.55
N GLU D 233 1.97 27.20 51.41
CA GLU D 233 1.50 26.40 52.54
C GLU D 233 2.68 25.87 53.33
N ALA D 234 2.66 26.08 54.65
CA ALA D 234 3.73 25.66 55.53
C ALA D 234 3.17 24.78 56.64
N ALA D 235 3.74 23.59 56.79
CA ALA D 235 3.36 22.68 57.86
C ALA D 235 4.22 22.91 59.09
N SER D 236 3.62 22.65 60.26
CA SER D 236 4.29 22.78 61.53
C SER D 236 4.54 21.40 62.14
N ASN D 237 5.16 21.40 63.32
CA ASN D 237 5.30 20.19 64.09
C ASN D 237 3.92 19.67 64.51
N LEU D 238 3.90 18.44 65.03
CA LEU D 238 2.68 17.89 65.60
C LEU D 238 2.22 18.76 66.76
N VAL D 239 0.99 19.25 66.69
CA VAL D 239 0.44 20.08 67.75
C VAL D 239 -0.43 19.23 68.66
N ASN D 240 -1.11 18.25 68.09
CA ASN D 240 -1.82 17.22 68.85
C ASN D 240 -1.17 15.87 68.59
N ILE D 241 -0.85 15.15 69.66
CA ILE D 241 -0.32 13.79 69.56
C ILE D 241 -1.26 12.89 70.36
N ALA D 242 -1.85 11.91 69.68
CA ALA D 242 -2.91 11.11 70.27
C ALA D 242 -2.42 10.39 71.52
N SER D 243 -3.19 10.51 72.60
CA SER D 243 -3.02 9.90 73.93
C SER D 243 -2.04 10.67 74.81
N THR D 244 -1.47 11.78 74.36
CA THR D 244 -0.65 12.60 75.25
C THR D 244 -1.05 14.07 75.15
N THR D 245 -0.29 14.95 75.80
CA THR D 245 -0.66 16.35 75.90
C THR D 245 0.60 17.19 76.02
N PRO D 246 0.55 18.45 75.58
CA PRO D 246 1.66 19.38 75.88
C PRO D 246 1.58 20.00 77.26
N TRP D 247 0.43 19.92 77.93
CA TRP D 247 0.28 20.48 79.26
C TRP D 247 0.97 19.62 80.31
N GLY D 248 1.53 20.28 81.32
CA GLY D 248 2.10 19.57 82.44
C GLY D 248 1.05 18.82 83.23
N SER D 249 1.47 17.72 83.84
CA SER D 249 0.52 16.84 84.53
C SER D 249 -0.29 17.48 85.65
N PRO D 250 0.20 18.46 86.42
CA PRO D 250 -0.63 19.01 87.51
C PRO D 250 -1.98 19.57 87.07
N ILE D 251 -2.21 19.80 85.78
CA ILE D 251 -3.44 20.39 85.29
C ILE D 251 -4.21 19.48 84.34
N VAL D 252 -3.71 18.28 84.07
CA VAL D 252 -4.31 17.39 83.08
C VAL D 252 -5.28 16.44 83.76
N ALA D 253 -6.48 16.32 83.20
CA ALA D 253 -7.47 15.33 83.63
C ALA D 253 -7.81 15.46 85.11
N LEU D 254 -7.92 16.70 85.58
CA LEU D 254 -8.32 16.94 86.96
C LEU D 254 -9.79 16.54 87.16
N SER D 255 -10.08 16.00 88.33
CA SER D 255 -11.45 15.69 88.74
C SER D 255 -11.74 16.43 90.04
N ASP D 256 -12.98 16.89 90.20
CA ASP D 256 -13.34 17.69 91.37
C ASP D 256 -13.58 16.78 92.57
N VAL D 257 -14.06 17.37 93.67
CA VAL D 257 -14.36 16.59 94.86
C VAL D 257 -15.63 15.78 94.71
N ASN D 258 -16.52 16.17 93.81
CA ASN D 258 -17.76 15.46 93.57
C ASN D 258 -17.65 14.45 92.44
N GLY D 259 -16.47 14.29 91.84
CA GLY D 259 -16.21 13.28 90.83
C GLY D 259 -16.26 13.76 89.40
N THR D 260 -16.68 14.99 89.15
CA THR D 260 -16.87 15.50 87.80
C THR D 260 -15.58 16.05 87.23
N ALA D 261 -15.39 15.84 85.92
CA ALA D 261 -14.24 16.41 85.24
C ALA D 261 -14.25 17.93 85.35
N VAL D 262 -13.09 18.50 85.61
CA VAL D 262 -12.97 19.92 85.90
C VAL D 262 -13.01 20.71 84.60
N THR D 263 -13.91 21.69 84.54
CA THR D 263 -13.92 22.64 83.43
C THR D 263 -12.64 23.45 83.44
N GLY D 264 -11.95 23.49 82.29
CA GLY D 264 -10.66 24.14 82.19
C GLY D 264 -9.48 23.21 82.37
N SER D 265 -9.72 21.92 82.60
CA SER D 265 -8.65 20.94 82.75
C SER D 265 -8.45 20.22 81.44
N PRO D 266 -7.30 20.37 80.78
CA PRO D 266 -7.09 19.68 79.50
C PRO D 266 -6.99 18.18 79.68
N VAL D 267 -7.45 17.45 78.67
CA VAL D 267 -7.32 16.01 78.61
C VAL D 267 -6.39 15.66 77.46
N ASN D 268 -6.04 14.37 77.36
CA ASN D 268 -5.20 13.91 76.28
C ASN D 268 -5.90 14.12 74.94
N ALA D 269 -5.12 14.46 73.91
CA ALA D 269 -5.67 14.59 72.57
C ALA D 269 -6.20 13.25 72.09
N ALA D 270 -7.18 13.31 71.19
CA ALA D 270 -7.72 12.11 70.58
C ALA D 270 -7.22 11.89 69.16
N ILE D 271 -6.74 12.94 68.50
CA ILE D 271 -6.21 12.86 67.15
C ILE D 271 -4.76 13.34 67.16
N THR D 272 -4.04 12.99 66.11
CA THR D 272 -2.67 13.43 65.89
C THR D 272 -2.64 14.34 64.68
N ALA D 273 -2.39 15.63 64.90
CA ALA D 273 -2.53 16.63 63.85
C ALA D 273 -1.40 17.64 63.92
N ARG D 274 -1.26 18.39 62.83
CA ARG D 274 -0.31 19.50 62.73
C ARG D 274 -1.02 20.68 62.08
N LYS D 275 -0.46 21.87 62.29
CA LYS D 275 -1.06 23.08 61.75
C LYS D 275 -0.46 23.43 60.39
N LEU D 276 -1.29 24.05 59.56
CA LEU D 276 -0.86 24.66 58.31
C LEU D 276 -1.06 26.16 58.40
N THR D 277 -0.01 26.92 58.12
CA THR D 277 -0.13 28.36 57.97
C THR D 277 0.34 28.77 56.59
N GLN D 278 -0.20 29.86 56.09
CA GLN D 278 0.25 30.45 54.85
C GLN D 278 1.30 31.50 55.16
N VAL D 279 2.29 31.61 54.27
CA VAL D 279 3.26 32.70 54.34
C VAL D 279 3.37 33.31 52.95
N VAL D 280 3.72 34.59 52.91
CA VAL D 280 4.00 35.27 51.66
C VAL D 280 5.40 35.88 51.75
N PHE D 281 6.04 36.02 50.60
CA PHE D 281 7.37 36.61 50.52
C PHE D 281 7.70 36.99 49.09
N GLY D 282 6.74 37.62 48.41
CA GLY D 282 6.95 38.11 47.06
C GLY D 282 7.05 39.61 46.99
N ALA D 283 6.50 40.20 45.92
CA ALA D 283 6.72 41.62 45.66
C ALA D 283 6.00 42.52 46.66
N GLN D 284 4.90 42.04 47.25
CA GLN D 284 4.13 42.83 48.19
C GLN D 284 4.66 42.73 49.63
N THR D 285 5.59 41.83 49.88
CA THR D 285 6.24 41.72 51.18
C THR D 285 7.47 42.61 51.22
N PRO D 286 7.60 43.48 52.21
CA PRO D 286 8.78 44.36 52.28
C PRO D 286 10.06 43.54 52.44
N LYS D 287 11.09 43.95 51.71
CA LYS D 287 12.38 43.29 51.73
C LYS D 287 13.49 44.33 51.62
N ALA D 288 14.69 43.94 52.06
CA ALA D 288 15.84 44.83 51.94
C ALA D 288 16.07 45.23 50.49
N THR D 289 16.01 44.26 49.57
CA THR D 289 15.97 44.54 48.14
C THR D 289 14.91 43.65 47.49
N GLN D 290 14.03 44.27 46.72
CA GLN D 290 13.10 43.51 45.89
C GLN D 290 13.83 42.96 44.68
N GLU D 291 13.64 41.68 44.40
CA GLU D 291 14.30 41.08 43.25
C GLU D 291 13.76 41.68 41.95
N GLN D 292 14.49 41.44 40.86
CA GLN D 292 14.00 41.81 39.55
C GLN D 292 12.61 41.23 39.34
N LEU D 293 11.64 42.10 39.09
CA LEU D 293 10.24 41.72 38.97
C LEU D 293 9.89 41.57 37.50
N ASN D 294 9.57 40.35 37.08
CA ASN D 294 9.17 40.05 35.72
C ASN D 294 7.68 39.75 35.68
N MET D 295 6.95 40.49 34.85
CA MET D 295 5.52 40.31 34.70
C MET D 295 5.19 40.10 33.23
N PHE D 296 4.11 39.34 32.99
CA PHE D 296 3.54 39.14 31.66
C PHE D 296 2.09 39.61 31.74
N VAL D 297 1.89 40.91 31.52
CA VAL D 297 0.57 41.52 31.67
C VAL D 297 -0.25 41.31 30.41
N PRO D 298 -1.36 40.57 30.49
CA PRO D 298 -2.20 40.39 29.30
C PRO D 298 -2.95 41.66 28.93
N LEU D 299 -3.21 41.81 27.63
CA LEU D 299 -3.99 42.93 27.12
C LEU D 299 -5.43 42.48 26.93
N LEU D 300 -6.35 43.11 27.66
CA LEU D 300 -7.72 42.61 27.81
C LEU D 300 -8.64 43.13 26.72
N PHE D 301 -8.25 42.96 25.46
CA PHE D 301 -9.09 43.33 24.34
C PHE D 301 -9.98 42.15 23.93
N TRP D 302 -10.98 42.45 23.11
CA TRP D 302 -11.96 41.43 22.72
C TRP D 302 -11.32 40.32 21.90
N PHE D 303 -10.24 40.61 21.17
CA PHE D 303 -9.70 39.66 20.22
C PHE D 303 -8.72 38.67 20.85
N ARG D 304 -8.66 38.59 22.18
CA ARG D 304 -7.98 37.47 22.82
C ARG D 304 -8.70 36.15 22.52
N ASP D 305 -9.99 36.20 22.24
CA ASP D 305 -10.75 35.03 21.82
C ASP D 305 -10.25 34.54 20.47
N PRO D 306 -9.76 33.30 20.35
CA PRO D 306 -9.16 32.87 19.07
C PRO D 306 -10.12 32.96 17.89
N ARG D 307 -11.39 32.62 18.08
CA ARG D 307 -12.34 32.74 16.97
C ARG D 307 -12.59 34.17 16.56
N LEU D 308 -12.16 35.15 17.37
CA LEU D 308 -12.32 36.56 17.05
C LEU D 308 -11.00 37.21 16.66
N ALA D 309 -10.02 36.42 16.22
CA ALA D 309 -8.76 36.98 15.76
C ALA D 309 -9.02 37.96 14.61
N ILE D 310 -8.13 38.94 14.49
CA ILE D 310 -8.31 40.06 13.58
C ILE D 310 -7.51 39.83 12.31
N ALA D 311 -8.18 39.91 11.16
CA ALA D 311 -7.51 39.75 9.87
C ALA D 311 -6.56 40.92 9.64
N SER D 312 -5.29 40.60 9.38
CA SER D 312 -4.26 41.63 9.34
C SER D 312 -4.47 42.60 8.19
N VAL D 313 -4.87 42.10 7.01
CA VAL D 313 -4.99 42.95 5.84
C VAL D 313 -6.04 44.05 6.01
N SER D 314 -6.98 43.86 6.95
CA SER D 314 -8.08 44.81 7.12
C SER D 314 -7.67 46.05 7.91
N ILE D 315 -6.63 45.97 8.72
CA ILE D 315 -6.18 47.08 9.56
C ILE D 315 -4.89 47.61 8.96
N PRO D 316 -4.86 48.84 8.45
CA PRO D 316 -3.71 49.30 7.65
C PRO D 316 -2.42 49.30 8.44
N TYR D 317 -1.45 48.51 7.96
CA TYR D 317 -0.18 48.37 8.64
C TYR D 317 0.62 49.67 8.56
N GLY D 318 1.26 50.02 9.67
CA GLY D 318 1.90 51.31 9.82
C GLY D 318 1.03 52.35 10.48
N GLN D 319 -0.27 52.09 10.61
CA GLN D 319 -1.21 52.98 11.26
C GLN D 319 -1.94 52.22 12.37
N ARG D 320 -1.32 51.16 12.86
CA ARG D 320 -1.90 50.33 13.91
C ARG D 320 -0.88 50.17 15.04
N PHE D 321 -1.26 50.61 16.24
CA PHE D 321 -0.33 50.61 17.34
C PHE D 321 -1.00 50.14 18.61
N ILE D 322 -0.18 49.69 19.55
CA ILE D 322 -0.58 49.50 20.94
C ILE D 322 0.19 50.53 21.75
N THR D 323 -0.55 51.39 22.43
CA THR D 323 0.03 52.47 23.22
C THR D 323 -0.30 52.23 24.68
N VAL D 324 0.73 52.28 25.53
CA VAL D 324 0.58 52.07 26.96
C VAL D 324 1.14 53.27 27.68
N ASP D 325 0.38 53.82 28.63
CA ASP D 325 0.84 54.88 29.51
C ASP D 325 1.31 54.25 30.81
N ILE D 326 2.56 54.47 31.17
CA ILE D 326 3.14 53.87 32.36
C ILE D 326 2.90 54.77 33.55
N GLU D 327 2.39 54.21 34.64
CA GLU D 327 2.22 54.93 35.88
C GLU D 327 3.58 55.41 36.39
N GLN D 328 3.56 56.43 37.24
CA GLN D 328 4.81 56.90 37.83
C GLN D 328 5.24 56.00 38.98
N GLN D 329 6.55 55.95 39.20
CA GLN D 329 7.14 54.95 40.10
C GLN D 329 6.58 55.05 41.50
N SER D 330 6.27 56.26 41.97
CA SER D 330 5.81 56.46 43.34
C SER D 330 4.46 55.82 43.62
N ASN D 331 3.70 55.44 42.59
CA ASN D 331 2.44 54.72 42.77
C ASN D 331 2.61 53.21 42.60
N ILE D 332 3.84 52.74 42.41
CA ILE D 332 4.12 51.33 42.16
C ILE D 332 5.03 50.74 43.23
N LEU D 333 6.09 51.45 43.60
CA LEU D 333 7.11 50.95 44.51
C LEU D 333 7.14 51.81 45.76
N PHE D 334 7.03 51.18 46.92
CA PHE D 334 6.87 51.90 48.18
C PHE D 334 7.92 51.48 49.19
N THR D 335 8.19 52.38 50.12
CA THR D 335 9.00 52.04 51.29
C THR D 335 8.10 51.48 52.38
N ALA D 336 8.67 50.61 53.20
CA ALA D 336 7.99 50.05 54.36
C ALA D 336 9.04 49.84 55.44
N PRO D 337 8.63 49.70 56.70
CA PRO D 337 9.61 49.46 57.76
C PRO D 337 10.43 48.22 57.48
N GLY D 338 11.71 48.28 57.87
CA GLY D 338 12.60 47.15 57.75
C GLY D 338 12.92 46.52 59.09
N ASN D 339 14.21 46.34 59.36
CA ASN D 339 14.67 45.70 60.61
C ASN D 339 14.85 46.76 61.70
N LEU D 340 13.76 47.44 62.02
CA LEU D 340 13.78 48.51 63.02
C LEU D 340 12.42 48.58 63.69
N PHE D 341 12.39 48.49 65.02
CA PHE D 341 11.14 48.45 65.76
C PHE D 341 11.22 49.36 66.97
N LEU D 342 10.14 50.13 67.19
CA LEU D 342 9.99 50.89 68.42
C LEU D 342 9.47 49.95 69.51
N GLN D 343 10.27 49.76 70.55
CA GLN D 343 9.85 48.97 71.71
C GLN D 343 9.19 49.91 72.71
N THR D 344 7.94 49.62 73.05
CA THR D 344 7.20 50.39 74.05
C THR D 344 7.00 49.49 75.27
N THR D 345 7.61 49.88 76.39
CA THR D 345 7.61 49.09 77.61
C THR D 345 7.01 49.88 78.75
N VAL D 346 6.08 49.26 79.47
CA VAL D 346 5.52 49.81 80.69
C VAL D 346 5.80 48.83 81.82
N GLU D 347 6.41 49.31 82.89
CA GLU D 347 6.71 48.50 84.06
C GLU D 347 6.03 49.10 85.29
N THR D 348 5.37 48.26 86.07
CA THR D 348 4.72 48.69 87.31
C THR D 348 5.40 47.99 88.47
N LEU D 349 5.84 48.78 89.45
CA LEU D 349 6.51 48.29 90.65
C LEU D 349 5.64 48.66 91.85
N LEU D 350 5.06 47.64 92.49
CA LEU D 350 4.19 47.84 93.65
C LEU D 350 5.04 47.62 94.91
N THR D 351 5.51 48.72 95.49
CA THR D 351 6.21 48.68 96.77
C THR D 351 5.27 49.13 97.88
N THR D 352 5.52 48.60 99.09
CA THR D 352 4.70 48.93 100.25
C THR D 352 5.41 49.78 101.28
N GLY D 353 6.73 49.75 101.32
CA GLY D 353 7.48 50.50 102.31
C GLY D 353 7.49 51.99 102.03
N ALA D 354 8.33 52.69 102.79
CA ALA D 354 8.42 54.14 102.69
C ALA D 354 8.71 54.58 101.26
N GLY D 355 8.14 55.72 100.88
CA GLY D 355 8.28 56.21 99.52
C GLY D 355 7.57 55.39 98.48
N LYS D 356 6.58 54.60 98.88
CA LYS D 356 5.92 53.69 97.97
C LYS D 356 5.32 54.44 96.78
N GLY D 357 5.33 53.78 95.63
CA GLY D 357 4.85 54.40 94.42
C GLY D 357 5.79 55.39 93.80
N THR D 358 7.03 55.51 94.29
CA THR D 358 8.04 56.37 93.72
C THR D 358 9.28 55.54 93.42
N ALA D 359 10.28 56.19 92.82
CA ALA D 359 11.54 55.51 92.51
C ALA D 359 12.25 55.00 93.76
N THR D 360 11.93 55.57 94.94
CA THR D 360 12.61 55.23 96.18
C THR D 360 11.81 54.26 97.05
N GLY D 361 10.72 53.69 96.54
CA GLY D 361 9.94 52.77 97.33
C GLY D 361 10.70 51.46 97.58
N VAL D 362 10.51 50.91 98.78
CA VAL D 362 11.20 49.69 99.18
C VAL D 362 10.16 48.59 99.43
N LEU D 363 10.67 47.35 99.47
CA LEU D 363 9.87 46.13 99.59
C LEU D 363 8.95 45.98 98.38
N LEU D 364 9.50 45.42 97.30
CA LEU D 364 8.76 45.22 96.06
C LEU D 364 8.00 43.90 96.13
N THR D 365 6.68 43.97 96.02
CA THR D 365 5.84 42.79 96.11
C THR D 365 5.39 42.26 94.75
N GLN D 366 5.16 43.14 93.78
CA GLN D 366 4.61 42.74 92.48
C GLN D 366 5.27 43.53 91.37
N TYR D 367 5.81 42.81 90.39
CA TYR D 367 6.40 43.42 89.21
C TYR D 367 5.64 42.95 87.97
N ASN D 368 5.26 43.89 87.12
CA ASN D 368 4.64 43.57 85.85
C ASN D 368 5.36 44.30 84.72
N ARG D 369 5.41 43.65 83.56
CA ARG D 369 5.99 44.23 82.36
C ARG D 369 5.00 44.08 81.22
N TYR D 370 4.90 45.13 80.39
CA TYR D 370 4.08 45.12 79.19
C TYR D 370 4.93 45.68 78.06
N THR D 371 5.16 44.88 77.03
CA THR D 371 6.05 45.29 75.95
C THR D 371 5.39 44.99 74.61
N THR D 372 5.39 45.99 73.74
CA THR D 372 4.94 45.86 72.36
C THR D 372 6.04 46.28 71.41
N TYR D 373 5.92 45.86 70.17
CA TYR D 373 6.86 46.24 69.11
C TYR D 373 6.06 46.79 67.93
N THR D 374 6.58 47.86 67.33
CA THR D 374 5.93 48.48 66.17
C THR D 374 6.99 48.73 65.11
N PRO D 375 6.86 48.14 63.92
CA PRO D 375 7.80 48.44 62.83
C PRO D 375 7.82 49.93 62.53
N THR D 376 9.02 50.45 62.25
CA THR D 376 9.24 51.89 62.19
C THR D 376 10.06 52.26 60.96
N LEU D 377 9.63 53.32 60.28
CA LEU D 377 10.35 53.81 59.11
C LEU D 377 11.63 54.52 59.52
N ALA D 378 12.74 54.13 58.89
CA ALA D 378 13.96 54.89 59.03
C ALA D 378 13.78 56.28 58.43
N SER D 379 14.47 57.26 58.99
CA SER D 379 14.40 58.62 58.47
C SER D 379 15.22 58.73 57.19
N GLY D 380 14.70 59.46 56.22
CA GLY D 380 15.44 59.75 55.00
C GLY D 380 15.73 58.56 54.11
N SER D 381 15.18 57.40 54.40
CA SER D 381 15.34 56.21 53.56
C SER D 381 14.15 56.15 52.59
N SER D 382 14.39 56.45 51.33
CA SER D 382 13.34 56.57 50.33
C SER D 382 13.57 55.58 49.20
N ILE D 383 12.53 55.43 48.35
CA ILE D 383 12.68 54.55 47.19
C ILE D 383 13.73 55.12 46.26
N ASP D 384 14.29 54.24 45.43
CA ASP D 384 15.36 54.60 44.50
C ASP D 384 14.72 55.02 43.19
N GLY D 385 14.64 56.34 42.97
CA GLY D 385 14.04 56.89 41.78
C GLY D 385 14.82 56.68 40.50
N THR D 386 15.97 56.03 40.57
CA THR D 386 16.75 55.69 39.38
C THR D 386 16.46 54.30 38.86
N GLN D 387 15.54 53.58 39.51
CA GLN D 387 15.21 52.22 39.08
C GLN D 387 14.78 52.19 37.63
N ALA D 388 15.38 51.29 36.85
CA ALA D 388 15.19 51.23 35.41
C ALA D 388 14.13 50.20 35.04
N VAL D 389 13.32 50.54 34.04
CA VAL D 389 12.50 49.56 33.35
C VAL D 389 13.43 48.85 32.37
N GLN D 390 13.94 47.68 32.76
CA GLN D 390 15.02 47.06 32.01
C GLN D 390 14.56 46.48 30.67
N ASN D 391 13.28 46.17 30.53
CA ASN D 391 12.81 45.56 29.29
C ASN D 391 11.29 45.62 29.25
N ILE D 392 10.76 45.77 28.04
CA ILE D 392 9.32 45.70 27.82
C ILE D 392 9.08 45.27 26.38
N GLU D 393 8.34 44.18 26.19
CA GLU D 393 8.13 43.60 24.87
C GLU D 393 6.69 43.14 24.73
N LEU D 394 6.11 43.41 23.56
CA LEU D 394 4.74 43.05 23.26
C LEU D 394 4.73 41.71 22.52
N TYR D 395 4.07 40.72 23.11
CA TYR D 395 3.92 39.40 22.50
C TYR D 395 2.56 39.33 21.79
N ILE D 396 2.57 38.83 20.56
CA ILE D 396 1.36 38.74 19.75
C ILE D 396 1.25 37.34 19.18
N ASN D 397 0.11 36.69 19.36
CA ASN D 397 -0.14 35.39 18.76
C ASN D 397 -0.62 35.60 17.33
N ASN D 398 0.25 35.31 16.37
CA ASN D 398 -0.08 35.38 14.96
C ASN D 398 -0.58 34.03 14.50
N ILE D 399 -1.68 34.04 13.73
CA ILE D 399 -2.34 32.82 13.27
C ILE D 399 -2.22 32.75 11.75
N PHE D 400 -1.82 31.58 11.25
CA PHE D 400 -1.60 31.35 9.83
C PHE D 400 -2.60 30.33 9.32
N VAL D 401 -3.24 30.65 8.19
CA VAL D 401 -4.18 29.75 7.54
C VAL D 401 -3.75 29.57 6.09
N THR D 402 -4.36 28.59 5.43
CA THR D 402 -4.04 28.34 4.02
C THR D 402 -4.54 29.51 3.18
N PRO D 403 -3.83 29.88 2.12
CA PRO D 403 -4.22 31.05 1.32
C PRO D 403 -5.61 30.95 0.71
N GLU D 404 -6.05 29.75 0.31
CA GLU D 404 -7.34 29.63 -0.36
C GLU D 404 -8.49 29.96 0.58
N ILE D 405 -8.35 29.70 1.88
CA ILE D 405 -9.39 30.05 2.83
C ILE D 405 -9.22 31.46 3.36
N HIS D 406 -8.00 32.00 3.34
CA HIS D 406 -7.81 33.37 3.81
C HIS D 406 -8.60 34.37 2.97
N ASP D 407 -8.67 34.15 1.65
CA ASP D 407 -9.41 35.08 0.80
C ASP D 407 -10.88 34.70 0.63
N ILE D 408 -11.25 33.45 0.90
CA ILE D 408 -12.67 33.14 1.02
C ILE D 408 -13.24 33.80 2.27
N TYR D 409 -12.53 33.67 3.40
CA TYR D 409 -13.03 34.23 4.65
C TYR D 409 -13.10 35.75 4.59
N ILE D 410 -12.08 36.40 4.02
CA ILE D 410 -12.08 37.85 3.92
C ILE D 410 -13.25 38.34 3.07
N LYS D 411 -13.42 37.73 1.90
CA LYS D 411 -14.47 38.17 0.98
C LYS D 411 -15.88 37.81 1.45
N ARG D 412 -16.02 37.04 2.52
CA ARG D 412 -17.32 36.50 2.90
C ARG D 412 -17.78 36.84 4.30
N ILE D 413 -16.86 37.06 5.25
CA ILE D 413 -17.29 37.27 6.63
C ILE D 413 -18.00 38.61 6.79
N GLY D 414 -17.60 39.62 6.03
CA GLY D 414 -18.26 40.91 6.08
C GLY D 414 -17.88 41.78 7.26
N PHE D 415 -18.28 41.38 8.46
CA PHE D 415 -18.05 42.18 9.65
C PHE D 415 -17.82 41.26 10.84
N THR D 416 -17.30 41.85 11.92
CA THR D 416 -17.13 41.14 13.18
C THR D 416 -17.73 41.97 14.31
N LEU D 417 -18.31 41.28 15.28
CA LEU D 417 -18.90 41.93 16.46
C LEU D 417 -17.83 42.04 17.53
N ILE D 418 -17.66 43.25 18.08
CA ILE D 418 -16.62 43.51 19.07
C ILE D 418 -17.22 44.14 20.31
N ARG D 419 -16.50 44.01 21.41
CA ARG D 419 -16.84 44.64 22.69
C ARG D 419 -15.74 45.63 23.06
N VAL D 420 -16.15 46.79 23.58
CA VAL D 420 -15.22 47.86 23.91
C VAL D 420 -15.56 48.41 25.29
N TYR D 421 -14.52 48.90 25.97
CA TYR D 421 -14.69 49.55 27.26
C TYR D 421 -15.11 51.01 27.08
N ARG D 422 -16.06 51.46 27.88
CA ARG D 422 -16.45 52.87 27.95
C ARG D 422 -16.55 53.23 29.42
N GLU D 423 -15.63 54.07 29.90
CA GLU D 423 -15.45 54.32 31.32
C GLU D 423 -15.74 55.78 31.65
N GLN D 424 -16.37 55.99 32.81
CA GLN D 424 -16.56 57.32 33.36
C GLN D 424 -16.21 57.30 34.84
N VAL D 425 -15.55 58.36 35.30
CA VAL D 425 -15.17 58.51 36.70
C VAL D 425 -15.67 59.88 37.17
N GLN D 426 -16.49 59.89 38.21
CA GLN D 426 -17.14 61.10 38.71
C GLN D 426 -16.78 61.28 40.18
N ARG D 427 -16.03 62.34 40.48
CA ARG D 427 -15.76 62.69 41.87
C ARG D 427 -17.06 63.13 42.56
N GLU D 428 -17.34 62.50 43.70
CA GLU D 428 -18.59 62.73 44.42
C GLU D 428 -18.31 63.15 45.86
N VAL D 429 -19.09 64.11 46.35
CA VAL D 429 -19.14 64.46 47.76
C VAL D 429 -20.56 64.39 48.32
N ASN D 430 -21.51 63.87 47.53
CA ASN D 430 -22.90 63.77 47.93
C ASN D 430 -23.20 62.37 48.48
N ALA D 431 -24.08 62.32 49.48
CA ALA D 431 -24.56 61.05 49.99
C ALA D 431 -25.55 60.37 49.06
N ALA D 432 -26.14 61.13 48.13
CA ALA D 432 -27.02 60.58 47.12
C ALA D 432 -26.90 61.44 45.87
N ASP D 433 -26.86 60.79 44.71
CA ASP D 433 -26.77 61.55 43.47
C ASP D 433 -27.31 60.72 42.32
N GLN D 434 -27.69 61.42 41.27
CA GLN D 434 -28.04 60.83 39.97
C GLN D 434 -27.00 61.30 38.98
N VAL D 435 -26.25 60.38 38.41
CA VAL D 435 -25.09 60.70 37.60
C VAL D 435 -25.34 60.24 36.17
N LEU D 436 -25.40 61.20 35.24
CA LEU D 436 -25.52 60.87 33.84
C LEU D 436 -24.27 60.12 33.37
N GLN D 437 -24.48 59.04 32.62
CA GLN D 437 -23.40 58.28 32.02
C GLN D 437 -23.20 58.79 30.60
N SER D 438 -22.46 59.89 30.49
CA SER D 438 -22.24 60.54 29.20
C SER D 438 -21.25 59.80 28.32
N GLN D 439 -20.50 58.84 28.86
CA GLN D 439 -19.55 58.08 28.06
C GLN D 439 -20.21 56.98 27.25
N LEU D 440 -21.49 56.70 27.48
CA LEU D 440 -22.20 55.65 26.77
C LEU D 440 -22.70 56.18 25.43
N LYS D 441 -22.37 55.47 24.35
CA LYS D 441 -22.86 55.80 23.02
C LYS D 441 -23.26 54.60 22.19
N TRP D 442 -22.96 53.39 22.63
CA TRP D 442 -23.20 52.15 21.91
C TRP D 442 -23.95 51.19 22.81
N PRO D 443 -24.59 50.15 22.25
CA PRO D 443 -25.35 49.21 23.09
C PRO D 443 -24.50 48.64 24.21
N VAL D 444 -25.09 48.56 25.41
CA VAL D 444 -24.37 48.22 26.62
C VAL D 444 -24.80 46.83 27.08
N GLU D 445 -23.82 45.94 27.27
CA GLU D 445 -24.09 44.61 27.79
C GLU D 445 -24.20 44.63 29.31
N PHE D 446 -23.22 45.22 29.98
CA PHE D 446 -23.20 45.30 31.44
C PHE D 446 -22.21 46.37 31.85
N ILE D 447 -22.26 46.74 33.13
CA ILE D 447 -21.47 47.83 33.67
C ILE D 447 -20.85 47.38 35.00
N TYR D 448 -19.53 47.56 35.13
CA TYR D 448 -18.87 47.44 36.41
C TYR D 448 -19.04 48.75 37.18
N LEU D 449 -19.40 48.66 38.45
CA LEU D 449 -19.71 49.85 39.23
C LEU D 449 -19.04 49.79 40.59
N GLY D 450 -18.41 50.90 40.98
CA GLY D 450 -17.81 51.03 42.30
C GLY D 450 -17.73 52.50 42.67
N LEU D 451 -17.60 52.74 43.98
CA LEU D 451 -17.56 54.09 44.54
C LEU D 451 -16.33 54.16 45.45
N ARG D 452 -15.17 54.43 44.86
CA ARG D 452 -13.90 54.29 45.55
C ARG D 452 -13.55 55.58 46.30
N PRO D 453 -13.30 55.50 47.60
CA PRO D 453 -12.88 56.70 48.33
C PRO D 453 -11.60 57.28 47.74
N ALA D 454 -11.56 58.61 47.62
CA ALA D 454 -10.37 59.26 47.08
C ALA D 454 -9.13 58.96 47.90
N ASN D 455 -9.29 58.65 49.19
CA ASN D 455 -8.15 58.33 50.04
C ASN D 455 -7.46 57.02 49.65
N ASN D 456 -8.15 56.15 48.90
CA ASN D 456 -7.54 54.88 48.52
C ASN D 456 -6.35 55.06 47.57
N ILE D 457 -6.28 56.19 46.87
CA ILE D 457 -5.20 56.43 45.92
C ILE D 457 -4.37 57.65 46.30
N ALA D 458 -4.60 58.21 47.48
CA ALA D 458 -3.89 59.41 47.89
C ALA D 458 -2.48 59.09 48.36
N ALA D 459 -1.55 60.01 48.08
CA ALA D 459 -0.17 59.83 48.53
C ALA D 459 -0.08 59.85 50.05
N GLY D 460 -0.95 60.60 50.72
CA GLY D 460 -0.93 60.65 52.17
C GLY D 460 -1.33 59.36 52.85
N ASN D 461 -1.96 58.44 52.12
CA ASN D 461 -2.41 57.17 52.68
C ASN D 461 -1.25 56.19 52.68
N THR D 462 -0.79 55.79 53.88
CA THR D 462 0.31 54.85 53.97
C THR D 462 -0.07 53.46 53.48
N TYR D 463 -1.35 53.11 53.52
CA TYR D 463 -1.82 51.83 52.99
C TYR D 463 -2.28 51.92 51.54
N GLN D 464 -1.88 52.99 50.84
CA GLN D 464 -2.23 53.13 49.43
C GLN D 464 -1.78 51.94 48.60
N TRP D 465 -0.63 51.33 48.95
CA TRP D 465 -0.13 50.18 48.20
C TRP D 465 -1.16 49.06 48.17
N ARG D 466 -2.00 48.97 49.18
CA ARG D 466 -3.03 47.95 49.28
C ARG D 466 -4.41 48.45 48.85
N ASP D 467 -4.79 49.67 49.25
CA ASP D 467 -6.15 50.16 49.10
C ASP D 467 -6.48 50.63 47.69
N TRP D 468 -5.47 50.82 46.81
CA TRP D 468 -5.70 51.52 45.55
C TRP D 468 -6.75 50.81 44.70
N HIS D 469 -6.78 49.48 44.73
CA HIS D 469 -7.73 48.73 43.91
C HIS D 469 -9.00 48.36 44.67
N HIS D 470 -9.05 48.59 45.98
CA HIS D 470 -10.26 48.31 46.75
C HIS D 470 -11.31 49.38 46.48
N LEU D 471 -12.57 48.96 46.36
CA LEU D 471 -13.66 49.85 46.05
C LEU D 471 -14.53 50.19 47.26
N THR D 472 -14.01 49.97 48.47
CA THR D 472 -14.66 50.40 49.70
C THR D 472 -13.67 51.24 50.51
N SER D 473 -14.12 51.73 51.65
CA SER D 473 -13.25 52.38 52.62
C SER D 473 -12.68 51.31 53.55
N VAL D 474 -11.36 51.23 53.63
CA VAL D 474 -10.67 50.19 54.37
C VAL D 474 -10.04 50.79 55.61
N THR D 475 -10.38 50.25 56.77
CA THR D 475 -9.72 50.57 58.03
C THR D 475 -8.95 49.35 58.52
N ASN D 476 -7.92 49.61 59.32
CA ASN D 476 -7.00 48.58 59.77
C ASN D 476 -7.28 48.25 61.23
N GLU D 477 -7.71 47.02 61.49
CA GLU D 477 -7.97 46.55 62.84
C GLU D 477 -6.86 45.60 63.26
N PRO D 478 -6.09 45.93 64.30
CA PRO D 478 -5.00 45.06 64.72
C PRO D 478 -5.50 43.86 65.53
N VAL D 479 -4.86 42.72 65.30
CA VAL D 479 -5.08 41.51 66.09
C VAL D 479 -3.73 41.11 66.70
N TYR D 480 -3.68 41.03 68.02
CA TYR D 480 -2.43 40.81 68.75
C TYR D 480 -2.29 39.35 69.14
N ASP D 481 -1.07 38.83 68.99
CA ASP D 481 -0.64 37.59 69.63
C ASP D 481 0.20 37.98 70.85
N VAL D 482 -0.23 37.53 72.02
CA VAL D 482 0.33 38.00 73.29
C VAL D 482 0.89 36.81 74.06
N SER D 483 2.16 36.89 74.44
CA SER D 483 2.82 35.86 75.24
C SER D 483 2.76 36.27 76.71
N GLN D 484 1.97 35.56 77.50
CA GLN D 484 1.79 35.83 78.91
C GLN D 484 2.69 34.90 79.73
N SER D 485 3.39 35.46 80.70
CA SER D 485 4.26 34.68 81.58
C SER D 485 4.02 35.07 83.02
N TYR D 486 4.33 34.14 83.92
CA TYR D 486 4.24 34.35 85.36
C TYR D 486 5.45 33.74 86.03
N ALA D 487 5.96 34.43 87.05
CA ALA D 487 7.07 33.91 87.84
C ALA D 487 6.84 34.23 89.31
N ARG D 488 7.24 33.29 90.16
CA ARG D 488 7.17 33.50 91.60
C ARG D 488 8.46 32.97 92.22
N VAL D 489 9.00 33.74 93.17
CA VAL D 489 10.33 33.47 93.72
C VAL D 489 10.32 33.83 95.20
N SER D 490 10.76 32.90 96.04
CA SER D 490 10.92 33.13 97.47
C SER D 490 12.32 33.68 97.74
N ILE D 491 12.40 34.76 98.50
CA ILE D 491 13.67 35.43 98.76
C ILE D 491 14.11 35.27 100.21
N ASP D 492 13.38 34.49 101.01
CA ASP D 492 13.78 34.17 102.37
C ASP D 492 13.59 32.67 102.57
N ASP D 493 14.71 31.95 102.66
CA ASP D 493 14.66 30.49 102.74
C ASP D 493 14.24 29.98 104.11
N THR D 494 13.94 30.86 105.06
CA THR D 494 13.51 30.45 106.39
C THR D 494 12.03 30.67 106.65
N VAL D 495 11.35 31.43 105.80
CA VAL D 495 9.92 31.70 105.94
C VAL D 495 9.18 30.93 104.86
N ALA D 496 8.04 30.34 105.23
CA ALA D 496 7.19 29.67 104.26
C ALA D 496 6.67 30.69 103.25
N PRO D 497 6.71 30.37 101.95
CA PRO D 497 6.33 31.39 100.95
C PRO D 497 4.84 31.69 100.92
N VAL D 498 3.97 30.72 101.15
CA VAL D 498 2.53 30.97 101.04
C VAL D 498 2.11 32.02 102.06
N GLY D 499 1.48 33.08 101.58
CA GLY D 499 1.04 34.16 102.43
C GLY D 499 2.11 35.15 102.84
N SER D 500 3.30 35.08 102.24
CA SER D 500 4.45 35.89 102.64
C SER D 500 4.77 36.91 101.57
N THR D 501 4.99 38.16 101.97
CA THR D 501 5.44 39.16 101.02
C THR D 501 6.89 38.95 100.57
N THR D 502 7.59 37.98 101.15
CA THR D 502 8.84 37.50 100.57
C THR D 502 8.62 36.56 99.40
N PHE D 503 7.39 36.06 99.23
CA PHE D 503 7.02 35.30 98.03
C PHE D 503 6.68 36.29 96.94
N LYS D 504 7.64 36.55 96.06
CA LYS D 504 7.52 37.63 95.10
C LYS D 504 6.68 37.22 93.90
N GLN D 505 6.05 38.22 93.28
CA GLN D 505 5.27 38.04 92.06
C GLN D 505 5.90 38.82 90.92
N SER D 506 5.99 38.17 89.76
CA SER D 506 6.41 38.82 88.54
C SER D 506 5.58 38.27 87.40
N ALA D 507 5.36 39.11 86.39
CA ALA D 507 4.59 38.71 85.23
C ALA D 507 4.93 39.64 84.08
N SER D 508 4.83 39.11 82.86
CA SER D 508 5.05 39.90 81.66
C SER D 508 4.06 39.46 80.60
N GLN D 509 3.63 40.42 79.78
CA GLN D 509 3.01 40.10 78.50
C GLN D 509 3.73 40.86 77.40
N VAL D 510 4.16 40.12 76.39
CA VAL D 510 5.04 40.61 75.34
C VAL D 510 4.36 40.36 74.00
N MET D 511 4.29 41.41 73.19
CA MET D 511 3.72 41.26 71.85
C MET D 511 4.55 40.26 71.06
N GLN D 512 3.93 39.13 70.71
CA GLN D 512 4.60 38.10 69.91
C GLN D 512 4.51 38.39 68.42
N ASN D 513 3.33 38.79 67.95
CA ASN D 513 3.14 39.20 66.56
C ASN D 513 1.84 39.99 66.49
N GLN D 514 1.72 40.79 65.44
CA GLN D 514 0.52 41.59 65.22
C GLN D 514 0.06 41.42 63.78
N TYR D 515 -1.23 41.13 63.61
CA TYR D 515 -1.85 41.04 62.30
C TYR D 515 -2.72 42.27 62.07
N ILE D 516 -2.81 42.70 60.81
CA ILE D 516 -3.67 43.81 60.42
C ILE D 516 -4.82 43.27 59.60
N VAL D 517 -6.03 43.44 60.12
CA VAL D 517 -7.24 42.97 59.43
C VAL D 517 -7.78 44.13 58.59
N PRO D 518 -7.88 43.98 57.28
CA PRO D 518 -8.48 45.05 56.46
C PRO D 518 -10.00 44.99 56.49
N VAL D 519 -10.62 45.90 57.23
CA VAL D 519 -12.08 45.89 57.43
C VAL D 519 -12.70 46.82 56.40
N GLU D 520 -13.46 46.24 55.47
CA GLU D 520 -14.08 47.01 54.39
C GLU D 520 -15.41 47.59 54.85
N THR D 521 -15.56 48.90 54.70
CA THR D 521 -16.83 49.58 54.96
C THR D 521 -17.44 49.98 53.62
N GLU D 522 -18.66 49.52 53.37
CA GLU D 522 -19.27 49.70 52.06
C GLU D 522 -19.62 51.16 51.82
N THR D 523 -19.41 51.61 50.58
CA THR D 523 -19.70 52.97 50.17
C THR D 523 -20.93 53.08 49.27
N LEU D 524 -21.53 51.95 48.89
CA LEU D 524 -22.75 51.94 48.09
C LEU D 524 -23.82 51.23 48.90
N ASP D 525 -24.91 51.95 49.20
CA ASP D 525 -26.05 51.34 49.87
C ASP D 525 -27.06 50.81 48.86
N THR D 526 -27.57 51.67 47.99
CA THR D 526 -28.53 51.30 46.97
C THR D 526 -28.09 51.87 45.63
N VAL D 527 -28.50 51.18 44.57
CA VAL D 527 -28.25 51.63 43.19
C VAL D 527 -29.55 51.53 42.42
N ARG D 528 -29.84 52.56 41.62
CA ARG D 528 -30.96 52.57 40.70
C ARG D 528 -30.45 53.00 39.33
N VAL D 529 -31.02 52.40 38.29
CA VAL D 529 -30.58 52.63 36.92
C VAL D 529 -31.79 53.01 36.09
N LYS D 530 -31.84 54.28 35.66
CA LYS D 530 -32.90 54.77 34.79
C LYS D 530 -32.29 55.30 33.51
N ALA D 531 -33.01 55.13 32.40
CA ALA D 531 -32.46 55.46 31.09
C ALA D 531 -33.57 55.90 30.15
N HIS D 532 -33.48 57.14 29.68
CA HIS D 532 -34.45 57.71 28.73
C HIS D 532 -35.88 57.61 29.27
N GLY D 533 -36.03 57.86 30.56
CA GLY D 533 -37.35 57.93 31.17
C GLY D 533 -37.95 56.63 31.63
N ILE D 534 -37.18 55.54 31.66
CA ILE D 534 -37.68 54.25 32.15
C ILE D 534 -36.71 53.73 33.20
N GLU D 535 -37.17 52.74 33.95
CA GLU D 535 -36.41 52.13 35.02
C GLU D 535 -35.87 50.78 34.54
N LEU D 536 -34.55 50.68 34.42
CA LEU D 536 -33.92 49.40 34.10
C LEU D 536 -33.74 48.57 35.36
N TYR D 537 -33.27 49.18 36.44
CA TYR D 537 -33.18 48.57 37.75
C TYR D 537 -33.79 49.52 38.77
N ALA D 538 -34.70 49.01 39.59
CA ALA D 538 -35.24 49.82 40.68
C ALA D 538 -34.15 50.04 41.73
N GLN D 539 -34.47 50.84 42.73
CA GLN D 539 -33.54 51.12 43.83
C GLN D 539 -33.40 49.87 44.69
N TYR D 540 -32.33 49.12 44.47
CA TYR D 540 -32.06 47.87 45.17
C TYR D 540 -30.80 47.99 46.02
N ARG D 541 -30.77 47.22 47.11
CA ARG D 541 -29.57 47.16 47.94
C ARG D 541 -28.36 46.70 47.12
N ALA D 542 -27.19 47.18 47.51
CA ALA D 542 -25.98 46.91 46.73
C ALA D 542 -25.65 45.43 46.68
N GLN D 543 -26.02 44.67 47.72
CA GLN D 543 -25.72 43.24 47.73
C GLN D 543 -26.41 42.50 46.60
N PHE D 544 -27.49 43.06 46.05
CA PHE D 544 -28.15 42.45 44.90
C PHE D 544 -27.26 42.51 43.66
N TYR D 545 -26.55 43.62 43.48
CA TYR D 545 -25.68 43.78 42.31
C TYR D 545 -24.32 43.12 42.53
N ARG D 546 -23.87 42.99 43.79
CA ARG D 546 -22.56 42.42 44.05
C ARG D 546 -22.61 40.90 44.24
N ASP D 547 -23.61 40.41 44.97
CA ASP D 547 -23.66 38.99 45.32
C ASP D 547 -24.57 38.21 44.37
N TYR D 548 -25.82 38.64 44.22
CA TYR D 548 -26.80 37.80 43.55
C TYR D 548 -26.56 37.73 42.06
N ILE D 549 -26.54 38.89 41.39
CA ILE D 549 -26.40 38.90 39.93
C ILE D 549 -25.15 38.17 39.47
N PRO D 550 -23.96 38.40 40.06
CA PRO D 550 -22.80 37.60 39.64
C PRO D 550 -22.90 36.14 40.03
N TRP D 551 -23.66 35.80 41.09
CA TRP D 551 -23.83 34.40 41.43
C TRP D 551 -24.69 33.67 40.40
N ASN D 552 -25.75 34.33 39.91
CA ASN D 552 -26.76 33.67 39.10
C ASN D 552 -26.41 33.63 37.61
N TYR D 553 -25.71 34.63 37.09
CA TYR D 553 -25.40 34.70 35.67
C TYR D 553 -23.94 34.37 35.42
N GLY D 554 -23.66 34.01 34.17
CA GLY D 554 -22.31 34.02 33.65
C GLY D 554 -21.52 32.74 33.81
N SER D 555 -21.96 31.81 34.65
CA SER D 555 -21.25 30.55 34.88
C SER D 555 -19.79 30.83 35.23
N PHE D 556 -18.86 30.06 34.66
CA PHE D 556 -17.45 30.24 35.00
C PHE D 556 -16.85 31.51 34.42
N ASN D 557 -17.59 32.25 33.58
CA ASN D 557 -17.09 33.53 33.07
C ASN D 557 -17.22 34.66 34.07
N LEU D 558 -18.01 34.48 35.13
CA LEU D 558 -18.37 35.56 36.04
C LEU D 558 -18.14 35.09 37.47
N VAL D 559 -17.10 35.62 38.11
CA VAL D 559 -16.76 35.30 39.49
C VAL D 559 -17.55 36.21 40.41
N THR D 560 -18.05 35.67 41.52
CA THR D 560 -18.62 36.52 42.56
C THR D 560 -17.49 37.27 43.23
N PRO D 561 -17.50 38.60 43.25
CA PRO D 561 -16.32 39.35 43.65
C PRO D 561 -16.06 39.28 45.15
N GLN D 562 -14.77 39.23 45.51
CA GLN D 562 -14.38 39.29 46.91
C GLN D 562 -14.55 40.70 47.46
N ASP D 563 -14.25 41.70 46.64
CA ASP D 563 -14.38 43.10 47.03
C ASP D 563 -15.83 43.43 47.34
N LYS D 564 -16.10 43.85 48.58
CA LYS D 564 -17.46 44.16 49.00
C LYS D 564 -18.05 45.35 48.25
N GLY D 565 -17.29 46.04 47.41
CA GLY D 565 -17.79 47.22 46.73
C GLY D 565 -17.81 47.11 45.22
N ALA D 566 -17.73 45.89 44.69
CA ALA D 566 -17.73 45.66 43.25
C ALA D 566 -19.12 45.17 42.84
N LEU D 567 -19.83 45.99 42.07
CA LEU D 567 -21.21 45.70 41.69
C LEU D 567 -21.29 45.47 40.18
N PHE D 568 -22.23 44.61 39.78
CA PHE D 568 -22.37 44.19 38.39
C PHE D 568 -23.79 44.52 37.94
N LEU D 569 -23.92 45.50 37.03
CA LEU D 569 -25.21 45.90 36.47
C LEU D 569 -25.40 45.16 35.15
N ASN D 570 -26.29 44.17 35.14
CA ASN D 570 -26.40 43.24 34.03
C ASN D 570 -27.57 43.59 33.12
N PHE D 571 -27.35 43.45 31.81
CA PHE D 571 -28.39 43.70 30.82
C PHE D 571 -28.46 42.59 29.77
N CYS D 572 -27.68 41.52 29.93
CA CYS D 572 -27.73 40.37 29.04
C CYS D 572 -27.88 39.10 29.87
N LEU D 573 -28.21 38.01 29.20
CA LEU D 573 -28.46 36.75 29.88
C LEU D 573 -27.23 35.87 30.04
N TYR D 574 -26.20 36.08 29.22
CA TYR D 574 -24.99 35.28 29.27
C TYR D 574 -23.78 36.21 29.16
N PRO D 575 -23.45 36.92 30.24
CA PRO D 575 -22.31 37.84 30.20
C PRO D 575 -21.01 37.07 29.99
N GLY D 576 -20.22 37.54 29.03
CA GLY D 576 -18.96 36.90 28.69
C GLY D 576 -19.03 35.92 27.54
N THR D 577 -20.19 35.72 26.94
CA THR D 577 -20.34 34.85 25.78
C THR D 577 -20.36 35.70 24.52
N TYR D 578 -19.82 35.15 23.43
CA TYR D 578 -19.73 35.92 22.19
C TYR D 578 -21.10 36.20 21.61
N GLN D 579 -21.94 35.16 21.49
CA GLN D 579 -23.29 35.34 20.99
C GLN D 579 -24.03 36.37 21.85
N PRO D 580 -24.55 37.44 21.26
CA PRO D 580 -25.29 38.43 22.05
C PRO D 580 -26.50 37.81 22.72
N SER D 581 -26.87 38.37 23.88
CA SER D 581 -27.99 37.84 24.65
C SER D 581 -28.62 38.95 25.49
N GLY D 582 -28.71 40.15 24.92
CA GLY D 582 -29.33 41.28 25.59
C GLY D 582 -28.39 42.47 25.66
N HIS D 583 -28.97 43.67 25.63
CA HIS D 583 -28.21 44.91 25.68
C HIS D 583 -29.18 46.07 25.93
N VAL D 584 -28.61 47.24 26.20
CA VAL D 584 -29.38 48.48 26.34
C VAL D 584 -29.34 49.20 25.00
N ASN D 585 -30.53 49.50 24.47
CA ASN D 585 -30.63 50.20 23.19
C ASN D 585 -29.94 51.56 23.25
N ILE D 586 -29.52 52.05 22.09
CA ILE D 586 -28.67 53.24 22.07
C ILE D 586 -29.44 54.49 22.43
N SER D 587 -30.75 54.53 22.16
CA SER D 587 -31.53 55.71 22.57
C SER D 587 -31.60 55.83 24.09
N ARG D 588 -31.61 54.70 24.80
CA ARG D 588 -31.52 54.74 26.25
C ARG D 588 -30.09 54.93 26.73
N ALA D 589 -29.11 54.39 25.98
CA ALA D 589 -27.71 54.57 26.36
C ALA D 589 -27.29 56.02 26.36
N ARG D 590 -28.01 56.89 25.67
CA ARG D 590 -27.74 58.33 25.71
C ARG D 590 -28.01 58.87 27.12
N GLU D 591 -29.29 59.01 27.45
CA GLU D 591 -29.71 59.60 28.73
C GLU D 591 -29.76 58.48 29.77
N PHE D 592 -28.58 58.07 30.22
CA PHE D 592 -28.39 56.93 31.10
C PHE D 592 -27.93 57.42 32.47
N TYR D 593 -28.69 57.08 33.51
CA TYR D 593 -28.42 57.55 34.86
C TYR D 593 -28.19 56.39 35.81
N ILE D 594 -27.16 56.51 36.65
CA ILE D 594 -26.91 55.59 37.75
C ILE D 594 -27.09 56.36 39.04
N GLU D 595 -28.18 56.09 39.76
CA GLU D 595 -28.51 56.78 41.01
C GLU D 595 -28.10 55.90 42.18
N TYR D 596 -27.26 56.45 43.05
CA TYR D 596 -26.80 55.74 44.23
C TYR D 596 -27.25 56.49 45.49
N THR D 597 -27.25 55.75 46.60
CA THR D 597 -27.23 56.33 47.92
C THR D 597 -26.03 55.75 48.66
N SER D 598 -25.53 56.50 49.65
CA SER D 598 -24.33 56.08 50.36
C SER D 598 -24.41 56.52 51.80
N SER D 599 -23.91 55.67 52.70
CA SER D 599 -23.74 56.01 54.10
C SER D 599 -22.36 56.58 54.39
N PHE D 600 -21.48 56.63 53.40
CA PHE D 600 -20.09 57.02 53.61
C PHE D 600 -19.70 58.31 52.91
N CYS D 601 -20.12 58.50 51.66
CA CYS D 601 -19.67 59.64 50.89
C CYS D 601 -20.24 60.94 51.47
N ASP D 602 -19.38 61.92 51.67
CA ASP D 602 -19.77 63.29 51.99
C ASP D 602 -18.56 64.19 51.74
N SER D 603 -18.65 65.45 52.17
CA SER D 603 -17.58 66.40 51.87
C SER D 603 -16.30 66.08 52.63
N SER D 604 -16.37 65.29 53.70
CA SER D 604 -15.18 64.84 54.39
C SER D 604 -14.57 63.60 53.74
N ASN D 605 -15.33 62.89 52.92
CA ASN D 605 -14.88 61.64 52.31
C ASN D 605 -15.25 61.65 50.84
N PRO D 606 -14.51 62.38 50.01
CA PRO D 606 -14.77 62.34 48.57
C PRO D 606 -14.57 60.95 48.03
N CYS D 607 -15.46 60.55 47.12
CA CYS D 607 -15.38 59.26 46.45
C CYS D 607 -15.54 59.46 44.95
N ASP D 608 -15.02 58.49 44.20
CA ASP D 608 -15.13 58.50 42.75
C ASP D 608 -16.16 57.45 42.33
N LEU D 609 -17.25 57.90 41.71
CA LEU D 609 -18.21 56.97 41.12
C LEU D 609 -17.61 56.40 39.85
N ILE D 610 -17.22 55.14 39.90
CA ILE D 610 -16.49 54.48 38.81
C ILE D 610 -17.44 53.54 38.10
N SER D 611 -17.69 53.80 36.82
CA SER D 611 -18.57 52.97 36.01
C SER D 611 -17.86 52.61 34.72
N ILE D 612 -17.68 51.32 34.48
CA ILE D 612 -17.02 50.82 33.28
C ILE D 612 -18.00 49.92 32.56
N ALA D 613 -18.39 50.32 31.35
CA ALA D 613 -19.37 49.60 30.57
C ALA D 613 -18.68 48.82 29.45
N LYS D 614 -19.18 47.63 29.17
CA LYS D 614 -18.80 46.87 27.99
C LYS D 614 -19.86 47.11 26.93
N CYS D 615 -19.47 47.68 25.81
CA CYS D 615 -20.39 48.10 24.77
C CYS D 615 -20.12 47.34 23.49
N ILE D 616 -21.20 46.98 22.79
CA ILE D 616 -21.09 46.26 21.53
C ILE D 616 -20.87 47.25 20.40
N ASN D 617 -19.91 46.97 19.53
CA ASN D 617 -19.72 47.70 18.29
C ASN D 617 -19.33 46.69 17.22
N PHE D 618 -19.05 47.19 16.01
CA PHE D 618 -18.81 46.31 14.88
C PHE D 618 -17.62 46.81 14.08
N LEU D 619 -16.80 45.87 13.63
CA LEU D 619 -15.64 46.14 12.80
C LEU D 619 -15.84 45.51 11.43
N LEU D 620 -15.53 46.27 10.38
CA LEU D 620 -15.74 45.79 9.02
C LEU D 620 -14.45 45.18 8.45
N ILE D 621 -14.62 44.38 7.40
CA ILE D 621 -13.51 43.76 6.72
C ILE D 621 -13.59 44.04 5.22
N VAL E 5 -39.07 45.53 31.73
CA VAL E 5 -39.26 45.88 30.34
C VAL E 5 -40.78 45.98 30.07
N PHE E 6 -41.37 46.99 30.70
CA PHE E 6 -42.71 47.45 30.32
C PHE E 6 -42.78 47.78 28.83
N LYS E 7 -41.64 48.14 28.24
CA LYS E 7 -41.58 48.54 26.84
C LYS E 7 -40.35 47.90 26.21
N LEU E 8 -40.59 46.84 25.45
CA LEU E 8 -39.55 46.19 24.66
C LEU E 8 -39.30 47.00 23.40
N ILE E 9 -38.05 47.43 23.20
CA ILE E 9 -37.66 48.13 21.98
C ILE E 9 -37.02 47.09 21.07
N ALA E 10 -37.81 46.62 20.09
CA ALA E 10 -37.34 45.58 19.19
C ALA E 10 -36.47 46.14 18.07
N ASN E 11 -36.77 47.35 17.61
CA ASN E 11 -35.96 48.04 16.63
C ASN E 11 -35.64 49.44 17.14
N ASP E 12 -34.37 49.80 17.12
CA ASP E 12 -33.93 51.16 17.41
C ASP E 12 -32.59 51.41 16.73
N GLY E 13 -32.63 51.71 15.43
CA GLY E 13 -31.43 52.05 14.72
C GLY E 13 -30.64 50.84 14.26
N LYS E 14 -29.45 51.15 13.74
CA LYS E 14 -28.64 50.15 13.05
C LYS E 14 -28.15 49.05 13.99
N ALA E 15 -27.76 49.42 15.22
CA ALA E 15 -27.25 48.43 16.15
C ALA E 15 -28.31 47.38 16.48
N ASP E 16 -29.56 47.82 16.67
CA ASP E 16 -30.63 46.86 16.94
C ASP E 16 -30.88 45.95 15.73
N ARG E 17 -30.71 46.49 14.52
CA ARG E 17 -30.98 45.69 13.32
C ARG E 17 -29.99 44.54 13.19
N MET E 18 -28.72 44.77 13.53
CA MET E 18 -27.71 43.73 13.36
C MET E 18 -27.75 42.68 14.45
N ILE E 19 -28.12 43.06 15.67
CA ILE E 19 -28.13 42.12 16.79
C ILE E 19 -29.40 41.28 16.82
N MET E 20 -30.56 41.90 16.57
CA MET E 20 -31.85 41.22 16.68
C MET E 20 -32.62 41.09 15.38
N ALA E 21 -32.34 41.95 14.39
CA ALA E 21 -32.93 41.84 13.05
C ALA E 21 -34.44 41.61 13.12
N ASN E 22 -35.09 42.38 13.97
CA ASN E 22 -36.50 42.13 14.28
C ASN E 22 -37.38 42.31 13.05
N ASP E 23 -37.10 43.33 12.24
CA ASP E 23 -37.91 43.57 11.06
C ASP E 23 -37.74 42.48 10.02
N LEU E 24 -36.53 41.89 9.93
CA LEU E 24 -36.37 40.70 9.11
C LEU E 24 -37.20 39.55 9.66
N LEU E 25 -37.19 39.37 10.98
CA LEU E 25 -37.94 38.28 11.60
C LEU E 25 -39.44 38.43 11.35
N ASN E 26 -39.96 39.64 11.55
CA ASN E 26 -41.39 39.86 11.34
C ASN E 26 -41.78 39.57 9.89
N ASP E 27 -40.92 39.93 8.94
CA ASP E 27 -41.22 39.67 7.53
C ASP E 27 -41.19 38.19 7.21
N ARG E 28 -40.27 37.44 7.83
CA ARG E 28 -40.27 35.99 7.65
C ARG E 28 -41.55 35.38 8.19
N ILE E 29 -42.03 35.87 9.34
CA ILE E 29 -43.29 35.38 9.89
C ILE E 29 -44.45 35.74 8.98
N LYS E 30 -44.49 37.00 8.53
CA LYS E 30 -45.50 37.40 7.54
C LYS E 30 -45.42 36.53 6.30
N SER E 31 -44.20 36.33 5.78
CA SER E 31 -44.01 35.54 4.57
C SER E 31 -44.43 34.10 4.78
N ILE E 32 -44.01 33.50 5.91
CA ILE E 32 -44.29 32.09 6.14
C ILE E 32 -45.79 31.85 6.31
N MET E 33 -46.46 32.69 7.11
CA MET E 33 -47.89 32.52 7.31
C MET E 33 -48.64 32.62 6.00
N CYS E 34 -48.21 33.50 5.10
CA CYS E 34 -48.81 33.58 3.77
C CYS E 34 -48.62 32.28 3.01
N LEU E 35 -47.38 31.83 2.88
CA LEU E 35 -47.09 30.63 2.10
C LEU E 35 -47.82 29.41 2.64
N ARG E 36 -48.02 29.33 3.95
CA ARG E 36 -48.70 28.17 4.52
C ARG E 36 -50.20 28.21 4.27
N ALA E 37 -50.79 29.40 4.13
CA ALA E 37 -52.20 29.50 3.78
C ALA E 37 -52.42 29.27 2.29
N LYS E 38 -51.58 29.91 1.46
CA LYS E 38 -51.68 29.74 0.02
C LYS E 38 -51.39 28.31 -0.40
N GLN E 39 -50.62 27.57 0.41
CA GLN E 39 -50.29 26.18 0.10
C GLN E 39 -51.34 25.20 0.59
N GLY E 40 -52.21 25.61 1.51
CA GLY E 40 -53.28 24.76 1.98
C GLY E 40 -53.08 24.14 3.35
N PHE E 41 -52.15 24.65 4.15
CA PHE E 41 -52.02 24.17 5.51
C PHE E 41 -53.14 24.72 6.36
N SER E 42 -53.75 23.85 7.18
CA SER E 42 -54.85 24.30 8.04
C SER E 42 -54.37 25.28 9.10
N ASP E 43 -53.13 25.13 9.58
CA ASP E 43 -52.54 26.05 10.54
C ASP E 43 -51.45 26.84 9.85
N PRO E 44 -51.57 28.16 9.71
CA PRO E 44 -50.56 28.96 9.00
C PRO E 44 -49.40 29.44 9.86
N THR E 45 -49.51 29.40 11.18
CA THR E 45 -48.43 29.91 12.01
C THR E 45 -47.17 29.08 11.79
N PRO E 46 -45.99 29.71 11.77
CA PRO E 46 -44.77 28.96 11.52
C PRO E 46 -44.40 28.08 12.70
N THR E 47 -43.50 27.14 12.43
CA THR E 47 -42.95 26.28 13.46
C THR E 47 -41.67 26.90 14.02
N LEU E 48 -41.28 26.43 15.21
CA LEU E 48 -40.04 26.89 15.81
C LEU E 48 -38.84 26.59 14.91
N VAL E 49 -38.90 25.49 14.16
CA VAL E 49 -37.82 25.16 13.23
C VAL E 49 -37.75 26.20 12.11
N ASP E 50 -38.87 26.84 11.77
CA ASP E 50 -38.85 27.90 10.77
C ASP E 50 -38.13 29.14 11.28
N ILE E 51 -38.45 29.57 12.49
CA ILE E 51 -37.84 30.79 13.04
C ILE E 51 -36.36 30.58 13.33
N GLU E 52 -36.01 29.41 13.86
CA GLU E 52 -34.61 29.14 14.22
C GLU E 52 -33.70 29.01 13.01
N ARG E 53 -34.23 29.06 11.79
CA ARG E 53 -33.38 29.06 10.60
C ARG E 53 -32.61 30.37 10.45
N THR E 54 -33.01 31.42 11.15
CA THR E 54 -32.27 32.68 11.15
C THR E 54 -32.03 33.24 12.54
N HIS E 55 -32.99 33.08 13.46
CA HIS E 55 -32.96 33.73 14.75
C HIS E 55 -32.86 32.72 15.90
N ILE E 56 -32.21 33.13 16.97
CA ILE E 56 -32.12 32.33 18.20
C ILE E 56 -33.31 32.64 19.09
N LEU E 57 -33.89 31.60 19.67
CA LEU E 57 -34.86 31.75 20.74
C LEU E 57 -34.12 31.55 22.06
N LEU E 58 -33.91 32.64 22.79
CA LEU E 58 -33.24 32.53 24.08
C LEU E 58 -34.09 31.78 25.10
N ILE E 59 -35.42 31.85 24.95
CA ILE E 59 -36.34 31.05 25.75
C ILE E 59 -36.74 29.86 24.89
N ASN E 60 -36.04 28.74 25.05
CA ASN E 60 -36.27 27.55 24.25
C ASN E 60 -36.02 26.32 25.11
N SER E 61 -37.06 25.52 25.34
CA SER E 61 -36.97 24.33 26.16
C SER E 61 -36.84 23.05 25.34
N HIS E 62 -36.43 23.17 24.08
CA HIS E 62 -36.35 22.01 23.19
C HIS E 62 -35.15 21.14 23.55
N TYR E 63 -35.35 19.83 23.45
CA TYR E 63 -34.27 18.86 23.64
C TYR E 63 -34.40 17.78 22.57
N LYS E 64 -33.47 16.82 22.60
CA LYS E 64 -33.46 15.74 21.63
C LYS E 64 -33.51 14.40 22.35
N PRO E 65 -34.35 13.46 21.93
CA PRO E 65 -34.35 12.15 22.58
C PRO E 65 -33.06 11.41 22.24
N PHE E 66 -32.56 10.63 23.21
CA PHE E 66 -31.33 9.89 23.02
C PHE E 66 -31.62 8.41 22.84
N ALA E 67 -30.84 7.77 21.97
CA ALA E 67 -30.93 6.33 21.79
C ALA E 67 -30.73 5.64 23.14
N ALA E 68 -31.69 4.80 23.52
CA ALA E 68 -31.79 4.30 24.88
C ALA E 68 -30.49 3.64 25.32
N MET E 69 -30.02 4.03 26.51
CA MET E 69 -28.84 3.39 27.10
C MET E 69 -28.95 3.47 28.62
N GLY E 70 -28.19 2.61 29.27
CA GLY E 70 -28.02 2.67 30.72
C GLY E 70 -26.64 2.15 31.06
N TYR E 71 -26.19 2.47 32.26
CA TYR E 71 -24.85 2.06 32.66
C TYR E 71 -24.87 1.46 34.06
N GLU E 72 -23.79 0.74 34.36
CA GLU E 72 -23.70 -0.12 35.54
C GLU E 72 -22.24 -0.40 35.80
N TYR E 73 -21.79 -0.19 37.03
CA TYR E 73 -20.40 -0.46 37.39
C TYR E 73 -20.23 -1.92 37.77
N GLN E 74 -19.03 -2.44 37.50
CA GLN E 74 -18.68 -3.82 37.82
C GLN E 74 -17.24 -3.83 38.32
N LYS E 75 -17.02 -4.40 39.50
CA LYS E 75 -15.67 -4.51 40.01
C LYS E 75 -15.12 -5.91 39.74
N THR E 76 -13.81 -5.95 39.50
CA THR E 76 -13.13 -7.13 38.99
C THR E 76 -11.83 -7.35 39.74
N ARG E 77 -11.56 -8.60 40.10
CA ARG E 77 -10.36 -8.95 40.82
C ARG E 77 -9.18 -9.09 39.87
N PRO E 78 -7.95 -8.92 40.37
CA PRO E 78 -6.78 -9.07 39.51
C PRO E 78 -6.48 -10.54 39.20
N ASN E 79 -5.73 -10.72 38.11
CA ASN E 79 -5.31 -12.06 37.72
C ASN E 79 -4.23 -12.60 38.64
N THR E 80 -3.40 -11.72 39.19
CA THR E 80 -2.14 -12.12 39.79
C THR E 80 -2.29 -12.64 41.23
N GLY E 81 -3.40 -13.33 41.50
CA GLY E 81 -3.61 -13.89 42.83
C GLY E 81 -3.51 -12.87 43.94
N ASN E 82 -2.54 -13.04 44.85
CA ASN E 82 -2.42 -12.14 45.99
C ASN E 82 -1.58 -10.92 45.61
N PRO E 83 -2.09 -9.71 45.78
CA PRO E 83 -1.35 -8.52 45.37
C PRO E 83 -0.32 -8.09 46.40
N THR E 84 0.77 -7.50 45.91
CA THR E 84 1.85 -7.03 46.77
C THR E 84 2.39 -5.70 46.24
N TYR E 85 3.23 -5.07 47.06
CA TYR E 85 4.09 -3.99 46.59
C TYR E 85 5.11 -4.51 45.60
N ASN E 86 5.67 -3.59 44.81
CA ASN E 86 6.77 -3.89 43.90
C ASN E 86 6.45 -5.09 43.01
N SER E 87 5.32 -5.02 42.32
CA SER E 87 4.90 -6.12 41.48
C SER E 87 4.06 -5.57 40.33
N THR E 88 3.74 -6.45 39.39
CA THR E 88 2.90 -6.12 38.26
C THR E 88 1.56 -6.82 38.43
N ILE E 89 0.48 -6.04 38.39
CA ILE E 89 -0.88 -6.52 38.58
C ILE E 89 -1.60 -6.43 37.24
N GLN E 90 -2.46 -7.41 36.96
CA GLN E 90 -3.18 -7.47 35.70
C GLN E 90 -4.65 -7.77 35.95
N PHE E 91 -5.52 -6.95 35.36
CA PHE E 91 -6.95 -7.19 35.34
C PHE E 91 -7.37 -7.49 33.90
N SER E 92 -8.23 -8.49 33.73
CA SER E 92 -8.81 -8.80 32.42
C SER E 92 -10.19 -8.14 32.34
N ILE E 93 -10.39 -7.31 31.33
CA ILE E 93 -11.62 -6.56 31.16
C ILE E 93 -12.74 -7.51 30.74
N PRO E 94 -13.77 -7.68 31.56
CA PRO E 94 -14.85 -8.61 31.22
C PRO E 94 -15.59 -8.18 29.97
N GLN E 95 -16.16 -9.16 29.27
CA GLN E 95 -17.08 -8.90 28.16
C GLN E 95 -18.48 -8.82 28.75
N PHE E 96 -18.79 -7.67 29.33
CA PHE E 96 -20.07 -7.45 29.99
C PHE E 96 -20.89 -6.42 29.22
N GLY E 97 -20.53 -5.13 29.29
CA GLY E 97 -21.26 -4.14 28.54
C GLY E 97 -20.94 -4.16 27.07
N ASP E 98 -21.81 -3.52 26.28
CA ASP E 98 -21.47 -3.28 24.88
C ASP E 98 -20.34 -2.27 24.77
N PHE E 99 -20.24 -1.37 25.73
CA PHE E 99 -19.17 -0.39 25.81
C PHE E 99 -18.70 -0.31 27.25
N PHE E 100 -17.41 -0.14 27.45
CA PHE E 100 -16.89 0.23 28.76
C PHE E 100 -16.23 1.59 28.68
N SER E 101 -16.28 2.32 29.80
CA SER E 101 -15.81 3.69 29.82
C SER E 101 -14.87 3.93 30.99
N ASP E 102 -15.26 4.81 31.90
CA ASP E 102 -14.38 5.23 32.98
C ASP E 102 -14.03 4.06 33.90
N MET E 103 -12.78 4.04 34.37
CA MET E 103 -12.27 2.99 35.24
C MET E 103 -11.59 3.60 36.45
N VAL E 104 -11.75 2.94 37.59
CA VAL E 104 -11.10 3.36 38.83
C VAL E 104 -10.71 2.10 39.60
N VAL E 105 -9.57 2.16 40.29
CA VAL E 105 -9.03 1.00 41.00
C VAL E 105 -9.06 1.28 42.49
N HIS E 106 -9.77 0.44 43.24
CA HIS E 106 -9.74 0.49 44.69
C HIS E 106 -8.46 -0.17 45.18
N VAL E 107 -7.66 0.56 45.95
CA VAL E 107 -6.47 0.03 46.59
C VAL E 107 -6.65 0.16 48.10
N GLN E 108 -6.32 -0.92 48.82
CA GLN E 108 -6.54 -0.98 50.26
C GLN E 108 -5.24 -1.47 50.91
N LEU E 109 -4.55 -0.57 51.59
CA LEU E 109 -3.28 -0.87 52.25
C LEU E 109 -3.52 -1.05 53.74
N ALA E 110 -3.01 -2.15 54.28
CA ALA E 110 -3.24 -2.48 55.68
C ALA E 110 -2.76 -1.38 56.61
N ALA E 111 -3.47 -1.21 57.72
CA ALA E 111 -2.99 -0.36 58.80
C ALA E 111 -1.60 -0.81 59.22
N THR E 112 -0.76 0.16 59.59
CA THR E 112 0.65 -0.14 59.75
C THR E 112 1.26 0.77 60.81
N SER E 113 2.31 0.26 61.45
CA SER E 113 3.04 1.00 62.48
C SER E 113 4.52 0.72 62.31
N ALA E 114 5.33 1.55 62.97
CA ALA E 114 6.77 1.35 62.97
C ALA E 114 7.17 0.37 64.07
N SER E 115 8.29 -0.31 63.84
CA SER E 115 8.80 -1.23 64.84
C SER E 115 9.38 -0.46 66.03
N ALA E 116 9.55 -1.17 67.15
CA ALA E 116 10.07 -0.55 68.35
C ALA E 116 11.55 -0.24 68.19
N GLY E 117 11.96 0.92 68.70
CA GLY E 117 13.34 1.35 68.65
C GLY E 117 13.81 1.83 70.01
N THR E 118 14.78 2.73 69.99
CA THR E 118 15.40 3.24 71.20
C THR E 118 15.65 4.73 71.07
N VAL E 119 15.80 5.38 72.23
CA VAL E 119 16.27 6.77 72.24
C VAL E 119 17.74 6.80 71.82
N PRO E 120 18.11 7.58 70.82
CA PRO E 120 19.51 7.57 70.35
C PRO E 120 20.47 8.23 71.33
N ALA E 121 21.76 8.18 71.04
CA ALA E 121 22.74 8.81 71.89
C ALA E 121 22.58 10.33 71.87
N LEU E 122 23.06 10.96 72.93
CA LEU E 122 22.98 12.41 73.04
C LEU E 122 23.99 13.08 72.13
N PRO E 123 23.74 14.33 71.74
CA PRO E 123 24.70 15.04 70.88
C PRO E 123 26.01 15.30 71.61
N ALA E 124 27.01 15.70 70.84
CA ALA E 124 28.33 15.97 71.38
C ALA E 124 28.31 17.21 72.28
N PHE E 125 29.38 17.37 73.05
CA PHE E 125 29.53 18.58 73.84
C PHE E 125 29.65 19.80 72.93
N ILE E 126 29.20 20.95 73.44
CA ILE E 126 29.31 22.23 72.74
C ILE E 126 30.40 23.09 73.36
N GLY E 127 30.26 23.44 74.64
CA GLY E 127 31.30 24.17 75.33
C GLY E 127 32.46 23.28 75.73
N ALA E 128 33.60 23.90 75.99
CA ALA E 128 34.80 23.17 76.35
C ALA E 128 34.90 22.89 77.84
N ASP E 129 34.21 23.66 78.68
CA ASP E 129 34.39 23.60 80.13
C ASP E 129 33.20 22.92 80.80
N ASP E 130 33.49 22.29 81.94
CA ASP E 130 32.49 21.66 82.80
C ASP E 130 31.60 20.68 82.02
N GLN E 131 32.26 19.76 81.31
CA GLN E 131 31.54 18.77 80.52
C GLN E 131 31.05 17.63 81.39
N VAL E 132 29.76 17.34 81.29
CA VAL E 132 29.14 16.24 82.01
C VAL E 132 28.20 15.51 81.06
N LEU E 133 28.31 14.19 81.01
CA LEU E 133 27.46 13.36 80.15
C LEU E 133 26.88 12.24 81.00
N THR E 134 25.59 12.33 81.30
CA THR E 134 24.82 11.25 81.89
C THR E 134 23.91 10.65 80.84
N SER E 135 23.09 9.69 81.26
CA SER E 135 22.17 9.02 80.35
C SER E 135 20.93 9.85 80.04
N THR E 136 20.75 11.02 80.66
CA THR E 136 19.59 11.86 80.41
C THR E 136 19.92 13.27 79.94
N SER E 137 21.19 13.68 79.96
CA SER E 137 21.53 15.01 79.48
C SER E 137 23.02 15.06 79.14
N VAL E 138 23.37 16.04 78.31
CA VAL E 138 24.75 16.38 78.01
C VAL E 138 24.93 17.86 78.27
N VAL E 139 25.93 18.21 79.09
CA VAL E 139 26.11 19.58 79.58
C VAL E 139 27.54 20.00 79.35
N SER E 140 27.73 21.16 78.71
CA SER E 140 29.03 21.78 78.56
C SER E 140 28.87 23.28 78.75
N ALA E 141 29.99 23.99 78.82
CA ALA E 141 29.93 25.40 79.17
C ALA E 141 31.10 26.16 78.57
N THR E 142 30.88 27.47 78.36
CA THR E 142 31.93 28.39 77.95
C THR E 142 32.06 29.47 79.02
N GLU E 143 33.28 29.66 79.53
CA GLU E 143 33.55 30.71 80.50
C GLU E 143 33.93 32.00 79.77
N ASN E 144 33.55 33.12 80.36
CA ASN E 144 34.00 34.44 79.89
C ASN E 144 34.22 35.32 81.13
N THR E 145 35.41 35.21 81.71
CA THR E 145 35.75 36.00 82.88
C THR E 145 35.95 37.48 82.55
N THR E 146 36.11 37.82 81.28
CA THR E 146 36.18 39.22 80.89
C THR E 146 34.82 39.91 81.08
N SER E 147 33.77 39.34 80.48
CA SER E 147 32.43 39.90 80.56
C SER E 147 31.64 39.39 81.77
N GLY E 148 32.10 38.34 82.43
CA GLY E 148 31.36 37.80 83.55
C GLY E 148 30.15 36.98 83.17
N VAL E 149 30.07 36.57 81.91
CA VAL E 149 28.95 35.75 81.42
C VAL E 149 29.41 34.30 81.38
N TYR E 150 28.73 33.45 82.13
CA TYR E 150 28.93 32.01 82.10
C TYR E 150 27.83 31.41 81.24
N THR E 151 28.21 30.80 80.12
CA THR E 151 27.25 30.22 79.18
C THR E 151 27.19 28.71 79.39
N LEU E 152 25.98 28.19 79.55
CA LEU E 152 25.74 26.79 79.89
C LEU E 152 24.88 26.15 78.81
N TYR E 153 25.37 25.07 78.22
CA TYR E 153 24.65 24.37 77.15
C TYR E 153 24.15 23.03 77.69
N THR E 154 22.88 22.74 77.44
CA THR E 154 22.25 21.52 77.96
C THR E 154 21.32 20.94 76.90
N GLN E 155 21.59 19.70 76.49
CA GLN E 155 20.76 19.00 75.52
C GLN E 155 20.24 17.70 76.11
N SER E 156 19.00 17.36 75.78
CA SER E 156 18.33 16.21 76.36
C SER E 156 17.16 15.81 75.48
N TYR E 157 16.65 14.60 75.70
CA TYR E 157 15.52 14.07 74.96
C TYR E 157 14.27 14.12 75.82
N VAL E 158 13.14 14.44 75.19
CA VAL E 158 11.92 14.84 75.86
C VAL E 158 10.74 14.46 74.97
N ASN E 159 9.60 14.13 75.59
CA ASN E 159 8.39 13.88 74.82
C ASN E 159 7.56 15.16 74.75
N GLN E 160 6.34 15.08 74.22
CA GLN E 160 5.54 16.31 74.05
C GLN E 160 5.20 16.93 75.40
N GLN E 161 5.01 16.12 76.44
CA GLN E 161 4.60 16.64 77.74
C GLN E 161 5.76 17.26 78.52
N GLY E 162 6.99 17.11 78.06
CA GLY E 162 8.12 17.67 78.78
C GLY E 162 8.92 16.68 79.59
N THR E 163 8.49 15.42 79.66
CA THR E 163 9.19 14.44 80.49
C THR E 163 10.48 14.00 79.82
N THR E 164 11.54 13.90 80.62
CA THR E 164 12.86 13.53 80.11
C THR E 164 12.90 12.05 79.73
N GLN E 165 13.43 11.75 78.55
CA GLN E 165 13.64 10.39 78.09
C GLN E 165 15.07 9.96 78.35
N THR E 166 15.24 8.69 78.66
CA THR E 166 16.55 8.12 78.95
C THR E 166 17.17 7.55 77.68
N VAL E 167 18.46 7.81 77.50
CA VAL E 167 19.19 7.23 76.37
C VAL E 167 19.08 5.71 76.42
N ALA E 168 18.82 5.11 75.26
CA ALA E 168 18.68 3.66 75.03
C ALA E 168 17.39 3.10 75.59
N ALA E 169 16.50 3.91 76.16
CA ALA E 169 15.18 3.44 76.53
C ALA E 169 14.31 3.31 75.28
N ALA E 170 13.13 2.72 75.45
CA ALA E 170 12.27 2.42 74.32
C ALA E 170 11.71 3.70 73.70
N ALA E 171 11.58 3.70 72.38
CA ALA E 171 11.00 4.82 71.63
C ALA E 171 10.62 4.32 70.24
N THR E 172 9.47 4.78 69.73
CA THR E 172 8.95 4.29 68.46
C THR E 172 8.66 5.46 67.53
N ASN E 173 9.24 5.42 66.34
CA ASN E 173 8.96 6.42 65.32
C ASN E 173 7.51 6.34 64.86
N PHE E 174 7.06 7.39 64.19
CA PHE E 174 5.75 7.41 63.55
C PHE E 174 5.90 7.06 62.07
N VAL E 175 4.75 6.90 61.41
CA VAL E 175 4.73 6.57 59.99
C VAL E 175 3.83 7.56 59.27
N ARG E 176 4.19 7.83 58.01
CA ARG E 176 3.44 8.71 57.14
C ARG E 176 3.49 8.16 55.72
N TYR E 177 2.53 8.57 54.92
CA TYR E 177 2.59 8.28 53.49
C TYR E 177 3.22 9.46 52.75
N CYS E 178 3.74 9.16 51.57
CA CYS E 178 4.14 10.23 50.67
C CYS E 178 2.90 11.03 50.26
N GLU E 179 3.14 12.24 49.77
CA GLU E 179 2.03 13.04 49.25
C GLU E 179 1.52 12.41 47.97
N TYR E 180 0.20 12.46 47.80
CA TYR E 180 -0.48 11.85 46.66
C TYR E 180 -0.04 10.39 46.47
N PRO E 181 -0.22 9.54 47.48
CA PRO E 181 0.28 8.16 47.37
C PRO E 181 -0.36 7.37 46.25
N GLY E 182 -1.63 7.65 45.91
CA GLY E 182 -2.26 6.99 44.80
C GLY E 182 -1.59 7.29 43.47
N LEU E 183 -1.03 8.49 43.33
CA LEU E 183 -0.34 8.82 42.08
C LEU E 183 1.01 8.13 41.98
N ARG E 184 1.72 7.94 43.10
CA ARG E 184 3.03 7.33 43.04
C ARG E 184 2.97 5.81 43.04
N LEU E 185 1.91 5.23 43.64
CA LEU E 185 1.83 3.78 43.77
C LEU E 185 1.80 3.09 42.41
N PHE E 186 1.17 3.71 41.42
CA PHE E 186 1.10 3.15 40.07
C PHE E 186 2.28 3.70 39.29
N LYS E 187 3.39 2.96 39.29
CA LYS E 187 4.54 3.34 38.46
C LYS E 187 4.15 3.43 37.00
N ARG E 188 3.35 2.46 36.53
CA ARG E 188 2.97 2.38 35.14
C ARG E 188 1.55 1.84 35.05
N VAL E 189 0.77 2.41 34.14
CA VAL E 189 -0.57 1.94 33.83
C VAL E 189 -0.67 1.81 32.31
N LYS E 190 -0.92 0.60 31.83
CA LYS E 190 -1.05 0.36 30.40
C LYS E 190 -2.34 -0.38 30.10
N PHE E 191 -2.99 0.01 29.00
CA PHE E 191 -4.15 -0.69 28.47
C PHE E 191 -3.70 -1.50 27.27
N GLU E 192 -3.86 -2.82 27.34
CA GLU E 192 -3.28 -3.75 26.39
C GLU E 192 -4.36 -4.51 25.64
N VAL E 193 -4.24 -4.57 24.32
CA VAL E 193 -5.09 -5.38 23.47
C VAL E 193 -4.19 -6.22 22.58
N ASN E 194 -4.41 -7.54 22.57
CA ASN E 194 -3.59 -8.48 21.82
C ASN E 194 -2.13 -8.43 22.27
N GLY E 195 -1.89 -8.12 23.55
CA GLY E 195 -0.56 -8.07 24.09
C GLY E 195 0.24 -6.82 23.78
N ASN E 196 -0.18 -6.03 22.78
CA ASN E 196 0.58 -4.82 22.49
C ASN E 196 -0.03 -3.63 23.21
N PRO E 197 0.79 -2.73 23.74
CA PRO E 197 0.26 -1.56 24.47
C PRO E 197 -0.55 -0.66 23.54
N LEU E 198 -1.83 -0.48 23.87
CA LEU E 198 -2.66 0.45 23.13
C LEU E 198 -2.49 1.87 23.65
N ASP E 199 -2.29 2.03 24.96
CA ASP E 199 -1.87 3.28 25.57
C ASP E 199 -1.26 2.95 26.92
N GLU E 200 -0.38 3.84 27.38
CA GLU E 200 0.26 3.63 28.67
C GLU E 200 0.79 4.97 29.19
N TYR E 201 0.86 5.09 30.50
CA TYR E 201 1.40 6.29 31.13
C TYR E 201 2.03 5.91 32.47
N THR E 202 2.86 6.80 32.97
CA THR E 202 3.61 6.60 34.20
C THR E 202 3.13 7.58 35.26
N ALA E 203 3.69 7.43 36.46
CA ALA E 203 3.40 8.36 37.55
C ALA E 203 3.77 9.79 37.20
N LEU E 204 4.65 9.98 36.21
CA LEU E 204 4.94 11.33 35.74
C LEU E 204 3.76 11.94 35.01
N ALA E 205 3.04 11.13 34.21
CA ALA E 205 1.82 11.62 33.58
C ALA E 205 0.74 11.90 34.62
N ALA E 206 0.77 11.20 35.75
CA ALA E 206 -0.26 11.39 36.77
C ALA E 206 -0.07 12.72 37.49
N ILE E 207 1.18 13.04 37.86
CA ILE E 207 1.42 14.30 38.56
C ILE E 207 1.17 15.48 37.63
N MET E 208 1.39 15.32 36.33
CA MET E 208 1.03 16.38 35.39
C MET E 208 -0.48 16.61 35.38
N TYR E 209 -1.26 15.52 35.43
CA TYR E 209 -2.70 15.67 35.59
C TYR E 209 -3.04 16.35 36.91
N ASN E 210 -2.29 16.02 37.97
CA ASN E 210 -2.54 16.63 39.27
C ASN E 210 -2.26 18.13 39.25
N LYS E 211 -1.31 18.58 38.44
CA LYS E 211 -0.96 20.00 38.39
C LYS E 211 -1.86 20.78 37.45
N PHE E 212 -2.24 20.20 36.31
CA PHE E 212 -2.87 20.94 35.23
C PHE E 212 -4.36 20.67 35.06
N HIS E 213 -4.93 19.67 35.73
CA HIS E 213 -6.28 19.27 35.34
C HIS E 213 -7.20 18.99 36.52
N VAL E 214 -6.88 19.43 37.73
CA VAL E 214 -7.82 19.30 38.83
C VAL E 214 -8.23 20.69 39.30
N PRO E 215 -9.31 21.25 38.75
CA PRO E 215 -9.81 22.52 39.26
C PRO E 215 -10.36 22.35 40.67
N ASP E 216 -10.55 23.49 41.34
CA ASP E 216 -10.87 23.49 42.76
C ASP E 216 -12.22 22.88 43.08
N PHE E 217 -13.18 22.91 42.16
CA PHE E 217 -14.46 22.23 42.40
C PHE E 217 -14.34 20.71 42.27
N LYS E 218 -13.15 20.20 41.96
CA LYS E 218 -12.89 18.77 41.93
C LYS E 218 -11.79 18.35 42.88
N LEU E 219 -11.23 19.27 43.66
CA LEU E 219 -9.97 19.02 44.36
C LEU E 219 -10.16 18.16 45.61
N THR E 220 -11.22 18.41 46.39
CA THR E 220 -11.41 17.62 47.61
C THR E 220 -11.65 16.15 47.28
N GLY E 221 -12.50 15.88 46.30
CA GLY E 221 -12.68 14.50 45.87
C GLY E 221 -11.41 13.90 45.31
N TRP E 222 -10.73 14.64 44.43
CA TRP E 222 -9.48 14.15 43.84
C TRP E 222 -8.46 13.80 44.91
N LYS E 223 -8.34 14.65 45.95
CA LYS E 223 -7.38 14.36 47.02
C LYS E 223 -7.77 13.11 47.79
N ARG E 224 -9.06 12.93 48.08
CA ARG E 224 -9.49 11.74 48.82
C ARG E 224 -9.31 10.49 47.98
N LEU E 225 -9.52 10.58 46.67
CA LEU E 225 -9.37 9.42 45.80
C LEU E 225 -7.95 8.86 45.84
N ILE E 226 -6.95 9.74 45.82
CA ILE E 226 -5.56 9.32 45.68
C ILE E 226 -4.81 9.37 47.01
N GLY E 227 -5.52 9.47 48.13
CA GLY E 227 -4.90 9.31 49.43
C GLY E 227 -4.23 10.52 50.02
N GLN E 228 -4.49 11.72 49.48
CA GLN E 228 -3.88 12.94 50.01
C GLN E 228 -4.79 13.58 51.04
N GLU E 229 -4.21 13.98 52.17
CA GLU E 229 -4.97 14.54 53.26
C GLU E 229 -5.61 15.87 52.86
N VAL E 230 -6.75 16.18 53.50
CA VAL E 230 -7.54 17.36 53.19
C VAL E 230 -7.54 18.26 54.43
N PRO E 231 -7.21 19.54 54.30
CA PRO E 231 -7.17 20.41 55.48
C PRO E 231 -8.55 20.62 56.09
N VAL E 232 -8.56 20.79 57.41
CA VAL E 232 -9.77 21.03 58.18
C VAL E 232 -9.65 22.40 58.84
N GLU E 233 -10.66 23.23 58.66
CA GLU E 233 -10.66 24.60 59.16
C GLU E 233 -11.17 24.61 60.60
N ALA E 234 -10.38 25.20 61.50
CA ALA E 234 -10.68 25.22 62.93
C ALA E 234 -10.79 26.65 63.42
N ALA E 235 -11.76 26.92 64.28
CA ALA E 235 -12.02 28.26 64.80
C ALA E 235 -11.48 28.40 66.21
N SER E 236 -10.91 29.57 66.51
CA SER E 236 -10.38 29.86 67.83
C SER E 236 -11.40 30.61 68.68
N ASN E 237 -11.02 30.86 69.92
CA ASN E 237 -11.77 31.79 70.76
C ASN E 237 -11.68 33.19 70.15
N LEU E 238 -12.50 34.09 70.68
CA LEU E 238 -12.42 35.48 70.25
C LEU E 238 -11.04 36.05 70.56
N VAL E 239 -10.45 36.70 69.57
CA VAL E 239 -9.18 37.39 69.74
C VAL E 239 -9.38 38.90 69.94
N ASN E 240 -10.26 39.49 69.14
CA ASN E 240 -10.66 40.89 69.31
C ASN E 240 -12.09 40.92 69.83
N ILE E 241 -12.31 41.65 70.93
CA ILE E 241 -13.64 41.89 71.46
C ILE E 241 -13.85 43.40 71.46
N ALA E 242 -14.92 43.85 70.81
CA ALA E 242 -15.17 45.27 70.65
C ALA E 242 -15.24 45.98 72.00
N SER E 243 -14.52 47.09 72.10
CA SER E 243 -14.44 47.95 73.28
C SER E 243 -13.64 47.37 74.43
N THR E 244 -12.92 46.27 74.23
CA THR E 244 -11.96 45.78 75.20
C THR E 244 -10.68 45.36 74.49
N THR E 245 -9.75 44.83 75.26
CA THR E 245 -8.39 44.55 74.82
C THR E 245 -7.85 43.39 75.64
N PRO E 246 -6.92 42.60 75.09
CA PRO E 246 -6.22 41.61 75.92
C PRO E 246 -5.09 42.21 76.74
N TRP E 247 -4.72 43.46 76.51
CA TRP E 247 -3.59 44.06 77.18
C TRP E 247 -3.99 44.62 78.54
N GLY E 248 -3.08 44.51 79.51
CA GLY E 248 -3.29 45.17 80.78
C GLY E 248 -3.36 46.66 80.62
N SER E 249 -4.16 47.31 81.47
CA SER E 249 -4.42 48.74 81.33
C SER E 249 -3.18 49.63 81.43
N PRO E 250 -2.12 49.30 82.17
CA PRO E 250 -0.97 50.22 82.22
C PRO E 250 -0.43 50.65 80.86
N ILE E 251 -0.62 49.86 79.81
CA ILE E 251 -0.07 50.14 78.50
C ILE E 251 -1.12 50.59 77.49
N VAL E 252 -2.39 50.69 77.91
CA VAL E 252 -3.50 50.85 76.98
C VAL E 252 -3.91 52.33 76.92
N ALA E 253 -3.97 52.86 75.70
CA ALA E 253 -4.48 54.20 75.42
C ALA E 253 -3.70 55.27 76.20
N LEU E 254 -2.38 55.25 76.06
CA LEU E 254 -1.53 56.25 76.68
C LEU E 254 -1.37 57.45 75.76
N SER E 255 -1.21 58.61 76.37
CA SER E 255 -0.88 59.85 75.67
C SER E 255 0.43 60.38 76.20
N ASP E 256 1.22 61.00 75.33
CA ASP E 256 2.46 61.59 75.79
C ASP E 256 2.19 62.93 76.46
N VAL E 257 3.26 63.56 76.97
CA VAL E 257 3.13 64.80 77.70
C VAL E 257 2.55 65.93 76.85
N ASN E 258 2.50 65.76 75.52
CA ASN E 258 1.86 66.71 74.64
C ASN E 258 0.42 66.33 74.30
N GLY E 259 -0.09 65.23 74.86
CA GLY E 259 -1.42 64.76 74.54
C GLY E 259 -1.52 63.92 73.28
N THR E 260 -0.44 63.80 72.52
CA THR E 260 -0.45 62.94 71.33
C THR E 260 -0.52 61.48 71.75
N ALA E 261 -1.39 60.72 71.08
CA ALA E 261 -1.53 59.30 71.39
C ALA E 261 -0.21 58.58 71.18
N VAL E 262 0.12 57.69 72.11
CA VAL E 262 1.43 57.04 72.14
C VAL E 262 1.50 55.98 71.06
N THR E 263 2.52 56.05 70.22
CA THR E 263 2.79 55.01 69.23
C THR E 263 3.23 53.72 69.94
N GLY E 264 2.55 52.62 69.65
CA GLY E 264 2.83 51.36 70.30
C GLY E 264 1.98 51.07 71.52
N SER E 265 1.22 52.05 72.00
CA SER E 265 0.25 51.80 73.05
C SER E 265 -1.01 51.22 72.43
N PRO E 266 -1.40 49.99 72.77
CA PRO E 266 -2.60 49.41 72.18
C PRO E 266 -3.85 50.13 72.64
N VAL E 267 -4.82 50.24 71.74
CA VAL E 267 -6.14 50.75 72.06
C VAL E 267 -7.15 49.62 71.96
N ASN E 268 -8.39 49.92 72.37
CA ASN E 268 -9.44 48.90 72.37
C ASN E 268 -9.73 48.42 70.95
N ALA E 269 -10.19 47.17 70.86
CA ALA E 269 -10.61 46.62 69.59
C ALA E 269 -11.86 47.34 69.08
N ALA E 270 -12.05 47.31 67.77
CA ALA E 270 -13.21 47.89 67.12
C ALA E 270 -14.11 46.87 66.46
N ILE E 271 -13.64 45.63 66.31
CA ILE E 271 -14.44 44.54 65.78
C ILE E 271 -14.36 43.37 66.76
N THR E 272 -15.27 42.42 66.59
CA THR E 272 -15.31 41.20 67.39
C THR E 272 -15.00 40.04 66.45
N ALA E 273 -13.82 39.43 66.63
CA ALA E 273 -13.29 38.52 65.64
C ALA E 273 -12.63 37.31 66.29
N ARG E 274 -12.63 36.20 65.55
CA ARG E 274 -11.92 34.98 65.92
C ARG E 274 -11.07 34.54 64.74
N LYS E 275 -10.07 33.70 65.02
CA LYS E 275 -9.16 33.23 63.98
C LYS E 275 -9.64 31.90 63.40
N LEU E 276 -9.24 31.66 62.15
CA LEU E 276 -9.33 30.34 61.53
C LEU E 276 -7.93 29.86 61.22
N THR E 277 -7.67 28.58 61.46
CA THR E 277 -6.44 27.95 61.03
C THR E 277 -6.77 26.60 60.41
N GLN E 278 -5.87 26.13 59.55
CA GLN E 278 -6.04 24.86 58.88
C GLN E 278 -5.23 23.79 59.61
N VAL E 279 -5.84 22.61 59.74
CA VAL E 279 -5.26 21.47 60.44
C VAL E 279 -5.35 20.25 59.54
N VAL E 280 -4.29 19.44 59.51
CA VAL E 280 -4.28 18.19 58.77
C VAL E 280 -3.94 17.07 59.74
N PHE E 281 -4.61 15.93 59.56
CA PHE E 281 -4.37 14.74 60.36
C PHE E 281 -4.71 13.51 59.54
N GLY E 282 -4.20 13.46 58.30
CA GLY E 282 -4.45 12.35 57.40
C GLY E 282 -3.23 11.50 57.13
N ALA E 283 -3.16 10.93 55.92
CA ALA E 283 -2.11 9.96 55.62
C ALA E 283 -0.71 10.58 55.66
N GLN E 284 -0.61 11.89 55.44
CA GLN E 284 0.69 12.54 55.34
C GLN E 284 1.20 13.09 56.67
N THR E 285 0.34 13.18 57.71
CA THR E 285 0.87 13.59 59.01
C THR E 285 1.35 12.35 59.77
N PRO E 286 2.55 12.38 60.33
CA PRO E 286 3.06 11.22 61.08
C PRO E 286 2.13 10.82 62.21
N LYS E 287 1.88 9.52 62.32
CA LYS E 287 1.03 8.98 63.37
C LYS E 287 1.65 7.68 63.88
N ALA E 288 1.38 7.38 65.16
CA ALA E 288 1.83 6.10 65.73
C ALA E 288 1.26 4.92 64.95
N THR E 289 0.05 5.07 64.41
CA THR E 289 -0.52 4.07 63.51
C THR E 289 -1.27 4.81 62.41
N GLN E 290 -0.89 4.55 61.16
CA GLN E 290 -1.73 4.96 60.03
C GLN E 290 -2.86 3.96 59.89
N GLU E 291 -4.09 4.45 59.92
CA GLU E 291 -5.23 3.58 59.67
C GLU E 291 -5.14 2.98 58.27
N GLN E 292 -5.92 1.94 58.04
CA GLN E 292 -6.04 1.36 56.71
C GLN E 292 -6.30 2.46 55.68
N LEU E 293 -5.50 2.46 54.62
CA LEU E 293 -5.59 3.47 53.57
C LEU E 293 -6.45 2.94 52.43
N ASN E 294 -7.56 3.61 52.17
CA ASN E 294 -8.48 3.22 51.10
C ASN E 294 -8.44 4.29 50.01
N MET E 295 -8.04 3.88 48.80
CA MET E 295 -7.94 4.78 47.67
C MET E 295 -8.73 4.22 46.51
N PHE E 296 -9.21 5.12 45.65
CA PHE E 296 -9.91 4.79 44.42
C PHE E 296 -9.18 5.58 43.33
N VAL E 297 -8.24 4.94 42.64
CA VAL E 297 -7.27 5.62 41.77
C VAL E 297 -7.84 5.60 40.35
N PRO E 298 -8.32 6.72 39.83
CA PRO E 298 -8.80 6.74 38.45
C PRO E 298 -7.70 6.36 37.47
N LEU E 299 -8.11 5.86 36.31
CA LEU E 299 -7.20 5.51 35.23
C LEU E 299 -7.33 6.57 34.15
N LEU E 300 -6.23 7.26 33.86
CA LEU E 300 -6.24 8.49 33.07
C LEU E 300 -6.17 8.22 31.57
N PHE E 301 -7.02 7.30 31.09
CA PHE E 301 -7.11 7.02 29.67
C PHE E 301 -8.18 7.88 29.01
N TRP E 302 -8.11 7.96 27.68
CA TRP E 302 -8.99 8.85 26.93
C TRP E 302 -10.46 8.41 27.01
N PHE E 303 -10.71 7.12 27.17
CA PHE E 303 -12.07 6.60 27.14
C PHE E 303 -12.82 6.79 28.46
N ARG E 304 -12.26 7.56 29.39
CA ARG E 304 -13.05 8.07 30.50
C ARG E 304 -14.25 8.86 29.99
N ASP E 305 -14.07 9.59 28.91
CA ASP E 305 -15.13 10.29 28.21
C ASP E 305 -16.20 9.30 27.76
N PRO E 306 -17.47 9.47 28.17
CA PRO E 306 -18.50 8.52 27.73
C PRO E 306 -18.70 8.48 26.22
N ARG E 307 -18.56 9.62 25.54
CA ARG E 307 -18.70 9.62 24.08
C ARG E 307 -17.65 8.74 23.42
N LEU E 308 -16.51 8.55 24.08
CA LEU E 308 -15.39 7.81 23.52
C LEU E 308 -15.27 6.40 24.09
N ALA E 309 -16.33 5.90 24.72
CA ALA E 309 -16.32 4.56 25.27
C ALA E 309 -15.99 3.54 24.18
N ILE E 310 -15.29 2.48 24.57
CA ILE E 310 -14.79 1.50 23.64
C ILE E 310 -15.82 0.39 23.44
N ALA E 311 -16.16 0.11 22.18
CA ALA E 311 -17.09 -0.97 21.87
C ALA E 311 -16.46 -2.30 22.23
N SER E 312 -17.11 -3.03 23.15
CA SER E 312 -16.53 -4.26 23.67
C SER E 312 -16.27 -5.28 22.57
N VAL E 313 -17.19 -5.41 21.62
CA VAL E 313 -17.06 -6.42 20.58
C VAL E 313 -15.90 -6.13 19.64
N SER E 314 -15.43 -4.88 19.58
CA SER E 314 -14.32 -4.55 18.70
C SER E 314 -12.98 -5.06 19.24
N ILE E 315 -12.91 -5.41 20.52
CA ILE E 315 -11.68 -5.78 21.18
C ILE E 315 -11.84 -7.20 21.71
N PRO E 316 -11.05 -8.17 21.24
CA PRO E 316 -11.29 -9.58 21.58
C PRO E 316 -11.01 -9.86 23.05
N TYR E 317 -12.03 -10.39 23.73
CA TYR E 317 -11.89 -10.79 25.13
C TYR E 317 -10.86 -11.91 25.25
N GLY E 318 -10.31 -12.04 26.46
CA GLY E 318 -9.26 -12.99 26.72
C GLY E 318 -7.86 -12.43 26.56
N GLN E 319 -7.70 -11.35 25.79
CA GLN E 319 -6.41 -10.69 25.64
C GLN E 319 -6.54 -9.18 25.75
N ARG E 320 -7.47 -8.69 26.56
CA ARG E 320 -7.56 -7.26 26.87
C ARG E 320 -7.35 -7.10 28.38
N PHE E 321 -6.35 -6.30 28.73
CA PHE E 321 -5.89 -6.19 30.11
C PHE E 321 -5.57 -4.74 30.45
N ILE E 322 -5.86 -4.37 31.69
CA ILE E 322 -5.25 -3.21 32.32
C ILE E 322 -4.13 -3.72 33.22
N THR E 323 -2.92 -3.22 33.00
CA THR E 323 -1.74 -3.71 33.70
C THR E 323 -1.11 -2.56 34.46
N VAL E 324 -0.84 -2.78 35.74
CA VAL E 324 -0.35 -1.75 36.64
C VAL E 324 0.89 -2.25 37.36
N ASP E 325 1.97 -1.49 37.28
CA ASP E 325 3.22 -1.79 37.99
C ASP E 325 3.19 -1.06 39.33
N ILE E 326 3.15 -1.83 40.41
CA ILE E 326 3.04 -1.25 41.75
C ILE E 326 4.41 -0.80 42.25
N GLU E 327 4.45 0.38 42.85
CA GLU E 327 5.67 0.97 43.38
C GLU E 327 6.18 0.16 44.57
N GLN E 328 7.44 0.39 44.93
CA GLN E 328 8.01 -0.18 46.14
C GLN E 328 7.43 0.48 47.39
N GLN E 329 7.30 -0.31 48.46
CA GLN E 329 6.77 0.21 49.71
C GLN E 329 7.63 1.35 50.25
N SER E 330 8.95 1.26 50.07
CA SER E 330 9.84 2.28 50.62
C SER E 330 9.71 3.63 49.92
N ASN E 331 9.03 3.69 48.77
CA ASN E 331 8.71 4.95 48.13
C ASN E 331 7.31 5.43 48.46
N ILE E 332 6.55 4.68 49.26
CA ILE E 332 5.17 5.01 49.58
C ILE E 332 4.97 5.28 51.06
N LEU E 333 5.56 4.45 51.92
CA LEU E 333 5.39 4.55 53.37
C LEU E 333 6.73 4.92 54.00
N PHE E 334 6.71 5.90 54.91
CA PHE E 334 7.94 6.49 55.43
C PHE E 334 7.90 6.60 56.95
N THR E 335 9.10 6.60 57.53
CA THR E 335 9.30 6.85 58.94
C THR E 335 9.38 8.35 59.20
N ALA E 336 8.93 8.78 60.38
CA ALA E 336 9.00 10.17 60.78
C ALA E 336 9.10 10.24 62.29
N PRO E 337 9.61 11.36 62.84
CA PRO E 337 9.72 11.48 64.30
C PRO E 337 8.36 11.44 64.97
N GLY E 338 8.28 10.68 66.07
CA GLY E 338 7.09 10.59 66.90
C GLY E 338 7.19 11.44 68.13
N ASN E 339 6.73 10.90 69.26
CA ASN E 339 6.67 11.63 70.51
C ASN E 339 8.04 11.69 71.19
N LEU E 340 9.01 12.28 70.48
CA LEU E 340 10.38 12.34 70.96
C LEU E 340 11.03 13.59 70.40
N PHE E 341 11.64 14.38 71.28
CA PHE E 341 12.15 15.69 70.90
C PHE E 341 13.51 15.93 71.54
N LEU E 342 14.44 16.46 70.75
CA LEU E 342 15.70 16.95 71.30
C LEU E 342 15.49 18.38 71.80
N GLN E 343 15.62 18.55 73.12
CA GLN E 343 15.58 19.88 73.71
C GLN E 343 16.99 20.44 73.77
N THR E 344 17.15 21.68 73.31
CA THR E 344 18.45 22.34 73.26
C THR E 344 18.34 23.66 74.02
N THR E 345 19.08 23.77 75.12
CA THR E 345 18.93 24.89 76.05
C THR E 345 20.27 25.58 76.28
N VAL E 346 20.29 26.89 76.12
CA VAL E 346 21.43 27.74 76.46
C VAL E 346 21.01 28.63 77.62
N GLU E 347 21.84 28.66 78.67
CA GLU E 347 21.64 29.52 79.82
C GLU E 347 22.87 30.38 80.02
N THR E 348 22.68 31.69 80.11
CA THR E 348 23.75 32.64 80.38
C THR E 348 23.53 33.26 81.76
N LEU E 349 24.57 33.25 82.58
CA LEU E 349 24.55 33.85 83.90
C LEU E 349 25.54 35.01 83.93
N LEU E 350 25.03 36.22 84.12
CA LEU E 350 25.88 37.41 84.18
C LEU E 350 26.11 37.75 85.65
N THR E 351 27.26 37.36 86.18
CA THR E 351 27.70 37.75 87.50
C THR E 351 28.74 38.87 87.40
N THR E 352 28.91 39.60 88.49
CA THR E 352 29.83 40.73 88.52
C THR E 352 30.93 40.59 89.57
N GLY E 353 30.92 39.52 90.36
CA GLY E 353 31.82 39.37 91.48
C GLY E 353 32.99 38.45 91.20
N ALA E 354 33.50 37.82 92.26
CA ALA E 354 34.66 36.95 92.14
C ALA E 354 34.31 35.71 91.35
N GLY E 355 35.23 35.29 90.48
CA GLY E 355 34.97 34.17 89.60
C GLY E 355 33.96 34.44 88.52
N LYS E 356 33.67 35.72 88.23
CA LYS E 356 32.66 36.08 87.26
C LYS E 356 32.94 35.40 85.92
N GLY E 357 31.88 34.92 85.27
CA GLY E 357 32.01 34.21 84.02
C GLY E 357 32.26 32.73 84.14
N THR E 358 32.42 32.20 85.35
CA THR E 358 32.60 30.78 85.59
C THR E 358 31.46 30.26 86.44
N ALA E 359 31.37 28.93 86.53
CA ALA E 359 30.36 28.29 87.37
C ALA E 359 30.47 28.69 88.83
N THR E 360 31.58 29.30 89.23
CA THR E 360 31.80 29.72 90.60
C THR E 360 31.58 31.22 90.80
N GLY E 361 31.15 31.94 89.76
CA GLY E 361 30.89 33.36 89.89
C GLY E 361 29.78 33.66 90.88
N VAL E 362 29.84 34.85 91.45
CA VAL E 362 28.95 35.26 92.53
C VAL E 362 28.33 36.61 92.16
N LEU E 363 27.15 36.85 92.74
CA LEU E 363 26.30 38.02 92.50
C LEU E 363 25.75 38.00 91.07
N LEU E 364 24.74 37.16 90.85
CA LEU E 364 24.07 37.08 89.56
C LEU E 364 23.12 38.26 89.39
N THR E 365 23.28 38.98 88.27
CA THR E 365 22.41 40.11 87.97
C THR E 365 21.44 39.85 86.82
N GLN E 366 21.81 39.00 85.87
CA GLN E 366 20.98 38.76 84.69
C GLN E 366 20.98 37.28 84.34
N TYR E 367 19.80 36.72 84.17
CA TYR E 367 19.61 35.34 83.75
C TYR E 367 18.89 35.31 82.42
N ASN E 368 19.37 34.48 81.50
CA ASN E 368 18.72 34.27 80.21
C ASN E 368 18.69 32.79 79.89
N ARG E 369 17.53 32.32 79.43
CA ARG E 369 17.36 30.96 78.95
C ARG E 369 16.82 30.98 77.54
N TYR E 370 17.36 30.11 76.69
CA TYR E 370 16.91 29.96 75.32
C TYR E 370 16.72 28.47 75.07
N THR E 371 15.58 28.10 74.49
CA THR E 371 15.22 26.69 74.41
C THR E 371 14.49 26.40 73.12
N THR E 372 15.00 25.44 72.34
CA THR E 372 14.38 24.96 71.12
C THR E 372 14.02 23.48 71.25
N TYR E 373 13.14 23.02 70.38
CA TYR E 373 12.73 21.62 70.34
C TYR E 373 12.84 21.09 68.92
N THR E 374 13.44 19.91 68.77
CA THR E 374 13.66 19.30 67.47
C THR E 374 13.08 17.90 67.45
N PRO E 375 12.04 17.64 66.65
CA PRO E 375 11.53 16.27 66.53
C PRO E 375 12.63 15.33 66.04
N THR E 376 12.72 14.17 66.67
CA THR E 376 13.89 13.30 66.54
C THR E 376 13.49 11.87 66.23
N LEU E 377 14.25 11.24 65.34
CA LEU E 377 14.02 9.85 64.98
C LEU E 377 14.53 8.91 66.06
N ALA E 378 13.78 7.83 66.29
CA ALA E 378 14.27 6.75 67.14
C ALA E 378 15.20 5.85 66.34
N SER E 379 16.17 5.25 67.03
CA SER E 379 17.08 4.31 66.41
C SER E 379 16.41 2.94 66.30
N GLY E 380 16.49 2.34 65.12
CA GLY E 380 15.97 1.00 64.95
C GLY E 380 14.45 0.90 64.84
N SER E 381 13.78 2.00 64.55
CA SER E 381 12.33 2.00 64.34
C SER E 381 12.08 2.20 62.84
N SER E 382 11.57 1.16 62.19
CA SER E 382 11.41 1.14 60.74
C SER E 382 10.00 0.70 60.39
N ILE E 383 9.66 0.84 59.11
CA ILE E 383 8.31 0.50 58.66
C ILE E 383 8.13 -1.00 58.59
N ASP E 384 6.89 -1.44 58.72
CA ASP E 384 6.53 -2.86 58.67
C ASP E 384 6.57 -3.31 57.21
N GLY E 385 7.65 -4.02 56.86
CA GLY E 385 7.77 -4.57 55.52
C GLY E 385 6.72 -5.60 55.14
N THR E 386 6.01 -6.16 56.12
CA THR E 386 4.95 -7.13 55.87
C THR E 386 3.58 -6.47 55.68
N GLN E 387 3.53 -5.15 55.52
CA GLN E 387 2.26 -4.48 55.30
C GLN E 387 1.59 -5.05 54.06
N ALA E 388 0.37 -5.55 54.23
CA ALA E 388 -0.34 -6.22 53.16
C ALA E 388 -1.08 -5.23 52.28
N VAL E 389 -0.97 -5.42 50.96
CA VAL E 389 -1.95 -4.87 50.05
C VAL E 389 -3.19 -5.74 50.20
N GLN E 390 -4.13 -5.30 51.05
CA GLN E 390 -5.23 -6.16 51.46
C GLN E 390 -6.26 -6.35 50.36
N ASN E 391 -6.34 -5.42 49.41
CA ASN E 391 -7.36 -5.51 48.39
C ASN E 391 -7.00 -4.57 47.25
N ILE E 392 -7.23 -5.02 46.02
CA ILE E 392 -7.15 -4.15 44.85
C ILE E 392 -8.10 -4.70 43.79
N GLU E 393 -9.11 -3.92 43.44
CA GLU E 393 -10.10 -4.31 42.45
C GLU E 393 -10.27 -3.19 41.44
N LEU E 394 -10.52 -3.58 40.20
CA LEU E 394 -10.73 -2.64 39.11
C LEU E 394 -12.22 -2.45 38.89
N TYR E 395 -12.65 -1.19 38.85
CA TYR E 395 -14.04 -0.84 38.60
C TYR E 395 -14.19 -0.34 37.17
N ILE E 396 -15.11 -0.94 36.43
CA ILE E 396 -15.34 -0.60 35.03
C ILE E 396 -16.78 -0.13 34.88
N ASN E 397 -16.95 1.01 34.21
CA ASN E 397 -18.27 1.52 33.86
C ASN E 397 -18.74 0.83 32.59
N ASN E 398 -19.80 0.03 32.69
CA ASN E 398 -20.31 -0.74 31.56
C ASN E 398 -21.55 -0.08 31.01
N ILE E 399 -21.56 0.20 29.71
CA ILE E 399 -22.64 0.90 29.03
C ILE E 399 -23.38 -0.07 28.13
N PHE E 400 -24.69 -0.13 28.25
CA PHE E 400 -25.53 -0.99 27.44
C PHE E 400 -26.43 -0.16 26.53
N VAL E 401 -26.57 -0.59 25.28
CA VAL E 401 -27.42 0.07 24.30
C VAL E 401 -28.35 -0.97 23.70
N THR E 402 -29.31 -0.50 22.91
CA THR E 402 -30.24 -1.42 22.27
C THR E 402 -29.54 -2.16 21.14
N PRO E 403 -29.88 -3.44 20.91
CA PRO E 403 -29.17 -4.22 19.88
C PRO E 403 -29.19 -3.59 18.50
N GLU E 404 -30.30 -2.93 18.12
CA GLU E 404 -30.37 -2.27 16.83
C GLU E 404 -29.28 -1.19 16.72
N ILE E 405 -29.21 -0.30 17.71
CA ILE E 405 -28.23 0.77 17.68
C ILE E 405 -26.81 0.21 17.70
N HIS E 406 -26.61 -0.94 18.34
CA HIS E 406 -25.27 -1.53 18.37
C HIS E 406 -24.82 -1.91 16.96
N ASP E 407 -25.65 -2.65 16.23
CA ASP E 407 -25.28 -3.08 14.88
C ASP E 407 -24.96 -1.88 13.99
N ILE E 408 -25.83 -0.87 14.01
CA ILE E 408 -25.62 0.30 13.18
C ILE E 408 -24.29 0.96 13.53
N TYR E 409 -24.07 1.21 14.83
CA TYR E 409 -22.83 1.86 15.25
C TYR E 409 -21.62 1.02 14.89
N ILE E 410 -21.69 -0.31 15.11
CA ILE E 410 -20.54 -1.15 14.79
C ILE E 410 -20.20 -1.06 13.31
N LYS E 411 -21.21 -1.02 12.44
CA LYS E 411 -20.95 -1.01 11.01
C LYS E 411 -20.66 0.39 10.47
N ARG E 412 -21.21 1.43 11.10
CA ARG E 412 -21.14 2.78 10.55
C ARG E 412 -19.85 3.51 10.95
N ILE E 413 -19.63 3.69 12.25
CA ILE E 413 -18.39 4.32 12.70
C ILE E 413 -17.21 3.47 12.26
N GLY E 414 -16.21 4.11 11.69
CA GLY E 414 -15.08 3.37 11.14
C GLY E 414 -13.84 3.48 12.01
N PHE E 415 -13.63 4.67 12.56
CA PHE E 415 -12.47 4.96 13.39
C PHE E 415 -12.91 5.90 14.51
N THR E 416 -11.99 6.19 15.41
CA THR E 416 -12.29 7.08 16.54
C THR E 416 -11.04 7.82 16.99
N LEU E 417 -11.18 9.13 17.19
CA LEU E 417 -10.07 9.97 17.64
C LEU E 417 -9.67 9.64 19.06
N ILE E 418 -8.48 9.06 19.23
CA ILE E 418 -7.98 8.70 20.55
C ILE E 418 -6.73 9.50 20.91
N ARG E 419 -6.55 9.74 22.20
CA ARG E 419 -5.40 10.51 22.68
C ARG E 419 -4.55 9.60 23.55
N VAL E 420 -3.25 9.57 23.27
CA VAL E 420 -2.31 8.71 23.99
C VAL E 420 -1.17 9.56 24.50
N TYR E 421 -0.45 9.02 25.48
CA TYR E 421 0.71 9.68 26.06
C TYR E 421 1.98 9.24 25.33
N ARG E 422 2.88 10.20 25.12
CA ARG E 422 4.24 9.92 24.67
C ARG E 422 5.19 10.64 25.61
N GLU E 423 6.06 9.88 26.27
CA GLU E 423 6.85 10.37 27.38
C GLU E 423 8.34 10.12 27.13
N GLN E 424 9.16 11.12 27.45
CA GLN E 424 10.61 10.99 27.41
C GLN E 424 11.20 11.64 28.65
N VAL E 425 12.20 10.97 29.24
CA VAL E 425 12.87 11.44 30.45
C VAL E 425 14.37 11.41 30.17
N GLN E 426 14.98 12.59 30.07
CA GLN E 426 16.40 12.73 29.77
C GLN E 426 17.13 13.21 31.02
N ARG E 427 18.03 12.36 31.54
CA ARG E 427 18.90 12.76 32.63
C ARG E 427 19.88 13.84 32.16
N GLU E 428 20.04 14.87 32.99
CA GLU E 428 20.77 16.08 32.58
C GLU E 428 21.70 16.56 33.68
N VAL E 429 22.86 17.08 33.29
CA VAL E 429 23.76 17.79 34.20
C VAL E 429 24.26 19.07 33.53
N ASN E 430 23.70 19.40 32.37
CA ASN E 430 24.09 20.61 31.64
C ASN E 430 23.28 21.81 32.12
N ALA E 431 23.93 22.96 32.17
CA ALA E 431 23.21 24.21 32.43
C ALA E 431 22.32 24.60 31.25
N ALA E 432 22.58 24.06 30.06
CA ALA E 432 21.77 24.33 28.88
C ALA E 432 22.01 23.21 27.87
N ASP E 433 20.94 22.77 27.22
CA ASP E 433 21.05 21.67 26.28
C ASP E 433 19.88 21.70 25.31
N GLN E 434 20.04 20.97 24.21
CA GLN E 434 19.03 20.83 23.17
C GLN E 434 18.71 19.34 23.08
N VAL E 435 17.60 18.92 23.66
CA VAL E 435 17.28 17.51 23.85
C VAL E 435 16.38 17.07 22.70
N LEU E 436 16.91 16.19 21.85
CA LEU E 436 16.11 15.58 20.80
C LEU E 436 15.00 14.74 21.41
N GLN E 437 13.77 14.97 20.94
CA GLN E 437 12.60 14.26 21.46
C GLN E 437 12.37 13.03 20.58
N SER E 438 13.05 11.94 20.95
CA SER E 438 13.06 10.75 20.09
C SER E 438 11.81 9.90 20.27
N GLN E 439 11.19 9.93 21.45
CA GLN E 439 9.98 9.15 21.69
C GLN E 439 8.72 9.91 21.32
N LEU E 440 8.84 11.12 20.78
CA LEU E 440 7.69 11.88 20.35
C LEU E 440 7.41 11.61 18.88
N LYS E 441 6.14 11.30 18.59
CA LYS E 441 5.69 10.93 17.26
C LYS E 441 4.22 11.33 17.20
N TRP E 442 3.63 11.24 16.01
CA TRP E 442 2.20 11.44 15.80
C TRP E 442 1.84 12.91 15.98
N PRO E 443 0.64 13.33 15.59
CA PRO E 443 0.20 14.70 15.90
C PRO E 443 0.23 14.95 17.39
N VAL E 444 0.98 15.96 17.81
CA VAL E 444 1.14 16.30 19.22
C VAL E 444 0.32 17.55 19.50
N GLU E 445 -0.65 17.43 20.40
CA GLU E 445 -1.45 18.60 20.80
C GLU E 445 -0.67 19.51 21.74
N PHE E 446 -0.14 18.96 22.82
CA PHE E 446 0.65 19.74 23.77
C PHE E 446 1.58 18.79 24.52
N ILE E 447 2.53 19.39 25.24
CA ILE E 447 3.57 18.65 25.94
C ILE E 447 3.72 19.23 27.34
N TYR E 448 3.53 18.39 28.36
CA TYR E 448 3.91 18.77 29.71
C TYR E 448 5.43 18.75 29.81
N LEU E 449 6.01 19.78 30.42
CA LEU E 449 7.45 19.94 30.49
C LEU E 449 7.87 20.26 31.93
N GLY E 450 9.00 19.69 32.34
CA GLY E 450 9.54 19.94 33.65
C GLY E 450 10.96 19.43 33.75
N LEU E 451 11.72 20.02 34.67
CA LEU E 451 13.12 19.69 34.90
C LEU E 451 13.29 19.36 36.39
N ARG E 452 12.99 18.11 36.73
CA ARG E 452 12.91 17.70 38.14
C ARG E 452 14.29 17.30 38.65
N PRO E 453 14.79 17.92 39.72
CA PRO E 453 16.06 17.48 40.29
C PRO E 453 16.02 16.00 40.68
N ALA E 454 17.14 15.31 40.43
CA ALA E 454 17.23 13.90 40.79
C ALA E 454 17.09 13.70 42.29
N ASN E 455 17.46 14.70 43.09
CA ASN E 455 17.40 14.56 44.54
C ASN E 455 15.96 14.47 45.06
N ASN E 456 14.99 15.02 44.34
CA ASN E 456 13.59 14.99 44.78
C ASN E 456 13.08 13.57 45.02
N ILE E 457 13.71 12.56 44.39
CA ILE E 457 13.28 11.17 44.50
C ILE E 457 14.36 10.29 45.10
N ALA E 458 15.43 10.88 45.62
CA ALA E 458 16.51 10.10 46.20
C ALA E 458 16.11 9.56 47.57
N ALA E 459 16.50 8.31 47.84
CA ALA E 459 16.23 7.70 49.14
C ALA E 459 16.91 8.48 50.27
N GLY E 460 18.04 9.12 49.97
CA GLY E 460 18.75 9.96 50.91
C GLY E 460 18.16 11.33 51.13
N ASN E 461 17.12 11.68 50.39
CA ASN E 461 16.37 12.92 50.64
C ASN E 461 15.36 12.64 51.74
N THR E 462 15.58 13.22 52.92
CA THR E 462 14.66 13.04 54.03
C THR E 462 13.28 13.60 53.74
N TYR E 463 13.16 14.45 52.72
CA TYR E 463 11.89 15.03 52.31
C TYR E 463 11.36 14.43 51.01
N GLN E 464 11.86 13.26 50.63
CA GLN E 464 11.42 12.62 49.39
C GLN E 464 9.89 12.42 49.38
N TRP E 465 9.30 12.18 50.55
CA TRP E 465 7.86 11.93 50.60
C TRP E 465 7.06 13.13 50.12
N ARG E 466 7.60 14.35 50.27
CA ARG E 466 6.97 15.57 49.81
C ARG E 466 7.52 16.05 48.47
N ASP E 467 8.82 15.91 48.25
CA ASP E 467 9.48 16.51 47.10
C ASP E 467 9.34 15.69 45.82
N TRP E 468 8.87 14.44 45.90
CA TRP E 468 8.96 13.55 44.76
C TRP E 468 8.18 14.06 43.55
N HIS E 469 7.07 14.76 43.78
CA HIS E 469 6.23 15.23 42.68
C HIS E 469 6.51 16.67 42.28
N HIS E 470 7.44 17.34 42.95
CA HIS E 470 7.79 18.71 42.60
C HIS E 470 8.76 18.73 41.42
N LEU E 471 8.58 19.73 40.54
CA LEU E 471 9.45 19.90 39.39
C LEU E 471 10.41 21.07 39.56
N THR E 472 10.70 21.45 40.81
CA THR E 472 11.72 22.43 41.15
C THR E 472 12.55 21.89 42.31
N SER E 473 13.56 22.67 42.69
CA SER E 473 14.37 22.36 43.87
C SER E 473 13.74 23.01 45.10
N VAL E 474 13.52 22.21 46.14
CA VAL E 474 12.79 22.64 47.33
C VAL E 474 13.75 22.70 48.51
N THR E 475 13.92 23.88 49.06
CA THR E 475 14.66 24.09 50.29
C THR E 475 13.70 24.37 51.44
N ASN E 476 14.09 23.97 52.64
CA ASN E 476 13.22 24.04 53.82
C ASN E 476 13.63 25.23 54.67
N GLU E 477 12.86 26.31 54.59
CA GLU E 477 13.12 27.50 55.38
C GLU E 477 12.29 27.44 56.66
N PRO E 478 12.91 27.52 57.85
CA PRO E 478 12.13 27.44 59.09
C PRO E 478 11.56 28.79 59.50
N VAL E 479 10.35 28.74 60.06
CA VAL E 479 9.69 29.89 60.68
C VAL E 479 9.41 29.52 62.12
N TYR E 480 9.92 30.32 63.05
CA TYR E 480 9.83 30.04 64.47
C TYR E 480 8.75 30.88 65.13
N ASP E 481 7.99 30.26 66.02
CA ASP E 481 7.15 30.97 66.98
C ASP E 481 7.88 30.96 68.32
N VAL E 482 8.20 32.15 68.83
CA VAL E 482 9.01 32.30 70.03
C VAL E 482 8.18 32.98 71.10
N SER E 483 8.18 32.39 72.30
CA SER E 483 7.47 32.94 73.45
C SER E 483 8.48 33.67 74.32
N GLN E 484 8.34 34.99 74.41
CA GLN E 484 9.26 35.82 75.19
C GLN E 484 8.71 36.03 76.59
N SER E 485 9.59 35.96 77.58
CA SER E 485 9.24 36.19 78.97
C SER E 485 10.26 37.13 79.61
N TYR E 486 9.77 37.94 80.55
CA TYR E 486 10.62 38.80 81.36
C TYR E 486 10.13 38.77 82.80
N ALA E 487 11.06 38.62 83.73
CA ALA E 487 10.74 38.66 85.15
C ALA E 487 11.79 39.45 85.88
N ARG E 488 11.35 40.27 86.84
CA ARG E 488 12.25 40.99 87.73
C ARG E 488 11.81 40.78 89.17
N VAL E 489 12.79 40.57 90.06
CA VAL E 489 12.54 40.27 91.46
C VAL E 489 13.54 41.02 92.32
N SER E 490 13.07 41.60 93.41
CA SER E 490 13.92 42.24 94.42
C SER E 490 14.19 41.25 95.54
N ILE E 491 15.47 40.99 95.80
CA ILE E 491 15.86 40.00 96.79
C ILE E 491 16.24 40.64 98.13
N ASP E 492 16.02 41.94 98.28
CA ASP E 492 16.37 42.67 99.49
C ASP E 492 15.24 43.63 99.80
N ASP E 493 14.54 43.41 100.91
CA ASP E 493 13.34 44.18 101.23
C ASP E 493 13.64 45.54 101.86
N THR E 494 14.90 45.86 102.14
CA THR E 494 15.25 47.17 102.70
C THR E 494 15.96 48.07 101.71
N VAL E 495 16.18 47.62 100.48
CA VAL E 495 16.80 48.42 99.43
C VAL E 495 15.77 48.70 98.36
N ALA E 496 15.70 49.94 97.91
CA ALA E 496 14.82 50.28 96.79
C ALA E 496 15.29 49.54 95.54
N PRO E 497 14.42 48.78 94.88
CA PRO E 497 14.87 47.99 93.72
C PRO E 497 15.37 48.85 92.57
N VAL E 498 14.72 49.98 92.31
CA VAL E 498 15.08 50.81 91.16
C VAL E 498 16.53 51.23 91.25
N GLY E 499 17.32 50.90 90.23
CA GLY E 499 18.71 51.30 90.18
C GLY E 499 19.64 50.52 91.06
N SER E 500 19.24 49.31 91.48
CA SER E 500 20.05 48.52 92.39
C SER E 500 20.24 47.11 91.84
N THR E 501 21.42 46.54 92.11
CA THR E 501 21.70 45.18 91.70
C THR E 501 20.96 44.14 92.54
N THR E 502 20.25 44.56 93.59
CA THR E 502 19.32 43.65 94.25
C THR E 502 18.10 43.35 93.39
N PHE E 503 17.87 44.17 92.36
CA PHE E 503 16.68 44.10 91.51
C PHE E 503 17.04 43.24 90.30
N LYS E 504 16.85 41.93 90.44
CA LYS E 504 17.40 40.97 89.50
C LYS E 504 16.56 40.90 88.22
N GLN E 505 17.17 40.33 87.18
CA GLN E 505 16.53 40.19 85.88
C GLN E 505 16.61 38.74 85.42
N SER E 506 15.50 38.26 84.87
CA SER E 506 15.43 36.96 84.24
C SER E 506 14.63 37.08 82.94
N ALA E 507 14.99 36.25 81.97
CA ALA E 507 14.33 36.29 80.67
C ALA E 507 14.41 34.91 80.03
N SER E 508 13.42 34.59 79.20
CA SER E 508 13.39 33.30 78.54
C SER E 508 12.75 33.41 77.16
N GLN E 509 13.39 32.80 76.17
CA GLN E 509 12.82 32.57 74.85
C GLN E 509 12.64 31.07 74.68
N VAL E 510 11.42 30.64 74.39
CA VAL E 510 11.11 29.24 74.20
C VAL E 510 10.40 29.05 72.87
N MET E 511 10.89 28.11 72.08
CA MET E 511 10.24 27.77 70.82
C MET E 511 8.84 27.24 71.11
N GLN E 512 7.82 27.97 70.65
CA GLN E 512 6.46 27.49 70.80
C GLN E 512 6.09 26.52 69.69
N ASN E 513 6.44 26.87 68.45
CA ASN E 513 6.23 25.97 67.32
C ASN E 513 7.21 26.37 66.22
N GLN E 514 7.35 25.47 65.24
CA GLN E 514 8.21 25.70 64.10
C GLN E 514 7.50 25.23 62.84
N TYR E 515 7.38 26.12 61.86
CA TYR E 515 6.84 25.77 60.56
C TYR E 515 7.97 25.56 59.57
N ILE E 516 7.67 24.87 58.48
CA ILE E 516 8.62 24.61 57.41
C ILE E 516 8.03 25.20 56.13
N VAL E 517 8.66 26.25 55.63
CA VAL E 517 8.28 26.85 54.36
C VAL E 517 9.04 26.12 53.25
N PRO E 518 8.34 25.47 52.31
CA PRO E 518 9.05 24.83 51.20
C PRO E 518 9.34 25.82 50.09
N VAL E 519 10.57 26.33 50.05
CA VAL E 519 10.94 27.35 49.07
C VAL E 519 11.30 26.66 47.75
N GLU E 520 10.61 27.07 46.69
CA GLU E 520 10.83 26.49 45.37
C GLU E 520 11.84 27.34 44.59
N THR E 521 12.87 26.69 44.07
CA THR E 521 13.83 27.31 43.16
C THR E 521 13.64 26.69 41.78
N GLU E 522 13.28 27.52 40.81
CA GLU E 522 12.99 27.03 39.48
C GLU E 522 14.26 26.47 38.83
N THR E 523 14.08 25.42 38.02
CA THR E 523 15.18 24.80 37.31
C THR E 523 15.21 25.15 35.83
N LEU E 524 14.19 25.85 35.34
CA LEU E 524 14.11 26.27 33.95
C LEU E 524 14.05 27.80 33.90
N ASP E 525 15.00 28.42 33.21
CA ASP E 525 14.96 29.85 32.96
C ASP E 525 14.24 30.14 31.64
N THR E 526 14.74 29.55 30.54
CA THR E 526 14.14 29.72 29.23
C THR E 526 13.93 28.36 28.59
N VAL E 527 12.97 28.31 27.67
CA VAL E 527 12.68 27.12 26.88
C VAL E 527 12.43 27.57 25.44
N ARG E 528 12.98 26.82 24.50
CA ARG E 528 12.82 27.07 23.07
C ARG E 528 12.46 25.76 22.39
N VAL E 529 11.61 25.82 21.38
CA VAL E 529 11.13 24.63 20.67
C VAL E 529 11.49 24.78 19.19
N LYS E 530 12.26 23.83 18.67
CA LYS E 530 12.77 23.89 17.31
C LYS E 530 12.53 22.56 16.59
N ALA E 531 12.08 22.64 15.35
CA ALA E 531 11.93 21.47 14.48
C ALA E 531 12.26 21.91 13.05
N HIS E 532 13.02 21.06 12.34
CA HIS E 532 13.55 21.41 11.02
C HIS E 532 14.50 22.59 11.06
N GLY E 533 14.95 22.97 12.25
CA GLY E 533 15.63 24.24 12.37
C GLY E 533 14.69 25.41 12.36
N ILE E 534 13.39 25.16 12.53
CA ILE E 534 12.36 26.20 12.51
C ILE E 534 11.81 26.35 13.93
N GLU E 535 11.74 27.60 14.39
CA GLU E 535 11.29 27.88 15.75
C GLU E 535 9.77 27.75 15.83
N LEU E 536 9.30 26.68 16.48
CA LEU E 536 7.89 26.62 16.86
C LEU E 536 7.61 27.56 18.00
N TYR E 537 8.50 27.63 18.98
CA TYR E 537 8.50 28.62 20.04
C TYR E 537 9.88 29.23 20.14
N ALA E 538 9.98 30.55 20.06
CA ALA E 538 11.26 31.21 20.24
C ALA E 538 11.75 31.01 21.67
N GLN E 539 12.94 31.50 22.00
CA GLN E 539 13.45 31.36 23.35
C GLN E 539 12.67 32.30 24.27
N TYR E 540 11.80 31.73 25.10
CA TYR E 540 10.95 32.50 25.99
C TYR E 540 11.21 32.08 27.44
N ARG E 541 11.03 33.03 28.36
CA ARG E 541 11.17 32.74 29.77
C ARG E 541 10.15 31.70 30.22
N ALA E 542 10.50 30.97 31.29
CA ALA E 542 9.67 29.85 31.71
C ALA E 542 8.28 30.29 32.16
N GLN E 543 8.14 31.51 32.70
CA GLN E 543 6.85 31.95 33.18
C GLN E 543 5.83 32.11 32.05
N PHE E 544 6.29 32.28 30.81
CA PHE E 544 5.38 32.32 29.68
C PHE E 544 4.63 30.99 29.53
N TYR E 545 5.32 29.88 29.77
CA TYR E 545 4.72 28.56 29.55
C TYR E 545 3.96 28.08 30.78
N ARG E 546 4.34 28.53 31.97
CA ARG E 546 3.69 28.08 33.19
C ARG E 546 2.51 28.95 33.56
N ASP E 547 2.60 30.26 33.34
CA ASP E 547 1.58 31.21 33.75
C ASP E 547 0.73 31.71 32.60
N TYR E 548 1.35 32.26 31.55
CA TYR E 548 0.54 32.86 30.49
C TYR E 548 -0.26 31.80 29.74
N ILE E 549 0.43 30.79 29.19
CA ILE E 549 -0.26 29.79 28.36
C ILE E 549 -1.36 29.08 29.12
N PRO E 550 -1.14 28.53 30.31
CA PRO E 550 -2.25 27.86 31.01
C PRO E 550 -3.35 28.80 31.45
N TRP E 551 -3.04 30.08 31.65
CA TRP E 551 -4.09 31.02 32.02
C TRP E 551 -4.96 31.39 30.82
N ASN E 552 -4.36 31.45 29.63
CA ASN E 552 -5.05 31.95 28.45
C ASN E 552 -5.82 30.86 27.71
N TYR E 553 -5.34 29.61 27.73
CA TYR E 553 -5.96 28.52 27.00
C TYR E 553 -6.61 27.52 27.96
N GLY E 554 -7.62 26.81 27.47
CA GLY E 554 -8.15 25.64 28.13
C GLY E 554 -9.41 25.86 28.94
N SER E 555 -9.70 27.11 29.31
CA SER E 555 -10.87 27.45 30.14
C SER E 555 -10.81 26.59 31.41
N PHE E 556 -11.90 25.93 31.79
CA PHE E 556 -11.93 25.09 32.99
C PHE E 556 -11.21 23.76 32.82
N ASN E 557 -10.62 23.50 31.65
CA ASN E 557 -9.91 22.25 31.43
C ASN E 557 -8.41 22.37 31.74
N LEU E 558 -7.89 23.59 31.82
CA LEU E 558 -6.46 23.81 32.03
C LEU E 558 -6.28 24.71 33.24
N VAL E 559 -5.67 24.17 34.28
CA VAL E 559 -5.45 24.91 35.53
C VAL E 559 -4.08 25.55 35.49
N THR E 560 -4.00 26.79 35.94
CA THR E 560 -2.71 27.43 36.15
C THR E 560 -2.00 26.69 37.28
N PRO E 561 -0.89 26.01 37.01
CA PRO E 561 -0.33 25.10 38.01
C PRO E 561 0.29 25.84 39.18
N GLN E 562 0.20 25.21 40.36
CA GLN E 562 0.85 25.75 41.55
C GLN E 562 2.35 25.55 41.49
N ASP E 563 2.79 24.39 41.02
CA ASP E 563 4.22 24.08 40.91
C ASP E 563 4.91 25.09 40.00
N LYS E 564 5.95 25.74 40.53
CA LYS E 564 6.67 26.76 39.76
C LYS E 564 7.53 26.16 38.65
N GLY E 565 7.61 24.83 38.55
CA GLY E 565 8.39 24.19 37.51
C GLY E 565 7.59 23.46 36.45
N ALA E 566 6.27 23.52 36.49
CA ALA E 566 5.44 22.84 35.50
C ALA E 566 5.16 23.78 34.33
N LEU E 567 5.64 23.39 33.15
CA LEU E 567 5.51 24.19 31.94
C LEU E 567 4.60 23.49 30.94
N PHE E 568 3.81 24.28 30.21
CA PHE E 568 2.80 23.77 29.28
C PHE E 568 3.10 24.31 27.88
N LEU E 569 3.70 23.47 27.04
CA LEU E 569 3.97 23.83 25.65
C LEU E 569 2.74 23.49 24.83
N ASN E 570 2.05 24.51 24.33
CA ASN E 570 0.76 24.33 23.69
C ASN E 570 0.89 24.48 22.18
N PHE E 571 0.15 23.64 21.44
CA PHE E 571 0.11 23.74 19.99
C PHE E 571 -1.30 23.81 19.42
N CYS E 572 -2.33 23.55 20.22
CA CYS E 572 -3.72 23.66 19.80
C CYS E 572 -4.37 24.86 20.46
N LEU E 573 -5.55 25.22 19.95
CA LEU E 573 -6.27 26.38 20.45
C LEU E 573 -7.21 26.05 21.61
N TYR E 574 -7.59 24.79 21.78
CA TYR E 574 -8.57 24.39 22.79
C TYR E 574 -8.10 23.13 23.50
N PRO E 575 -7.06 23.24 24.32
CA PRO E 575 -6.54 22.07 25.05
C PRO E 575 -7.61 21.51 25.99
N GLY E 576 -7.82 20.20 25.90
CA GLY E 576 -8.84 19.55 26.69
C GLY E 576 -10.13 19.24 25.95
N THR E 577 -10.35 19.86 24.79
CA THR E 577 -11.54 19.57 24.01
C THR E 577 -11.32 18.34 23.13
N TYR E 578 -12.42 17.73 22.70
CA TYR E 578 -12.29 16.58 21.80
C TYR E 578 -12.02 17.03 20.38
N GLN E 579 -12.74 18.04 19.91
CA GLN E 579 -12.55 18.56 18.56
C GLN E 579 -11.11 19.00 18.37
N PRO E 580 -10.38 18.44 17.41
CA PRO E 580 -9.00 18.89 17.18
C PRO E 580 -8.94 20.37 16.84
N SER E 581 -7.91 21.05 17.37
CA SER E 581 -7.78 22.48 17.15
C SER E 581 -6.33 22.89 16.92
N GLY E 582 -5.50 21.96 16.46
CA GLY E 582 -4.10 22.26 16.17
C GLY E 582 -3.15 21.27 16.79
N HIS E 583 -2.00 21.11 16.15
CA HIS E 583 -0.98 20.17 16.57
C HIS E 583 0.28 20.45 15.75
N VAL E 584 1.32 19.67 16.01
CA VAL E 584 2.55 19.71 15.22
C VAL E 584 2.71 18.37 14.51
N ASN E 585 2.99 18.43 13.21
CA ASN E 585 2.85 17.29 12.29
C ASN E 585 3.84 16.18 12.65
N ILE E 586 3.69 15.05 11.96
CA ILE E 586 4.53 13.89 12.25
C ILE E 586 5.93 14.06 11.66
N SER E 587 6.07 14.73 10.53
CA SER E 587 7.39 14.96 9.96
C SER E 587 8.23 15.84 10.88
N ARG E 588 7.61 16.85 11.49
CA ARG E 588 8.31 17.64 12.50
C ARG E 588 8.41 16.88 13.82
N ALA E 589 7.46 15.98 14.10
CA ALA E 589 7.50 15.23 15.34
C ALA E 589 8.71 14.30 15.42
N ARG E 590 9.36 14.01 14.30
CA ARG E 590 10.56 13.19 14.30
C ARG E 590 11.73 13.97 14.90
N GLU E 591 12.21 14.99 14.20
CA GLU E 591 13.38 15.77 14.62
C GLU E 591 12.95 16.94 15.50
N PHE E 592 12.50 16.59 16.70
CA PHE E 592 11.92 17.56 17.63
C PHE E 592 12.92 17.87 18.73
N TYR E 593 13.15 19.15 18.98
CA TYR E 593 14.11 19.61 19.98
C TYR E 593 13.43 20.53 20.98
N ILE E 594 13.60 20.23 22.27
CA ILE E 594 13.27 21.15 23.35
C ILE E 594 14.58 21.65 23.93
N GLU E 595 14.81 22.96 23.84
CA GLU E 595 16.06 23.59 24.28
C GLU E 595 15.79 24.40 25.54
N TYR E 596 16.56 24.14 26.59
CA TYR E 596 16.39 24.84 27.85
C TYR E 596 17.69 25.53 28.26
N THR E 597 17.54 26.54 29.12
CA THR E 597 18.63 27.04 29.93
C THR E 597 18.24 26.88 31.40
N SER E 598 19.24 26.63 32.23
CA SER E 598 19.03 26.47 33.66
C SER E 598 20.07 27.27 34.44
N SER E 599 19.64 27.86 35.54
CA SER E 599 20.55 28.42 36.53
C SER E 599 20.74 27.48 37.72
N PHE E 600 20.22 26.26 37.63
CA PHE E 600 20.30 25.28 38.70
C PHE E 600 21.02 24.01 38.27
N CYS E 601 20.57 23.37 37.20
CA CYS E 601 21.16 22.10 36.77
C CYS E 601 22.64 22.28 36.43
N ASP E 602 23.48 21.53 37.11
CA ASP E 602 24.91 21.45 36.78
C ASP E 602 25.41 20.06 37.18
N SER E 603 26.73 19.89 37.20
CA SER E 603 27.30 18.59 37.54
C SER E 603 26.98 18.20 38.98
N SER E 604 26.75 19.18 39.85
CA SER E 604 26.44 18.93 41.25
C SER E 604 24.96 18.75 41.51
N ASN E 605 24.10 19.18 40.59
CA ASN E 605 22.65 19.12 40.75
C ASN E 605 22.03 18.53 39.49
N PRO E 606 22.07 17.21 39.34
CA PRO E 606 21.47 16.58 38.15
C PRO E 606 19.96 16.63 38.20
N CYS E 607 19.35 16.71 37.02
CA CYS E 607 17.90 16.83 36.89
C CYS E 607 17.41 15.93 35.76
N ASP E 608 16.10 15.67 35.78
CA ASP E 608 15.43 14.88 34.74
C ASP E 608 14.59 15.82 33.89
N LEU E 609 14.95 15.96 32.62
CA LEU E 609 14.17 16.74 31.65
C LEU E 609 12.99 15.86 31.22
N ILE E 610 11.81 16.18 31.73
CA ILE E 610 10.62 15.34 31.56
C ILE E 610 9.70 16.02 30.55
N SER E 611 9.48 15.36 29.42
CA SER E 611 8.55 15.81 28.40
C SER E 611 7.52 14.71 28.16
N ILE E 612 6.24 15.05 28.32
CA ILE E 612 5.13 14.12 28.19
C ILE E 612 4.14 14.72 27.20
N ALA E 613 4.04 14.13 26.01
CA ALA E 613 3.19 14.65 24.96
C ALA E 613 1.83 13.94 24.96
N LYS E 614 0.79 14.70 24.63
CA LYS E 614 -0.53 14.14 24.37
C LYS E 614 -0.71 14.13 22.85
N CYS E 615 -0.81 12.93 22.29
CA CYS E 615 -0.79 12.75 20.85
C CYS E 615 -2.13 12.26 20.35
N ILE E 616 -2.56 12.77 19.20
CA ILE E 616 -3.76 12.28 18.54
C ILE E 616 -3.42 11.01 17.77
N ASN E 617 -4.26 10.00 17.93
CA ASN E 617 -4.16 8.76 17.17
C ASN E 617 -5.57 8.29 16.85
N PHE E 618 -5.67 7.15 16.18
CA PHE E 618 -6.95 6.67 15.67
C PHE E 618 -7.11 5.19 16.00
N LEU E 619 -8.29 4.83 16.44
CA LEU E 619 -8.63 3.43 16.73
C LEU E 619 -9.61 2.95 15.67
N LEU E 620 -9.14 2.07 14.79
CA LEU E 620 -9.97 1.47 13.74
C LEU E 620 -11.26 0.88 14.34
N ASP F 12 0.09 17.43 4.50
CA ASP F 12 1.15 16.81 5.27
C ASP F 12 1.05 15.28 5.17
N GLY F 13 1.26 14.61 6.30
CA GLY F 13 1.20 13.17 6.36
C GLY F 13 -0.22 12.64 6.34
N LYS F 14 -0.36 11.37 6.74
CA LYS F 14 -1.65 10.71 6.70
C LYS F 14 -2.50 11.04 7.92
N ALA F 15 -1.91 11.06 9.11
CA ALA F 15 -2.64 11.50 10.29
C ALA F 15 -3.09 12.96 10.19
N ASP F 16 -2.28 13.81 9.57
CA ASP F 16 -2.64 15.22 9.40
C ASP F 16 -3.73 15.43 8.33
N ARG F 17 -4.21 14.34 7.76
CA ARG F 17 -5.24 14.33 6.73
C ARG F 17 -6.59 13.84 7.24
N MET F 18 -6.59 12.99 8.28
CA MET F 18 -7.81 12.68 9.00
C MET F 18 -8.16 13.75 10.02
N ILE F 19 -7.27 14.71 10.26
CA ILE F 19 -7.52 15.79 11.19
C ILE F 19 -7.95 17.07 10.47
N MET F 20 -7.32 17.36 9.33
CA MET F 20 -7.56 18.61 8.62
C MET F 20 -8.06 18.43 7.20
N ALA F 21 -7.70 17.33 6.52
CA ALA F 21 -8.23 17.00 5.20
C ALA F 21 -8.07 18.16 4.22
N ASN F 22 -6.89 18.77 4.21
CA ASN F 22 -6.70 19.97 3.40
C ASN F 22 -6.75 19.65 1.91
N ASP F 23 -6.32 18.45 1.51
CA ASP F 23 -6.46 18.05 0.11
C ASP F 23 -7.92 17.99 -0.30
N LEU F 24 -8.75 17.35 0.52
CA LEU F 24 -10.18 17.26 0.21
C LEU F 24 -10.82 18.64 0.11
N LEU F 25 -10.48 19.52 1.06
CA LEU F 25 -11.06 20.86 1.07
C LEU F 25 -10.68 21.65 -0.17
N ASN F 26 -9.42 21.53 -0.61
CA ASN F 26 -8.98 22.23 -1.81
C ASN F 26 -9.68 21.70 -3.06
N ASP F 27 -10.04 20.42 -3.06
CA ASP F 27 -10.88 19.92 -4.14
C ASP F 27 -12.29 20.50 -4.05
N ARG F 28 -12.79 20.68 -2.82
CA ARG F 28 -14.09 21.29 -2.66
C ARG F 28 -14.10 22.73 -3.17
N ILE F 29 -13.01 23.46 -2.93
CA ILE F 29 -12.93 24.85 -3.38
C ILE F 29 -12.91 24.92 -4.90
N LYS F 30 -12.06 24.10 -5.53
CA LYS F 30 -12.01 24.10 -7.00
C LYS F 30 -13.34 23.65 -7.59
N SER F 31 -13.95 22.61 -7.02
CA SER F 31 -15.21 22.10 -7.58
C SER F 31 -16.32 23.13 -7.45
N ILE F 32 -16.37 23.85 -6.32
CA ILE F 32 -17.38 24.88 -6.15
C ILE F 32 -17.15 26.03 -7.13
N MET F 33 -15.92 26.55 -7.18
CA MET F 33 -15.62 27.65 -8.08
C MET F 33 -15.89 27.28 -9.54
N CYS F 34 -15.74 26.01 -9.88
CA CYS F 34 -16.08 25.58 -11.24
C CYS F 34 -17.59 25.57 -11.46
N LEU F 35 -18.36 25.11 -10.47
CA LEU F 35 -19.80 25.04 -10.64
C LEU F 35 -20.44 26.43 -10.63
N ARG F 36 -20.01 27.30 -9.72
CA ARG F 36 -20.58 28.65 -9.66
C ARG F 36 -20.39 29.38 -10.98
N ALA F 37 -19.23 29.21 -11.62
CA ALA F 37 -19.00 29.82 -12.93
C ALA F 37 -19.85 29.14 -13.99
N LYS F 38 -19.83 27.81 -14.03
CA LYS F 38 -20.64 27.04 -14.98
C LYS F 38 -22.13 27.28 -14.78
N GLN F 39 -22.55 27.74 -13.61
CA GLN F 39 -23.93 28.11 -13.35
C GLN F 39 -24.20 29.59 -13.54
N GLY F 40 -23.19 30.36 -13.95
CA GLY F 40 -23.40 31.77 -14.25
C GLY F 40 -23.37 32.70 -13.06
N PHE F 41 -22.81 32.27 -11.93
CA PHE F 41 -22.64 33.19 -10.80
C PHE F 41 -21.58 34.21 -11.12
N SER F 42 -21.83 35.47 -10.74
CA SER F 42 -20.87 36.53 -10.99
C SER F 42 -19.58 36.34 -10.21
N ASP F 43 -19.67 35.75 -9.03
CA ASP F 43 -18.51 35.59 -8.15
C ASP F 43 -18.31 34.12 -7.80
N PRO F 44 -17.30 33.45 -8.34
CA PRO F 44 -17.13 32.01 -8.11
C PRO F 44 -16.59 31.65 -6.74
N THR F 45 -16.40 32.62 -5.85
CA THR F 45 -15.88 32.33 -4.53
C THR F 45 -16.91 31.54 -3.72
N PRO F 46 -16.52 30.46 -3.04
CA PRO F 46 -17.49 29.69 -2.26
C PRO F 46 -18.08 30.50 -1.12
N THR F 47 -19.27 30.07 -0.68
CA THR F 47 -19.84 30.59 0.54
C THR F 47 -19.09 30.01 1.74
N LEU F 48 -19.17 30.69 2.87
CA LEU F 48 -18.68 30.09 4.10
C LEU F 48 -19.54 28.89 4.49
N VAL F 49 -20.82 28.90 4.13
CA VAL F 49 -21.67 27.73 4.35
C VAL F 49 -21.25 26.59 3.45
N ASP F 50 -20.74 26.89 2.25
CA ASP F 50 -20.21 25.85 1.37
C ASP F 50 -19.09 25.07 2.04
N ILE F 51 -18.07 25.79 2.54
CA ILE F 51 -16.90 25.11 3.08
C ILE F 51 -17.21 24.49 4.44
N GLU F 52 -18.14 25.10 5.20
CA GLU F 52 -18.47 24.56 6.51
C GLU F 52 -19.26 23.26 6.45
N ARG F 53 -19.76 22.88 5.26
CA ARG F 53 -20.50 21.63 5.14
C ARG F 53 -19.63 20.41 5.43
N THR F 54 -18.31 20.56 5.38
CA THR F 54 -17.39 19.49 5.75
C THR F 54 -16.38 19.90 6.81
N HIS F 55 -15.97 21.17 6.86
CA HIS F 55 -14.90 21.61 7.72
C HIS F 55 -15.36 22.63 8.74
N ILE F 56 -14.62 22.70 9.85
CA ILE F 56 -14.83 23.71 10.88
C ILE F 56 -13.87 24.85 10.64
N LEU F 57 -14.37 26.09 10.74
CA LEU F 57 -13.55 27.28 10.72
C LEU F 57 -13.28 27.70 12.16
N LEU F 58 -12.03 27.59 12.60
CA LEU F 58 -11.72 27.94 13.97
C LEU F 58 -11.73 29.45 14.19
N ILE F 59 -11.44 30.22 13.15
CA ILE F 59 -11.60 31.67 13.18
C ILE F 59 -12.90 31.99 12.46
N ASN F 60 -13.89 32.45 13.22
CA ASN F 60 -15.23 32.70 12.70
C ASN F 60 -16.02 33.59 13.63
N SER F 61 -16.33 34.81 13.20
CA SER F 61 -17.03 35.78 14.01
C SER F 61 -18.53 35.77 13.79
N HIS F 62 -19.06 34.70 13.17
CA HIS F 62 -20.48 34.61 12.92
C HIS F 62 -21.26 34.44 14.22
N TYR F 63 -22.49 34.95 14.23
CA TYR F 63 -23.41 34.79 15.34
C TYR F 63 -24.82 34.84 14.79
N LYS F 64 -25.75 34.20 15.50
CA LYS F 64 -27.10 34.38 14.98
C LYS F 64 -27.79 35.53 15.71
N PRO F 65 -28.67 36.26 15.03
CA PRO F 65 -29.52 37.22 15.75
C PRO F 65 -30.49 36.47 16.63
N PHE F 66 -30.86 37.09 17.75
CA PHE F 66 -31.84 36.49 18.65
C PHE F 66 -33.16 37.24 18.55
N ALA F 67 -34.25 36.50 18.64
CA ALA F 67 -35.57 37.11 18.72
C ALA F 67 -35.60 38.11 19.87
N ALA F 68 -36.03 39.34 19.57
CA ALA F 68 -35.89 40.45 20.50
C ALA F 68 -36.48 40.12 21.86
N MET F 69 -35.70 40.38 22.90
CA MET F 69 -36.02 39.94 24.25
C MET F 69 -35.43 40.92 25.24
N GLY F 70 -36.08 41.07 26.39
CA GLY F 70 -35.57 41.89 27.47
C GLY F 70 -36.13 41.40 28.78
N TYR F 71 -35.49 41.82 29.88
CA TYR F 71 -35.92 41.39 31.20
C TYR F 71 -35.74 42.53 32.20
N GLU F 72 -36.38 42.37 33.35
CA GLU F 72 -36.36 43.34 34.43
C GLU F 72 -36.92 42.70 35.70
N TYR F 73 -36.25 42.94 36.82
CA TYR F 73 -36.69 42.37 38.09
C TYR F 73 -37.84 43.18 38.67
N GLN F 74 -38.66 42.52 39.48
CA GLN F 74 -39.80 43.15 40.14
C GLN F 74 -39.92 42.67 41.57
N LYS F 75 -40.07 43.61 42.49
CA LYS F 75 -40.21 43.35 43.92
C LYS F 75 -41.67 43.16 44.28
N THR F 76 -41.93 42.22 45.20
CA THR F 76 -43.28 41.96 45.69
C THR F 76 -43.27 41.65 47.17
N ARG F 77 -44.24 42.19 47.89
CA ARG F 77 -44.42 41.93 49.31
C ARG F 77 -45.33 40.73 49.50
N PRO F 78 -45.24 40.06 50.64
CA PRO F 78 -46.05 38.86 50.86
C PRO F 78 -47.54 39.17 50.99
N ASN F 79 -48.37 38.20 50.59
CA ASN F 79 -49.82 38.26 50.72
C ASN F 79 -50.29 38.01 52.15
N THR F 80 -49.39 37.85 53.11
CA THR F 80 -49.76 37.44 54.45
C THR F 80 -49.42 38.55 55.43
N GLY F 81 -49.97 38.43 56.64
CA GLY F 81 -49.71 39.36 57.72
C GLY F 81 -48.25 39.44 58.09
N ASN F 82 -47.95 40.06 59.22
CA ASN F 82 -46.56 40.35 59.56
C ASN F 82 -45.69 39.12 59.43
N PRO F 83 -44.56 39.20 58.74
CA PRO F 83 -43.63 38.07 58.70
C PRO F 83 -43.06 37.81 60.09
N THR F 84 -42.98 36.54 60.46
CA THR F 84 -42.41 36.16 61.74
C THR F 84 -41.67 34.84 61.59
N TYR F 85 -40.74 34.60 62.50
CA TYR F 85 -40.21 33.25 62.68
C TYR F 85 -41.38 32.31 62.91
N ASN F 86 -41.21 31.05 62.50
CA ASN F 86 -42.19 30.00 62.78
C ASN F 86 -43.55 30.34 62.18
N SER F 87 -43.56 30.76 60.92
CA SER F 87 -44.81 31.03 60.24
C SER F 87 -44.65 30.70 58.75
N THR F 88 -45.79 30.75 58.07
CA THR F 88 -45.84 30.54 56.63
C THR F 88 -46.03 31.88 55.94
N ILE F 89 -45.15 32.18 54.99
CA ILE F 89 -45.22 33.40 54.19
C ILE F 89 -45.57 33.01 52.76
N GLN F 90 -46.43 33.80 52.14
CA GLN F 90 -46.93 33.49 50.80
C GLN F 90 -46.81 34.72 49.90
N PHE F 91 -46.34 34.49 48.67
CA PHE F 91 -46.16 35.55 47.70
C PHE F 91 -47.00 35.28 46.45
N SER F 92 -47.58 36.34 45.90
CA SER F 92 -48.13 36.27 44.57
C SER F 92 -47.00 36.43 43.55
N ILE F 93 -47.14 35.73 42.43
CA ILE F 93 -46.28 35.96 41.28
C ILE F 93 -47.04 36.90 40.35
N PRO F 94 -46.71 38.19 40.34
CA PRO F 94 -47.53 39.15 39.59
C PRO F 94 -47.56 38.84 38.11
N GLN F 95 -48.55 39.44 37.45
CA GLN F 95 -48.62 39.43 35.99
C GLN F 95 -47.89 40.66 35.48
N PHE F 96 -46.76 40.44 34.84
CA PHE F 96 -45.88 41.53 34.41
C PHE F 96 -45.18 41.11 33.13
N GLY F 97 -44.27 40.14 33.24
CA GLY F 97 -43.58 39.64 32.07
C GLY F 97 -44.38 38.61 31.30
N ASP F 98 -43.87 38.28 30.12
CA ASP F 98 -44.42 37.17 29.36
C ASP F 98 -43.94 35.84 29.93
N PHE F 99 -42.75 35.82 30.50
CA PHE F 99 -42.20 34.69 31.20
C PHE F 99 -41.61 35.20 32.51
N PHE F 100 -41.52 34.32 33.51
CA PHE F 100 -40.81 34.67 34.72
C PHE F 100 -39.78 33.59 35.04
N SER F 101 -38.67 34.02 35.63
CA SER F 101 -37.49 33.18 35.72
C SER F 101 -36.93 33.13 37.14
N ASP F 102 -35.64 33.40 37.28
CA ASP F 102 -34.95 33.23 38.55
C ASP F 102 -35.59 34.09 39.64
N MET F 103 -35.68 33.53 40.84
CA MET F 103 -36.34 34.18 41.97
C MET F 103 -35.42 34.19 43.18
N VAL F 104 -35.43 35.31 43.91
CA VAL F 104 -34.63 35.46 45.10
C VAL F 104 -35.44 36.25 46.12
N VAL F 105 -35.25 35.92 47.40
CA VAL F 105 -36.02 36.51 48.49
C VAL F 105 -35.07 37.29 49.39
N HIS F 106 -35.36 38.58 49.57
CA HIS F 106 -34.62 39.38 50.53
C HIS F 106 -35.19 39.18 51.93
N VAL F 107 -34.33 38.85 52.88
CA VAL F 107 -34.72 38.68 54.27
C VAL F 107 -33.90 39.64 55.12
N GLN F 108 -34.57 40.39 55.98
CA GLN F 108 -33.94 41.38 56.85
C GLN F 108 -34.30 41.02 58.30
N LEU F 109 -33.33 40.51 59.04
CA LEU F 109 -33.51 40.19 60.45
C LEU F 109 -32.96 41.33 61.30
N ALA F 110 -33.75 41.79 62.26
CA ALA F 110 -33.36 42.93 63.07
C ALA F 110 -32.12 42.62 63.90
N ALA F 111 -31.33 43.66 64.16
CA ALA F 111 -30.19 43.53 65.06
C ALA F 111 -30.68 43.16 66.46
N THR F 112 -29.92 42.31 67.14
CA THR F 112 -30.30 41.86 68.48
C THR F 112 -29.10 41.68 69.38
N SER F 113 -29.41 41.58 70.67
CA SER F 113 -28.45 41.27 71.72
C SER F 113 -29.15 40.35 72.71
N ALA F 114 -28.36 39.59 73.46
CA ALA F 114 -28.92 38.77 74.51
C ALA F 114 -29.33 39.63 75.69
N SER F 115 -30.30 39.14 76.46
CA SER F 115 -30.76 39.86 77.65
C SER F 115 -29.69 39.81 78.73
N ALA F 116 -29.78 40.75 79.67
CA ALA F 116 -28.79 40.86 80.73
C ALA F 116 -28.94 39.69 81.70
N GLY F 117 -27.81 39.09 82.07
CA GLY F 117 -27.74 38.01 83.02
C GLY F 117 -26.71 38.31 84.10
N THR F 118 -26.20 37.24 84.71
CA THR F 118 -25.26 37.37 85.80
C THR F 118 -24.10 36.39 85.65
N VAL F 119 -23.02 36.69 86.37
CA VAL F 119 -21.89 35.77 86.46
C VAL F 119 -22.31 34.53 87.24
N PRO F 120 -22.11 33.32 86.70
CA PRO F 120 -22.61 32.11 87.38
C PRO F 120 -21.81 31.78 88.62
N ALA F 121 -22.23 30.73 89.33
CA ALA F 121 -21.50 30.28 90.51
C ALA F 121 -20.19 29.64 90.10
N LEU F 122 -19.22 29.70 91.00
CA LEU F 122 -17.90 29.14 90.76
C LEU F 122 -17.93 27.62 90.91
N PRO F 123 -17.05 26.92 90.19
CA PRO F 123 -17.02 25.45 90.26
C PRO F 123 -16.73 24.96 91.68
N ALA F 124 -16.91 23.65 91.85
CA ALA F 124 -16.66 23.02 93.14
C ALA F 124 -15.15 22.96 93.42
N PHE F 125 -14.82 22.62 94.67
CA PHE F 125 -13.43 22.45 95.05
C PHE F 125 -12.78 21.32 94.26
N ILE F 126 -11.46 21.34 94.22
CA ILE F 126 -10.69 20.28 93.56
C ILE F 126 -9.89 19.52 94.61
N GLY F 127 -8.89 20.19 95.19
CA GLY F 127 -8.12 19.58 96.26
C GLY F 127 -8.88 19.54 97.57
N ALA F 128 -8.49 18.57 98.41
CA ALA F 128 -9.24 18.32 99.64
C ALA F 128 -8.86 19.24 100.79
N ASP F 129 -7.82 20.06 100.63
CA ASP F 129 -7.31 20.87 101.73
C ASP F 129 -7.37 22.35 101.39
N ASP F 130 -7.35 23.17 102.45
CA ASP F 130 -7.25 24.63 102.34
C ASP F 130 -8.33 25.20 101.43
N GLN F 131 -9.55 24.75 101.64
CA GLN F 131 -10.67 25.14 100.78
C GLN F 131 -11.21 26.50 101.23
N VAL F 132 -11.18 27.48 100.33
CA VAL F 132 -11.71 28.81 100.57
C VAL F 132 -12.58 29.20 99.39
N LEU F 133 -13.80 29.67 99.67
CA LEU F 133 -14.72 30.17 98.65
C LEU F 133 -15.03 31.62 98.96
N THR F 134 -14.79 32.50 98.00
CA THR F 134 -15.16 33.90 98.10
C THR F 134 -16.09 34.23 96.94
N SER F 135 -16.37 35.52 96.75
CA SER F 135 -17.21 35.95 95.64
C SER F 135 -16.46 36.01 94.32
N THR F 136 -15.13 35.85 94.34
CA THR F 136 -14.33 35.99 93.14
C THR F 136 -13.45 34.79 92.80
N SER F 137 -13.28 33.83 93.71
CA SER F 137 -12.38 32.71 93.40
C SER F 137 -12.68 31.54 94.32
N VAL F 138 -12.30 30.36 93.86
CA VAL F 138 -12.38 29.12 94.62
C VAL F 138 -10.96 28.55 94.73
N VAL F 139 -10.49 28.36 95.95
CA VAL F 139 -9.15 27.85 96.20
C VAL F 139 -9.24 26.57 97.01
N SER F 140 -8.44 25.58 96.63
CA SER F 140 -8.31 24.34 97.38
C SER F 140 -6.93 23.77 97.07
N ALA F 141 -6.58 22.68 97.75
CA ALA F 141 -5.21 22.20 97.64
C ALA F 141 -5.10 20.72 97.98
N THR F 142 -4.02 20.11 97.50
CA THR F 142 -3.62 18.76 97.87
C THR F 142 -2.18 18.81 98.36
N GLU F 143 -1.98 18.40 99.60
CA GLU F 143 -0.63 18.30 100.15
C GLU F 143 0.01 16.98 99.73
N ASN F 144 1.34 16.99 99.66
CA ASN F 144 2.12 15.77 99.39
C ASN F 144 3.37 15.86 100.27
N THR F 145 3.29 15.26 101.46
CA THR F 145 4.40 15.32 102.40
C THR F 145 5.58 14.46 101.97
N THR F 146 5.37 13.50 101.07
CA THR F 146 6.46 12.63 100.65
C THR F 146 7.43 13.34 99.70
N SER F 147 6.90 14.00 98.67
CA SER F 147 7.73 14.69 97.70
C SER F 147 8.04 16.13 98.09
N GLY F 148 7.25 16.73 98.97
CA GLY F 148 7.38 18.14 99.24
C GLY F 148 6.70 19.03 98.24
N VAL F 149 5.83 18.47 97.40
CA VAL F 149 5.10 19.25 96.39
C VAL F 149 3.75 19.64 96.97
N TYR F 150 3.49 20.94 97.01
CA TYR F 150 2.22 21.48 97.46
C TYR F 150 1.48 22.02 96.23
N THR F 151 0.28 21.49 95.99
CA THR F 151 -0.48 21.79 94.78
C THR F 151 -1.68 22.65 95.14
N LEU F 152 -1.79 23.82 94.50
CA LEU F 152 -2.83 24.79 94.81
C LEU F 152 -3.71 25.02 93.59
N TYR F 153 -5.00 24.75 93.74
CA TYR F 153 -5.99 24.92 92.68
C TYR F 153 -6.78 26.20 92.90
N THR F 154 -6.80 27.05 91.87
CA THR F 154 -7.54 28.31 91.92
C THR F 154 -8.37 28.45 90.65
N GLN F 155 -9.65 28.80 90.81
CA GLN F 155 -10.52 29.08 89.68
C GLN F 155 -11.27 30.38 89.93
N SER F 156 -11.50 31.13 88.85
CA SER F 156 -12.13 32.44 88.95
C SER F 156 -12.62 32.85 87.57
N TYR F 157 -13.51 33.84 87.54
CA TYR F 157 -14.04 34.39 86.30
C TYR F 157 -13.34 35.71 85.98
N VAL F 158 -12.96 35.87 84.72
CA VAL F 158 -12.29 37.08 84.24
C VAL F 158 -12.89 37.48 82.90
N ASN F 159 -12.72 38.75 82.55
CA ASN F 159 -13.03 39.22 81.20
C ASN F 159 -11.79 39.06 80.34
N GLN F 160 -11.80 39.63 79.13
CA GLN F 160 -10.66 39.47 78.23
C GLN F 160 -9.41 40.12 78.80
N GLN F 161 -9.57 41.26 79.48
CA GLN F 161 -8.42 42.00 79.99
C GLN F 161 -7.79 41.35 81.21
N GLY F 162 -8.46 40.38 81.83
CA GLY F 162 -7.95 39.75 83.03
C GLY F 162 -8.50 40.29 84.33
N THR F 163 -9.48 41.19 84.27
CA THR F 163 -10.10 41.71 85.49
C THR F 163 -11.07 40.67 86.04
N THR F 164 -10.96 40.41 87.35
CA THR F 164 -11.80 39.40 87.98
C THR F 164 -13.25 39.89 88.08
N GLN F 165 -14.17 38.99 87.76
CA GLN F 165 -15.59 39.27 87.86
C GLN F 165 -16.16 38.67 89.13
N THR F 166 -17.19 39.33 89.67
CA THR F 166 -17.81 38.92 90.93
C THR F 166 -18.97 37.98 90.66
N VAL F 167 -19.01 36.87 91.39
CA VAL F 167 -20.13 35.93 91.28
C VAL F 167 -21.42 36.67 91.58
N ALA F 168 -22.40 36.51 90.69
CA ALA F 168 -23.75 37.07 90.69
C ALA F 168 -23.78 38.52 90.20
N ALA F 169 -22.65 39.10 89.80
CA ALA F 169 -22.67 40.42 89.19
C ALA F 169 -23.09 40.33 87.72
N ALA F 170 -23.34 41.48 87.12
CA ALA F 170 -23.90 41.53 85.77
C ALA F 170 -22.92 40.97 84.74
N ALA F 171 -23.48 40.31 83.73
CA ALA F 171 -22.75 39.78 82.58
C ALA F 171 -23.76 39.34 81.54
N THR F 172 -23.48 39.62 80.27
CA THR F 172 -24.41 39.34 79.19
C THR F 172 -23.74 38.46 78.14
N ASN F 173 -24.44 37.40 77.73
CA ASN F 173 -23.93 36.52 76.69
C ASN F 173 -23.90 37.22 75.34
N PHE F 174 -23.07 36.68 74.44
CA PHE F 174 -23.06 37.11 73.05
C PHE F 174 -24.07 36.28 72.26
N VAL F 175 -24.35 36.73 71.04
CA VAL F 175 -25.26 36.00 70.15
C VAL F 175 -24.59 35.76 68.81
N ARG F 176 -25.04 34.68 68.16
CA ARG F 176 -24.52 34.26 66.88
C ARG F 176 -25.66 33.65 66.09
N TYR F 177 -25.47 33.56 64.77
CA TYR F 177 -26.36 32.82 63.92
C TYR F 177 -25.78 31.44 63.63
N CYS F 178 -26.66 30.48 63.36
CA CYS F 178 -26.20 29.19 62.89
C CYS F 178 -25.52 29.33 61.54
N GLU F 179 -24.70 28.33 61.20
CA GLU F 179 -24.06 28.34 59.89
C GLU F 179 -25.10 28.26 58.79
N TYR F 180 -24.87 29.01 57.72
CA TYR F 180 -25.77 29.06 56.57
C TYR F 180 -27.22 29.32 56.98
N PRO F 181 -27.50 30.43 57.65
CA PRO F 181 -28.86 30.64 58.16
C PRO F 181 -29.90 30.81 57.07
N GLY F 182 -29.50 31.27 55.88
CA GLY F 182 -30.46 31.39 54.80
C GLY F 182 -31.01 30.06 54.32
N LEU F 183 -30.19 29.00 54.40
CA LEU F 183 -30.68 27.68 54.02
C LEU F 183 -31.54 27.06 55.11
N ARG F 184 -31.24 27.34 56.38
CA ARG F 184 -32.03 26.77 57.45
C ARG F 184 -33.31 27.55 57.72
N LEU F 185 -33.29 28.87 57.49
CA LEU F 185 -34.46 29.70 57.78
C LEU F 185 -35.67 29.26 56.97
N PHE F 186 -35.47 28.93 55.70
CA PHE F 186 -36.55 28.44 54.83
C PHE F 186 -36.69 26.95 55.06
N LYS F 187 -37.62 26.58 55.96
CA LYS F 187 -37.87 25.17 56.21
C LYS F 187 -38.45 24.50 54.98
N ARG F 188 -39.38 25.17 54.29
CA ARG F 188 -39.98 24.66 53.06
C ARG F 188 -40.14 25.78 52.06
N VAL F 189 -39.87 25.48 50.79
CA VAL F 189 -40.11 26.39 49.67
C VAL F 189 -41.02 25.67 48.70
N LYS F 190 -42.17 26.28 48.38
CA LYS F 190 -43.19 25.66 47.54
C LYS F 190 -43.53 26.57 46.38
N PHE F 191 -43.51 26.01 45.17
CA PHE F 191 -44.05 26.66 43.98
C PHE F 191 -45.42 26.03 43.74
N GLU F 192 -46.47 26.77 44.08
CA GLU F 192 -47.82 26.24 44.09
C GLU F 192 -48.65 26.79 42.94
N VAL F 193 -49.37 25.89 42.28
CA VAL F 193 -50.39 26.24 41.30
C VAL F 193 -51.68 25.56 41.73
N ASN F 194 -52.78 26.33 41.72
CA ASN F 194 -54.09 25.82 42.09
C ASN F 194 -54.12 25.28 43.52
N GLY F 195 -53.26 25.83 44.38
CA GLY F 195 -53.04 25.30 45.69
C GLY F 195 -52.15 24.07 45.73
N ASN F 196 -51.90 23.43 44.58
CA ASN F 196 -51.07 22.23 44.54
C ASN F 196 -49.62 22.62 44.25
N PRO F 197 -48.67 22.15 45.05
CA PRO F 197 -47.26 22.42 44.76
C PRO F 197 -46.83 21.68 43.50
N LEU F 198 -46.40 22.44 42.49
CA LEU F 198 -45.80 21.81 41.34
C LEU F 198 -44.39 21.31 41.64
N ASP F 199 -43.68 22.00 42.54
CA ASP F 199 -42.37 21.59 43.00
C ASP F 199 -42.18 22.16 44.39
N GLU F 200 -41.46 21.42 45.22
CA GLU F 200 -41.15 21.89 46.57
C GLU F 200 -39.89 21.19 47.06
N TYR F 201 -39.23 21.84 48.03
CA TYR F 201 -38.04 21.29 48.64
C TYR F 201 -37.89 21.87 50.04
N THR F 202 -37.05 21.22 50.83
CA THR F 202 -36.80 21.60 52.21
C THR F 202 -35.38 22.13 52.36
N ALA F 203 -35.03 22.50 53.60
CA ALA F 203 -33.68 22.91 53.90
C ALA F 203 -32.67 21.80 53.61
N LEU F 204 -33.10 20.55 53.61
CA LEU F 204 -32.20 19.45 53.30
C LEU F 204 -31.74 19.50 51.85
N ALA F 205 -32.65 19.79 50.92
CA ALA F 205 -32.24 19.96 49.53
C ALA F 205 -31.37 21.20 49.37
N ALA F 206 -31.62 22.25 50.17
CA ALA F 206 -30.80 23.44 50.09
C ALA F 206 -29.36 23.17 50.54
N ILE F 207 -29.19 22.40 51.63
CA ILE F 207 -27.82 22.10 52.05
C ILE F 207 -27.17 21.12 51.08
N MET F 208 -27.94 20.22 50.48
CA MET F 208 -27.40 19.38 49.42
C MET F 208 -26.88 20.24 48.27
N TYR F 209 -27.63 21.28 47.90
CA TYR F 209 -27.15 22.21 46.89
C TYR F 209 -25.87 22.88 47.34
N ASN F 210 -25.81 23.29 48.60
CA ASN F 210 -24.61 23.92 49.14
C ASN F 210 -23.39 23.01 49.01
N LYS F 211 -23.59 21.70 49.20
CA LYS F 211 -22.47 20.77 49.18
C LYS F 211 -22.02 20.41 47.77
N PHE F 212 -22.93 20.34 46.80
CA PHE F 212 -22.60 19.79 45.50
C PHE F 212 -22.58 20.80 44.35
N HIS F 213 -23.13 22.01 44.52
CA HIS F 213 -23.35 22.86 43.36
C HIS F 213 -22.92 24.30 43.58
N VAL F 214 -21.98 24.55 44.50
CA VAL F 214 -21.42 25.88 44.62
C VAL F 214 -19.92 25.79 44.41
N PRO F 215 -19.44 25.86 43.17
CA PRO F 215 -17.99 25.92 42.93
C PRO F 215 -17.42 27.22 43.47
N ASP F 216 -16.09 27.25 43.57
CA ASP F 216 -15.42 28.35 44.26
C ASP F 216 -15.55 29.69 43.53
N PHE F 217 -15.77 29.69 42.22
CA PHE F 217 -15.97 30.99 41.57
C PHE F 217 -17.35 31.58 41.85
N LYS F 218 -18.22 30.82 42.54
CA LYS F 218 -19.51 31.32 42.98
C LYS F 218 -19.68 31.33 44.50
N LEU F 219 -18.68 30.86 45.25
CA LEU F 219 -18.88 30.57 46.67
C LEU F 219 -18.98 31.83 47.51
N THR F 220 -18.14 32.84 47.22
CA THR F 220 -18.16 34.05 48.04
C THR F 220 -19.51 34.76 47.94
N GLY F 221 -20.05 34.88 46.74
CA GLY F 221 -21.39 35.44 46.60
C GLY F 221 -22.44 34.61 47.29
N TRP F 222 -22.39 33.29 47.07
CA TRP F 222 -23.37 32.37 47.67
C TRP F 222 -23.42 32.52 49.19
N LYS F 223 -22.26 32.51 49.84
CA LYS F 223 -22.23 32.65 51.29
C LYS F 223 -22.83 33.99 51.74
N ARG F 224 -22.52 35.05 51.01
CA ARG F 224 -23.10 36.35 51.34
C ARG F 224 -24.59 36.41 51.06
N LEU F 225 -25.09 35.56 50.16
CA LEU F 225 -26.53 35.57 49.86
C LEU F 225 -27.32 34.96 51.00
N ILE F 226 -26.80 33.91 51.62
CA ILE F 226 -27.54 33.15 52.63
C ILE F 226 -26.97 33.36 54.03
N GLY F 227 -26.11 34.37 54.23
CA GLY F 227 -25.75 34.79 55.56
C GLY F 227 -24.54 34.13 56.18
N GLN F 228 -23.71 33.45 55.40
CA GLN F 228 -22.52 32.81 55.94
C GLN F 228 -21.36 33.80 55.95
N GLU F 229 -20.72 33.95 57.10
CA GLU F 229 -19.56 34.83 57.21
C GLU F 229 -18.47 34.39 56.24
N VAL F 230 -17.69 35.35 55.76
CA VAL F 230 -16.68 35.12 54.75
C VAL F 230 -15.31 35.39 55.37
N PRO F 231 -14.35 34.48 55.24
CA PRO F 231 -13.03 34.72 55.86
C PRO F 231 -12.31 35.89 55.20
N VAL F 232 -11.64 36.69 56.04
CA VAL F 232 -10.84 37.82 55.60
C VAL F 232 -9.37 37.51 55.90
N GLU F 233 -8.51 37.79 54.93
CA GLU F 233 -7.09 37.49 55.03
C GLU F 233 -6.37 38.65 55.71
N ALA F 234 -5.53 38.33 56.70
CA ALA F 234 -4.77 39.33 57.44
C ALA F 234 -3.29 38.95 57.45
N ALA F 235 -2.44 39.93 57.21
CA ALA F 235 -0.99 39.72 57.17
C ALA F 235 -0.36 40.19 58.47
N SER F 236 0.70 39.49 58.89
CA SER F 236 1.40 39.80 60.11
C SER F 236 2.64 40.65 59.80
N ASN F 237 3.35 41.04 60.85
CA ASN F 237 4.67 41.59 60.68
C ASN F 237 5.61 40.52 60.12
N LEU F 238 6.80 40.95 59.73
CA LEU F 238 7.80 40.00 59.24
C LEU F 238 8.14 38.99 60.33
N VAL F 239 8.03 37.71 60.01
CA VAL F 239 8.39 36.65 60.94
C VAL F 239 9.82 36.22 60.63
N ASN F 240 10.20 36.26 59.36
CA ASN F 240 11.55 35.97 58.92
C ASN F 240 12.11 37.18 58.21
N ILE F 241 13.34 37.55 58.55
CA ILE F 241 14.06 38.64 57.90
C ILE F 241 15.41 38.08 57.47
N ALA F 242 15.66 38.08 56.16
CA ALA F 242 16.86 37.46 55.62
C ALA F 242 18.11 37.98 56.30
N SER F 243 19.01 37.06 56.65
CA SER F 243 20.29 37.33 57.29
C SER F 243 20.17 37.75 58.75
N THR F 244 19.01 37.52 59.38
CA THR F 244 18.90 37.72 60.82
C THR F 244 17.84 36.76 61.36
N THR F 245 17.53 36.91 62.65
CA THR F 245 16.78 35.90 63.37
C THR F 245 16.12 36.57 64.58
N PRO F 246 15.00 36.04 65.07
CA PRO F 246 14.46 36.55 66.34
C PRO F 246 15.18 36.02 67.57
N TRP F 247 15.90 34.90 67.45
CA TRP F 247 16.54 34.27 68.59
C TRP F 247 17.74 35.08 69.08
N GLY F 248 17.87 35.17 70.40
CA GLY F 248 19.08 35.74 70.96
C GLY F 248 20.31 34.97 70.52
N SER F 249 21.42 35.71 70.37
CA SER F 249 22.62 35.12 69.77
C SER F 249 23.25 33.96 70.57
N PRO F 250 23.12 33.84 71.90
CA PRO F 250 23.77 32.71 72.58
C PRO F 250 23.37 31.34 72.06
N ILE F 251 22.21 31.21 71.40
CA ILE F 251 21.77 29.93 70.86
C ILE F 251 21.86 29.89 69.34
N VAL F 252 22.31 30.96 68.70
CA VAL F 252 22.29 31.08 67.25
C VAL F 252 23.62 30.61 66.67
N ALA F 253 23.53 29.79 65.61
CA ALA F 253 24.68 29.36 64.82
C ALA F 253 25.78 28.77 65.70
N LEU F 254 25.43 27.70 66.39
CA LEU F 254 26.37 27.00 67.25
C LEU F 254 27.02 25.83 66.52
N SER F 255 28.19 25.44 67.01
CA SER F 255 28.84 24.21 66.59
C SER F 255 29.33 23.49 67.83
N ASP F 256 29.31 22.16 67.76
CA ASP F 256 29.79 21.34 68.87
C ASP F 256 31.32 21.37 68.88
N VAL F 257 31.93 20.55 69.76
CA VAL F 257 33.38 20.52 69.86
C VAL F 257 34.05 19.85 68.68
N ASN F 258 33.27 19.27 67.76
CA ASN F 258 33.82 18.66 66.54
C ASN F 258 33.58 19.53 65.31
N GLY F 259 33.07 20.75 65.49
CA GLY F 259 32.83 21.64 64.38
C GLY F 259 31.55 21.41 63.62
N THR F 260 30.75 20.43 64.01
CA THR F 260 29.47 20.18 63.36
C THR F 260 28.42 21.14 63.91
N ALA F 261 27.53 21.59 63.03
CA ALA F 261 26.43 22.46 63.45
C ALA F 261 25.58 21.76 64.48
N VAL F 262 25.24 22.47 65.55
CA VAL F 262 24.44 21.91 66.62
C VAL F 262 23.00 21.71 66.14
N THR F 263 22.43 20.56 66.46
CA THR F 263 21.03 20.33 66.16
C THR F 263 20.17 21.16 67.10
N GLY F 264 19.15 21.81 66.55
CA GLY F 264 18.31 22.66 67.36
C GLY F 264 18.90 24.02 67.68
N SER F 265 20.02 24.38 67.07
CA SER F 265 20.55 25.73 67.16
C SER F 265 20.08 26.50 65.93
N PRO F 266 19.23 27.52 66.10
CA PRO F 266 18.73 28.26 64.93
C PRO F 266 19.84 28.96 64.15
N VAL F 267 19.61 29.11 62.85
CA VAL F 267 20.47 29.88 61.96
C VAL F 267 19.66 31.04 61.42
N ASN F 268 20.36 32.05 60.90
CA ASN F 268 19.71 33.20 60.32
C ASN F 268 18.77 32.77 59.19
N ALA F 269 17.64 33.45 59.08
CA ALA F 269 16.70 33.17 58.01
C ALA F 269 17.34 33.41 56.65
N ALA F 270 16.86 32.68 55.65
CA ALA F 270 17.33 32.85 54.28
C ALA F 270 16.36 33.64 53.41
N ILE F 271 15.10 33.76 53.85
CA ILE F 271 14.09 34.54 53.14
C ILE F 271 13.47 35.54 54.10
N THR F 272 12.79 36.52 53.52
CA THR F 272 12.08 37.56 54.27
C THR F 272 10.58 37.34 54.07
N ALA F 273 9.88 36.96 55.14
CA ALA F 273 8.52 36.46 55.01
C ALA F 273 7.63 36.98 56.14
N ARG F 274 6.32 36.97 55.89
CA ARG F 274 5.32 37.28 56.89
C ARG F 274 4.17 36.27 56.77
N LYS F 275 3.42 36.12 57.85
CA LYS F 275 2.34 35.16 57.90
C LYS F 275 1.04 35.74 57.37
N LEU F 276 0.20 34.85 56.85
CA LEU F 276 -1.20 35.15 56.58
C LEU F 276 -2.07 34.34 57.53
N THR F 277 -3.11 34.96 58.06
CA THR F 277 -4.12 34.25 58.82
C THR F 277 -5.50 34.65 58.29
N GLN F 278 -6.47 33.81 58.60
CA GLN F 278 -7.87 34.08 58.29
C GLN F 278 -8.59 34.48 59.56
N VAL F 279 -9.34 35.57 59.52
CA VAL F 279 -10.24 35.95 60.60
C VAL F 279 -11.66 35.93 60.06
N VAL F 280 -12.61 35.74 60.96
CA VAL F 280 -14.03 35.86 60.65
C VAL F 280 -14.68 36.73 61.72
N PHE F 281 -15.64 37.54 61.30
CA PHE F 281 -16.34 38.41 62.24
C PHE F 281 -17.74 38.75 61.71
N GLY F 282 -18.44 37.73 61.21
CA GLY F 282 -19.78 37.89 60.69
C GLY F 282 -20.85 37.29 61.56
N ALA F 283 -21.89 36.72 60.94
CA ALA F 283 -23.09 36.32 61.67
C ALA F 283 -22.85 35.10 62.56
N GLN F 284 -21.92 34.23 62.21
CA GLN F 284 -21.63 33.05 63.01
C GLN F 284 -20.64 33.31 64.13
N THR F 285 -20.00 34.47 64.14
CA THR F 285 -19.11 34.85 65.23
C THR F 285 -19.93 35.49 66.34
N PRO F 286 -19.88 34.98 67.57
CA PRO F 286 -20.66 35.58 68.65
C PRO F 286 -20.26 37.03 68.89
N LYS F 287 -21.27 37.88 69.11
CA LYS F 287 -21.08 39.30 69.28
C LYS F 287 -22.01 39.81 70.37
N ALA F 288 -21.61 40.90 71.01
CA ALA F 288 -22.51 41.58 71.94
C ALA F 288 -23.80 41.97 71.24
N THR F 289 -23.68 42.56 70.05
CA THR F 289 -24.84 42.89 69.22
C THR F 289 -24.62 42.30 67.84
N GLN F 290 -25.44 41.34 67.47
CA GLN F 290 -25.45 40.85 66.10
C GLN F 290 -26.14 41.90 65.22
N GLU F 291 -25.44 42.38 64.20
CA GLU F 291 -25.99 43.43 63.36
C GLU F 291 -27.20 42.92 62.58
N GLN F 292 -27.94 43.86 61.99
CA GLN F 292 -29.04 43.52 61.11
C GLN F 292 -28.54 42.64 59.96
N LEU F 293 -29.10 41.44 59.86
CA LEU F 293 -28.68 40.47 58.86
C LEU F 293 -29.57 40.62 57.62
N ASN F 294 -28.94 40.88 56.47
CA ASN F 294 -29.63 40.99 55.20
C ASN F 294 -29.20 39.85 54.30
N MET F 295 -30.17 39.06 53.83
CA MET F 295 -29.91 37.92 52.97
C MET F 295 -30.76 38.02 51.71
N PHE F 296 -30.22 37.49 50.62
CA PHE F 296 -30.94 37.34 49.35
C PHE F 296 -30.90 35.86 49.03
N VAL F 297 -31.94 35.13 49.46
CA VAL F 297 -31.95 33.68 49.44
C VAL F 297 -32.52 33.23 48.08
N PRO F 298 -31.72 32.62 47.21
CA PRO F 298 -32.25 32.14 45.94
C PRO F 298 -33.17 30.95 46.14
N LEU F 299 -34.18 30.87 45.28
CA LEU F 299 -35.11 29.74 45.28
C LEU F 299 -34.66 28.77 44.19
N LEU F 300 -34.41 27.51 44.59
CA LEU F 300 -33.72 26.56 43.74
C LEU F 300 -34.72 25.74 42.93
N PHE F 301 -35.36 26.40 41.97
CA PHE F 301 -36.31 25.78 41.06
C PHE F 301 -35.76 25.74 39.65
N TRP F 302 -36.24 24.76 38.87
CA TRP F 302 -35.71 24.54 37.52
C TRP F 302 -35.84 25.77 36.64
N PHE F 303 -36.89 26.57 36.85
CA PHE F 303 -37.16 27.69 35.94
C PHE F 303 -36.23 28.89 36.17
N ARG F 304 -35.29 28.79 37.11
CA ARG F 304 -34.25 29.80 37.23
C ARG F 304 -33.38 29.87 35.98
N ASP F 305 -33.31 28.78 35.22
CA ASP F 305 -32.70 28.79 33.89
C ASP F 305 -33.56 29.63 32.95
N PRO F 306 -33.00 30.66 32.31
CA PRO F 306 -33.82 31.49 31.40
C PRO F 306 -34.44 30.70 30.26
N ARG F 307 -33.78 29.63 29.80
CA ARG F 307 -34.36 28.81 28.75
C ARG F 307 -35.67 28.15 29.20
N LEU F 308 -35.83 27.95 30.51
CA LEU F 308 -36.98 27.27 31.06
C LEU F 308 -37.94 28.23 31.76
N ALA F 309 -37.86 29.52 31.43
CA ALA F 309 -38.76 30.51 32.01
C ALA F 309 -40.21 30.12 31.72
N ILE F 310 -41.06 30.32 32.72
CA ILE F 310 -42.44 29.83 32.69
C ILE F 310 -43.32 30.86 32.01
N ALA F 311 -44.07 30.42 30.99
CA ALA F 311 -44.98 31.30 30.28
C ALA F 311 -46.08 31.77 31.24
N SER F 312 -46.21 33.08 31.40
CA SER F 312 -47.21 33.63 32.31
C SER F 312 -48.62 33.27 31.87
N VAL F 313 -48.87 33.14 30.57
CA VAL F 313 -50.19 32.77 30.08
C VAL F 313 -50.54 31.34 30.45
N SER F 314 -49.55 30.48 30.68
CA SER F 314 -49.81 29.07 30.93
C SER F 314 -50.15 28.79 32.39
N ILE F 315 -49.85 29.72 33.29
CA ILE F 315 -50.26 29.58 34.70
C ILE F 315 -51.09 30.79 35.06
N PRO F 316 -52.41 30.63 35.22
CA PRO F 316 -53.28 31.80 35.49
C PRO F 316 -52.85 32.59 36.71
N TYR F 317 -53.12 33.89 36.67
CA TYR F 317 -52.83 34.76 37.80
C TYR F 317 -53.83 34.50 38.93
N GLY F 318 -53.42 34.85 40.14
CA GLY F 318 -54.22 34.56 41.30
C GLY F 318 -54.29 33.10 41.66
N GLN F 319 -53.61 32.23 40.91
CA GLN F 319 -53.52 30.81 41.20
C GLN F 319 -52.09 30.32 41.23
N ARG F 320 -51.11 31.23 41.26
CA ARG F 320 -49.70 30.89 41.30
C ARG F 320 -49.09 31.60 42.50
N PHE F 321 -48.35 30.84 43.32
CA PHE F 321 -47.81 31.42 44.55
C PHE F 321 -46.46 30.79 44.85
N ILE F 322 -45.63 31.57 45.54
CA ILE F 322 -44.43 31.07 46.21
C ILE F 322 -44.72 31.09 47.70
N THR F 323 -44.65 29.92 48.34
CA THR F 323 -44.99 29.77 49.74
C THR F 323 -43.77 29.28 50.51
N VAL F 324 -43.39 30.02 51.55
CA VAL F 324 -42.18 29.75 52.31
C VAL F 324 -42.55 29.56 53.77
N ASP F 325 -42.12 28.45 54.36
CA ASP F 325 -42.32 28.17 55.77
C ASP F 325 -41.05 28.52 56.54
N ILE F 326 -41.20 29.34 57.56
CA ILE F 326 -40.04 29.88 58.29
C ILE F 326 -39.77 29.03 59.52
N GLU F 327 -38.48 28.76 59.75
CA GLU F 327 -38.02 28.05 60.94
C GLU F 327 -38.25 28.91 62.19
N GLN F 328 -38.23 28.25 63.35
CA GLN F 328 -38.32 28.97 64.61
C GLN F 328 -36.99 29.63 64.94
N GLN F 329 -37.07 30.74 65.68
CA GLN F 329 -35.87 31.52 66.02
C GLN F 329 -34.87 30.69 66.81
N SER F 330 -35.34 29.77 67.66
CA SER F 330 -34.44 29.00 68.50
C SER F 330 -33.55 28.02 67.71
N ASN F 331 -33.79 27.86 66.42
CA ASN F 331 -32.90 27.08 65.56
C ASN F 331 -32.11 27.97 64.61
N ILE F 332 -32.19 29.29 64.76
CA ILE F 332 -31.52 30.23 63.89
C ILE F 332 -30.54 31.11 64.66
N LEU F 333 -30.91 31.54 65.86
CA LEU F 333 -30.13 32.47 66.65
C LEU F 333 -29.83 31.84 68.00
N PHE F 334 -28.57 31.91 68.43
CA PHE F 334 -28.11 31.23 69.62
C PHE F 334 -27.29 32.16 70.50
N THR F 335 -27.26 31.86 71.79
CA THR F 335 -26.33 32.52 72.70
C THR F 335 -25.00 31.79 72.71
N ALA F 336 -23.96 32.52 73.07
CA ALA F 336 -22.60 31.99 73.15
C ALA F 336 -21.87 32.77 74.22
N PRO F 337 -20.76 32.24 74.73
CA PRO F 337 -19.99 32.98 75.72
C PRO F 337 -19.54 34.33 75.19
N GLY F 338 -19.59 35.34 76.04
CA GLY F 338 -19.15 36.67 75.69
C GLY F 338 -17.81 37.01 76.32
N ASN F 339 -17.75 38.16 76.99
CA ASN F 339 -16.52 38.60 77.64
C ASN F 339 -16.46 38.05 79.07
N LEU F 340 -16.56 36.72 79.16
CA LEU F 340 -16.58 36.02 80.44
C LEU F 340 -15.81 34.72 80.28
N PHE F 341 -14.75 34.55 81.07
CA PHE F 341 -13.86 33.41 80.95
C PHE F 341 -13.58 32.81 82.32
N LEU F 342 -13.64 31.48 82.39
CA LEU F 342 -13.21 30.78 83.59
C LEU F 342 -11.71 30.63 83.56
N GLN F 343 -11.05 31.09 84.62
CA GLN F 343 -9.61 30.96 84.77
C GLN F 343 -9.33 29.77 85.67
N THR F 344 -8.57 28.79 85.16
CA THR F 344 -8.23 27.57 85.87
C THR F 344 -6.72 27.58 86.11
N THR F 345 -6.33 27.76 87.36
CA THR F 345 -4.92 27.89 87.72
C THR F 345 -4.52 26.75 88.65
N VAL F 346 -3.39 26.12 88.33
CA VAL F 346 -2.76 25.12 89.19
C VAL F 346 -1.34 25.56 89.48
N GLU F 347 -1.00 25.64 90.75
CA GLU F 347 0.35 26.01 91.18
C GLU F 347 0.95 24.88 92.00
N THR F 348 2.23 24.61 91.78
CA THR F 348 2.94 23.57 92.52
C THR F 348 4.16 24.20 93.19
N LEU F 349 4.26 24.05 94.50
CA LEU F 349 5.39 24.55 95.29
C LEU F 349 6.19 23.37 95.82
N LEU F 350 7.45 23.29 95.41
CA LEU F 350 8.35 22.26 95.90
C LEU F 350 9.22 22.86 97.01
N THR F 351 8.91 22.50 98.26
CA THR F 351 9.72 22.85 99.41
C THR F 351 10.48 21.63 99.89
N THR F 352 11.59 21.88 100.57
CA THR F 352 12.45 20.81 101.06
C THR F 352 12.62 20.79 102.57
N GLY F 353 12.30 21.88 103.27
CA GLY F 353 12.47 21.94 104.70
C GLY F 353 11.30 21.34 105.46
N ALA F 354 11.13 21.81 106.70
CA ALA F 354 10.03 21.35 107.53
C ALA F 354 8.69 21.74 106.91
N GLY F 355 7.69 20.88 107.12
CA GLY F 355 6.39 21.11 106.53
C GLY F 355 6.36 20.98 105.02
N LYS F 356 7.33 20.27 104.43
CA LYS F 356 7.38 20.10 103.00
C LYS F 356 6.05 19.55 102.48
N GLY F 357 5.63 20.02 101.31
CA GLY F 357 4.40 19.58 100.71
C GLY F 357 3.14 20.19 101.30
N THR F 358 3.26 21.09 102.28
CA THR F 358 2.12 21.76 102.88
C THR F 358 2.26 23.26 102.72
N ALA F 359 1.20 23.98 103.10
CA ALA F 359 1.20 25.43 102.98
C ALA F 359 2.24 26.09 103.87
N THR F 360 2.78 25.36 104.84
CA THR F 360 3.79 25.89 105.75
C THR F 360 5.19 25.42 105.38
N GLY F 361 5.37 24.85 104.19
CA GLY F 361 6.68 24.37 103.80
C GLY F 361 7.69 25.50 103.65
N VAL F 362 8.93 25.22 104.03
CA VAL F 362 10.00 26.20 104.03
C VAL F 362 11.05 25.78 103.00
N LEU F 363 11.75 26.77 102.43
CA LEU F 363 12.82 26.58 101.46
C LEU F 363 12.24 26.13 100.11
N LEU F 364 11.72 27.10 99.35
CA LEU F 364 11.05 26.83 98.08
C LEU F 364 12.06 26.91 96.94
N THR F 365 12.27 25.78 96.26
CA THR F 365 13.21 25.72 95.13
C THR F 365 12.52 25.87 93.78
N GLN F 366 11.36 25.23 93.58
CA GLN F 366 10.71 25.19 92.28
C GLN F 366 9.27 25.65 92.38
N TYR F 367 8.90 26.59 91.53
CA TYR F 367 7.53 27.04 91.38
C TYR F 367 7.07 26.76 89.96
N ASN F 368 5.84 26.26 89.82
CA ASN F 368 5.22 26.06 88.52
C ASN F 368 3.80 26.60 88.56
N ARG F 369 3.38 27.25 87.48
CA ARG F 369 2.01 27.70 87.32
C ARG F 369 1.47 27.22 85.98
N TYR F 370 0.20 26.81 85.98
CA TYR F 370 -0.50 26.35 84.79
C TYR F 370 -1.87 27.02 84.78
N THR F 371 -2.16 27.77 83.72
CA THR F 371 -3.41 28.51 83.62
C THR F 371 -4.04 28.28 82.26
N THR F 372 -5.34 28.00 82.26
CA THR F 372 -6.14 27.91 81.04
C THR F 372 -7.30 28.89 81.15
N TYR F 373 -8.04 29.03 80.05
CA TYR F 373 -9.24 29.85 80.02
C TYR F 373 -10.31 29.12 79.22
N THR F 374 -11.53 29.19 79.73
CA THR F 374 -12.67 28.51 79.11
C THR F 374 -13.83 29.51 79.01
N PRO F 375 -14.22 29.91 77.81
CA PRO F 375 -15.33 30.86 77.67
C PRO F 375 -16.59 30.30 78.31
N THR F 376 -17.29 31.14 79.08
CA THR F 376 -18.34 30.70 79.97
C THR F 376 -19.60 31.52 79.75
N LEU F 377 -20.75 30.84 79.71
CA LEU F 377 -22.03 31.51 79.55
C LEU F 377 -22.42 32.24 80.83
N ALA F 378 -23.08 33.38 80.67
CA ALA F 378 -23.71 34.05 81.79
C ALA F 378 -25.01 33.36 82.13
N SER F 379 -25.40 33.44 83.41
CA SER F 379 -26.66 32.86 83.85
C SER F 379 -27.81 33.83 83.58
N GLY F 380 -28.87 33.32 82.96
CA GLY F 380 -30.04 34.13 82.69
C GLY F 380 -29.88 35.12 81.56
N SER F 381 -29.07 34.79 80.55
CA SER F 381 -28.82 35.67 79.40
C SER F 381 -29.21 34.89 78.15
N SER F 382 -30.41 35.18 77.62
CA SER F 382 -30.97 34.43 76.51
C SER F 382 -31.22 35.36 75.32
N ILE F 383 -31.44 34.75 74.15
CA ILE F 383 -31.71 35.54 72.95
C ILE F 383 -33.02 36.30 73.10
N ASP F 384 -33.20 37.30 72.24
CA ASP F 384 -34.36 38.20 72.29
C ASP F 384 -35.49 37.58 71.46
N GLY F 385 -36.49 37.04 72.15
CA GLY F 385 -37.61 36.37 71.50
C GLY F 385 -38.53 37.29 70.72
N THR F 386 -38.33 38.61 70.80
CA THR F 386 -39.12 39.56 70.02
C THR F 386 -38.37 40.09 68.81
N GLN F 387 -37.26 39.45 68.43
CA GLN F 387 -36.51 39.88 67.25
C GLN F 387 -37.42 39.88 66.03
N ALA F 388 -37.38 40.97 65.27
CA ALA F 388 -38.30 41.17 64.17
C ALA F 388 -37.67 40.70 62.87
N VAL F 389 -38.48 39.96 62.07
CA VAL F 389 -38.31 39.93 60.62
C VAL F 389 -38.68 41.31 60.10
N GLN F 390 -37.66 42.13 59.81
CA GLN F 390 -37.94 43.53 59.50
C GLN F 390 -38.47 43.73 58.09
N ASN F 391 -38.09 42.86 57.16
CA ASN F 391 -38.55 42.98 55.78
C ASN F 391 -38.33 41.64 55.10
N ILE F 392 -39.25 41.27 54.20
CA ILE F 392 -39.09 40.09 53.37
C ILE F 392 -39.85 40.30 52.07
N GLU F 393 -39.15 40.17 50.95
CA GLU F 393 -39.73 40.44 49.65
C GLU F 393 -39.22 39.43 48.63
N LEU F 394 -40.09 39.11 47.67
CA LEU F 394 -39.76 38.21 46.58
C LEU F 394 -39.35 39.02 45.37
N TYR F 395 -38.15 38.74 44.85
CA TYR F 395 -37.67 39.35 43.62
C TYR F 395 -37.84 38.35 42.48
N ILE F 396 -38.52 38.78 41.41
CA ILE F 396 -38.82 37.92 40.27
C ILE F 396 -38.22 38.55 39.01
N ASN F 397 -37.51 37.74 38.24
CA ASN F 397 -37.04 38.15 36.93
C ASN F 397 -38.17 37.95 35.91
N ASN F 398 -38.58 39.04 35.27
CA ASN F 398 -39.64 39.00 34.26
C ASN F 398 -39.02 39.18 32.89
N ILE F 399 -39.26 38.23 31.99
CA ILE F 399 -38.72 38.27 30.63
C ILE F 399 -39.82 38.70 29.67
N PHE F 400 -39.47 39.61 28.76
CA PHE F 400 -40.40 40.14 27.78
C PHE F 400 -39.92 39.84 26.36
N VAL F 401 -40.86 39.49 25.49
CA VAL F 401 -40.57 39.18 24.09
C VAL F 401 -41.56 39.95 23.22
N THR F 402 -41.32 39.91 21.91
CA THR F 402 -42.25 40.52 20.97
C THR F 402 -43.51 39.67 20.86
N PRO F 403 -44.67 40.29 20.60
CA PRO F 403 -45.92 39.52 20.53
C PRO F 403 -45.94 38.49 19.42
N GLU F 404 -45.24 38.75 18.31
CA GLU F 404 -45.17 37.78 17.23
C GLU F 404 -44.55 36.47 17.71
N ILE F 405 -43.46 36.55 18.48
CA ILE F 405 -42.77 35.35 18.93
C ILE F 405 -43.53 34.67 20.06
N HIS F 406 -44.17 35.45 20.94
CA HIS F 406 -44.95 34.84 22.01
C HIS F 406 -46.09 33.98 21.46
N ASP F 407 -46.79 34.49 20.45
CA ASP F 407 -47.89 33.73 19.86
C ASP F 407 -47.39 32.44 19.23
N ILE F 408 -46.28 32.51 18.50
CA ILE F 408 -45.73 31.31 17.87
C ILE F 408 -45.28 30.30 18.91
N TYR F 409 -44.70 30.78 20.01
CA TYR F 409 -44.10 29.86 20.97
C TYR F 409 -45.17 29.04 21.69
N ILE F 410 -46.25 29.69 22.15
CA ILE F 410 -47.30 28.97 22.85
C ILE F 410 -47.97 27.97 21.93
N LYS F 411 -48.13 28.32 20.66
CA LYS F 411 -48.79 27.45 19.70
C LYS F 411 -47.88 26.37 19.13
N ARG F 412 -46.61 26.26 19.55
CA ARG F 412 -45.71 25.32 18.90
C ARG F 412 -44.85 24.49 19.85
N ILE F 413 -44.54 25.03 21.04
CA ILE F 413 -43.59 24.31 21.89
C ILE F 413 -44.20 23.03 22.44
N GLY F 414 -45.49 23.03 22.72
CA GLY F 414 -46.17 21.83 23.20
C GLY F 414 -45.95 21.53 24.67
N PHE F 415 -44.73 21.12 25.03
CA PHE F 415 -44.41 20.74 26.40
C PHE F 415 -42.98 21.16 26.69
N THR F 416 -42.61 21.08 27.97
CA THR F 416 -41.27 21.43 28.41
C THR F 416 -40.83 20.47 29.51
N LEU F 417 -39.56 20.08 29.47
CA LEU F 417 -39.00 19.10 30.39
C LEU F 417 -38.44 19.80 31.63
N ILE F 418 -38.89 19.36 32.82
CA ILE F 418 -38.53 20.01 34.07
C ILE F 418 -37.94 19.00 35.03
N ARG F 419 -37.26 19.53 36.05
CA ARG F 419 -36.67 18.73 37.13
C ARG F 419 -37.32 19.09 38.45
N VAL F 420 -37.58 18.09 39.28
CA VAL F 420 -38.39 18.24 40.49
C VAL F 420 -37.72 17.48 41.64
N TYR F 421 -37.86 18.02 42.85
CA TYR F 421 -37.36 17.35 44.05
C TYR F 421 -38.34 16.30 44.53
N ARG F 422 -37.80 15.17 44.98
CA ARG F 422 -38.56 14.17 45.74
C ARG F 422 -37.69 13.74 46.90
N GLU F 423 -38.18 13.95 48.12
CA GLU F 423 -37.40 13.80 49.34
C GLU F 423 -38.00 12.73 50.24
N GLN F 424 -37.15 11.95 50.88
CA GLN F 424 -37.58 11.00 51.91
C GLN F 424 -36.61 11.02 53.08
N VAL F 425 -37.18 11.01 54.29
CA VAL F 425 -36.42 10.97 55.53
C VAL F 425 -36.99 9.83 56.37
N GLN F 426 -36.14 8.89 56.76
CA GLN F 426 -36.55 7.85 57.70
C GLN F 426 -35.58 7.83 58.88
N ARG F 427 -36.13 8.03 60.08
CA ARG F 427 -35.36 7.84 61.30
C ARG F 427 -34.85 6.42 61.38
N GLU F 428 -33.56 6.27 61.65
CA GLU F 428 -32.91 4.96 61.65
C GLU F 428 -32.21 4.72 62.98
N VAL F 429 -32.22 3.45 63.40
CA VAL F 429 -31.64 3.02 64.67
C VAL F 429 -30.93 1.69 64.40
N ASN F 430 -31.03 1.19 63.17
CA ASN F 430 -30.40 -0.06 62.79
C ASN F 430 -29.03 0.19 62.18
N ALA F 431 -28.06 -0.67 62.54
CA ALA F 431 -26.73 -0.55 61.97
C ALA F 431 -26.72 -0.86 60.48
N ALA F 432 -27.63 -1.71 60.03
CA ALA F 432 -27.77 -2.03 58.61
C ALA F 432 -29.25 -2.19 58.31
N ASP F 433 -29.71 -1.54 57.25
CA ASP F 433 -31.13 -1.63 56.90
C ASP F 433 -31.31 -1.46 55.40
N GLN F 434 -32.50 -1.84 54.94
CA GLN F 434 -32.90 -1.74 53.54
C GLN F 434 -34.16 -0.86 53.53
N VAL F 435 -34.00 0.39 53.14
CA VAL F 435 -35.06 1.39 53.25
C VAL F 435 -35.76 1.53 51.90
N LEU F 436 -37.06 1.26 51.89
CA LEU F 436 -37.87 1.43 50.68
C LEU F 436 -38.07 2.91 50.38
N GLN F 437 -37.80 3.30 49.13
CA GLN F 437 -37.92 4.69 48.70
C GLN F 437 -39.35 4.90 48.20
N SER F 438 -40.25 5.24 49.14
CA SER F 438 -41.67 5.31 48.85
C SER F 438 -42.10 6.62 48.21
N GLN F 439 -41.24 7.64 48.19
CA GLN F 439 -41.59 8.94 47.64
C GLN F 439 -41.09 9.15 46.22
N LEU F 440 -40.41 8.16 45.64
CA LEU F 440 -39.98 8.25 44.25
C LEU F 440 -41.11 7.81 43.34
N LYS F 441 -41.40 8.62 42.32
CA LYS F 441 -42.55 8.39 41.46
C LYS F 441 -42.28 8.59 39.98
N TRP F 442 -41.15 9.18 39.60
CA TRP F 442 -40.94 9.68 38.24
C TRP F 442 -39.54 9.28 37.79
N PRO F 443 -39.13 9.55 36.55
CA PRO F 443 -37.74 9.23 36.16
C PRO F 443 -36.75 9.95 37.06
N VAL F 444 -35.85 9.18 37.65
CA VAL F 444 -34.89 9.70 38.64
C VAL F 444 -33.55 9.90 37.96
N GLU F 445 -33.01 11.11 38.04
CA GLU F 445 -31.72 11.46 37.45
C GLU F 445 -30.56 11.13 38.38
N PHE F 446 -30.68 11.51 39.65
CA PHE F 446 -29.68 11.18 40.67
C PHE F 446 -30.28 11.47 42.03
N ILE F 447 -29.71 10.84 43.05
CA ILE F 447 -30.19 10.93 44.42
C ILE F 447 -29.07 11.48 45.30
N TYR F 448 -29.36 12.56 46.03
CA TYR F 448 -28.51 12.98 47.14
C TYR F 448 -28.80 12.08 48.33
N LEU F 449 -27.75 11.55 48.96
CA LEU F 449 -27.91 10.61 50.06
C LEU F 449 -27.02 11.00 51.23
N GLY F 450 -27.57 10.88 52.44
CA GLY F 450 -26.82 11.10 53.65
C GLY F 450 -27.53 10.50 54.83
N LEU F 451 -26.78 10.24 55.90
CA LEU F 451 -27.29 9.64 57.13
C LEU F 451 -26.92 10.54 58.29
N ARG F 452 -27.74 11.56 58.55
CA ARG F 452 -27.41 12.58 59.54
C ARG F 452 -27.79 12.13 60.94
N PRO F 453 -26.89 12.21 61.91
CA PRO F 453 -27.26 11.84 63.29
C PRO F 453 -28.28 12.81 63.84
N ALA F 454 -29.24 12.26 64.60
CA ALA F 454 -30.33 13.08 65.13
C ALA F 454 -29.81 14.16 66.07
N ASN F 455 -28.67 13.93 66.73
CA ASN F 455 -28.11 14.93 67.63
C ASN F 455 -27.60 16.17 66.90
N ASN F 456 -27.45 16.12 65.58
CA ASN F 456 -26.97 17.30 64.85
C ASN F 456 -27.99 18.43 64.87
N ILE F 457 -29.27 18.11 65.00
CA ILE F 457 -30.32 19.12 65.06
C ILE F 457 -31.00 19.13 66.42
N ALA F 458 -30.46 18.42 67.40
CA ALA F 458 -31.06 18.39 68.73
C ALA F 458 -30.81 19.70 69.46
N ALA F 459 -31.78 20.09 70.29
CA ALA F 459 -31.67 21.33 71.04
C ALA F 459 -30.57 21.25 72.10
N GLY F 460 -30.33 20.07 72.66
CA GLY F 460 -29.30 19.88 73.66
C GLY F 460 -27.88 19.84 73.14
N ASN F 461 -27.70 19.75 71.83
CA ASN F 461 -26.37 19.82 71.22
C ASN F 461 -25.95 21.28 71.16
N THR F 462 -25.01 21.67 72.02
CA THR F 462 -24.56 23.05 72.07
C THR F 462 -23.78 23.46 70.82
N TYR F 463 -23.42 22.51 69.96
CA TYR F 463 -22.83 22.80 68.67
C TYR F 463 -23.82 22.61 67.52
N GLN F 464 -25.12 22.59 67.83
CA GLN F 464 -26.12 22.42 66.78
C GLN F 464 -26.07 23.57 65.78
N TRP F 465 -25.79 24.79 66.24
CA TRP F 465 -25.66 25.92 65.34
C TRP F 465 -24.72 25.63 64.19
N ARG F 466 -23.71 24.78 64.43
CA ARG F 466 -22.75 24.38 63.40
C ARG F 466 -23.06 23.01 62.82
N ASP F 467 -23.46 22.04 63.65
CA ASP F 467 -23.61 20.66 63.22
C ASP F 467 -24.85 20.39 62.40
N TRP F 468 -25.82 21.32 62.37
CA TRP F 468 -27.14 20.99 61.84
C TRP F 468 -27.10 20.58 60.38
N HIS F 469 -26.13 21.06 59.61
CA HIS F 469 -26.07 20.78 58.19
C HIS F 469 -25.02 19.73 57.82
N HIS F 470 -24.30 19.19 58.81
CA HIS F 470 -23.32 18.13 58.54
C HIS F 470 -24.01 16.77 58.47
N LEU F 471 -23.58 15.96 57.52
CA LEU F 471 -24.15 14.64 57.30
C LEU F 471 -23.35 13.53 57.97
N THR F 472 -22.47 13.87 58.91
CA THR F 472 -21.73 12.90 59.70
C THR F 472 -21.87 13.25 61.18
N SER F 473 -21.27 12.42 62.02
CA SER F 473 -21.16 12.72 63.44
C SER F 473 -19.90 13.54 63.66
N VAL F 474 -20.07 14.70 64.31
CA VAL F 474 -18.97 15.64 64.53
C VAL F 474 -18.62 15.63 66.01
N THR F 475 -17.33 15.47 66.31
CA THR F 475 -16.80 15.61 67.65
C THR F 475 -15.80 16.76 67.66
N ASN F 476 -15.61 17.36 68.83
CA ASN F 476 -14.83 18.58 68.97
C ASN F 476 -13.48 18.26 69.60
N GLU F 477 -12.41 18.51 68.86
CA GLU F 477 -11.04 18.26 69.33
C GLU F 477 -10.35 19.58 69.60
N PRO F 478 -9.86 19.80 70.83
CA PRO F 478 -9.17 21.06 71.12
C PRO F 478 -7.71 21.03 70.66
N VAL F 479 -7.28 22.15 70.10
CA VAL F 479 -5.87 22.40 69.77
C VAL F 479 -5.43 23.62 70.56
N TYR F 480 -4.39 23.45 71.38
CA TYR F 480 -3.96 24.49 72.31
C TYR F 480 -2.75 25.23 71.77
N ASP F 481 -2.74 26.55 71.99
CA ASP F 481 -1.54 27.36 71.87
C ASP F 481 -1.08 27.72 73.27
N VAL F 482 0.08 27.23 73.67
CA VAL F 482 0.59 27.37 75.03
C VAL F 482 1.82 28.28 75.01
N SER F 483 1.92 29.15 76.01
CA SER F 483 3.09 29.98 76.20
C SER F 483 3.91 29.41 77.35
N GLN F 484 5.15 29.03 77.06
CA GLN F 484 6.06 28.49 78.06
C GLN F 484 7.05 29.57 78.47
N SER F 485 7.28 29.69 79.77
CA SER F 485 8.26 30.64 80.28
C SER F 485 9.03 30.03 81.42
N TYR F 486 10.28 30.44 81.55
CA TYR F 486 11.15 30.03 82.65
C TYR F 486 11.73 31.27 83.30
N ALA F 487 12.12 31.12 84.57
CA ALA F 487 12.64 32.24 85.33
C ALA F 487 13.56 31.71 86.42
N ARG F 488 14.75 32.29 86.54
CA ARG F 488 15.72 31.90 87.56
C ARG F 488 16.26 33.15 88.24
N VAL F 489 16.26 33.13 89.56
CA VAL F 489 16.73 34.24 90.38
C VAL F 489 17.57 33.68 91.50
N SER F 490 18.76 34.25 91.71
CA SER F 490 19.57 33.97 92.88
C SER F 490 19.21 34.94 93.98
N ILE F 491 18.99 34.43 95.19
CA ILE F 491 18.54 35.24 96.32
C ILE F 491 19.66 35.45 97.33
N ASP F 492 20.90 35.14 96.98
CA ASP F 492 22.02 35.33 97.88
C ASP F 492 23.22 35.76 97.04
N ASP F 493 23.63 37.02 97.19
CA ASP F 493 24.70 37.61 96.41
C ASP F 493 26.09 37.24 96.92
N THR F 494 26.19 36.32 97.88
CA THR F 494 27.49 35.86 98.37
C THR F 494 27.77 34.39 98.08
N VAL F 495 26.79 33.62 97.58
CA VAL F 495 27.02 32.25 97.16
C VAL F 495 26.81 32.16 95.65
N ALA F 496 27.64 31.36 95.00
CA ALA F 496 27.50 31.16 93.56
C ALA F 496 26.17 30.47 93.27
N PRO F 497 25.44 30.93 92.26
CA PRO F 497 24.12 30.31 91.98
C PRO F 497 24.22 28.89 91.45
N VAL F 498 25.17 28.61 90.55
CA VAL F 498 25.21 27.29 89.90
C VAL F 498 25.37 26.20 90.96
N GLY F 499 24.48 25.21 90.91
CA GLY F 499 24.46 24.14 91.87
C GLY F 499 23.90 24.52 93.23
N SER F 500 23.41 25.73 93.39
CA SER F 500 22.95 26.21 94.69
C SER F 500 21.43 26.17 94.78
N THR F 501 20.95 25.92 96.00
CA THR F 501 19.54 26.04 96.34
C THR F 501 19.11 27.49 96.48
N THR F 502 20.06 28.42 96.60
CA THR F 502 19.74 29.84 96.49
C THR F 502 19.37 30.25 95.07
N PHE F 503 19.70 29.43 94.08
CA PHE F 503 19.37 29.68 92.68
C PHE F 503 17.99 29.10 92.42
N LYS F 504 16.97 29.93 92.59
CA LYS F 504 15.59 29.46 92.55
C LYS F 504 15.14 29.15 91.13
N GLN F 505 14.05 28.39 91.03
CA GLN F 505 13.49 27.99 89.75
C GLN F 505 12.01 28.31 89.70
N SER F 506 11.60 28.96 88.62
CA SER F 506 10.19 29.22 88.33
C SER F 506 9.91 28.85 86.88
N ALA F 507 8.64 28.60 86.59
CA ALA F 507 8.19 28.28 85.24
C ALA F 507 6.67 28.40 85.20
N SER F 508 6.16 28.83 84.05
CA SER F 508 4.72 28.99 83.88
C SER F 508 4.29 28.45 82.53
N GLN F 509 3.07 27.94 82.48
CA GLN F 509 2.41 27.49 81.26
C GLN F 509 1.06 28.19 81.20
N VAL F 510 0.91 29.14 80.28
CA VAL F 510 -0.32 29.91 80.14
C VAL F 510 -0.93 29.61 78.78
N MET F 511 -2.23 29.33 78.78
CA MET F 511 -2.95 29.09 77.53
C MET F 511 -3.04 30.39 76.75
N GLN F 512 -2.53 30.39 75.52
CA GLN F 512 -2.59 31.57 74.68
C GLN F 512 -3.88 31.62 73.86
N ASN F 513 -4.30 30.47 73.32
CA ASN F 513 -5.53 30.40 72.56
C ASN F 513 -5.94 28.93 72.46
N GLN F 514 -7.20 28.72 72.12
CA GLN F 514 -7.72 27.37 71.87
C GLN F 514 -8.49 27.37 70.57
N TYR F 515 -8.22 26.37 69.74
CA TYR F 515 -8.97 26.13 68.52
C TYR F 515 -9.80 24.86 68.68
N ILE F 516 -10.95 24.84 68.03
CA ILE F 516 -11.82 23.66 68.02
C ILE F 516 -11.76 23.05 66.62
N VAL F 517 -11.24 21.83 66.53
CA VAL F 517 -11.17 21.09 65.28
C VAL F 517 -12.40 20.18 65.21
N PRO F 518 -13.28 20.36 64.23
CA PRO F 518 -14.47 19.48 64.14
C PRO F 518 -14.18 18.18 63.41
N VAL F 519 -13.95 17.11 64.17
CA VAL F 519 -13.58 15.82 63.60
C VAL F 519 -14.83 15.10 63.12
N GLU F 520 -14.85 14.73 61.84
CA GLU F 520 -16.00 14.07 61.24
C GLU F 520 -15.88 12.56 61.37
N THR F 521 -16.96 11.92 61.83
CA THR F 521 -17.07 10.47 61.89
C THR F 521 -18.18 10.05 60.93
N GLU F 522 -17.79 9.32 59.88
CA GLU F 522 -18.75 8.94 58.85
C GLU F 522 -19.81 8.00 59.40
N THR F 523 -21.06 8.26 59.02
CA THR F 523 -22.18 7.43 59.44
C THR F 523 -22.46 6.28 58.48
N LEU F 524 -22.04 6.41 57.22
CA LEU F 524 -22.27 5.39 56.20
C LEU F 524 -20.96 4.68 55.87
N ASP F 525 -21.02 3.35 55.83
CA ASP F 525 -19.91 2.53 55.34
C ASP F 525 -20.09 2.12 53.88
N THR F 526 -21.21 1.46 53.57
CA THR F 526 -21.50 1.05 52.21
C THR F 526 -22.95 1.39 51.88
N VAL F 527 -23.22 1.56 50.59
CA VAL F 527 -24.58 1.77 50.09
C VAL F 527 -24.78 0.85 48.90
N ARG F 528 -25.99 0.30 48.81
CA ARG F 528 -26.42 -0.54 47.70
C ARG F 528 -27.78 -0.07 47.23
N VAL F 529 -27.97 0.00 45.92
CA VAL F 529 -29.21 0.45 45.33
C VAL F 529 -29.81 -0.72 44.55
N LYS F 530 -30.95 -1.22 45.02
CA LYS F 530 -31.70 -2.25 44.31
C LYS F 530 -33.12 -1.75 44.07
N ALA F 531 -33.60 -1.93 42.85
CA ALA F 531 -34.96 -1.60 42.48
C ALA F 531 -35.56 -2.81 41.79
N HIS F 532 -36.86 -3.02 41.99
CA HIS F 532 -37.51 -4.25 41.56
C HIS F 532 -36.68 -5.45 42.02
N GLY F 533 -36.15 -6.19 41.04
CA GLY F 533 -35.19 -7.24 41.29
C GLY F 533 -33.92 -7.04 40.49
N ILE F 534 -33.64 -5.80 40.10
CA ILE F 534 -32.41 -5.44 39.41
C ILE F 534 -31.52 -4.68 40.38
N GLU F 535 -30.22 -4.94 40.32
CA GLU F 535 -29.23 -4.23 41.11
C GLU F 535 -28.68 -3.09 40.26
N LEU F 536 -28.96 -1.86 40.68
CA LEU F 536 -28.46 -0.70 39.96
C LEU F 536 -27.09 -0.28 40.46
N TYR F 537 -26.86 -0.36 41.77
CA TYR F 537 -25.54 -0.19 42.37
C TYR F 537 -25.32 -1.34 43.34
N ALA F 538 -24.26 -2.12 43.12
CA ALA F 538 -23.88 -3.15 44.06
C ALA F 538 -23.36 -2.51 45.35
N GLN F 539 -23.15 -3.35 46.37
CA GLN F 539 -22.69 -2.85 47.66
C GLN F 539 -21.28 -2.29 47.52
N TYR F 540 -21.17 -0.96 47.52
CA TYR F 540 -19.89 -0.27 47.39
C TYR F 540 -19.64 0.60 48.61
N ARG F 541 -18.37 0.85 48.89
CA ARG F 541 -18.02 1.74 49.99
C ARG F 541 -18.53 3.15 49.73
N ALA F 542 -18.77 3.88 50.82
CA ALA F 542 -19.37 5.21 50.70
C ALA F 542 -18.51 6.16 49.88
N GLN F 543 -17.19 6.01 49.94
CA GLN F 543 -16.31 6.94 49.24
C GLN F 543 -16.43 6.81 47.72
N PHE F 544 -16.96 5.70 47.21
CA PHE F 544 -17.26 5.62 45.79
C PHE F 544 -18.30 6.66 45.40
N TYR F 545 -19.32 6.82 46.23
CA TYR F 545 -20.42 7.74 45.93
C TYR F 545 -20.09 9.17 46.31
N ARG F 546 -19.19 9.37 47.28
CA ARG F 546 -18.85 10.71 47.74
C ARG F 546 -17.70 11.33 46.94
N ASP F 547 -16.69 10.54 46.59
CA ASP F 547 -15.49 11.07 45.96
C ASP F 547 -15.44 10.78 44.46
N TYR F 548 -15.48 9.50 44.08
CA TYR F 548 -15.27 9.17 42.67
C TYR F 548 -16.39 9.74 41.80
N ILE F 549 -17.64 9.42 42.12
CA ILE F 549 -18.75 9.85 41.27
C ILE F 549 -18.80 11.36 41.12
N PRO F 550 -18.74 12.18 42.18
CA PRO F 550 -18.71 13.63 41.96
C PRO F 550 -17.46 14.11 41.26
N TRP F 551 -16.33 13.40 41.39
CA TRP F 551 -15.14 13.81 40.65
C TRP F 551 -15.28 13.51 39.17
N ASN F 552 -15.76 12.32 38.83
CA ASN F 552 -15.77 11.90 37.43
C ASN F 552 -16.85 12.62 36.63
N TYR F 553 -17.96 13.00 37.25
CA TYR F 553 -19.12 13.49 36.53
C TYR F 553 -19.34 14.98 36.74
N GLY F 554 -20.07 15.57 35.79
CA GLY F 554 -20.73 16.85 35.99
C GLY F 554 -19.93 18.08 35.65
N SER F 555 -18.64 17.94 35.33
CA SER F 555 -17.79 19.10 35.06
C SER F 555 -17.93 20.14 36.17
N PHE F 556 -18.03 21.42 35.80
CA PHE F 556 -18.21 22.48 36.78
C PHE F 556 -19.61 22.48 37.41
N ASN F 557 -20.51 21.60 36.98
CA ASN F 557 -21.84 21.55 37.59
C ASN F 557 -21.88 20.72 38.86
N LEU F 558 -20.92 19.81 39.05
CA LEU F 558 -20.90 18.91 40.20
C LEU F 558 -19.61 19.12 40.96
N VAL F 559 -19.71 19.63 42.18
CA VAL F 559 -18.57 19.84 43.05
C VAL F 559 -18.36 18.59 43.90
N THR F 560 -17.11 18.18 44.06
CA THR F 560 -16.81 17.14 45.03
C THR F 560 -17.04 17.70 46.44
N PRO F 561 -17.84 17.05 47.27
CA PRO F 561 -18.32 17.68 48.50
C PRO F 561 -17.26 17.68 49.61
N GLN F 562 -17.26 18.76 50.39
CA GLN F 562 -16.39 18.82 51.56
C GLN F 562 -16.91 17.93 52.68
N ASP F 563 -18.23 17.79 52.80
CA ASP F 563 -18.83 16.96 53.84
C ASP F 563 -18.50 15.49 53.58
N LYS F 564 -17.89 14.84 54.57
CA LYS F 564 -17.58 13.43 54.45
C LYS F 564 -18.83 12.55 54.38
N GLY F 565 -20.02 13.10 54.57
CA GLY F 565 -21.22 12.30 54.60
C GLY F 565 -22.17 12.48 53.43
N ALA F 566 -21.82 13.36 52.50
CA ALA F 566 -22.67 13.63 51.34
C ALA F 566 -22.34 12.67 50.22
N LEU F 567 -23.31 11.85 49.83
CA LEU F 567 -23.14 10.84 48.79
C LEU F 567 -24.05 11.15 47.61
N PHE F 568 -23.60 10.76 46.42
CA PHE F 568 -24.25 11.10 45.15
C PHE F 568 -24.43 9.82 44.34
N LEU F 569 -25.67 9.35 44.24
CA LEU F 569 -26.01 8.17 43.44
C LEU F 569 -26.48 8.63 42.07
N ASN F 570 -25.64 8.44 41.06
CA ASN F 570 -25.89 8.99 39.73
C ASN F 570 -26.49 7.93 38.80
N PHE F 571 -27.39 8.37 37.93
CA PHE F 571 -27.98 7.50 36.91
C PHE F 571 -27.97 8.15 35.53
N CYS F 572 -27.22 9.24 35.34
CA CYS F 572 -27.10 9.89 34.04
C CYS F 572 -25.64 10.25 33.81
N LEU F 573 -25.33 10.59 32.56
CA LEU F 573 -23.96 10.85 32.16
C LEU F 573 -23.55 12.30 32.37
N TYR F 574 -24.47 13.25 32.25
CA TYR F 574 -24.17 14.67 32.39
C TYR F 574 -25.13 15.30 33.38
N PRO F 575 -24.98 15.01 34.67
CA PRO F 575 -25.83 15.63 35.68
C PRO F 575 -25.61 17.14 35.70
N GLY F 576 -26.70 17.89 35.55
CA GLY F 576 -26.64 19.34 35.48
C GLY F 576 -26.92 19.89 34.10
N THR F 577 -26.76 19.09 33.05
CA THR F 577 -27.15 19.52 31.72
C THR F 577 -28.66 19.40 31.57
N TYR F 578 -29.25 20.29 30.77
CA TYR F 578 -30.68 20.22 30.51
C TYR F 578 -31.00 19.02 29.62
N GLN F 579 -30.19 18.79 28.59
CA GLN F 579 -30.33 17.64 27.71
C GLN F 579 -30.33 16.35 28.53
N PRO F 580 -31.41 15.57 28.51
CA PRO F 580 -31.43 14.31 29.28
C PRO F 580 -30.31 13.38 28.85
N SER F 581 -29.91 12.52 29.79
CA SER F 581 -28.74 11.67 29.54
C SER F 581 -28.77 10.39 30.37
N GLY F 582 -29.92 9.93 30.84
CA GLY F 582 -29.97 8.76 31.70
C GLY F 582 -30.88 8.97 32.89
N HIS F 583 -31.62 7.91 33.26
CA HIS F 583 -32.53 7.96 34.39
C HIS F 583 -32.97 6.53 34.70
N VAL F 584 -33.55 6.36 35.89
CA VAL F 584 -34.15 5.11 36.31
C VAL F 584 -35.65 5.20 36.08
N ASN F 585 -36.20 4.23 35.33
CA ASN F 585 -37.58 4.36 34.90
C ASN F 585 -38.54 4.22 36.09
N ILE F 586 -39.79 4.63 35.85
CA ILE F 586 -40.76 4.81 36.92
C ILE F 586 -41.14 3.48 37.54
N SER F 587 -41.35 2.45 36.71
CA SER F 587 -41.52 1.11 37.24
C SER F 587 -40.34 0.74 38.13
N ARG F 588 -39.12 0.89 37.61
CA ARG F 588 -37.94 0.67 38.43
C ARG F 588 -37.88 1.65 39.59
N ALA F 589 -38.31 2.89 39.37
CA ALA F 589 -38.38 3.87 40.45
C ALA F 589 -39.50 3.57 41.46
N ARG F 590 -40.17 2.43 41.38
CA ARG F 590 -41.19 2.05 42.35
C ARG F 590 -40.58 1.25 43.50
N GLU F 591 -40.43 -0.06 43.28
CA GLU F 591 -39.90 -0.97 44.29
C GLU F 591 -38.42 -0.71 44.51
N PHE F 592 -38.11 0.47 45.04
CA PHE F 592 -36.77 1.06 45.03
C PHE F 592 -36.22 1.08 46.45
N TYR F 593 -35.08 0.43 46.65
CA TYR F 593 -34.46 0.36 47.97
C TYR F 593 -33.07 0.98 47.94
N ILE F 594 -32.71 1.63 49.04
CA ILE F 594 -31.34 2.05 49.31
C ILE F 594 -30.94 1.33 50.60
N GLU F 595 -30.06 0.34 50.46
CA GLU F 595 -29.58 -0.43 51.61
C GLU F 595 -28.20 0.07 52.01
N TYR F 596 -28.06 0.42 53.29
CA TYR F 596 -26.82 0.97 53.81
C TYR F 596 -26.26 0.06 54.88
N THR F 597 -24.97 0.26 55.16
CA THR F 597 -24.28 -0.38 56.26
C THR F 597 -23.57 0.71 57.07
N SER F 598 -23.65 0.62 58.39
CA SER F 598 -23.13 1.67 59.25
C SER F 598 -22.41 1.08 60.45
N SER F 599 -21.34 1.74 60.87
CA SER F 599 -20.67 1.46 62.13
C SER F 599 -20.94 2.53 63.17
N PHE F 600 -22.02 3.32 62.98
CA PHE F 600 -22.34 4.40 63.91
C PHE F 600 -23.79 4.32 64.38
N CYS F 601 -24.71 4.11 63.45
CA CYS F 601 -26.14 4.13 63.79
C CYS F 601 -26.48 2.91 64.64
N ASP F 602 -27.05 3.16 65.82
CA ASP F 602 -27.48 2.08 66.70
C ASP F 602 -28.56 2.62 67.63
N SER F 603 -28.88 1.84 68.67
CA SER F 603 -29.88 2.24 69.64
C SER F 603 -29.52 3.57 70.29
N SER F 604 -28.23 3.80 70.54
CA SER F 604 -27.77 5.00 71.22
C SER F 604 -27.55 6.18 70.30
N ASN F 605 -27.55 5.97 68.98
CA ASN F 605 -27.20 7.01 68.02
C ASN F 605 -28.17 6.98 66.86
N PRO F 606 -29.39 7.48 67.05
CA PRO F 606 -30.37 7.51 65.96
C PRO F 606 -29.91 8.45 64.86
N CYS F 607 -30.16 8.06 63.62
CA CYS F 607 -29.81 8.88 62.46
C CYS F 607 -31.01 8.94 61.53
N ASP F 608 -30.97 9.91 60.62
CA ASP F 608 -31.99 10.08 59.59
C ASP F 608 -31.35 9.76 58.24
N LEU F 609 -31.91 8.79 57.54
CA LEU F 609 -31.44 8.50 56.19
C LEU F 609 -32.14 9.46 55.24
N ILE F 610 -31.41 10.49 54.82
CA ILE F 610 -31.93 11.51 53.92
C ILE F 610 -31.66 11.06 52.49
N SER F 611 -32.73 10.91 51.71
CA SER F 611 -32.63 10.66 50.28
C SER F 611 -33.41 11.74 49.56
N ILE F 612 -32.74 12.46 48.67
CA ILE F 612 -33.36 13.53 47.90
C ILE F 612 -33.08 13.27 46.43
N ALA F 613 -34.14 13.06 45.66
CA ALA F 613 -34.03 12.71 44.25
C ALA F 613 -34.39 13.90 43.38
N LYS F 614 -33.62 14.08 42.31
CA LYS F 614 -33.96 15.03 41.25
C LYS F 614 -34.63 14.25 40.14
N CYS F 615 -35.91 14.51 39.92
CA CYS F 615 -36.73 13.71 39.03
C CYS F 615 -37.19 14.54 37.83
N ILE F 616 -37.26 13.90 36.69
CA ILE F 616 -37.69 14.55 35.45
C ILE F 616 -39.20 14.45 35.31
N ASN F 617 -39.83 15.55 34.92
CA ASN F 617 -41.27 15.60 34.67
C ASN F 617 -41.48 16.52 33.46
N PHE F 618 -42.74 16.84 33.16
CA PHE F 618 -43.05 17.67 31.99
C PHE F 618 -44.23 18.58 32.29
N LEU F 619 -44.17 19.78 31.71
CA LEU F 619 -45.24 20.77 31.80
C LEU F 619 -45.82 21.00 30.43
N LEU F 620 -47.14 20.92 30.32
CA LEU F 620 -47.86 21.24 29.08
C LEU F 620 -48.26 22.71 29.07
N ILE F 621 -48.43 23.25 27.87
CA ILE F 621 -48.86 24.62 27.72
C ILE F 621 -50.25 24.68 27.11
N UNK G 1 27.61 42.94 25.23
CA UNK G 1 28.32 43.69 24.22
C UNK G 1 28.83 42.76 23.11
N UNK G 2 28.24 42.90 21.92
CA UNK G 2 28.66 42.15 20.75
C UNK G 2 29.59 43.00 19.89
N UNK G 3 30.40 42.32 19.08
CA UNK G 3 31.49 42.97 18.35
C UNK G 3 31.34 42.87 16.83
N UNK G 4 30.13 42.69 16.32
CA UNK G 4 29.94 42.51 14.89
C UNK G 4 30.05 43.81 14.11
N UNK G 5 30.80 44.78 14.64
CA UNK G 5 31.05 46.04 13.92
C UNK G 5 32.14 45.84 12.86
N UNK G 6 31.87 44.92 11.95
CA UNK G 6 32.83 44.52 10.93
C UNK G 6 32.71 45.42 9.70
N UNK G 7 33.74 45.38 8.87
CA UNK G 7 33.84 46.16 7.65
C UNK G 7 33.69 45.24 6.43
N UNK G 8 34.18 45.69 5.27
CA UNK G 8 34.05 44.90 4.05
C UNK G 8 35.00 43.71 4.06
N UNK G 9 36.22 43.89 4.57
CA UNK G 9 37.20 42.81 4.58
C UNK G 9 36.76 41.68 5.51
N UNK G 10 36.30 42.02 6.71
CA UNK G 10 35.81 41.01 7.64
C UNK G 10 34.53 40.35 7.14
N UNK G 11 33.78 41.03 6.27
CA UNK G 11 32.53 40.46 5.77
C UNK G 11 32.77 39.42 4.68
N UNK G 12 33.69 39.71 3.75
CA UNK G 12 34.03 38.71 2.73
C UNK G 12 34.61 37.46 3.35
N UNK G 13 35.07 37.54 4.62
CA UNK G 13 35.63 36.38 5.30
C UNK G 13 34.54 35.56 5.98
N UNK G 14 33.57 36.23 6.63
CA UNK G 14 32.44 35.50 7.19
C UNK G 14 31.67 34.77 6.09
N UNK G 15 31.48 35.44 4.95
CA UNK G 15 30.85 34.78 3.80
C UNK G 15 31.70 33.65 3.27
N UNK G 16 33.02 33.73 3.44
CA UNK G 16 33.93 32.67 2.98
C UNK G 16 34.02 31.51 3.96
N UNK G 17 34.07 31.79 5.26
CA UNK G 17 34.07 30.71 6.24
C UNK G 17 32.80 29.87 6.17
N UNK G 18 31.70 30.48 5.70
CA UNK G 18 30.46 29.73 5.53
C UNK G 18 30.52 28.76 4.35
N UNK G 19 31.41 29.00 3.39
CA UNK G 19 31.53 28.08 2.26
C UNK G 19 32.02 26.71 2.70
N UNK G 20 32.92 26.66 3.68
CA UNK G 20 33.47 25.41 4.20
C UNK G 20 32.88 25.20 5.59
N UNK G 21 31.72 24.55 5.63
CA UNK G 21 31.05 24.22 6.89
C UNK G 21 29.99 23.14 6.68
N UNK H 1 60.82 49.23 7.36
CA UNK H 1 59.42 49.40 6.97
C UNK H 1 59.18 50.74 6.29
N UNK H 2 58.54 50.70 5.13
CA UNK H 2 58.16 51.91 4.40
C UNK H 2 56.69 52.21 4.66
N UNK H 3 56.35 53.49 4.67
CA UNK H 3 54.98 53.93 4.90
C UNK H 3 54.28 54.21 3.58
N UNK H 4 54.26 53.19 2.72
CA UNK H 4 53.60 53.26 1.43
C UNK H 4 52.18 52.70 1.47
N UNK H 5 51.69 52.31 2.64
CA UNK H 5 50.26 52.04 2.79
C UNK H 5 49.50 53.35 2.66
N UNK H 6 49.56 53.96 1.47
CA UNK H 6 48.94 55.26 1.21
C UNK H 6 47.50 55.04 0.76
N UNK H 7 46.81 56.14 0.47
CA UNK H 7 45.38 56.10 0.16
C UNK H 7 45.15 56.63 -1.26
N UNK H 8 43.86 56.77 -1.61
CA UNK H 8 43.50 57.20 -2.95
C UNK H 8 43.95 58.63 -3.22
N UNK H 9 43.72 59.54 -2.27
CA UNK H 9 44.11 60.93 -2.46
C UNK H 9 45.62 61.07 -2.63
N UNK H 10 46.41 60.24 -1.94
CA UNK H 10 47.85 60.25 -2.13
C UNK H 10 48.24 59.56 -3.43
N UNK H 11 47.41 58.63 -3.93
CA UNK H 11 47.71 57.95 -5.17
C UNK H 11 47.66 58.90 -6.37
N UNK H 12 46.59 59.71 -6.45
CA UNK H 12 46.50 60.70 -7.51
C UNK H 12 47.67 61.68 -7.45
N UNK H 13 48.20 61.94 -6.25
CA UNK H 13 49.37 62.80 -6.11
C UNK H 13 50.60 62.14 -6.72
N UNK H 14 50.87 60.88 -6.35
CA UNK H 14 51.98 60.16 -6.97
C UNK H 14 51.75 60.00 -8.48
N UNK H 15 50.51 59.72 -8.88
CA UNK H 15 50.22 59.58 -10.30
C UNK H 15 50.50 60.88 -11.04
N UNK H 16 50.23 62.02 -10.41
CA UNK H 16 50.47 63.31 -11.04
C UNK H 16 51.94 63.67 -11.03
N UNK H 17 52.62 63.47 -9.89
CA UNK H 17 54.05 63.74 -9.82
C UNK H 17 54.84 62.91 -10.82
N UNK H 18 54.25 61.83 -11.34
CA UNK H 18 54.90 61.09 -12.41
C UNK H 18 54.84 61.84 -13.74
N UNK H 19 53.80 62.63 -13.95
CA UNK H 19 53.67 63.37 -15.21
C UNK H 19 54.83 64.33 -15.41
N UNK H 20 55.17 65.10 -14.37
CA UNK H 20 56.25 66.08 -14.44
C UNK H 20 57.56 65.39 -14.05
N UNK H 21 58.12 64.66 -15.01
CA UNK H 21 59.41 63.99 -14.82
C UNK H 21 60.02 63.61 -16.16
N UNK I 1 36.49 78.42 13.91
CA UNK I 1 36.63 77.13 13.24
C UNK I 1 35.41 76.25 13.50
N UNK I 2 34.71 75.89 12.42
CA UNK I 2 33.41 75.23 12.52
C UNK I 2 33.54 73.72 12.43
N UNK I 3 32.45 73.04 12.82
CA UNK I 3 32.38 71.58 12.76
C UNK I 3 31.73 71.12 11.46
N UNK I 4 32.38 71.49 10.36
CA UNK I 4 31.88 71.17 9.02
C UNK I 4 32.72 70.11 8.33
N UNK I 5 33.51 69.36 9.09
CA UNK I 5 34.13 68.14 8.56
C UNK I 5 33.11 67.01 8.65
N UNK I 6 31.94 67.23 8.07
CA UNK I 6 30.79 66.34 8.20
C UNK I 6 30.92 65.13 7.27
N UNK I 7 30.07 64.14 7.51
CA UNK I 7 30.14 62.85 6.85
C UNK I 7 29.05 62.71 5.80
N UNK I 8 29.03 61.56 5.14
CA UNK I 8 27.94 61.24 4.22
C UNK I 8 26.63 61.10 4.97
N UNK I 9 26.67 60.50 6.17
CA UNK I 9 25.47 60.41 6.99
C UNK I 9 25.03 61.78 7.48
N UNK I 10 25.97 62.62 7.90
CA UNK I 10 25.63 63.96 8.34
C UNK I 10 25.10 64.84 7.21
N UNK I 11 25.44 64.50 5.96
CA UNK I 11 24.91 65.26 4.83
C UNK I 11 23.44 64.90 4.58
N UNK I 12 23.14 63.61 4.50
CA UNK I 12 21.74 63.19 4.35
C UNK I 12 20.89 63.66 5.51
N UNK I 13 21.50 63.88 6.67
CA UNK I 13 20.77 64.43 7.81
C UNK I 13 20.52 65.93 7.63
N UNK I 14 21.53 66.67 7.20
CA UNK I 14 21.33 68.10 6.91
C UNK I 14 20.43 68.30 5.70
N UNK I 15 20.54 67.41 4.71
CA UNK I 15 19.67 67.50 3.54
C UNK I 15 18.22 67.24 3.92
N UNK I 16 17.98 66.26 4.80
CA UNK I 16 16.61 65.94 5.19
C UNK I 16 16.02 67.00 6.11
N UNK I 17 16.84 67.58 6.98
CA UNK I 17 16.37 68.69 7.80
C UNK I 17 15.99 69.89 6.96
N UNK I 18 16.52 70.02 5.74
CA UNK I 18 16.14 71.11 4.86
C UNK I 18 14.73 70.92 4.32
N UNK I 19 14.26 69.66 4.24
CA UNK I 19 12.89 69.42 3.81
C UNK I 19 11.86 69.90 4.80
N UNK I 20 12.28 70.18 6.04
CA UNK I 20 11.39 70.62 7.10
C UNK I 20 11.83 72.01 7.58
N UNK I 21 11.58 73.02 6.75
CA UNK I 21 11.86 74.41 7.09
C UNK I 21 11.24 75.34 6.05
N UNK J 1 -43.15 -1.06 2.72
CA UNK J 1 -42.66 0.31 2.57
C UNK J 1 -43.14 1.21 3.70
N UNK J 2 -42.25 1.55 4.62
CA UNK J 2 -42.56 2.41 5.75
C UNK J 2 -41.98 3.80 5.51
N UNK J 3 -42.62 4.82 6.07
CA UNK J 3 -42.34 6.21 5.76
C UNK J 3 -41.81 6.97 6.97
N UNK J 4 -40.98 6.32 7.78
CA UNK J 4 -40.47 6.92 9.00
C UNK J 4 -39.17 7.71 8.79
N UNK J 5 -38.95 8.26 7.60
CA UNK J 5 -37.84 9.18 7.37
C UNK J 5 -38.19 10.57 7.93
N UNK J 6 -38.43 10.58 9.25
CA UNK J 6 -38.99 11.73 9.92
C UNK J 6 -37.93 12.78 10.23
N UNK J 7 -38.39 13.98 10.56
CA UNK J 7 -37.53 15.13 10.77
C UNK J 7 -37.40 15.44 12.26
N UNK J 8 -36.54 16.41 12.56
CA UNK J 8 -36.45 16.92 13.93
C UNK J 8 -37.78 17.52 14.37
N UNK J 9 -38.45 18.26 13.46
CA UNK J 9 -39.78 18.77 13.76
C UNK J 9 -40.78 17.65 13.96
N UNK J 10 -40.70 16.61 13.13
CA UNK J 10 -41.63 15.48 13.27
C UNK J 10 -41.36 14.69 14.54
N UNK J 11 -40.09 14.60 14.97
CA UNK J 11 -39.78 13.88 16.20
C UNK J 11 -40.36 14.59 17.42
N UNK J 12 -40.15 15.92 17.51
CA UNK J 12 -40.72 16.68 18.61
C UNK J 12 -42.25 16.60 18.58
N UNK J 13 -42.83 16.60 17.39
CA UNK J 13 -44.28 16.40 17.27
C UNK J 13 -44.68 15.01 17.74
N UNK J 14 -43.86 14.00 17.44
CA UNK J 14 -44.17 12.65 17.87
C UNK J 14 -44.03 12.48 19.37
N UNK J 15 -42.94 13.00 19.94
CA UNK J 15 -42.75 12.94 21.38
C UNK J 15 -43.82 13.75 22.13
N UNK J 16 -44.43 14.73 21.45
CA UNK J 16 -45.47 15.52 22.09
C UNK J 16 -46.84 14.86 21.95
N UNK J 17 -47.04 14.03 20.93
CA UNK J 17 -48.24 13.22 20.88
C UNK J 17 -48.27 12.23 22.02
N UNK J 18 -47.09 11.76 22.45
CA UNK J 18 -47.00 10.86 23.60
C UNK J 18 -47.32 11.56 24.91
N UNK J 19 -47.24 12.88 24.95
CA UNK J 19 -47.53 13.60 26.19
C UNK J 19 -49.00 13.53 26.55
N UNK J 20 -49.88 13.62 25.56
CA UNK J 20 -51.33 13.61 25.77
C UNK J 20 -51.87 12.28 25.26
N UNK J 21 -51.86 11.28 26.14
CA UNK J 21 -52.33 9.94 25.78
C UNK J 21 -52.69 9.14 27.03
N UNK K 1 -47.64 36.39 -2.47
CA UNK K 1 -46.94 35.97 -1.26
C UNK K 1 -45.55 36.61 -1.18
N UNK K 2 -44.95 36.54 0.00
CA UNK K 2 -43.60 37.02 0.22
C UNK K 2 -42.62 35.86 0.28
N UNK K 3 -41.36 36.16 0.01
CA UNK K 3 -40.35 35.11 -0.07
C UNK K 3 -39.24 35.35 0.95
N UNK K 4 -39.59 35.58 2.19
CA UNK K 4 -38.62 35.84 3.24
C UNK K 4 -38.16 34.63 4.03
N UNK K 5 -38.79 33.48 3.88
CA UNK K 5 -38.29 32.30 4.54
C UNK K 5 -36.93 32.04 3.93
N UNK K 6 -35.96 32.80 4.41
CA UNK K 6 -34.58 32.72 3.96
C UNK K 6 -33.78 31.80 4.85
N UNK K 7 -32.49 31.68 4.60
CA UNK K 7 -31.60 30.78 5.31
C UNK K 7 -30.63 31.58 6.18
N UNK K 8 -29.78 30.86 6.91
CA UNK K 8 -28.82 31.52 7.80
C UNK K 8 -27.84 32.37 7.01
N UNK K 9 -27.32 31.85 5.89
CA UNK K 9 -26.40 32.62 5.07
C UNK K 9 -27.04 33.92 4.60
N UNK K 10 -28.30 33.86 4.16
CA UNK K 10 -29.00 35.07 3.73
C UNK K 10 -29.27 36.00 4.92
N UNK K 11 -29.51 35.44 6.10
CA UNK K 11 -29.72 36.27 7.28
C UNK K 11 -28.46 37.08 7.61
N UNK K 12 -27.30 36.41 7.62
CA UNK K 12 -26.04 37.14 7.82
C UNK K 12 -25.82 38.17 6.71
N UNK K 13 -26.30 37.89 5.50
CA UNK K 13 -26.19 38.85 4.42
C UNK K 13 -27.01 40.11 4.72
N UNK K 14 -28.22 39.94 5.23
CA UNK K 14 -29.02 41.10 5.65
C UNK K 14 -28.36 41.82 6.81
N UNK K 15 -27.90 41.07 7.82
CA UNK K 15 -27.20 41.68 8.95
C UNK K 15 -25.98 42.46 8.48
N UNK K 16 -25.28 41.96 7.46
CA UNK K 16 -24.14 42.69 6.92
C UNK K 16 -24.59 43.88 6.09
N UNK K 17 -25.64 43.71 5.27
CA UNK K 17 -26.16 44.83 4.50
C UNK K 17 -26.66 45.95 5.41
N UNK K 18 -27.08 45.60 6.64
CA UNK K 18 -27.48 46.61 7.61
C UNK K 18 -26.29 47.36 8.20
N UNK K 19 -25.07 46.84 8.04
CA UNK K 19 -23.90 47.50 8.61
C UNK K 19 -23.56 48.80 7.89
N UNK K 20 -23.83 48.87 6.58
CA UNK K 20 -23.61 50.08 5.80
C UNK K 20 -24.99 50.65 5.47
N UNK K 21 -25.46 51.57 6.32
CA UNK K 21 -26.77 52.20 6.15
C UNK K 21 -26.88 53.47 6.99
N UNK L 1 -15.16 19.87 -13.45
CA UNK L 1 -16.52 19.46 -13.20
C UNK L 1 -16.67 18.46 -12.03
N UNK L 2 -15.88 18.68 -10.97
CA UNK L 2 -15.71 17.70 -9.91
C UNK L 2 -16.91 17.73 -8.97
N UNK L 3 -16.98 16.63 -8.24
CA UNK L 3 -17.98 16.25 -7.26
C UNK L 3 -17.84 16.76 -5.84
N UNK L 4 -16.78 17.50 -5.54
CA UNK L 4 -16.63 18.01 -4.19
C UNK L 4 -17.77 18.97 -3.87
N UNK L 5 -18.84 18.37 -3.39
CA UNK L 5 -20.08 19.00 -2.99
C UNK L 5 -20.57 17.99 -2.01
N UNK L 6 -19.61 17.29 -1.43
CA UNK L 6 -19.86 16.25 -0.44
C UNK L 6 -20.41 16.87 0.84
N UNK L 7 -21.05 16.02 1.64
CA UNK L 7 -21.72 16.43 2.86
C UNK L 7 -21.00 15.83 4.07
N UNK L 8 -21.76 15.57 5.14
CA UNK L 8 -21.13 15.07 6.36
C UNK L 8 -20.79 13.58 6.25
N UNK L 9 -21.70 12.78 5.73
CA UNK L 9 -21.46 11.35 5.59
C UNK L 9 -20.34 11.08 4.59
N UNK L 10 -20.27 11.87 3.52
CA UNK L 10 -19.18 11.71 2.56
C UNK L 10 -17.86 12.26 3.12
N UNK L 11 -17.90 13.11 4.13
CA UNK L 11 -16.68 13.63 4.73
C UNK L 11 -15.98 12.56 5.56
N UNK L 12 -16.71 11.98 6.53
CA UNK L 12 -16.17 10.84 7.27
C UNK L 12 -15.79 9.70 6.35
N UNK L 13 -16.35 9.64 5.15
CA UNK L 13 -15.97 8.62 4.17
C UNK L 13 -14.52 8.83 3.73
N UNK L 14 -14.22 9.97 3.11
CA UNK L 14 -12.86 10.22 2.64
C UNK L 14 -11.86 10.21 3.79
N UNK L 15 -12.29 10.59 4.99
CA UNK L 15 -11.39 10.62 6.14
C UNK L 15 -11.18 9.22 6.72
N UNK L 16 -12.18 8.36 6.67
CA UNK L 16 -12.01 6.97 7.09
C UNK L 16 -11.42 6.11 5.98
N UNK L 17 -11.53 6.54 4.73
CA UNK L 17 -10.88 5.89 3.60
C UNK L 17 -9.39 6.16 3.54
N UNK L 18 -8.82 6.69 4.62
CA UNK L 18 -7.40 6.97 4.70
C UNK L 18 -6.77 6.39 5.97
N UNK L 19 -7.41 5.42 6.59
CA UNK L 19 -6.93 4.84 7.85
C UNK L 19 -5.86 3.78 7.62
N ASP M 12 10.86 -45.66 -7.36
CA ASP M 12 11.90 -46.39 -6.65
C ASP M 12 12.04 -47.81 -7.21
N GLY M 13 13.22 -48.42 -7.09
CA GLY M 13 14.34 -47.82 -6.37
C GLY M 13 15.61 -47.58 -7.16
N LYS M 14 16.35 -48.67 -7.42
CA LYS M 14 17.67 -48.59 -8.04
C LYS M 14 17.72 -47.62 -9.22
N ALA M 15 16.75 -47.72 -10.12
CA ALA M 15 16.74 -46.84 -11.29
C ALA M 15 16.29 -45.43 -10.93
N ASP M 16 15.31 -45.28 -10.04
CA ASP M 16 14.81 -43.96 -9.70
C ASP M 16 15.82 -43.18 -8.86
N ARG M 17 16.51 -43.86 -7.93
CA ARG M 17 17.44 -43.17 -7.04
C ARG M 17 18.59 -42.54 -7.81
N MET M 18 18.96 -43.11 -8.97
CA MET M 18 20.01 -42.52 -9.77
C MET M 18 19.50 -41.43 -10.71
N ILE M 19 18.21 -41.43 -11.04
CA ILE M 19 17.65 -40.43 -11.94
C ILE M 19 17.07 -39.25 -11.17
N MET M 20 16.47 -39.50 -10.01
CA MET M 20 15.82 -38.46 -9.24
C MET M 20 16.37 -38.29 -7.84
N ALA M 21 17.00 -39.31 -7.26
CA ALA M 21 17.60 -39.24 -5.93
C ALA M 21 16.68 -38.52 -4.95
N ASN M 22 15.44 -39.02 -4.85
CA ASN M 22 14.46 -38.35 -4.01
C ASN M 22 14.72 -38.60 -2.53
N ASP M 23 15.30 -39.75 -2.18
CA ASP M 23 15.64 -40.01 -0.79
C ASP M 23 16.71 -39.05 -0.31
N LEU M 24 17.70 -38.77 -1.17
CA LEU M 24 18.71 -37.78 -0.82
C LEU M 24 18.09 -36.39 -0.70
N LEU M 25 17.23 -36.01 -1.65
CA LEU M 25 16.60 -34.70 -1.63
C LEU M 25 15.81 -34.49 -0.34
N ASN M 26 14.97 -35.46 0.03
CA ASN M 26 14.21 -35.35 1.27
C ASN M 26 15.12 -35.21 2.48
N ASP M 27 16.25 -35.92 2.46
CA ASP M 27 17.21 -35.79 3.56
C ASP M 27 17.90 -34.43 3.53
N ARG M 28 18.04 -33.83 2.34
CA ARG M 28 18.64 -32.50 2.27
C ARG M 28 17.70 -31.44 2.82
N ILE M 29 16.39 -31.58 2.55
CA ILE M 29 15.42 -30.63 3.07
C ILE M 29 15.34 -30.72 4.59
N LYS M 30 15.24 -31.94 5.12
CA LYS M 30 15.21 -32.11 6.57
C LYS M 30 16.47 -31.54 7.22
N SER M 31 17.61 -31.64 6.53
CA SER M 31 18.87 -31.17 7.10
C SER M 31 18.94 -29.65 7.09
N ILE M 32 18.63 -29.02 5.95
CA ILE M 32 18.74 -27.57 5.87
C ILE M 32 17.67 -26.90 6.74
N MET M 33 16.50 -27.52 6.87
CA MET M 33 15.50 -27.01 7.80
C MET M 33 15.98 -27.11 9.24
N CYS M 34 16.72 -28.18 9.56
CA CYS M 34 17.27 -28.34 10.91
C CYS M 34 18.29 -27.25 11.21
N LEU M 35 19.18 -26.96 10.27
CA LEU M 35 20.21 -25.94 10.49
C LEU M 35 19.59 -24.56 10.62
N ARG M 36 18.65 -24.21 9.74
CA ARG M 36 18.08 -22.87 9.74
C ARG M 36 17.30 -22.59 11.01
N ALA M 37 16.68 -23.61 11.61
CA ALA M 37 16.02 -23.42 12.90
C ALA M 37 17.04 -23.31 14.02
N LYS M 38 18.08 -24.14 13.98
CA LYS M 38 19.15 -24.07 14.98
C LYS M 38 19.85 -22.72 14.94
N GLN M 39 20.10 -22.20 13.74
CA GLN M 39 20.85 -20.95 13.56
C GLN M 39 20.03 -19.69 13.84
N GLY M 40 18.75 -19.82 14.16
CA GLY M 40 17.96 -18.65 14.48
C GLY M 40 17.36 -17.92 13.29
N PHE M 41 17.08 -18.63 12.21
CA PHE M 41 16.30 -18.06 11.11
C PHE M 41 14.81 -18.15 11.44
N SER M 42 14.09 -17.07 11.16
CA SER M 42 12.64 -17.08 11.36
C SER M 42 11.99 -18.13 10.47
N ASP M 43 12.52 -18.31 9.26
CA ASP M 43 11.93 -19.19 8.27
C ASP M 43 12.86 -20.38 8.02
N PRO M 44 12.58 -21.55 8.58
CA PRO M 44 13.45 -22.71 8.33
C PRO M 44 13.36 -23.26 6.92
N THR M 45 12.46 -22.74 6.09
CA THR M 45 12.25 -23.28 4.76
C THR M 45 13.50 -23.10 3.91
N PRO M 46 13.95 -24.12 3.18
CA PRO M 46 15.12 -23.96 2.32
C PRO M 46 14.84 -22.95 1.21
N THR M 47 15.92 -22.42 0.64
CA THR M 47 15.76 -21.63 -0.57
C THR M 47 15.83 -22.54 -1.79
N LEU M 48 15.36 -22.02 -2.92
CA LEU M 48 15.42 -22.80 -4.15
C LEU M 48 16.86 -22.99 -4.60
N VAL M 49 17.76 -22.07 -4.22
CA VAL M 49 19.18 -22.25 -4.51
C VAL M 49 19.73 -23.45 -3.74
N ASP M 50 19.22 -23.67 -2.52
CA ASP M 50 19.59 -24.87 -1.76
C ASP M 50 19.24 -26.13 -2.54
N ILE M 51 18.02 -26.19 -3.09
CA ILE M 51 17.59 -27.36 -3.84
C ILE M 51 18.44 -27.53 -5.09
N GLU M 52 18.70 -26.43 -5.81
CA GLU M 52 19.42 -26.52 -7.07
C GLU M 52 20.90 -26.84 -6.88
N ARG M 53 21.38 -26.89 -5.64
CA ARG M 53 22.75 -27.34 -5.41
C ARG M 53 22.93 -28.81 -5.77
N THR M 54 21.85 -29.59 -5.73
CA THR M 54 21.90 -31.01 -6.07
C THR M 54 20.92 -31.40 -7.16
N HIS M 55 19.71 -30.85 -7.14
CA HIS M 55 18.66 -31.24 -8.07
C HIS M 55 18.26 -30.08 -8.97
N ILE M 56 17.72 -30.42 -10.14
CA ILE M 56 17.17 -29.45 -11.06
C ILE M 56 15.66 -29.41 -10.89
N LEU M 57 15.08 -28.22 -10.97
CA LEU M 57 13.64 -28.04 -10.89
C LEU M 57 13.10 -27.83 -12.30
N LEU M 58 12.27 -28.78 -12.76
CA LEU M 58 11.72 -28.68 -14.11
C LEU M 58 10.58 -27.69 -14.20
N ILE M 59 9.81 -27.51 -13.13
CA ILE M 59 8.85 -26.42 -13.02
C ILE M 59 9.54 -25.29 -12.27
N ASN M 60 9.78 -24.17 -12.95
CA ASN M 60 10.62 -23.12 -12.41
C ASN M 60 10.54 -21.88 -13.29
N SER M 61 9.88 -20.83 -12.79
CA SER M 61 9.68 -19.60 -13.53
C SER M 61 10.75 -18.56 -13.25
N HIS M 62 11.91 -18.98 -12.76
CA HIS M 62 12.98 -18.06 -12.43
C HIS M 62 13.68 -17.56 -13.68
N TYR M 63 14.04 -16.28 -13.67
CA TYR M 63 14.85 -15.65 -14.71
C TYR M 63 15.81 -14.70 -14.01
N LYS M 64 16.81 -14.23 -14.72
CA LYS M 64 17.57 -13.19 -14.06
C LYS M 64 17.44 -11.88 -14.84
N PRO M 65 17.49 -10.74 -14.15
CA PRO M 65 17.37 -9.46 -14.86
C PRO M 65 18.59 -9.24 -15.73
N PHE M 66 18.39 -8.56 -16.85
CA PHE M 66 19.50 -8.23 -17.73
C PHE M 66 19.86 -6.76 -17.57
N ALA M 67 21.16 -6.48 -17.61
CA ALA M 67 21.63 -5.10 -17.64
C ALA M 67 20.98 -4.38 -18.80
N ALA M 68 20.25 -3.30 -18.48
CA ALA M 68 19.38 -2.61 -19.43
C ALA M 68 20.03 -2.47 -20.80
N MET M 69 19.23 -2.70 -21.83
CA MET M 69 19.71 -2.66 -23.20
C MET M 69 18.55 -2.39 -24.12
N GLY M 70 18.78 -1.54 -25.12
CA GLY M 70 17.86 -1.37 -26.23
C GLY M 70 18.64 -1.35 -27.53
N TYR M 71 17.90 -1.43 -28.63
CA TYR M 71 18.56 -1.37 -29.93
C TYR M 71 17.65 -0.69 -30.94
N GLU M 72 18.27 -0.14 -31.97
CA GLU M 72 17.54 0.54 -33.04
C GLU M 72 18.36 0.48 -34.32
N TYR M 73 17.69 0.34 -35.44
CA TYR M 73 18.34 0.30 -36.74
C TYR M 73 18.54 1.70 -37.30
N GLN M 74 19.56 1.85 -38.12
CA GLN M 74 19.89 3.12 -38.75
C GLN M 74 20.30 2.90 -40.18
N LYS M 75 19.85 3.79 -41.06
CA LYS M 75 20.02 3.70 -42.49
C LYS M 75 21.06 4.72 -42.94
N THR M 76 21.97 4.31 -43.83
CA THR M 76 22.96 5.24 -44.38
C THR M 76 23.22 4.95 -45.85
N ARG M 77 23.55 6.03 -46.58
CA ARG M 77 23.87 6.07 -47.98
C ARG M 77 25.37 5.88 -48.20
N PRO M 78 25.78 5.55 -49.42
CA PRO M 78 27.21 5.35 -49.68
C PRO M 78 27.99 6.65 -49.67
N ASN M 79 29.28 6.54 -49.31
CA ASN M 79 30.22 7.63 -49.50
C ASN M 79 30.64 7.79 -50.95
N THR M 80 30.47 6.73 -51.75
CA THR M 80 31.00 6.69 -53.11
C THR M 80 30.11 7.38 -54.13
N GLY M 81 29.15 8.19 -53.69
CA GLY M 81 28.28 8.87 -54.62
C GLY M 81 27.18 7.99 -55.16
N ASN M 82 26.88 8.10 -56.44
CA ASN M 82 25.72 7.39 -56.99
C ASN M 82 26.12 5.99 -57.43
N PRO M 83 25.37 4.97 -57.03
CA PRO M 83 25.77 3.59 -57.29
C PRO M 83 25.44 3.13 -58.71
N THR M 84 26.25 2.21 -59.21
CA THR M 84 26.07 1.60 -60.53
C THR M 84 26.50 0.14 -60.46
N TYR M 85 26.12 -0.62 -61.48
CA TYR M 85 26.72 -1.93 -61.68
C TYR M 85 28.23 -1.79 -61.88
N ASN M 86 28.95 -2.87 -61.61
CA ASN M 86 30.39 -2.98 -61.88
C ASN M 86 31.16 -1.80 -61.29
N SER M 87 31.08 -1.66 -59.97
CA SER M 87 31.77 -0.58 -59.29
C SER M 87 31.97 -0.99 -57.83
N THR M 88 32.74 -0.17 -57.12
CA THR M 88 33.01 -0.36 -55.70
C THR M 88 32.24 0.69 -54.91
N ILE M 89 31.47 0.22 -53.93
CA ILE M 89 30.64 1.07 -53.08
C ILE M 89 31.11 0.91 -51.65
N GLN M 90 31.28 2.04 -50.95
CA GLN M 90 31.76 2.04 -49.57
C GLN M 90 30.79 2.76 -48.67
N PHE M 91 30.46 2.13 -47.53
CA PHE M 91 29.62 2.72 -46.51
C PHE M 91 30.42 3.00 -45.26
N SER M 92 30.16 4.13 -44.63
CA SER M 92 30.62 4.35 -43.28
C SER M 92 29.68 3.63 -42.31
N ILE M 93 30.19 3.36 -41.11
CA ILE M 93 29.37 2.81 -40.04
C ILE M 93 29.20 3.92 -39.01
N PRO M 94 28.09 4.64 -39.03
CA PRO M 94 27.99 5.87 -38.24
C PRO M 94 27.99 5.61 -36.75
N GLN M 95 28.33 6.66 -36.02
CA GLN M 95 28.33 6.63 -34.56
C GLN M 95 26.89 6.80 -34.08
N PHE M 96 26.33 5.74 -33.52
CA PHE M 96 24.97 5.79 -32.99
C PHE M 96 24.90 5.07 -31.65
N GLY M 97 24.96 3.74 -31.67
CA GLY M 97 24.92 2.96 -30.46
C GLY M 97 26.29 2.78 -29.82
N ASP M 98 26.30 2.08 -28.68
CA ASP M 98 27.56 1.69 -28.06
C ASP M 98 28.16 0.47 -28.75
N PHE M 99 27.32 -0.33 -29.39
CA PHE M 99 27.75 -1.46 -30.19
C PHE M 99 26.95 -1.45 -31.48
N PHE M 100 27.54 -2.00 -32.55
CA PHE M 100 26.77 -2.27 -33.76
C PHE M 100 26.82 -3.75 -34.07
N SER M 101 25.76 -4.23 -34.72
CA SER M 101 25.56 -5.67 -34.87
C SER M 101 25.15 -6.06 -36.28
N ASP M 102 24.00 -6.69 -36.43
CA ASP M 102 23.60 -7.27 -37.71
C ASP M 102 23.38 -6.17 -38.74
N MET M 103 23.82 -6.45 -39.98
CA MET M 103 23.75 -5.51 -41.08
C MET M 103 23.00 -6.12 -42.26
N VAL M 104 22.45 -5.24 -43.09
CA VAL M 104 21.72 -5.67 -44.28
C VAL M 104 21.73 -4.49 -45.25
N VAL M 105 21.82 -4.81 -46.54
CA VAL M 105 21.91 -3.83 -47.61
C VAL M 105 20.67 -3.92 -48.48
N HIS M 106 19.95 -2.81 -48.60
CA HIS M 106 18.80 -2.71 -49.48
C HIS M 106 19.27 -2.34 -50.88
N VAL M 107 19.08 -3.23 -51.84
CA VAL M 107 19.40 -2.97 -53.23
C VAL M 107 18.10 -2.84 -54.00
N GLN M 108 18.02 -1.80 -54.84
CA GLN M 108 16.83 -1.52 -55.64
C GLN M 108 17.27 -1.35 -57.09
N LEU M 109 16.95 -2.33 -57.92
CA LEU M 109 17.30 -2.30 -59.34
C LEU M 109 16.08 -1.92 -60.14
N ALA M 110 16.26 -1.00 -61.10
CA ALA M 110 15.13 -0.43 -61.83
C ALA M 110 14.39 -1.49 -62.62
N ALA M 111 13.10 -1.25 -62.83
CA ALA M 111 12.33 -2.04 -63.77
C ALA M 111 12.96 -1.95 -65.15
N THR M 112 12.96 -3.06 -65.88
CA THR M 112 13.76 -3.11 -67.10
C THR M 112 13.12 -4.04 -68.12
N SER M 113 13.34 -3.72 -69.40
CA SER M 113 12.88 -4.51 -70.52
C SER M 113 14.03 -4.68 -71.51
N ALA M 114 13.86 -5.60 -72.44
CA ALA M 114 14.82 -5.78 -73.52
C ALA M 114 14.48 -4.87 -74.69
N SER M 115 15.50 -4.55 -75.48
CA SER M 115 15.32 -3.72 -76.65
C SER M 115 14.47 -4.43 -77.70
N ALA M 116 13.96 -3.65 -78.64
CA ALA M 116 13.10 -4.19 -79.70
C ALA M 116 13.95 -4.85 -80.78
N GLY M 117 13.56 -6.06 -81.17
CA GLY M 117 14.26 -6.83 -82.17
C GLY M 117 13.33 -7.33 -83.25
N THR M 118 13.70 -8.46 -83.83
CA THR M 118 13.03 -8.98 -85.01
C THR M 118 12.90 -10.50 -84.92
N VAL M 119 11.92 -11.02 -85.66
CA VAL M 119 11.77 -12.47 -85.83
C VAL M 119 12.94 -12.99 -86.68
N PRO M 120 13.63 -14.04 -86.26
CA PRO M 120 14.80 -14.52 -87.01
C PRO M 120 14.38 -15.29 -88.27
N ALA M 121 15.40 -15.64 -89.05
CA ALA M 121 15.16 -16.42 -90.26
C ALA M 121 14.63 -17.81 -89.91
N LEU M 122 13.90 -18.39 -90.86
CA LEU M 122 13.39 -19.74 -90.69
C LEU M 122 14.52 -20.75 -90.75
N PRO M 123 14.35 -21.93 -90.14
CA PRO M 123 15.38 -22.97 -90.23
C PRO M 123 15.55 -23.44 -91.66
N ALA M 124 16.66 -24.14 -91.90
CA ALA M 124 16.94 -24.68 -93.21
C ALA M 124 15.94 -25.78 -93.56
N PHE M 125 15.92 -26.15 -94.84
CA PHE M 125 15.06 -27.25 -95.29
C PHE M 125 15.45 -28.55 -94.58
N ILE M 126 14.48 -29.45 -94.45
CA ILE M 126 14.69 -30.76 -93.85
C ILE M 126 14.62 -31.85 -94.92
N GLY M 127 13.49 -31.97 -95.61
CA GLY M 127 13.39 -32.91 -96.70
C GLY M 127 14.03 -32.39 -97.97
N ALA M 128 14.31 -33.32 -98.88
CA ALA M 128 15.01 -32.98 -100.12
C ALA M 128 14.07 -32.55 -101.24
N ASP M 129 12.78 -32.88 -101.15
CA ASP M 129 11.84 -32.58 -102.22
C ASP M 129 10.85 -31.50 -101.78
N ASP M 130 10.22 -30.87 -102.78
CA ASP M 130 9.08 -29.97 -102.59
C ASP M 130 9.39 -28.83 -101.62
N GLN M 131 10.56 -28.22 -101.78
CA GLN M 131 11.02 -27.19 -100.85
C GLN M 131 10.40 -25.84 -101.22
N VAL M 132 9.66 -25.26 -100.27
CA VAL M 132 9.00 -23.98 -100.46
C VAL M 132 9.32 -23.10 -99.25
N LEU M 133 9.75 -21.86 -99.52
CA LEU M 133 10.08 -20.91 -98.47
C LEU M 133 9.26 -19.65 -98.64
N THR M 134 8.56 -19.25 -97.59
CA THR M 134 7.86 -17.98 -97.54
C THR M 134 8.34 -17.18 -96.33
N SER M 135 7.73 -16.01 -96.13
CA SER M 135 8.01 -15.21 -94.95
C SER M 135 7.46 -15.84 -93.68
N THR M 136 6.63 -16.88 -93.79
CA THR M 136 5.93 -17.42 -92.63
C THR M 136 6.11 -18.92 -92.42
N SER M 137 6.70 -19.65 -93.36
CA SER M 137 6.93 -21.07 -93.13
C SER M 137 8.01 -21.57 -94.08
N VAL M 138 8.74 -22.59 -93.61
CA VAL M 138 9.67 -23.34 -94.44
C VAL M 138 9.13 -24.77 -94.55
N VAL M 139 9.03 -25.26 -95.78
CA VAL M 139 8.36 -26.52 -96.08
C VAL M 139 9.28 -27.38 -96.92
N SER M 140 9.31 -28.68 -96.63
CA SER M 140 10.11 -29.64 -97.37
C SER M 140 9.51 -31.03 -97.14
N ALA M 141 9.98 -32.00 -97.93
CA ALA M 141 9.36 -33.30 -97.93
C ALA M 141 10.36 -34.39 -98.28
N THR M 142 10.03 -35.62 -97.87
CA THR M 142 10.80 -36.82 -98.21
C THR M 142 9.83 -37.85 -98.76
N GLU M 143 9.98 -38.18 -100.05
CA GLU M 143 9.12 -39.17 -100.66
C GLU M 143 9.58 -40.58 -100.28
N ASN M 144 8.65 -41.54 -100.43
CA ASN M 144 8.96 -42.96 -100.25
C ASN M 144 7.97 -43.74 -101.11
N THR M 145 8.35 -43.97 -102.37
CA THR M 145 7.45 -44.60 -103.33
C THR M 145 7.26 -46.09 -103.09
N THR M 146 8.06 -46.71 -102.24
CA THR M 146 7.89 -48.14 -101.95
C THR M 146 6.93 -48.38 -100.80
N SER M 147 7.05 -47.62 -99.71
CA SER M 147 6.15 -47.79 -98.57
C SER M 147 4.81 -47.08 -98.76
N GLY M 148 4.76 -46.07 -99.63
CA GLY M 148 3.55 -45.30 -99.82
C GLY M 148 3.38 -44.14 -98.86
N VAL M 149 4.36 -43.88 -98.00
CA VAL M 149 4.30 -42.82 -97.02
C VAL M 149 4.98 -41.58 -97.58
N TYR M 150 4.29 -40.45 -97.56
CA TYR M 150 4.82 -39.17 -98.00
C TYR M 150 4.95 -38.27 -96.77
N THR M 151 6.18 -37.85 -96.48
CA THR M 151 6.50 -37.14 -95.24
C THR M 151 6.74 -35.66 -95.53
N LEU M 152 6.05 -34.80 -94.80
CA LEU M 152 6.04 -33.36 -95.06
C LEU M 152 6.52 -32.61 -93.82
N TYR M 153 7.59 -31.83 -93.96
CA TYR M 153 8.18 -31.10 -92.86
C TYR M 153 7.81 -29.62 -92.96
N THR M 154 7.28 -29.07 -91.87
CA THR M 154 6.84 -27.68 -91.85
C THR M 154 7.32 -27.03 -90.55
N GLN M 155 8.04 -25.91 -90.68
CA GLN M 155 8.47 -25.14 -89.53
C GLN M 155 8.08 -23.68 -89.73
N SER M 156 7.67 -23.04 -88.63
CA SER M 156 7.18 -21.67 -88.67
C SER M 156 7.28 -21.09 -87.27
N TYR M 157 7.05 -19.79 -87.17
CA TYR M 157 7.08 -19.08 -85.90
C TYR M 157 5.67 -18.65 -85.50
N VAL M 158 5.32 -18.91 -84.24
CA VAL M 158 4.02 -18.56 -83.70
C VAL M 158 4.21 -17.88 -82.35
N ASN M 159 3.17 -17.20 -81.89
CA ASN M 159 3.11 -16.72 -80.52
C ASN M 159 2.35 -17.76 -79.68
N GLN M 160 2.08 -17.44 -78.42
CA GLN M 160 1.41 -18.41 -77.55
C GLN M 160 0.01 -18.73 -78.06
N GLN M 161 -0.65 -17.77 -78.71
CA GLN M 161 -1.99 -18.04 -79.23
C GLN M 161 -1.96 -18.85 -80.52
N GLY M 162 -0.80 -19.03 -81.14
CA GLY M 162 -0.68 -19.78 -82.36
C GLY M 162 -0.74 -18.96 -83.63
N THR M 163 -0.73 -17.64 -83.52
CA THR M 163 -0.74 -16.78 -84.70
C THR M 163 0.66 -16.76 -85.32
N THR M 164 0.72 -16.93 -86.64
CA THR M 164 2.01 -17.04 -87.32
C THR M 164 2.72 -15.70 -87.35
N GLN M 165 4.01 -15.71 -87.03
CA GLN M 165 4.86 -14.53 -87.05
C GLN M 165 5.68 -14.50 -88.33
N THR M 166 5.80 -13.31 -88.92
CA THR M 166 6.53 -13.12 -90.16
C THR M 166 8.01 -12.88 -89.86
N VAL M 167 8.88 -13.47 -90.69
CA VAL M 167 10.31 -13.25 -90.55
C VAL M 167 10.62 -11.76 -90.69
N ALA M 168 11.49 -11.25 -89.82
CA ALA M 168 11.93 -9.87 -89.76
C ALA M 168 10.85 -8.89 -89.32
N ALA M 169 9.74 -9.40 -88.79
CA ALA M 169 8.77 -8.54 -88.13
C ALA M 169 9.13 -8.39 -86.65
N ALA M 170 8.53 -7.40 -86.01
CA ALA M 170 8.93 -7.02 -84.66
C ALA M 170 8.76 -8.17 -83.67
N ALA M 171 9.74 -8.30 -82.77
CA ALA M 171 9.67 -9.24 -81.66
C ALA M 171 10.66 -8.79 -80.60
N THR M 172 10.31 -8.98 -79.33
CA THR M 172 11.16 -8.55 -78.23
C THR M 172 11.34 -9.69 -77.24
N ASN M 173 12.59 -9.96 -76.88
CA ASN M 173 12.89 -10.98 -75.89
C ASN M 173 12.35 -10.57 -74.51
N PHE M 174 12.27 -11.55 -73.62
CA PHE M 174 11.97 -11.32 -72.23
C PHE M 174 13.26 -11.21 -71.42
N VAL M 175 13.15 -10.67 -70.22
CA VAL M 175 14.31 -10.48 -69.35
C VAL M 175 14.10 -11.28 -68.07
N ARG M 176 15.21 -11.79 -67.53
CA ARG M 176 15.20 -12.60 -66.33
C ARG M 176 16.42 -12.26 -65.49
N TYR M 177 16.28 -12.42 -64.17
CA TYR M 177 17.41 -12.35 -63.27
C TYR M 177 17.97 -13.74 -63.03
N CYS M 178 19.28 -13.81 -62.83
CA CYS M 178 19.89 -15.08 -62.45
C CYS M 178 19.31 -15.57 -61.13
N GLU M 179 19.47 -16.87 -60.88
CA GLU M 179 19.04 -17.40 -59.59
C GLU M 179 19.86 -16.78 -58.47
N TYR M 180 19.20 -16.47 -57.37
CA TYR M 180 19.82 -15.85 -56.21
C TYR M 180 20.63 -14.60 -56.59
N PRO M 181 20.01 -13.62 -57.24
CA PRO M 181 20.77 -12.45 -57.71
C PRO M 181 21.35 -11.63 -56.57
N GLY M 182 20.73 -11.67 -55.38
CA GLY M 182 21.29 -10.97 -54.25
C GLY M 182 22.67 -11.43 -53.85
N LEU M 183 23.03 -12.67 -54.18
CA LEU M 183 24.29 -13.26 -53.76
C LEU M 183 25.32 -13.30 -54.88
N ARG M 184 24.90 -13.08 -56.12
CA ARG M 184 25.85 -12.85 -57.18
C ARG M 184 26.17 -11.38 -57.36
N LEU M 185 25.24 -10.49 -56.96
CA LEU M 185 25.46 -9.07 -57.12
C LEU M 185 26.66 -8.59 -56.31
N PHE M 186 26.78 -9.05 -55.07
CA PHE M 186 27.89 -8.65 -54.21
C PHE M 186 29.08 -9.52 -54.55
N LYS M 187 29.82 -9.07 -55.57
CA LYS M 187 31.04 -9.76 -55.99
C LYS M 187 32.01 -9.93 -54.83
N ARG M 188 32.07 -8.95 -53.94
CA ARG M 188 33.03 -8.93 -52.84
C ARG M 188 32.48 -8.05 -51.74
N VAL M 189 32.52 -8.55 -50.50
CA VAL M 189 31.98 -7.84 -49.34
C VAL M 189 33.06 -7.79 -48.26
N LYS M 190 33.38 -6.60 -47.79
CA LYS M 190 34.53 -6.41 -46.93
C LYS M 190 34.19 -5.49 -45.76
N PHE M 191 34.72 -5.83 -44.59
CA PHE M 191 34.61 -5.02 -43.38
C PHE M 191 36.03 -4.55 -43.03
N GLU M 192 36.28 -3.25 -43.21
CA GLU M 192 37.61 -2.67 -43.04
C GLU M 192 37.68 -1.90 -41.74
N VAL M 193 38.77 -2.09 -40.99
CA VAL M 193 39.02 -1.37 -39.76
C VAL M 193 40.44 -0.81 -39.82
N ASN M 194 40.54 0.53 -39.82
CA ASN M 194 41.82 1.23 -39.88
C ASN M 194 42.65 0.76 -41.06
N GLY M 195 42.05 0.78 -42.25
CA GLY M 195 42.75 0.53 -43.50
C GLY M 195 42.86 -0.91 -43.93
N ASN M 196 42.67 -1.87 -43.02
CA ASN M 196 42.90 -3.25 -43.41
C ASN M 196 41.62 -4.05 -43.35
N PRO M 197 41.46 -5.04 -44.23
CA PRO M 197 40.30 -5.93 -44.15
C PRO M 197 40.31 -6.71 -42.83
N LEU M 198 39.24 -6.54 -42.06
CA LEU M 198 39.07 -7.36 -40.86
C LEU M 198 38.46 -8.70 -41.22
N ASP M 199 37.45 -8.69 -42.09
CA ASP M 199 36.90 -9.90 -42.68
C ASP M 199 36.40 -9.54 -44.07
N GLU M 200 36.45 -10.52 -44.97
CA GLU M 200 35.89 -10.33 -46.30
C GLU M 200 35.54 -11.67 -46.89
N TYR M 201 34.52 -11.67 -47.74
CA TYR M 201 34.08 -12.87 -48.43
C TYR M 201 33.58 -12.48 -49.81
N THR M 202 33.40 -13.49 -50.65
CA THR M 202 32.94 -13.29 -52.02
C THR M 202 31.57 -13.92 -52.20
N ALA M 203 31.09 -13.89 -53.45
CA ALA M 203 29.83 -14.56 -53.78
C ALA M 203 29.89 -16.06 -53.52
N LEU M 204 31.09 -16.64 -53.51
CA LEU M 204 31.20 -18.08 -53.27
C LEU M 204 30.85 -18.42 -51.82
N ALA M 205 31.36 -17.64 -50.87
CA ALA M 205 31.00 -17.85 -49.47
C ALA M 205 29.50 -17.66 -49.27
N ALA M 206 28.91 -16.70 -50.00
CA ALA M 206 27.48 -16.46 -49.90
C ALA M 206 26.68 -17.68 -50.33
N ILE M 207 27.04 -18.29 -51.47
CA ILE M 207 26.27 -19.44 -51.93
C ILE M 207 26.56 -20.67 -51.06
N MET M 208 27.75 -20.75 -50.46
CA MET M 208 27.98 -21.78 -49.46
C MET M 208 27.03 -21.61 -48.27
N TYR M 209 26.82 -20.36 -47.84
CA TYR M 209 25.83 -20.11 -46.81
C TYR M 209 24.43 -20.50 -47.28
N ASN M 210 24.13 -20.26 -48.55
CA ASN M 210 22.82 -20.59 -49.10
C ASN M 210 22.59 -22.09 -49.12
N LYS M 211 23.65 -22.89 -49.22
CA LYS M 211 23.50 -24.34 -49.29
C LYS M 211 23.52 -25.00 -47.92
N PHE M 212 24.27 -24.46 -46.96
CA PHE M 212 24.50 -25.13 -45.70
C PHE M 212 23.80 -24.51 -44.50
N HIS M 213 23.41 -23.23 -44.56
CA HIS M 213 23.02 -22.52 -43.34
C HIS M 213 21.65 -21.84 -43.45
N VAL M 214 20.77 -22.30 -44.32
CA VAL M 214 19.42 -21.74 -44.39
C VAL M 214 18.40 -22.86 -44.23
N PRO M 215 18.00 -23.18 -43.00
CA PRO M 215 16.96 -24.19 -42.81
C PRO M 215 15.63 -23.67 -43.32
N ASP M 216 14.66 -24.58 -43.43
CA ASP M 216 13.44 -24.26 -44.15
C ASP M 216 12.49 -23.36 -43.38
N PHE M 217 12.63 -23.25 -42.06
CA PHE M 217 11.81 -22.26 -41.36
C PHE M 217 12.31 -20.84 -41.60
N LYS M 218 13.44 -20.67 -42.27
CA LYS M 218 13.96 -19.36 -42.66
C LYS M 218 14.02 -19.16 -44.17
N LEU M 219 13.62 -20.16 -44.95
CA LEU M 219 13.99 -20.21 -46.35
C LEU M 219 13.20 -19.22 -47.20
N THR M 220 11.89 -19.11 -46.95
CA THR M 220 11.08 -18.16 -47.71
C THR M 220 11.56 -16.74 -47.48
N GLY M 221 11.89 -16.40 -46.23
CA GLY M 221 12.45 -15.08 -45.96
C GLY M 221 13.79 -14.87 -46.64
N TRP M 222 14.68 -15.86 -46.50
CA TRP M 222 15.99 -15.79 -47.17
C TRP M 222 15.83 -15.53 -48.66
N LYS M 223 14.96 -16.29 -49.31
CA LYS M 223 14.76 -16.13 -50.75
C LYS M 223 14.23 -14.74 -51.09
N ARG M 224 13.26 -14.25 -50.31
CA ARG M 224 12.75 -12.90 -50.56
C ARG M 224 13.82 -11.85 -50.30
N LEU M 225 14.74 -12.13 -49.38
CA LEU M 225 15.78 -11.16 -49.06
C LEU M 225 16.73 -10.95 -50.23
N ILE M 226 17.00 -12.00 -51.00
CA ILE M 226 18.08 -11.92 -51.97
C ILE M 226 17.58 -12.22 -53.39
N GLY M 227 16.29 -11.98 -53.63
CA GLY M 227 15.79 -11.90 -54.99
C GLY M 227 15.44 -13.23 -55.63
N GLN M 228 15.33 -14.31 -54.87
CA GLN M 228 14.95 -15.60 -55.41
C GLN M 228 13.44 -15.75 -55.33
N GLU M 229 12.80 -15.97 -56.48
CA GLU M 229 11.36 -16.12 -56.53
C GLU M 229 10.92 -17.30 -55.67
N VAL M 230 9.68 -17.25 -55.21
CA VAL M 230 9.13 -18.19 -54.25
C VAL M 230 7.99 -18.93 -54.91
N PRO M 231 7.96 -20.27 -54.87
CA PRO M 231 6.87 -21.01 -55.52
C PRO M 231 5.54 -20.77 -54.82
N VAL M 232 4.49 -20.63 -55.63
CA VAL M 232 3.14 -20.38 -55.15
C VAL M 232 2.26 -21.55 -55.57
N GLU M 233 1.49 -22.07 -54.62
CA GLU M 233 0.76 -23.31 -54.79
C GLU M 233 -0.64 -23.06 -55.33
N ALA M 234 -1.00 -23.81 -56.39
CA ALA M 234 -2.29 -23.64 -57.06
C ALA M 234 -3.07 -24.95 -57.03
N ALA M 235 -4.36 -24.85 -56.73
CA ALA M 235 -5.25 -26.00 -56.70
C ALA M 235 -6.02 -26.08 -58.02
N SER M 236 -6.23 -27.30 -58.49
CA SER M 236 -6.95 -27.54 -59.74
C SER M 236 -8.43 -27.79 -59.45
N ASN M 237 -9.19 -27.98 -60.52
CA ASN M 237 -10.54 -28.54 -60.36
C ASN M 237 -10.45 -29.96 -59.82
N LEU M 238 -11.61 -30.55 -59.54
CA LEU M 238 -11.64 -31.92 -59.09
C LEU M 238 -11.17 -32.85 -60.20
N VAL M 239 -10.19 -33.69 -59.88
CA VAL M 239 -9.68 -34.66 -60.86
C VAL M 239 -10.37 -36.00 -60.61
N ASN M 240 -10.70 -36.28 -59.35
CA ASN M 240 -11.43 -37.48 -58.96
C ASN M 240 -12.71 -37.06 -58.23
N ILE M 241 -13.83 -37.64 -58.63
CA ILE M 241 -15.11 -37.45 -57.96
C ILE M 241 -15.65 -38.81 -57.60
N ALA M 242 -15.81 -39.07 -56.31
CA ALA M 242 -16.20 -40.38 -55.82
C ALA M 242 -17.50 -40.85 -56.48
N SER M 243 -17.51 -42.11 -56.91
CA SER M 243 -18.64 -42.78 -57.55
C SER M 243 -18.89 -42.30 -58.98
N THR M 244 -17.90 -41.70 -59.62
CA THR M 244 -17.98 -41.37 -61.04
C THR M 244 -16.57 -41.26 -61.59
N THR M 245 -16.47 -40.87 -62.87
CA THR M 245 -15.23 -40.99 -63.60
C THR M 245 -15.24 -39.99 -64.75
N PRO M 246 -14.08 -39.56 -65.24
CA PRO M 246 -14.04 -38.76 -66.46
C PRO M 246 -14.21 -39.58 -67.73
N TRP M 247 -14.06 -40.90 -67.66
CA TRP M 247 -14.07 -41.75 -68.85
C TRP M 247 -15.48 -41.98 -69.36
N GLY M 248 -15.62 -42.02 -70.68
CA GLY M 248 -16.90 -42.37 -71.28
C GLY M 248 -17.31 -43.78 -70.91
N SER M 249 -18.63 -44.00 -70.89
CA SER M 249 -19.20 -45.28 -70.49
C SER M 249 -18.62 -46.50 -71.18
N PRO M 250 -18.42 -46.51 -72.52
CA PRO M 250 -18.06 -47.78 -73.18
C PRO M 250 -16.82 -48.48 -72.65
N ILE M 251 -15.95 -47.80 -71.90
CA ILE M 251 -14.70 -48.38 -71.43
C ILE M 251 -14.67 -48.53 -69.90
N VAL M 252 -15.76 -48.19 -69.22
CA VAL M 252 -15.77 -48.17 -67.76
C VAL M 252 -16.30 -49.50 -67.23
N ALA M 253 -15.50 -50.14 -66.37
CA ALA M 253 -15.93 -51.30 -65.58
C ALA M 253 -16.38 -52.46 -66.47
N LEU M 254 -15.47 -52.91 -67.34
CA LEU M 254 -15.75 -54.00 -68.26
C LEU M 254 -15.38 -55.34 -67.63
N SER M 255 -16.07 -56.39 -68.08
CA SER M 255 -15.76 -57.76 -67.71
C SER M 255 -15.47 -58.56 -68.96
N ASP M 256 -14.54 -59.52 -68.86
CA ASP M 256 -14.27 -60.38 -70.00
C ASP M 256 -15.33 -61.50 -70.04
N VAL M 257 -15.23 -62.35 -71.06
CA VAL M 257 -16.17 -63.44 -71.25
C VAL M 257 -16.13 -64.44 -70.11
N ASN M 258 -15.12 -64.37 -69.24
CA ASN M 258 -15.01 -65.24 -68.08
C ASN M 258 -15.52 -64.59 -66.80
N GLY M 259 -16.01 -63.36 -66.88
CA GLY M 259 -16.58 -62.67 -65.74
C GLY M 259 -15.63 -61.80 -64.96
N THR M 260 -14.33 -61.89 -65.18
CA THR M 260 -13.36 -61.14 -64.41
C THR M 260 -13.12 -59.77 -65.01
N ALA M 261 -12.86 -58.79 -64.14
CA ALA M 261 -12.71 -57.41 -64.56
C ALA M 261 -11.57 -57.24 -65.55
N VAL M 262 -11.75 -56.32 -66.48
CA VAL M 262 -10.82 -56.13 -67.59
C VAL M 262 -9.62 -55.31 -67.12
N THR M 263 -8.42 -55.78 -67.45
CA THR M 263 -7.21 -55.01 -67.20
C THR M 263 -7.18 -53.81 -68.14
N GLY M 264 -7.06 -52.62 -67.58
CA GLY M 264 -7.09 -51.41 -68.36
C GLY M 264 -8.46 -50.77 -68.50
N SER M 265 -9.48 -51.34 -67.84
CA SER M 265 -10.81 -50.75 -67.82
C SER M 265 -10.92 -49.92 -66.54
N PRO M 266 -11.02 -48.59 -66.64
CA PRO M 266 -11.12 -47.78 -65.42
C PRO M 266 -12.43 -48.00 -64.69
N VAL M 267 -12.39 -47.82 -63.37
CA VAL M 267 -13.56 -47.94 -62.51
C VAL M 267 -13.80 -46.59 -61.85
N ASN M 268 -14.99 -46.45 -61.26
CA ASN M 268 -15.36 -45.20 -60.59
C ASN M 268 -14.37 -44.86 -59.49
N ALA M 269 -14.02 -43.59 -59.42
CA ALA M 269 -13.14 -43.12 -58.35
C ALA M 269 -13.76 -43.38 -56.98
N ALA M 270 -12.93 -43.83 -56.04
CA ALA M 270 -13.39 -44.08 -54.69
C ALA M 270 -13.15 -42.91 -53.75
N ILE M 271 -12.40 -41.90 -54.18
CA ILE M 271 -12.16 -40.69 -53.39
C ILE M 271 -12.46 -39.47 -54.26
N THR M 272 -12.56 -38.32 -53.59
CA THR M 272 -12.74 -37.04 -54.27
C THR M 272 -11.52 -36.18 -54.00
N ALA M 273 -10.75 -35.88 -55.03
CA ALA M 273 -9.48 -35.18 -54.86
C ALA M 273 -9.29 -34.16 -55.96
N ARG M 274 -8.31 -33.27 -55.74
CA ARG M 274 -7.89 -32.28 -56.70
C ARG M 274 -6.38 -32.16 -56.65
N LYS M 275 -5.79 -31.62 -57.71
CA LYS M 275 -4.34 -31.52 -57.82
C LYS M 275 -3.83 -30.21 -57.23
N LEU M 276 -2.64 -30.30 -56.65
CA LEU M 276 -1.84 -29.11 -56.36
C LEU M 276 -0.70 -29.05 -57.36
N THR M 277 -0.51 -27.87 -57.94
CA THR M 277 0.70 -27.58 -58.71
C THR M 277 1.38 -26.38 -58.07
N GLN M 278 2.63 -26.16 -58.46
CA GLN M 278 3.37 -24.99 -58.01
C GLN M 278 3.77 -24.17 -59.23
N VAL M 279 3.59 -22.86 -59.11
CA VAL M 279 3.95 -21.94 -60.17
C VAL M 279 4.93 -20.93 -59.60
N VAL M 280 5.74 -20.36 -60.47
CA VAL M 280 6.61 -19.24 -60.12
C VAL M 280 6.39 -18.14 -61.13
N PHE M 281 6.57 -16.90 -60.67
CA PHE M 281 6.38 -15.73 -61.53
C PHE M 281 7.12 -14.54 -60.91
N GLY M 282 8.38 -14.77 -60.52
CA GLY M 282 9.20 -13.72 -59.95
C GLY M 282 10.39 -13.37 -60.81
N ALA M 283 11.49 -12.98 -60.17
CA ALA M 283 12.64 -12.43 -60.87
C ALA M 283 13.30 -13.43 -61.82
N GLN M 284 13.12 -14.73 -61.59
CA GLN M 284 13.74 -15.73 -62.44
C GLN M 284 12.84 -16.19 -63.59
N THR M 285 11.57 -15.81 -63.57
CA THR M 285 10.67 -16.13 -64.67
C THR M 285 10.82 -15.08 -65.77
N PRO M 286 11.00 -15.48 -67.03
CA PRO M 286 11.15 -14.49 -68.10
C PRO M 286 9.88 -13.66 -68.24
N LYS M 287 10.05 -12.35 -68.41
CA LYS M 287 8.93 -11.44 -68.49
C LYS M 287 9.25 -10.33 -69.49
N ALA M 288 8.18 -9.84 -70.15
CA ALA M 288 8.33 -8.67 -71.01
C ALA M 288 8.93 -7.51 -70.24
N THR M 289 8.49 -7.31 -69.01
CA THR M 289 9.03 -6.29 -68.13
C THR M 289 9.27 -6.91 -66.77
N GLN M 290 10.54 -6.96 -66.36
CA GLN M 290 10.90 -7.27 -64.98
C GLN M 290 10.72 -5.99 -64.17
N GLU M 291 9.75 -5.98 -63.26
CA GLU M 291 9.55 -4.74 -62.52
C GLU M 291 10.63 -4.60 -61.43
N GLN M 292 10.62 -3.44 -60.78
CA GLN M 292 11.67 -3.03 -59.86
C GLN M 292 12.01 -4.13 -58.86
N LEU M 293 13.26 -4.57 -58.86
CA LEU M 293 13.72 -5.59 -57.93
C LEU M 293 14.17 -4.93 -56.63
N ASN M 294 13.61 -5.39 -55.51
CA ASN M 294 13.95 -4.89 -54.19
C ASN M 294 14.47 -6.05 -53.35
N MET M 295 15.74 -5.97 -52.96
CA MET M 295 16.37 -6.99 -52.14
C MET M 295 16.91 -6.37 -50.86
N PHE M 296 17.01 -7.21 -49.83
CA PHE M 296 17.65 -6.85 -48.56
C PHE M 296 18.70 -7.92 -48.28
N VAL M 297 19.94 -7.64 -48.67
CA VAL M 297 21.00 -8.65 -48.71
C VAL M 297 21.72 -8.61 -47.36
N PRO M 298 21.62 -9.66 -46.54
CA PRO M 298 22.33 -9.65 -45.26
C PRO M 298 23.82 -9.83 -45.46
N LEU M 299 24.59 -9.08 -44.68
CA LEU M 299 26.05 -9.23 -44.66
C LEU M 299 26.40 -10.31 -43.64
N LEU M 300 27.17 -11.29 -44.08
CA LEU M 300 27.35 -12.53 -43.31
C LEU M 300 28.60 -12.48 -42.44
N PHE M 301 28.71 -11.46 -41.61
CA PHE M 301 29.87 -11.32 -40.73
C PHE M 301 29.56 -11.88 -39.35
N TRP M 302 30.63 -12.28 -38.66
CA TRP M 302 30.52 -12.96 -37.37
C TRP M 302 29.76 -12.13 -36.34
N PHE M 303 29.84 -10.80 -36.41
CA PHE M 303 29.18 -9.95 -35.42
C PHE M 303 27.69 -9.83 -35.64
N ARG M 304 27.09 -10.68 -36.48
CA ARG M 304 25.65 -10.71 -36.63
C ARG M 304 24.97 -11.10 -35.32
N ASP M 305 25.59 -11.99 -34.56
CA ASP M 305 25.04 -12.43 -33.28
C ASP M 305 25.13 -11.29 -32.26
N PRO M 306 24.04 -10.97 -31.55
CA PRO M 306 24.10 -9.83 -30.62
C PRO M 306 25.15 -9.96 -29.53
N ARG M 307 25.47 -11.19 -29.11
CA ARG M 307 26.52 -11.36 -28.11
C ARG M 307 27.87 -10.86 -28.61
N LEU M 308 28.06 -10.83 -29.92
CA LEU M 308 29.35 -10.49 -30.52
C LEU M 308 29.34 -9.13 -31.19
N ALA M 309 28.38 -8.27 -30.82
CA ALA M 309 28.37 -6.90 -31.35
C ALA M 309 29.66 -6.19 -30.98
N ILE M 310 30.13 -5.35 -31.89
CA ILE M 310 31.44 -4.70 -31.77
C ILE M 310 31.28 -3.41 -30.98
N ALA M 311 32.16 -3.21 -29.99
CA ALA M 311 32.14 -2.00 -29.19
C ALA M 311 32.52 -0.80 -30.05
N SER M 312 31.71 0.26 -29.97
CA SER M 312 31.93 1.43 -30.81
C SER M 312 33.27 2.11 -30.49
N VAL M 313 33.58 2.26 -29.21
CA VAL M 313 34.80 2.99 -28.83
C VAL M 313 36.06 2.21 -29.16
N SER M 314 35.98 0.88 -29.28
CA SER M 314 37.16 0.11 -29.63
C SER M 314 37.48 0.18 -31.11
N ILE M 315 36.46 0.22 -31.97
CA ILE M 315 36.64 0.45 -33.39
C ILE M 315 35.88 1.73 -33.73
N PRO M 316 36.48 2.90 -33.55
CA PRO M 316 35.73 4.15 -33.58
C PRO M 316 35.30 4.51 -35.00
N TYR M 317 34.41 5.49 -35.06
CA TYR M 317 34.01 6.06 -36.33
C TYR M 317 35.22 6.66 -37.05
N GLY M 318 35.11 6.75 -38.38
CA GLY M 318 36.21 7.17 -39.21
C GLY M 318 37.17 6.06 -39.58
N GLN M 319 37.22 4.98 -38.81
CA GLN M 319 38.13 3.88 -39.05
C GLN M 319 37.40 2.60 -39.45
N ARG M 320 36.09 2.66 -39.67
CA ARG M 320 35.30 1.46 -39.94
C ARG M 320 34.44 1.69 -41.17
N PHE M 321 34.51 0.74 -42.12
CA PHE M 321 33.78 0.86 -43.37
C PHE M 321 33.25 -0.50 -43.79
N ILE M 322 32.17 -0.47 -44.58
CA ILE M 322 31.68 -1.63 -45.31
C ILE M 322 31.84 -1.32 -46.79
N THR M 323 32.57 -2.17 -47.50
CA THR M 323 32.85 -1.96 -48.91
C THR M 323 32.34 -3.15 -49.71
N VAL M 324 31.54 -2.87 -50.73
CA VAL M 324 30.95 -3.89 -51.58
C VAL M 324 31.42 -3.66 -53.01
N ASP M 325 31.89 -4.73 -53.66
CA ASP M 325 32.14 -4.72 -55.09
C ASP M 325 30.88 -5.24 -55.80
N ILE M 326 30.42 -4.51 -56.81
CA ILE M 326 29.20 -4.84 -57.52
C ILE M 326 29.56 -5.58 -58.81
N GLU M 327 28.80 -6.63 -59.11
CA GLU M 327 29.00 -7.41 -60.31
C GLU M 327 28.58 -6.61 -61.55
N GLN M 328 29.03 -7.07 -62.71
CA GLN M 328 28.56 -6.52 -63.98
C GLN M 328 27.11 -6.92 -64.21
N GLN M 329 26.37 -6.05 -64.91
CA GLN M 329 24.97 -6.34 -65.21
C GLN M 329 24.82 -7.60 -66.04
N SER M 330 25.80 -7.90 -66.91
CA SER M 330 25.66 -9.01 -67.85
C SER M 330 25.68 -10.37 -67.16
N ASN M 331 26.17 -10.45 -65.92
CA ASN M 331 26.10 -11.67 -65.14
C ASN M 331 24.91 -11.71 -64.21
N ILE M 332 24.03 -10.71 -64.27
CA ILE M 332 22.90 -10.58 -63.38
C ILE M 332 21.57 -10.60 -64.13
N LEU M 333 21.50 -9.92 -65.27
CA LEU M 333 20.29 -9.76 -66.05
C LEU M 333 20.48 -10.40 -67.42
N PHE M 334 19.55 -11.28 -67.79
CA PHE M 334 19.70 -12.07 -69.00
C PHE M 334 18.44 -11.95 -69.86
N THR M 335 18.63 -12.03 -71.17
CA THR M 335 17.48 -12.17 -72.05
C THR M 335 17.04 -13.63 -72.11
N ALA M 336 15.78 -13.82 -72.47
CA ALA M 336 15.18 -15.14 -72.54
C ALA M 336 14.08 -15.10 -73.59
N PRO M 337 13.69 -16.25 -74.14
CA PRO M 337 12.63 -16.25 -75.14
C PRO M 337 11.34 -15.64 -74.60
N GLY M 338 10.70 -14.83 -75.44
CA GLY M 338 9.44 -14.21 -75.07
C GLY M 338 8.25 -14.94 -75.69
N ASN M 339 7.35 -14.18 -76.30
CA ASN M 339 6.13 -14.74 -76.89
C ASN M 339 6.40 -15.13 -78.36
N LEU M 340 7.39 -16.00 -78.54
CA LEU M 340 7.80 -16.40 -79.88
C LEU M 340 8.26 -17.85 -79.83
N PHE M 341 7.64 -18.72 -80.63
CA PHE M 341 7.91 -20.15 -80.60
C PHE M 341 8.09 -20.68 -82.01
N LEU M 342 9.14 -21.49 -82.20
CA LEU M 342 9.30 -22.23 -83.44
C LEU M 342 8.39 -23.44 -83.41
N GLN M 343 7.46 -23.51 -84.36
CA GLN M 343 6.57 -24.66 -84.50
C GLN M 343 7.17 -25.60 -85.53
N THR M 344 7.51 -26.81 -85.09
CA THR M 344 8.02 -27.86 -85.97
C THR M 344 6.93 -28.89 -86.15
N THR M 345 6.55 -29.14 -87.41
CA THR M 345 5.46 -30.05 -87.73
C THR M 345 5.92 -31.09 -88.74
N VAL M 346 5.62 -32.36 -88.47
CA VAL M 346 5.85 -33.45 -89.40
C VAL M 346 4.52 -34.12 -89.68
N GLU M 347 4.11 -34.12 -90.95
CA GLU M 347 2.89 -34.79 -91.39
C GLU M 347 3.26 -35.92 -92.34
N THR M 348 2.70 -37.10 -92.10
CA THR M 348 2.88 -38.25 -92.98
C THR M 348 1.54 -38.62 -93.61
N LEU M 349 1.60 -39.00 -94.88
CA LEU M 349 0.41 -39.35 -95.66
C LEU M 349 0.62 -40.73 -96.28
N LEU M 350 -0.11 -41.71 -95.79
CA LEU M 350 -0.04 -43.07 -96.33
C LEU M 350 -1.08 -43.20 -97.43
N THR M 351 -0.63 -43.12 -98.67
CA THR M 351 -1.47 -43.41 -99.83
C THR M 351 -1.13 -44.78 -100.38
N THR M 352 -2.10 -45.41 -101.01
CA THR M 352 -1.95 -46.77 -101.52
C THR M 352 -2.13 -46.88 -103.02
N GLY M 353 -2.44 -45.79 -103.71
CA GLY M 353 -2.71 -45.81 -105.12
C GLY M 353 -1.59 -45.25 -105.96
N ALA M 354 -1.93 -44.82 -107.17
CA ALA M 354 -0.95 -44.30 -108.11
C ALA M 354 -0.17 -43.14 -107.50
N GLY M 355 1.14 -43.17 -107.68
CA GLY M 355 1.99 -42.16 -107.07
C GLY M 355 2.06 -42.24 -105.56
N LYS M 356 1.91 -43.43 -104.98
CA LYS M 356 1.94 -43.53 -103.53
C LYS M 356 3.28 -43.03 -102.99
N GLY M 357 3.24 -42.39 -101.82
CA GLY M 357 4.46 -41.88 -101.21
C GLY M 357 5.00 -40.61 -101.83
N THR M 358 4.29 -40.01 -102.77
CA THR M 358 4.68 -38.72 -103.35
C THR M 358 3.54 -37.73 -103.17
N ALA M 359 3.84 -36.45 -103.40
CA ALA M 359 2.86 -35.40 -103.20
C ALA M 359 1.65 -35.53 -104.12
N THR M 360 1.66 -36.47 -105.05
CA THR M 360 0.54 -36.71 -105.95
C THR M 360 -0.16 -38.04 -105.69
N GLY M 361 0.16 -38.71 -104.59
CA GLY M 361 -0.45 -39.99 -104.29
C GLY M 361 -1.94 -39.88 -104.05
N VAL M 362 -2.67 -40.90 -104.49
CA VAL M 362 -4.11 -40.95 -104.32
C VAL M 362 -4.46 -42.11 -103.41
N LEU M 363 -5.66 -42.02 -102.83
CA LEU M 363 -6.20 -42.99 -101.89
C LEU M 363 -5.47 -42.88 -100.55
N LEU M 364 -5.79 -41.85 -99.77
CA LEU M 364 -5.18 -41.61 -98.48
C LEU M 364 -5.93 -42.39 -97.40
N THR M 365 -5.22 -43.28 -96.71
CA THR M 365 -5.81 -44.11 -95.67
C THR M 365 -5.42 -43.69 -94.26
N GLN M 366 -4.19 -43.25 -94.05
CA GLN M 366 -3.70 -42.90 -92.73
C GLN M 366 -3.00 -41.55 -92.78
N TYR M 367 -3.44 -40.64 -91.91
CA TYR M 367 -2.80 -39.35 -91.71
C TYR M 367 -2.23 -39.28 -90.30
N ASN M 368 -1.06 -38.67 -90.16
CA ASN M 368 -0.44 -38.47 -88.86
C ASN M 368 0.15 -37.07 -88.78
N ARG M 369 0.04 -36.44 -87.61
CA ARG M 369 0.66 -35.15 -87.38
C ARG M 369 1.46 -35.20 -86.09
N TYR M 370 2.64 -34.58 -86.11
CA TYR M 370 3.49 -34.44 -84.94
C TYR M 370 3.96 -32.99 -84.89
N THR M 371 3.69 -32.32 -83.77
CA THR M 371 4.01 -30.90 -83.64
C THR M 371 4.66 -30.64 -82.30
N THR M 372 5.78 -29.93 -82.33
CA THR M 372 6.45 -29.44 -81.13
C THR M 372 6.59 -27.93 -81.23
N TYR M 373 6.83 -27.31 -80.08
CA TYR M 373 7.08 -25.88 -79.99
C TYR M 373 8.37 -25.65 -79.22
N THR M 374 9.16 -24.68 -79.68
CA THR M 374 10.43 -24.35 -79.06
C THR M 374 10.42 -22.84 -78.83
N PRO M 375 10.45 -22.38 -77.58
CA PRO M 375 10.62 -20.93 -77.35
C PRO M 375 11.95 -20.47 -77.94
N THR M 376 11.89 -19.44 -78.79
CA THR M 376 13.07 -19.00 -79.51
C THR M 376 13.34 -17.52 -79.28
N LEU M 377 14.62 -17.19 -79.28
CA LEU M 377 15.06 -15.80 -79.12
C LEU M 377 14.73 -14.97 -80.36
N ALA M 378 14.56 -13.68 -80.14
CA ALA M 378 14.47 -12.71 -81.21
C ALA M 378 15.84 -12.12 -81.49
N SER M 379 16.05 -11.69 -82.74
CA SER M 379 17.32 -11.11 -83.13
C SER M 379 17.41 -9.66 -82.68
N GLY M 380 18.60 -9.24 -82.25
CA GLY M 380 18.84 -7.84 -81.91
C GLY M 380 18.04 -7.33 -80.73
N SER M 381 17.61 -8.21 -79.83
CA SER M 381 16.87 -7.83 -78.63
C SER M 381 17.72 -8.18 -77.41
N SER M 382 18.29 -7.15 -76.78
CA SER M 382 19.24 -7.34 -75.70
C SER M 382 18.80 -6.58 -74.46
N ILE M 383 19.45 -6.89 -73.33
CA ILE M 383 19.11 -6.23 -72.07
C ILE M 383 19.42 -4.74 -72.16
N ASP M 384 18.76 -3.97 -71.29
CA ASP M 384 18.94 -2.52 -71.23
C ASP M 384 20.23 -2.21 -70.47
N GLY M 385 21.24 -1.74 -71.19
CA GLY M 385 22.51 -1.39 -70.57
C GLY M 385 22.43 -0.18 -69.65
N THR M 386 21.37 0.61 -69.77
CA THR M 386 21.22 1.81 -68.94
C THR M 386 20.47 1.56 -67.64
N GLN M 387 20.04 0.32 -67.38
CA GLN M 387 19.29 0.02 -66.16
C GLN M 387 20.02 0.53 -64.93
N ALA M 388 19.34 1.34 -64.14
CA ALA M 388 19.95 2.01 -63.01
C ALA M 388 19.86 1.17 -61.75
N VAL M 389 20.87 1.34 -60.89
CA VAL M 389 20.75 0.95 -59.48
C VAL M 389 20.10 2.16 -58.79
N GLN M 390 18.81 2.05 -58.50
CA GLN M 390 18.05 3.23 -58.06
C GLN M 390 18.38 3.61 -56.62
N ASN M 391 18.69 2.65 -55.76
CA ASN M 391 19.00 2.97 -54.38
C ASN M 391 19.85 1.85 -53.80
N ILE M 392 20.78 2.21 -52.92
CA ILE M 392 21.52 1.22 -52.14
C ILE M 392 21.82 1.83 -50.78
N GLU M 393 21.39 1.17 -49.72
CA GLU M 393 21.54 1.68 -48.37
C GLU M 393 21.91 0.55 -47.42
N LEU M 394 22.75 0.86 -46.45
CA LEU M 394 23.18 -0.08 -45.43
C LEU M 394 22.40 0.18 -44.15
N TYR M 395 21.75 -0.87 -43.63
CA TYR M 395 21.07 -0.82 -42.35
C TYR M 395 21.97 -1.46 -41.30
N ILE M 396 22.13 -0.80 -40.16
CA ILE M 396 22.96 -1.29 -39.07
C ILE M 396 22.13 -1.35 -37.80
N ASN M 397 22.18 -2.49 -37.11
CA ASN M 397 21.58 -2.58 -35.79
C ASN M 397 22.53 -1.97 -34.77
N ASN M 398 22.02 -1.01 -33.99
CA ASN M 398 22.80 -0.32 -32.98
C ASN M 398 22.26 -0.67 -31.61
N ILE M 399 23.15 -1.07 -30.71
CA ILE M 399 22.78 -1.55 -29.39
C ILE M 399 23.24 -0.54 -28.35
N PHE M 400 22.33 -0.17 -27.45
CA PHE M 400 22.59 0.84 -26.44
C PHE M 400 22.61 0.19 -25.07
N VAL M 401 23.59 0.59 -24.25
CA VAL M 401 23.77 0.04 -22.92
C VAL M 401 23.95 1.19 -21.94
N THR M 402 23.78 0.89 -20.65
CA THR M 402 23.93 1.91 -19.62
C THR M 402 25.41 2.31 -19.51
N PRO M 403 25.68 3.55 -19.09
CA PRO M 403 27.07 3.99 -18.99
C PRO M 403 27.88 3.22 -17.96
N GLU M 404 27.24 2.78 -16.87
CA GLU M 404 27.96 2.04 -15.84
C GLU M 404 28.43 0.69 -16.37
N ILE M 405 27.53 -0.08 -16.96
CA ILE M 405 27.91 -1.41 -17.46
C ILE M 405 28.86 -1.29 -18.64
N HIS M 406 28.74 -0.23 -19.43
CA HIS M 406 29.66 -0.04 -20.55
C HIS M 406 31.09 0.24 -20.07
N ASP M 407 31.23 0.97 -18.98
CA ASP M 407 32.56 1.21 -18.43
C ASP M 407 33.20 -0.08 -17.94
N ILE M 408 32.43 -0.90 -17.22
CA ILE M 408 32.97 -2.15 -16.68
C ILE M 408 33.33 -3.12 -17.79
N TYR M 409 32.46 -3.27 -18.79
CA TYR M 409 32.65 -4.30 -19.81
C TYR M 409 33.93 -4.07 -20.61
N ILE M 410 34.21 -2.82 -20.98
CA ILE M 410 35.36 -2.56 -21.83
C ILE M 410 36.67 -2.67 -21.08
N LYS M 411 36.68 -2.39 -19.77
CA LYS M 411 37.87 -2.60 -18.95
C LYS M 411 38.08 -4.05 -18.56
N ARG M 412 37.09 -4.93 -18.76
CA ARG M 412 37.16 -6.29 -18.25
C ARG M 412 37.14 -7.37 -19.32
N ILE M 413 36.44 -7.18 -20.44
CA ILE M 413 36.27 -8.27 -21.40
C ILE M 413 37.62 -8.69 -21.99
N GLY M 414 38.45 -7.73 -22.36
CA GLY M 414 39.77 -8.04 -22.88
C GLY M 414 39.82 -8.29 -24.37
N PHE M 415 39.07 -9.29 -24.84
CA PHE M 415 39.07 -9.64 -26.26
C PHE M 415 37.77 -10.35 -26.59
N THR M 416 37.60 -10.67 -27.86
CA THR M 416 36.45 -11.40 -28.36
C THR M 416 36.90 -12.37 -29.44
N LEU M 417 36.26 -13.54 -29.48
CA LEU M 417 36.58 -14.53 -30.49
C LEU M 417 35.79 -14.23 -31.77
N ILE M 418 36.49 -14.18 -32.90
CA ILE M 418 35.85 -13.90 -34.17
C ILE M 418 36.06 -15.09 -35.12
N ARG M 419 35.27 -15.09 -36.19
CA ARG M 419 35.40 -16.05 -37.27
C ARG M 419 35.53 -15.29 -38.58
N VAL M 420 36.42 -15.75 -39.46
CA VAL M 420 36.73 -15.04 -40.69
C VAL M 420 36.72 -16.03 -41.85
N TYR M 421 36.47 -15.50 -43.05
CA TYR M 421 36.48 -16.29 -44.27
C TYR M 421 37.87 -16.28 -44.88
N ARG M 422 38.28 -17.45 -45.39
CA ARG M 422 39.57 -17.60 -46.08
C ARG M 422 39.32 -18.43 -47.33
N GLU M 423 39.35 -17.79 -48.48
CA GLU M 423 38.94 -18.40 -49.74
C GLU M 423 40.13 -18.66 -50.64
N GLN M 424 40.11 -19.82 -51.31
CA GLN M 424 41.04 -20.13 -52.39
C GLN M 424 40.25 -20.71 -53.55
N VAL M 425 40.53 -20.25 -54.76
CA VAL M 425 39.95 -20.80 -55.97
C VAL M 425 41.10 -21.22 -56.88
N GLN M 426 41.14 -22.52 -57.21
CA GLN M 426 42.22 -23.11 -57.98
C GLN M 426 41.65 -23.72 -59.25
N ARG M 427 42.00 -23.14 -60.41
CA ARG M 427 41.57 -23.70 -61.68
C ARG M 427 42.31 -25.00 -61.96
N GLU M 428 41.56 -26.02 -62.40
CA GLU M 428 42.08 -27.38 -62.52
C GLU M 428 41.70 -27.99 -63.86
N VAL M 429 42.55 -28.90 -64.34
CA VAL M 429 42.23 -29.73 -65.51
C VAL M 429 42.63 -31.18 -65.22
N ASN M 430 43.03 -31.47 -63.98
CA ASN M 430 43.47 -32.81 -63.62
C ASN M 430 42.31 -33.64 -63.08
N ALA M 431 42.29 -34.92 -63.44
CA ALA M 431 41.32 -35.84 -62.85
C ALA M 431 41.60 -36.07 -61.37
N ALA M 432 42.86 -36.00 -60.97
CA ALA M 432 43.25 -36.10 -59.57
C ALA M 432 44.39 -35.12 -59.30
N ASP M 433 44.40 -34.56 -58.09
CA ASP M 433 45.40 -33.55 -57.77
C ASP M 433 45.53 -33.42 -56.26
N GLN M 434 46.67 -32.90 -55.83
CA GLN M 434 46.94 -32.53 -54.45
C GLN M 434 47.11 -31.01 -54.43
N VAL M 435 46.21 -30.32 -53.76
CA VAL M 435 46.10 -28.86 -53.88
C VAL M 435 46.36 -28.25 -52.51
N LEU M 436 47.50 -27.57 -52.39
CA LEU M 436 47.87 -26.88 -51.17
C LEU M 436 46.93 -25.70 -50.91
N GLN M 437 46.35 -25.66 -49.72
CA GLN M 437 45.48 -24.56 -49.30
C GLN M 437 46.36 -23.44 -48.74
N SER M 438 46.92 -22.64 -49.66
CA SER M 438 47.88 -21.61 -49.30
C SER M 438 47.24 -20.35 -48.73
N GLN M 439 45.92 -20.35 -48.50
CA GLN M 439 45.26 -19.22 -47.87
C GLN M 439 44.99 -19.45 -46.39
N LEU M 440 45.28 -20.64 -45.88
CA LEU M 440 45.04 -20.97 -44.48
C LEU M 440 46.25 -20.58 -43.65
N LYS M 441 46.01 -19.77 -42.61
CA LYS M 441 47.09 -19.41 -41.70
C LYS M 441 46.58 -19.11 -40.29
N TRP M 442 45.38 -19.55 -39.95
CA TRP M 442 44.77 -19.45 -38.63
C TRP M 442 44.02 -20.74 -38.36
N PRO M 443 43.72 -21.04 -37.10
CA PRO M 443 42.96 -22.28 -36.81
C PRO M 443 41.69 -22.36 -37.64
N VAL M 444 41.38 -23.56 -38.11
CA VAL M 444 40.31 -23.79 -39.08
C VAL M 444 39.24 -24.65 -38.42
N GLU M 445 38.01 -24.13 -38.38
CA GLU M 445 36.90 -24.89 -37.82
C GLU M 445 36.31 -25.87 -38.84
N PHE M 446 36.14 -25.43 -40.08
CA PHE M 446 35.61 -26.28 -41.15
C PHE M 446 35.78 -25.56 -42.47
N ILE M 447 35.71 -26.32 -43.56
CA ILE M 447 35.95 -25.81 -44.91
C ILE M 447 34.81 -26.27 -45.81
N TYR M 448 34.28 -25.35 -46.60
CA TYR M 448 33.34 -25.68 -47.68
C TYR M 448 34.13 -26.04 -48.92
N LEU M 449 33.72 -27.10 -49.59
CA LEU M 449 34.46 -27.63 -50.73
C LEU M 449 33.53 -27.88 -51.90
N GLY M 450 34.00 -27.56 -53.10
CA GLY M 450 33.28 -27.81 -54.32
C GLY M 450 34.18 -27.70 -55.53
N LEU M 451 33.90 -28.47 -56.57
CA LEU M 451 34.67 -28.44 -57.81
C LEU M 451 33.72 -27.96 -58.90
N ARG M 452 33.61 -26.64 -59.06
CA ARG M 452 32.63 -26.05 -59.96
C ARG M 452 33.20 -25.99 -61.38
N PRO M 453 32.51 -26.56 -62.37
CA PRO M 453 32.99 -26.45 -63.75
C PRO M 453 33.02 -25.00 -64.20
N ALA M 454 34.05 -24.65 -64.97
CA ALA M 454 34.18 -23.29 -65.47
C ALA M 454 33.04 -22.91 -66.41
N ASN M 455 32.40 -23.90 -67.04
CA ASN M 455 31.27 -23.60 -67.92
C ASN M 455 30.05 -23.11 -67.17
N ASN M 456 29.98 -23.36 -65.86
CA ASN M 456 28.82 -22.93 -65.08
C ASN M 456 28.70 -21.41 -65.06
N ILE M 457 29.82 -20.70 -65.05
CA ILE M 457 29.81 -19.23 -65.01
C ILE M 457 30.19 -18.63 -66.36
N ALA M 458 30.26 -19.44 -67.41
CA ALA M 458 30.70 -18.96 -68.71
C ALA M 458 29.58 -18.23 -69.45
N ALA M 459 29.97 -17.26 -70.26
CA ALA M 459 28.99 -16.46 -70.99
C ALA M 459 28.33 -17.24 -72.12
N GLY M 460 29.06 -18.17 -72.74
CA GLY M 460 28.49 -19.03 -73.76
C GLY M 460 27.57 -20.11 -73.25
N ASN M 461 27.34 -20.18 -71.94
CA ASN M 461 26.38 -21.12 -71.36
C ASN M 461 25.03 -20.42 -71.30
N THR M 462 24.10 -20.83 -72.17
CA THR M 462 22.73 -20.30 -72.12
C THR M 462 22.00 -20.59 -70.82
N TYR M 463 22.60 -21.38 -69.91
CA TYR M 463 22.02 -21.67 -68.60
C TYR M 463 22.89 -21.12 -67.46
N GLN M 464 23.75 -20.15 -67.76
CA GLN M 464 24.56 -19.52 -66.71
C GLN M 464 23.68 -18.97 -65.61
N TRP M 465 22.55 -18.35 -65.98
CA TRP M 465 21.66 -17.75 -65.00
C TRP M 465 21.24 -18.74 -63.93
N ARG M 466 21.26 -20.04 -64.25
CA ARG M 466 20.93 -21.09 -63.30
C ARG M 466 22.16 -21.85 -62.81
N ASP M 467 23.10 -22.15 -63.70
CA ASP M 467 24.21 -23.04 -63.38
C ASP M 467 25.31 -22.37 -62.56
N TRP M 468 25.30 -21.04 -62.41
CA TRP M 468 26.47 -20.36 -61.86
C TRP M 468 26.75 -20.78 -60.41
N HIS M 469 25.70 -20.96 -59.62
CA HIS M 469 25.88 -21.30 -58.21
C HIS M 469 25.94 -22.80 -57.95
N HIS M 470 25.78 -23.62 -58.99
CA HIS M 470 25.84 -25.07 -58.81
C HIS M 470 27.29 -25.55 -58.81
N LEU M 471 27.57 -26.55 -57.97
CA LEU M 471 28.91 -27.10 -57.84
C LEU M 471 29.09 -28.40 -58.62
N THR M 472 28.14 -28.75 -59.48
CA THR M 472 28.25 -29.92 -60.32
C THR M 472 28.03 -29.54 -61.78
N SER M 473 28.39 -30.45 -62.68
CA SER M 473 28.06 -30.29 -64.09
C SER M 473 26.59 -30.61 -64.27
N VAL M 474 25.84 -29.66 -64.82
CA VAL M 474 24.39 -29.79 -64.97
C VAL M 474 24.07 -29.93 -66.46
N THR M 475 23.43 -31.03 -66.82
CA THR M 475 22.87 -31.21 -68.15
C THR M 475 21.36 -31.05 -68.08
N ASN M 476 20.75 -30.87 -69.24
CA ASN M 476 19.33 -30.54 -69.33
C ASN M 476 18.60 -31.65 -70.07
N GLU M 477 17.72 -32.36 -69.35
CA GLU M 477 16.97 -33.47 -69.90
C GLU M 477 15.51 -33.08 -70.05
N PRO M 478 14.95 -33.15 -71.25
CA PRO M 478 13.55 -32.74 -71.45
C PRO M 478 12.56 -33.78 -70.93
N VAL M 479 11.43 -33.28 -70.45
CA VAL M 479 10.27 -34.10 -70.13
C VAL M 479 9.09 -33.53 -70.88
N TYR M 480 8.44 -34.36 -71.70
CA TYR M 480 7.37 -33.93 -72.58
C TYR M 480 6.00 -34.33 -72.02
N ASP M 481 5.03 -33.44 -72.18
CA ASP M 481 3.62 -33.76 -72.01
C ASP M 481 3.01 -33.74 -73.41
N VAL M 482 2.59 -34.91 -73.89
CA VAL M 482 2.11 -35.07 -75.26
C VAL M 482 0.62 -35.36 -75.23
N SER M 483 -0.14 -34.62 -76.03
CA SER M 483 -1.55 -34.90 -76.26
C SER M 483 -1.69 -35.80 -77.48
N GLN M 484 -2.23 -36.99 -77.29
CA GLN M 484 -2.48 -37.92 -78.37
C GLN M 484 -3.95 -37.86 -78.77
N SER M 485 -4.21 -37.89 -80.08
CA SER M 485 -5.55 -37.78 -80.62
C SER M 485 -5.73 -38.80 -81.74
N TYR M 486 -6.96 -39.31 -81.87
CA TYR M 486 -7.32 -40.24 -82.92
C TYR M 486 -8.65 -39.83 -83.53
N ALA M 487 -8.77 -40.03 -84.84
CA ALA M 487 -10.00 -39.71 -85.57
C ALA M 487 -10.22 -40.74 -86.66
N ARG M 488 -11.48 -41.16 -86.82
CA ARG M 488 -11.90 -42.03 -87.91
C ARG M 488 -13.14 -41.43 -88.54
N VAL M 489 -13.25 -41.55 -89.86
CA VAL M 489 -14.35 -40.96 -90.62
C VAL M 489 -14.66 -41.84 -91.83
N SER M 490 -15.93 -42.21 -91.99
CA SER M 490 -16.38 -42.87 -93.21
C SER M 490 -16.71 -41.83 -94.27
N ILE M 491 -16.11 -41.95 -95.45
CA ILE M 491 -16.33 -41.01 -96.53
C ILE M 491 -17.29 -41.56 -97.59
N ASP M 492 -17.92 -42.69 -97.32
CA ASP M 492 -18.84 -43.32 -98.28
C ASP M 492 -20.01 -43.90 -97.49
N ASP M 493 -21.15 -43.21 -97.51
CA ASP M 493 -22.34 -43.66 -96.79
C ASP M 493 -22.93 -44.94 -97.39
N THR M 494 -22.37 -45.43 -98.49
CA THR M 494 -22.86 -46.65 -99.14
C THR M 494 -22.10 -47.89 -98.70
N VAL M 495 -20.87 -47.74 -98.22
CA VAL M 495 -20.00 -48.86 -97.86
C VAL M 495 -19.94 -48.98 -96.34
N ALA M 496 -20.01 -50.20 -95.84
CA ALA M 496 -19.81 -50.45 -94.42
C ALA M 496 -18.36 -50.14 -94.05
N PRO M 497 -18.12 -49.33 -93.01
CA PRO M 497 -16.74 -48.87 -92.75
C PRO M 497 -15.80 -49.96 -92.24
N VAL M 498 -16.29 -50.94 -91.49
CA VAL M 498 -15.41 -51.92 -90.85
C VAL M 498 -14.71 -52.75 -91.92
N GLY M 499 -13.38 -52.63 -91.99
CA GLY M 499 -12.60 -53.34 -92.97
C GLY M 499 -12.46 -52.65 -94.31
N SER M 500 -12.95 -51.42 -94.44
CA SER M 500 -12.94 -50.69 -95.69
C SER M 500 -11.96 -49.53 -95.65
N THR M 501 -11.28 -49.30 -96.77
CA THR M 501 -10.37 -48.16 -96.90
C THR M 501 -11.12 -46.85 -97.11
N THR M 502 -12.44 -46.88 -97.27
CA THR M 502 -13.25 -45.66 -97.21
C THR M 502 -13.43 -45.18 -95.77
N PHE M 503 -12.93 -45.95 -94.80
CA PHE M 503 -13.02 -45.65 -93.38
C PHE M 503 -11.65 -45.10 -92.97
N LYS M 504 -11.52 -43.77 -92.99
CA LYS M 504 -10.21 -43.12 -92.92
C LYS M 504 -9.69 -43.06 -91.49
N GLN M 505 -8.37 -42.94 -91.38
CA GLN M 505 -7.65 -42.91 -90.11
C GLN M 505 -6.88 -41.60 -89.98
N SER M 506 -6.94 -41.00 -88.79
CA SER M 506 -6.22 -39.77 -88.51
C SER M 506 -5.72 -39.79 -87.08
N ALA M 507 -4.53 -39.23 -86.86
CA ALA M 507 -3.92 -39.20 -85.54
C ALA M 507 -2.94 -38.04 -85.47
N SER M 508 -2.76 -37.49 -84.27
CA SER M 508 -1.87 -36.36 -84.08
C SER M 508 -1.23 -36.41 -82.71
N GLN M 509 0.03 -35.99 -82.63
CA GLN M 509 0.77 -35.81 -81.38
C GLN M 509 1.20 -34.35 -81.30
N VAL M 510 0.69 -33.63 -80.30
CA VAL M 510 0.99 -32.22 -80.12
C VAL M 510 1.61 -32.02 -78.74
N MET M 511 2.74 -31.32 -78.71
CA MET M 511 3.42 -31.04 -77.45
C MET M 511 2.56 -30.13 -76.58
N GLN M 512 2.10 -30.64 -75.44
CA GLN M 512 1.31 -29.81 -74.53
C GLN M 512 2.20 -28.89 -73.70
N ASN M 513 3.34 -29.40 -73.24
CA ASN M 513 4.28 -28.61 -72.45
C ASN M 513 5.61 -29.35 -72.42
N GLN M 514 6.66 -28.64 -72.05
CA GLN M 514 7.98 -29.26 -71.88
C GLN M 514 8.62 -28.73 -70.61
N TYR M 515 9.07 -29.66 -69.77
CA TYR M 515 9.86 -29.34 -68.58
C TYR M 515 11.32 -29.64 -68.85
N ILE M 516 12.21 -28.97 -68.13
CA ILE M 516 13.64 -29.21 -68.22
C ILE M 516 14.12 -29.72 -66.87
N VAL M 517 14.59 -30.96 -66.84
CA VAL M 517 15.15 -31.55 -65.63
C VAL M 517 16.64 -31.23 -65.59
N PRO M 518 17.13 -30.57 -64.55
CA PRO M 518 18.57 -30.33 -64.45
C PRO M 518 19.30 -31.50 -63.81
N VAL M 519 19.98 -32.31 -64.62
CA VAL M 519 20.63 -33.52 -64.14
C VAL M 519 22.02 -33.16 -63.64
N GLU M 520 22.27 -33.43 -62.35
CA GLU M 520 23.54 -33.12 -61.73
C GLU M 520 24.51 -34.28 -61.93
N THR M 521 25.66 -33.98 -62.52
CA THR M 521 26.77 -34.92 -62.63
C THR M 521 27.87 -34.45 -61.69
N GLU M 522 28.27 -35.30 -60.75
CA GLU M 522 29.22 -34.92 -59.72
C GLU M 522 30.63 -34.84 -60.28
N THR M 523 31.39 -33.86 -59.79
CA THR M 523 32.76 -33.61 -60.23
C THR M 523 33.80 -34.08 -59.21
N LEU M 524 33.37 -34.46 -58.01
CA LEU M 524 34.26 -34.98 -56.98
C LEU M 524 33.85 -36.41 -56.65
N ASP M 525 34.79 -37.35 -56.78
CA ASP M 525 34.55 -38.72 -56.38
C ASP M 525 35.06 -39.00 -54.98
N THR M 526 36.29 -38.60 -54.68
CA THR M 526 36.83 -38.74 -53.34
C THR M 526 37.52 -37.45 -52.92
N VAL M 527 37.66 -37.28 -51.60
CA VAL M 527 38.42 -36.19 -51.01
C VAL M 527 39.29 -36.77 -49.91
N ARG M 528 40.56 -36.38 -49.90
CA ARG M 528 41.50 -36.70 -48.84
C ARG M 528 42.12 -35.41 -48.35
N VAL M 529 42.33 -35.29 -47.04
CA VAL M 529 42.85 -34.07 -46.44
C VAL M 529 44.12 -34.40 -45.70
N LYS M 530 45.23 -33.80 -46.13
CA LYS M 530 46.55 -33.99 -45.53
C LYS M 530 47.07 -32.63 -45.08
N ALA M 531 47.68 -32.59 -43.90
CA ALA M 531 48.16 -31.33 -43.33
C ALA M 531 49.42 -31.56 -42.53
N HIS M 532 50.51 -30.92 -42.95
CA HIS M 532 51.80 -30.99 -42.25
C HIS M 532 52.20 -32.43 -41.94
N GLY M 533 51.91 -33.33 -42.86
CA GLY M 533 52.34 -34.71 -42.72
C GLY M 533 51.48 -35.58 -41.83
N ILE M 534 50.26 -35.17 -41.51
CA ILE M 534 49.30 -36.04 -40.83
C ILE M 534 48.01 -36.06 -41.65
N GLU M 535 47.42 -37.24 -41.76
CA GLU M 535 46.16 -37.40 -42.46
C GLU M 535 45.01 -36.94 -41.57
N LEU M 536 44.27 -35.93 -42.04
CA LEU M 536 43.09 -35.48 -41.32
C LEU M 536 41.85 -36.26 -41.74
N TYR M 537 41.71 -36.52 -43.04
CA TYR M 537 40.66 -37.40 -43.56
C TYR M 537 41.29 -38.38 -44.52
N ALA M 538 41.04 -39.66 -44.31
CA ALA M 538 41.41 -40.66 -45.31
C ALA M 538 40.59 -40.44 -46.57
N GLN M 539 41.04 -41.03 -47.67
CA GLN M 539 40.36 -40.87 -48.94
C GLN M 539 38.94 -41.45 -48.88
N TYR M 540 37.94 -40.57 -48.81
CA TYR M 540 36.55 -40.98 -48.69
C TYR M 540 35.73 -40.45 -49.85
N ARG M 541 34.69 -41.19 -50.19
CA ARG M 541 33.77 -40.74 -51.23
C ARG M 541 33.13 -39.41 -50.84
N ALA M 542 32.96 -38.53 -51.82
CA ALA M 542 32.37 -37.22 -51.58
C ALA M 542 31.04 -37.33 -50.85
N GLN M 543 30.32 -38.42 -51.08
CA GLN M 543 29.08 -38.74 -50.38
C GLN M 543 29.23 -38.62 -48.87
N PHE M 544 30.43 -38.89 -48.34
CA PHE M 544 30.66 -38.82 -46.90
C PHE M 544 30.71 -37.38 -46.40
N TYR M 545 31.22 -36.45 -47.21
CA TYR M 545 31.30 -35.06 -46.80
C TYR M 545 30.06 -34.26 -47.15
N ARG M 546 29.28 -34.69 -48.15
CA ARG M 546 28.07 -33.97 -48.53
C ARG M 546 26.85 -34.42 -47.74
N ASP M 547 26.70 -35.72 -47.52
CA ASP M 547 25.51 -36.26 -46.88
C ASP M 547 25.71 -36.60 -45.41
N TYR M 548 26.69 -37.44 -45.08
CA TYR M 548 26.81 -37.91 -43.70
C TYR M 548 27.18 -36.77 -42.74
N ILE M 549 28.29 -36.09 -43.01
CA ILE M 549 28.78 -35.08 -42.07
C ILE M 549 27.76 -33.98 -41.83
N PRO M 550 27.15 -33.36 -42.85
CA PRO M 550 26.11 -32.35 -42.55
C PRO M 550 24.89 -32.92 -41.87
N TRP M 551 24.58 -34.20 -42.06
CA TRP M 551 23.44 -34.79 -41.35
C TRP M 551 23.74 -34.97 -39.87
N ASN M 552 24.97 -35.34 -39.54
CA ASN M 552 25.31 -35.71 -38.17
C ASN M 552 25.62 -34.52 -37.27
N TYR M 553 26.29 -33.50 -37.80
CA TYR M 553 26.77 -32.39 -36.98
C TYR M 553 25.91 -31.15 -37.16
N GLY M 554 26.11 -30.18 -36.26
CA GLY M 554 25.60 -28.84 -36.43
C GLY M 554 24.15 -28.62 -36.02
N SER M 555 23.38 -29.69 -35.82
CA SER M 555 21.96 -29.64 -35.47
C SER M 555 21.27 -28.69 -36.46
N PHE M 556 20.40 -27.77 -36.01
CA PHE M 556 19.72 -26.82 -36.89
C PHE M 556 20.61 -25.69 -37.42
N ASN M 557 21.92 -25.72 -37.12
CA ASN M 557 22.86 -24.77 -37.69
C ASN M 557 23.42 -25.21 -39.03
N LEU M 558 23.37 -26.52 -39.33
CA LEU M 558 24.01 -27.05 -40.54
C LEU M 558 22.97 -27.84 -41.33
N VAL M 559 22.65 -27.37 -42.53
CA VAL M 559 21.68 -27.99 -43.42
C VAL M 559 22.39 -29.03 -44.28
N THR M 560 21.72 -30.15 -44.53
CA THR M 560 22.22 -31.10 -45.52
C THR M 560 21.99 -30.52 -46.91
N PRO M 561 23.04 -30.24 -47.68
CA PRO M 561 22.87 -29.50 -48.94
C PRO M 561 22.17 -30.35 -50.00
N GLN M 562 21.37 -29.67 -50.83
CA GLN M 562 20.77 -30.33 -51.97
C GLN M 562 21.66 -30.28 -53.21
N ASP M 563 22.54 -29.29 -53.31
CA ASP M 563 23.57 -29.32 -54.34
C ASP M 563 24.44 -30.55 -54.14
N LYS M 564 24.42 -31.46 -55.12
CA LYS M 564 25.15 -32.71 -55.02
C LYS M 564 26.66 -32.52 -54.97
N GLY M 565 27.16 -31.29 -55.12
CA GLY M 565 28.59 -31.07 -55.11
C GLY M 565 29.08 -30.21 -53.96
N ALA M 566 28.23 -30.02 -52.95
CA ALA M 566 28.57 -29.20 -51.79
C ALA M 566 29.11 -30.11 -50.69
N LEU M 567 30.39 -29.94 -50.35
CA LEU M 567 31.06 -30.81 -49.39
C LEU M 567 31.52 -30.00 -48.18
N PHE M 568 31.48 -30.64 -47.02
CA PHE M 568 31.71 -29.97 -45.73
C PHE M 568 32.81 -30.73 -44.99
N LEU M 569 34.03 -30.19 -44.99
CA LEU M 569 35.16 -30.77 -44.29
C LEU M 569 35.17 -30.21 -42.88
N ASN M 570 34.69 -31.01 -41.91
CA ASN M 570 34.45 -30.55 -40.56
C ASN M 570 35.62 -30.92 -39.65
N PHE M 571 35.99 -29.98 -38.77
CA PHE M 571 37.05 -30.23 -37.80
C PHE M 571 36.67 -29.77 -36.39
N CYS M 572 35.37 -29.63 -36.11
CA CYS M 572 34.91 -29.30 -34.77
C CYS M 572 33.68 -30.13 -34.46
N LEU M 573 33.33 -30.18 -33.18
CA LEU M 573 32.19 -30.97 -32.74
C LEU M 573 30.85 -30.25 -32.90
N TYR M 574 30.85 -28.91 -32.87
CA TYR M 574 29.61 -28.14 -32.85
C TYR M 574 29.71 -26.97 -33.82
N PRO M 575 29.76 -27.26 -35.13
CA PRO M 575 29.91 -26.17 -36.11
C PRO M 575 28.70 -25.24 -36.14
N GLY M 576 28.91 -23.99 -35.73
CA GLY M 576 27.84 -23.01 -35.71
C GLY M 576 27.74 -22.29 -34.40
N THR M 577 28.20 -22.93 -33.32
CA THR M 577 28.16 -22.32 -32.01
C THR M 577 29.35 -21.39 -31.82
N TYR M 578 29.19 -20.44 -30.90
CA TYR M 578 30.29 -19.53 -30.59
C TYR M 578 31.40 -20.23 -29.82
N GLN M 579 31.03 -21.04 -28.83
CA GLN M 579 31.99 -21.77 -28.02
C GLN M 579 32.86 -22.66 -28.90
N PRO M 580 34.19 -22.52 -28.85
CA PRO M 580 35.05 -23.39 -29.66
C PRO M 580 34.86 -24.85 -29.30
N SER M 581 34.85 -25.70 -30.35
CA SER M 581 34.69 -27.14 -30.13
C SER M 581 35.62 -27.96 -31.01
N GLY M 582 36.73 -27.39 -31.48
CA GLY M 582 37.69 -28.12 -32.28
C GLY M 582 38.18 -27.30 -33.46
N HIS M 583 39.44 -27.53 -33.85
CA HIS M 583 40.06 -26.80 -34.95
C HIS M 583 41.31 -27.53 -35.40
N VAL M 584 41.80 -27.14 -36.58
CA VAL M 584 43.10 -27.60 -37.08
C VAL M 584 44.15 -26.60 -36.63
N ASN M 585 45.22 -27.11 -36.02
CA ASN M 585 46.22 -26.27 -35.39
C ASN M 585 46.90 -25.35 -36.41
N ILE M 586 47.63 -24.36 -35.90
CA ILE M 586 48.25 -23.35 -36.76
C ILE M 586 49.31 -23.99 -37.65
N SER M 587 50.08 -24.93 -37.10
CA SER M 587 51.20 -25.50 -37.85
C SER M 587 50.72 -26.36 -39.01
N ARG M 588 49.55 -27.00 -38.86
CA ARG M 588 48.97 -27.80 -39.94
C ARG M 588 48.15 -26.97 -40.90
N ALA M 589 47.70 -25.78 -40.49
CA ALA M 589 46.95 -24.91 -41.38
C ALA M 589 47.85 -24.27 -42.43
N ARG M 590 49.14 -24.10 -42.12
CA ARG M 590 50.07 -23.47 -43.04
C ARG M 590 50.66 -24.45 -44.07
N GLU M 591 50.36 -25.75 -43.95
CA GLU M 591 50.69 -26.75 -44.98
C GLU M 591 49.49 -27.68 -45.07
N PHE M 592 48.44 -27.20 -45.72
CA PHE M 592 47.14 -27.87 -45.77
C PHE M 592 46.88 -28.30 -47.20
N TYR M 593 46.67 -29.60 -47.41
CA TYR M 593 46.42 -30.16 -48.73
C TYR M 593 45.05 -30.80 -48.80
N ILE M 594 44.32 -30.50 -49.86
CA ILE M 594 43.07 -31.19 -50.19
C ILE M 594 43.32 -32.00 -51.45
N GLU M 595 43.23 -33.33 -51.31
CA GLU M 595 43.45 -34.25 -52.43
C GLU M 595 42.11 -34.76 -52.91
N TYR M 596 41.85 -34.64 -54.21
CA TYR M 596 40.55 -35.01 -54.76
C TYR M 596 40.71 -35.99 -55.92
N THR M 597 39.61 -36.68 -56.21
CA THR M 597 39.47 -37.51 -57.39
C THR M 597 38.24 -37.06 -58.16
N SER M 598 38.36 -36.96 -59.47
CA SER M 598 37.29 -36.48 -60.32
C SER M 598 37.07 -37.42 -61.49
N SER M 599 35.79 -37.68 -61.79
CA SER M 599 35.39 -38.38 -63.01
C SER M 599 34.93 -37.42 -64.09
N PHE M 600 35.04 -36.11 -63.86
CA PHE M 600 34.59 -35.10 -64.80
C PHE M 600 35.72 -34.17 -65.26
N CYS M 601 36.57 -33.73 -64.34
CA CYS M 601 37.59 -32.75 -64.67
C CYS M 601 38.65 -33.36 -65.59
N ASP M 602 38.89 -32.69 -66.71
CA ASP M 602 40.05 -32.98 -67.56
C ASP M 602 40.28 -31.77 -68.45
N SER M 603 41.12 -31.95 -69.48
CA SER M 603 41.51 -30.83 -70.34
C SER M 603 40.30 -30.20 -71.03
N SER M 604 39.27 -30.99 -71.32
CA SER M 604 38.09 -30.47 -71.99
C SER M 604 37.08 -29.86 -71.02
N ASN M 605 37.16 -30.21 -69.74
CA ASN M 605 36.19 -29.79 -68.74
C ASN M 605 36.91 -29.14 -67.57
N PRO M 606 37.38 -27.90 -67.75
CA PRO M 606 38.08 -27.23 -66.65
C PRO M 606 37.15 -26.94 -65.49
N CYS M 607 37.64 -27.20 -64.28
CA CYS M 607 36.87 -26.98 -63.06
C CYS M 607 37.66 -26.08 -62.13
N ASP M 608 36.94 -25.46 -61.20
CA ASP M 608 37.53 -24.58 -60.19
C ASP M 608 37.37 -25.27 -58.84
N LEU M 609 38.48 -25.65 -58.23
CA LEU M 609 38.47 -26.20 -56.88
C LEU M 609 38.26 -25.05 -55.91
N ILE M 610 37.08 -24.99 -55.30
CA ILE M 610 36.67 -23.89 -54.43
C ILE M 610 36.79 -24.36 -52.99
N SER M 611 37.59 -23.65 -52.20
CA SER M 611 37.78 -23.96 -50.79
C SER M 611 37.57 -22.70 -49.98
N ILE M 612 36.60 -22.74 -49.06
CA ILE M 612 36.24 -21.60 -48.24
C ILE M 612 36.27 -22.06 -46.79
N ALA M 613 37.27 -21.59 -46.05
CA ALA M 613 37.45 -21.98 -44.67
C ALA M 613 36.88 -20.92 -43.73
N LYS M 614 36.36 -21.39 -42.60
CA LYS M 614 35.98 -20.52 -41.49
C LYS M 614 37.07 -20.63 -40.43
N CYS M 615 37.71 -19.51 -40.12
CA CYS M 615 38.91 -19.52 -39.30
C CYS M 615 38.71 -18.69 -38.04
N ILE M 616 39.31 -19.16 -36.96
CA ILE M 616 39.21 -18.52 -35.65
C ILE M 616 40.30 -17.46 -35.54
N ASN M 617 39.91 -16.28 -35.04
CA ASN M 617 40.85 -15.22 -34.77
C ASN M 617 40.32 -14.41 -33.59
N PHE M 618 41.12 -13.47 -33.11
CA PHE M 618 40.80 -12.75 -31.91
C PHE M 618 40.86 -11.25 -32.16
N LEU M 619 39.98 -10.54 -31.46
CA LEU M 619 39.84 -9.08 -31.59
C LEU M 619 39.86 -8.51 -30.18
N LEU M 620 40.78 -7.59 -29.93
CA LEU M 620 40.95 -7.03 -28.60
C LEU M 620 40.58 -5.55 -28.58
N ILE M 621 40.55 -5.00 -27.37
CA ILE M 621 40.17 -3.62 -27.13
C ILE M 621 41.42 -2.83 -26.72
N SER M 622 41.73 -1.74 -27.41
CA SER M 622 40.96 -1.24 -28.54
C SER M 622 41.84 -1.07 -29.78
N LYS N 7 49.49 -36.74 -33.89
CA LYS N 7 48.18 -36.84 -33.25
C LYS N 7 47.83 -35.52 -32.55
N LEU N 8 47.38 -35.62 -31.30
CA LEU N 8 46.87 -34.46 -30.56
C LEU N 8 48.01 -33.49 -30.27
N ILE N 9 47.94 -32.29 -30.85
CA ILE N 9 49.01 -31.31 -30.71
C ILE N 9 48.87 -30.54 -29.40
N ALA N 10 47.72 -29.86 -29.22
CA ALA N 10 47.27 -29.30 -27.95
C ALA N 10 47.91 -27.97 -27.55
N ASN N 11 49.05 -27.61 -28.13
CA ASN N 11 49.77 -26.43 -27.63
C ASN N 11 50.83 -25.92 -28.60
N ASP N 12 50.41 -25.24 -29.67
CA ASP N 12 51.34 -24.57 -30.57
C ASP N 12 50.81 -23.18 -30.92
N GLY N 13 51.46 -22.14 -30.39
CA GLY N 13 51.09 -20.78 -30.68
C GLY N 13 50.05 -20.23 -29.73
N LYS N 14 49.86 -18.91 -29.81
CA LYS N 14 48.89 -18.24 -28.96
C LYS N 14 47.48 -18.74 -29.23
N ALA N 15 47.18 -19.04 -30.50
CA ALA N 15 45.84 -19.49 -30.87
C ALA N 15 45.39 -20.68 -30.03
N ASP N 16 46.29 -21.62 -29.78
CA ASP N 16 45.94 -22.78 -28.99
C ASP N 16 45.98 -22.50 -27.48
N ARG N 17 46.80 -21.53 -27.06
CA ARG N 17 46.80 -21.13 -25.65
C ARG N 17 45.47 -20.49 -25.27
N MET N 18 44.89 -19.69 -26.16
CA MET N 18 43.66 -18.99 -25.83
C MET N 18 42.43 -19.89 -25.96
N ILE N 19 42.48 -20.84 -26.90
CA ILE N 19 41.32 -21.71 -27.12
C ILE N 19 41.30 -22.87 -26.13
N MET N 20 42.47 -23.46 -25.85
CA MET N 20 42.51 -24.68 -25.05
C MET N 20 43.27 -24.55 -23.74
N ALA N 21 44.22 -23.61 -23.63
CA ALA N 21 44.90 -23.29 -22.38
C ALA N 21 45.37 -24.56 -21.66
N ASN N 22 46.03 -25.44 -22.42
CA ASN N 22 46.40 -26.74 -21.86
C ASN N 22 47.52 -26.61 -20.84
N ASP N 23 48.46 -25.68 -21.04
CA ASP N 23 49.50 -25.45 -20.04
C ASP N 23 48.89 -25.04 -18.70
N LEU N 24 47.91 -24.13 -18.73
CA LEU N 24 47.20 -23.77 -17.51
C LEU N 24 46.48 -24.98 -16.92
N LEU N 25 45.77 -25.73 -17.78
CA LEU N 25 45.04 -26.91 -17.30
C LEU N 25 45.97 -27.91 -16.64
N ASN N 26 47.14 -28.16 -17.24
CA ASN N 26 48.11 -29.06 -16.62
C ASN N 26 48.60 -28.51 -15.30
N ASP N 27 48.86 -27.20 -15.24
CA ASP N 27 49.34 -26.60 -14.00
C ASP N 27 48.28 -26.65 -12.90
N ARG N 28 47.00 -26.52 -13.27
CA ARG N 28 45.93 -26.72 -12.30
C ARG N 28 45.94 -28.15 -11.77
N ILE N 29 46.09 -29.12 -12.67
CA ILE N 29 46.00 -30.53 -12.27
C ILE N 29 47.10 -30.87 -11.27
N LYS N 30 48.36 -30.54 -11.61
CA LYS N 30 49.45 -30.87 -10.71
C LYS N 30 49.37 -30.09 -9.42
N SER N 31 48.98 -28.80 -9.49
CA SER N 31 48.69 -28.04 -8.29
C SER N 31 47.70 -28.79 -7.40
N ILE N 32 46.50 -29.05 -7.95
CA ILE N 32 45.46 -29.75 -7.20
C ILE N 32 46.00 -31.04 -6.61
N MET N 33 46.65 -31.87 -7.43
CA MET N 33 47.22 -33.12 -6.93
C MET N 33 48.21 -32.86 -5.79
N CYS N 34 48.86 -31.69 -5.79
CA CYS N 34 49.79 -31.38 -4.72
C CYS N 34 49.06 -30.90 -3.46
N LEU N 35 48.01 -30.11 -3.61
CA LEU N 35 47.23 -29.69 -2.45
C LEU N 35 46.61 -30.89 -1.74
N ARG N 36 45.91 -31.74 -2.49
CA ARG N 36 45.16 -32.83 -1.87
C ARG N 36 46.08 -33.81 -1.16
N ALA N 37 47.28 -34.02 -1.70
CA ALA N 37 48.26 -34.84 -1.01
C ALA N 37 48.75 -34.14 0.25
N LYS N 38 49.00 -32.83 0.16
CA LYS N 38 49.49 -32.08 1.31
C LYS N 38 48.44 -32.03 2.41
N GLN N 39 47.17 -31.87 2.05
CA GLN N 39 46.08 -31.88 3.02
C GLN N 39 45.72 -33.27 3.50
N GLY N 40 46.37 -34.32 2.99
CA GLY N 40 46.15 -35.65 3.50
C GLY N 40 44.96 -36.39 2.93
N PHE N 41 44.53 -36.05 1.72
CA PHE N 41 43.53 -36.87 1.05
C PHE N 41 44.15 -38.16 0.56
N SER N 42 43.36 -39.24 0.59
CA SER N 42 43.87 -40.54 0.18
C SER N 42 44.01 -40.66 -1.34
N ASP N 43 43.13 -40.01 -2.10
CA ASP N 43 43.24 -39.97 -3.55
C ASP N 43 43.55 -38.55 -3.98
N PRO N 44 44.73 -38.29 -4.56
CA PRO N 44 45.08 -36.91 -4.98
C PRO N 44 44.56 -36.52 -6.35
N THR N 45 43.87 -37.39 -7.08
CA THR N 45 43.41 -37.03 -8.41
C THR N 45 42.26 -36.03 -8.30
N PRO N 46 42.24 -35.00 -9.15
CA PRO N 46 41.20 -33.97 -9.03
C PRO N 46 39.81 -34.52 -9.28
N THR N 47 38.82 -33.75 -8.87
CA THR N 47 37.45 -34.02 -9.27
C THR N 47 37.17 -33.28 -10.57
N LEU N 48 36.17 -33.77 -11.30
CA LEU N 48 35.84 -33.16 -12.58
C LEU N 48 35.29 -31.75 -12.42
N VAL N 49 34.76 -31.40 -11.25
CA VAL N 49 34.31 -30.03 -11.02
C VAL N 49 35.49 -29.10 -10.79
N ASP N 50 36.57 -29.60 -10.20
CA ASP N 50 37.82 -28.83 -10.14
C ASP N 50 38.29 -28.46 -11.54
N ILE N 51 38.29 -29.44 -12.45
CA ILE N 51 38.69 -29.18 -13.82
C ILE N 51 37.74 -28.17 -14.46
N GLU N 52 36.45 -28.44 -14.38
CA GLU N 52 35.44 -27.60 -15.04
C GLU N 52 35.31 -26.23 -14.40
N ARG N 53 36.14 -25.91 -13.40
CA ARG N 53 36.20 -24.55 -12.88
C ARG N 53 36.90 -23.60 -13.85
N THR N 54 37.72 -24.12 -14.76
CA THR N 54 38.33 -23.31 -15.80
C THR N 54 38.06 -23.83 -17.21
N HIS N 55 38.01 -25.15 -17.39
CA HIS N 55 37.89 -25.75 -18.71
C HIS N 55 36.55 -26.45 -18.86
N ILE N 56 36.14 -26.65 -20.11
CA ILE N 56 34.96 -27.42 -20.44
C ILE N 56 35.41 -28.74 -21.04
N LEU N 57 34.82 -29.83 -20.56
CA LEU N 57 35.15 -31.17 -21.02
C LEU N 57 34.12 -31.57 -22.07
N LEU N 58 34.55 -31.66 -23.33
CA LEU N 58 33.61 -31.92 -24.41
C LEU N 58 33.06 -33.34 -24.38
N ILE N 59 33.69 -34.24 -23.64
CA ILE N 59 33.15 -35.57 -23.36
C ILE N 59 32.81 -35.58 -21.88
N ASN N 60 31.52 -35.56 -21.57
CA ASN N 60 31.08 -35.49 -20.17
C ASN N 60 29.64 -35.98 -20.10
N SER N 61 29.41 -37.06 -19.37
CA SER N 61 28.10 -37.66 -19.25
C SER N 61 27.35 -37.18 -18.01
N HIS N 62 27.78 -36.07 -17.43
CA HIS N 62 27.18 -35.60 -16.18
C HIS N 62 25.80 -35.02 -16.42
N TYR N 63 24.91 -35.23 -15.45
CA TYR N 63 23.56 -34.71 -15.48
C TYR N 63 23.12 -34.45 -14.06
N LYS N 64 22.07 -33.65 -13.90
CA LYS N 64 21.62 -33.46 -12.54
C LYS N 64 20.33 -34.23 -12.30
N PRO N 65 20.18 -34.86 -11.13
CA PRO N 65 18.90 -35.48 -10.80
C PRO N 65 17.82 -34.43 -10.73
N PHE N 66 16.62 -34.79 -11.16
CA PHE N 66 15.51 -33.84 -11.12
C PHE N 66 14.58 -34.16 -9.97
N ALA N 67 14.13 -33.12 -9.27
CA ALA N 67 13.08 -33.26 -8.27
C ALA N 67 11.91 -34.00 -8.87
N ALA N 68 11.53 -35.10 -8.23
CA ALA N 68 10.58 -36.04 -8.81
C ALA N 68 9.30 -35.34 -9.24
N MET N 69 8.84 -35.68 -10.44
CA MET N 69 7.63 -35.09 -11.00
C MET N 69 7.11 -36.01 -12.09
N GLY N 70 5.83 -35.87 -12.39
CA GLY N 70 5.20 -36.63 -13.44
C GLY N 70 3.99 -35.89 -13.95
N TYR N 71 3.45 -36.35 -15.08
CA TYR N 71 2.31 -35.69 -15.66
C TYR N 71 1.32 -36.71 -16.21
N GLU N 72 0.09 -36.24 -16.40
CA GLU N 72 -1.03 -37.05 -16.88
C GLU N 72 -2.10 -36.09 -17.37
N TYR N 73 -2.74 -36.46 -18.48
CA TYR N 73 -3.78 -35.63 -19.05
C TYR N 73 -5.15 -36.00 -18.47
N GLN N 74 -6.03 -35.01 -18.39
CA GLN N 74 -7.39 -35.21 -17.94
C GLN N 74 -8.31 -34.34 -18.79
N LYS N 75 -9.32 -34.96 -19.40
CA LYS N 75 -10.27 -34.23 -20.24
C LYS N 75 -11.56 -33.98 -19.47
N THR N 76 -12.25 -32.91 -19.85
CA THR N 76 -13.45 -32.49 -19.13
C THR N 76 -14.45 -31.89 -20.10
N ARG N 77 -15.71 -31.91 -19.68
CA ARG N 77 -16.81 -31.37 -20.47
C ARG N 77 -17.03 -29.91 -20.13
N PRO N 78 -17.82 -29.20 -20.94
CA PRO N 78 -18.22 -27.85 -20.57
C PRO N 78 -19.28 -27.86 -19.49
N ASN N 79 -19.34 -26.77 -18.73
CA ASN N 79 -20.43 -26.55 -17.80
C ASN N 79 -21.67 -25.99 -18.47
N THR N 80 -21.55 -25.51 -19.71
CA THR N 80 -22.62 -24.79 -20.40
C THR N 80 -23.51 -25.72 -21.23
N GLY N 81 -23.63 -26.98 -20.86
CA GLY N 81 -24.63 -27.83 -21.48
C GLY N 81 -24.18 -28.40 -22.80
N ASN N 82 -25.02 -28.26 -23.82
CA ASN N 82 -24.84 -28.87 -25.13
C ASN N 82 -24.20 -27.87 -26.09
N PRO N 83 -23.10 -28.23 -26.75
CA PRO N 83 -22.35 -27.25 -27.57
C PRO N 83 -22.89 -27.12 -28.98
N THR N 84 -22.92 -25.88 -29.46
CA THR N 84 -23.32 -25.57 -30.83
C THR N 84 -22.41 -24.50 -31.39
N TYR N 85 -22.52 -24.27 -32.70
CA TYR N 85 -21.94 -23.09 -33.31
C TYR N 85 -22.53 -21.83 -32.66
N ASN N 86 -21.80 -20.73 -32.81
CA ASN N 86 -22.26 -19.41 -32.37
C ASN N 86 -22.79 -19.44 -30.93
N SER N 87 -21.95 -19.93 -30.02
CA SER N 87 -22.31 -19.95 -28.61
C SER N 87 -21.03 -19.86 -27.78
N THR N 88 -21.22 -19.56 -26.50
CA THR N 88 -20.13 -19.44 -25.55
C THR N 88 -20.03 -20.74 -24.75
N ILE N 89 -18.86 -21.38 -24.80
CA ILE N 89 -18.61 -22.64 -24.14
C ILE N 89 -17.58 -22.42 -23.04
N GLN N 90 -17.88 -22.89 -21.83
CA GLN N 90 -17.04 -22.65 -20.67
C GLN N 90 -16.67 -23.96 -20.01
N PHE N 91 -15.38 -24.12 -19.68
CA PHE N 91 -14.88 -25.29 -18.98
C PHE N 91 -14.35 -24.89 -17.61
N SER N 92 -14.47 -25.81 -16.66
CA SER N 92 -13.75 -25.70 -15.41
C SER N 92 -12.38 -26.36 -15.56
N ILE N 93 -11.41 -25.83 -14.84
CA ILE N 93 -10.09 -26.47 -14.75
C ILE N 93 -10.13 -27.35 -13.51
N PRO N 94 -10.37 -28.66 -13.65
CA PRO N 94 -10.67 -29.49 -12.49
C PRO N 94 -9.48 -29.63 -11.55
N GLN N 95 -9.80 -30.05 -10.33
CA GLN N 95 -8.78 -30.34 -9.33
C GLN N 95 -8.16 -31.70 -9.63
N PHE N 96 -6.83 -31.72 -9.76
CA PHE N 96 -6.14 -32.96 -10.11
C PHE N 96 -4.66 -32.91 -9.73
N GLY N 97 -3.85 -32.24 -10.55
CA GLY N 97 -2.42 -32.16 -10.29
C GLY N 97 -2.03 -30.96 -9.45
N ASP N 98 -0.76 -30.93 -9.04
CA ASP N 98 -0.24 -29.78 -8.31
C ASP N 98 -0.07 -28.58 -9.24
N PHE N 99 0.14 -28.82 -10.53
CA PHE N 99 0.23 -27.80 -11.55
C PHE N 99 -0.57 -28.24 -12.76
N PHE N 100 -1.10 -27.27 -13.51
CA PHE N 100 -1.66 -27.57 -14.82
C PHE N 100 -0.86 -26.83 -15.88
N SER N 101 -0.78 -27.42 -17.08
CA SER N 101 0.11 -26.91 -18.11
C SER N 101 -0.58 -26.79 -19.46
N ASP N 102 -0.11 -27.53 -20.45
CA ASP N 102 -0.59 -27.37 -21.81
C ASP N 102 -2.02 -27.88 -21.96
N MET N 103 -2.80 -27.17 -22.78
CA MET N 103 -4.22 -27.46 -22.97
C MET N 103 -4.55 -27.56 -24.44
N VAL N 104 -5.48 -28.45 -24.77
CA VAL N 104 -5.95 -28.65 -26.14
C VAL N 104 -7.41 -29.06 -26.07
N VAL N 105 -8.18 -28.62 -27.05
CA VAL N 105 -9.63 -28.84 -27.10
C VAL N 105 -9.96 -29.74 -28.26
N HIS N 106 -10.60 -30.88 -27.99
CA HIS N 106 -11.07 -31.77 -29.04
C HIS N 106 -12.42 -31.29 -29.54
N VAL N 107 -12.51 -31.02 -30.84
CA VAL N 107 -13.74 -30.59 -31.48
C VAL N 107 -14.16 -31.66 -32.47
N GLN N 108 -15.41 -32.11 -32.37
CA GLN N 108 -15.96 -33.14 -33.26
C GLN N 108 -17.18 -32.56 -33.96
N LEU N 109 -17.11 -32.45 -35.28
CA LEU N 109 -18.17 -31.87 -36.09
C LEU N 109 -18.77 -32.95 -36.98
N ALA N 110 -20.09 -33.02 -37.02
CA ALA N 110 -20.78 -34.13 -37.69
C ALA N 110 -20.50 -34.15 -39.18
N ALA N 111 -20.62 -35.33 -39.77
CA ALA N 111 -20.67 -35.45 -41.22
C ALA N 111 -21.83 -34.61 -41.75
N THR N 112 -21.62 -34.00 -42.91
CA THR N 112 -22.60 -33.04 -43.42
C THR N 112 -22.54 -33.00 -44.93
N SER N 113 -23.63 -32.52 -45.53
CA SER N 113 -23.73 -32.39 -46.97
C SER N 113 -24.78 -31.33 -47.29
N ALA N 114 -24.75 -30.86 -48.53
CA ALA N 114 -25.66 -29.81 -48.94
C ALA N 114 -27.05 -30.38 -49.25
N SER N 115 -28.05 -29.49 -49.18
CA SER N 115 -29.41 -29.87 -49.52
C SER N 115 -29.57 -29.99 -51.03
N ALA N 116 -30.60 -30.73 -51.44
CA ALA N 116 -30.84 -30.92 -52.86
C ALA N 116 -31.20 -29.59 -53.53
N GLY N 117 -30.60 -29.34 -54.69
CA GLY N 117 -30.94 -28.15 -55.44
C GLY N 117 -31.30 -28.48 -56.87
N THR N 118 -31.10 -27.56 -57.82
CA THR N 118 -31.46 -27.81 -59.20
C THR N 118 -30.40 -27.21 -60.12
N VAL N 119 -30.37 -27.73 -61.34
CA VAL N 119 -29.49 -27.24 -62.41
C VAL N 119 -29.93 -25.84 -62.81
N PRO N 120 -29.06 -24.83 -62.71
CA PRO N 120 -29.48 -23.45 -62.98
C PRO N 120 -29.80 -23.24 -64.45
N ALA N 121 -30.42 -22.10 -64.73
CA ALA N 121 -30.78 -21.75 -66.10
C ALA N 121 -29.52 -21.53 -66.94
N LEU N 122 -29.68 -21.70 -68.25
CA LEU N 122 -28.58 -21.55 -69.18
C LEU N 122 -28.30 -20.07 -69.44
N PRO N 123 -27.06 -19.73 -69.80
CA PRO N 123 -26.69 -18.33 -70.01
C PRO N 123 -27.42 -17.73 -71.21
N ALA N 124 -27.24 -16.42 -71.36
CA ALA N 124 -27.88 -15.69 -72.45
C ALA N 124 -27.19 -16.01 -73.78
N PHE N 125 -27.88 -15.69 -74.87
CA PHE N 125 -27.34 -15.87 -76.20
C PHE N 125 -26.03 -15.11 -76.36
N ILE N 126 -25.17 -15.61 -77.24
CA ILE N 126 -23.91 -14.95 -77.57
C ILE N 126 -23.98 -14.28 -78.94
N GLY N 127 -24.19 -15.07 -79.99
CA GLY N 127 -24.35 -14.50 -81.31
C GLY N 127 -25.76 -14.00 -81.56
N ALA N 128 -25.90 -13.21 -82.62
CA ALA N 128 -27.20 -12.63 -82.95
C ALA N 128 -28.06 -13.56 -83.80
N ASP N 129 -27.46 -14.45 -84.57
CA ASP N 129 -28.20 -15.26 -85.53
C ASP N 129 -28.33 -16.70 -85.03
N ASP N 130 -29.38 -17.38 -85.54
CA ASP N 130 -29.59 -18.81 -85.31
C ASP N 130 -29.71 -19.13 -83.82
N GLN N 131 -30.52 -18.34 -83.12
CA GLN N 131 -30.66 -18.44 -81.67
C GLN N 131 -31.71 -19.48 -81.33
N VAL N 132 -31.32 -20.49 -80.55
CA VAL N 132 -32.22 -21.56 -80.12
C VAL N 132 -31.94 -21.86 -78.67
N LEU N 133 -32.98 -21.81 -77.83
CA LEU N 133 -32.88 -22.16 -76.42
C LEU N 133 -33.72 -23.41 -76.16
N THR N 134 -33.07 -24.44 -75.64
CA THR N 134 -33.65 -25.74 -75.33
C THR N 134 -33.49 -25.99 -73.83
N SER N 135 -34.21 -26.97 -73.30
CA SER N 135 -34.04 -27.35 -71.91
C SER N 135 -32.64 -27.87 -71.60
N THR N 136 -31.85 -28.24 -72.62
CA THR N 136 -30.54 -28.84 -72.39
C THR N 136 -29.37 -28.03 -72.93
N SER N 137 -29.60 -27.06 -73.82
CA SER N 137 -28.50 -26.24 -74.33
C SER N 137 -29.04 -24.88 -74.75
N VAL N 138 -28.11 -23.97 -75.04
CA VAL N 138 -28.43 -22.66 -75.61
C VAL N 138 -27.47 -22.41 -76.76
N VAL N 139 -28.03 -22.12 -77.94
CA VAL N 139 -27.27 -22.07 -79.19
C VAL N 139 -27.52 -20.73 -79.87
N SER N 140 -26.45 -20.08 -80.31
CA SER N 140 -26.51 -18.86 -81.11
C SER N 140 -25.33 -18.87 -82.07
N ALA N 141 -25.28 -17.89 -82.96
CA ALA N 141 -24.26 -17.89 -84.00
C ALA N 141 -23.96 -16.47 -84.47
N THR N 142 -22.80 -16.33 -85.11
CA THR N 142 -22.38 -15.10 -85.77
C THR N 142 -21.97 -15.44 -87.19
N GLU N 143 -22.59 -14.78 -88.16
CA GLU N 143 -22.25 -14.99 -89.56
C GLU N 143 -21.13 -14.05 -89.98
N ASN N 144 -20.42 -14.44 -91.04
CA ASN N 144 -19.41 -13.57 -91.66
C ASN N 144 -19.32 -13.97 -93.13
N THR N 145 -20.25 -13.42 -93.92
CA THR N 145 -20.29 -13.73 -95.35
C THR N 145 -19.05 -13.25 -96.08
N THR N 146 -18.28 -12.33 -95.50
CA THR N 146 -17.04 -11.89 -96.12
C THR N 146 -15.95 -12.94 -95.98
N SER N 147 -15.68 -13.38 -94.75
CA SER N 147 -14.58 -14.30 -94.48
C SER N 147 -14.96 -15.76 -94.72
N GLY N 148 -16.25 -16.09 -94.66
CA GLY N 148 -16.68 -17.46 -94.79
C GLY N 148 -16.73 -18.24 -93.50
N VAL N 149 -16.34 -17.65 -92.38
CA VAL N 149 -16.37 -18.32 -91.10
C VAL N 149 -17.78 -18.20 -90.51
N TYR N 150 -18.41 -19.34 -90.24
CA TYR N 150 -19.65 -19.41 -89.48
C TYR N 150 -19.30 -19.85 -88.07
N THR N 151 -19.59 -18.99 -87.09
CA THR N 151 -19.21 -19.23 -85.71
C THR N 151 -20.44 -19.64 -84.91
N LEU N 152 -20.36 -20.79 -84.26
CA LEU N 152 -21.48 -21.35 -83.51
C LEU N 152 -21.08 -21.42 -82.03
N TYR N 153 -21.85 -20.74 -81.19
CA TYR N 153 -21.65 -20.76 -79.74
C TYR N 153 -22.68 -21.69 -79.12
N THR N 154 -22.21 -22.62 -78.29
CA THR N 154 -23.08 -23.63 -77.68
C THR N 154 -22.66 -23.82 -76.23
N GLN N 155 -23.56 -23.51 -75.30
CA GLN N 155 -23.34 -23.73 -73.89
C GLN N 155 -24.36 -24.72 -73.35
N SER N 156 -23.94 -25.51 -72.36
CA SER N 156 -24.75 -26.57 -71.80
C SER N 156 -24.14 -27.01 -70.48
N TYR N 157 -24.89 -27.82 -69.74
CA TYR N 157 -24.46 -28.34 -68.45
C TYR N 157 -24.18 -29.83 -68.56
N VAL N 158 -23.01 -30.25 -68.07
CA VAL N 158 -22.59 -31.64 -68.08
C VAL N 158 -22.11 -32.00 -66.68
N ASN N 159 -21.99 -33.31 -66.43
CA ASN N 159 -21.34 -33.80 -65.23
C ASN N 159 -19.91 -34.17 -65.59
N GLN N 160 -19.22 -34.88 -64.69
CA GLN N 160 -17.81 -35.21 -64.98
C GLN N 160 -17.69 -36.18 -66.16
N GLN N 161 -18.67 -37.07 -66.33
CA GLN N 161 -18.60 -38.03 -67.43
C GLN N 161 -18.98 -37.43 -68.78
N GLY N 162 -19.43 -36.18 -68.81
CA GLY N 162 -19.85 -35.54 -70.04
C GLY N 162 -21.33 -35.63 -70.34
N THR N 163 -22.11 -36.32 -69.51
CA THR N 163 -23.54 -36.44 -69.73
C THR N 163 -24.22 -35.09 -69.57
N THR N 164 -25.10 -34.75 -70.51
CA THR N 164 -25.81 -33.48 -70.45
C THR N 164 -26.84 -33.48 -69.33
N GLN N 165 -26.88 -32.38 -68.58
CA GLN N 165 -27.84 -32.19 -67.49
C GLN N 165 -28.91 -31.21 -67.94
N THR N 166 -30.16 -31.56 -67.72
CA THR N 166 -31.28 -30.73 -68.14
C THR N 166 -31.50 -29.59 -67.16
N VAL N 167 -31.80 -28.40 -67.70
CA VAL N 167 -32.13 -27.25 -66.87
C VAL N 167 -33.26 -27.61 -65.91
N ALA N 168 -33.15 -27.12 -64.68
CA ALA N 168 -34.12 -27.30 -63.59
C ALA N 168 -34.19 -28.74 -63.10
N ALA N 169 -33.35 -29.65 -63.60
CA ALA N 169 -33.25 -30.98 -63.04
C ALA N 169 -32.40 -30.95 -61.78
N ALA N 170 -32.41 -32.08 -61.06
CA ALA N 170 -31.79 -32.14 -59.74
C ALA N 170 -30.27 -32.01 -59.83
N ALA N 171 -29.70 -31.28 -58.86
CA ALA N 171 -28.27 -31.09 -58.75
C ALA N 171 -27.96 -30.69 -57.32
N THR N 172 -26.87 -31.23 -56.77
CA THR N 172 -26.50 -30.97 -55.38
C THR N 172 -25.06 -30.46 -55.32
N ASN N 173 -24.86 -29.38 -54.59
CA ASN N 173 -23.52 -28.85 -54.40
C ASN N 173 -22.70 -29.71 -53.45
N PHE N 174 -21.39 -29.51 -53.49
CA PHE N 174 -20.49 -30.11 -52.52
C PHE N 174 -20.25 -29.13 -51.38
N VAL N 175 -19.77 -29.66 -50.27
CA VAL N 175 -19.50 -28.83 -49.10
C VAL N 175 -18.01 -28.88 -48.78
N ARG N 176 -17.56 -27.83 -48.10
CA ARG N 176 -16.13 -27.60 -47.91
C ARG N 176 -15.94 -26.75 -46.66
N TYR N 177 -14.94 -27.10 -45.86
CA TYR N 177 -14.54 -26.29 -44.73
C TYR N 177 -13.56 -25.22 -45.18
N CYS N 178 -13.55 -24.09 -44.47
CA CYS N 178 -12.57 -23.06 -44.73
C CYS N 178 -11.18 -23.55 -44.36
N GLU N 179 -10.17 -22.85 -44.87
CA GLU N 179 -8.79 -23.21 -44.54
C GLU N 179 -8.54 -22.96 -43.05
N TYR N 180 -7.80 -23.88 -42.44
CA TYR N 180 -7.51 -23.85 -41.01
C TYR N 180 -8.78 -23.64 -40.18
N PRO N 181 -9.79 -24.50 -40.33
CA PRO N 181 -11.07 -24.24 -39.65
C PRO N 181 -10.96 -24.23 -38.14
N GLY N 182 -10.01 -24.98 -37.57
CA GLY N 182 -9.79 -24.96 -36.15
C GLY N 182 -9.23 -23.66 -35.63
N LEU N 183 -8.55 -22.89 -36.49
CA LEU N 183 -8.08 -21.57 -36.08
C LEU N 183 -9.21 -20.55 -36.15
N ARG N 184 -10.10 -20.67 -37.14
CA ARG N 184 -11.22 -19.74 -37.25
C ARG N 184 -12.37 -20.09 -36.31
N LEU N 185 -12.48 -21.36 -35.91
CA LEU N 185 -13.65 -21.80 -35.16
C LEU N 185 -13.74 -21.11 -33.79
N PHE N 186 -12.61 -20.87 -33.15
CA PHE N 186 -12.59 -20.24 -31.84
C PHE N 186 -12.49 -18.73 -32.05
N LYS N 187 -13.65 -18.05 -32.02
CA LYS N 187 -13.66 -16.59 -32.13
C LYS N 187 -12.82 -15.95 -31.03
N ARG N 188 -13.03 -16.37 -29.78
CA ARG N 188 -12.26 -15.89 -28.65
C ARG N 188 -11.94 -17.05 -27.73
N VAL N 189 -10.74 -17.02 -27.14
CA VAL N 189 -10.32 -17.97 -26.12
C VAL N 189 -9.87 -17.16 -24.92
N LYS N 190 -10.52 -17.38 -23.77
CA LYS N 190 -10.26 -16.60 -22.58
C LYS N 190 -9.86 -17.51 -21.43
N PHE N 191 -8.77 -17.17 -20.77
CA PHE N 191 -8.38 -17.79 -19.50
C PHE N 191 -8.91 -16.91 -18.39
N GLU N 192 -10.00 -17.33 -17.76
CA GLU N 192 -10.72 -16.55 -16.76
C GLU N 192 -10.31 -16.96 -15.35
N VAL N 193 -10.11 -15.95 -14.49
CA VAL N 193 -9.82 -16.16 -13.07
C VAL N 193 -10.59 -15.11 -12.28
N ASN N 194 -11.44 -15.56 -11.36
CA ASN N 194 -12.24 -14.66 -10.52
C ASN N 194 -13.12 -13.73 -11.34
N GLY N 195 -13.54 -14.18 -12.53
CA GLY N 195 -14.39 -13.41 -13.39
C GLY N 195 -13.69 -12.45 -14.32
N ASN N 196 -12.37 -12.24 -14.16
CA ASN N 196 -11.66 -11.30 -15.00
C ASN N 196 -10.78 -12.03 -16.00
N PRO N 197 -10.69 -11.54 -17.24
CA PRO N 197 -9.79 -12.16 -18.21
C PRO N 197 -8.33 -12.00 -17.82
N LEU N 198 -7.69 -13.11 -17.45
CA LEU N 198 -6.25 -13.07 -17.19
C LEU N 198 -5.46 -13.02 -18.49
N ASP N 199 -5.96 -13.66 -19.54
CA ASP N 199 -5.37 -13.62 -20.87
C ASP N 199 -6.43 -14.09 -21.85
N GLU N 200 -6.36 -13.59 -23.07
CA GLU N 200 -7.34 -13.95 -24.08
C GLU N 200 -6.80 -13.59 -25.45
N TYR N 201 -7.28 -14.30 -26.47
CA TYR N 201 -6.88 -14.04 -27.84
C TYR N 201 -7.99 -14.45 -28.78
N THR N 202 -7.96 -13.87 -29.98
CA THR N 202 -8.94 -14.11 -31.02
C THR N 202 -8.34 -15.02 -32.08
N ALA N 203 -9.13 -15.30 -33.13
CA ALA N 203 -8.63 -16.10 -34.24
C ALA N 203 -7.48 -15.39 -34.94
N LEU N 204 -7.42 -14.06 -34.85
CA LEU N 204 -6.32 -13.32 -35.45
C LEU N 204 -4.99 -13.68 -34.78
N ALA N 205 -5.00 -13.86 -33.46
CA ALA N 205 -3.79 -14.32 -32.80
C ALA N 205 -3.43 -15.74 -33.23
N ALA N 206 -4.43 -16.56 -33.55
CA ALA N 206 -4.15 -17.93 -33.97
C ALA N 206 -3.48 -17.96 -35.34
N ILE N 207 -3.93 -17.13 -36.28
CA ILE N 207 -3.33 -17.16 -37.60
C ILE N 207 -1.95 -16.54 -37.59
N MET N 208 -1.73 -15.53 -36.74
CA MET N 208 -0.37 -15.04 -36.54
C MET N 208 0.54 -16.15 -36.05
N TYR N 209 0.04 -16.98 -35.13
CA TYR N 209 0.80 -18.15 -34.69
C TYR N 209 1.04 -19.10 -35.85
N ASN N 210 0.04 -19.23 -36.73
CA ASN N 210 0.16 -20.12 -37.88
C ASN N 210 1.21 -19.64 -38.87
N LYS N 211 1.48 -18.33 -38.91
CA LYS N 211 2.40 -17.77 -39.89
C LYS N 211 3.84 -17.71 -39.37
N PHE N 212 4.04 -17.60 -38.06
CA PHE N 212 5.35 -17.31 -37.50
C PHE N 212 5.95 -18.41 -36.61
N HIS N 213 5.13 -19.31 -36.07
CA HIS N 213 5.62 -20.20 -35.03
C HIS N 213 5.38 -21.68 -35.31
N VAL N 214 4.94 -22.04 -36.50
CA VAL N 214 4.80 -23.45 -36.86
C VAL N 214 5.87 -23.79 -37.90
N PRO N 215 7.07 -24.21 -37.47
CA PRO N 215 8.08 -24.61 -38.45
C PRO N 215 7.73 -25.94 -39.10
N ASP N 216 8.52 -26.38 -40.07
CA ASP N 216 8.10 -27.51 -40.89
C ASP N 216 8.15 -28.84 -40.13
N PHE N 217 9.05 -28.97 -39.15
CA PHE N 217 9.05 -30.21 -38.38
C PHE N 217 7.85 -30.33 -37.46
N LYS N 218 7.01 -29.30 -37.37
CA LYS N 218 5.76 -29.37 -36.63
C LYS N 218 4.54 -29.16 -37.51
N LEU N 219 4.71 -29.02 -38.83
CA LEU N 219 3.65 -28.49 -39.68
C LEU N 219 2.59 -29.53 -40.00
N THR N 220 3.00 -30.76 -40.32
CA THR N 220 2.01 -31.81 -40.60
C THR N 220 1.13 -32.07 -39.38
N GLY N 221 1.73 -32.16 -38.19
CA GLY N 221 0.94 -32.33 -36.99
C GLY N 221 0.02 -31.16 -36.73
N TRP N 222 0.55 -29.94 -36.87
CA TRP N 222 -0.26 -28.74 -36.69
C TRP N 222 -1.47 -28.76 -37.61
N LYS N 223 -1.25 -29.02 -38.91
CA LYS N 223 -2.34 -29.01 -39.88
C LYS N 223 -3.43 -30.01 -39.48
N ARG N 224 -3.03 -31.23 -39.10
CA ARG N 224 -4.01 -32.24 -38.74
C ARG N 224 -4.76 -31.87 -37.46
N LEU N 225 -4.12 -31.11 -36.57
CA LEU N 225 -4.78 -30.70 -35.34
C LEU N 225 -5.89 -29.69 -35.61
N ILE N 226 -5.69 -28.79 -36.57
CA ILE N 226 -6.58 -27.65 -36.76
C ILE N 226 -7.50 -27.82 -37.97
N GLY N 227 -7.49 -29.00 -38.60
CA GLY N 227 -8.43 -29.29 -39.67
C GLY N 227 -7.98 -28.94 -41.07
N GLN N 228 -6.71 -28.65 -41.28
CA GLN N 228 -6.20 -28.35 -42.62
C GLN N 228 -5.74 -29.63 -43.30
N GLU N 229 -6.25 -29.89 -44.50
CA GLU N 229 -5.85 -31.06 -45.25
C GLU N 229 -4.36 -31.00 -45.58
N VAL N 230 -3.75 -32.17 -45.69
CA VAL N 230 -2.31 -32.27 -45.92
C VAL N 230 -2.08 -32.82 -47.32
N PRO N 231 -1.14 -32.26 -48.09
CA PRO N 231 -0.87 -32.80 -49.43
C PRO N 231 -0.32 -34.21 -49.37
N VAL N 232 -0.60 -34.97 -50.43
CA VAL N 232 -0.22 -36.38 -50.53
C VAL N 232 0.53 -36.58 -51.84
N GLU N 233 1.73 -37.13 -51.75
CA GLU N 233 2.60 -37.33 -52.91
C GLU N 233 2.10 -38.50 -53.74
N ALA N 234 1.81 -38.24 -55.02
CA ALA N 234 1.34 -39.26 -55.93
C ALA N 234 2.30 -39.39 -57.10
N ALA N 235 2.65 -40.63 -57.42
CA ALA N 235 3.63 -40.95 -58.42
C ALA N 235 2.95 -41.37 -59.73
N SER N 236 3.61 -41.11 -60.85
CA SER N 236 3.03 -41.37 -62.18
C SER N 236 3.72 -42.55 -62.85
N ASN N 237 3.22 -42.89 -64.03
CA ASN N 237 3.94 -43.81 -64.90
C ASN N 237 5.25 -43.17 -65.35
N LEU N 238 6.17 -44.02 -65.81
CA LEU N 238 7.42 -43.53 -66.39
C LEU N 238 7.12 -42.59 -67.57
N VAL N 239 7.67 -41.38 -67.50
CA VAL N 239 7.47 -40.40 -68.57
C VAL N 239 8.70 -40.30 -69.46
N ASN N 240 9.88 -40.49 -68.86
CA ASN N 240 11.10 -40.70 -69.61
C ASN N 240 11.54 -42.15 -69.42
N ILE N 241 11.82 -42.82 -70.53
CA ILE N 241 12.45 -44.13 -70.49
C ILE N 241 13.74 -44.02 -71.28
N ALA N 242 14.86 -44.38 -70.65
CA ALA N 242 16.16 -44.19 -71.24
C ALA N 242 16.28 -44.94 -72.56
N SER N 243 16.88 -44.28 -73.55
CA SER N 243 17.16 -44.78 -74.89
C SER N 243 15.92 -44.89 -75.77
N THR N 244 14.80 -44.32 -75.38
CA THR N 244 13.63 -44.29 -76.24
C THR N 244 12.86 -42.99 -75.96
N THR N 245 11.66 -42.90 -76.53
CA THR N 245 10.91 -41.65 -76.51
C THR N 245 9.42 -41.97 -76.64
N PRO N 246 8.55 -41.11 -76.12
CA PRO N 246 7.11 -41.27 -76.41
C PRO N 246 6.72 -40.75 -77.78
N TRP N 247 7.57 -39.97 -78.43
CA TRP N 247 7.21 -39.35 -79.70
C TRP N 247 7.25 -40.37 -80.84
N GLY N 248 6.43 -40.13 -81.86
CA GLY N 248 6.49 -40.94 -83.06
C GLY N 248 7.79 -40.75 -83.80
N SER N 249 8.24 -41.82 -84.45
CA SER N 249 9.53 -41.79 -85.14
C SER N 249 9.65 -40.76 -86.25
N PRO N 250 8.61 -40.34 -86.98
CA PRO N 250 8.80 -39.32 -88.03
C PRO N 250 9.39 -38.00 -87.53
N ILE N 251 9.32 -37.70 -86.24
CA ILE N 251 9.81 -36.43 -85.71
C ILE N 251 11.04 -36.59 -84.82
N VAL N 252 11.51 -37.82 -84.62
CA VAL N 252 12.59 -38.08 -83.67
C VAL N 252 13.94 -38.04 -84.38
N ALA N 253 14.87 -37.28 -83.81
CA ALA N 253 16.28 -37.28 -84.23
C ALA N 253 16.43 -36.88 -85.70
N LEU N 254 15.71 -35.84 -86.10
CA LEU N 254 15.79 -35.34 -87.48
C LEU N 254 17.03 -34.48 -87.65
N SER N 255 17.51 -34.42 -88.90
CA SER N 255 18.59 -33.52 -89.29
C SER N 255 18.16 -32.76 -90.53
N ASP N 256 18.67 -31.54 -90.68
CA ASP N 256 18.31 -30.75 -91.85
C ASP N 256 19.26 -31.07 -93.01
N VAL N 257 19.09 -30.36 -94.12
CA VAL N 257 19.82 -30.69 -95.34
C VAL N 257 21.32 -30.44 -95.21
N ASN N 258 21.74 -29.63 -94.25
CA ASN N 258 23.15 -29.37 -94.00
C ASN N 258 23.72 -30.25 -92.91
N GLY N 259 23.01 -31.31 -92.51
CA GLY N 259 23.49 -32.25 -91.52
C GLY N 259 23.28 -31.85 -90.08
N THR N 260 22.70 -30.68 -89.81
CA THR N 260 22.52 -30.22 -88.44
C THR N 260 21.24 -30.79 -87.85
N ALA N 261 21.29 -31.14 -86.56
CA ALA N 261 20.11 -31.63 -85.87
C ALA N 261 19.02 -30.58 -85.87
N VAL N 262 17.77 -31.02 -86.03
CA VAL N 262 16.65 -30.12 -86.18
C VAL N 262 16.19 -29.62 -84.82
N THR N 263 15.98 -28.31 -84.71
CA THR N 263 15.46 -27.72 -83.48
C THR N 263 13.99 -28.09 -83.32
N GLY N 264 13.62 -28.54 -82.12
CA GLY N 264 12.27 -29.00 -81.90
C GLY N 264 12.02 -30.42 -82.35
N SER N 265 13.07 -31.16 -82.73
CA SER N 265 12.96 -32.58 -83.01
C SER N 265 13.40 -33.34 -81.77
N PRO N 266 12.48 -34.00 -81.06
CA PRO N 266 12.88 -34.70 -79.83
C PRO N 266 13.85 -35.84 -80.11
N VAL N 267 14.69 -36.11 -79.13
CA VAL N 267 15.59 -37.26 -79.15
C VAL N 267 15.23 -38.16 -77.98
N ASN N 268 15.79 -39.35 -77.97
CA ASN N 268 15.52 -40.30 -76.90
C ASN N 268 15.95 -39.73 -75.56
N ALA N 269 15.21 -40.08 -74.51
CA ALA N 269 15.55 -39.63 -73.17
C ALA N 269 16.89 -40.23 -72.74
N ALA N 270 17.60 -39.50 -71.88
CA ALA N 270 18.85 -39.99 -71.32
C ALA N 270 18.70 -40.51 -69.89
N ILE N 271 17.60 -40.19 -69.22
CA ILE N 271 17.29 -40.75 -67.91
C ILE N 271 15.94 -41.43 -67.97
N THR N 272 15.66 -42.25 -66.97
CA THR N 272 14.35 -42.87 -66.77
C THR N 272 13.73 -42.24 -65.54
N ALA N 273 12.57 -41.60 -65.70
CA ALA N 273 12.01 -40.80 -64.62
C ALA N 273 10.50 -40.85 -64.62
N ARG N 274 9.93 -40.71 -63.43
CA ARG N 274 8.51 -40.51 -63.22
C ARG N 274 8.26 -39.10 -62.71
N LYS N 275 6.98 -38.71 -62.71
CA LYS N 275 6.56 -37.44 -62.14
C LYS N 275 6.03 -37.65 -60.73
N LEU N 276 6.28 -36.66 -59.88
CA LEU N 276 5.61 -36.55 -58.59
C LEU N 276 4.55 -35.45 -58.71
N THR N 277 3.34 -35.75 -58.22
CA THR N 277 2.30 -34.75 -58.10
C THR N 277 1.68 -34.86 -56.72
N GLN N 278 1.22 -33.73 -56.21
CA GLN N 278 0.56 -33.67 -54.92
C GLN N 278 -0.95 -33.55 -55.11
N VAL N 279 -1.70 -34.34 -54.35
CA VAL N 279 -3.15 -34.21 -54.33
C VAL N 279 -3.59 -33.92 -52.90
N VAL N 280 -4.70 -33.23 -52.78
CA VAL N 280 -5.36 -33.03 -51.50
C VAL N 280 -6.79 -33.54 -51.63
N PHE N 281 -7.33 -34.05 -50.52
CA PHE N 281 -8.69 -34.59 -50.52
C PHE N 281 -9.25 -34.65 -49.11
N GLY N 282 -9.15 -33.54 -48.38
CA GLY N 282 -9.66 -33.47 -47.02
C GLY N 282 -10.72 -32.41 -46.83
N ALA N 283 -10.68 -31.72 -45.69
CA ALA N 283 -11.78 -30.85 -45.29
C ALA N 283 -11.96 -29.67 -46.23
N GLN N 284 -10.86 -29.18 -46.84
CA GLN N 284 -10.94 -28.05 -47.74
C GLN N 284 -11.22 -28.45 -49.19
N THR N 285 -11.27 -29.73 -49.49
CA THR N 285 -11.64 -30.15 -50.83
C THR N 285 -13.14 -30.36 -50.90
N PRO N 286 -13.82 -29.78 -51.89
CA PRO N 286 -15.27 -29.97 -52.01
C PRO N 286 -15.63 -31.45 -52.17
N LYS N 287 -16.61 -31.90 -51.40
CA LYS N 287 -17.04 -33.29 -51.44
C LYS N 287 -18.56 -33.36 -51.30
N ALA N 288 -19.14 -34.40 -51.90
CA ALA N 288 -20.56 -34.66 -51.72
C ALA N 288 -20.92 -34.76 -50.26
N THR N 289 -20.18 -35.57 -49.50
CA THR N 289 -20.30 -35.62 -48.04
C THR N 289 -18.94 -35.30 -47.44
N GLN N 290 -18.91 -34.29 -46.60
CA GLN N 290 -17.72 -33.99 -45.78
C GLN N 290 -17.80 -34.84 -44.52
N GLU N 291 -16.76 -35.63 -44.27
CA GLU N 291 -16.78 -36.56 -43.15
C GLU N 291 -16.74 -35.80 -41.83
N GLN N 292 -17.04 -36.53 -40.76
CA GLN N 292 -16.91 -35.98 -39.42
C GLN N 292 -15.50 -35.46 -39.19
N LEU N 293 -15.41 -34.17 -38.85
CA LEU N 293 -14.13 -33.49 -38.69
C LEU N 293 -13.75 -33.50 -37.21
N ASN N 294 -12.65 -34.17 -36.89
CA ASN N 294 -12.13 -34.25 -35.53
C ASN N 294 -10.86 -33.43 -35.44
N MET N 295 -10.86 -32.41 -34.59
CA MET N 295 -9.73 -31.51 -34.42
C MET N 295 -9.33 -31.47 -32.95
N PHE N 296 -8.03 -31.27 -32.72
CA PHE N 296 -7.48 -31.02 -31.40
C PHE N 296 -6.81 -29.66 -31.45
N VAL N 297 -7.51 -28.63 -31.01
CA VAL N 297 -7.06 -27.24 -31.17
C VAL N 297 -6.23 -26.86 -29.94
N PRO N 298 -4.94 -26.58 -30.09
CA PRO N 298 -4.12 -26.19 -28.94
C PRO N 298 -4.44 -24.77 -28.48
N LEU N 299 -4.53 -24.60 -27.16
CA LEU N 299 -4.78 -23.29 -26.58
C LEU N 299 -3.45 -22.58 -26.38
N LEU N 300 -3.28 -21.43 -27.03
CA LEU N 300 -1.98 -20.77 -27.14
C LEU N 300 -1.76 -19.78 -26.00
N PHE N 301 -1.72 -20.31 -24.77
CA PHE N 301 -1.37 -19.49 -23.62
C PHE N 301 0.09 -19.71 -23.25
N TRP N 302 0.62 -18.81 -22.43
CA TRP N 302 2.03 -18.86 -22.07
C TRP N 302 2.37 -20.11 -21.26
N PHE N 303 1.43 -20.60 -20.45
CA PHE N 303 1.70 -21.73 -19.55
C PHE N 303 1.70 -23.07 -20.27
N ARG N 304 1.82 -23.07 -21.60
CA ARG N 304 2.08 -24.31 -22.32
C ARG N 304 3.47 -24.83 -22.03
N ASP N 305 4.43 -23.93 -21.82
CA ASP N 305 5.78 -24.31 -21.42
C ASP N 305 5.73 -25.06 -20.09
N PRO N 306 6.32 -26.26 -20.01
CA PRO N 306 6.28 -27.00 -18.73
C PRO N 306 6.90 -26.23 -17.57
N ARG N 307 7.97 -25.46 -17.83
CA ARG N 307 8.58 -24.67 -16.76
C ARG N 307 7.60 -23.66 -16.17
N LEU N 308 6.67 -23.16 -16.99
CA LEU N 308 5.75 -22.11 -16.56
C LEU N 308 4.38 -22.67 -16.19
N ALA N 309 4.31 -23.95 -15.82
CA ALA N 309 3.05 -24.53 -15.36
C ALA N 309 2.57 -23.77 -14.12
N ILE N 310 1.24 -23.66 -14.01
CA ILE N 310 0.61 -22.80 -13.01
C ILE N 310 0.28 -23.64 -11.80
N ALA N 311 0.80 -23.23 -10.63
CA ALA N 311 0.49 -23.91 -9.39
C ALA N 311 -1.00 -23.88 -9.12
N SER N 312 -1.59 -25.06 -8.93
CA SER N 312 -3.03 -25.15 -8.74
C SER N 312 -3.48 -24.39 -7.50
N VAL N 313 -2.64 -24.31 -6.46
CA VAL N 313 -3.03 -23.63 -5.23
C VAL N 313 -3.02 -22.11 -5.36
N SER N 314 -2.54 -21.56 -6.47
CA SER N 314 -2.44 -20.11 -6.61
C SER N 314 -3.65 -19.52 -7.31
N ILE N 315 -4.09 -20.14 -8.41
CA ILE N 315 -5.42 -19.89 -8.96
C ILE N 315 -6.27 -21.06 -8.51
N PRO N 316 -7.11 -20.89 -7.47
CA PRO N 316 -7.78 -22.05 -6.86
C PRO N 316 -8.80 -22.67 -7.80
N TYR N 317 -9.47 -23.73 -7.36
CA TYR N 317 -10.51 -24.35 -8.14
C TYR N 317 -11.88 -23.81 -7.75
N GLY N 318 -12.73 -23.59 -8.76
CA GLY N 318 -14.04 -23.01 -8.57
C GLY N 318 -14.16 -21.61 -9.11
N GLN N 319 -13.05 -20.99 -9.50
CA GLN N 319 -13.07 -19.63 -10.03
C GLN N 319 -12.19 -19.48 -11.26
N ARG N 320 -11.70 -20.58 -11.83
CA ARG N 320 -10.82 -20.56 -12.98
C ARG N 320 -11.53 -21.23 -14.15
N PHE N 321 -11.53 -20.57 -15.30
CA PHE N 321 -12.28 -21.09 -16.44
C PHE N 321 -11.55 -20.80 -17.74
N ILE N 322 -11.68 -21.74 -18.67
CA ILE N 322 -11.37 -21.52 -20.07
C ILE N 322 -12.70 -21.30 -20.79
N THR N 323 -12.86 -20.12 -21.38
CA THR N 323 -14.10 -19.75 -22.05
C THR N 323 -13.82 -19.52 -23.53
N VAL N 324 -14.64 -20.13 -24.39
CA VAL N 324 -14.42 -20.12 -25.83
C VAL N 324 -15.72 -19.68 -26.50
N ASP N 325 -15.65 -18.62 -27.30
CA ASP N 325 -16.76 -18.20 -28.16
C ASP N 325 -16.61 -18.92 -29.50
N ILE N 326 -17.65 -19.64 -29.90
CA ILE N 326 -17.61 -20.43 -31.13
C ILE N 326 -18.14 -19.60 -32.28
N GLU N 327 -17.45 -19.67 -33.41
CA GLU N 327 -17.81 -18.96 -34.63
C GLU N 327 -19.15 -19.45 -35.17
N GLN N 328 -19.71 -18.69 -36.12
CA GLN N 328 -20.92 -19.10 -36.82
C GLN N 328 -20.57 -20.12 -37.90
N GLN N 329 -21.48 -21.09 -38.09
CA GLN N 329 -21.24 -22.16 -39.06
C GLN N 329 -20.97 -21.62 -40.46
N SER N 330 -21.62 -20.52 -40.84
CA SER N 330 -21.50 -20.01 -42.21
C SER N 330 -20.12 -19.42 -42.50
N ASN N 331 -19.32 -19.12 -41.48
CA ASN N 331 -17.92 -18.76 -41.66
C ASN N 331 -17.00 -19.96 -41.66
N ILE N 332 -17.52 -21.15 -41.39
CA ILE N 332 -16.72 -22.35 -41.25
C ILE N 332 -16.99 -23.35 -42.36
N LEU N 333 -18.25 -23.58 -42.68
CA LEU N 333 -18.67 -24.55 -43.69
C LEU N 333 -19.21 -23.82 -44.91
N PHE N 334 -18.87 -24.31 -46.10
CA PHE N 334 -19.18 -23.61 -47.33
C PHE N 334 -19.66 -24.58 -48.39
N THR N 335 -20.58 -24.10 -49.23
CA THR N 335 -20.92 -24.80 -50.45
C THR N 335 -19.84 -24.57 -51.50
N ALA N 336 -19.73 -25.52 -52.42
CA ALA N 336 -18.81 -25.41 -53.54
C ALA N 336 -19.44 -26.13 -54.72
N PRO N 337 -19.04 -25.81 -55.95
CA PRO N 337 -19.57 -26.51 -57.11
C PRO N 337 -19.27 -28.00 -57.04
N GLY N 338 -20.23 -28.82 -57.44
CA GLY N 338 -20.07 -30.26 -57.40
C GLY N 338 -19.92 -30.89 -58.77
N ASN N 339 -20.58 -32.01 -58.99
CA ASN N 339 -20.52 -32.72 -60.26
C ASN N 339 -21.40 -32.03 -61.31
N LEU N 340 -21.17 -30.74 -61.53
CA LEU N 340 -21.97 -29.96 -62.47
C LEU N 340 -21.07 -28.90 -63.10
N PHE N 341 -20.98 -28.90 -64.42
CA PHE N 341 -20.10 -28.00 -65.14
C PHE N 341 -20.85 -27.30 -66.27
N LEU N 342 -20.53 -26.04 -66.50
CA LEU N 342 -20.98 -25.33 -67.68
C LEU N 342 -19.99 -25.61 -68.80
N GLN N 343 -20.43 -26.31 -69.83
CA GLN N 343 -19.60 -26.55 -71.02
C GLN N 343 -19.84 -25.43 -72.01
N THR N 344 -18.77 -24.71 -72.36
CA THR N 344 -18.83 -23.61 -73.33
C THR N 344 -18.03 -24.02 -74.55
N THR N 345 -18.73 -24.23 -75.68
CA THR N 345 -18.13 -24.68 -76.92
C THR N 345 -18.30 -23.62 -78.00
N VAL N 346 -17.23 -23.34 -78.72
CA VAL N 346 -17.26 -22.50 -79.91
C VAL N 346 -16.77 -23.33 -81.09
N GLU N 347 -17.52 -23.32 -82.18
CA GLU N 347 -17.17 -24.04 -83.40
C GLU N 347 -17.15 -23.06 -84.57
N THR N 348 -16.07 -23.08 -85.34
CA THR N 348 -15.93 -22.24 -86.53
C THR N 348 -15.94 -23.12 -87.77
N LEU N 349 -16.83 -22.80 -88.71
CA LEU N 349 -16.99 -23.55 -89.94
C LEU N 349 -16.56 -22.66 -91.11
N LEU N 350 -15.41 -22.99 -91.69
CA LEU N 350 -14.90 -22.27 -92.85
C LEU N 350 -15.39 -22.97 -94.10
N THR N 351 -16.38 -22.38 -94.75
CA THR N 351 -16.86 -22.82 -96.05
C THR N 351 -16.46 -21.80 -97.11
N THR N 352 -16.20 -22.28 -98.32
CA THR N 352 -15.73 -21.42 -99.40
C THR N 352 -16.71 -21.24 -100.54
N GLY N 353 -17.73 -22.09 -100.65
CA GLY N 353 -18.68 -22.03 -101.73
C GLY N 353 -19.82 -21.08 -101.46
N ALA N 354 -20.98 -21.40 -102.03
CA ALA N 354 -22.16 -20.56 -101.86
C ALA N 354 -22.61 -20.57 -100.40
N GLY N 355 -23.10 -19.42 -99.95
CA GLY N 355 -23.55 -19.27 -98.58
C GLY N 355 -22.45 -19.19 -97.55
N LYS N 356 -21.22 -18.94 -97.99
CA LYS N 356 -20.08 -19.01 -97.08
C LYS N 356 -20.23 -18.02 -95.93
N GLY N 357 -19.89 -18.49 -94.73
CA GLY N 357 -20.05 -17.72 -93.52
C GLY N 357 -21.39 -17.87 -92.83
N THR N 358 -22.32 -18.60 -93.43
CA THR N 358 -23.65 -18.81 -92.87
C THR N 358 -23.85 -20.29 -92.57
N ALA N 359 -25.00 -20.59 -91.96
CA ALA N 359 -25.36 -21.98 -91.67
C ALA N 359 -25.58 -22.82 -92.91
N THR N 360 -25.68 -22.19 -94.09
CA THR N 360 -25.92 -22.91 -95.34
C THR N 360 -24.70 -22.93 -96.25
N GLY N 361 -23.51 -22.62 -95.72
CA GLY N 361 -22.30 -22.79 -96.50
C GLY N 361 -22.07 -24.24 -96.87
N VAL N 362 -21.40 -24.45 -98.00
CA VAL N 362 -21.39 -25.75 -98.68
C VAL N 362 -20.06 -26.48 -98.52
N LEU N 363 -18.98 -25.94 -99.08
CA LEU N 363 -17.71 -26.66 -99.11
C LEU N 363 -16.91 -26.31 -97.86
N LEU N 364 -17.08 -27.12 -96.82
CA LEU N 364 -16.39 -26.90 -95.55
C LEU N 364 -14.92 -27.31 -95.68
N THR N 365 -14.02 -26.34 -95.52
CA THR N 365 -12.59 -26.57 -95.68
C THR N 365 -11.87 -26.80 -94.35
N GLN N 366 -12.18 -25.99 -93.33
CA GLN N 366 -11.53 -26.08 -92.04
C GLN N 366 -12.57 -26.07 -90.93
N TYR N 367 -12.38 -26.94 -89.94
CA TYR N 367 -13.27 -27.01 -88.79
C TYR N 367 -12.45 -26.89 -87.52
N ASN N 368 -12.87 -26.00 -86.62
CA ASN N 368 -12.21 -25.80 -85.34
C ASN N 368 -13.25 -25.84 -84.22
N ARG N 369 -12.91 -26.54 -83.15
CA ARG N 369 -13.76 -26.57 -81.97
C ARG N 369 -12.95 -26.17 -80.74
N TYR N 370 -13.52 -25.28 -79.93
CA TYR N 370 -12.92 -24.85 -78.67
C TYR N 370 -13.93 -25.12 -77.56
N THR N 371 -13.48 -25.75 -76.48
CA THR N 371 -14.38 -26.14 -75.40
C THR N 371 -13.70 -25.92 -74.06
N THR N 372 -14.42 -25.30 -73.14
CA THR N 372 -14.01 -25.14 -71.75
C THR N 372 -15.06 -25.75 -70.83
N TYR N 373 -14.74 -25.84 -69.55
CA TYR N 373 -15.68 -26.32 -68.55
C TYR N 373 -15.55 -25.46 -67.30
N THR N 374 -16.68 -24.98 -66.78
CA THR N 374 -16.70 -24.17 -65.58
C THR N 374 -17.54 -24.87 -64.52
N PRO N 375 -16.94 -25.29 -63.40
CA PRO N 375 -17.73 -25.88 -62.32
C PRO N 375 -18.79 -24.92 -61.82
N THR N 376 -20.02 -25.41 -61.70
CA THR N 376 -21.19 -24.58 -61.52
C THR N 376 -21.90 -24.92 -60.22
N LEU N 377 -22.26 -23.89 -59.46
CA LEU N 377 -23.09 -24.07 -58.27
C LEU N 377 -24.50 -24.49 -58.68
N ALA N 378 -25.09 -25.39 -57.90
CA ALA N 378 -26.48 -25.76 -58.10
C ALA N 378 -27.39 -24.75 -57.43
N SER N 379 -28.52 -24.48 -58.06
CA SER N 379 -29.46 -23.50 -57.51
C SER N 379 -30.19 -24.08 -56.31
N GLY N 380 -30.31 -23.27 -55.26
CA GLY N 380 -31.06 -23.68 -54.08
C GLY N 380 -30.47 -24.85 -53.33
N SER N 381 -29.15 -24.98 -53.31
CA SER N 381 -28.46 -26.03 -52.57
C SER N 381 -27.51 -25.36 -51.58
N SER N 382 -27.80 -25.52 -50.29
CA SER N 382 -27.13 -24.80 -49.22
C SER N 382 -26.68 -25.76 -48.13
N ILE N 383 -25.95 -25.23 -47.15
CA ILE N 383 -25.36 -26.06 -46.10
C ILE N 383 -26.44 -26.46 -45.09
N ASP N 384 -26.20 -27.59 -44.43
CA ASP N 384 -27.11 -28.15 -43.44
C ASP N 384 -26.94 -27.39 -42.13
N GLY N 385 -27.90 -26.50 -41.84
CA GLY N 385 -27.86 -25.74 -40.60
C GLY N 385 -28.06 -26.56 -39.35
N THR N 386 -28.44 -27.83 -39.49
CA THR N 386 -28.62 -28.72 -38.34
C THR N 386 -27.35 -29.45 -37.96
N GLN N 387 -26.22 -29.19 -38.63
CA GLN N 387 -24.98 -29.86 -38.29
C GLN N 387 -24.65 -29.63 -36.82
N ALA N 388 -24.48 -30.71 -36.08
CA ALA N 388 -24.23 -30.62 -34.65
C ALA N 388 -22.74 -30.61 -34.36
N VAL N 389 -22.37 -29.91 -33.29
CA VAL N 389 -21.10 -30.13 -32.62
C VAL N 389 -21.28 -31.37 -31.75
N GLN N 390 -20.83 -32.52 -32.26
CA GLN N 390 -21.16 -33.79 -31.62
C GLN N 390 -20.40 -34.03 -30.33
N ASN N 391 -19.33 -33.28 -30.09
CA ASN N 391 -18.53 -33.44 -28.89
C ASN N 391 -17.53 -32.30 -28.83
N ILE N 392 -17.29 -31.80 -27.62
CA ILE N 392 -16.17 -30.89 -27.38
C ILE N 392 -15.65 -31.16 -25.98
N GLU N 393 -14.33 -31.33 -25.86
CA GLU N 393 -13.71 -31.68 -24.60
C GLU N 393 -12.37 -30.97 -24.49
N LEU N 394 -12.13 -30.35 -23.34
CA LEU N 394 -10.87 -29.67 -23.07
C LEU N 394 -9.91 -30.62 -22.37
N TYR N 395 -8.71 -30.75 -22.94
CA TYR N 395 -7.65 -31.57 -22.36
C TYR N 395 -6.68 -30.67 -21.60
N ILE N 396 -6.28 -31.12 -20.42
CA ILE N 396 -5.40 -30.35 -19.54
C ILE N 396 -4.31 -31.27 -19.02
N ASN N 397 -3.05 -30.93 -19.28
CA ASN N 397 -1.95 -31.67 -18.69
C ASN N 397 -1.79 -31.24 -17.24
N ASN N 398 -1.70 -32.22 -16.35
CA ASN N 398 -1.54 -32.00 -14.92
C ASN N 398 -0.19 -32.55 -14.48
N ILE N 399 0.53 -31.78 -13.66
CA ILE N 399 1.86 -32.16 -13.20
C ILE N 399 1.80 -32.41 -11.69
N PHE N 400 2.37 -33.54 -11.27
CA PHE N 400 2.41 -33.95 -9.88
C PHE N 400 3.85 -33.91 -9.40
N VAL N 401 4.08 -33.26 -8.25
CA VAL N 401 5.42 -33.14 -7.67
C VAL N 401 5.37 -33.63 -6.23
N THR N 402 6.56 -33.87 -5.67
CA THR N 402 6.65 -34.34 -4.29
C THR N 402 6.12 -33.27 -3.34
N PRO N 403 5.50 -33.69 -2.23
CA PRO N 403 4.95 -32.70 -1.29
C PRO N 403 5.99 -31.77 -0.70
N GLU N 404 7.21 -32.24 -0.48
CA GLU N 404 8.24 -31.40 0.13
C GLU N 404 8.67 -30.30 -0.82
N ILE N 405 8.92 -30.64 -2.08
CA ILE N 405 9.32 -29.63 -3.06
C ILE N 405 8.18 -28.66 -3.33
N HIS N 406 6.93 -29.13 -3.28
CA HIS N 406 5.80 -28.25 -3.53
C HIS N 406 5.73 -27.13 -2.50
N ASP N 407 5.74 -27.48 -1.21
CA ASP N 407 5.67 -26.46 -0.17
C ASP N 407 6.85 -25.49 -0.23
N ILE N 408 8.01 -25.96 -0.70
CA ILE N 408 9.15 -25.06 -0.83
C ILE N 408 8.95 -24.14 -2.03
N TYR N 409 8.49 -24.69 -3.16
CA TYR N 409 8.42 -23.90 -4.38
C TYR N 409 7.37 -22.79 -4.27
N ILE N 410 6.19 -23.10 -3.72
CA ILE N 410 5.17 -22.07 -3.55
C ILE N 410 5.63 -21.02 -2.56
N LYS N 411 6.42 -21.40 -1.55
CA LYS N 411 6.84 -20.46 -0.53
C LYS N 411 7.98 -19.54 -0.97
N ARG N 412 8.72 -19.89 -2.02
CA ARG N 412 9.91 -19.14 -2.39
C ARG N 412 9.89 -18.55 -3.79
N ILE N 413 9.09 -19.09 -4.71
CA ILE N 413 9.18 -18.63 -6.10
C ILE N 413 8.71 -17.18 -6.23
N GLY N 414 7.83 -16.72 -5.33
CA GLY N 414 7.36 -15.36 -5.37
C GLY N 414 6.36 -15.10 -6.48
N PHE N 415 6.85 -15.01 -7.72
CA PHE N 415 6.01 -14.66 -8.86
C PHE N 415 6.47 -15.42 -10.09
N THR N 416 5.74 -15.23 -11.19
CA THR N 416 6.08 -15.82 -12.47
C THR N 416 5.82 -14.81 -13.57
N LEU N 417 6.73 -14.76 -14.55
CA LEU N 417 6.51 -13.96 -15.74
C LEU N 417 5.46 -14.61 -16.62
N ILE N 418 4.62 -13.78 -17.25
CA ILE N 418 3.64 -14.27 -18.20
C ILE N 418 3.69 -13.38 -19.44
N ARG N 419 3.14 -13.92 -20.53
CA ARG N 419 2.96 -13.19 -21.77
C ARG N 419 1.47 -13.21 -22.11
N VAL N 420 0.92 -12.05 -22.42
CA VAL N 420 -0.49 -11.91 -22.75
C VAL N 420 -0.61 -11.31 -24.14
N TYR N 421 -1.73 -11.61 -24.80
CA TYR N 421 -2.05 -11.01 -26.08
C TYR N 421 -2.80 -9.70 -25.87
N ARG N 422 -2.38 -8.67 -26.60
CA ARG N 422 -3.08 -7.38 -26.60
C ARG N 422 -3.36 -7.02 -28.05
N GLU N 423 -4.65 -6.92 -28.39
CA GLU N 423 -5.08 -6.86 -29.78
C GLU N 423 -5.89 -5.59 -30.03
N GLN N 424 -5.68 -5.01 -31.21
CA GLN N 424 -6.45 -3.88 -31.70
C GLN N 424 -6.63 -4.01 -33.20
N VAL N 425 -7.87 -3.91 -33.66
CA VAL N 425 -8.20 -3.92 -35.09
C VAL N 425 -8.83 -2.57 -35.42
N GLN N 426 -8.18 -1.83 -36.32
CA GLN N 426 -8.67 -0.53 -36.76
C GLN N 426 -8.98 -0.60 -38.25
N ARG N 427 -10.21 -0.31 -38.61
CA ARG N 427 -10.57 -0.29 -40.03
C ARG N 427 -10.14 1.03 -40.65
N GLU N 428 -9.53 0.94 -41.84
CA GLU N 428 -8.95 2.07 -42.54
C GLU N 428 -9.53 2.19 -43.93
N VAL N 429 -9.59 3.43 -44.42
CA VAL N 429 -9.82 3.68 -45.84
C VAL N 429 -8.78 4.68 -46.31
N ASN N 430 -7.81 4.97 -45.46
CA ASN N 430 -6.72 5.88 -45.80
C ASN N 430 -5.54 5.12 -46.39
N ALA N 431 -4.85 5.78 -47.32
CA ALA N 431 -3.61 5.24 -47.85
C ALA N 431 -2.44 5.46 -46.89
N ALA N 432 -2.59 6.35 -45.91
CA ALA N 432 -1.53 6.65 -44.95
C ALA N 432 -2.17 7.11 -43.65
N ASP N 433 -1.72 6.56 -42.53
CA ASP N 433 -2.29 6.94 -41.24
C ASP N 433 -1.31 6.60 -40.13
N GLN N 434 -1.50 7.28 -39.00
CA GLN N 434 -0.73 7.05 -37.77
C GLN N 434 -1.75 6.53 -36.75
N VAL N 435 -1.72 5.23 -36.50
CA VAL N 435 -2.77 4.58 -35.72
C VAL N 435 -2.28 4.41 -34.29
N LEU N 436 -2.93 5.12 -33.37
CA LEU N 436 -2.59 5.01 -31.96
C LEU N 436 -2.93 3.61 -31.45
N GLN N 437 -2.04 3.07 -30.64
CA GLN N 437 -2.19 1.70 -30.11
C GLN N 437 -2.65 1.79 -28.66
N SER N 438 -3.96 1.95 -28.51
CA SER N 438 -4.55 2.15 -27.18
C SER N 438 -4.80 0.84 -26.44
N GLN N 439 -4.43 -0.30 -27.01
CA GLN N 439 -4.55 -1.57 -26.30
C GLN N 439 -3.31 -1.91 -25.51
N LEU N 440 -2.24 -1.13 -25.64
CA LEU N 440 -0.96 -1.45 -25.02
C LEU N 440 -0.85 -0.72 -23.68
N LYS N 441 -0.68 -1.50 -22.61
CA LYS N 441 -0.53 -0.94 -21.27
C LYS N 441 0.63 -1.55 -20.51
N TRP N 442 1.26 -2.60 -21.01
CA TRP N 442 2.36 -3.27 -20.34
C TRP N 442 3.56 -3.31 -21.27
N PRO N 443 4.76 -3.65 -20.78
CA PRO N 443 5.91 -3.75 -21.69
C PRO N 443 5.63 -4.70 -22.85
N VAL N 444 6.05 -4.28 -24.04
CA VAL N 444 5.78 -5.00 -25.29
C VAL N 444 7.07 -5.62 -25.79
N GLU N 445 7.03 -6.94 -26.03
CA GLU N 445 8.19 -7.63 -26.59
C GLU N 445 8.25 -7.48 -28.10
N PHE N 446 7.13 -7.72 -28.78
CA PHE N 446 7.04 -7.62 -30.23
C PHE N 446 5.57 -7.59 -30.60
N ILE N 447 5.29 -7.20 -31.85
CA ILE N 447 3.94 -7.01 -32.33
C ILE N 447 3.80 -7.68 -33.68
N TYR N 448 2.76 -8.51 -33.83
CA TYR N 448 2.32 -8.96 -35.14
C TYR N 448 1.46 -7.87 -35.79
N LEU N 449 1.72 -7.60 -37.08
CA LEU N 449 1.09 -6.49 -37.76
C LEU N 449 0.65 -6.91 -39.15
N GLY N 450 -0.59 -6.58 -39.52
CA GLY N 450 -1.08 -6.83 -40.86
C GLY N 450 -2.15 -5.82 -41.23
N LEU N 451 -2.38 -5.68 -42.53
CA LEU N 451 -3.41 -4.81 -43.08
C LEU N 451 -4.30 -5.65 -43.99
N ARG N 452 -5.31 -6.29 -43.40
CA ARG N 452 -6.12 -7.27 -44.11
C ARG N 452 -7.30 -6.61 -44.79
N PRO N 453 -7.47 -6.76 -46.10
CA PRO N 453 -8.62 -6.15 -46.79
C PRO N 453 -9.93 -6.74 -46.29
N ALA N 454 -10.90 -5.85 -46.00
CA ALA N 454 -12.16 -6.28 -45.42
C ALA N 454 -12.90 -7.27 -46.30
N ASN N 455 -12.62 -7.28 -47.61
CA ASN N 455 -13.25 -8.25 -48.49
C ASN N 455 -12.83 -9.68 -48.20
N ASN N 456 -11.70 -9.88 -47.51
CA ASN N 456 -11.24 -11.23 -47.22
C ASN N 456 -12.17 -11.98 -46.27
N ILE N 457 -12.91 -11.26 -45.43
CA ILE N 457 -13.82 -11.89 -44.50
C ILE N 457 -15.29 -11.58 -44.85
N ALA N 458 -15.54 -11.13 -46.07
CA ALA N 458 -16.90 -10.75 -46.46
C ALA N 458 -17.64 -11.95 -47.03
N ALA N 459 -18.93 -12.05 -46.69
CA ALA N 459 -19.74 -13.16 -47.17
C ALA N 459 -19.85 -13.17 -48.69
N GLY N 460 -19.83 -12.01 -49.32
CA GLY N 460 -19.91 -11.94 -50.77
C GLY N 460 -18.68 -12.42 -51.51
N ASN N 461 -17.57 -12.61 -50.80
CA ASN N 461 -16.34 -13.12 -51.40
C ASN N 461 -16.45 -14.64 -51.47
N THR N 462 -16.70 -15.16 -52.68
CA THR N 462 -16.80 -16.60 -52.85
C THR N 462 -15.49 -17.32 -52.60
N TYR N 463 -14.42 -16.60 -52.25
CA TYR N 463 -13.16 -17.19 -51.83
C TYR N 463 -12.86 -16.90 -50.35
N GLN N 464 -13.87 -16.48 -49.59
CA GLN N 464 -13.64 -16.19 -48.17
C GLN N 464 -13.06 -17.39 -47.44
N TRP N 465 -13.52 -18.59 -47.79
CA TRP N 465 -13.04 -19.81 -47.15
C TRP N 465 -11.52 -19.92 -47.20
N ARG N 466 -10.89 -19.28 -48.19
CA ARG N 466 -9.44 -19.26 -48.33
C ARG N 466 -8.81 -17.93 -47.96
N ASP N 467 -9.42 -16.81 -48.37
CA ASP N 467 -8.86 -15.49 -48.16
C ASP N 467 -8.88 -15.02 -46.71
N TRP N 468 -9.65 -15.69 -45.84
CA TRP N 468 -9.98 -15.10 -44.54
C TRP N 468 -8.75 -14.91 -43.66
N HIS N 469 -7.75 -15.77 -43.77
CA HIS N 469 -6.54 -15.65 -42.96
C HIS N 469 -5.41 -14.92 -43.66
N HIS N 470 -5.58 -14.60 -44.94
CA HIS N 470 -4.54 -13.88 -45.67
C HIS N 470 -4.53 -12.42 -45.26
N LEU N 471 -3.33 -11.84 -45.21
CA LEU N 471 -3.14 -10.44 -44.83
C LEU N 471 -2.87 -9.55 -46.03
N THR N 472 -3.08 -10.04 -47.24
CA THR N 472 -3.00 -9.26 -48.47
C THR N 472 -4.32 -9.34 -49.22
N SER N 473 -4.41 -8.61 -50.33
CA SER N 473 -5.51 -8.77 -51.26
C SER N 473 -5.17 -9.88 -52.23
N VAL N 474 -6.10 -10.80 -52.43
CA VAL N 474 -5.86 -12.02 -53.21
C VAL N 474 -6.78 -12.00 -54.42
N THR N 475 -6.20 -11.95 -55.60
CA THR N 475 -6.93 -12.20 -56.84
C THR N 475 -6.60 -13.59 -57.36
N ASN N 476 -7.47 -14.10 -58.22
CA ASN N 476 -7.37 -15.45 -58.74
C ASN N 476 -6.98 -15.39 -60.21
N GLU N 477 -5.82 -15.96 -60.53
CA GLU N 477 -5.37 -16.04 -61.92
C GLU N 477 -5.49 -17.46 -62.42
N PRO N 478 -6.18 -17.68 -63.54
CA PRO N 478 -6.29 -19.04 -64.08
C PRO N 478 -5.03 -19.48 -64.80
N VAL N 479 -4.69 -20.75 -64.63
CA VAL N 479 -3.71 -21.45 -65.45
C VAL N 479 -4.40 -22.63 -66.10
N TYR N 480 -4.34 -22.70 -67.42
CA TYR N 480 -5.10 -23.68 -68.19
C TYR N 480 -4.20 -24.80 -68.69
N ASP N 481 -4.70 -26.02 -68.62
CA ASP N 481 -4.12 -27.17 -69.31
C ASP N 481 -5.04 -27.51 -70.49
N VAL N 482 -4.49 -27.44 -71.70
CA VAL N 482 -5.28 -27.48 -72.92
C VAL N 482 -4.81 -28.64 -73.78
N SER N 483 -5.76 -29.46 -74.22
CA SER N 483 -5.49 -30.57 -75.15
C SER N 483 -5.71 -30.08 -76.57
N GLN N 484 -4.64 -29.99 -77.35
CA GLN N 484 -4.72 -29.62 -78.76
C GLN N 484 -4.71 -30.87 -79.61
N SER N 485 -5.61 -30.93 -80.58
CA SER N 485 -5.71 -32.06 -81.50
C SER N 485 -5.85 -31.57 -82.92
N TYR N 486 -5.31 -32.34 -83.86
CA TYR N 486 -5.45 -32.07 -85.28
C TYR N 486 -5.90 -33.33 -85.99
N ALA N 487 -6.73 -33.15 -87.01
CA ALA N 487 -7.20 -34.26 -87.83
C ALA N 487 -7.30 -33.79 -89.28
N ARG N 488 -6.93 -34.66 -90.21
CA ARG N 488 -7.06 -34.38 -91.64
C ARG N 488 -7.51 -35.64 -92.35
N VAL N 489 -8.57 -35.51 -93.14
CA VAL N 489 -9.20 -36.64 -93.82
C VAL N 489 -9.44 -36.26 -95.27
N SER N 490 -9.16 -37.18 -96.18
CA SER N 490 -9.44 -37.01 -97.60
C SER N 490 -10.78 -37.65 -97.93
N ILE N 491 -11.72 -36.86 -98.44
CA ILE N 491 -13.07 -37.33 -98.72
C ILE N 491 -13.25 -37.73 -100.18
N ASP N 492 -12.15 -37.90 -100.92
CA ASP N 492 -12.24 -38.25 -102.35
C ASP N 492 -11.02 -39.11 -102.68
N ASP N 493 -11.27 -40.40 -102.93
CA ASP N 493 -10.20 -41.33 -103.20
C ASP N 493 -9.62 -41.23 -104.61
N THR N 494 -10.14 -40.32 -105.44
CA THR N 494 -9.66 -40.18 -106.81
C THR N 494 -8.66 -39.04 -106.99
N VAL N 495 -8.62 -38.07 -106.08
CA VAL N 495 -7.78 -36.89 -106.24
C VAL N 495 -6.76 -36.84 -105.13
N ALA N 496 -5.51 -36.51 -105.48
CA ALA N 496 -4.44 -36.45 -104.50
C ALA N 496 -4.73 -35.37 -103.45
N PRO N 497 -4.57 -35.67 -102.17
CA PRO N 497 -4.98 -34.70 -101.14
C PRO N 497 -4.12 -33.44 -101.10
N VAL N 498 -2.81 -33.57 -101.29
CA VAL N 498 -1.88 -32.44 -101.14
C VAL N 498 -2.25 -31.34 -102.11
N GLY N 499 -2.72 -30.21 -101.56
CA GLY N 499 -3.12 -29.08 -102.37
C GLY N 499 -4.56 -29.11 -102.84
N SER N 500 -5.42 -29.90 -102.21
CA SER N 500 -6.79 -30.06 -102.64
C SER N 500 -7.74 -29.82 -101.47
N THR N 501 -8.86 -29.12 -101.75
CA THR N 501 -9.87 -28.92 -100.72
C THR N 501 -10.68 -30.18 -100.43
N THR N 502 -10.41 -31.28 -101.14
CA THR N 502 -10.88 -32.58 -100.69
C THR N 502 -10.19 -33.01 -99.41
N PHE N 503 -9.07 -32.38 -99.08
CA PHE N 503 -8.23 -32.75 -97.93
C PHE N 503 -8.66 -31.92 -96.74
N LYS N 504 -9.58 -32.46 -95.95
CA LYS N 504 -10.19 -31.68 -94.88
C LYS N 504 -9.20 -31.41 -93.75
N GLN N 505 -9.43 -30.28 -93.06
CA GLN N 505 -8.72 -29.94 -91.84
C GLN N 505 -9.72 -29.89 -90.69
N SER N 506 -9.38 -30.53 -89.58
CA SER N 506 -10.15 -30.43 -88.35
C SER N 506 -9.19 -30.25 -87.20
N ALA N 507 -9.62 -29.51 -86.19
CA ALA N 507 -8.80 -29.25 -85.03
C ALA N 507 -9.70 -28.92 -83.84
N SER N 508 -9.21 -29.21 -82.64
CA SER N 508 -9.98 -28.93 -81.43
C SER N 508 -9.05 -28.53 -80.30
N GLN N 509 -9.56 -27.65 -79.44
CA GLN N 509 -8.92 -27.28 -78.19
C GLN N 509 -9.90 -27.54 -77.06
N VAL N 510 -9.56 -28.45 -76.16
CA VAL N 510 -10.42 -28.84 -75.05
C VAL N 510 -9.68 -28.59 -73.75
N MET N 511 -10.32 -27.90 -72.81
CA MET N 511 -9.72 -27.67 -71.51
C MET N 511 -9.63 -28.98 -70.74
N GLN N 512 -8.40 -29.37 -70.40
CA GLN N 512 -8.19 -30.62 -69.66
C GLN N 512 -8.30 -30.41 -68.16
N ASN N 513 -7.79 -29.29 -67.65
CA ASN N 513 -7.94 -28.93 -66.24
C ASN N 513 -7.66 -27.45 -66.11
N GLN N 514 -8.07 -26.89 -64.97
CA GLN N 514 -7.83 -25.49 -64.67
C GLN N 514 -7.24 -25.35 -63.28
N TYR N 515 -6.23 -24.49 -63.16
CA TYR N 515 -5.64 -24.13 -61.89
C TYR N 515 -5.98 -22.70 -61.53
N ILE N 516 -6.02 -22.41 -60.23
CA ILE N 516 -6.27 -21.07 -59.72
C ILE N 516 -5.04 -20.66 -58.92
N VAL N 517 -4.32 -19.66 -59.41
CA VAL N 517 -3.16 -19.13 -58.71
C VAL N 517 -3.63 -17.99 -57.81
N PRO N 518 -3.51 -18.11 -56.49
CA PRO N 518 -3.78 -16.97 -55.62
C PRO N 518 -2.66 -15.95 -55.70
N VAL N 519 -2.92 -14.80 -56.31
CA VAL N 519 -1.93 -13.74 -56.45
C VAL N 519 -2.15 -12.75 -55.31
N GLU N 520 -1.09 -12.51 -54.53
CA GLU N 520 -1.15 -11.63 -53.38
C GLU N 520 -0.67 -10.24 -53.77
N THR N 521 -1.53 -9.25 -53.58
CA THR N 521 -1.15 -7.84 -53.72
C THR N 521 -0.98 -7.25 -52.33
N GLU N 522 0.23 -6.81 -52.02
CA GLU N 522 0.53 -6.30 -50.69
C GLU N 522 -0.22 -5.01 -50.42
N THR N 523 -0.68 -4.86 -49.18
CA THR N 523 -1.42 -3.69 -48.75
C THR N 523 -0.58 -2.72 -47.92
N LEU N 524 0.55 -3.17 -47.39
CA LEU N 524 1.45 -2.31 -46.63
C LEU N 524 2.71 -2.06 -47.44
N ASP N 525 3.04 -0.78 -47.63
CA ASP N 525 4.27 -0.40 -48.32
C ASP N 525 5.40 -0.06 -47.36
N THR N 526 5.17 0.87 -46.44
CA THR N 526 6.13 1.20 -45.40
C THR N 526 5.44 1.19 -44.05
N VAL N 527 6.24 1.02 -43.00
CA VAL N 527 5.76 1.06 -41.63
C VAL N 527 6.76 1.86 -40.80
N ARG N 528 6.24 2.72 -39.93
CA ARG N 528 7.05 3.47 -38.98
C ARG N 528 6.47 3.29 -37.59
N VAL N 529 7.35 3.14 -36.60
CA VAL N 529 6.94 2.96 -35.21
C VAL N 529 7.50 4.11 -34.39
N LYS N 530 6.62 4.80 -33.67
CA LYS N 530 6.94 6.06 -32.99
C LYS N 530 6.23 6.06 -31.65
N ALA N 531 6.99 6.16 -30.56
CA ALA N 531 6.46 5.95 -29.22
C ALA N 531 6.97 7.04 -28.29
N HIS N 532 6.06 7.77 -27.66
CA HIS N 532 6.41 8.88 -26.78
C HIS N 532 7.29 9.89 -27.50
N GLY N 533 6.99 10.11 -28.78
CA GLY N 533 7.80 11.00 -29.61
C GLY N 533 9.16 10.45 -29.98
N ILE N 534 9.37 9.15 -29.82
CA ILE N 534 10.66 8.52 -30.09
C ILE N 534 10.46 7.53 -31.23
N GLU N 535 11.31 7.64 -32.25
CA GLU N 535 11.25 6.76 -33.41
C GLU N 535 11.85 5.42 -33.02
N LEU N 536 11.00 4.42 -32.79
CA LEU N 536 11.50 3.08 -32.52
C LEU N 536 11.90 2.36 -33.80
N TYR N 537 11.11 2.52 -34.86
CA TYR N 537 11.44 2.04 -36.18
C TYR N 537 11.23 3.17 -37.16
N ALA N 538 12.27 3.53 -37.91
CA ALA N 538 12.12 4.50 -38.96
C ALA N 538 11.15 3.97 -40.03
N GLN N 539 10.76 4.86 -40.94
CA GLN N 539 9.88 4.45 -42.03
C GLN N 539 10.64 3.49 -42.94
N TYR N 540 10.29 2.21 -42.88
CA TYR N 540 10.97 1.16 -43.63
C TYR N 540 9.97 0.41 -44.50
N ARG N 541 10.45 -0.05 -45.66
CA ARG N 541 9.62 -0.88 -46.53
C ARG N 541 9.18 -2.15 -45.79
N ALA N 542 7.97 -2.61 -46.11
CA ALA N 542 7.37 -3.71 -45.37
C ALA N 542 8.21 -4.99 -45.43
N GLN N 543 8.96 -5.18 -46.51
CA GLN N 543 9.77 -6.40 -46.63
C GLN N 543 10.85 -6.47 -45.55
N PHE N 544 11.21 -5.33 -44.94
CA PHE N 544 12.14 -5.35 -43.83
C PHE N 544 11.54 -6.04 -42.62
N TYR N 545 10.24 -5.85 -42.39
CA TYR N 545 9.58 -6.45 -41.24
C TYR N 545 9.07 -7.86 -41.52
N ARG N 546 8.79 -8.17 -42.78
CA ARG N 546 8.24 -9.49 -43.12
C ARG N 546 9.34 -10.52 -43.30
N ASP N 547 10.42 -10.16 -44.00
CA ASP N 547 11.46 -11.09 -44.38
C ASP N 547 12.70 -10.99 -43.50
N TYR N 548 13.21 -9.78 -43.28
CA TYR N 548 14.53 -9.67 -42.66
C TYR N 548 14.48 -9.92 -41.15
N ILE N 549 13.59 -9.22 -40.45
CA ILE N 549 13.47 -9.44 -39.00
C ILE N 549 13.15 -10.89 -38.68
N PRO N 550 12.22 -11.56 -39.35
CA PRO N 550 12.03 -12.99 -39.08
C PRO N 550 13.14 -13.88 -39.60
N TRP N 551 13.96 -13.44 -40.55
CA TRP N 551 15.11 -14.27 -40.94
C TRP N 551 16.22 -14.21 -39.90
N ASN N 552 16.42 -13.04 -39.30
CA ASN N 552 17.57 -12.79 -38.44
C ASN N 552 17.33 -13.14 -36.98
N TYR N 553 16.09 -13.06 -36.52
CA TYR N 553 15.76 -13.23 -35.11
C TYR N 553 15.00 -14.53 -34.88
N GLY N 554 15.07 -15.00 -33.63
CA GLY N 554 14.16 -16.02 -33.14
C GLY N 554 14.59 -17.46 -33.36
N SER N 555 15.50 -17.70 -34.30
CA SER N 555 15.99 -19.06 -34.60
C SER N 555 14.77 -19.92 -34.97
N PHE N 556 14.68 -21.15 -34.48
CA PHE N 556 13.57 -22.04 -34.78
C PHE N 556 12.27 -21.63 -34.10
N ASN N 557 12.27 -20.54 -33.34
CA ASN N 557 11.03 -20.04 -32.73
C ASN N 557 10.30 -19.05 -33.62
N LEU N 558 10.98 -18.48 -34.62
CA LEU N 558 10.38 -17.52 -35.54
C LEU N 558 10.51 -18.06 -36.96
N VAL N 559 9.37 -18.31 -37.59
CA VAL N 559 9.33 -18.75 -38.98
C VAL N 559 9.21 -17.53 -39.87
N THR N 560 10.01 -17.48 -40.94
CA THR N 560 9.82 -16.45 -41.95
C THR N 560 8.49 -16.69 -42.65
N PRO N 561 7.55 -15.75 -42.61
CA PRO N 561 6.17 -16.07 -42.99
C PRO N 561 6.01 -16.20 -44.50
N GLN N 562 5.19 -17.18 -44.89
CA GLN N 562 4.81 -17.33 -46.30
C GLN N 562 3.90 -16.19 -46.74
N ASP N 563 2.92 -15.84 -45.90
CA ASP N 563 1.98 -14.75 -46.18
C ASP N 563 2.75 -13.46 -46.42
N LYS N 564 2.57 -12.89 -47.62
CA LYS N 564 3.26 -11.67 -48.00
C LYS N 564 2.82 -10.45 -47.21
N GLY N 565 1.84 -10.57 -46.31
CA GLY N 565 1.36 -9.41 -45.58
C GLY N 565 1.55 -9.53 -44.08
N ALA N 566 2.35 -10.50 -43.65
CA ALA N 566 2.63 -10.71 -42.24
C ALA N 566 3.91 -9.97 -41.88
N LEU N 567 3.82 -9.08 -40.89
CA LEU N 567 4.94 -8.23 -40.49
C LEU N 567 5.24 -8.43 -39.01
N PHE N 568 6.53 -8.38 -38.66
CA PHE N 568 7.00 -8.67 -37.31
C PHE N 568 7.81 -7.48 -36.80
N LEU N 569 7.20 -6.66 -35.95
CA LEU N 569 7.89 -5.54 -35.31
C LEU N 569 8.49 -6.05 -34.00
N ASN N 570 9.82 -6.04 -33.91
CA ASN N 570 10.54 -6.73 -32.85
C ASN N 570 11.18 -5.74 -31.89
N PHE N 571 11.16 -6.07 -30.60
CA PHE N 571 11.79 -5.23 -29.58
C PHE N 571 12.63 -6.04 -28.60
N CYS N 572 12.81 -7.34 -28.83
CA CYS N 572 13.66 -8.17 -28.00
C CYS N 572 14.68 -8.87 -28.88
N LEU N 573 15.74 -9.36 -28.25
CA LEU N 573 16.81 -10.03 -29.01
C LEU N 573 16.50 -11.49 -29.28
N TYR N 574 15.67 -12.14 -28.46
CA TYR N 574 15.41 -13.58 -28.57
C TYR N 574 13.92 -13.84 -28.45
N PRO N 575 13.13 -13.40 -29.43
CA PRO N 575 11.68 -13.62 -29.37
C PRO N 575 11.35 -15.11 -29.32
N GLY N 576 10.47 -15.48 -28.40
CA GLY N 576 10.08 -16.85 -28.20
C GLY N 576 10.70 -17.53 -27.01
N THR N 577 11.66 -16.89 -26.34
CA THR N 577 12.28 -17.46 -25.15
C THR N 577 11.71 -16.81 -23.89
N TYR N 578 11.80 -17.56 -22.78
CA TYR N 578 11.22 -17.08 -21.53
C TYR N 578 12.05 -15.97 -20.91
N GLN N 579 13.38 -16.12 -20.93
CA GLN N 579 14.26 -15.10 -20.40
C GLN N 579 14.05 -13.79 -21.14
N PRO N 580 13.71 -12.70 -20.44
CA PRO N 580 13.51 -11.42 -21.14
C PRO N 580 14.79 -10.95 -21.80
N SER N 581 14.62 -10.29 -22.95
CA SER N 581 15.77 -9.82 -23.72
C SER N 581 15.46 -8.54 -24.49
N GLY N 582 14.59 -7.69 -23.95
CA GLY N 582 14.26 -6.42 -24.59
C GLY N 582 12.75 -6.22 -24.64
N HIS N 583 12.35 -4.95 -24.58
CA HIS N 583 10.93 -4.60 -24.56
C HIS N 583 10.81 -3.08 -24.68
N VAL N 584 9.57 -2.64 -24.90
CA VAL N 584 9.20 -1.24 -24.84
C VAL N 584 8.52 -1.00 -23.51
N ASN N 585 9.06 -0.09 -22.69
CA ASN N 585 8.55 0.02 -21.33
C ASN N 585 7.22 0.77 -21.30
N ILE N 586 6.61 0.80 -20.10
CA ILE N 586 5.23 1.23 -19.93
C ILE N 586 5.01 2.62 -20.51
N SER N 587 5.94 3.55 -20.22
CA SER N 587 5.74 4.95 -20.57
C SER N 587 5.58 5.13 -22.08
N ARG N 588 6.49 4.52 -22.86
CA ARG N 588 6.39 4.64 -24.31
C ARG N 588 5.21 3.85 -24.85
N ALA N 589 4.95 2.67 -24.29
CA ALA N 589 3.81 1.87 -24.69
C ALA N 589 2.49 2.58 -24.44
N ARG N 590 2.48 3.62 -23.59
CA ARG N 590 1.28 4.39 -23.33
C ARG N 590 0.92 5.34 -24.47
N GLU N 591 1.86 5.66 -25.35
CA GLU N 591 1.64 6.60 -26.45
C GLU N 591 2.37 6.05 -27.68
N PHE N 592 1.79 4.99 -28.26
CA PHE N 592 2.45 4.14 -29.23
C PHE N 592 1.70 4.25 -30.56
N TYR N 593 2.41 4.64 -31.61
CA TYR N 593 1.81 4.86 -32.93
C TYR N 593 2.47 3.96 -33.96
N ILE N 594 1.67 3.26 -34.73
CA ILE N 594 2.12 2.55 -35.93
C ILE N 594 1.68 3.35 -37.14
N GLU N 595 2.64 3.82 -37.92
CA GLU N 595 2.40 4.62 -39.11
C GLU N 595 2.67 3.80 -40.35
N TYR N 596 1.70 3.71 -41.24
CA TYR N 596 1.80 2.88 -42.43
C TYR N 596 1.53 3.70 -43.68
N THR N 597 2.11 3.27 -44.79
CA THR N 597 1.70 3.72 -46.12
C THR N 597 1.24 2.51 -46.92
N SER N 598 0.36 2.77 -47.88
CA SER N 598 -0.34 1.71 -48.60
C SER N 598 -0.67 2.18 -50.00
N SER N 599 -0.37 1.35 -50.99
CA SER N 599 -0.77 1.59 -52.37
C SER N 599 -2.12 0.97 -52.69
N PHE N 600 -2.80 0.38 -51.71
CA PHE N 600 -4.01 -0.38 -51.94
C PHE N 600 -5.20 0.12 -51.16
N CYS N 601 -5.00 0.56 -49.92
CA CYS N 601 -6.10 0.92 -49.04
C CYS N 601 -6.69 2.26 -49.45
N ASP N 602 -7.95 2.26 -49.87
CA ASP N 602 -8.67 3.48 -50.23
C ASP N 602 -10.13 3.30 -49.83
N SER N 603 -10.99 4.20 -50.31
CA SER N 603 -12.41 4.11 -50.00
C SER N 603 -13.03 2.86 -50.61
N SER N 604 -12.65 2.51 -51.84
CA SER N 604 -13.19 1.32 -52.48
C SER N 604 -12.64 0.04 -51.88
N ASN N 605 -11.54 0.12 -51.11
CA ASN N 605 -10.86 -1.05 -50.57
C ASN N 605 -10.56 -0.84 -49.09
N PRO N 606 -11.60 -0.79 -48.24
CA PRO N 606 -11.35 -0.67 -46.80
C PRO N 606 -10.52 -1.84 -46.31
N CYS N 607 -9.66 -1.57 -45.33
CA CYS N 607 -8.76 -2.56 -44.79
C CYS N 607 -8.76 -2.46 -43.27
N ASP N 608 -8.32 -3.55 -42.63
CA ASP N 608 -8.23 -3.62 -41.18
C ASP N 608 -6.77 -3.67 -40.78
N LEU N 609 -6.32 -2.67 -40.03
CA LEU N 609 -4.96 -2.66 -39.49
C LEU N 609 -4.95 -3.51 -38.22
N ILE N 610 -4.51 -4.75 -38.36
CA ILE N 610 -4.55 -5.72 -37.27
C ILE N 610 -3.21 -5.67 -36.52
N SER N 611 -3.27 -5.34 -35.24
CA SER N 611 -2.08 -5.19 -34.41
C SER N 611 -2.24 -6.05 -33.16
N ILE N 612 -1.38 -7.06 -33.01
CA ILE N 612 -1.44 -8.01 -31.91
C ILE N 612 -0.08 -8.02 -31.22
N ALA N 613 -0.04 -7.55 -29.99
CA ALA N 613 1.20 -7.42 -29.24
C ALA N 613 1.29 -8.50 -28.18
N LYS N 614 2.52 -8.98 -27.95
CA LYS N 614 2.83 -9.87 -26.85
C LYS N 614 3.48 -9.05 -25.74
N CYS N 615 2.82 -9.00 -24.59
CA CYS N 615 3.24 -8.14 -23.50
C CYS N 615 3.66 -8.95 -22.29
N ILE N 616 4.66 -8.45 -21.58
CA ILE N 616 5.15 -9.07 -20.36
C ILE N 616 4.31 -8.60 -19.19
N ASN N 617 3.82 -9.54 -18.40
CA ASN N 617 3.07 -9.25 -17.18
C ASN N 617 3.55 -10.20 -16.11
N PHE N 618 2.97 -10.09 -14.91
CA PHE N 618 3.41 -10.87 -13.77
C PHE N 618 2.20 -11.52 -13.09
N LEU N 619 2.47 -12.61 -12.38
CA LEU N 619 1.46 -13.35 -11.65
C LEU N 619 2.04 -13.75 -10.30
N LEU N 620 1.36 -13.36 -9.22
CA LEU N 620 1.83 -13.68 -7.88
C LEU N 620 1.38 -15.08 -7.48
N ILE N 621 2.16 -15.70 -6.59
CA ILE N 621 1.98 -17.11 -6.27
C ILE N 621 1.12 -17.33 -5.02
N PHE O 6 16.26 9.13 -29.33
CA PHE O 6 16.13 7.67 -29.33
C PHE O 6 17.04 7.11 -28.24
N LYS O 7 16.54 7.02 -27.01
CA LYS O 7 17.42 6.79 -25.88
C LYS O 7 16.92 5.67 -25.00
N LEU O 8 17.87 5.11 -24.23
CA LEU O 8 17.63 3.95 -23.39
C LEU O 8 17.05 4.40 -22.06
N ILE O 9 15.82 3.97 -21.78
CA ILE O 9 15.19 4.17 -20.48
C ILE O 9 15.36 2.88 -19.68
N ALA O 10 16.07 2.99 -18.55
CA ALA O 10 16.42 1.83 -17.74
C ALA O 10 15.60 1.69 -16.48
N ASN O 11 15.07 2.78 -15.93
CA ASN O 11 14.26 2.75 -14.71
C ASN O 11 12.95 3.48 -14.99
N ASP O 12 11.89 2.73 -15.23
CA ASP O 12 10.57 3.29 -15.54
C ASP O 12 9.52 2.36 -14.93
N GLY O 13 9.12 2.67 -13.70
CA GLY O 13 8.04 1.95 -13.05
C GLY O 13 8.43 0.52 -12.66
N LYS O 14 7.46 -0.14 -12.03
CA LYS O 14 7.69 -1.46 -11.45
C LYS O 14 8.19 -2.46 -12.49
N ALA O 15 7.67 -2.39 -13.71
CA ALA O 15 7.99 -3.40 -14.72
C ALA O 15 9.47 -3.38 -15.07
N ASP O 16 10.04 -2.19 -15.26
CA ASP O 16 11.46 -2.12 -15.59
C ASP O 16 12.34 -2.56 -14.42
N ARG O 17 11.89 -2.31 -13.19
CA ARG O 17 12.66 -2.74 -12.02
C ARG O 17 12.62 -4.25 -11.85
N MET O 18 11.60 -4.92 -12.37
CA MET O 18 11.54 -6.38 -12.26
C MET O 18 12.26 -7.08 -13.39
N ILE O 19 12.34 -6.46 -14.56
CA ILE O 19 12.97 -7.08 -15.73
C ILE O 19 14.44 -6.72 -15.82
N MET O 20 14.81 -5.50 -15.43
CA MET O 20 16.18 -5.05 -15.54
C MET O 20 16.84 -4.70 -14.21
N ALA O 21 16.06 -4.34 -13.19
CA ALA O 21 16.56 -4.11 -11.83
C ALA O 21 17.79 -3.22 -11.83
N ASN O 22 17.72 -2.14 -12.59
CA ASN O 22 18.91 -1.33 -12.83
C ASN O 22 19.29 -0.47 -11.63
N ASP O 23 18.32 -0.09 -10.80
CA ASP O 23 18.68 0.56 -9.54
C ASP O 23 19.46 -0.39 -8.64
N LEU O 24 19.01 -1.65 -8.55
CA LEU O 24 19.76 -2.64 -7.79
C LEU O 24 21.14 -2.86 -8.38
N LEU O 25 21.25 -2.83 -9.72
CA LEU O 25 22.54 -3.03 -10.36
C LEU O 25 23.48 -1.85 -10.11
N ASN O 26 22.98 -0.63 -10.30
CA ASN O 26 23.82 0.55 -10.06
C ASN O 26 24.25 0.66 -8.61
N ASP O 27 23.44 0.14 -7.69
CA ASP O 27 23.83 0.16 -6.28
C ASP O 27 24.71 -1.03 -5.90
N ARG O 28 24.68 -2.11 -6.68
CA ARG O 28 25.73 -3.12 -6.55
C ARG O 28 27.07 -2.55 -7.00
N ILE O 29 27.07 -1.75 -8.08
CA ILE O 29 28.31 -1.24 -8.64
C ILE O 29 28.90 -0.15 -7.77
N LYS O 30 28.04 0.75 -7.25
CA LYS O 30 28.53 1.75 -6.30
C LYS O 30 29.15 1.08 -5.08
N SER O 31 28.57 -0.05 -4.64
CA SER O 31 29.03 -0.72 -3.43
C SER O 31 30.30 -1.52 -3.66
N ILE O 32 30.45 -2.12 -4.85
CA ILE O 32 31.65 -2.91 -5.12
C ILE O 32 32.85 -1.99 -5.34
N MET O 33 32.67 -0.92 -6.12
CA MET O 33 33.73 0.08 -6.23
C MET O 33 34.10 0.65 -4.88
N CYS O 34 33.09 0.86 -4.01
CA CYS O 34 33.37 1.40 -2.68
C CYS O 34 34.18 0.42 -1.84
N LEU O 35 33.80 -0.87 -1.86
CA LEU O 35 34.51 -1.85 -1.05
C LEU O 35 35.89 -2.16 -1.61
N ARG O 36 35.99 -2.32 -2.92
CA ARG O 36 37.30 -2.59 -3.53
C ARG O 36 38.29 -1.48 -3.21
N ALA O 37 37.82 -0.23 -3.20
CA ALA O 37 38.70 0.88 -2.85
C ALA O 37 39.17 0.78 -1.41
N LYS O 38 38.27 0.43 -0.48
CA LYS O 38 38.63 0.39 0.93
C LYS O 38 39.63 -0.72 1.23
N GLN O 39 39.57 -1.82 0.48
CA GLN O 39 40.44 -2.97 0.75
C GLN O 39 41.80 -2.85 0.10
N GLY O 40 42.09 -1.76 -0.62
CA GLY O 40 43.40 -1.55 -1.19
C GLY O 40 43.61 -2.10 -2.57
N PHE O 41 42.54 -2.34 -3.34
CA PHE O 41 42.69 -2.68 -4.74
C PHE O 41 43.05 -1.43 -5.54
N SER O 42 43.97 -1.59 -6.49
CA SER O 42 44.38 -0.44 -7.29
C SER O 42 43.30 -0.04 -8.29
N ASP O 43 42.58 -1.02 -8.83
CA ASP O 43 41.51 -0.76 -9.79
C ASP O 43 40.16 -1.06 -9.16
N PRO O 44 39.35 -0.03 -8.85
CA PRO O 44 38.10 -0.27 -8.12
C PRO O 44 36.94 -0.79 -8.95
N THR O 45 37.02 -0.75 -10.28
CA THR O 45 35.88 -1.13 -11.09
C THR O 45 35.61 -2.64 -10.99
N PRO O 46 34.35 -3.06 -10.99
CA PRO O 46 34.03 -4.45 -10.66
C PRO O 46 34.48 -5.42 -11.73
N THR O 47 34.32 -6.70 -11.42
CA THR O 47 34.53 -7.79 -12.37
C THR O 47 33.22 -8.11 -13.08
N LEU O 48 33.35 -8.71 -14.27
CA LEU O 48 32.16 -9.18 -14.97
C LEU O 48 31.46 -10.27 -14.19
N VAL O 49 32.22 -11.08 -13.44
CA VAL O 49 31.61 -12.10 -12.59
C VAL O 49 30.79 -11.44 -11.49
N ASP O 50 31.30 -10.35 -10.91
CA ASP O 50 30.55 -9.59 -9.91
C ASP O 50 29.18 -9.19 -10.45
N ILE O 51 29.15 -8.69 -11.69
CA ILE O 51 27.88 -8.27 -12.28
C ILE O 51 26.99 -9.48 -12.53
N GLU O 52 27.56 -10.57 -13.05
CA GLU O 52 26.79 -11.75 -13.41
C GLU O 52 26.31 -12.54 -12.20
N ARG O 53 26.66 -12.12 -10.97
CA ARG O 53 26.07 -12.74 -9.79
C ARG O 53 24.58 -12.46 -9.69
N THR O 54 24.10 -11.38 -10.32
CA THR O 54 22.68 -11.06 -10.28
C THR O 54 22.12 -10.83 -11.69
N HIS O 55 22.82 -10.06 -12.51
CA HIS O 55 22.34 -9.67 -13.82
C HIS O 55 23.02 -10.48 -14.92
N ILE O 56 22.34 -10.59 -16.06
CA ILE O 56 22.87 -11.27 -17.24
C ILE O 56 23.25 -10.22 -18.27
N LEU O 57 24.44 -10.37 -18.85
CA LEU O 57 24.94 -9.48 -19.88
C LEU O 57 24.58 -10.06 -21.25
N LEU O 58 23.65 -9.41 -21.95
CA LEU O 58 23.25 -9.90 -23.26
C LEU O 58 24.37 -9.74 -24.28
N ILE O 59 25.23 -8.74 -24.10
CA ILE O 59 26.45 -8.58 -24.90
C ILE O 59 27.59 -9.22 -24.11
N ASN O 60 28.11 -10.34 -24.61
CA ASN O 60 29.13 -11.07 -23.87
C ASN O 60 29.86 -12.07 -24.76
N SER O 61 31.15 -11.83 -24.99
CA SER O 61 31.97 -12.70 -25.83
C SER O 61 32.80 -13.68 -25.02
N HIS O 62 32.51 -13.84 -23.73
CA HIS O 62 33.21 -14.82 -22.92
C HIS O 62 32.98 -16.23 -23.43
N TYR O 63 34.01 -17.06 -23.29
CA TYR O 63 33.88 -18.49 -23.51
C TYR O 63 34.78 -19.22 -22.54
N LYS O 64 34.68 -20.54 -22.52
CA LYS O 64 35.59 -21.32 -21.72
C LYS O 64 36.56 -22.08 -22.61
N PRO O 65 37.82 -22.19 -22.22
CA PRO O 65 38.71 -23.11 -22.93
C PRO O 65 38.27 -24.54 -22.71
N PHE O 66 38.45 -25.37 -23.73
CA PHE O 66 38.12 -26.79 -23.62
C PHE O 66 39.40 -27.62 -23.54
N ALA O 67 39.38 -28.62 -22.67
CA ALA O 67 40.49 -29.57 -22.61
C ALA O 67 40.75 -30.15 -23.99
N ALA O 68 42.02 -30.14 -24.40
CA ALA O 68 42.39 -30.42 -25.78
C ALA O 68 41.73 -31.71 -26.27
N MET O 69 41.36 -31.70 -27.55
CA MET O 69 40.50 -32.73 -28.09
C MET O 69 40.69 -32.79 -29.60
N GLY O 70 40.72 -34.01 -30.12
CA GLY O 70 40.77 -34.22 -31.56
C GLY O 70 40.08 -35.50 -31.92
N TYR O 71 39.54 -35.55 -33.14
CA TYR O 71 38.83 -36.74 -33.59
C TYR O 71 39.27 -37.09 -35.01
N GLU O 72 39.03 -38.35 -35.38
CA GLU O 72 39.34 -38.83 -36.72
C GLU O 72 38.49 -40.08 -36.98
N TYR O 73 38.00 -40.21 -38.20
CA TYR O 73 37.23 -41.38 -38.58
C TYR O 73 38.17 -42.50 -39.02
N GLN O 74 37.65 -43.73 -38.95
CA GLN O 74 38.44 -44.90 -39.29
C GLN O 74 37.56 -45.95 -39.94
N LYS O 75 37.95 -46.41 -41.13
CA LYS O 75 37.28 -47.50 -41.81
C LYS O 75 37.73 -48.84 -41.23
N THR O 76 36.80 -49.80 -41.22
CA THR O 76 37.14 -51.16 -40.84
C THR O 76 36.22 -52.13 -41.57
N ARG O 77 36.75 -53.32 -41.85
CA ARG O 77 36.06 -54.35 -42.61
C ARG O 77 35.62 -55.51 -41.72
N PRO O 78 34.66 -56.32 -42.16
CA PRO O 78 34.06 -57.33 -41.28
C PRO O 78 35.02 -58.47 -40.92
N ASN O 79 34.67 -59.13 -39.80
CA ASN O 79 35.30 -60.39 -39.41
C ASN O 79 34.75 -61.58 -40.18
N THR O 80 33.60 -61.43 -40.83
CA THR O 80 32.80 -62.58 -41.21
C THR O 80 32.78 -62.83 -42.71
N GLY O 81 33.96 -63.09 -43.28
CA GLY O 81 34.02 -63.59 -44.65
C GLY O 81 33.57 -62.55 -45.67
N ASN O 82 32.84 -63.04 -46.71
CA ASN O 82 32.40 -62.15 -47.77
C ASN O 82 30.92 -61.80 -47.57
N PRO O 83 30.58 -60.51 -47.59
CA PRO O 83 29.20 -60.10 -47.29
C PRO O 83 28.21 -60.54 -48.36
N THR O 84 27.03 -60.98 -47.91
CA THR O 84 25.93 -61.31 -48.80
C THR O 84 24.62 -60.83 -48.18
N TYR O 85 23.57 -60.81 -49.00
CA TYR O 85 22.21 -60.76 -48.48
C TYR O 85 21.96 -61.96 -47.57
N ASN O 86 20.97 -61.81 -46.69
CA ASN O 86 20.46 -62.94 -45.90
C ASN O 86 21.58 -63.59 -45.09
N SER O 87 22.30 -62.77 -44.33
CA SER O 87 23.39 -63.24 -43.48
C SER O 87 23.57 -62.24 -42.35
N THR O 88 24.35 -62.64 -41.35
CA THR O 88 24.70 -61.76 -40.24
C THR O 88 26.18 -61.44 -40.33
N ILE O 89 26.51 -60.15 -40.19
CA ILE O 89 27.86 -59.64 -40.41
C ILE O 89 28.32 -58.92 -39.16
N GLN O 90 29.57 -59.18 -38.77
CA GLN O 90 30.10 -58.76 -37.48
C GLN O 90 31.36 -57.92 -37.68
N PHE O 91 31.46 -56.83 -36.95
CA PHE O 91 32.58 -55.91 -37.02
C PHE O 91 33.30 -55.85 -35.70
N SER O 92 34.62 -55.97 -35.73
CA SER O 92 35.41 -55.57 -34.58
C SER O 92 35.47 -54.05 -34.50
N ILE O 93 35.44 -53.52 -33.29
CA ILE O 93 35.66 -52.10 -33.05
C ILE O 93 37.12 -51.93 -32.67
N PRO O 94 37.96 -51.34 -33.53
CA PRO O 94 39.40 -51.33 -33.28
C PRO O 94 39.77 -50.51 -32.07
N GLN O 95 41.04 -50.62 -31.70
CA GLN O 95 41.64 -49.79 -30.67
C GLN O 95 42.40 -48.67 -31.38
N PHE O 96 41.90 -47.44 -31.23
CA PHE O 96 42.52 -46.30 -31.90
C PHE O 96 42.38 -45.04 -31.06
N GLY O 97 41.17 -44.54 -30.90
CA GLY O 97 40.94 -43.39 -30.06
C GLY O 97 40.70 -43.76 -28.61
N ASP O 98 40.98 -42.80 -27.72
CA ASP O 98 40.62 -42.97 -26.31
C ASP O 98 39.12 -43.19 -26.16
N PHE O 99 38.33 -42.56 -27.04
CA PHE O 99 36.89 -42.71 -27.07
C PHE O 99 36.47 -42.98 -28.51
N PHE O 100 35.26 -43.50 -28.68
CA PHE O 100 34.68 -43.60 -30.01
C PHE O 100 33.20 -43.22 -29.94
N SER O 101 32.71 -42.61 -31.02
CA SER O 101 31.40 -41.97 -31.01
C SER O 101 30.52 -42.46 -32.14
N ASP O 102 30.16 -41.56 -33.06
CA ASP O 102 29.16 -41.87 -34.07
C ASP O 102 29.69 -42.89 -35.08
N MET O 103 28.81 -43.77 -35.52
CA MET O 103 29.16 -44.88 -36.41
C MET O 103 28.23 -44.91 -37.60
N VAL O 104 28.79 -45.19 -38.78
CA VAL O 104 28.03 -45.27 -40.01
C VAL O 104 28.65 -46.35 -40.88
N VAL O 105 27.80 -47.05 -41.63
CA VAL O 105 28.21 -48.21 -42.43
C VAL O 105 28.04 -47.88 -43.91
N HIS O 106 29.14 -47.88 -44.65
CA HIS O 106 29.05 -47.80 -46.11
C HIS O 106 28.60 -49.15 -46.66
N VAL O 107 27.51 -49.14 -47.42
CA VAL O 107 26.96 -50.35 -48.02
C VAL O 107 26.92 -50.14 -49.53
N GLN O 108 27.47 -51.10 -50.27
CA GLN O 108 27.60 -50.99 -51.72
C GLN O 108 27.01 -52.23 -52.37
N LEU O 109 25.93 -52.04 -53.13
CA LEU O 109 25.23 -53.12 -53.81
C LEU O 109 25.42 -52.99 -55.31
N ALA O 110 25.67 -54.12 -55.97
CA ALA O 110 26.06 -54.12 -57.38
C ALA O 110 24.94 -53.58 -58.26
N ALA O 111 25.33 -52.97 -59.37
CA ALA O 111 24.39 -52.66 -60.44
C ALA O 111 23.73 -53.94 -60.91
N THR O 112 22.43 -53.84 -61.25
CA THR O 112 21.66 -55.06 -61.45
C THR O 112 20.58 -54.83 -62.50
N SER O 113 20.17 -55.94 -63.14
CA SER O 113 19.11 -55.95 -64.13
C SER O 113 18.30 -57.22 -63.99
N ALA O 114 17.08 -57.18 -64.52
CA ALA O 114 16.24 -58.37 -64.55
C ALA O 114 16.69 -59.31 -65.67
N SER O 115 16.32 -60.58 -65.52
CA SER O 115 16.57 -61.56 -66.57
C SER O 115 15.61 -61.35 -67.73
N ALA O 116 16.04 -61.75 -68.93
CA ALA O 116 15.23 -61.56 -70.11
C ALA O 116 14.05 -62.53 -70.12
N GLY O 117 12.87 -62.01 -70.44
CA GLY O 117 11.64 -62.76 -70.48
C GLY O 117 10.90 -62.55 -71.79
N THR O 118 9.58 -62.74 -71.73
CA THR O 118 8.74 -62.67 -72.93
C THR O 118 7.46 -61.91 -72.65
N VAL O 119 6.89 -61.38 -73.73
CA VAL O 119 5.59 -60.72 -73.72
C VAL O 119 4.52 -61.77 -73.43
N PRO O 120 3.72 -61.60 -72.38
CA PRO O 120 2.76 -62.65 -72.01
C PRO O 120 1.56 -62.72 -72.95
N ALA O 121 0.66 -63.66 -72.68
CA ALA O 121 -0.52 -63.82 -73.51
C ALA O 121 -1.45 -62.62 -73.35
N LEU O 122 -2.32 -62.45 -74.32
CA LEU O 122 -3.25 -61.35 -74.34
C LEU O 122 -4.52 -61.70 -73.56
N PRO O 123 -5.21 -60.69 -73.03
CA PRO O 123 -6.39 -60.95 -72.20
C PRO O 123 -7.48 -61.71 -72.95
N ALA O 124 -8.43 -62.23 -72.19
CA ALA O 124 -9.56 -62.93 -72.75
C ALA O 124 -10.46 -61.98 -73.54
N PHE O 125 -11.35 -62.56 -74.34
CA PHE O 125 -12.32 -61.77 -75.09
C PHE O 125 -13.22 -60.97 -74.12
N ILE O 126 -13.72 -59.85 -74.61
CA ILE O 126 -14.61 -59.02 -73.80
C ILE O 126 -16.02 -59.16 -74.36
N GLY O 127 -16.16 -58.91 -75.68
CA GLY O 127 -17.43 -59.05 -76.35
C GLY O 127 -17.65 -60.44 -76.91
N ALA O 128 -18.93 -60.79 -77.14
CA ALA O 128 -19.27 -62.14 -77.58
C ALA O 128 -19.15 -62.35 -79.08
N ASP O 129 -19.11 -61.27 -79.87
CA ASP O 129 -19.17 -61.36 -81.32
C ASP O 129 -17.86 -60.95 -81.97
N ASP O 130 -17.63 -61.47 -83.17
CA ASP O 130 -16.50 -61.09 -84.02
C ASP O 130 -15.18 -61.24 -83.27
N GLN O 131 -15.02 -62.36 -82.58
CA GLN O 131 -13.84 -62.62 -81.77
C GLN O 131 -12.69 -63.10 -82.65
N VAL O 132 -11.57 -62.38 -82.62
CA VAL O 132 -10.35 -62.78 -83.32
C VAL O 132 -9.18 -62.63 -82.36
N LEU O 133 -8.32 -63.64 -82.31
CA LEU O 133 -7.10 -63.61 -81.49
C LEU O 133 -5.92 -63.95 -82.39
N THR O 134 -5.04 -62.98 -82.59
CA THR O 134 -3.78 -63.19 -83.28
C THR O 134 -2.64 -63.09 -82.27
N SER O 135 -1.40 -63.15 -82.77
CA SER O 135 -0.25 -63.02 -81.89
C SER O 135 0.04 -61.59 -81.47
N THR O 136 -0.69 -60.62 -82.02
CA THR O 136 -0.43 -59.21 -81.72
C THR O 136 -1.64 -58.44 -81.22
N SER O 137 -2.85 -59.00 -81.28
CA SER O 137 -4.02 -58.31 -80.75
C SER O 137 -5.13 -59.33 -80.54
N VAL O 138 -6.04 -59.00 -79.62
CA VAL O 138 -7.27 -59.76 -79.40
C VAL O 138 -8.43 -58.80 -79.58
N VAL O 139 -9.34 -59.13 -80.51
CA VAL O 139 -10.40 -58.24 -80.92
C VAL O 139 -11.74 -58.96 -80.70
N SER O 140 -12.70 -58.24 -80.11
CA SER O 140 -14.03 -58.77 -79.89
C SER O 140 -15.02 -57.61 -79.96
N ALA O 141 -16.31 -57.94 -80.04
CA ALA O 141 -17.29 -56.91 -80.31
C ALA O 141 -18.62 -57.24 -79.63
N THR O 142 -19.41 -56.19 -79.41
CA THR O 142 -20.80 -56.30 -78.99
C THR O 142 -21.68 -55.68 -80.05
N GLU O 143 -22.60 -56.47 -80.60
CA GLU O 143 -23.57 -55.95 -81.54
C GLU O 143 -24.78 -55.41 -80.78
N ASN O 144 -25.34 -54.31 -81.29
CA ASN O 144 -26.50 -53.68 -80.66
C ASN O 144 -27.36 -53.09 -81.79
N THR O 145 -28.24 -53.93 -82.35
CA THR O 145 -29.04 -53.54 -83.50
C THR O 145 -30.16 -52.57 -83.15
N THR O 146 -30.47 -52.38 -81.87
CA THR O 146 -31.52 -51.45 -81.48
C THR O 146 -31.05 -50.01 -81.58
N SER O 147 -29.89 -49.72 -80.99
CA SER O 147 -29.33 -48.37 -81.03
C SER O 147 -28.50 -48.09 -82.27
N GLY O 148 -28.06 -49.13 -82.97
CA GLY O 148 -27.17 -48.94 -84.10
C GLY O 148 -25.73 -48.69 -83.73
N VAL O 149 -25.33 -49.00 -82.50
CA VAL O 149 -23.95 -48.79 -82.04
C VAL O 149 -23.25 -50.14 -82.05
N TYR O 150 -22.12 -50.20 -82.75
CA TYR O 150 -21.28 -51.38 -82.82
C TYR O 150 -20.00 -51.08 -82.04
N THR O 151 -19.72 -51.89 -81.02
CA THR O 151 -18.63 -51.64 -80.09
C THR O 151 -17.54 -52.68 -80.29
N LEU O 152 -16.34 -52.22 -80.62
CA LEU O 152 -15.21 -53.10 -80.90
C LEU O 152 -14.13 -52.91 -79.84
N TYR O 153 -13.84 -53.97 -79.09
CA TYR O 153 -12.79 -53.95 -78.08
C TYR O 153 -11.49 -54.45 -78.69
N THR O 154 -10.40 -53.73 -78.43
CA THR O 154 -9.07 -54.12 -78.90
C THR O 154 -8.10 -54.00 -77.74
N GLN O 155 -7.30 -55.05 -77.53
CA GLN O 155 -6.23 -55.01 -76.55
C GLN O 155 -4.97 -55.56 -77.19
N SER O 156 -3.84 -54.94 -76.86
CA SER O 156 -2.55 -55.30 -77.46
C SER O 156 -1.44 -54.83 -76.54
N TYR O 157 -0.22 -55.24 -76.85
CA TYR O 157 0.98 -54.87 -76.11
C TYR O 157 1.85 -53.96 -76.97
N VAL O 158 2.23 -52.82 -76.41
CA VAL O 158 3.05 -51.84 -77.11
C VAL O 158 4.21 -51.43 -76.20
N ASN O 159 5.14 -50.66 -76.77
CA ASN O 159 6.15 -50.00 -75.97
C ASN O 159 5.80 -48.52 -75.83
N GLN O 160 6.69 -47.75 -75.20
CA GLN O 160 6.39 -46.34 -74.95
C GLN O 160 6.11 -45.60 -76.24
N GLN O 161 6.81 -45.96 -77.32
CA GLN O 161 6.62 -45.33 -78.61
C GLN O 161 5.37 -45.80 -79.32
N GLY O 162 4.70 -46.82 -78.81
CA GLY O 162 3.46 -47.30 -79.39
C GLY O 162 3.60 -48.44 -80.37
N THR O 163 4.78 -49.04 -80.50
CA THR O 163 5.00 -50.14 -81.42
C THR O 163 4.45 -51.43 -80.83
N THR O 164 3.57 -52.10 -81.58
CA THR O 164 2.96 -53.33 -81.10
C THR O 164 4.02 -54.41 -80.90
N GLN O 165 3.92 -55.14 -79.80
CA GLN O 165 4.83 -56.22 -79.47
C GLN O 165 4.12 -57.55 -79.66
N THR O 166 4.87 -58.55 -80.12
CA THR O 166 4.32 -59.86 -80.41
C THR O 166 4.31 -60.72 -79.15
N VAL O 167 3.22 -61.47 -78.97
CA VAL O 167 3.12 -62.40 -77.85
C VAL O 167 4.24 -63.42 -77.93
N ALA O 168 4.88 -63.70 -76.80
CA ALA O 168 5.98 -64.63 -76.58
C ALA O 168 7.31 -64.09 -77.11
N ALA O 169 7.35 -62.89 -77.67
CA ALA O 169 8.61 -62.27 -78.05
C ALA O 169 9.31 -61.71 -76.80
N ALA O 170 10.58 -61.34 -76.97
CA ALA O 170 11.40 -60.92 -75.84
C ALA O 170 10.84 -59.67 -75.17
N ALA O 171 11.06 -59.58 -73.86
CA ALA O 171 10.64 -58.45 -73.05
C ALA O 171 11.24 -58.56 -71.64
N THR O 172 11.84 -57.48 -71.14
CA THR O 172 12.53 -57.49 -69.86
C THR O 172 11.83 -56.58 -68.88
N ASN O 173 11.62 -57.06 -67.65
CA ASN O 173 11.10 -56.21 -66.59
C ASN O 173 12.17 -55.26 -66.08
N PHE O 174 11.72 -54.14 -65.52
CA PHE O 174 12.64 -53.22 -64.86
C PHE O 174 12.86 -53.65 -63.42
N VAL O 175 13.77 -52.96 -62.74
CA VAL O 175 14.12 -53.27 -61.36
C VAL O 175 14.11 -52.00 -60.53
N ARG O 176 13.84 -52.16 -59.24
CA ARG O 176 13.74 -51.03 -58.33
C ARG O 176 14.09 -51.49 -56.93
N TYR O 177 14.47 -50.54 -56.08
CA TYR O 177 14.69 -50.80 -54.68
C TYR O 177 13.46 -50.40 -53.87
N CYS O 178 13.23 -51.13 -52.78
CA CYS O 178 12.17 -50.74 -51.86
C CYS O 178 12.46 -49.35 -51.32
N GLU O 179 11.41 -48.65 -50.91
CA GLU O 179 11.60 -47.33 -50.32
C GLU O 179 12.43 -47.43 -49.05
N TYR O 180 13.26 -46.42 -48.83
CA TYR O 180 14.19 -46.40 -47.71
C TYR O 180 14.94 -47.72 -47.57
N PRO O 181 15.70 -48.13 -48.60
CA PRO O 181 16.33 -49.46 -48.55
C PRO O 181 17.43 -49.57 -47.51
N GLY O 182 18.08 -48.47 -47.15
CA GLY O 182 19.07 -48.53 -46.09
C GLY O 182 18.47 -48.89 -44.75
N LEU O 183 17.19 -48.53 -44.55
CA LEU O 183 16.53 -48.85 -43.29
C LEU O 183 15.97 -50.27 -43.28
N ARG O 184 15.56 -50.80 -44.43
CA ARG O 184 15.03 -52.15 -44.46
C ARG O 184 16.13 -53.21 -44.51
N LEU O 185 17.26 -52.89 -45.13
CA LEU O 185 18.31 -53.89 -45.33
C LEU O 185 18.85 -54.44 -44.01
N PHE O 186 18.90 -53.60 -42.98
CA PHE O 186 19.43 -54.02 -41.68
C PHE O 186 18.29 -54.56 -40.84
N LYS O 187 18.13 -55.89 -40.81
CA LYS O 187 17.13 -56.52 -39.97
C LYS O 187 17.37 -56.20 -38.50
N ARG O 188 18.62 -56.28 -38.06
CA ARG O 188 18.97 -56.05 -36.67
C ARG O 188 20.37 -55.47 -36.60
N VAL O 189 20.57 -54.52 -35.69
CA VAL O 189 21.87 -53.89 -35.45
C VAL O 189 22.16 -54.05 -33.96
N LYS O 190 23.23 -54.77 -33.63
CA LYS O 190 23.55 -55.09 -32.25
C LYS O 190 24.95 -54.60 -31.89
N PHE O 191 25.05 -54.00 -30.71
CA PHE O 191 26.33 -53.60 -30.12
C PHE O 191 26.64 -54.58 -28.98
N GLU O 192 27.76 -55.28 -29.10
CA GLU O 192 28.06 -56.42 -28.24
C GLU O 192 29.28 -56.13 -27.38
N VAL O 193 29.16 -56.39 -26.08
CA VAL O 193 30.30 -56.41 -25.16
C VAL O 193 30.23 -57.70 -24.36
N ASN O 194 31.35 -58.43 -24.32
CA ASN O 194 31.45 -59.68 -23.56
C ASN O 194 30.42 -60.71 -24.05
N GLY O 195 30.15 -60.70 -25.35
CA GLY O 195 29.18 -61.60 -25.94
C GLY O 195 27.73 -61.25 -25.68
N ASN O 196 27.45 -60.19 -24.93
CA ASN O 196 26.08 -59.87 -24.59
C ASN O 196 25.62 -58.59 -25.28
N PRO O 197 24.35 -58.52 -25.67
CA PRO O 197 23.85 -57.30 -26.34
C PRO O 197 23.76 -56.13 -25.39
N LEU O 198 24.67 -55.16 -25.55
CA LEU O 198 24.54 -53.91 -24.81
C LEU O 198 23.34 -53.10 -25.29
N ASP O 199 23.03 -53.19 -26.59
CA ASP O 199 21.82 -52.62 -27.17
C ASP O 199 21.66 -53.19 -28.57
N GLU O 200 20.41 -53.20 -29.05
CA GLU O 200 20.11 -53.63 -30.41
C GLU O 200 18.75 -53.08 -30.81
N TYR O 201 18.56 -52.91 -32.13
CA TYR O 201 17.29 -52.43 -32.64
C TYR O 201 17.00 -53.11 -33.98
N THR O 202 15.73 -53.07 -34.36
CA THR O 202 15.28 -53.64 -35.62
C THR O 202 15.12 -52.54 -36.66
N ALA O 203 14.76 -52.97 -37.89
CA ALA O 203 14.32 -52.01 -38.90
C ALA O 203 13.09 -51.25 -38.41
N LEU O 204 12.30 -51.87 -37.53
CA LEU O 204 11.13 -51.18 -36.97
C LEU O 204 11.54 -49.96 -36.17
N ALA O 205 12.60 -50.06 -35.38
CA ALA O 205 13.08 -48.88 -34.66
C ALA O 205 13.67 -47.85 -35.61
N ALA O 206 14.25 -48.30 -36.72
CA ALA O 206 14.85 -47.37 -37.67
C ALA O 206 13.80 -46.61 -38.46
N ILE O 207 12.66 -47.24 -38.77
CA ILE O 207 11.61 -46.49 -39.45
C ILE O 207 10.89 -45.56 -38.49
N MET O 208 10.84 -45.90 -37.21
CA MET O 208 10.36 -44.94 -36.22
C MET O 208 11.25 -43.72 -36.18
N TYR O 209 12.57 -43.93 -36.25
CA TYR O 209 13.48 -42.81 -36.36
C TYR O 209 13.21 -42.00 -37.63
N ASN O 210 12.93 -42.71 -38.73
CA ASN O 210 12.69 -42.02 -40.00
C ASN O 210 11.46 -41.12 -39.94
N LYS O 211 10.48 -41.46 -39.09
CA LYS O 211 9.24 -40.71 -39.02
C LYS O 211 9.29 -39.58 -37.98
N PHE O 212 10.07 -39.75 -36.92
CA PHE O 212 10.00 -38.84 -35.77
C PHE O 212 11.22 -37.95 -35.58
N HIS O 213 12.36 -38.25 -36.21
CA HIS O 213 13.60 -37.57 -35.83
C HIS O 213 14.41 -37.08 -37.02
N VAL O 214 13.82 -36.93 -38.19
CA VAL O 214 14.55 -36.38 -39.32
C VAL O 214 13.85 -35.11 -39.79
N PRO O 215 14.09 -33.97 -39.15
CA PRO O 215 13.48 -32.71 -39.60
C PRO O 215 13.99 -32.34 -40.99
N ASP O 216 13.31 -31.37 -41.60
CA ASP O 216 13.54 -31.07 -43.01
C ASP O 216 14.95 -30.57 -43.27
N PHE O 217 15.59 -29.91 -42.29
CA PHE O 217 16.94 -29.41 -42.55
C PHE O 217 17.99 -30.51 -42.53
N LYS O 218 17.63 -31.75 -42.17
CA LYS O 218 18.52 -32.89 -42.28
C LYS O 218 17.99 -33.94 -43.27
N LEU O 219 16.92 -33.63 -43.99
CA LEU O 219 16.17 -34.67 -44.69
C LEU O 219 16.83 -35.09 -46.00
N THR O 220 17.34 -34.14 -46.79
CA THR O 220 17.95 -34.50 -48.06
C THR O 220 19.15 -35.42 -47.85
N GLY O 221 20.02 -35.06 -46.90
CA GLY O 221 21.17 -35.91 -46.61
C GLY O 221 20.76 -37.28 -46.09
N TRP O 222 19.80 -37.31 -45.16
CA TRP O 222 19.34 -38.57 -44.60
C TRP O 222 18.85 -39.51 -45.70
N LYS O 223 18.01 -38.99 -46.60
CA LYS O 223 17.51 -39.81 -47.71
C LYS O 223 18.66 -40.34 -48.56
N ARG O 224 19.66 -39.50 -48.84
CA ARG O 224 20.80 -39.95 -49.63
C ARG O 224 21.66 -40.95 -48.85
N LEU O 225 21.65 -40.86 -47.52
CA LEU O 225 22.40 -41.82 -46.72
C LEU O 225 21.77 -43.21 -46.77
N ILE O 226 20.45 -43.29 -46.74
CA ILE O 226 19.77 -44.57 -46.65
C ILE O 226 19.11 -44.96 -47.98
N GLY O 227 19.59 -44.42 -49.09
CA GLY O 227 19.22 -44.93 -50.40
C GLY O 227 17.87 -44.52 -50.92
N GLN O 228 17.26 -43.47 -50.36
CA GLN O 228 15.97 -42.98 -50.82
C GLN O 228 16.18 -41.88 -51.84
N GLU O 229 15.51 -41.99 -52.98
CA GLU O 229 15.64 -40.97 -54.02
C GLU O 229 15.03 -39.64 -53.54
N VAL O 230 15.62 -38.55 -54.03
CA VAL O 230 15.16 -37.22 -53.65
C VAL O 230 14.52 -36.53 -54.85
N PRO O 231 13.39 -35.85 -54.68
CA PRO O 231 12.74 -35.20 -55.82
C PRO O 231 13.57 -34.04 -56.37
N VAL O 232 13.47 -33.86 -57.69
CA VAL O 232 14.19 -32.83 -58.43
C VAL O 232 13.17 -31.90 -59.08
N GLU O 233 13.38 -30.61 -58.93
CA GLU O 233 12.45 -29.60 -59.43
C GLU O 233 12.76 -29.29 -60.89
N ALA O 234 11.74 -29.37 -61.74
CA ALA O 234 11.86 -29.08 -63.16
C ALA O 234 10.87 -28.00 -63.55
N ALA O 235 11.37 -26.94 -64.16
CA ALA O 235 10.52 -25.84 -64.60
C ALA O 235 10.05 -26.06 -66.03
N SER O 236 8.83 -25.59 -66.32
CA SER O 236 8.22 -25.77 -67.63
C SER O 236 8.41 -24.50 -68.46
N ASN O 237 7.91 -24.56 -69.69
CA ASN O 237 7.73 -23.34 -70.47
C ASN O 237 6.70 -22.43 -69.80
N LEU O 238 6.66 -21.18 -70.25
CA LEU O 238 5.63 -20.26 -69.78
C LEU O 238 4.24 -20.82 -70.08
N VAL O 239 3.37 -20.81 -69.08
CA VAL O 239 2.01 -21.28 -69.28
C VAL O 239 1.06 -20.08 -69.23
N ASN O 240 1.46 -19.05 -68.49
CA ASN O 240 0.77 -17.77 -68.50
C ASN O 240 1.70 -16.70 -69.04
N ILE O 241 1.25 -15.95 -70.04
CA ILE O 241 1.96 -14.79 -70.53
C ILE O 241 1.02 -13.59 -70.44
N ALA O 242 1.47 -12.55 -69.76
CA ALA O 242 0.61 -11.40 -69.50
C ALA O 242 0.16 -10.77 -70.82
N SER O 243 -1.14 -10.46 -70.89
CA SER O 243 -1.81 -9.82 -72.02
C SER O 243 -1.99 -10.75 -73.21
N THR O 244 -1.90 -12.07 -73.01
CA THR O 244 -2.28 -13.00 -74.06
C THR O 244 -2.73 -14.31 -73.42
N THR O 245 -3.01 -15.29 -74.26
CA THR O 245 -3.70 -16.52 -73.88
C THR O 245 -3.26 -17.62 -74.83
N PRO O 246 -3.30 -18.89 -74.41
CA PRO O 246 -3.11 -19.98 -75.36
C PRO O 246 -4.36 -20.33 -76.14
N TRP O 247 -5.50 -19.74 -75.79
CA TRP O 247 -6.77 -20.10 -76.40
C TRP O 247 -6.95 -19.42 -77.75
N GLY O 248 -7.50 -20.17 -78.69
CA GLY O 248 -7.85 -19.64 -79.98
C GLY O 248 -8.75 -18.43 -79.85
N SER O 249 -8.62 -17.49 -80.78
CA SER O 249 -9.37 -16.24 -80.72
C SER O 249 -10.87 -16.41 -80.58
N PRO O 250 -11.55 -17.37 -81.27
CA PRO O 250 -13.02 -17.44 -81.19
C PRO O 250 -13.63 -17.55 -79.80
N ILE O 251 -12.91 -18.02 -78.80
CA ILE O 251 -13.49 -18.29 -77.49
C ILE O 251 -12.98 -17.32 -76.43
N VAL O 252 -12.23 -16.29 -76.82
CA VAL O 252 -11.59 -15.39 -75.87
C VAL O 252 -12.40 -14.10 -75.74
N ALA O 253 -12.67 -13.71 -74.49
CA ALA O 253 -13.22 -12.39 -74.16
C ALA O 253 -14.55 -12.10 -74.87
N LEU O 254 -15.43 -13.11 -74.91
CA LEU O 254 -16.73 -12.94 -75.53
C LEU O 254 -17.70 -12.28 -74.54
N SER O 255 -18.70 -11.61 -75.09
CA SER O 255 -19.81 -11.05 -74.32
C SER O 255 -21.12 -11.56 -74.91
N ASP O 256 -22.13 -11.70 -74.05
CA ASP O 256 -23.43 -12.12 -74.56
C ASP O 256 -24.18 -10.89 -75.07
N VAL O 257 -25.41 -11.12 -75.56
CA VAL O 257 -26.16 -10.05 -76.21
C VAL O 257 -26.52 -8.93 -75.25
N ASN O 258 -26.41 -9.15 -73.94
CA ASN O 258 -26.72 -8.14 -72.94
C ASN O 258 -25.49 -7.43 -72.41
N GLY O 259 -24.31 -7.73 -72.95
CA GLY O 259 -23.09 -7.04 -72.56
C GLY O 259 -22.30 -7.70 -71.46
N THR O 260 -22.81 -8.79 -70.87
CA THR O 260 -22.12 -9.46 -69.78
C THR O 260 -20.97 -10.32 -70.32
N ALA O 261 -19.87 -10.36 -69.57
CA ALA O 261 -18.77 -11.25 -69.92
C ALA O 261 -19.21 -12.69 -69.81
N VAL O 262 -18.87 -13.49 -70.83
CA VAL O 262 -19.36 -14.86 -70.92
C VAL O 262 -18.66 -15.73 -69.88
N THR O 263 -19.45 -16.49 -69.11
CA THR O 263 -18.89 -17.48 -68.21
C THR O 263 -18.36 -18.67 -69.01
N GLY O 264 -17.10 -19.02 -68.77
CA GLY O 264 -16.43 -20.05 -69.53
C GLY O 264 -15.61 -19.54 -70.69
N SER O 265 -15.59 -18.22 -70.93
CA SER O 265 -14.79 -17.64 -71.98
C SER O 265 -13.47 -17.15 -71.41
N PRO O 266 -12.34 -17.71 -71.82
CA PRO O 266 -11.06 -17.22 -71.30
C PRO O 266 -10.80 -15.77 -71.65
N VAL O 267 -9.99 -15.11 -70.82
CA VAL O 267 -9.49 -13.77 -71.07
C VAL O 267 -7.97 -13.81 -70.91
N ASN O 268 -7.31 -12.74 -71.38
CA ASN O 268 -5.86 -12.66 -71.31
C ASN O 268 -5.38 -12.87 -69.87
N ALA O 269 -4.23 -13.53 -69.75
CA ALA O 269 -3.61 -13.72 -68.44
C ALA O 269 -3.21 -12.37 -67.86
N ALA O 270 -3.16 -12.30 -66.53
CA ALA O 270 -2.70 -11.10 -65.85
C ALA O 270 -1.27 -11.21 -65.35
N ILE O 271 -0.74 -12.43 -65.21
CA ILE O 271 0.62 -12.65 -64.77
C ILE O 271 1.36 -13.45 -65.84
N THR O 272 2.68 -13.53 -65.71
CA THR O 272 3.53 -14.34 -66.58
C THR O 272 4.22 -15.37 -65.71
N ALA O 273 3.93 -16.65 -65.94
CA ALA O 273 4.34 -17.68 -65.00
C ALA O 273 4.68 -18.98 -65.71
N ARG O 274 5.37 -19.85 -64.98
CA ARG O 274 5.71 -21.20 -65.43
C ARG O 274 5.46 -22.17 -64.29
N LYS O 275 5.27 -23.44 -64.64
CA LYS O 275 4.98 -24.47 -63.66
C LYS O 275 6.26 -25.10 -63.14
N LEU O 276 6.23 -25.48 -61.86
CA LEU O 276 7.26 -26.30 -61.25
C LEU O 276 6.71 -27.70 -61.02
N THR O 277 7.52 -28.71 -61.33
CA THR O 277 7.12 -30.09 -61.16
C THR O 277 8.30 -30.91 -60.69
N GLN O 278 8.05 -31.80 -59.74
CA GLN O 278 9.07 -32.68 -59.19
C GLN O 278 9.13 -33.98 -59.98
N VAL O 279 10.35 -34.45 -60.24
CA VAL O 279 10.57 -35.75 -60.86
C VAL O 279 11.55 -36.54 -59.98
N VAL O 280 11.50 -37.86 -60.12
CA VAL O 280 12.42 -38.75 -59.43
C VAL O 280 13.01 -39.71 -60.45
N PHE O 281 14.30 -40.01 -60.30
CA PHE O 281 14.98 -40.97 -61.14
C PHE O 281 16.09 -41.61 -60.31
N GLY O 282 15.71 -42.22 -59.19
CA GLY O 282 16.65 -42.84 -58.29
C GLY O 282 16.40 -44.32 -58.07
N ALA O 283 16.76 -44.82 -56.88
CA ALA O 283 16.72 -46.25 -56.62
C ALA O 283 15.30 -46.82 -56.60
N GLN O 284 14.29 -45.99 -56.35
CA GLN O 284 12.92 -46.46 -56.26
C GLN O 284 12.18 -46.41 -57.59
N THR O 285 12.76 -45.74 -58.58
CA THR O 285 12.14 -45.66 -59.90
C THR O 285 12.52 -46.89 -60.72
N PRO O 286 11.56 -47.59 -61.31
CA PRO O 286 11.90 -48.75 -62.15
C PRO O 286 12.84 -48.36 -63.28
N LYS O 287 13.85 -49.19 -63.50
CA LYS O 287 14.87 -48.92 -64.50
C LYS O 287 15.32 -50.20 -65.15
N ALA O 288 15.75 -50.09 -66.41
CA ALA O 288 16.34 -51.23 -67.10
C ALA O 288 17.50 -51.81 -66.29
N THR O 289 18.34 -50.94 -65.73
CA THR O 289 19.41 -51.33 -64.82
C THR O 289 19.48 -50.30 -63.70
N GLN O 290 19.40 -50.77 -62.45
CA GLN O 290 19.68 -49.90 -61.31
C GLN O 290 21.18 -49.85 -61.09
N GLU O 291 21.78 -48.69 -61.31
CA GLU O 291 23.21 -48.49 -61.09
C GLU O 291 23.59 -48.82 -59.65
N GLN O 292 24.87 -49.07 -59.43
CA GLN O 292 25.41 -49.39 -58.11
C GLN O 292 24.90 -48.44 -57.04
N LEU O 293 24.38 -49.01 -55.95
CA LEU O 293 23.78 -48.24 -54.87
C LEU O 293 24.76 -48.16 -53.70
N ASN O 294 25.08 -46.93 -53.29
CA ASN O 294 26.02 -46.68 -52.20
C ASN O 294 25.27 -45.96 -51.08
N MET O 295 25.01 -46.67 -49.99
CA MET O 295 24.39 -46.09 -48.81
C MET O 295 25.40 -46.00 -47.68
N PHE O 296 25.26 -44.94 -46.88
CA PHE O 296 26.01 -44.78 -45.63
C PHE O 296 24.97 -44.82 -44.51
N VAL O 297 24.61 -46.02 -44.08
CA VAL O 297 23.56 -46.21 -43.08
C VAL O 297 24.11 -45.91 -41.70
N PRO O 298 23.69 -44.83 -41.05
CA PRO O 298 24.21 -44.53 -39.71
C PRO O 298 23.58 -45.44 -38.67
N LEU O 299 24.38 -45.78 -37.66
CA LEU O 299 23.94 -46.65 -36.59
C LEU O 299 23.37 -45.82 -35.45
N LEU O 300 22.13 -46.12 -35.06
CA LEU O 300 21.34 -45.24 -34.19
C LEU O 300 21.51 -45.60 -32.72
N PHE O 301 22.75 -45.65 -32.25
CA PHE O 301 23.01 -45.92 -30.85
C PHE O 301 23.18 -44.61 -30.08
N TRP O 302 22.89 -44.69 -28.78
CA TRP O 302 22.90 -43.52 -27.90
C TRP O 302 24.23 -42.76 -27.96
N PHE O 303 25.34 -43.46 -28.16
CA PHE O 303 26.64 -42.80 -28.11
C PHE O 303 27.00 -42.09 -29.41
N ARG O 304 26.05 -41.94 -30.33
CA ARG O 304 26.22 -41.00 -31.42
C ARG O 304 26.59 -39.62 -30.89
N ASP O 305 26.02 -39.25 -29.76
CA ASP O 305 26.28 -37.99 -29.07
C ASP O 305 27.75 -37.90 -28.65
N PRO O 306 28.47 -36.85 -29.04
CA PRO O 306 29.89 -36.74 -28.62
C PRO O 306 30.08 -36.74 -27.12
N ARG O 307 29.18 -36.10 -26.37
CA ARG O 307 29.28 -36.10 -24.92
C ARG O 307 29.16 -37.49 -24.31
N LEU O 308 28.73 -38.49 -25.08
CA LEU O 308 28.47 -39.83 -24.57
C LEU O 308 29.39 -40.88 -25.18
N ALA O 309 30.56 -40.48 -25.68
CA ALA O 309 31.46 -41.42 -26.31
C ALA O 309 32.00 -42.42 -25.29
N ILE O 310 32.21 -43.66 -25.75
CA ILE O 310 32.63 -44.76 -24.90
C ILE O 310 34.14 -44.73 -24.75
N ALA O 311 34.62 -44.82 -23.51
CA ALA O 311 36.05 -44.95 -23.27
C ALA O 311 36.53 -46.32 -23.73
N SER O 312 37.61 -46.33 -24.51
CA SER O 312 38.09 -47.58 -25.09
C SER O 312 38.65 -48.51 -24.02
N VAL O 313 39.32 -47.96 -23.01
CA VAL O 313 39.83 -48.78 -21.92
C VAL O 313 38.70 -49.37 -21.09
N SER O 314 37.49 -48.82 -21.20
CA SER O 314 36.36 -49.32 -20.43
C SER O 314 35.76 -50.58 -21.04
N ILE O 315 35.87 -50.75 -22.35
CA ILE O 315 35.38 -51.97 -23.01
C ILE O 315 36.56 -52.67 -23.68
N PRO O 316 36.95 -53.84 -23.20
CA PRO O 316 38.18 -54.49 -23.70
C PRO O 316 38.04 -54.96 -25.14
N TYR O 317 39.11 -54.73 -25.91
CA TYR O 317 39.18 -55.20 -27.28
C TYR O 317 39.10 -56.72 -27.32
N GLY O 318 38.56 -57.24 -28.43
CA GLY O 318 38.34 -58.65 -28.61
C GLY O 318 36.98 -59.16 -28.16
N GLN O 319 36.25 -58.34 -27.40
CA GLN O 319 34.88 -58.67 -27.00
C GLN O 319 33.93 -57.51 -27.29
N ARG O 320 34.34 -56.58 -28.12
CA ARG O 320 33.52 -55.41 -28.47
C ARG O 320 33.26 -55.48 -29.96
N PHE O 321 31.99 -55.64 -30.34
CA PHE O 321 31.61 -55.94 -31.71
C PHE O 321 30.35 -55.17 -32.09
N ILE O 322 30.30 -54.80 -33.36
CA ILE O 322 29.08 -54.33 -34.01
C ILE O 322 28.63 -55.45 -34.95
N THR O 323 27.44 -55.99 -34.70
CA THR O 323 26.92 -57.10 -35.48
C THR O 323 25.62 -56.68 -36.17
N VAL O 324 25.50 -56.99 -37.45
CA VAL O 324 24.40 -56.52 -38.28
C VAL O 324 23.78 -57.71 -39.01
N ASP O 325 22.49 -57.93 -38.81
CA ASP O 325 21.74 -58.92 -39.57
C ASP O 325 21.22 -58.30 -40.86
N ILE O 326 21.46 -58.97 -41.99
CA ILE O 326 21.12 -58.43 -43.30
C ILE O 326 19.86 -59.11 -43.83
N GLU O 327 18.95 -58.31 -44.36
CA GLU O 327 17.70 -58.79 -44.93
C GLU O 327 17.96 -59.51 -46.25
N GLN O 328 17.05 -60.41 -46.62
CA GLN O 328 17.21 -61.13 -47.86
C GLN O 328 16.86 -60.25 -49.06
N GLN O 329 17.42 -60.62 -50.21
CA GLN O 329 17.37 -59.75 -51.39
C GLN O 329 15.95 -59.50 -51.88
N SER O 330 15.07 -60.50 -51.75
CA SER O 330 13.71 -60.37 -52.27
C SER O 330 12.87 -59.34 -51.50
N ASN O 331 13.41 -58.77 -50.43
CA ASN O 331 12.75 -57.67 -49.73
C ASN O 331 13.39 -56.32 -50.01
N ILE O 332 14.48 -56.29 -50.75
CA ILE O 332 15.20 -55.07 -51.08
C ILE O 332 15.04 -54.71 -52.56
N LEU O 333 15.23 -55.68 -53.44
CA LEU O 333 15.19 -55.48 -54.88
C LEU O 333 13.93 -56.12 -55.46
N PHE O 334 13.30 -55.42 -56.40
CA PHE O 334 12.01 -55.82 -56.93
C PHE O 334 11.95 -55.57 -58.43
N THR O 335 11.17 -56.40 -59.12
CA THR O 335 10.85 -56.15 -60.51
C THR O 335 9.67 -55.19 -60.61
N ALA O 336 9.53 -54.60 -61.80
CA ALA O 336 8.44 -53.68 -62.09
C ALA O 336 8.30 -53.57 -63.59
N PRO O 337 7.14 -53.14 -64.08
CA PRO O 337 6.95 -53.04 -65.54
C PRO O 337 7.97 -52.11 -66.18
N GLY O 338 8.58 -52.58 -67.27
CA GLY O 338 9.50 -51.74 -68.02
C GLY O 338 8.81 -51.13 -69.23
N ASN O 339 9.44 -51.19 -70.40
CA ASN O 339 8.88 -50.59 -71.62
C ASN O 339 7.94 -51.58 -72.32
N LEU O 340 6.87 -51.93 -71.61
CA LEU O 340 5.82 -52.78 -72.14
C LEU O 340 4.51 -52.30 -71.53
N PHE O 341 3.48 -52.15 -72.36
CA PHE O 341 2.20 -51.62 -71.90
C PHE O 341 1.06 -52.35 -72.59
N LEU O 342 0.10 -52.82 -71.79
CA LEU O 342 -1.15 -53.33 -72.36
C LEU O 342 -2.00 -52.15 -72.80
N GLN O 343 -2.34 -52.11 -74.09
CA GLN O 343 -3.21 -51.09 -74.63
C GLN O 343 -4.63 -51.62 -74.68
N THR O 344 -5.56 -50.92 -74.05
CA THR O 344 -6.97 -51.28 -74.07
C THR O 344 -7.73 -50.20 -74.85
N THR O 345 -8.37 -50.60 -75.95
CA THR O 345 -9.06 -49.66 -76.83
C THR O 345 -10.50 -50.11 -77.02
N VAL O 346 -11.43 -49.17 -76.84
CA VAL O 346 -12.84 -49.38 -77.14
C VAL O 346 -13.25 -48.38 -78.21
N GLU O 347 -13.87 -48.87 -79.27
CA GLU O 347 -14.38 -48.04 -80.34
C GLU O 347 -15.88 -48.29 -80.49
N THR O 348 -16.66 -47.23 -80.57
CA THR O 348 -18.09 -47.32 -80.85
C THR O 348 -18.38 -46.68 -82.20
N LEU O 349 -19.16 -47.37 -83.03
CA LEU O 349 -19.58 -46.87 -84.33
C LEU O 349 -21.10 -46.74 -84.33
N LEU O 350 -21.60 -45.55 -84.67
CA LEU O 350 -23.04 -45.29 -84.74
C LEU O 350 -23.45 -45.22 -86.20
N THR O 351 -24.07 -46.28 -86.69
CA THR O 351 -24.63 -46.33 -88.03
C THR O 351 -26.15 -46.28 -87.95
N THR O 352 -26.77 -45.82 -89.04
CA THR O 352 -28.22 -45.62 -89.07
C THR O 352 -28.94 -46.49 -90.09
N GLY O 353 -28.23 -47.07 -91.05
CA GLY O 353 -28.85 -47.85 -92.12
C GLY O 353 -28.90 -49.33 -91.82
N ALA O 354 -28.91 -50.12 -92.89
CA ALA O 354 -28.98 -51.58 -92.76
C ALA O 354 -27.71 -52.11 -92.10
N GLY O 355 -27.89 -53.14 -91.26
CA GLY O 355 -26.78 -53.70 -90.51
C GLY O 355 -26.31 -52.86 -89.35
N LYS O 356 -27.09 -51.85 -88.94
CA LYS O 356 -26.65 -50.95 -87.88
C LYS O 356 -26.43 -51.72 -86.58
N GLY O 357 -25.46 -51.24 -85.80
CA GLY O 357 -25.06 -51.93 -84.59
C GLY O 357 -24.31 -53.22 -84.83
N THR O 358 -24.05 -53.58 -86.07
CA THR O 358 -23.25 -54.75 -86.42
C THR O 358 -22.02 -54.30 -87.22
N ALA O 359 -21.16 -55.26 -87.53
CA ALA O 359 -19.94 -54.96 -88.25
C ALA O 359 -20.20 -54.51 -89.68
N THR O 360 -21.41 -54.72 -90.21
CA THR O 360 -21.74 -54.38 -91.59
C THR O 360 -22.66 -53.16 -91.70
N GLY O 361 -22.76 -52.36 -90.64
CA GLY O 361 -23.65 -51.22 -90.69
C GLY O 361 -23.15 -50.18 -91.69
N VAL O 362 -24.09 -49.50 -92.33
CA VAL O 362 -23.78 -48.47 -93.32
C VAL O 362 -24.21 -47.11 -92.76
N LEU O 363 -23.56 -46.07 -93.29
CA LEU O 363 -23.77 -44.67 -92.88
C LEU O 363 -23.29 -44.46 -91.45
N LEU O 364 -22.01 -44.12 -91.31
CA LEU O 364 -21.39 -43.89 -90.00
C LEU O 364 -21.52 -42.41 -89.65
N THR O 365 -22.32 -42.10 -88.63
CA THR O 365 -22.47 -40.71 -88.18
C THR O 365 -21.50 -40.35 -87.08
N GLN O 366 -21.24 -41.26 -86.13
CA GLN O 366 -20.47 -40.93 -84.94
C GLN O 366 -19.50 -42.06 -84.61
N TYR O 367 -18.23 -41.70 -84.46
CA TYR O 367 -17.18 -42.63 -84.07
C TYR O 367 -16.55 -42.13 -82.79
N ASN O 368 -16.35 -43.05 -81.84
CA ASN O 368 -15.67 -42.75 -80.59
C ASN O 368 -14.57 -43.77 -80.36
N ARG O 369 -13.50 -43.34 -79.71
CA ARG O 369 -12.43 -44.24 -79.30
C ARG O 369 -11.96 -43.87 -77.90
N TYR O 370 -11.70 -44.88 -77.09
CA TYR O 370 -11.19 -44.71 -75.74
C TYR O 370 -10.02 -45.67 -75.58
N THR O 371 -8.88 -45.14 -75.13
CA THR O 371 -7.66 -45.93 -75.07
C THR O 371 -6.90 -45.63 -73.80
N THR O 372 -6.62 -46.68 -73.02
CA THR O 372 -5.79 -46.60 -71.83
C THR O 372 -4.54 -47.44 -72.02
N TYR O 373 -3.53 -47.16 -71.19
CA TYR O 373 -2.26 -47.88 -71.25
C TYR O 373 -1.92 -48.38 -69.85
N THR O 374 -1.73 -49.68 -69.72
CA THR O 374 -1.38 -50.29 -68.43
C THR O 374 0.00 -50.92 -68.52
N PRO O 375 1.02 -50.36 -67.87
CA PRO O 375 2.34 -50.99 -67.86
C PRO O 375 2.24 -52.44 -67.36
N THR O 376 3.00 -53.32 -68.01
CA THR O 376 2.77 -54.76 -67.91
C THR O 376 4.06 -55.49 -67.59
N LEU O 377 4.01 -56.35 -66.58
CA LEU O 377 5.15 -57.22 -66.26
C LEU O 377 5.41 -58.20 -67.40
N ALA O 378 6.68 -58.44 -67.68
CA ALA O 378 7.07 -59.50 -68.59
C ALA O 378 7.12 -60.83 -67.85
N SER O 379 6.90 -61.91 -68.59
CA SER O 379 6.91 -63.24 -68.00
C SER O 379 8.33 -63.78 -67.92
N GLY O 380 8.61 -64.49 -66.82
CA GLY O 380 9.92 -65.09 -66.65
C GLY O 380 11.05 -64.09 -66.55
N SER O 381 10.76 -62.88 -66.06
CA SER O 381 11.74 -61.82 -65.90
C SER O 381 11.80 -61.45 -64.43
N SER O 382 12.75 -62.01 -63.70
CA SER O 382 12.85 -61.81 -62.26
C SER O 382 14.22 -61.21 -61.91
N ILE O 383 14.35 -60.82 -60.65
CA ILE O 383 15.57 -60.14 -60.20
C ILE O 383 16.76 -61.10 -60.31
N ASP O 384 17.95 -60.50 -60.37
CA ASP O 384 19.20 -61.26 -60.45
C ASP O 384 19.57 -61.70 -59.04
N GLY O 385 19.36 -63.00 -58.75
CA GLY O 385 19.73 -63.54 -57.45
C GLY O 385 21.21 -63.54 -57.15
N THR O 386 22.05 -63.30 -58.16
CA THR O 386 23.50 -63.26 -57.98
C THR O 386 24.01 -61.85 -57.69
N GLN O 387 23.12 -60.89 -57.44
CA GLN O 387 23.56 -59.52 -57.18
C GLN O 387 24.46 -59.47 -55.95
N ALA O 388 25.67 -58.95 -56.14
CA ALA O 388 26.69 -58.98 -55.11
C ALA O 388 26.56 -57.80 -54.17
N VAL O 389 26.72 -58.06 -52.87
CA VAL O 389 27.06 -57.03 -51.90
C VAL O 389 28.55 -56.74 -52.11
N GLN O 390 28.85 -55.67 -52.84
CA GLN O 390 30.21 -55.45 -53.31
C GLN O 390 31.15 -54.90 -52.24
N ASN O 391 30.61 -54.24 -51.21
CA ASN O 391 31.46 -53.74 -50.14
C ASN O 391 30.59 -53.33 -48.96
N ILE O 392 31.05 -53.62 -47.76
CA ILE O 392 30.46 -53.11 -46.54
C ILE O 392 31.59 -52.74 -45.59
N GLU O 393 31.54 -51.53 -45.04
CA GLU O 393 32.60 -51.02 -44.19
C GLU O 393 32.00 -50.14 -43.10
N LEU O 394 32.48 -50.33 -41.88
CA LEU O 394 32.00 -49.62 -40.70
C LEU O 394 32.95 -48.47 -40.40
N TYR O 395 32.40 -47.26 -40.35
CA TYR O 395 33.15 -46.05 -40.01
C TYR O 395 32.90 -45.68 -38.56
N ILE O 396 33.97 -45.44 -37.81
CA ILE O 396 33.86 -45.05 -36.41
C ILE O 396 34.61 -43.73 -36.21
N ASN O 397 33.95 -42.78 -35.55
CA ASN O 397 34.62 -41.58 -35.07
C ASN O 397 35.39 -41.92 -33.80
N ASN O 398 36.68 -41.59 -33.79
CA ASN O 398 37.54 -41.85 -32.64
C ASN O 398 38.04 -40.53 -32.07
N ILE O 399 37.78 -40.30 -30.79
CA ILE O 399 38.06 -39.03 -30.13
C ILE O 399 39.27 -39.18 -29.22
N PHE O 400 40.15 -38.19 -29.25
CA PHE O 400 41.42 -38.23 -28.54
C PHE O 400 41.49 -37.09 -27.53
N VAL O 401 41.98 -37.40 -26.32
CA VAL O 401 42.13 -36.43 -25.25
C VAL O 401 43.54 -36.54 -24.68
N THR O 402 43.95 -35.49 -23.96
CA THR O 402 45.27 -35.46 -23.36
C THR O 402 45.41 -36.57 -22.32
N PRO O 403 46.62 -37.06 -22.09
CA PRO O 403 46.79 -38.15 -21.10
C PRO O 403 46.34 -37.77 -19.70
N GLU O 404 46.46 -36.49 -19.33
CA GLU O 404 46.04 -36.07 -18.01
C GLU O 404 44.53 -36.13 -17.87
N ILE O 405 43.81 -35.59 -18.85
CA ILE O 405 42.35 -35.55 -18.76
C ILE O 405 41.76 -36.95 -18.89
N HIS O 406 42.44 -37.84 -19.60
CA HIS O 406 42.01 -39.24 -19.63
C HIS O 406 42.00 -39.83 -18.23
N ASP O 407 43.17 -39.88 -17.59
CA ASP O 407 43.31 -40.51 -16.28
C ASP O 407 42.27 -40.00 -15.29
N ILE O 408 42.10 -38.68 -15.22
CA ILE O 408 41.10 -38.10 -14.31
C ILE O 408 39.71 -38.63 -14.64
N TYR O 409 39.38 -38.72 -15.93
CA TYR O 409 38.02 -39.05 -16.33
C TYR O 409 37.63 -40.47 -15.92
N ILE O 410 38.51 -41.44 -16.14
CA ILE O 410 38.20 -42.82 -15.76
C ILE O 410 37.95 -42.91 -14.26
N LYS O 411 38.81 -42.28 -13.46
CA LYS O 411 38.72 -42.37 -12.02
C LYS O 411 37.62 -41.50 -11.42
N ARG O 412 36.85 -40.77 -12.24
CA ARG O 412 35.94 -39.78 -11.67
C ARG O 412 34.51 -39.87 -12.20
N ILE O 413 34.34 -40.27 -13.46
CA ILE O 413 32.99 -40.26 -14.02
C ILE O 413 32.11 -41.30 -13.33
N GLY O 414 32.67 -42.43 -12.93
CA GLY O 414 31.90 -43.46 -12.25
C GLY O 414 30.98 -44.23 -13.16
N PHE O 415 29.94 -43.57 -13.66
CA PHE O 415 28.95 -44.19 -14.52
C PHE O 415 28.54 -43.18 -15.59
N THR O 416 27.81 -43.69 -16.59
CA THR O 416 27.34 -42.85 -17.69
C THR O 416 25.93 -43.30 -18.06
N LEU O 417 24.98 -42.37 -18.00
CA LEU O 417 23.59 -42.68 -18.31
C LEU O 417 23.43 -42.88 -19.82
N ILE O 418 22.71 -43.93 -20.21
CA ILE O 418 22.53 -44.31 -21.60
C ILE O 418 21.06 -44.59 -21.87
N ARG O 419 20.74 -44.72 -23.16
CA ARG O 419 19.39 -45.03 -23.63
C ARG O 419 19.44 -46.22 -24.57
N VAL O 420 18.51 -47.16 -24.39
CA VAL O 420 18.48 -48.39 -25.16
C VAL O 420 17.08 -48.61 -25.75
N TYR O 421 17.01 -49.50 -26.73
CA TYR O 421 15.75 -49.88 -27.36
C TYR O 421 15.20 -51.15 -26.73
N ARG O 422 13.88 -51.21 -26.63
CA ARG O 422 13.17 -52.41 -26.16
C ARG O 422 11.91 -52.55 -26.99
N GLU O 423 11.89 -53.55 -27.87
CA GLU O 423 10.80 -53.73 -28.81
C GLU O 423 9.98 -54.97 -28.49
N GLN O 424 8.71 -54.92 -28.87
CA GLN O 424 7.83 -56.08 -28.82
C GLN O 424 6.84 -55.98 -29.96
N VAL O 425 6.67 -57.07 -30.69
CA VAL O 425 5.71 -57.15 -31.79
C VAL O 425 4.67 -58.20 -31.41
N GLN O 426 3.41 -57.79 -31.35
CA GLN O 426 2.30 -58.67 -30.98
C GLN O 426 1.33 -58.75 -32.15
N ARG O 427 1.18 -59.94 -32.72
CA ARG O 427 0.29 -60.14 -33.85
C ARG O 427 -1.16 -60.19 -33.38
N GLU O 428 -2.04 -59.53 -34.13
CA GLU O 428 -3.42 -59.36 -33.70
C GLU O 428 -4.39 -59.62 -34.85
N VAL O 429 -5.45 -60.35 -34.53
CA VAL O 429 -6.66 -60.41 -35.35
C VAL O 429 -7.87 -59.86 -34.61
N ASN O 430 -7.65 -59.25 -33.45
CA ASN O 430 -8.73 -58.68 -32.65
C ASN O 430 -8.91 -57.21 -32.98
N ALA O 431 -10.17 -56.77 -33.07
CA ALA O 431 -10.47 -55.36 -33.24
C ALA O 431 -10.22 -54.57 -31.96
N ALA O 432 -10.11 -55.25 -30.83
CA ALA O 432 -9.82 -54.62 -29.54
C ALA O 432 -9.07 -55.61 -28.69
N ASP O 433 -7.99 -55.15 -28.05
CA ASP O 433 -7.22 -56.04 -27.20
C ASP O 433 -6.41 -55.22 -26.20
N GLN O 434 -6.03 -55.87 -25.11
CA GLN O 434 -5.21 -55.30 -24.04
C GLN O 434 -3.94 -56.13 -24.00
N VAL O 435 -2.84 -55.58 -24.51
CA VAL O 435 -1.61 -56.34 -24.76
C VAL O 435 -0.60 -55.99 -23.68
N LEU O 436 -0.20 -56.99 -22.89
CA LEU O 436 0.81 -56.79 -21.86
C LEU O 436 2.17 -56.59 -22.52
N GLN O 437 2.82 -55.47 -22.19
CA GLN O 437 4.15 -55.15 -22.71
C GLN O 437 5.20 -55.92 -21.91
N SER O 438 5.29 -57.22 -22.20
CA SER O 438 6.12 -58.11 -21.41
C SER O 438 7.62 -57.93 -21.67
N GLN O 439 8.03 -57.07 -22.59
CA GLN O 439 9.43 -56.97 -22.98
C GLN O 439 10.10 -55.67 -22.55
N LEU O 440 9.42 -54.84 -21.76
CA LEU O 440 9.95 -53.56 -21.32
C LEU O 440 10.34 -53.67 -19.86
N LYS O 441 11.60 -53.35 -19.54
CA LYS O 441 12.15 -53.77 -18.26
C LYS O 441 13.00 -52.70 -17.57
N TRP O 442 12.87 -51.43 -17.93
CA TRP O 442 13.69 -50.37 -17.35
C TRP O 442 12.87 -49.08 -17.29
N PRO O 443 13.42 -47.95 -16.81
CA PRO O 443 12.70 -46.68 -16.95
C PRO O 443 12.47 -46.36 -18.42
N VAL O 444 11.22 -46.00 -18.74
CA VAL O 444 10.80 -45.75 -20.12
C VAL O 444 10.49 -44.27 -20.27
N GLU O 445 11.24 -43.59 -21.13
CA GLU O 445 10.94 -42.20 -21.46
C GLU O 445 9.70 -42.10 -22.34
N PHE O 446 9.67 -42.85 -23.43
CA PHE O 446 8.58 -42.78 -24.40
C PHE O 446 8.56 -44.03 -25.25
N ILE O 447 7.45 -44.24 -25.93
CA ILE O 447 7.18 -45.49 -26.64
C ILE O 447 6.66 -45.15 -28.04
N TYR O 448 7.37 -45.61 -29.07
CA TYR O 448 6.85 -45.57 -30.44
C TYR O 448 5.83 -46.69 -30.61
N LEU O 449 4.69 -46.37 -31.21
CA LEU O 449 3.60 -47.34 -31.31
C LEU O 449 2.99 -47.32 -32.71
N GLY O 450 2.90 -48.50 -33.32
CA GLY O 450 2.19 -48.66 -34.57
C GLY O 450 1.44 -49.97 -34.59
N LEU O 451 0.47 -50.07 -35.52
CA LEU O 451 -0.32 -51.29 -35.73
C LEU O 451 -0.30 -51.59 -37.22
N ARG O 452 0.78 -52.26 -37.67
CA ARG O 452 1.00 -52.43 -39.10
C ARG O 452 0.29 -53.66 -39.62
N PRO O 453 -0.49 -53.54 -40.69
CA PRO O 453 -1.13 -54.73 -41.28
C PRO O 453 -0.07 -55.67 -41.85
N ALA O 454 -0.26 -56.96 -41.59
CA ALA O 454 0.68 -57.98 -42.07
C ALA O 454 0.83 -57.95 -43.58
N ASN O 455 -0.16 -57.42 -44.31
CA ASN O 455 -0.11 -57.39 -45.76
C ASN O 455 0.94 -56.42 -46.30
N ASN O 456 1.34 -55.42 -45.52
CA ASN O 456 2.34 -54.46 -45.98
C ASN O 456 3.69 -55.10 -46.24
N ILE O 457 3.93 -56.31 -45.70
CA ILE O 457 5.20 -57.00 -45.87
C ILE O 457 5.02 -58.35 -46.55
N ALA O 458 3.83 -58.64 -47.06
CA ALA O 458 3.58 -59.90 -47.74
C ALA O 458 4.17 -59.88 -49.14
N ALA O 459 4.83 -60.98 -49.52
CA ALA O 459 5.39 -61.08 -50.86
C ALA O 459 4.32 -60.97 -51.94
N GLY O 460 3.07 -61.34 -51.60
CA GLY O 460 1.97 -61.22 -52.53
C GLY O 460 1.42 -59.81 -52.69
N ASN O 461 1.93 -58.86 -51.91
CA ASN O 461 1.60 -57.45 -52.10
C ASN O 461 2.57 -56.87 -53.14
N THR O 462 2.05 -56.55 -54.32
CA THR O 462 2.89 -55.94 -55.34
C THR O 462 3.36 -54.55 -54.96
N TYR O 463 2.85 -53.99 -53.87
CA TYR O 463 3.28 -52.69 -53.37
C TYR O 463 4.08 -52.80 -52.08
N GLN O 464 4.61 -53.99 -51.79
CA GLN O 464 5.41 -54.17 -50.58
C GLN O 464 6.64 -53.26 -50.56
N TRP O 465 7.21 -52.97 -51.74
CA TRP O 465 8.39 -52.11 -51.81
C TRP O 465 8.14 -50.74 -51.21
N ARG O 466 6.88 -50.31 -51.12
CA ARG O 466 6.50 -49.01 -50.59
C ARG O 466 5.69 -49.11 -49.30
N ASP O 467 4.77 -50.07 -49.20
CA ASP O 467 3.93 -50.22 -48.02
C ASP O 467 4.70 -50.71 -46.80
N TRP O 468 5.92 -51.22 -46.96
CA TRP O 468 6.54 -52.00 -45.90
C TRP O 468 6.79 -51.19 -44.64
N HIS O 469 7.10 -49.91 -44.77
CA HIS O 469 7.35 -49.06 -43.61
C HIS O 469 6.13 -48.26 -43.17
N HIS O 470 4.99 -48.43 -43.83
CA HIS O 470 3.78 -47.72 -43.45
C HIS O 470 3.09 -48.44 -42.29
N LEU O 471 2.61 -47.65 -41.33
CA LEU O 471 1.89 -48.18 -40.19
C LEU O 471 0.37 -48.08 -40.36
N THR O 472 -0.10 -47.99 -41.60
CA THR O 472 -1.51 -48.02 -41.94
C THR O 472 -1.72 -48.97 -43.12
N SER O 473 -2.98 -49.17 -43.48
CA SER O 473 -3.33 -49.90 -44.69
C SER O 473 -3.42 -48.91 -45.84
N VAL O 474 -2.72 -49.23 -46.93
CA VAL O 474 -2.60 -48.33 -48.08
C VAL O 474 -3.36 -48.93 -49.25
N THR O 475 -4.37 -48.22 -49.72
CA THR O 475 -5.03 -48.55 -50.98
C THR O 475 -4.57 -47.56 -52.05
N ASN O 476 -4.64 -48.00 -53.31
CA ASN O 476 -4.07 -47.26 -54.43
C ASN O 476 -5.20 -46.72 -55.29
N GLU O 477 -5.36 -45.39 -55.29
CA GLU O 477 -6.46 -44.75 -56.00
C GLU O 477 -5.93 -44.12 -57.28
N PRO O 478 -6.47 -44.49 -58.45
CA PRO O 478 -5.94 -43.93 -59.71
C PRO O 478 -6.39 -42.50 -59.93
N VAL O 479 -5.49 -41.70 -60.51
CA VAL O 479 -5.80 -40.37 -61.03
C VAL O 479 -5.34 -40.34 -62.47
N TYR O 480 -6.27 -40.02 -63.38
CA TYR O 480 -6.02 -40.09 -64.83
C TYR O 480 -5.83 -38.71 -65.41
N ASP O 481 -4.78 -38.54 -66.21
CA ASP O 481 -4.66 -37.43 -67.13
C ASP O 481 -5.23 -37.87 -68.47
N VAL O 482 -6.31 -37.23 -68.91
CA VAL O 482 -7.08 -37.66 -70.07
C VAL O 482 -6.95 -36.62 -71.17
N SER O 483 -6.72 -37.08 -72.40
CA SER O 483 -6.66 -36.23 -73.58
C SER O 483 -7.95 -36.40 -74.37
N GLN O 484 -8.67 -35.30 -74.58
CA GLN O 484 -9.95 -35.31 -75.27
C GLN O 484 -9.82 -34.61 -76.62
N SER O 485 -10.34 -35.24 -77.67
CA SER O 485 -10.37 -34.66 -79.00
C SER O 485 -11.79 -34.59 -79.52
N TYR O 486 -11.98 -33.74 -80.53
CA TYR O 486 -13.20 -33.71 -81.32
C TYR O 486 -12.80 -33.35 -82.74
N ALA O 487 -13.34 -34.09 -83.71
CA ALA O 487 -13.08 -33.81 -85.11
C ALA O 487 -14.40 -33.94 -85.87
N ARG O 488 -14.68 -32.97 -86.75
CA ARG O 488 -15.86 -33.01 -87.59
C ARG O 488 -15.45 -32.75 -89.03
N VAL O 489 -15.98 -33.56 -89.95
CA VAL O 489 -15.57 -33.55 -91.35
C VAL O 489 -16.81 -33.66 -92.22
N SER O 490 -16.89 -32.81 -93.25
CA SER O 490 -17.94 -32.90 -94.26
C SER O 490 -17.47 -33.81 -95.38
N ILE O 491 -18.27 -34.83 -95.71
CA ILE O 491 -17.93 -35.78 -96.77
C ILE O 491 -18.69 -35.49 -98.06
N ASP O 492 -19.30 -34.31 -98.18
CA ASP O 492 -20.06 -33.94 -99.38
C ASP O 492 -19.81 -32.47 -99.65
N ASP O 493 -18.99 -32.17 -100.67
CA ASP O 493 -18.75 -30.77 -101.04
C ASP O 493 -19.93 -30.13 -101.77
N THR O 494 -21.13 -30.72 -101.78
CA THR O 494 -22.30 -30.11 -102.38
C THR O 494 -23.47 -30.00 -101.42
N VAL O 495 -23.28 -30.37 -100.16
CA VAL O 495 -24.33 -30.31 -99.14
C VAL O 495 -23.81 -29.51 -97.95
N ALA O 496 -24.64 -28.58 -97.46
CA ALA O 496 -24.25 -27.78 -96.31
C ALA O 496 -24.04 -28.67 -95.08
N PRO O 497 -22.91 -28.56 -94.39
CA PRO O 497 -22.68 -29.45 -93.24
C PRO O 497 -23.65 -29.25 -92.09
N VAL O 498 -24.01 -28.01 -91.76
CA VAL O 498 -24.87 -27.76 -90.60
C VAL O 498 -26.23 -28.41 -90.82
N GLY O 499 -26.55 -29.42 -90.01
CA GLY O 499 -27.81 -30.11 -90.09
C GLY O 499 -27.82 -31.37 -90.93
N SER O 500 -26.70 -31.73 -91.55
CA SER O 500 -26.63 -32.84 -92.47
C SER O 500 -25.89 -34.02 -91.85
N THR O 501 -26.32 -35.24 -92.19
CA THR O 501 -25.59 -36.42 -91.76
C THR O 501 -24.30 -36.63 -92.54
N THR O 502 -24.09 -35.87 -93.62
CA THR O 502 -22.79 -35.81 -94.27
C THR O 502 -21.76 -35.06 -93.44
N PHE O 503 -22.17 -34.53 -92.29
CA PHE O 503 -21.29 -33.83 -91.35
C PHE O 503 -20.92 -34.84 -90.26
N LYS O 504 -19.76 -35.45 -90.40
CA LYS O 504 -19.37 -36.56 -89.54
C LYS O 504 -18.83 -36.06 -88.20
N GLN O 505 -18.91 -36.94 -87.20
CA GLN O 505 -18.40 -36.66 -85.87
C GLN O 505 -17.41 -37.73 -85.45
N SER O 506 -16.30 -37.32 -84.86
CA SER O 506 -15.33 -38.23 -84.29
C SER O 506 -14.84 -37.66 -82.97
N ALA O 507 -14.65 -38.55 -81.99
CA ALA O 507 -14.15 -38.14 -80.68
C ALA O 507 -13.26 -39.25 -80.14
N SER O 508 -12.25 -38.86 -79.38
CA SER O 508 -11.33 -39.81 -78.76
C SER O 508 -10.95 -39.34 -77.37
N GLN O 509 -10.82 -40.30 -76.47
CA GLN O 509 -10.27 -40.07 -75.13
C GLN O 509 -9.09 -41.01 -74.96
N VAL O 510 -7.92 -40.44 -74.65
CA VAL O 510 -6.70 -41.21 -74.50
C VAL O 510 -6.06 -40.86 -73.17
N MET O 511 -5.66 -41.90 -72.43
CA MET O 511 -4.97 -41.71 -71.15
C MET O 511 -3.60 -41.10 -71.41
N GLN O 512 -3.44 -39.81 -71.05
CA GLN O 512 -2.14 -39.17 -71.18
C GLN O 512 -1.16 -39.72 -70.14
N ASN O 513 -1.61 -39.82 -68.89
CA ASN O 513 -0.80 -40.41 -67.83
C ASN O 513 -1.76 -40.92 -66.76
N GLN O 514 -1.19 -41.67 -65.81
CA GLN O 514 -1.94 -42.11 -64.64
C GLN O 514 -1.06 -41.96 -63.42
N TYR O 515 -1.62 -41.39 -62.36
CA TYR O 515 -0.98 -41.34 -61.06
C TYR O 515 -1.66 -42.34 -60.14
N ILE O 516 -0.92 -42.75 -59.11
CA ILE O 516 -1.46 -43.61 -58.06
C ILE O 516 -1.36 -42.87 -56.75
N VAL O 517 -2.51 -42.59 -56.14
CA VAL O 517 -2.57 -41.93 -54.84
C VAL O 517 -2.58 -43.00 -53.76
N PRO O 518 -1.58 -43.05 -52.88
CA PRO O 518 -1.62 -43.95 -51.72
C PRO O 518 -2.53 -43.38 -50.64
N VAL O 519 -3.71 -43.99 -50.50
CA VAL O 519 -4.72 -43.55 -49.52
C VAL O 519 -4.54 -44.38 -48.26
N GLU O 520 -4.21 -43.72 -47.16
CA GLU O 520 -3.93 -44.38 -45.89
C GLU O 520 -5.23 -44.61 -45.13
N THR O 521 -5.39 -45.83 -44.60
CA THR O 521 -6.51 -46.19 -43.74
C THR O 521 -5.96 -46.50 -42.35
N GLU O 522 -6.34 -45.68 -41.37
CA GLU O 522 -5.80 -45.83 -40.03
C GLU O 522 -6.21 -47.16 -39.41
N THR O 523 -5.28 -47.79 -38.70
CA THR O 523 -5.56 -49.07 -38.04
C THR O 523 -5.89 -48.91 -36.56
N LEU O 524 -5.56 -47.77 -35.95
CA LEU O 524 -5.81 -47.53 -34.53
C LEU O 524 -6.81 -46.40 -34.38
N ASP O 525 -7.88 -46.65 -33.64
CA ASP O 525 -8.83 -45.60 -33.29
C ASP O 525 -8.50 -44.99 -31.94
N THR O 526 -8.29 -45.82 -30.92
CA THR O 526 -8.00 -45.36 -29.58
C THR O 526 -6.89 -46.20 -28.97
N VAL O 527 -6.12 -45.58 -28.08
CA VAL O 527 -5.05 -46.25 -27.35
C VAL O 527 -5.14 -45.85 -25.88
N ARG O 528 -4.94 -46.82 -24.99
CA ARG O 528 -4.98 -46.59 -23.56
C ARG O 528 -3.80 -47.32 -22.92
N VAL O 529 -3.19 -46.69 -21.92
CA VAL O 529 -2.00 -47.24 -21.27
C VAL O 529 -2.32 -47.42 -19.79
N LYS O 530 -2.28 -48.68 -19.33
CA LYS O 530 -2.67 -49.06 -17.98
C LYS O 530 -1.53 -49.84 -17.34
N ALA O 531 -1.19 -49.48 -16.11
CA ALA O 531 -0.12 -50.14 -15.37
C ALA O 531 -0.58 -50.37 -13.93
N HIS O 532 -0.58 -51.64 -13.50
CA HIS O 532 -1.12 -52.05 -12.21
C HIS O 532 -2.58 -51.63 -12.04
N GLY O 533 -3.27 -51.37 -13.14
CA GLY O 533 -4.66 -50.94 -13.08
C GLY O 533 -4.88 -49.46 -12.89
N ILE O 534 -3.86 -48.63 -13.05
CA ILE O 534 -4.01 -47.18 -12.99
C ILE O 534 -3.64 -46.60 -14.34
N GLU O 535 -4.46 -45.66 -14.82
CA GLU O 535 -4.29 -45.10 -16.15
C GLU O 535 -3.11 -44.15 -16.19
N LEU O 536 -2.16 -44.41 -17.09
CA LEU O 536 -1.20 -43.40 -17.47
C LEU O 536 -1.75 -42.52 -18.60
N TYR O 537 -2.50 -43.13 -19.51
CA TYR O 537 -3.27 -42.44 -20.53
C TYR O 537 -4.67 -43.02 -20.56
N ALA O 538 -5.68 -42.18 -20.39
CA ALA O 538 -7.04 -42.63 -20.62
C ALA O 538 -7.21 -43.00 -22.10
N GLN O 539 -8.37 -43.56 -22.42
CA GLN O 539 -8.65 -43.98 -23.79
C GLN O 539 -8.80 -42.73 -24.66
N TYR O 540 -7.78 -42.44 -25.46
CA TYR O 540 -7.76 -41.25 -26.29
C TYR O 540 -7.63 -41.63 -27.76
N ARG O 541 -8.20 -40.79 -28.62
CA ARG O 541 -8.13 -41.00 -30.06
C ARG O 541 -6.68 -40.99 -30.53
N ALA O 542 -6.43 -41.69 -31.64
CA ALA O 542 -5.06 -41.88 -32.11
C ALA O 542 -4.41 -40.56 -32.50
N GLN O 543 -5.18 -39.61 -33.05
CA GLN O 543 -4.62 -38.33 -33.43
C GLN O 543 -4.01 -37.58 -32.25
N PHE O 544 -4.45 -37.88 -31.03
CA PHE O 544 -3.84 -37.27 -29.86
C PHE O 544 -2.37 -37.67 -29.73
N TYR O 545 -2.09 -38.96 -29.86
CA TYR O 545 -0.72 -39.45 -29.76
C TYR O 545 0.08 -39.24 -31.03
N ARG O 546 -0.58 -39.13 -32.19
CA ARG O 546 0.11 -38.93 -33.46
C ARG O 546 0.33 -37.45 -33.78
N ASP O 547 -0.67 -36.61 -33.53
CA ASP O 547 -0.58 -35.19 -33.84
C ASP O 547 -0.23 -34.34 -32.63
N TYR O 548 -0.98 -34.47 -31.53
CA TYR O 548 -0.84 -33.50 -30.44
C TYR O 548 0.49 -33.66 -29.71
N ILE O 549 0.80 -34.86 -29.24
CA ILE O 549 2.02 -35.06 -28.46
C ILE O 549 3.27 -34.75 -29.28
N PRO O 550 3.44 -35.23 -30.51
CA PRO O 550 4.63 -34.82 -31.28
C PRO O 550 4.67 -33.34 -31.61
N TRP O 551 3.52 -32.69 -31.78
CA TRP O 551 3.53 -31.25 -32.04
C TRP O 551 3.99 -30.48 -30.81
N ASN O 552 3.64 -30.96 -29.61
CA ASN O 552 3.80 -30.20 -28.39
C ASN O 552 5.15 -30.40 -27.73
N TYR O 553 5.75 -31.57 -27.87
CA TYR O 553 6.95 -31.93 -27.14
C TYR O 553 8.15 -32.04 -28.07
N GLY O 554 9.33 -31.86 -27.48
CA GLY O 554 10.56 -32.24 -28.15
C GLY O 554 11.18 -31.19 -29.05
N SER O 555 10.48 -30.09 -29.32
CA SER O 555 11.00 -28.99 -30.15
C SER O 555 11.51 -29.59 -31.46
N PHE O 556 12.73 -29.24 -31.90
CA PHE O 556 13.24 -29.74 -33.17
C PHE O 556 13.75 -31.16 -33.11
N ASN O 557 13.68 -31.82 -31.95
CA ASN O 557 14.06 -33.23 -31.87
C ASN O 557 12.93 -34.15 -32.31
N LEU O 558 11.68 -33.73 -32.13
CA LEU O 558 10.53 -34.58 -32.41
C LEU O 558 9.76 -33.99 -33.59
N VAL O 559 9.67 -34.77 -34.67
CA VAL O 559 8.96 -34.37 -35.89
C VAL O 559 7.54 -34.90 -35.84
N THR O 560 6.58 -34.07 -36.20
CA THR O 560 5.21 -34.55 -36.34
C THR O 560 5.13 -35.48 -37.54
N PRO O 561 4.74 -36.74 -37.37
CA PRO O 561 4.98 -37.74 -38.41
C PRO O 561 4.04 -37.62 -39.60
N GLN O 562 4.58 -37.92 -40.79
CA GLN O 562 3.75 -38.01 -41.98
C GLN O 562 2.85 -39.23 -41.95
N ASP O 563 3.37 -40.35 -41.46
CA ASP O 563 2.58 -41.57 -41.35
C ASP O 563 1.37 -41.33 -40.46
N LYS O 564 0.17 -41.51 -41.02
CA LYS O 564 -1.04 -41.41 -40.21
C LYS O 564 -1.12 -42.48 -39.13
N GLY O 565 -0.23 -43.47 -39.16
CA GLY O 565 -0.23 -44.54 -38.18
C GLY O 565 0.90 -44.53 -37.17
N ALA O 566 1.71 -43.48 -37.13
CA ALA O 566 2.82 -43.41 -36.17
C ALA O 566 2.36 -42.63 -34.94
N LEU O 567 2.34 -43.30 -33.78
CA LEU O 567 1.88 -42.71 -32.54
C LEU O 567 3.02 -42.63 -31.54
N PHE O 568 2.93 -41.65 -30.64
CA PHE O 568 4.00 -41.34 -29.69
C PHE O 568 3.40 -41.31 -28.29
N LEU O 569 3.79 -42.29 -27.47
CA LEU O 569 3.36 -42.35 -26.07
C LEU O 569 4.48 -41.74 -25.23
N ASN O 570 4.32 -40.48 -24.86
CA ASN O 570 5.36 -39.76 -24.15
C ASN O 570 5.17 -39.85 -22.65
N PHE O 571 6.28 -39.92 -21.92
CA PHE O 571 6.26 -39.90 -20.47
C PHE O 571 7.30 -38.95 -19.87
N CYS O 572 8.10 -38.29 -20.70
CA CYS O 572 9.04 -37.27 -20.25
C CYS O 572 8.62 -35.92 -20.81
N LEU O 573 9.29 -34.87 -20.35
CA LEU O 573 8.96 -33.51 -20.77
C LEU O 573 9.81 -33.01 -21.93
N TYR O 574 11.00 -33.56 -22.16
CA TYR O 574 11.93 -33.05 -23.17
C TYR O 574 12.59 -34.20 -23.94
N PRO O 575 11.83 -34.92 -24.77
CA PRO O 575 12.48 -35.85 -25.69
C PRO O 575 13.13 -35.10 -26.85
N GLY O 576 14.30 -35.50 -27.33
CA GLY O 576 15.16 -36.45 -26.66
C GLY O 576 16.41 -35.70 -26.24
N THR O 577 16.26 -34.93 -25.17
CA THR O 577 17.39 -34.29 -24.50
C THR O 577 18.12 -35.29 -23.61
N TYR O 578 19.39 -35.00 -23.35
CA TYR O 578 20.17 -35.92 -22.53
C TYR O 578 19.72 -35.88 -21.08
N GLN O 579 19.59 -34.68 -20.51
CA GLN O 579 19.13 -34.52 -19.14
C GLN O 579 17.77 -35.22 -18.97
N PRO O 580 17.66 -36.15 -18.02
CA PRO O 580 16.39 -36.86 -17.84
C PRO O 580 15.28 -35.90 -17.43
N SER O 581 14.05 -36.26 -17.80
CA SER O 581 12.93 -35.32 -17.65
C SER O 581 11.59 -36.04 -17.50
N GLY O 582 11.57 -37.21 -16.89
CA GLY O 582 10.34 -37.97 -16.72
C GLY O 582 10.42 -39.34 -17.33
N HIS O 583 9.76 -40.32 -16.70
CA HIS O 583 9.74 -41.69 -17.19
C HIS O 583 8.68 -42.46 -16.41
N VAL O 584 8.56 -43.74 -16.72
CA VAL O 584 7.67 -44.66 -16.01
C VAL O 584 8.54 -45.62 -15.21
N ASN O 585 8.30 -45.69 -13.90
CA ASN O 585 9.08 -46.55 -13.02
C ASN O 585 8.97 -48.01 -13.47
N ILE O 586 9.91 -48.83 -12.97
CA ILE O 586 10.01 -50.19 -13.48
C ILE O 586 9.03 -51.14 -12.79
N SER O 587 8.58 -50.84 -11.57
CA SER O 587 7.52 -51.65 -10.97
C SER O 587 6.25 -51.60 -11.82
N ARG O 588 5.96 -50.43 -12.41
CA ARG O 588 4.88 -50.34 -13.38
C ARG O 588 5.30 -50.85 -14.76
N ALA O 589 6.60 -50.79 -15.08
CA ALA O 589 7.07 -51.27 -16.37
C ALA O 589 7.00 -52.79 -16.51
N ARG O 590 6.80 -53.51 -15.40
CA ARG O 590 6.51 -54.94 -15.47
C ARG O 590 5.11 -55.13 -16.04
N GLU O 591 4.12 -54.79 -15.22
CA GLU O 591 2.70 -54.91 -15.55
C GLU O 591 2.29 -53.70 -16.38
N PHE O 592 2.49 -53.80 -17.69
CA PHE O 592 2.29 -52.68 -18.59
C PHE O 592 1.37 -53.10 -19.73
N TYR O 593 0.25 -52.40 -19.88
CA TYR O 593 -0.75 -52.71 -20.89
C TYR O 593 -0.89 -51.56 -21.88
N ILE O 594 -0.79 -51.88 -23.16
CA ILE O 594 -1.21 -50.98 -24.23
C ILE O 594 -2.47 -51.59 -24.82
N GLU O 595 -3.59 -50.91 -24.63
CA GLU O 595 -4.89 -51.36 -25.12
C GLU O 595 -5.32 -50.52 -26.31
N TYR O 596 -5.83 -51.18 -27.34
CA TYR O 596 -6.22 -50.49 -28.57
C TYR O 596 -7.65 -50.85 -28.95
N THR O 597 -8.23 -49.99 -29.79
CA THR O 597 -9.47 -50.30 -30.51
C THR O 597 -9.24 -50.00 -31.98
N SER O 598 -9.67 -50.92 -32.84
CA SER O 598 -9.40 -50.83 -34.27
C SER O 598 -10.68 -51.00 -35.07
N SER O 599 -10.82 -50.20 -36.12
CA SER O 599 -11.89 -50.38 -37.10
C SER O 599 -11.47 -51.24 -38.27
N PHE O 600 -10.20 -51.63 -38.34
CA PHE O 600 -9.62 -52.34 -39.48
C PHE O 600 -9.22 -53.77 -39.15
N CYS O 601 -8.43 -53.95 -38.09
CA CYS O 601 -7.88 -55.27 -37.77
C CYS O 601 -8.99 -56.25 -37.41
N ASP O 602 -9.06 -57.35 -38.16
CA ASP O 602 -9.86 -58.51 -37.80
C ASP O 602 -9.18 -59.74 -38.35
N SER O 603 -9.88 -60.88 -38.32
CA SER O 603 -9.28 -62.12 -38.80
C SER O 603 -8.94 -62.05 -40.28
N SER O 604 -9.70 -61.28 -41.06
CA SER O 604 -9.39 -61.13 -42.48
C SER O 604 -8.18 -60.22 -42.69
N ASN O 605 -7.97 -59.25 -41.81
CA ASN O 605 -6.91 -58.24 -41.95
C ASN O 605 -6.02 -58.28 -40.70
N PRO O 606 -5.09 -59.22 -40.63
CA PRO O 606 -4.20 -59.28 -39.47
C PRO O 606 -3.30 -58.04 -39.42
N CYS O 607 -2.90 -57.69 -38.20
CA CYS O 607 -2.04 -56.54 -37.97
C CYS O 607 -1.06 -56.84 -36.85
N ASP O 608 0.06 -56.13 -36.85
CA ASP O 608 1.11 -56.28 -35.85
C ASP O 608 1.12 -55.05 -34.95
N LEU O 609 0.89 -55.25 -33.65
CA LEU O 609 1.00 -54.17 -32.68
C LEU O 609 2.47 -53.98 -32.33
N ILE O 610 3.09 -52.97 -32.94
CA ILE O 610 4.52 -52.71 -32.77
C ILE O 610 4.68 -51.64 -31.70
N SER O 611 5.30 -52.01 -30.58
CA SER O 611 5.65 -51.06 -29.53
C SER O 611 7.17 -51.12 -29.33
N ILE O 612 7.82 -49.98 -29.50
CA ILE O 612 9.27 -49.85 -29.33
C ILE O 612 9.52 -48.76 -28.30
N ALA O 613 10.08 -49.15 -27.16
CA ALA O 613 10.31 -48.23 -26.06
C ALA O 613 11.78 -47.82 -26.01
N LYS O 614 12.01 -46.55 -25.65
CA LYS O 614 13.35 -46.04 -25.40
C LYS O 614 13.55 -45.92 -23.90
N CYS O 615 14.51 -46.66 -23.37
CA CYS O 615 14.66 -46.85 -21.93
C CYS O 615 15.98 -46.27 -21.44
N ILE O 616 15.92 -45.63 -20.27
CA ILE O 616 17.13 -45.18 -19.59
C ILE O 616 17.82 -46.38 -18.96
N ASN O 617 19.14 -46.43 -19.09
CA ASN O 617 19.94 -47.42 -18.37
C ASN O 617 21.25 -46.75 -17.96
N PHE O 618 22.16 -47.54 -17.39
CA PHE O 618 23.39 -47.00 -16.83
C PHE O 618 24.55 -47.94 -17.15
N LEU O 619 25.72 -47.34 -17.37
CA LEU O 619 26.93 -48.06 -17.75
C LEU O 619 28.04 -47.68 -16.79
N LEU O 620 28.60 -48.68 -16.10
CA LEU O 620 29.65 -48.45 -15.12
C LEU O 620 31.02 -48.45 -15.79
N ILE O 621 31.97 -47.76 -15.15
CA ILE O 621 33.36 -47.81 -15.61
C ILE O 621 34.20 -48.52 -14.56
N ASP P 12 -47.26 -73.92 16.37
CA ASP P 12 -48.12 -74.41 17.43
C ASP P 12 -49.43 -73.64 17.50
N GLY P 13 -49.48 -72.64 18.38
CA GLY P 13 -50.68 -71.88 18.64
C GLY P 13 -50.68 -70.53 17.95
N LYS P 14 -51.54 -69.64 18.44
CA LYS P 14 -51.69 -68.33 17.82
C LYS P 14 -50.44 -67.47 17.97
N ALA P 15 -49.84 -67.47 19.17
CA ALA P 15 -48.65 -66.66 19.37
C ALA P 15 -47.49 -67.12 18.50
N ASP P 16 -47.42 -68.43 18.21
CA ASP P 16 -46.36 -68.93 17.34
C ASP P 16 -46.57 -68.51 15.90
N ARG P 17 -47.82 -68.51 15.44
CA ARG P 17 -48.10 -68.09 14.06
C ARG P 17 -47.67 -66.65 13.81
N MET P 18 -47.75 -65.78 14.82
CA MET P 18 -47.46 -64.36 14.63
C MET P 18 -46.00 -64.01 14.86
N ILE P 19 -45.25 -64.88 15.56
CA ILE P 19 -43.84 -64.66 15.81
C ILE P 19 -42.95 -65.38 14.80
N MET P 20 -43.36 -66.56 14.31
CA MET P 20 -42.49 -67.35 13.46
C MET P 20 -43.17 -67.74 12.14
N ALA P 21 -44.51 -67.81 12.16
CA ALA P 21 -45.30 -68.05 10.95
C ALA P 21 -44.80 -69.27 10.18
N ASN P 22 -44.67 -70.39 10.88
CA ASN P 22 -44.04 -71.56 10.26
C ASN P 22 -44.95 -72.23 9.23
N ASP P 23 -46.27 -72.21 9.45
CA ASP P 23 -47.18 -72.76 8.45
C ASP P 23 -47.01 -72.06 7.10
N LEU P 24 -46.99 -70.73 7.13
CA LEU P 24 -46.72 -69.96 5.91
C LEU P 24 -45.38 -70.34 5.32
N LEU P 25 -44.33 -70.38 6.15
CA LEU P 25 -42.99 -70.67 5.65
C LEU P 25 -42.92 -72.04 4.99
N ASN P 26 -43.56 -73.05 5.59
CA ASN P 26 -43.56 -74.38 4.98
C ASN P 26 -44.27 -74.36 3.63
N ASP P 27 -45.37 -73.63 3.52
CA ASP P 27 -46.10 -73.60 2.27
C ASP P 27 -45.40 -72.76 1.21
N ARG P 28 -44.65 -71.73 1.62
CA ARG P 28 -43.79 -71.03 0.66
C ARG P 28 -42.75 -71.99 0.08
N ILE P 29 -42.12 -72.78 0.96
CA ILE P 29 -41.13 -73.76 0.50
C ILE P 29 -41.77 -74.76 -0.45
N LYS P 30 -42.92 -75.31 -0.05
CA LYS P 30 -43.66 -76.22 -0.94
C LYS P 30 -43.93 -75.56 -2.29
N SER P 31 -44.40 -74.31 -2.26
CA SER P 31 -44.79 -73.64 -3.49
C SER P 31 -43.58 -73.36 -4.38
N ILE P 32 -42.49 -72.87 -3.79
CA ILE P 32 -41.32 -72.51 -4.58
C ILE P 32 -40.68 -73.75 -5.20
N MET P 33 -40.65 -74.86 -4.45
CA MET P 33 -40.09 -76.10 -4.98
C MET P 33 -40.89 -76.59 -6.19
N CYS P 34 -42.21 -76.44 -6.14
CA CYS P 34 -43.05 -76.89 -7.25
C CYS P 34 -42.90 -75.99 -8.47
N LEU P 35 -42.84 -74.68 -8.25
CA LEU P 35 -42.62 -73.75 -9.36
C LEU P 35 -41.32 -74.06 -10.09
N ARG P 36 -40.23 -74.20 -9.33
CA ARG P 36 -38.92 -74.41 -9.94
C ARG P 36 -38.87 -75.72 -10.71
N ALA P 37 -39.46 -76.78 -10.16
CA ALA P 37 -39.60 -78.02 -10.92
C ALA P 37 -40.41 -77.79 -12.19
N LYS P 38 -41.57 -77.14 -12.06
CA LYS P 38 -42.42 -76.91 -13.22
C LYS P 38 -41.75 -75.99 -14.24
N GLN P 39 -41.07 -74.95 -13.77
CA GLN P 39 -40.36 -74.05 -14.68
C GLN P 39 -39.17 -74.72 -15.35
N GLY P 40 -38.83 -75.94 -14.97
CA GLY P 40 -37.74 -76.66 -15.60
C GLY P 40 -36.37 -76.44 -15.00
N PHE P 41 -36.29 -76.18 -13.69
CA PHE P 41 -35.02 -75.98 -13.03
C PHE P 41 -34.44 -77.32 -12.59
N SER P 42 -33.12 -77.48 -12.77
CA SER P 42 -32.44 -78.68 -12.30
C SER P 42 -32.61 -78.87 -10.80
N ASP P 43 -32.38 -77.81 -10.03
CA ASP P 43 -32.45 -77.87 -8.58
C ASP P 43 -33.69 -77.14 -8.09
N PRO P 44 -34.73 -77.84 -7.65
CA PRO P 44 -35.94 -77.15 -7.15
C PRO P 44 -35.76 -76.47 -5.82
N THR P 45 -34.64 -76.70 -5.13
CA THR P 45 -34.44 -76.16 -3.80
C THR P 45 -34.52 -74.64 -3.82
N PRO P 46 -35.34 -74.02 -2.96
CA PRO P 46 -35.42 -72.57 -2.93
C PRO P 46 -34.09 -71.94 -2.55
N THR P 47 -33.93 -70.67 -2.93
CA THR P 47 -32.78 -69.92 -2.51
C THR P 47 -33.01 -69.36 -1.11
N LEU P 48 -31.91 -68.97 -0.46
CA LEU P 48 -32.05 -68.34 0.86
C LEU P 48 -32.69 -66.97 0.72
N VAL P 49 -32.41 -66.26 -0.37
CA VAL P 49 -33.08 -64.99 -0.65
C VAL P 49 -34.59 -65.19 -0.69
N ASP P 50 -35.05 -66.29 -1.29
CA ASP P 50 -36.48 -66.59 -1.34
C ASP P 50 -37.09 -66.61 0.05
N ILE P 51 -36.48 -67.35 0.97
CA ILE P 51 -37.02 -67.46 2.32
C ILE P 51 -36.93 -66.13 3.05
N GLU P 52 -35.92 -65.33 2.74
CA GLU P 52 -35.72 -64.06 3.43
C GLU P 52 -36.62 -62.94 2.90
N ARG P 53 -37.47 -63.20 1.92
CA ARG P 53 -38.49 -62.23 1.54
C ARG P 53 -39.57 -62.09 2.61
N THR P 54 -39.73 -63.09 3.46
CA THR P 54 -40.72 -63.08 4.53
C THR P 54 -40.11 -63.34 5.90
N HIS P 55 -39.10 -64.20 5.99
CA HIS P 55 -38.56 -64.62 7.29
C HIS P 55 -37.12 -64.16 7.43
N ILE P 56 -36.70 -64.02 8.69
CA ILE P 56 -35.29 -63.82 9.03
C ILE P 56 -34.70 -65.17 9.38
N LEU P 57 -33.52 -65.46 8.86
CA LEU P 57 -32.75 -66.63 9.24
C LEU P 57 -31.76 -66.19 10.31
N LEU P 58 -32.02 -66.60 11.56
CA LEU P 58 -31.17 -66.18 12.66
C LEU P 58 -29.76 -66.75 12.55
N ILE P 59 -29.58 -67.86 11.86
CA ILE P 59 -28.27 -68.44 11.58
C ILE P 59 -27.99 -68.18 10.10
N ASN P 60 -27.24 -67.11 9.82
CA ASN P 60 -27.01 -66.69 8.45
C ASN P 60 -25.60 -66.11 8.36
N SER P 61 -24.75 -66.72 7.53
CA SER P 61 -23.38 -66.29 7.35
C SER P 61 -23.20 -65.36 6.15
N HIS P 62 -24.26 -64.65 5.78
CA HIS P 62 -24.27 -63.86 4.56
C HIS P 62 -23.78 -62.44 4.83
N TYR P 63 -22.98 -61.92 3.90
CA TYR P 63 -22.45 -60.56 3.95
C TYR P 63 -22.42 -60.03 2.52
N LYS P 64 -22.14 -58.76 2.39
CA LYS P 64 -21.95 -58.27 1.03
C LYS P 64 -20.50 -57.85 0.82
N PRO P 65 -19.94 -58.10 -0.36
CA PRO P 65 -18.60 -57.58 -0.66
C PRO P 65 -18.63 -56.07 -0.70
N PHE P 66 -17.49 -55.45 -0.39
CA PHE P 66 -17.41 -53.99 -0.38
C PHE P 66 -16.51 -53.50 -1.50
N ALA P 67 -16.88 -52.34 -2.04
CA ALA P 67 -16.04 -51.65 -3.02
C ALA P 67 -14.64 -51.47 -2.45
N ALA P 68 -13.65 -51.99 -3.16
CA ALA P 68 -12.29 -52.10 -2.63
C ALA P 68 -11.80 -50.78 -2.08
N MET P 69 -11.25 -50.82 -0.86
CA MET P 69 -10.94 -49.62 -0.11
C MET P 69 -9.70 -49.87 0.74
N GLY P 70 -8.85 -48.86 0.83
CA GLY P 70 -7.74 -48.88 1.78
C GLY P 70 -7.54 -47.49 2.34
N TYR P 71 -7.02 -47.43 3.56
CA TYR P 71 -6.75 -46.15 4.19
C TYR P 71 -5.35 -46.16 4.80
N GLU P 72 -4.91 -44.97 5.20
CA GLU P 72 -3.56 -44.73 5.66
C GLU P 72 -3.46 -43.32 6.21
N TYR P 73 -2.75 -43.17 7.32
CA TYR P 73 -2.59 -41.87 7.96
C TYR P 73 -1.37 -41.14 7.39
N GLN P 74 -1.46 -39.82 7.40
CA GLN P 74 -0.37 -38.94 6.99
C GLN P 74 -0.31 -37.78 7.97
N LYS P 75 0.89 -37.44 8.43
CA LYS P 75 1.06 -36.33 9.35
C LYS P 75 1.68 -35.13 8.65
N THR P 76 1.22 -33.94 9.02
CA THR P 76 1.51 -32.70 8.33
C THR P 76 1.91 -31.63 9.34
N ARG P 77 2.91 -30.84 8.98
CA ARG P 77 3.44 -29.81 9.86
C ARG P 77 2.75 -28.47 9.59
N PRO P 78 2.78 -27.55 10.56
CA PRO P 78 2.15 -26.24 10.33
C PRO P 78 2.78 -25.47 9.20
N ASN P 79 2.01 -24.53 8.65
CA ASN P 79 2.51 -23.54 7.70
C ASN P 79 3.02 -22.29 8.39
N THR P 80 2.75 -22.14 9.69
CA THR P 80 2.94 -20.88 10.40
C THR P 80 4.18 -20.86 11.26
N GLY P 81 5.24 -21.54 10.84
CA GLY P 81 6.52 -21.49 11.53
C GLY P 81 6.57 -22.20 12.87
N ASN P 82 7.23 -21.61 13.86
CA ASN P 82 7.46 -22.29 15.12
C ASN P 82 6.24 -22.16 16.03
N PRO P 83 5.64 -23.27 16.48
CA PRO P 83 4.48 -23.16 17.36
C PRO P 83 4.87 -22.71 18.76
N THR P 84 4.02 -21.87 19.34
CA THR P 84 4.20 -21.39 20.70
C THR P 84 2.84 -21.34 21.37
N TYR P 85 2.86 -21.13 22.69
CA TYR P 85 1.64 -20.76 23.38
C TYR P 85 1.13 -19.43 22.83
N ASN P 86 -0.19 -19.21 22.98
CA ASN P 86 -0.81 -17.93 22.69
C ASN P 86 -0.53 -17.48 21.25
N SER P 87 -0.87 -18.35 20.30
CA SER P 87 -0.65 -18.06 18.90
C SER P 87 -1.59 -18.90 18.05
N THR P 88 -1.62 -18.57 16.76
CA THR P 88 -2.49 -19.22 15.78
C THR P 88 -1.67 -20.12 14.88
N ILE P 89 -2.05 -21.38 14.79
CA ILE P 89 -1.33 -22.40 14.03
C ILE P 89 -2.24 -22.90 12.92
N GLN P 90 -1.70 -22.97 11.70
CA GLN P 90 -2.48 -23.33 10.52
C GLN P 90 -1.87 -24.54 9.85
N PHE P 91 -2.70 -25.52 9.52
CA PHE P 91 -2.30 -26.69 8.76
C PHE P 91 -3.08 -26.71 7.45
N SER P 92 -2.37 -26.86 6.35
CA SER P 92 -3.03 -27.17 5.09
C SER P 92 -3.47 -28.64 5.12
N ILE P 93 -4.63 -28.90 4.54
CA ILE P 93 -5.10 -30.27 4.33
C ILE P 93 -4.50 -30.76 3.01
N PRO P 94 -3.50 -31.63 3.03
CA PRO P 94 -2.79 -31.98 1.79
C PRO P 94 -3.71 -32.70 0.81
N GLN P 95 -3.21 -32.84 -0.42
CA GLN P 95 -3.87 -33.63 -1.44
C GLN P 95 -3.19 -34.98 -1.50
N PHE P 96 -3.95 -36.03 -1.20
CA PHE P 96 -3.35 -37.36 -1.05
C PHE P 96 -4.39 -38.45 -1.29
N GLY P 97 -5.35 -38.58 -0.39
CA GLY P 97 -6.38 -39.58 -0.52
C GLY P 97 -7.57 -39.11 -1.35
N ASP P 98 -8.34 -40.08 -1.85
CA ASP P 98 -9.60 -39.75 -2.49
C ASP P 98 -10.57 -39.11 -1.49
N PHE P 99 -10.50 -39.55 -0.23
CA PHE P 99 -11.28 -38.98 0.85
C PHE P 99 -10.38 -38.77 2.05
N PHE P 100 -10.66 -37.74 2.84
CA PHE P 100 -10.01 -37.60 4.14
C PHE P 100 -11.06 -37.67 5.24
N SER P 101 -10.67 -38.28 6.36
CA SER P 101 -11.62 -38.65 7.41
C SER P 101 -11.16 -38.12 8.77
N ASP P 102 -10.96 -39.02 9.72
CA ASP P 102 -10.68 -38.62 11.10
C ASP P 102 -9.31 -37.97 11.21
N MET P 103 -9.22 -36.96 12.08
CA MET P 103 -7.99 -36.20 12.28
C MET P 103 -7.65 -36.14 13.76
N VAL P 104 -6.36 -35.97 14.03
CA VAL P 104 -5.85 -35.87 15.40
C VAL P 104 -4.51 -35.17 15.35
N VAL P 105 -4.24 -34.33 16.36
CA VAL P 105 -3.04 -33.50 16.40
C VAL P 105 -2.17 -33.95 17.55
N HIS P 106 -0.94 -34.33 17.23
CA HIS P 106 0.06 -34.64 18.25
C HIS P 106 0.63 -33.34 18.79
N VAL P 107 0.53 -33.13 20.10
CA VAL P 107 1.11 -31.97 20.77
C VAL P 107 2.20 -32.45 21.71
N GLN P 108 3.32 -31.75 21.70
CA GLN P 108 4.48 -32.11 22.52
C GLN P 108 4.91 -30.87 23.29
N LEU P 109 4.72 -30.89 24.60
CA LEU P 109 5.10 -29.79 25.48
C LEU P 109 6.33 -30.20 26.28
N ALA P 110 7.35 -29.33 26.26
CA ALA P 110 8.63 -29.65 26.87
C ALA P 110 8.47 -29.91 28.37
N ALA P 111 9.32 -30.79 28.88
CA ALA P 111 9.43 -30.97 30.32
C ALA P 111 9.77 -29.63 30.98
N THR P 112 9.23 -29.42 32.18
CA THR P 112 9.30 -28.09 32.78
C THR P 112 9.27 -28.19 34.29
N SER P 113 9.81 -27.16 34.94
CA SER P 113 9.82 -27.03 36.39
C SER P 113 9.76 -25.56 36.76
N ALA P 114 9.55 -25.29 38.03
CA ALA P 114 9.38 -23.93 38.51
C ALA P 114 10.73 -23.28 38.83
N SER P 115 10.74 -21.95 38.79
CA SER P 115 11.92 -21.18 39.14
C SER P 115 12.24 -21.34 40.62
N ALA P 116 13.47 -20.94 40.98
CA ALA P 116 13.89 -21.01 42.37
C ALA P 116 13.21 -19.92 43.20
N GLY P 117 12.66 -20.31 44.35
CA GLY P 117 11.98 -19.35 45.20
C GLY P 117 12.53 -19.28 46.61
N THR P 118 11.69 -18.89 47.57
CA THR P 118 12.12 -18.75 48.94
C THR P 118 11.02 -19.21 49.88
N VAL P 119 11.42 -19.65 51.07
CA VAL P 119 10.51 -19.95 52.16
C VAL P 119 9.87 -18.64 52.60
N PRO P 120 8.55 -18.53 52.60
CA PRO P 120 7.90 -17.26 52.94
C PRO P 120 8.04 -16.92 54.41
N ALA P 121 7.62 -15.70 54.75
CA ALA P 121 7.65 -15.26 56.14
C ALA P 121 6.64 -16.04 56.98
N LEU P 122 6.99 -16.25 58.24
CA LEU P 122 6.13 -16.99 59.14
C LEU P 122 4.87 -16.18 59.43
N PRO P 123 3.76 -16.85 59.77
CA PRO P 123 2.52 -16.13 60.09
C PRO P 123 2.70 -15.23 61.31
N ALA P 124 1.73 -14.35 61.50
CA ALA P 124 1.74 -13.45 62.64
C ALA P 124 1.55 -14.22 63.94
N PHE P 125 1.70 -13.51 65.06
CA PHE P 125 1.45 -14.10 66.36
C PHE P 125 -0.02 -14.46 66.50
N ILE P 126 -0.30 -15.42 67.38
CA ILE P 126 -1.66 -15.84 67.70
C ILE P 126 -2.03 -15.44 69.12
N GLY P 127 -1.27 -15.91 70.11
CA GLY P 127 -1.45 -15.45 71.47
C GLY P 127 -0.83 -14.09 71.70
N ALA P 128 -1.18 -13.49 72.83
CA ALA P 128 -0.68 -12.17 73.18
C ALA P 128 0.55 -12.20 74.07
N ASP P 129 0.88 -13.34 74.66
CA ASP P 129 1.95 -13.43 75.65
C ASP P 129 3.12 -14.26 75.14
N ASP P 130 4.31 -13.93 75.64
CA ASP P 130 5.52 -14.71 75.39
C ASP P 130 5.81 -14.83 73.89
N GLN P 131 5.59 -13.74 73.16
CA GLN P 131 5.76 -13.74 71.72
C GLN P 131 7.23 -13.75 71.33
N VAL P 132 7.61 -14.71 70.48
CA VAL P 132 8.99 -14.87 70.04
C VAL P 132 8.99 -15.17 68.55
N LEU P 133 9.86 -14.49 67.79
CA LEU P 133 10.00 -14.73 66.37
C LEU P 133 11.48 -14.96 66.05
N THR P 134 11.82 -16.19 65.69
CA THR P 134 13.14 -16.52 65.18
C THR P 134 13.08 -16.71 63.67
N SER P 135 14.21 -17.09 63.08
CA SER P 135 14.25 -17.39 61.66
C SER P 135 13.62 -18.73 61.32
N THR P 136 13.23 -19.51 62.33
CA THR P 136 12.73 -20.86 62.11
C THR P 136 11.36 -21.15 62.71
N SER P 137 10.84 -20.30 63.58
CA SER P 137 9.52 -20.55 64.16
C SER P 137 8.98 -19.25 64.73
N VAL P 138 7.66 -19.20 64.89
CA VAL P 138 6.97 -18.10 65.55
C VAL P 138 6.18 -18.68 66.71
N VAL P 139 6.46 -18.20 67.92
CA VAL P 139 5.82 -18.69 69.13
C VAL P 139 5.06 -17.56 69.78
N SER P 140 3.84 -17.85 70.22
CA SER P 140 3.06 -16.95 71.05
C SER P 140 2.16 -17.79 71.94
N ALA P 141 1.65 -17.17 72.99
CA ALA P 141 0.94 -17.92 74.01
C ALA P 141 -0.27 -17.15 74.51
N THR P 142 -1.22 -17.89 75.06
CA THR P 142 -2.35 -17.35 75.81
C THR P 142 -2.33 -18.01 77.18
N GLU P 143 -2.09 -17.22 78.21
CA GLU P 143 -2.14 -17.80 79.55
C GLU P 143 -3.56 -17.76 80.09
N ASN P 144 -3.80 -18.60 81.09
CA ASN P 144 -5.12 -18.69 81.73
C ASN P 144 -4.88 -19.12 83.17
N THR P 145 -4.71 -18.14 84.06
CA THR P 145 -4.43 -18.41 85.46
C THR P 145 -5.64 -18.93 86.22
N THR P 146 -6.83 -18.89 85.61
CA THR P 146 -8.02 -19.39 86.30
C THR P 146 -8.11 -20.90 86.21
N SER P 147 -7.90 -21.46 85.01
CA SER P 147 -8.00 -22.89 84.79
C SER P 147 -6.66 -23.61 84.86
N GLY P 148 -5.55 -22.87 84.86
CA GLY P 148 -4.25 -23.49 84.84
C GLY P 148 -3.76 -23.91 83.46
N VAL P 149 -4.55 -23.70 82.42
CA VAL P 149 -4.16 -24.05 81.07
C VAL P 149 -3.27 -22.96 80.50
N TYR P 150 -2.03 -23.32 80.17
CA TYR P 150 -1.12 -22.46 79.44
C TYR P 150 -1.08 -22.97 78.00
N THR P 151 -1.58 -22.16 77.07
CA THR P 151 -1.74 -22.55 75.67
C THR P 151 -0.63 -21.92 74.83
N LEU P 152 0.17 -22.76 74.16
CA LEU P 152 1.34 -22.32 73.42
C LEU P 152 1.15 -22.63 71.94
N TYR P 153 1.08 -21.59 71.12
CA TYR P 153 0.98 -21.73 69.67
C TYR P 153 2.37 -21.65 69.05
N THR P 154 2.66 -22.56 68.12
CA THR P 154 3.95 -22.62 67.45
C THR P 154 3.74 -22.95 65.99
N GLN P 155 4.27 -22.12 65.09
CA GLN P 155 4.14 -22.33 63.66
C GLN P 155 5.50 -22.30 63.00
N SER P 156 5.70 -23.18 62.03
CA SER P 156 7.00 -23.36 61.40
C SER P 156 6.80 -24.03 60.04
N TYR P 157 7.84 -23.97 59.22
CA TYR P 157 7.86 -24.61 57.92
C TYR P 157 8.76 -25.84 57.96
N VAL P 158 8.26 -26.97 57.42
CA VAL P 158 9.02 -28.20 57.34
C VAL P 158 8.80 -28.81 55.96
N ASN P 159 9.70 -29.72 55.59
CA ASN P 159 9.52 -30.55 54.41
C ASN P 159 8.78 -31.83 54.81
N GLN P 160 8.66 -32.79 53.89
CA GLN P 160 7.88 -33.99 54.18
C GLN P 160 8.48 -34.78 55.32
N GLN P 161 9.81 -34.81 55.43
CA GLN P 161 10.44 -35.55 56.51
C GLN P 161 10.28 -34.88 57.85
N GLY P 162 10.02 -33.57 57.87
CA GLY P 162 9.88 -32.84 59.11
C GLY P 162 11.05 -31.97 59.47
N THR P 163 12.01 -31.78 58.58
CA THR P 163 13.15 -30.91 58.85
C THR P 163 12.71 -29.46 58.74
N THR P 164 12.99 -28.68 59.79
CA THR P 164 12.65 -27.26 59.79
C THR P 164 13.32 -26.55 58.61
N GLN P 165 12.55 -25.71 57.93
CA GLN P 165 13.08 -24.83 56.90
C GLN P 165 13.19 -23.42 57.45
N THR P 166 14.31 -22.77 57.18
CA THR P 166 14.53 -21.40 57.61
C THR P 166 13.75 -20.43 56.73
N VAL P 167 13.27 -19.35 57.34
CA VAL P 167 12.65 -18.29 56.57
C VAL P 167 13.65 -17.73 55.56
N ALA P 168 13.18 -17.54 54.33
CA ALA P 168 13.93 -17.02 53.19
C ALA P 168 15.01 -17.98 52.71
N ALA P 169 15.10 -19.18 53.28
CA ALA P 169 15.91 -20.21 52.65
C ALA P 169 15.28 -20.61 51.31
N ALA P 170 16.08 -21.24 50.47
CA ALA P 170 15.61 -21.62 49.14
C ALA P 170 14.48 -22.62 49.23
N ALA P 171 13.55 -22.52 48.29
CA ALA P 171 12.39 -23.41 48.20
C ALA P 171 11.74 -23.26 46.83
N THR P 172 11.42 -24.37 46.18
CA THR P 172 10.94 -24.34 44.80
C THR P 172 9.58 -25.01 44.71
N ASN P 173 8.62 -24.30 44.11
CA ASN P 173 7.28 -24.85 43.92
C ASN P 173 7.31 -26.02 42.94
N PHE P 174 6.32 -26.89 43.05
CA PHE P 174 6.05 -27.91 42.04
C PHE P 174 5.19 -27.30 40.94
N VAL P 175 5.04 -28.03 39.83
CA VAL P 175 4.19 -27.60 38.74
C VAL P 175 3.24 -28.73 38.36
N ARG P 176 2.07 -28.35 37.85
CA ARG P 176 1.05 -29.29 37.40
C ARG P 176 0.37 -28.70 36.18
N TYR P 177 -0.36 -29.55 35.47
CA TYR P 177 -1.21 -29.13 34.36
C TYR P 177 -2.65 -29.05 34.82
N CYS P 178 -3.41 -28.16 34.19
CA CYS P 178 -4.85 -28.12 34.40
C CYS P 178 -5.47 -29.45 33.99
N GLU P 179 -6.66 -29.72 34.51
CA GLU P 179 -7.37 -30.93 34.12
C GLU P 179 -7.74 -30.85 32.64
N TYR P 180 -7.59 -31.97 31.96
CA TYR P 180 -7.88 -32.08 30.53
C TYR P 180 -7.13 -31.02 29.72
N PRO P 181 -5.80 -30.95 29.84
CA PRO P 181 -5.05 -29.89 29.15
C PRO P 181 -5.20 -29.94 27.64
N GLY P 182 -5.39 -31.14 27.08
CA GLY P 182 -5.67 -31.23 25.65
C GLY P 182 -6.92 -30.50 25.24
N LEU P 183 -7.92 -30.46 26.13
CA LEU P 183 -9.16 -29.77 25.81
C LEU P 183 -9.02 -28.26 25.96
N ARG P 184 -8.29 -27.79 26.97
CA ARG P 184 -8.15 -26.35 27.14
C ARG P 184 -7.16 -25.76 26.15
N LEU P 185 -6.16 -26.54 25.72
CA LEU P 185 -5.06 -25.99 24.93
C LEU P 185 -5.55 -25.41 23.62
N PHE P 186 -6.61 -25.97 23.04
CA PHE P 186 -7.13 -25.50 21.75
C PHE P 186 -8.27 -24.52 22.05
N LYS P 187 -7.91 -23.25 22.14
CA LYS P 187 -8.90 -22.19 22.34
C LYS P 187 -10.01 -22.29 21.29
N ARG P 188 -9.62 -22.42 20.03
CA ARG P 188 -10.56 -22.63 18.93
C ARG P 188 -9.96 -23.64 17.95
N VAL P 189 -10.83 -24.32 17.22
CA VAL P 189 -10.46 -25.26 16.17
C VAL P 189 -11.33 -24.96 14.96
N LYS P 190 -10.71 -24.73 13.80
CA LYS P 190 -11.43 -24.25 12.63
C LYS P 190 -11.11 -25.08 11.40
N PHE P 191 -12.15 -25.39 10.62
CA PHE P 191 -12.02 -26.02 9.31
C PHE P 191 -12.40 -24.96 8.28
N GLU P 192 -11.40 -24.41 7.59
CA GLU P 192 -11.56 -23.26 6.72
C GLU P 192 -11.55 -23.69 5.25
N VAL P 193 -12.47 -23.11 4.48
CA VAL P 193 -12.46 -23.20 3.01
C VAL P 193 -12.71 -21.80 2.47
N ASN P 194 -11.82 -21.32 1.59
CA ASN P 194 -11.96 -20.02 0.94
C ASN P 194 -12.15 -18.90 1.95
N GLY P 195 -11.38 -18.95 3.03
CA GLY P 195 -11.41 -17.91 4.04
C GLY P 195 -12.57 -17.97 5.01
N ASN P 196 -13.57 -18.82 4.76
CA ASN P 196 -14.70 -18.93 5.66
C ASN P 196 -14.63 -20.23 6.44
N PRO P 197 -14.98 -20.20 7.73
CA PRO P 197 -15.06 -21.46 8.50
C PRO P 197 -16.30 -22.25 8.10
N LEU P 198 -16.09 -23.48 7.61
CA LEU P 198 -17.21 -24.38 7.40
C LEU P 198 -17.74 -24.94 8.71
N ASP P 199 -16.86 -25.16 9.68
CA ASP P 199 -17.25 -25.57 11.02
C ASP P 199 -16.13 -25.19 11.98
N GLU P 200 -16.51 -24.77 13.18
CA GLU P 200 -15.55 -24.37 14.18
C GLU P 200 -16.13 -24.59 15.56
N TYR P 201 -15.26 -24.90 16.52
CA TYR P 201 -15.69 -25.12 17.89
C TYR P 201 -14.57 -24.68 18.83
N THR P 202 -14.95 -24.40 20.06
CA THR P 202 -14.04 -23.89 21.07
C THR P 202 -13.79 -24.97 22.12
N ALA P 203 -12.98 -24.62 23.13
CA ALA P 203 -12.74 -25.54 24.23
C ALA P 203 -14.03 -25.89 24.96
N LEU P 204 -15.03 -25.00 24.90
CA LEU P 204 -16.31 -25.29 25.53
C LEU P 204 -17.01 -26.45 24.84
N ALA P 205 -16.94 -26.53 23.51
CA ALA P 205 -17.52 -27.68 22.82
C ALA P 205 -16.80 -28.96 23.18
N ALA P 206 -15.48 -28.89 23.40
CA ALA P 206 -14.72 -30.10 23.71
C ALA P 206 -15.01 -30.61 25.11
N ILE P 207 -15.28 -29.72 26.06
CA ILE P 207 -15.62 -30.21 27.41
C ILE P 207 -17.04 -30.75 27.43
N MET P 208 -17.96 -30.14 26.67
CA MET P 208 -19.27 -30.74 26.48
C MET P 208 -19.15 -32.14 25.90
N TYR P 209 -18.16 -32.34 25.01
CA TYR P 209 -17.88 -33.69 24.52
C TYR P 209 -17.35 -34.58 25.63
N ASN P 210 -16.46 -34.03 26.48
CA ASN P 210 -15.87 -34.82 27.55
C ASN P 210 -16.92 -35.30 28.56
N LYS P 211 -18.04 -34.58 28.66
CA LYS P 211 -19.08 -34.96 29.60
C LYS P 211 -20.11 -35.92 29.00
N PHE P 212 -20.53 -35.69 27.75
CA PHE P 212 -21.68 -36.37 27.18
C PHE P 212 -21.34 -37.51 26.24
N HIS P 213 -20.08 -37.59 25.76
CA HIS P 213 -19.82 -38.54 24.68
C HIS P 213 -18.56 -39.39 24.89
N VAL P 214 -18.12 -39.63 26.11
CA VAL P 214 -17.00 -40.54 26.35
C VAL P 214 -17.46 -41.63 27.31
N PRO P 215 -18.02 -42.73 26.81
CA PRO P 215 -18.42 -43.84 27.69
C PRO P 215 -17.20 -44.55 28.28
N ASP P 216 -17.48 -45.45 29.22
CA ASP P 216 -16.42 -46.06 30.02
C ASP P 216 -15.47 -46.90 29.16
N PHE P 217 -15.97 -47.53 28.10
CA PHE P 217 -15.09 -48.36 27.28
C PHE P 217 -14.17 -47.54 26.37
N LYS P 218 -14.27 -46.21 26.43
CA LYS P 218 -13.37 -45.34 25.68
C LYS P 218 -12.61 -44.35 26.56
N LEU P 219 -12.81 -44.40 27.89
CA LEU P 219 -12.43 -43.28 28.75
C LEU P 219 -10.94 -43.25 29.07
N THR P 220 -10.31 -44.42 29.28
CA THR P 220 -8.89 -44.41 29.61
C THR P 220 -8.05 -43.95 28.43
N GLY P 221 -8.37 -44.40 27.22
CA GLY P 221 -7.68 -43.90 26.05
C GLY P 221 -7.92 -42.42 25.83
N TRP P 222 -9.15 -41.96 26.06
CA TRP P 222 -9.49 -40.55 25.89
C TRP P 222 -8.69 -39.68 26.84
N LYS P 223 -8.63 -40.06 28.12
CA LYS P 223 -7.87 -39.28 29.10
C LYS P 223 -6.41 -39.18 28.69
N ARG P 224 -5.84 -40.27 28.18
CA ARG P 224 -4.43 -40.24 27.77
C ARG P 224 -4.24 -39.42 26.51
N LEU P 225 -5.21 -39.43 25.60
CA LEU P 225 -5.09 -38.62 24.38
C LEU P 225 -5.04 -37.13 24.70
N ILE P 226 -5.73 -36.69 25.74
CA ILE P 226 -5.86 -35.28 26.05
C ILE P 226 -5.04 -34.88 27.26
N GLY P 227 -4.27 -35.80 27.82
CA GLY P 227 -3.34 -35.44 28.88
C GLY P 227 -3.90 -35.44 30.28
N GLN P 228 -4.94 -36.22 30.55
CA GLN P 228 -5.51 -36.34 31.88
C GLN P 228 -4.97 -37.60 32.56
N GLU P 229 -4.50 -37.45 33.79
CA GLU P 229 -3.89 -38.57 34.50
C GLU P 229 -4.94 -39.63 34.84
N VAL P 230 -4.50 -40.88 34.88
CA VAL P 230 -5.37 -42.03 35.07
C VAL P 230 -5.15 -42.61 36.47
N PRO P 231 -6.19 -42.97 37.20
CA PRO P 231 -5.98 -43.60 38.51
C PRO P 231 -5.38 -44.99 38.35
N VAL P 232 -4.47 -45.32 39.26
CA VAL P 232 -3.86 -46.65 39.34
C VAL P 232 -4.31 -47.29 40.64
N GLU P 233 -4.66 -48.57 40.57
CA GLU P 233 -5.17 -49.32 41.71
C GLU P 233 -4.01 -49.93 42.49
N ALA P 234 -4.00 -49.69 43.80
CA ALA P 234 -2.92 -50.15 44.67
C ALA P 234 -3.50 -50.99 45.81
N ALA P 235 -2.93 -52.17 46.03
CA ALA P 235 -3.37 -53.08 47.07
C ALA P 235 -2.55 -52.88 48.34
N SER P 236 -3.22 -52.97 49.49
CA SER P 236 -2.58 -52.86 50.79
C SER P 236 -2.28 -54.26 51.33
N ASN P 237 -1.61 -54.30 52.47
CA ASN P 237 -1.46 -55.55 53.19
C ASN P 237 -2.82 -56.04 53.68
N LEU P 238 -2.87 -57.31 54.08
CA LEU P 238 -4.07 -57.85 54.71
C LEU P 238 -4.51 -56.95 55.88
N VAL P 239 -5.77 -56.52 55.88
CA VAL P 239 -6.25 -55.63 56.92
C VAL P 239 -7.19 -56.45 57.80
N ASN P 240 -7.88 -57.40 57.17
CA ASN P 240 -8.62 -58.43 57.89
C ASN P 240 -7.95 -59.78 57.63
N ILE P 241 -7.67 -60.50 58.71
CA ILE P 241 -7.17 -61.86 58.60
C ILE P 241 -8.11 -62.75 59.41
N ALA P 242 -8.76 -63.69 58.73
CA ALA P 242 -9.82 -64.48 59.35
C ALA P 242 -9.30 -65.20 60.59
N SER P 243 -10.10 -65.15 61.66
CA SER P 243 -9.89 -65.78 62.96
C SER P 243 -8.88 -65.04 63.83
N THR P 244 -8.42 -63.85 63.45
CA THR P 244 -7.52 -63.06 64.30
C THR P 244 -7.91 -61.59 64.17
N THR P 245 -7.10 -60.72 64.79
CA THR P 245 -7.42 -59.30 64.89
C THR P 245 -6.13 -58.52 65.03
N PRO P 246 -6.14 -57.22 64.69
CA PRO P 246 -5.00 -56.36 65.01
C PRO P 246 -5.10 -55.76 66.41
N TRP P 247 -6.28 -55.80 67.03
CA TRP P 247 -6.45 -55.22 68.36
C TRP P 247 -5.78 -56.10 69.40
N GLY P 248 -5.14 -55.47 70.38
CA GLY P 248 -4.60 -56.21 71.50
C GLY P 248 -5.70 -56.87 72.31
N SER P 249 -5.36 -58.01 72.90
CA SER P 249 -6.32 -58.88 73.59
C SER P 249 -7.14 -58.20 74.71
N PRO P 250 -6.61 -57.24 75.48
CA PRO P 250 -7.41 -56.68 76.58
C PRO P 250 -8.72 -56.02 76.15
N ILE P 251 -8.90 -55.70 74.87
CA ILE P 251 -10.15 -55.12 74.39
C ILE P 251 -10.91 -56.05 73.46
N VAL P 252 -10.36 -57.22 73.15
CA VAL P 252 -10.96 -58.14 72.19
C VAL P 252 -11.93 -59.06 72.89
N ALA P 253 -13.13 -59.20 72.31
CA ALA P 253 -14.11 -60.21 72.70
C ALA P 253 -14.44 -60.14 74.20
N LEU P 254 -14.76 -58.95 74.67
CA LEU P 254 -15.13 -58.76 76.06
C LEU P 254 -16.60 -59.09 76.28
N SER P 255 -16.89 -59.58 77.49
CA SER P 255 -18.26 -59.85 77.93
C SER P 255 -18.56 -59.07 79.19
N ASP P 256 -19.81 -58.63 79.32
CA ASP P 256 -20.22 -57.85 80.47
C ASP P 256 -20.38 -58.77 81.68
N VAL P 257 -20.88 -58.23 82.79
CA VAL P 257 -21.18 -59.05 83.96
C VAL P 257 -22.44 -59.87 83.80
N ASN P 258 -23.26 -59.57 82.80
CA ASN P 258 -24.47 -60.33 82.52
C ASN P 258 -24.29 -61.36 81.41
N GLY P 259 -23.08 -61.50 80.86
CA GLY P 259 -22.81 -62.48 79.84
C GLY P 259 -22.87 -61.96 78.41
N THR P 260 -23.25 -60.71 78.21
CA THR P 260 -23.46 -60.16 76.87
C THR P 260 -22.15 -59.63 76.29
N ALA P 261 -21.94 -59.86 74.99
CA ALA P 261 -20.80 -59.27 74.30
C ALA P 261 -20.86 -57.75 74.39
N VAL P 262 -19.71 -57.14 74.63
CA VAL P 262 -19.64 -55.71 74.92
C VAL P 262 -19.66 -54.91 73.62
N THR P 263 -20.48 -53.87 73.58
CA THR P 263 -20.51 -52.97 72.44
C THR P 263 -19.24 -52.15 72.40
N GLY P 264 -18.58 -52.14 71.24
CA GLY P 264 -17.28 -51.53 71.09
C GLY P 264 -16.12 -52.47 71.30
N SER P 265 -16.39 -53.74 71.63
CA SER P 265 -15.34 -54.74 71.79
C SER P 265 -15.16 -55.47 70.47
N PRO P 266 -14.06 -55.25 69.74
CA PRO P 266 -13.86 -55.96 68.48
C PRO P 266 -13.70 -57.46 68.68
N VAL P 267 -14.18 -58.21 67.70
CA VAL P 267 -14.01 -59.66 67.69
C VAL P 267 -13.12 -60.04 66.51
N ASN P 268 -12.72 -61.32 66.48
CA ASN P 268 -11.92 -61.84 65.38
C ASN P 268 -12.66 -61.64 64.06
N ALA P 269 -11.91 -61.28 63.03
CA ALA P 269 -12.49 -61.14 61.70
C ALA P 269 -12.97 -62.50 61.20
N ALA P 270 -13.91 -62.46 60.25
CA ALA P 270 -14.45 -63.65 59.63
C ALA P 270 -13.99 -63.84 58.18
N ILE P 271 -13.35 -62.83 57.60
CA ILE P 271 -12.86 -62.88 56.22
C ILE P 271 -11.41 -62.44 56.22
N THR P 272 -10.74 -62.67 55.10
CA THR P 272 -9.36 -62.24 54.89
C THR P 272 -9.36 -61.33 53.66
N ALA P 273 -9.26 -60.02 53.89
CA ALA P 273 -9.38 -59.04 52.82
C ALA P 273 -8.23 -58.04 52.91
N ARG P 274 -8.05 -57.31 51.82
CA ARG P 274 -7.09 -56.22 51.75
C ARG P 274 -7.75 -55.03 51.06
N LYS P 275 -7.18 -53.86 51.27
CA LYS P 275 -7.75 -52.62 50.75
C LYS P 275 -7.20 -52.29 49.37
N LEU P 276 -8.07 -51.70 48.54
CA LEU P 276 -7.67 -51.07 47.30
C LEU P 276 -7.70 -49.56 47.47
N THR P 277 -6.66 -48.89 46.99
CA THR P 277 -6.66 -47.44 46.91
C THR P 277 -6.30 -47.03 45.50
N GLN P 278 -6.83 -45.88 45.08
CA GLN P 278 -6.45 -45.26 43.83
C GLN P 278 -5.40 -44.20 44.12
N VAL P 279 -4.35 -44.19 43.31
CA VAL P 279 -3.35 -43.13 43.37
C VAL P 279 -3.20 -42.55 41.98
N VAL P 280 -2.87 -41.26 41.92
CA VAL P 280 -2.55 -40.60 40.65
C VAL P 280 -1.16 -40.01 40.77
N PHE P 281 -0.47 -39.95 39.63
CA PHE P 281 0.87 -39.38 39.58
C PHE P 281 1.20 -38.96 38.15
N GLY P 282 0.26 -38.26 37.51
CA GLY P 282 0.44 -37.82 36.15
C GLY P 282 0.56 -36.31 36.02
N ALA P 283 -0.01 -35.75 34.95
CA ALA P 283 0.22 -34.34 34.63
C ALA P 283 -0.49 -33.40 35.60
N GLN P 284 -1.58 -33.85 36.22
CA GLN P 284 -2.30 -33.01 37.17
C GLN P 284 -1.76 -33.11 38.58
N THR P 285 -0.92 -34.10 38.86
CA THR P 285 -0.28 -34.22 40.16
C THR P 285 0.98 -33.35 40.20
N PRO P 286 1.10 -32.42 41.14
CA PRO P 286 2.27 -31.55 41.16
C PRO P 286 3.55 -32.35 41.33
N LYS P 287 4.59 -31.92 40.61
CA LYS P 287 5.88 -32.62 40.62
C LYS P 287 7.01 -31.61 40.59
N ALA P 288 8.18 -32.04 41.05
CA ALA P 288 9.37 -31.20 40.94
C ALA P 288 9.60 -30.79 39.49
N THR P 289 9.50 -31.75 38.58
CA THR P 289 9.47 -31.48 37.15
C THR P 289 8.34 -32.29 36.53
N GLN P 290 7.61 -31.68 35.60
CA GLN P 290 6.65 -32.39 34.79
C GLN P 290 7.36 -32.95 33.57
N GLU P 291 7.26 -34.25 33.36
CA GLU P 291 7.85 -34.87 32.19
C GLU P 291 7.24 -34.29 30.93
N GLN P 292 7.91 -34.54 29.80
CA GLN P 292 7.38 -34.12 28.51
C GLN P 292 5.98 -34.66 28.32
N LEU P 293 5.04 -33.78 27.98
CA LEU P 293 3.63 -34.13 27.84
C LEU P 293 3.32 -34.31 26.36
N ASN P 294 3.00 -35.54 25.97
CA ASN P 294 2.64 -35.87 24.60
C ASN P 294 1.16 -36.18 24.54
N MET P 295 0.42 -35.41 23.76
CA MET P 295 -1.02 -35.58 23.61
C MET P 295 -1.36 -35.79 22.15
N PHE P 296 -2.43 -36.54 21.90
CA PHE P 296 -3.02 -36.70 20.58
C PHE P 296 -4.46 -36.22 20.69
N VAL P 297 -4.68 -34.96 20.32
CA VAL P 297 -5.97 -34.30 20.51
C VAL P 297 -6.83 -34.58 19.28
N PRO P 298 -7.92 -35.34 19.41
CA PRO P 298 -8.79 -35.57 18.25
C PRO P 298 -9.56 -34.31 17.88
N LEU P 299 -9.71 -34.09 16.58
CA LEU P 299 -10.50 -32.98 16.07
C LEU P 299 -11.94 -33.44 15.92
N LEU P 300 -12.85 -32.76 16.62
CA LEU P 300 -14.22 -33.24 16.79
C LEU P 300 -15.15 -32.73 15.69
N PHE P 301 -14.78 -32.98 14.44
CA PHE P 301 -15.61 -32.61 13.31
C PHE P 301 -16.46 -33.80 12.87
N TRP P 302 -17.55 -33.49 12.14
CA TRP P 302 -18.52 -34.51 11.78
C TRP P 302 -17.92 -35.58 10.89
N PHE P 303 -16.90 -35.26 10.10
CA PHE P 303 -16.37 -36.21 9.13
C PHE P 303 -15.42 -37.23 9.76
N ARG P 304 -15.40 -37.34 11.09
CA ARG P 304 -14.66 -38.42 11.73
C ARG P 304 -15.34 -39.77 11.47
N ASP P 305 -16.66 -39.77 11.33
CA ASP P 305 -17.42 -40.94 10.91
C ASP P 305 -16.89 -41.41 9.56
N PRO P 306 -16.46 -42.67 9.43
CA PRO P 306 -15.85 -43.12 8.16
C PRO P 306 -16.77 -42.96 6.96
N ARG P 307 -18.05 -43.29 7.09
CA ARG P 307 -18.96 -43.17 5.95
C ARG P 307 -19.15 -41.73 5.50
N LEU P 308 -18.69 -40.75 6.29
CA LEU P 308 -18.85 -39.34 5.99
C LEU P 308 -17.55 -38.68 5.60
N ALA P 309 -16.55 -39.46 5.19
CA ALA P 309 -15.28 -38.89 4.75
C ALA P 309 -15.50 -37.89 3.63
N ILE P 310 -14.70 -36.83 3.63
CA ILE P 310 -14.87 -35.74 2.67
C ILE P 310 -14.07 -36.04 1.41
N ALA P 311 -14.71 -35.87 0.26
CA ALA P 311 -14.04 -36.09 -1.02
C ALA P 311 -13.06 -34.97 -1.32
N SER P 312 -11.81 -35.34 -1.62
CA SER P 312 -10.75 -34.36 -1.75
C SER P 312 -11.01 -33.37 -2.89
N VAL P 313 -11.48 -33.87 -4.04
CA VAL P 313 -11.59 -33.01 -5.21
C VAL P 313 -12.65 -31.93 -5.05
N SER P 314 -13.56 -32.07 -4.09
CA SER P 314 -14.67 -31.12 -3.96
C SER P 314 -14.33 -29.91 -3.10
N ILE P 315 -13.33 -30.00 -2.24
CA ILE P 315 -12.90 -28.88 -1.41
C ILE P 315 -11.60 -28.33 -1.98
N PRO P 316 -11.56 -27.06 -2.42
CA PRO P 316 -10.42 -26.59 -3.22
C PRO P 316 -9.08 -26.60 -2.51
N TYR P 317 -8.18 -27.47 -2.97
CA TYR P 317 -6.82 -27.54 -2.43
C TYR P 317 -6.13 -26.19 -2.56
N GLY P 318 -5.35 -25.84 -1.54
CA GLY P 318 -4.72 -24.55 -1.46
C GLY P 318 -5.47 -23.52 -0.65
N GLN P 319 -6.77 -23.74 -0.43
CA GLN P 319 -7.61 -22.86 0.36
C GLN P 319 -8.44 -23.69 1.34
N ARG P 320 -7.86 -24.77 1.84
CA ARG P 320 -8.50 -25.61 2.85
C ARG P 320 -7.51 -25.84 3.97
N PHE P 321 -7.90 -25.49 5.19
CA PHE P 321 -6.97 -25.48 6.30
C PHE P 321 -7.65 -25.94 7.57
N ILE P 322 -6.83 -26.47 8.48
CA ILE P 322 -7.20 -26.64 9.88
C ILE P 322 -6.44 -25.56 10.65
N THR P 323 -7.18 -24.69 11.33
CA THR P 323 -6.59 -23.59 12.07
C THR P 323 -6.90 -23.74 13.55
N VAL P 324 -5.87 -23.64 14.38
CA VAL P 324 -5.99 -23.86 15.81
C VAL P 324 -5.38 -22.66 16.53
N ASP P 325 -6.16 -22.03 17.40
CA ASP P 325 -5.67 -20.97 18.27
C ASP P 325 -5.27 -21.59 19.61
N ILE P 326 -4.01 -21.38 20.01
CA ILE P 326 -3.46 -22.02 21.19
C ILE P 326 -3.64 -21.11 22.40
N GLU P 327 -4.07 -21.72 23.51
CA GLU P 327 -4.29 -21.01 24.76
C GLU P 327 -2.97 -20.46 25.30
N GLN P 328 -3.08 -19.51 26.22
CA GLN P 328 -1.91 -18.97 26.91
C GLN P 328 -1.38 -19.99 27.92
N GLN P 329 -0.06 -19.96 28.12
CA GLN P 329 0.57 -20.93 29.03
C GLN P 329 0.04 -20.81 30.45
N SER P 330 -0.33 -19.60 30.88
CA SER P 330 -0.79 -19.40 32.25
C SER P 330 -2.15 -20.03 32.52
N ASN P 331 -2.89 -20.45 31.49
CA ASN P 331 -4.13 -21.17 31.67
C ASN P 331 -3.96 -22.68 31.49
N ILE P 332 -2.72 -23.15 31.30
CA ILE P 332 -2.44 -24.55 31.04
C ILE P 332 -1.55 -25.15 32.11
N LEU P 333 -0.48 -24.44 32.49
CA LEU P 333 0.51 -24.94 33.43
C LEU P 333 0.50 -24.06 34.68
N PHE P 334 0.48 -24.70 35.85
CA PHE P 334 0.31 -24.01 37.11
C PHE P 334 1.36 -24.45 38.11
N THR P 335 1.61 -23.58 39.09
CA THR P 335 2.42 -23.94 40.24
C THR P 335 1.54 -24.50 41.35
N ALA P 336 2.16 -25.26 42.24
CA ALA P 336 1.48 -25.87 43.37
C ALA P 336 2.50 -26.08 44.48
N PRO P 337 2.05 -26.19 45.73
CA PRO P 337 2.99 -26.44 46.83
C PRO P 337 3.87 -27.65 46.58
N GLY P 338 5.16 -27.50 46.84
CA GLY P 338 6.13 -28.58 46.74
C GLY P 338 6.40 -29.21 48.09
N ASN P 339 7.68 -29.45 48.35
CA ASN P 339 8.09 -30.11 49.61
C ASN P 339 8.26 -29.08 50.73
N LEU P 340 7.20 -28.32 50.98
CA LEU P 340 7.22 -27.24 51.97
C LEU P 340 5.85 -27.18 52.64
N PHE P 341 5.84 -27.32 53.96
CA PHE P 341 4.59 -27.42 54.72
C PHE P 341 4.64 -26.48 55.91
N LEU P 342 3.55 -25.73 56.11
CA LEU P 342 3.37 -24.93 57.31
C LEU P 342 2.89 -25.83 58.43
N GLN P 343 3.74 -26.08 59.43
CA GLN P 343 3.36 -26.84 60.60
C GLN P 343 2.73 -25.89 61.62
N THR P 344 1.46 -26.14 61.94
CA THR P 344 0.73 -25.37 62.95
C THR P 344 0.54 -26.27 64.17
N THR P 345 1.14 -25.88 65.29
CA THR P 345 1.13 -26.69 66.51
C THR P 345 0.53 -25.88 67.65
N VAL P 346 -0.44 -26.48 68.34
CA VAL P 346 -1.02 -25.92 69.56
C VAL P 346 -0.78 -26.92 70.69
N GLU P 347 -0.26 -26.42 71.81
CA GLU P 347 -0.02 -27.24 72.98
C GLU P 347 -0.75 -26.63 74.17
N THR P 348 -1.29 -27.49 75.03
CA THR P 348 -1.95 -27.06 76.26
C THR P 348 -1.30 -27.76 77.44
N LEU P 349 -0.76 -27.00 78.37
CA LEU P 349 -0.13 -27.51 79.57
C LEU P 349 -1.01 -27.18 80.75
N LEU P 350 -1.61 -28.21 81.36
CA LEU P 350 -2.44 -28.02 82.55
C LEU P 350 -1.56 -28.19 83.78
N THR P 351 -1.19 -27.07 84.39
CA THR P 351 -0.41 -27.05 85.63
C THR P 351 -1.31 -26.63 86.78
N THR P 352 -1.00 -27.13 87.98
CA THR P 352 -1.83 -26.89 89.15
C THR P 352 -1.15 -26.12 90.28
N GLY P 353 0.16 -25.93 90.21
CA GLY P 353 0.91 -25.27 91.26
C GLY P 353 0.89 -23.76 91.16
N ALA P 354 1.91 -23.13 91.73
CA ALA P 354 2.02 -21.68 91.67
C ALA P 354 2.16 -21.21 90.22
N GLY P 355 1.51 -20.10 89.91
CA GLY P 355 1.55 -19.56 88.56
C GLY P 355 0.90 -20.46 87.53
N LYS P 356 -0.07 -21.26 87.93
CA LYS P 356 -0.70 -22.19 87.01
C LYS P 356 -1.33 -21.43 85.85
N GLY P 357 -1.25 -22.01 84.65
CA GLY P 357 -1.69 -21.34 83.45
C GLY P 357 -0.67 -20.41 82.83
N THR P 358 0.55 -20.37 83.38
CA THR P 358 1.60 -19.47 82.95
C THR P 358 2.81 -20.31 82.53
N ALA P 359 3.72 -19.69 81.77
CA ALA P 359 4.99 -20.33 81.47
C ALA P 359 5.74 -20.78 82.72
N THR P 360 5.45 -20.19 83.88
CA THR P 360 6.13 -20.52 85.12
C THR P 360 5.33 -21.45 86.03
N GLY P 361 4.25 -22.04 85.54
CA GLY P 361 3.45 -22.93 86.37
C GLY P 361 4.18 -24.23 86.66
N VAL P 362 3.98 -24.74 87.87
CA VAL P 362 4.63 -25.98 88.30
C VAL P 362 3.58 -27.07 88.48
N LEU P 363 4.06 -28.31 88.52
CA LEU P 363 3.24 -29.52 88.62
C LEU P 363 2.37 -29.68 87.38
N LEU P 364 2.92 -30.29 86.33
CA LEU P 364 2.20 -30.56 85.11
C LEU P 364 1.44 -31.87 85.23
N THR P 365 0.16 -31.86 84.86
CA THR P 365 -0.67 -33.06 84.94
C THR P 365 -1.20 -33.53 83.60
N GLN P 366 -1.53 -32.62 82.69
CA GLN P 366 -2.09 -32.98 81.39
C GLN P 366 -1.40 -32.19 80.30
N TYR P 367 -0.86 -32.91 79.31
CA TYR P 367 -0.25 -32.31 78.14
C TYR P 367 -1.02 -32.73 76.90
N ASN P 368 -1.24 -31.79 75.99
CA ASN P 368 -1.88 -32.09 74.73
C ASN P 368 -1.17 -31.37 73.60
N ARG P 369 -1.13 -32.02 72.44
CA ARG P 369 -0.57 -31.45 71.23
C ARG P 369 -1.58 -31.59 70.11
N TYR P 370 -1.67 -30.57 69.27
CA TYR P 370 -2.49 -30.59 68.08
C TYR P 370 -1.65 -30.01 66.95
N THR P 371 -1.40 -30.81 65.92
CA THR P 371 -0.49 -30.42 64.86
C THR P 371 -1.14 -30.70 63.51
N THR P 372 -1.23 -29.66 62.68
CA THR P 372 -1.70 -29.79 61.30
C THR P 372 -0.57 -29.40 60.36
N TYR P 373 -0.71 -29.81 59.10
CA TYR P 373 0.27 -29.49 58.07
C TYR P 373 -0.47 -28.91 56.87
N THR P 374 0.01 -27.77 56.40
CA THR P 374 -0.61 -27.06 55.28
C THR P 374 0.41 -26.86 54.18
N PRO P 375 0.25 -27.49 53.02
CA PRO P 375 1.21 -27.29 51.93
C PRO P 375 1.27 -25.82 51.55
N THR P 376 2.48 -25.33 51.30
CA THR P 376 2.73 -23.89 51.22
C THR P 376 3.51 -23.55 49.95
N LEU P 377 3.02 -22.55 49.22
CA LEU P 377 3.73 -22.05 48.05
C LEU P 377 5.00 -21.32 48.48
N ALA P 378 6.12 -21.70 47.85
CA ALA P 378 7.34 -20.92 48.00
C ALA P 378 7.19 -19.58 47.31
N SER P 379 7.86 -18.57 47.85
CA SER P 379 7.73 -17.22 47.31
C SER P 379 8.67 -17.02 46.13
N GLY P 380 8.14 -16.40 45.07
CA GLY P 380 8.92 -16.09 43.89
C GLY P 380 9.18 -17.25 42.95
N SER P 381 8.49 -18.37 43.12
CA SER P 381 8.71 -19.56 42.32
C SER P 381 7.54 -19.73 41.36
N SER P 382 7.82 -19.64 40.05
CA SER P 382 6.76 -19.58 39.06
C SER P 382 7.11 -20.46 37.85
N ILE P 383 6.10 -20.68 37.01
CA ILE P 383 6.26 -21.53 35.83
C ILE P 383 7.30 -20.95 34.89
N ASP P 384 7.96 -21.82 34.15
CA ASP P 384 8.98 -21.40 33.19
C ASP P 384 8.27 -20.95 31.91
N GLY P 385 8.16 -19.64 31.74
CA GLY P 385 7.55 -19.04 30.57
C GLY P 385 8.32 -19.22 29.27
N THR P 386 9.44 -19.93 29.30
CA THR P 386 10.19 -20.28 28.09
C THR P 386 9.91 -21.71 27.64
N GLN P 387 8.92 -22.37 28.25
CA GLN P 387 8.63 -23.75 27.91
C GLN P 387 8.19 -23.85 26.45
N ALA P 388 8.92 -24.64 25.67
CA ALA P 388 8.70 -24.72 24.23
C ALA P 388 7.65 -25.77 23.89
N VAL P 389 6.85 -25.47 22.87
CA VAL P 389 6.02 -26.46 22.20
C VAL P 389 6.95 -27.19 21.22
N GLN P 390 7.44 -28.36 21.63
CA GLN P 390 8.49 -29.04 20.89
C GLN P 390 8.02 -29.63 19.57
N ASN P 391 6.72 -29.91 19.42
CA ASN P 391 6.22 -30.51 18.20
C ASN P 391 4.71 -30.41 18.16
N ILE P 392 4.17 -30.15 16.97
CA ILE P 392 2.73 -30.19 16.75
C ILE P 392 2.46 -30.62 15.31
N GLU P 393 1.76 -31.75 15.15
CA GLU P 393 1.57 -32.35 13.84
C GLU P 393 0.13 -32.83 13.68
N LEU P 394 -0.43 -32.60 12.49
CA LEU P 394 -1.80 -32.98 12.18
C LEU P 394 -1.80 -34.33 11.48
N TYR P 395 -2.46 -35.31 12.09
CA TYR P 395 -2.62 -36.65 11.50
C TYR P 395 -3.97 -36.72 10.81
N ILE P 396 -3.97 -37.02 9.51
CA ILE P 396 -5.18 -37.09 8.71
C ILE P 396 -5.30 -38.50 8.14
N ASN P 397 -6.44 -39.13 8.38
CA ASN P 397 -6.72 -40.43 7.77
C ASN P 397 -7.16 -40.22 6.34
N ASN P 398 -6.37 -40.73 5.40
CA ASN P 398 -6.65 -40.61 3.97
C ASN P 398 -7.17 -41.95 3.45
N ILE P 399 -8.34 -41.93 2.82
CA ILE P 399 -9.01 -43.13 2.34
C ILE P 399 -8.88 -43.19 0.82
N PHE P 400 -8.60 -44.39 0.31
CA PHE P 400 -8.41 -44.61 -1.12
C PHE P 400 -9.41 -45.64 -1.63
N VAL P 401 -9.97 -45.37 -2.82
CA VAL P 401 -10.94 -46.24 -3.46
C VAL P 401 -10.52 -46.49 -4.89
N THR P 402 -11.15 -47.47 -5.52
CA THR P 402 -10.85 -47.76 -6.91
C THR P 402 -11.35 -46.60 -7.79
N PRO P 403 -10.57 -46.19 -8.80
CA PRO P 403 -10.97 -45.03 -9.61
C PRO P 403 -12.36 -45.14 -10.20
N GLU P 404 -12.79 -46.36 -10.55
CA GLU P 404 -14.13 -46.55 -11.10
C GLU P 404 -15.19 -46.13 -10.10
N ILE P 405 -15.05 -46.54 -8.84
CA ILE P 405 -16.04 -46.20 -7.83
C ILE P 405 -15.95 -44.72 -7.46
N HIS P 406 -14.72 -44.19 -7.41
CA HIS P 406 -14.56 -42.75 -7.17
C HIS P 406 -15.30 -41.94 -8.22
N ASP P 407 -15.16 -42.32 -9.50
CA ASP P 407 -15.80 -41.59 -10.57
C ASP P 407 -17.33 -41.62 -10.42
N ILE P 408 -17.88 -42.78 -10.09
CA ILE P 408 -19.34 -42.90 -9.95
C ILE P 408 -19.82 -42.11 -8.75
N TYR P 409 -19.18 -42.29 -7.59
CA TYR P 409 -19.67 -41.68 -6.36
C TYR P 409 -19.69 -40.16 -6.47
N ILE P 410 -18.66 -39.56 -7.07
CA ILE P 410 -18.59 -38.11 -7.19
C ILE P 410 -19.75 -37.60 -8.04
N LYS P 411 -20.06 -38.29 -9.13
CA LYS P 411 -21.11 -37.86 -10.03
C LYS P 411 -22.52 -38.18 -9.54
N ARG P 412 -22.66 -39.01 -8.50
CA ARG P 412 -23.96 -39.53 -8.13
C ARG P 412 -24.45 -39.12 -6.75
N ILE P 413 -23.54 -38.96 -5.76
CA ILE P 413 -23.98 -38.77 -4.39
C ILE P 413 -24.70 -37.43 -4.22
N GLY P 414 -24.31 -36.41 -4.98
CA GLY P 414 -24.99 -35.13 -4.95
C GLY P 414 -24.58 -34.23 -3.80
N PHE P 415 -24.86 -34.63 -2.57
CA PHE P 415 -24.57 -33.80 -1.40
C PHE P 415 -24.36 -34.70 -0.20
N THR P 416 -23.84 -34.11 0.87
CA THR P 416 -23.68 -34.80 2.14
C THR P 416 -24.28 -33.93 3.25
N LEU P 417 -24.93 -34.59 4.20
CA LEU P 417 -25.46 -33.92 5.37
C LEU P 417 -24.34 -33.79 6.41
N ILE P 418 -24.19 -32.59 6.97
CA ILE P 418 -23.13 -32.33 7.94
C ILE P 418 -23.73 -31.72 9.20
N ARG P 419 -22.99 -31.87 10.30
CA ARG P 419 -23.34 -31.26 11.58
C ARG P 419 -22.26 -30.25 11.96
N VAL P 420 -22.68 -29.12 12.53
CA VAL P 420 -21.77 -28.01 12.84
C VAL P 420 -22.11 -27.46 14.21
N TYR P 421 -21.11 -26.81 14.82
CA TYR P 421 -21.26 -26.20 16.14
C TYR P 421 -21.66 -24.73 16.00
N ARG P 422 -22.63 -24.32 16.80
CA ARG P 422 -23.05 -22.91 16.91
C ARG P 422 -23.08 -22.55 18.39
N GLU P 423 -22.15 -21.71 18.81
CA GLU P 423 -21.91 -21.43 20.21
C GLU P 423 -22.16 -19.96 20.54
N GLN P 424 -22.80 -19.73 21.70
CA GLN P 424 -22.97 -18.40 22.26
C GLN P 424 -22.61 -18.43 23.74
N VAL P 425 -21.91 -17.39 24.20
CA VAL P 425 -21.54 -17.25 25.60
C VAL P 425 -22.04 -15.90 26.09
N GLN P 426 -22.83 -15.90 27.16
CA GLN P 426 -23.46 -14.69 27.68
C GLN P 426 -23.06 -14.48 29.12
N ARG P 427 -22.25 -13.45 29.38
CA ARG P 427 -21.95 -13.04 30.74
C ARG P 427 -23.22 -12.57 31.42
N GLU P 428 -23.50 -13.12 32.61
CA GLU P 428 -24.76 -12.91 33.30
C GLU P 428 -24.51 -12.45 34.73
N VAL P 429 -25.44 -11.64 35.22
CA VAL P 429 -25.44 -11.22 36.63
C VAL P 429 -26.85 -11.35 37.19
N ASN P 430 -27.77 -11.93 36.41
CA ASN P 430 -29.16 -12.00 36.80
C ASN P 430 -29.51 -13.38 37.36
N ALA P 431 -30.45 -13.39 38.31
CA ALA P 431 -30.92 -14.65 38.87
C ALA P 431 -31.84 -15.37 37.90
N ALA P 432 -32.64 -14.61 37.15
CA ALA P 432 -33.48 -15.14 36.09
C ALA P 432 -33.34 -14.26 34.87
N ASP P 433 -33.37 -14.88 33.69
CA ASP P 433 -33.23 -14.11 32.46
C ASP P 433 -33.68 -14.96 31.28
N GLN P 434 -34.14 -14.26 30.24
CA GLN P 434 -34.51 -14.86 28.97
C GLN P 434 -33.45 -14.44 27.97
N VAL P 435 -32.67 -15.38 27.47
CA VAL P 435 -31.50 -15.10 26.65
C VAL P 435 -31.79 -15.53 25.22
N LEU P 436 -31.71 -14.58 24.30
CA LEU P 436 -31.87 -14.89 22.88
C LEU P 436 -30.65 -15.64 22.36
N GLN P 437 -30.89 -16.73 21.62
CA GLN P 437 -29.82 -17.52 21.02
C GLN P 437 -29.59 -17.01 19.60
N SER P 438 -28.81 -15.93 19.51
CA SER P 438 -28.60 -15.27 18.22
C SER P 438 -27.58 -15.98 17.35
N GLN P 439 -27.03 -17.11 17.79
CA GLN P 439 -26.07 -17.85 16.98
C GLN P 439 -26.73 -18.93 16.12
N LEU P 440 -28.02 -19.19 16.31
CA LEU P 440 -28.71 -20.25 15.59
C LEU P 440 -29.21 -19.72 14.25
N LYS P 441 -28.79 -20.36 13.16
CA LYS P 441 -29.26 -20.01 11.83
C LYS P 441 -29.66 -21.23 11.01
N TRP P 442 -29.50 -22.43 11.55
CA TRP P 442 -29.74 -23.68 10.83
C TRP P 442 -30.52 -24.61 11.75
N PRO P 443 -31.16 -25.63 11.20
CA PRO P 443 -31.94 -26.56 12.03
C PRO P 443 -31.11 -27.14 13.16
N VAL P 444 -31.67 -27.11 14.37
CA VAL P 444 -30.93 -27.45 15.58
C VAL P 444 -31.34 -28.85 16.04
N GLU P 445 -30.35 -29.73 16.18
CA GLU P 445 -30.62 -31.10 16.64
C GLU P 445 -30.67 -31.17 18.16
N PHE P 446 -29.66 -30.64 18.83
CA PHE P 446 -29.66 -30.55 20.29
C PHE P 446 -28.68 -29.48 20.73
N ILE P 447 -28.82 -29.07 21.98
CA ILE P 447 -28.03 -27.96 22.55
C ILE P 447 -27.43 -28.40 23.87
N TYR P 448 -26.12 -28.23 24.00
CA TYR P 448 -25.49 -28.32 25.31
C TYR P 448 -25.67 -27.00 26.03
N LEU P 449 -25.96 -27.07 27.33
CA LEU P 449 -26.28 -25.86 28.08
C LEU P 449 -25.63 -25.90 29.45
N GLY P 450 -24.98 -24.80 29.81
CA GLY P 450 -24.42 -24.66 31.15
C GLY P 450 -24.32 -23.19 31.51
N LEU P 451 -24.15 -22.95 32.82
CA LEU P 451 -24.04 -21.60 33.38
C LEU P 451 -22.80 -21.59 34.28
N ARG P 452 -21.63 -21.42 33.67
CA ARG P 452 -20.37 -21.55 34.39
C ARG P 452 -20.07 -20.27 35.17
N PRO P 453 -19.76 -20.38 36.47
CA PRO P 453 -19.33 -19.19 37.22
C PRO P 453 -18.01 -18.66 36.68
N ALA P 454 -17.94 -17.33 36.52
CA ALA P 454 -16.74 -16.71 35.96
C ALA P 454 -15.50 -16.96 36.82
N ASN P 455 -15.70 -17.27 38.11
CA ASN P 455 -14.57 -17.60 38.98
C ASN P 455 -13.91 -18.92 38.60
N ASN P 456 -14.60 -19.77 37.83
CA ASN P 456 -14.02 -21.05 37.45
C ASN P 456 -12.82 -20.87 36.52
N ILE P 457 -12.81 -19.79 35.73
CA ILE P 457 -11.74 -19.54 34.78
C ILE P 457 -10.89 -18.33 35.19
N ALA P 458 -11.13 -17.78 36.38
CA ALA P 458 -10.41 -16.60 36.83
C ALA P 458 -9.02 -16.97 37.32
N ALA P 459 -8.04 -16.13 36.97
CA ALA P 459 -6.66 -16.40 37.38
C ALA P 459 -6.45 -16.22 38.87
N GLY P 460 -7.29 -15.43 39.55
CA GLY P 460 -7.24 -15.34 40.99
C GLY P 460 -7.79 -16.53 41.73
N ASN P 461 -8.45 -17.43 41.01
CA ASN P 461 -8.95 -18.67 41.61
C ASN P 461 -7.81 -19.67 41.68
N THR P 462 -7.40 -20.01 42.91
CA THR P 462 -6.32 -20.96 43.11
C THR P 462 -6.66 -22.34 42.55
N TYR P 463 -7.95 -22.66 42.41
CA TYR P 463 -8.39 -23.95 41.89
C TYR P 463 -8.83 -23.88 40.43
N GLN P 464 -8.33 -22.90 39.67
CA GLN P 464 -8.73 -22.77 38.27
C GLN P 464 -8.29 -23.99 37.46
N TRP P 465 -7.12 -24.56 37.78
CA TRP P 465 -6.60 -25.71 37.04
C TRP P 465 -7.61 -26.86 37.02
N ARG P 466 -8.48 -26.91 38.02
CA ARG P 466 -9.51 -27.94 38.12
C ARG P 466 -10.91 -27.43 37.78
N ASP P 467 -11.25 -26.21 38.21
CA ASP P 467 -12.60 -25.69 38.05
C ASP P 467 -12.94 -25.22 36.64
N TRP P 468 -11.93 -25.03 35.76
CA TRP P 468 -12.18 -24.36 34.49
C TRP P 468 -13.23 -25.09 33.66
N HIS P 469 -13.24 -26.41 33.70
CA HIS P 469 -14.19 -27.18 32.89
C HIS P 469 -15.47 -27.51 33.64
N HIS P 470 -15.56 -27.20 34.94
CA HIS P 470 -16.77 -27.47 35.70
C HIS P 470 -17.83 -26.41 35.43
N LEU P 471 -19.05 -26.86 35.17
CA LEU P 471 -20.17 -25.96 34.89
C LEU P 471 -20.99 -25.62 36.12
N THR P 472 -20.42 -25.76 37.32
CA THR P 472 -21.07 -25.36 38.56
C THR P 472 -20.10 -24.52 39.39
N SER P 473 -20.61 -24.02 40.51
CA SER P 473 -19.74 -23.40 41.51
C SER P 473 -19.17 -24.50 42.40
N VAL P 474 -17.85 -24.46 42.61
CA VAL P 474 -17.14 -25.54 43.29
C VAL P 474 -16.51 -24.98 44.55
N THR P 475 -16.86 -25.55 45.70
CA THR P 475 -16.25 -25.22 46.97
C THR P 475 -15.47 -26.43 47.50
N ASN P 476 -14.40 -26.14 48.24
CA ASN P 476 -13.47 -27.17 48.69
C ASN P 476 -13.74 -27.51 50.16
N GLU P 477 -14.21 -28.73 50.39
CA GLU P 477 -14.49 -29.19 51.75
C GLU P 477 -13.39 -30.14 52.19
N PRO P 478 -12.64 -29.84 53.25
CA PRO P 478 -11.58 -30.74 53.69
C PRO P 478 -12.08 -31.92 54.47
N VAL P 479 -11.48 -33.08 54.21
CA VAL P 479 -11.69 -34.29 55.00
C VAL P 479 -10.35 -34.65 55.65
N TYR P 480 -10.31 -34.67 56.97
CA TYR P 480 -9.09 -34.87 57.73
C TYR P 480 -8.93 -36.32 58.12
N ASP P 481 -7.70 -36.83 58.01
CA ASP P 481 -7.29 -38.06 58.66
C ASP P 481 -6.44 -37.67 59.87
N VAL P 482 -6.88 -38.05 61.06
CA VAL P 482 -6.25 -37.64 62.30
C VAL P 482 -5.73 -38.88 63.02
N SER P 483 -4.54 -38.77 63.60
CA SER P 483 -3.93 -39.83 64.39
C SER P 483 -3.99 -39.44 65.85
N GLN P 484 -4.87 -40.10 66.61
CA GLN P 484 -4.98 -39.87 68.04
C GLN P 484 -4.02 -40.78 68.79
N SER P 485 -3.40 -40.25 69.83
CA SER P 485 -2.51 -41.04 70.66
C SER P 485 -2.64 -40.60 72.11
N TYR P 486 -2.35 -41.52 73.02
CA TYR P 486 -2.36 -41.25 74.46
C TYR P 486 -1.11 -41.86 75.08
N ALA P 487 -0.60 -41.18 76.10
CA ALA P 487 0.49 -41.72 76.90
C ALA P 487 0.27 -41.34 78.35
N ARG P 488 0.47 -42.30 79.24
CA ARG P 488 0.46 -42.07 80.67
C ARG P 488 1.73 -42.66 81.27
N VAL P 489 2.31 -41.94 82.23
CA VAL P 489 3.60 -42.31 82.82
C VAL P 489 3.62 -41.84 84.27
N SER P 490 3.94 -42.76 85.18
CA SER P 490 4.11 -42.44 86.59
C SER P 490 5.53 -41.96 86.83
N ILE P 491 5.67 -40.85 87.58
CA ILE P 491 6.96 -40.24 87.82
C ILE P 491 7.47 -40.51 89.23
N ASP P 492 6.78 -41.33 90.01
CA ASP P 492 7.22 -41.68 91.35
C ASP P 492 6.98 -43.17 91.56
N ASP P 493 8.06 -43.90 91.82
CA ASP P 493 8.00 -45.36 91.95
C ASP P 493 7.51 -45.83 93.31
N THR P 494 7.19 -44.92 94.23
CA THR P 494 6.74 -45.29 95.56
C THR P 494 5.26 -44.96 95.80
N VAL P 495 4.60 -44.32 94.85
CA VAL P 495 3.18 -44.02 94.92
C VAL P 495 2.45 -44.88 93.90
N ALA P 496 1.29 -45.39 94.29
CA ALA P 496 0.44 -46.08 93.34
C ALA P 496 -0.10 -45.09 92.32
N PRO P 497 0.04 -45.37 91.02
CA PRO P 497 -0.34 -44.35 90.02
C PRO P 497 -1.82 -44.02 90.00
N VAL P 498 -2.71 -44.99 90.25
CA VAL P 498 -4.14 -44.76 90.14
C VAL P 498 -4.56 -43.69 91.14
N GLY P 499 -5.17 -42.62 90.65
CA GLY P 499 -5.65 -41.56 91.50
C GLY P 499 -4.60 -40.61 92.01
N SER P 500 -3.48 -40.48 91.28
CA SER P 500 -2.32 -39.72 91.76
C SER P 500 -1.85 -38.76 90.68
N THR P 501 -1.63 -37.50 91.06
CA THR P 501 -1.09 -36.53 90.13
C THR P 501 0.36 -36.81 89.75
N THR P 502 1.00 -37.79 90.40
CA THR P 502 2.26 -38.33 89.88
C THR P 502 2.04 -39.07 88.57
N PHE P 503 0.81 -39.50 88.29
CA PHE P 503 0.47 -40.31 87.12
C PHE P 503 0.09 -39.36 86.00
N LYS P 504 1.09 -38.97 85.20
CA LYS P 504 0.91 -37.92 84.22
C LYS P 504 0.09 -38.40 83.02
N GLN P 505 -0.51 -37.43 82.32
CA GLN P 505 -1.26 -37.67 81.10
C GLN P 505 -0.65 -36.90 79.95
N SER P 506 -0.66 -37.52 78.78
CA SER P 506 -0.20 -36.89 77.55
C SER P 506 -1.07 -37.39 76.40
N ALA P 507 -1.25 -36.54 75.40
CA ALA P 507 -2.06 -36.92 74.25
C ALA P 507 -1.73 -36.00 73.09
N SER P 508 -1.91 -36.51 71.88
CA SER P 508 -1.64 -35.74 70.68
C SER P 508 -2.64 -36.16 69.61
N GLN P 509 -3.00 -35.22 68.75
CA GLN P 509 -3.64 -35.57 67.49
C GLN P 509 -2.91 -34.84 66.37
N VAL P 510 -2.49 -35.61 65.37
CA VAL P 510 -1.61 -35.13 64.32
C VAL P 510 -2.26 -35.43 62.99
N MET P 511 -2.36 -34.41 62.13
CA MET P 511 -2.92 -34.58 60.80
C MET P 511 -2.12 -35.61 60.03
N GLN P 512 -2.73 -36.76 59.74
CA GLN P 512 -2.07 -37.78 58.94
C GLN P 512 -2.15 -37.46 57.45
N ASN P 513 -3.33 -37.06 56.99
CA ASN P 513 -3.51 -36.60 55.61
C ASN P 513 -4.72 -35.67 55.57
N GLN P 514 -4.90 -35.01 54.43
CA GLN P 514 -6.06 -34.16 54.20
C GLN P 514 -6.53 -34.31 52.77
N TYR P 515 -7.82 -34.59 52.60
CA TYR P 515 -8.45 -34.67 51.29
C TYR P 515 -9.28 -33.43 51.03
N ILE P 516 -9.36 -33.04 49.76
CA ILE P 516 -10.17 -31.91 49.33
C ILE P 516 -11.33 -32.47 48.51
N VAL P 517 -12.53 -32.37 49.06
CA VAL P 517 -13.75 -32.83 48.40
C VAL P 517 -14.31 -31.67 47.58
N PRO P 518 -14.43 -31.81 46.26
CA PRO P 518 -15.10 -30.77 45.45
C PRO P 518 -16.61 -30.91 45.57
N VAL P 519 -17.24 -29.90 46.17
CA VAL P 519 -18.68 -29.89 46.42
C VAL P 519 -19.32 -28.98 45.40
N GLU P 520 -20.08 -29.58 44.48
CA GLU P 520 -20.74 -28.83 43.43
C GLU P 520 -22.01 -28.16 43.94
N THR P 521 -22.13 -26.87 43.69
CA THR P 521 -23.37 -26.14 43.90
C THR P 521 -23.95 -25.78 42.54
N GLU P 522 -25.21 -26.17 42.31
CA GLU P 522 -25.81 -25.98 40.99
C GLU P 522 -26.12 -24.51 40.75
N THR P 523 -25.84 -24.05 39.54
CA THR P 523 -26.14 -22.69 39.13
C THR P 523 -27.38 -22.57 38.27
N LEU P 524 -27.99 -23.69 37.90
CA LEU P 524 -29.22 -23.70 37.13
C LEU P 524 -30.30 -24.43 37.93
N ASP P 525 -31.43 -23.76 38.14
CA ASP P 525 -32.57 -24.36 38.81
C ASP P 525 -33.60 -24.89 37.82
N THR P 526 -34.15 -24.01 37.00
CA THR P 526 -35.09 -24.40 35.95
C THR P 526 -34.65 -23.81 34.63
N VAL P 527 -34.98 -24.52 33.55
CA VAL P 527 -34.71 -24.06 32.20
C VAL P 527 -36.00 -24.15 31.40
N ARG P 528 -36.25 -23.14 30.57
CA ARG P 528 -37.37 -23.13 29.65
C ARG P 528 -36.86 -22.67 28.30
N VAL P 529 -37.46 -23.21 27.24
CA VAL P 529 -37.01 -22.96 25.87
C VAL P 529 -38.22 -22.56 25.04
N LYS P 530 -38.21 -21.35 24.49
CA LYS P 530 -39.28 -20.91 23.62
C LYS P 530 -38.71 -20.35 22.33
N ALA P 531 -39.31 -20.73 21.21
CA ALA P 531 -38.83 -20.39 19.88
C ALA P 531 -39.99 -19.88 19.05
N HIS P 532 -39.86 -18.63 18.55
CA HIS P 532 -40.91 -17.98 17.77
C HIS P 532 -42.24 -17.98 18.53
N GLY P 533 -42.16 -17.77 19.84
CA GLY P 533 -43.32 -17.80 20.70
C GLY P 533 -43.76 -19.17 21.14
N ILE P 534 -43.35 -20.22 20.44
CA ILE P 534 -43.73 -21.58 20.79
C ILE P 534 -42.85 -22.07 21.93
N GLU P 535 -43.46 -22.74 22.90
CA GLU P 535 -42.74 -23.36 24.00
C GLU P 535 -42.28 -24.74 23.56
N LEU P 536 -40.97 -24.91 23.36
CA LEU P 536 -40.42 -26.22 23.04
C LEU P 536 -40.28 -27.07 24.30
N TYR P 537 -39.69 -26.50 25.34
CA TYR P 537 -39.62 -27.11 26.66
C TYR P 537 -40.23 -26.16 27.67
N ALA P 538 -41.15 -26.67 28.49
CA ALA P 538 -41.71 -25.88 29.57
C ALA P 538 -40.66 -25.64 30.65
N GLN P 539 -41.03 -24.86 31.66
CA GLN P 539 -40.14 -24.56 32.77
C GLN P 539 -39.96 -25.82 33.62
N TYR P 540 -38.85 -26.51 33.44
CA TYR P 540 -38.58 -27.77 34.12
C TYR P 540 -37.30 -27.67 34.95
N ARG P 541 -37.26 -28.43 36.03
CA ARG P 541 -36.07 -28.46 36.87
C ARG P 541 -34.87 -28.97 36.09
N ALA P 542 -33.68 -28.47 36.46
CA ALA P 542 -32.48 -28.74 35.70
C ALA P 542 -32.15 -30.23 35.62
N GLN P 543 -32.53 -31.02 36.63
CA GLN P 543 -32.22 -32.44 36.63
C GLN P 543 -32.91 -33.17 35.50
N PHE P 544 -34.02 -32.64 34.98
CA PHE P 544 -34.70 -33.25 33.85
C PHE P 544 -33.81 -33.22 32.60
N TYR P 545 -33.10 -32.12 32.37
CA TYR P 545 -32.19 -32.04 31.24
C TYR P 545 -30.84 -32.67 31.55
N ARG P 546 -30.44 -32.73 32.82
CA ARG P 546 -29.12 -33.28 33.13
C ARG P 546 -29.19 -34.79 33.28
N ASP P 547 -30.19 -35.29 34.02
CA ASP P 547 -30.24 -36.71 34.31
C ASP P 547 -31.16 -37.47 33.36
N TYR P 548 -32.41 -37.03 33.25
CA TYR P 548 -33.43 -37.85 32.58
C TYR P 548 -33.16 -37.95 31.08
N ILE P 549 -33.07 -36.81 30.39
CA ILE P 549 -32.93 -36.83 28.93
C ILE P 549 -31.68 -37.59 28.50
N PRO P 550 -30.50 -37.36 29.07
CA PRO P 550 -29.33 -38.16 28.65
C PRO P 550 -29.45 -39.63 29.03
N TRP P 551 -30.18 -39.97 30.09
CA TRP P 551 -30.38 -41.38 30.42
C TRP P 551 -31.32 -42.05 29.44
N ASN P 552 -32.33 -41.33 28.96
CA ASN P 552 -33.35 -41.94 28.12
C ASN P 552 -32.89 -42.07 26.67
N TYR P 553 -32.26 -41.04 26.11
CA TYR P 553 -31.97 -40.97 24.69
C TYR P 553 -30.53 -41.34 24.37
N GLY P 554 -30.30 -41.68 23.10
CA GLY P 554 -28.97 -41.72 22.54
C GLY P 554 -28.18 -42.99 22.73
N SER P 555 -28.62 -43.89 23.61
CA SER P 555 -27.95 -45.19 23.84
C SER P 555 -26.49 -44.91 24.23
N PHE P 556 -25.55 -45.74 23.79
CA PHE P 556 -24.14 -45.57 24.15
C PHE P 556 -23.52 -44.31 23.57
N ASN P 557 -24.20 -43.61 22.68
CA ASN P 557 -23.69 -42.36 22.14
C ASN P 557 -23.85 -41.19 23.10
N LEU P 558 -24.78 -41.30 24.05
CA LEU P 558 -25.04 -40.23 25.02
C LEU P 558 -24.76 -40.75 26.41
N VAL P 559 -23.77 -40.17 27.08
CA VAL P 559 -23.40 -40.51 28.45
C VAL P 559 -24.15 -39.59 29.39
N THR P 560 -24.64 -40.13 30.50
CA THR P 560 -25.19 -39.29 31.55
C THR P 560 -24.03 -38.52 32.20
N PRO P 561 -24.05 -37.19 32.18
CA PRO P 561 -22.85 -36.44 32.56
C PRO P 561 -22.58 -36.51 34.06
N GLN P 562 -21.29 -36.58 34.41
CA GLN P 562 -20.90 -36.52 35.81
C GLN P 562 -21.05 -35.11 36.35
N ASP P 563 -20.76 -34.10 35.53
CA ASP P 563 -20.89 -32.70 35.91
C ASP P 563 -22.35 -32.37 36.24
N LYS P 564 -22.58 -31.86 37.45
CA LYS P 564 -23.93 -31.55 37.91
C LYS P 564 -24.53 -30.32 37.23
N GLY P 565 -23.79 -29.64 36.35
CA GLY P 565 -24.32 -28.46 35.70
C GLY P 565 -24.36 -28.55 34.19
N ALA P 566 -24.19 -29.75 33.65
CA ALA P 566 -24.25 -29.98 32.21
C ALA P 566 -25.65 -30.46 31.84
N LEU P 567 -26.34 -29.68 31.01
CA LEU P 567 -27.71 -29.97 30.61
C LEU P 567 -27.76 -30.22 29.11
N PHE P 568 -28.69 -31.08 28.71
CA PHE P 568 -28.84 -31.51 27.32
C PHE P 568 -30.25 -31.21 26.87
N LEU P 569 -30.39 -30.32 25.89
CA LEU P 569 -31.69 -29.94 25.34
C LEU P 569 -31.88 -30.72 24.03
N ASN P 570 -32.70 -31.76 24.07
CA ASN P 570 -32.84 -32.66 22.94
C ASN P 570 -33.99 -32.24 22.04
N PHE P 571 -33.77 -32.33 20.72
CA PHE P 571 -34.82 -32.07 19.75
C PHE P 571 -34.93 -33.17 18.70
N CYS P 572 -34.19 -34.26 18.85
CA CYS P 572 -34.28 -35.39 17.94
C CYS P 572 -34.48 -36.67 18.74
N LEU P 573 -34.89 -37.73 18.06
CA LEU P 573 -35.16 -39.00 18.72
C LEU P 573 -33.91 -39.83 18.96
N TYR P 574 -32.87 -39.62 18.16
CA TYR P 574 -31.64 -40.44 18.24
C TYR P 574 -30.42 -39.55 18.14
N PRO P 575 -30.08 -38.83 19.22
CA PRO P 575 -28.88 -37.99 19.19
C PRO P 575 -27.62 -38.81 19.01
N GLY P 576 -26.75 -38.35 18.11
CA GLY P 576 -25.53 -39.05 17.78
C GLY P 576 -25.61 -39.94 16.57
N THR P 577 -26.80 -40.09 15.97
CA THR P 577 -27.01 -40.92 14.80
C THR P 577 -26.92 -40.06 13.55
N TYR P 578 -26.38 -40.63 12.47
CA TYR P 578 -26.30 -39.89 11.21
C TYR P 578 -27.68 -39.61 10.64
N GLN P 579 -28.50 -40.65 10.47
CA GLN P 579 -29.84 -40.50 9.93
C GLN P 579 -30.62 -39.45 10.72
N PRO P 580 -31.12 -38.40 10.07
CA PRO P 580 -31.87 -37.37 10.81
C PRO P 580 -33.07 -37.96 11.52
N SER P 581 -33.38 -37.38 12.69
CA SER P 581 -34.46 -37.92 13.51
C SER P 581 -35.18 -36.82 14.30
N GLY P 582 -35.29 -35.62 13.73
CA GLY P 582 -35.94 -34.52 14.42
C GLY P 582 -35.03 -33.33 14.60
N HIS P 583 -35.59 -32.12 14.58
CA HIS P 583 -34.80 -30.90 14.65
C HIS P 583 -35.75 -29.72 14.85
N VAL P 584 -35.16 -28.57 15.18
CA VAL P 584 -35.89 -27.32 15.32
C VAL P 584 -35.80 -26.56 14.00
N ASN P 585 -36.96 -26.24 13.43
CA ASN P 585 -37.02 -25.62 12.11
C ASN P 585 -36.40 -24.23 12.13
N ILE P 586 -36.03 -23.75 10.94
CA ILE P 586 -35.18 -22.56 10.83
C ILE P 586 -35.90 -21.32 11.32
N SER P 587 -37.20 -21.18 11.01
CA SER P 587 -37.93 -20.00 11.45
C SER P 587 -37.98 -19.90 12.97
N ARG P 588 -38.04 -21.04 13.65
CA ARG P 588 -38.01 -21.04 15.12
C ARG P 588 -36.59 -20.88 15.65
N ALA P 589 -35.58 -21.35 14.90
CA ALA P 589 -34.19 -21.18 15.32
C ALA P 589 -33.76 -19.72 15.30
N ARG P 590 -34.58 -18.82 14.77
CA ARG P 590 -34.24 -17.40 14.78
C ARG P 590 -34.49 -16.77 16.15
N GLU P 591 -35.77 -16.55 16.49
CA GLU P 591 -36.13 -15.96 17.77
C GLU P 591 -36.23 -17.10 18.80
N PHE P 592 -35.06 -17.56 19.23
CA PHE P 592 -34.90 -18.72 20.09
C PHE P 592 -34.45 -18.24 21.47
N TYR P 593 -35.20 -18.57 22.51
CA TYR P 593 -34.94 -18.07 23.85
C TYR P 593 -34.73 -19.22 24.82
N ILE P 594 -33.63 -19.16 25.57
CA ILE P 594 -33.38 -20.05 26.69
C ILE P 594 -33.61 -19.25 27.96
N GLU P 595 -34.62 -19.65 28.73
CA GLU P 595 -35.02 -18.94 29.96
C GLU P 595 -34.63 -19.78 31.16
N TYR P 596 -33.80 -19.22 32.04
CA TYR P 596 -33.29 -19.92 33.19
C TYR P 596 -33.69 -19.20 34.48
N THR P 597 -33.65 -19.95 35.57
CA THR P 597 -33.68 -19.39 36.92
C THR P 597 -32.50 -19.96 37.69
N SER P 598 -31.90 -19.14 38.54
CA SER P 598 -30.72 -19.55 39.29
C SER P 598 -30.82 -19.08 40.73
N SER P 599 -30.30 -19.90 41.63
CA SER P 599 -30.13 -19.53 43.03
C SER P 599 -28.71 -19.05 43.33
N PHE P 600 -27.87 -18.92 42.29
CA PHE P 600 -26.47 -18.56 42.48
C PHE P 600 -26.11 -17.26 41.78
N CYS P 601 -26.51 -17.07 40.53
CA CYS P 601 -26.01 -15.96 39.74
C CYS P 601 -26.52 -14.63 40.27
N ASP P 602 -25.58 -13.70 40.48
CA ASP P 602 -25.89 -12.31 40.81
C ASP P 602 -24.64 -11.48 40.55
N SER P 603 -24.67 -10.20 40.95
CA SER P 603 -23.54 -9.33 40.68
C SER P 603 -22.30 -9.71 41.49
N SER P 604 -22.47 -10.39 42.63
CA SER P 604 -21.33 -10.92 43.35
C SER P 604 -20.84 -12.24 42.81
N ASN P 605 -21.57 -12.86 41.88
CA ASN P 605 -21.20 -14.16 41.31
C ASN P 605 -21.59 -14.19 39.84
N PRO P 606 -20.86 -13.45 38.99
CA PRO P 606 -21.18 -13.47 37.57
C PRO P 606 -20.96 -14.84 36.97
N CYS P 607 -21.80 -15.19 35.99
CA CYS P 607 -21.74 -16.47 35.32
C CYS P 607 -21.87 -16.26 33.82
N ASP P 608 -21.41 -17.25 33.06
CA ASP P 608 -21.51 -17.27 31.61
C ASP P 608 -22.53 -18.31 31.21
N LEU P 609 -23.59 -17.89 30.51
CA LEU P 609 -24.58 -18.83 29.99
C LEU P 609 -24.05 -19.42 28.69
N ILE P 610 -23.60 -20.67 28.74
CA ILE P 610 -22.96 -21.33 27.62
C ILE P 610 -23.99 -22.22 26.94
N SER P 611 -24.22 -21.98 25.65
CA SER P 611 -25.12 -22.81 24.85
C SER P 611 -24.42 -23.16 23.55
N ILE P 612 -24.22 -24.45 23.32
CA ILE P 612 -23.54 -24.96 22.14
C ILE P 612 -24.53 -25.85 21.41
N ALA P 613 -24.94 -25.43 20.21
CA ALA P 613 -25.93 -26.16 19.44
C ALA P 613 -25.25 -26.99 18.36
N LYS P 614 -25.78 -28.19 18.14
CA LYS P 614 -25.41 -29.02 17.00
C LYS P 614 -26.49 -28.82 15.94
N CYS P 615 -26.10 -28.22 14.82
CA CYS P 615 -27.03 -27.86 13.77
C CYS P 615 -26.73 -28.64 12.50
N ILE P 616 -27.78 -28.92 11.73
CA ILE P 616 -27.66 -29.65 10.48
C ILE P 616 -27.42 -28.64 9.36
N ASN P 617 -26.42 -28.93 8.53
CA ASN P 617 -26.21 -28.20 7.28
C ASN P 617 -25.85 -29.22 6.20
N PHE P 618 -25.57 -28.72 5.00
CA PHE P 618 -25.31 -29.59 3.86
C PHE P 618 -24.08 -29.12 3.11
N LEU P 619 -23.44 -30.06 2.43
CA LEU P 619 -22.24 -29.80 1.64
C LEU P 619 -22.40 -30.48 0.30
N LEU P 620 -22.34 -29.69 -0.78
CA LEU P 620 -22.43 -30.24 -2.13
C LEU P 620 -21.06 -30.75 -2.58
N ILE P 621 -21.09 -31.73 -3.49
CA ILE P 621 -19.86 -32.27 -4.05
C ILE P 621 -19.29 -31.33 -5.11
N LYS Q 7 -47.64 -27.44 17.48
CA LYS Q 7 -47.57 -26.96 16.11
C LYS Q 7 -46.50 -27.71 15.32
N LEU Q 8 -46.92 -28.74 14.60
CA LEU Q 8 -46.00 -29.54 13.79
C LEU Q 8 -45.75 -28.83 12.46
N ILE Q 9 -44.49 -28.48 12.21
CA ILE Q 9 -44.09 -27.74 11.03
C ILE Q 9 -43.39 -28.71 10.08
N ALA Q 10 -44.10 -29.12 9.02
CA ALA Q 10 -43.62 -30.17 8.14
C ALA Q 10 -42.73 -29.66 7.01
N ASN Q 11 -43.10 -28.54 6.38
CA ASN Q 11 -42.23 -27.90 5.39
C ASN Q 11 -42.03 -26.45 5.79
N ASP Q 12 -40.76 -26.03 5.85
CA ASP Q 12 -40.42 -24.65 6.20
C ASP Q 12 -39.01 -24.40 5.62
N GLY Q 13 -38.97 -23.86 4.41
CA GLY Q 13 -37.72 -23.53 3.79
C GLY Q 13 -36.99 -24.73 3.21
N LYS Q 14 -35.78 -24.46 2.68
CA LYS Q 14 -35.02 -25.48 1.97
C LYS Q 14 -34.60 -26.61 2.91
N ALA Q 15 -34.24 -26.28 4.15
CA ALA Q 15 -33.69 -27.29 5.06
C ALA Q 15 -34.70 -28.39 5.35
N ASP Q 16 -35.94 -28.01 5.67
CA ASP Q 16 -36.97 -29.02 5.93
C ASP Q 16 -37.26 -29.88 4.72
N ARG Q 17 -37.10 -29.31 3.52
CA ARG Q 17 -37.45 -30.04 2.31
C ARG Q 17 -36.51 -31.21 2.07
N MET Q 18 -35.23 -31.06 2.44
CA MET Q 18 -34.25 -32.11 2.22
C MET Q 18 -34.23 -33.14 3.34
N ILE Q 19 -34.73 -32.78 4.52
CA ILE Q 19 -34.70 -33.67 5.67
C ILE Q 19 -35.98 -34.50 5.76
N MET Q 20 -37.12 -33.90 5.42
CA MET Q 20 -38.41 -34.57 5.59
C MET Q 20 -39.20 -34.73 4.30
N ALA Q 21 -38.93 -33.91 3.27
CA ALA Q 21 -39.52 -34.07 1.94
C ALA Q 21 -41.03 -34.25 2.00
N ASN Q 22 -41.67 -33.45 2.85
CA ASN Q 22 -43.07 -33.70 3.18
C ASN Q 22 -44.00 -33.46 2.00
N ASP Q 23 -43.67 -32.51 1.13
CA ASP Q 23 -44.52 -32.28 -0.04
C ASP Q 23 -44.34 -33.40 -1.07
N LEU Q 24 -43.12 -33.92 -1.22
CA LEU Q 24 -42.93 -35.11 -2.03
C LEU Q 24 -43.72 -36.28 -1.47
N LEU Q 25 -43.69 -36.45 -0.13
CA LEU Q 25 -44.42 -37.54 0.50
C LEU Q 25 -45.92 -37.41 0.30
N ASN Q 26 -46.47 -36.21 0.48
CA ASN Q 26 -47.90 -36.02 0.31
C ASN Q 26 -48.34 -36.31 -1.13
N ASP Q 27 -47.52 -35.89 -2.10
CA ASP Q 27 -47.87 -36.15 -3.50
C ASP Q 27 -47.79 -37.63 -3.83
N ARG Q 28 -46.86 -38.37 -3.21
CA ARG Q 28 -46.84 -39.81 -3.40
C ARG Q 28 -48.10 -40.46 -2.85
N ILE Q 29 -48.55 -40.00 -1.68
CA ILE Q 29 -49.79 -40.51 -1.10
C ILE Q 29 -50.96 -40.23 -2.02
N LYS Q 30 -51.03 -39.01 -2.55
CA LYS Q 30 -52.11 -38.67 -3.49
C LYS Q 30 -52.01 -39.50 -4.75
N SER Q 31 -50.80 -39.61 -5.33
CA SER Q 31 -50.64 -40.34 -6.57
C SER Q 31 -50.85 -41.84 -6.39
N ILE Q 32 -50.47 -42.39 -5.23
CA ILE Q 32 -50.73 -43.81 -4.98
C ILE Q 32 -52.23 -44.05 -4.85
N MET Q 33 -52.93 -43.23 -4.06
CA MET Q 33 -54.37 -43.41 -3.89
C MET Q 33 -55.12 -43.27 -5.21
N CYS Q 34 -54.62 -42.42 -6.11
CA CYS Q 34 -55.29 -42.26 -7.40
C CYS Q 34 -55.12 -43.51 -8.26
N LEU Q 35 -53.91 -44.08 -8.30
CA LEU Q 35 -53.68 -45.27 -9.11
C LEU Q 35 -54.44 -46.47 -8.57
N ARG Q 36 -54.43 -46.66 -7.24
CA ARG Q 36 -55.13 -47.80 -6.66
C ARG Q 36 -56.64 -47.69 -6.88
N ALA Q 37 -57.17 -46.46 -6.95
CA ALA Q 37 -58.60 -46.29 -7.21
C ALA Q 37 -58.93 -46.58 -8.67
N LYS Q 38 -58.03 -46.25 -9.60
CA LYS Q 38 -58.30 -46.50 -11.01
C LYS Q 38 -58.00 -47.94 -11.39
N GLN Q 39 -57.02 -48.57 -10.76
CA GLN Q 39 -56.76 -49.99 -11.01
C GLN Q 39 -57.83 -50.90 -10.42
N GLY Q 40 -58.77 -50.35 -9.66
CA GLY Q 40 -59.88 -51.14 -9.16
C GLY Q 40 -59.68 -51.77 -7.80
N PHE Q 41 -58.85 -51.17 -6.95
CA PHE Q 41 -58.66 -51.68 -5.60
C PHE Q 41 -59.81 -51.23 -4.70
N SER Q 42 -60.23 -52.11 -3.80
CA SER Q 42 -61.32 -51.77 -2.88
C SER Q 42 -60.91 -50.68 -1.91
N ASP Q 43 -59.65 -50.70 -1.47
CA ASP Q 43 -59.15 -49.76 -0.48
C ASP Q 43 -58.01 -48.96 -1.11
N PRO Q 44 -58.17 -47.65 -1.33
CA PRO Q 44 -57.12 -46.88 -2.02
C PRO Q 44 -55.98 -46.43 -1.13
N THR Q 45 -56.06 -46.62 0.20
CA THR Q 45 -55.00 -46.13 1.07
C THR Q 45 -53.70 -46.88 0.79
N PRO Q 46 -52.56 -46.20 0.80
CA PRO Q 46 -51.29 -46.87 0.51
C PRO Q 46 -50.92 -47.85 1.63
N THR Q 47 -50.05 -48.78 1.28
CA THR Q 47 -49.49 -49.67 2.28
C THR Q 47 -48.23 -49.03 2.88
N LEU Q 48 -47.85 -49.53 4.06
CA LEU Q 48 -46.65 -49.02 4.71
C LEU Q 48 -45.40 -49.24 3.85
N VAL Q 49 -45.40 -50.31 3.05
CA VAL Q 49 -44.28 -50.56 2.15
C VAL Q 49 -44.19 -49.47 1.08
N ASP Q 50 -45.34 -48.96 0.63
CA ASP Q 50 -45.34 -47.87 -0.34
C ASP Q 50 -44.64 -46.63 0.20
N ILE Q 51 -45.03 -46.19 1.40
CA ILE Q 51 -44.45 -44.99 1.99
C ILE Q 51 -42.96 -45.17 2.20
N GLU Q 52 -42.54 -46.36 2.64
CA GLU Q 52 -41.17 -46.56 3.09
C GLU Q 52 -40.17 -46.73 1.95
N ARG Q 53 -40.62 -46.77 0.70
CA ARG Q 53 -39.66 -46.80 -0.40
C ARG Q 53 -39.01 -45.44 -0.63
N THR Q 54 -39.51 -44.39 0.01
CA THR Q 54 -38.87 -43.07 -0.04
C THR Q 54 -38.63 -42.49 1.35
N HIS Q 55 -39.55 -42.68 2.29
CA HIS Q 55 -39.47 -42.08 3.60
C HIS Q 55 -39.36 -43.14 4.69
N ILE Q 56 -38.61 -42.82 5.75
CA ILE Q 56 -38.54 -43.69 6.91
C ILE Q 56 -39.61 -43.24 7.90
N LEU Q 57 -40.22 -44.21 8.58
CA LEU Q 57 -41.26 -43.97 9.57
C LEU Q 57 -40.66 -44.21 10.95
N LEU Q 58 -40.52 -43.15 11.74
CA LEU Q 58 -39.85 -43.29 13.04
C LEU Q 58 -40.70 -44.07 14.04
N ILE Q 59 -42.01 -44.00 13.93
CA ILE Q 59 -42.92 -44.82 14.74
C ILE Q 59 -43.32 -46.01 13.88
N ASN Q 60 -42.73 -47.17 14.17
CA ASN Q 60 -42.91 -48.35 13.31
C ASN Q 60 -42.75 -49.59 14.16
N SER Q 61 -43.86 -50.27 14.43
CA SER Q 61 -43.86 -51.50 15.24
C SER Q 61 -43.63 -52.75 14.41
N HIS Q 62 -43.15 -52.60 13.17
CA HIS Q 62 -43.02 -53.74 12.27
C HIS Q 62 -41.85 -54.64 12.67
N TYR Q 63 -41.99 -55.93 12.38
CA TYR Q 63 -40.94 -56.91 12.61
C TYR Q 63 -41.10 -58.06 11.62
N LYS Q 64 -39.97 -58.79 11.38
CA LYS Q 64 -40.16 -59.95 10.52
C LYS Q 64 -40.18 -61.23 11.34
N PRO Q 65 -40.98 -62.22 10.94
CA PRO Q 65 -40.93 -63.52 11.62
C PRO Q 65 -39.62 -64.21 11.32
N PHE Q 66 -39.13 -64.97 12.28
CA PHE Q 66 -37.91 -65.73 12.07
C PHE Q 66 -38.23 -67.20 11.86
N ALA Q 67 -37.42 -67.86 11.04
CA ALA Q 67 -37.53 -69.30 10.86
C ALA Q 67 -37.37 -69.99 12.20
N ALA Q 68 -38.37 -70.79 12.56
CA ALA Q 68 -38.47 -71.34 13.91
C ALA Q 68 -37.17 -72.00 14.35
N MET Q 69 -36.70 -71.61 15.54
CA MET Q 69 -35.52 -72.22 16.13
C MET Q 69 -35.64 -72.17 17.64
N GLY Q 70 -34.90 -73.05 18.29
CA GLY Q 70 -34.74 -73.02 19.73
C GLY Q 70 -33.37 -73.58 20.06
N TYR Q 71 -32.88 -73.25 21.25
CA TYR Q 71 -31.57 -73.72 21.65
C TYR Q 71 -31.63 -74.34 23.04
N GLU Q 72 -30.51 -74.97 23.41
CA GLU Q 72 -30.37 -75.68 24.67
C GLU Q 72 -28.90 -76.01 24.86
N TYR Q 73 -28.42 -75.88 26.10
CA TYR Q 73 -27.04 -76.21 26.41
C TYR Q 73 -26.91 -77.68 26.78
N GLN Q 74 -25.72 -78.21 26.55
CA GLN Q 74 -25.38 -79.57 26.91
C GLN Q 74 -23.95 -79.58 27.41
N LYS Q 75 -23.72 -80.14 28.60
CA LYS Q 75 -22.38 -80.25 29.13
C LYS Q 75 -21.85 -81.66 28.92
N THR Q 76 -20.55 -81.76 28.64
CA THR Q 76 -19.93 -83.01 28.23
C THR Q 76 -18.61 -83.17 28.99
N ARG Q 77 -18.31 -84.41 29.36
CA ARG Q 77 -17.07 -84.74 30.04
C ARG Q 77 -15.96 -85.01 29.03
N PRO Q 78 -14.70 -84.89 29.45
CA PRO Q 78 -13.59 -85.10 28.51
C PRO Q 78 -13.33 -86.57 28.21
N ASN Q 79 -12.64 -86.80 27.08
CA ASN Q 79 -12.24 -88.15 26.73
C ASN Q 79 -11.22 -88.70 27.71
N THR Q 80 -10.26 -87.87 28.11
CA THR Q 80 -9.02 -88.34 28.70
C THR Q 80 -9.13 -88.63 30.20
N GLY Q 81 -10.30 -89.12 30.63
CA GLY Q 81 -10.41 -89.63 31.99
C GLY Q 81 -10.27 -88.54 33.04
N ASN Q 82 -9.42 -88.78 34.04
CA ASN Q 82 -9.32 -87.91 35.19
C ASN Q 82 -8.41 -86.72 34.89
N PRO Q 83 -8.89 -85.48 35.04
CA PRO Q 83 -8.11 -84.32 34.60
C PRO Q 83 -7.09 -83.87 35.63
N THR Q 84 -6.02 -83.25 35.14
CA THR Q 84 -4.91 -82.82 35.99
C THR Q 84 -4.36 -81.50 35.47
N TYR Q 85 -3.53 -80.86 36.30
CA TYR Q 85 -2.67 -79.80 35.83
C TYR Q 85 -1.65 -80.36 34.83
N ASN Q 86 -1.11 -79.46 34.01
CA ASN Q 86 0.03 -79.78 33.15
C ASN Q 86 -0.27 -81.00 32.26
N SER Q 87 -1.31 -80.87 31.46
CA SER Q 87 -1.74 -81.99 30.62
C SER Q 87 -2.61 -81.49 29.48
N THR Q 88 -3.07 -82.43 28.66
CA THR Q 88 -3.90 -82.16 27.50
C THR Q 88 -5.24 -82.88 27.67
N ILE Q 89 -6.32 -82.11 27.58
CA ILE Q 89 -7.68 -82.63 27.78
C ILE Q 89 -8.46 -82.44 26.49
N GLN Q 90 -9.20 -83.46 26.09
CA GLN Q 90 -9.92 -83.47 24.82
C GLN Q 90 -11.40 -83.73 25.04
N PHE Q 91 -12.24 -82.92 24.41
CA PHE Q 91 -13.68 -83.10 24.41
C PHE Q 91 -14.15 -83.47 23.01
N SER Q 92 -15.02 -84.47 22.92
CA SER Q 92 -15.74 -84.72 21.68
C SER Q 92 -17.02 -83.91 21.69
N ILE Q 93 -17.31 -83.26 20.56
CA ILE Q 93 -18.49 -82.41 20.44
C ILE Q 93 -19.69 -83.29 20.13
N PRO Q 94 -20.63 -83.46 21.07
CA PRO Q 94 -21.76 -84.37 20.84
C PRO Q 94 -22.61 -83.94 19.67
N GLN Q 95 -23.18 -84.94 18.99
CA GLN Q 95 -24.07 -84.71 17.86
C GLN Q 95 -25.46 -84.47 18.40
N PHE Q 96 -25.69 -83.23 18.85
CA PHE Q 96 -26.97 -82.88 19.48
C PHE Q 96 -27.77 -81.94 18.58
N GLY Q 97 -27.43 -80.66 18.57
CA GLY Q 97 -28.14 -79.71 17.75
C GLY Q 97 -27.81 -79.84 16.27
N ASP Q 98 -28.61 -79.15 15.46
CA ASP Q 98 -28.28 -79.02 14.04
C ASP Q 98 -27.11 -78.07 13.84
N PHE Q 99 -26.95 -77.11 14.74
CA PHE Q 99 -25.78 -76.24 14.81
C PHE Q 99 -25.29 -76.23 16.25
N PHE Q 100 -24.00 -75.98 16.44
CA PHE Q 100 -23.48 -75.68 17.77
C PHE Q 100 -22.80 -74.32 17.76
N SER Q 101 -22.89 -73.62 18.87
CA SER Q 101 -22.44 -72.23 18.91
C SER Q 101 -21.53 -71.95 20.10
N ASP Q 102 -21.95 -71.04 20.98
CA ASP Q 102 -21.08 -70.56 22.05
C ASP Q 102 -20.75 -71.67 23.03
N MET Q 103 -19.48 -71.71 23.45
CA MET Q 103 -18.96 -72.77 24.31
C MET Q 103 -18.27 -72.17 25.52
N VAL Q 104 -18.45 -72.82 26.67
CA VAL Q 104 -17.83 -72.40 27.92
C VAL Q 104 -17.45 -73.66 28.69
N VAL Q 105 -16.27 -73.62 29.33
CA VAL Q 105 -15.74 -74.77 30.05
C VAL Q 105 -15.77 -74.47 31.55
N HIS Q 106 -16.50 -75.30 32.29
CA HIS Q 106 -16.50 -75.22 33.74
C HIS Q 106 -15.24 -75.89 34.29
N VAL Q 107 -14.47 -75.15 35.08
CA VAL Q 107 -13.28 -75.69 35.74
C VAL Q 107 -13.49 -75.57 37.23
N GLN Q 108 -13.15 -76.64 37.95
CA GLN Q 108 -13.34 -76.71 39.40
C GLN Q 108 -12.04 -77.20 40.02
N LEU Q 109 -11.32 -76.29 40.68
CA LEU Q 109 -10.08 -76.62 41.37
C LEU Q 109 -10.37 -76.82 42.85
N ALA Q 110 -9.77 -77.85 43.43
CA ALA Q 110 -10.05 -78.21 44.81
C ALA Q 110 -9.66 -77.10 45.77
N ALA Q 111 -10.34 -77.06 46.91
CA ALA Q 111 -9.86 -76.22 48.02
C ALA Q 111 -8.47 -76.68 48.42
N THR Q 112 -7.61 -75.72 48.76
CA THR Q 112 -6.19 -76.03 48.92
C THR Q 112 -5.57 -75.10 49.94
N SER Q 113 -4.50 -75.59 50.58
CA SER Q 113 -3.79 -74.84 51.60
C SER Q 113 -2.31 -75.18 51.53
N ALA Q 114 -1.49 -74.29 52.08
CA ALA Q 114 -0.06 -74.51 52.11
C ALA Q 114 0.32 -75.51 53.21
N SER Q 115 1.45 -76.17 53.02
CA SER Q 115 1.97 -77.08 54.02
C SER Q 115 2.55 -76.30 55.20
N ALA Q 116 2.65 -76.98 56.34
CA ALA Q 116 3.16 -76.34 57.55
C ALA Q 116 4.64 -76.06 57.41
N GLY Q 117 5.07 -74.92 57.96
CA GLY Q 117 6.45 -74.51 57.91
C GLY Q 117 6.94 -74.03 59.27
N THR Q 118 7.92 -73.13 59.22
CA THR Q 118 8.54 -72.60 60.43
C THR Q 118 8.72 -71.10 60.30
N VAL Q 119 8.82 -70.44 61.45
CA VAL Q 119 9.24 -69.04 61.48
C VAL Q 119 10.70 -68.95 61.05
N PRO Q 120 11.05 -68.12 60.07
CA PRO Q 120 12.41 -68.14 59.54
C PRO Q 120 13.41 -67.52 60.51
N ALA Q 121 14.69 -67.65 60.14
CA ALA Q 121 15.74 -67.07 60.95
C ALA Q 121 15.67 -65.54 60.91
N LEU Q 122 16.21 -64.92 61.95
CA LEU Q 122 16.17 -63.48 62.13
C LEU Q 122 17.19 -62.78 61.23
N PRO Q 123 16.93 -61.53 60.85
CA PRO Q 123 17.89 -60.78 60.03
C PRO Q 123 19.21 -60.58 60.74
N ALA Q 124 20.21 -60.14 59.97
CA ALA Q 124 21.53 -59.88 60.51
C ALA Q 124 21.50 -58.66 61.43
N PHE Q 125 22.58 -58.49 62.19
CA PHE Q 125 22.76 -57.27 62.96
C PHE Q 125 22.84 -56.07 62.02
N ILE Q 126 22.60 -54.88 62.57
CA ILE Q 126 22.62 -53.66 61.79
C ILE Q 126 23.75 -52.76 62.27
N GLY Q 127 23.70 -52.34 63.54
CA GLY Q 127 24.80 -51.61 64.14
C GLY Q 127 25.83 -52.54 64.75
N ALA Q 128 26.98 -51.96 65.10
CA ALA Q 128 28.13 -52.74 65.52
C ALA Q 128 28.15 -53.07 67.01
N ASP Q 129 27.39 -52.35 67.83
CA ASP Q 129 27.51 -52.42 69.28
C ASP Q 129 26.33 -53.18 69.89
N ASP Q 130 26.58 -53.70 71.10
CA ASP Q 130 25.56 -54.33 71.95
C ASP Q 130 24.70 -55.32 71.17
N GLN Q 131 25.37 -56.13 70.36
CA GLN Q 131 24.67 -57.13 69.57
C GLN Q 131 24.22 -58.28 70.46
N VAL Q 132 22.93 -58.63 70.38
CA VAL Q 132 22.35 -59.72 71.14
C VAL Q 132 21.32 -60.42 70.24
N LEU Q 133 21.50 -61.72 70.05
CA LEU Q 133 20.59 -62.53 69.24
C LEU Q 133 19.97 -63.60 70.14
N THR Q 134 18.66 -63.54 70.30
CA THR Q 134 17.90 -64.55 71.01
C THR Q 134 16.91 -65.20 70.03
N SER Q 135 16.11 -66.14 70.56
CA SER Q 135 15.16 -66.83 69.72
C SER Q 135 13.99 -65.96 69.29
N THR Q 136 13.87 -64.73 69.80
CA THR Q 136 12.73 -63.87 69.51
C THR Q 136 13.10 -62.45 69.11
N SER Q 137 14.38 -62.10 69.09
CA SER Q 137 14.76 -60.75 68.67
C SER Q 137 16.23 -60.75 68.28
N VAL Q 138 16.58 -59.83 67.38
CA VAL Q 138 17.97 -59.50 67.08
C VAL Q 138 18.15 -58.01 67.39
N VAL Q 139 19.08 -57.70 68.28
CA VAL Q 139 19.24 -56.36 68.81
C VAL Q 139 20.67 -55.90 68.53
N SER Q 140 20.79 -54.64 68.12
CA SER Q 140 22.04 -54.10 67.61
C SER Q 140 22.00 -52.60 67.83
N ALA Q 141 23.17 -51.95 67.81
CA ALA Q 141 23.22 -50.57 68.24
C ALA Q 141 24.36 -49.81 67.56
N THR Q 142 24.21 -48.49 67.54
CA THR Q 142 25.25 -47.56 67.12
C THR Q 142 25.41 -46.49 68.18
N GLU Q 143 26.65 -46.26 68.60
CA GLU Q 143 26.95 -45.20 69.54
C GLU Q 143 27.29 -43.91 68.79
N ASN Q 144 27.05 -42.78 69.46
CA ASN Q 144 27.46 -41.47 68.93
C ASN Q 144 27.69 -40.55 70.13
N THR Q 145 28.91 -40.60 70.67
CA THR Q 145 29.26 -39.79 71.82
C THR Q 145 29.44 -38.32 71.48
N THR Q 146 29.53 -37.97 70.19
CA THR Q 146 29.59 -36.57 69.81
C THR Q 146 28.22 -35.90 69.98
N SER Q 147 27.18 -36.54 69.47
CA SER Q 147 25.83 -35.97 69.53
C SER Q 147 25.08 -36.36 70.80
N GLY Q 148 25.44 -37.46 71.44
CA GLY Q 148 24.68 -37.97 72.56
C GLY Q 148 23.52 -38.86 72.19
N VAL Q 149 23.39 -39.23 70.91
CA VAL Q 149 22.31 -40.07 70.43
C VAL Q 149 22.78 -41.52 70.39
N TYR Q 150 22.05 -42.40 71.06
CA TYR Q 150 22.26 -43.84 71.02
C TYR Q 150 21.12 -44.44 70.21
N THR Q 151 21.46 -45.26 69.21
CA THR Q 151 20.48 -45.80 68.27
C THR Q 151 20.42 -47.31 68.42
N LEU Q 152 19.22 -47.82 68.72
CA LEU Q 152 19.00 -49.25 68.94
C LEU Q 152 18.14 -49.80 67.81
N TYR Q 153 18.61 -50.89 67.19
CA TYR Q 153 17.90 -51.56 66.11
C TYR Q 153 17.39 -52.91 66.63
N THR Q 154 16.07 -53.04 66.75
CA THR Q 154 15.45 -54.29 67.16
C THR Q 154 14.56 -54.80 66.05
N GLN Q 155 14.84 -56.00 65.56
CA GLN Q 155 13.97 -56.68 64.61
C GLN Q 155 13.45 -57.97 65.23
N SER Q 156 12.21 -58.31 64.90
CA SER Q 156 11.53 -59.44 65.50
C SER Q 156 10.40 -59.89 64.60
N TYR Q 157 9.84 -61.07 64.90
CA TYR Q 157 8.73 -61.63 64.17
C TYR Q 157 7.46 -61.57 65.01
N VAL Q 158 6.36 -61.21 64.36
CA VAL Q 158 5.13 -60.80 65.03
C VAL Q 158 3.95 -61.25 64.17
N ASN Q 159 2.83 -61.57 64.82
CA ASN Q 159 1.58 -61.83 64.09
C ASN Q 159 0.78 -60.54 64.00
N GLN Q 160 -0.43 -60.62 63.41
CA GLN Q 160 -1.22 -59.40 63.25
C GLN Q 160 -1.59 -58.78 64.60
N GLN Q 161 -1.72 -59.61 65.64
CA GLN Q 161 -2.14 -59.09 66.93
C GLN Q 161 -1.00 -58.39 67.68
N GLY Q 162 0.24 -58.63 67.31
CA GLY Q 162 1.37 -58.03 68.00
C GLY Q 162 2.23 -59.01 68.77
N THR Q 163 1.76 -60.24 68.98
CA THR Q 163 2.51 -61.19 69.79
C THR Q 163 3.75 -61.67 69.04
N THR Q 164 4.89 -61.65 69.73
CA THR Q 164 6.15 -62.06 69.13
C THR Q 164 6.16 -63.55 68.83
N GLN Q 165 6.76 -63.91 67.70
CA GLN Q 165 6.91 -65.30 67.28
C GLN Q 165 8.34 -65.77 67.50
N THR Q 166 8.48 -66.97 68.05
CA THR Q 166 9.80 -67.56 68.24
C THR Q 166 10.32 -68.12 66.92
N VAL Q 167 11.60 -67.88 66.64
CA VAL Q 167 12.23 -68.50 65.49
C VAL Q 167 12.12 -70.01 65.63
N ALA Q 168 11.90 -70.68 64.50
CA ALA Q 168 11.83 -72.13 64.35
C ALA Q 168 10.47 -72.71 64.72
N ALA Q 169 9.59 -71.94 65.33
CA ALA Q 169 8.28 -72.44 65.68
C ALA Q 169 7.39 -72.55 64.44
N ALA Q 170 6.28 -73.26 64.58
CA ALA Q 170 5.38 -73.48 63.46
C ALA Q 170 4.83 -72.17 62.93
N ALA Q 171 4.72 -72.08 61.61
CA ALA Q 171 4.09 -70.95 60.92
C ALA Q 171 3.77 -71.41 59.51
N THR Q 172 2.63 -70.98 58.98
CA THR Q 172 2.18 -71.45 57.67
C THR Q 172 1.80 -70.26 56.79
N ASN Q 173 2.26 -70.31 55.54
CA ASN Q 173 1.94 -69.27 54.57
C ASN Q 173 0.47 -69.33 54.17
N PHE Q 174 0.07 -68.34 53.38
CA PHE Q 174 -1.24 -68.34 52.73
C PHE Q 174 -1.06 -68.70 51.26
N VAL Q 175 -2.18 -68.89 50.57
CA VAL Q 175 -2.15 -69.22 49.15
C VAL Q 175 -3.05 -68.26 48.39
N ARG Q 176 -2.67 -68.00 47.13
CA ARG Q 176 -3.37 -67.10 46.25
C ARG Q 176 -3.29 -67.65 44.83
N TYR Q 177 -4.22 -67.23 43.99
CA TYR Q 177 -4.15 -67.52 42.57
C TYR Q 177 -3.55 -66.34 41.82
N CYS Q 178 -2.93 -66.64 40.69
CA CYS Q 178 -2.53 -65.58 39.78
C CYS Q 178 -3.76 -64.80 39.33
N GLU Q 179 -3.52 -63.56 38.91
CA GLU Q 179 -4.62 -62.78 38.34
C GLU Q 179 -5.15 -63.44 37.08
N TYR Q 180 -6.46 -63.36 36.90
CA TYR Q 180 -7.17 -63.97 35.77
C TYR Q 180 -6.74 -65.43 35.58
N PRO Q 181 -6.94 -66.29 36.57
CA PRO Q 181 -6.43 -67.67 36.43
C PRO Q 181 -7.08 -68.44 35.30
N GLY Q 182 -8.27 -68.05 34.86
CA GLY Q 182 -8.91 -68.75 33.77
C GLY Q 182 -8.21 -68.51 32.45
N LEU Q 183 -7.66 -67.31 32.26
CA LEU Q 183 -6.96 -67.01 31.03
C LEU Q 183 -5.59 -67.67 31.00
N ARG Q 184 -4.97 -67.88 32.16
CA ARG Q 184 -3.66 -68.53 32.20
C ARG Q 184 -3.75 -70.04 32.20
N LEU Q 185 -4.81 -70.60 32.79
CA LEU Q 185 -4.90 -72.05 32.94
C LEU Q 185 -4.92 -72.75 31.58
N PHE Q 186 -5.59 -72.15 30.59
CA PHE Q 186 -5.67 -72.74 29.26
C PHE Q 186 -4.47 -72.26 28.45
N LYS Q 187 -3.38 -73.02 28.52
CA LYS Q 187 -2.20 -72.72 27.70
C LYS Q 187 -2.58 -72.58 26.23
N ARG Q 188 -3.21 -73.62 25.68
CA ARG Q 188 -3.73 -73.58 24.33
C ARG Q 188 -5.15 -74.11 24.30
N VAL Q 189 -5.93 -73.62 23.34
CA VAL Q 189 -7.30 -74.04 23.09
C VAL Q 189 -7.44 -74.23 21.59
N LYS Q 190 -7.87 -75.41 21.17
CA LYS Q 190 -7.87 -75.76 19.76
C LYS Q 190 -9.20 -76.38 19.36
N PHE Q 191 -9.68 -76.00 18.17
CA PHE Q 191 -10.84 -76.63 17.55
C PHE Q 191 -10.32 -77.59 16.49
N GLU Q 192 -10.45 -78.90 16.76
CA GLU Q 192 -9.94 -79.94 15.87
C GLU Q 192 -11.10 -80.56 15.09
N VAL Q 193 -11.08 -80.42 13.77
CA VAL Q 193 -11.86 -81.26 12.89
C VAL Q 193 -10.86 -82.11 12.11
N ASN Q 194 -11.29 -83.32 11.74
CA ASN Q 194 -10.46 -84.32 11.03
C ASN Q 194 -9.10 -84.54 11.71
N GLY Q 195 -8.96 -84.13 12.97
CA GLY Q 195 -7.69 -84.20 13.66
C GLY Q 195 -6.77 -83.02 13.42
N ASN Q 196 -7.09 -82.14 12.43
CA ASN Q 196 -6.30 -80.96 12.07
C ASN Q 196 -6.92 -79.70 12.67
N PRO Q 197 -6.10 -78.74 13.11
CA PRO Q 197 -6.65 -77.51 13.70
C PRO Q 197 -7.36 -76.65 12.67
N LEU Q 198 -8.61 -76.30 12.96
CA LEU Q 198 -9.32 -75.26 12.22
C LEU Q 198 -9.08 -73.89 12.82
N ASP Q 199 -8.93 -73.81 14.15
CA ASP Q 199 -8.55 -72.59 14.83
C ASP Q 199 -7.92 -72.97 16.16
N GLU Q 200 -7.04 -72.10 16.65
CA GLU Q 200 -6.39 -72.32 17.94
C GLU Q 200 -5.85 -70.97 18.43
N TYR Q 201 -5.81 -70.83 19.75
CA TYR Q 201 -5.29 -69.61 20.34
C TYR Q 201 -4.66 -69.97 21.69
N THR Q 202 -3.78 -69.09 22.15
CA THR Q 202 -3.05 -69.31 23.40
C THR Q 202 -3.57 -68.36 24.47
N ALA Q 203 -2.98 -68.48 25.66
CA ALA Q 203 -3.28 -67.54 26.74
C ALA Q 203 -2.94 -66.11 26.34
N LEU Q 204 -1.97 -65.93 25.44
CA LEU Q 204 -1.66 -64.60 24.94
C LEU Q 204 -2.84 -64.00 24.21
N ALA Q 205 -3.54 -64.80 23.39
CA ALA Q 205 -4.75 -64.32 22.74
C ALA Q 205 -5.82 -64.00 23.78
N ALA Q 206 -5.89 -64.81 24.84
CA ALA Q 206 -6.94 -64.62 25.84
C ALA Q 206 -6.76 -63.32 26.61
N ILE Q 207 -5.52 -62.98 26.97
CA ILE Q 207 -5.28 -61.74 27.67
C ILE Q 207 -5.46 -60.52 26.78
N MET Q 208 -5.26 -60.67 25.47
CA MET Q 208 -5.55 -59.57 24.54
C MET Q 208 -7.06 -59.29 24.48
N TYR Q 209 -7.88 -60.35 24.49
CA TYR Q 209 -9.32 -60.18 24.63
C TYR Q 209 -9.66 -59.44 25.92
N ASN Q 210 -8.99 -59.81 27.01
CA ASN Q 210 -9.26 -59.20 28.31
C ASN Q 210 -8.97 -57.71 28.31
N LYS Q 211 -8.03 -57.26 27.47
CA LYS Q 211 -7.65 -55.85 27.42
C LYS Q 211 -8.53 -55.05 26.48
N PHE Q 212 -8.97 -55.64 25.37
CA PHE Q 212 -9.61 -54.87 24.31
C PHE Q 212 -11.10 -55.15 24.14
N HIS Q 213 -11.64 -56.24 24.69
CA HIS Q 213 -12.99 -56.65 24.33
C HIS Q 213 -13.87 -56.97 25.53
N VAL Q 214 -13.57 -56.40 26.70
CA VAL Q 214 -14.48 -56.54 27.83
C VAL Q 214 -14.88 -55.16 28.32
N PRO Q 215 -15.91 -54.54 27.74
CA PRO Q 215 -16.40 -53.25 28.25
C PRO Q 215 -16.94 -53.39 29.67
N ASP Q 216 -17.16 -52.23 30.29
CA ASP Q 216 -17.48 -52.23 31.73
C ASP Q 216 -18.80 -52.93 32.02
N PHE Q 217 -19.78 -52.83 31.12
CA PHE Q 217 -21.07 -53.49 31.40
C PHE Q 217 -20.98 -55.01 31.31
N LYS Q 218 -19.81 -55.56 30.98
CA LYS Q 218 -19.59 -57.00 30.99
C LYS Q 218 -18.49 -57.42 31.95
N LEU Q 219 -17.88 -56.48 32.67
CA LEU Q 219 -16.62 -56.77 33.34
C LEU Q 219 -16.82 -57.62 34.59
N THR Q 220 -17.84 -57.33 35.40
CA THR Q 220 -18.03 -58.10 36.63
C THR Q 220 -18.35 -59.56 36.31
N GLY Q 221 -19.13 -59.80 35.25
CA GLY Q 221 -19.40 -61.17 34.86
C GLY Q 221 -18.15 -61.88 34.34
N TRP Q 222 -17.44 -61.22 33.42
CA TRP Q 222 -16.20 -61.77 32.88
C TRP Q 222 -15.21 -62.12 33.99
N LYS Q 223 -15.04 -61.23 34.97
CA LYS Q 223 -14.09 -61.48 36.05
C LYS Q 223 -14.50 -62.71 36.86
N ARG Q 224 -15.78 -62.85 37.16
CA ARG Q 224 -16.23 -64.01 37.92
C ARG Q 224 -16.11 -65.30 37.11
N LEU Q 225 -16.23 -65.21 35.79
CA LEU Q 225 -16.09 -66.40 34.95
C LEU Q 225 -14.68 -66.95 35.01
N ILE Q 226 -13.68 -66.06 35.02
CA ILE Q 226 -12.29 -66.46 34.89
C ILE Q 226 -11.55 -66.32 36.22
N GLY Q 227 -12.26 -66.27 37.34
CA GLY Q 227 -11.65 -66.37 38.65
C GLY Q 227 -10.89 -65.16 39.15
N GLN Q 228 -11.13 -63.98 38.59
CA GLN Q 228 -10.52 -62.76 39.09
C GLN Q 228 -11.44 -62.10 40.10
N GLU Q 229 -10.90 -61.78 41.28
CA GLU Q 229 -11.69 -61.20 42.35
C GLU Q 229 -12.32 -59.88 41.93
N VAL Q 230 -13.42 -59.53 42.57
CA VAL Q 230 -14.20 -58.34 42.26
C VAL Q 230 -14.19 -57.42 43.48
N PRO Q 231 -13.87 -56.14 43.32
CA PRO Q 231 -13.87 -55.23 44.47
C PRO Q 231 -15.26 -55.07 45.07
N VAL Q 232 -15.31 -54.98 46.40
CA VAL Q 232 -16.53 -54.76 47.16
C VAL Q 232 -16.43 -53.41 47.84
N GLU Q 233 -17.48 -52.60 47.71
CA GLU Q 233 -17.46 -51.26 48.27
C GLU Q 233 -17.83 -51.31 49.75
N ALA Q 234 -17.06 -50.59 50.58
CA ALA Q 234 -17.29 -50.53 52.02
C ALA Q 234 -17.37 -49.07 52.44
N ALA Q 235 -18.27 -48.77 53.37
CA ALA Q 235 -18.52 -47.42 53.83
C ALA Q 235 -18.01 -47.25 55.25
N SER Q 236 -17.42 -46.09 55.53
CA SER Q 236 -16.90 -45.79 56.85
C SER Q 236 -17.98 -45.08 57.68
N ASN Q 237 -17.65 -44.83 58.95
CA ASN Q 237 -18.46 -43.90 59.72
C ASN Q 237 -18.33 -42.50 59.13
N LEU Q 238 -19.11 -41.57 59.69
CA LEU Q 238 -19.00 -40.18 59.27
C LEU Q 238 -17.59 -39.67 59.58
N VAL Q 239 -16.99 -38.98 58.61
CA VAL Q 239 -15.72 -38.31 58.81
C VAL Q 239 -15.91 -36.81 58.94
N ASN Q 240 -16.79 -36.24 58.13
CA ASN Q 240 -17.21 -34.85 58.25
C ASN Q 240 -18.63 -34.80 58.77
N ILE Q 241 -18.87 -34.00 59.80
CA ILE Q 241 -20.20 -33.76 60.34
C ILE Q 241 -20.42 -32.25 60.36
N ALA Q 242 -21.45 -31.79 59.64
CA ALA Q 242 -21.68 -30.37 59.48
C ALA Q 242 -21.76 -29.66 60.84
N SER Q 243 -21.06 -28.53 60.95
CA SER Q 243 -21.05 -27.65 62.12
C SER Q 243 -20.21 -28.21 63.27
N THR Q 244 -19.36 -29.20 63.03
CA THR Q 244 -18.47 -29.67 64.07
C THR Q 244 -17.22 -30.24 63.41
N THR Q 245 -16.31 -30.76 64.25
CA THR Q 245 -14.98 -31.14 63.80
C THR Q 245 -14.44 -32.23 64.71
N PRO Q 246 -13.57 -33.11 64.19
CA PRO Q 246 -12.90 -34.08 65.06
C PRO Q 246 -11.74 -33.49 65.86
N TRP Q 247 -11.32 -32.27 65.54
CA TRP Q 247 -10.17 -31.66 66.21
C TRP Q 247 -10.57 -31.08 67.56
N GLY Q 248 -9.68 -31.25 68.55
CA GLY Q 248 -9.88 -30.59 69.82
C GLY Q 248 -9.91 -29.08 69.66
N SER Q 249 -10.69 -28.44 70.54
CA SER Q 249 -10.94 -27.01 70.40
C SER Q 249 -9.69 -26.12 70.42
N PRO Q 250 -8.60 -26.43 71.18
CA PRO Q 250 -7.45 -25.50 71.20
C PRO Q 250 -6.91 -25.08 69.83
N ILE Q 251 -7.16 -25.85 68.79
CA ILE Q 251 -6.63 -25.55 67.46
C ILE Q 251 -7.72 -25.13 66.47
N VAL Q 252 -8.97 -25.09 66.89
CA VAL Q 252 -10.09 -24.89 65.97
C VAL Q 252 -10.46 -23.42 65.90
N ALA Q 253 -10.48 -22.87 64.68
CA ALA Q 253 -10.99 -21.54 64.39
C ALA Q 253 -10.21 -20.45 65.13
N LEU Q 254 -8.89 -20.49 64.99
CA LEU Q 254 -8.02 -19.51 65.62
C LEU Q 254 -7.85 -18.29 64.72
N SER Q 255 -7.72 -17.13 65.35
CA SER Q 255 -7.43 -15.89 64.67
C SER Q 255 -6.12 -15.33 65.21
N ASP Q 256 -5.32 -14.71 64.34
CA ASP Q 256 -4.07 -14.12 64.80
C ASP Q 256 -4.36 -12.78 65.48
N VAL Q 257 -3.30 -12.13 65.97
CA VAL Q 257 -3.46 -10.88 66.70
C VAL Q 257 -3.98 -9.75 65.82
N ASN Q 258 -4.07 -9.96 64.51
CA ASN Q 258 -4.69 -9.01 63.59
C ASN Q 258 -6.11 -9.40 63.24
N GLY Q 259 -6.66 -10.42 63.88
CA GLY Q 259 -7.98 -10.92 63.56
C GLY Q 259 -8.06 -11.84 62.36
N THR Q 260 -6.98 -11.96 61.59
CA THR Q 260 -6.97 -12.84 60.42
C THR Q 260 -7.07 -14.30 60.84
N ALA Q 261 -7.88 -15.06 60.11
CA ALA Q 261 -8.01 -16.50 60.37
C ALA Q 261 -6.68 -17.21 60.15
N VAL Q 262 -6.27 -18.00 61.15
CA VAL Q 262 -4.96 -18.62 61.12
C VAL Q 262 -4.91 -19.72 60.06
N THR Q 263 -3.88 -19.69 59.23
CA THR Q 263 -3.67 -20.75 58.26
C THR Q 263 -3.26 -22.03 58.99
N GLY Q 264 -3.88 -23.15 58.60
CA GLY Q 264 -3.62 -24.41 59.26
C GLY Q 264 -4.51 -24.70 60.45
N SER Q 265 -5.30 -23.73 60.90
CA SER Q 265 -6.27 -23.95 61.97
C SER Q 265 -7.56 -24.49 61.39
N PRO Q 266 -7.97 -25.72 61.72
CA PRO Q 266 -9.18 -26.27 61.12
C PRO Q 266 -10.43 -25.55 61.60
N VAL Q 267 -11.42 -25.47 60.72
CA VAL Q 267 -12.73 -24.93 61.09
C VAL Q 267 -13.77 -26.04 60.94
N ASN Q 268 -15.01 -25.76 61.35
CA ASN Q 268 -16.06 -26.77 61.35
C ASN Q 268 -16.38 -27.26 59.94
N ALA Q 269 -16.76 -28.52 59.85
CA ALA Q 269 -17.16 -29.09 58.57
C ALA Q 269 -18.41 -28.39 58.05
N ALA Q 270 -18.51 -28.32 56.72
CA ALA Q 270 -19.68 -27.72 56.07
C ALA Q 270 -20.63 -28.75 55.49
N ILE Q 271 -20.19 -30.00 55.33
CA ILE Q 271 -21.01 -31.09 54.83
C ILE Q 271 -20.92 -32.25 55.82
N THR Q 272 -21.84 -33.19 55.67
CA THR Q 272 -21.84 -34.43 56.43
C THR Q 272 -21.57 -35.58 55.45
N ALA Q 273 -20.41 -36.22 55.59
CA ALA Q 273 -19.98 -37.18 54.57
C ALA Q 273 -19.24 -38.35 55.21
N ARG Q 274 -19.18 -39.45 54.47
CA ARG Q 274 -18.47 -40.65 54.86
C ARG Q 274 -17.59 -41.09 53.70
N LYS Q 275 -16.57 -41.88 54.01
CA LYS Q 275 -15.65 -42.41 53.01
C LYS Q 275 -16.17 -43.73 52.43
N LEU Q 276 -15.74 -44.02 51.21
CA LEU Q 276 -15.94 -45.32 50.59
C LEU Q 276 -14.59 -45.91 50.23
N THR Q 277 -14.35 -47.14 50.67
CA THR Q 277 -13.13 -47.85 50.30
C THR Q 277 -13.50 -49.11 49.52
N GLN Q 278 -12.57 -49.57 48.71
CA GLN Q 278 -12.73 -50.82 47.97
C GLN Q 278 -11.98 -51.92 48.68
N VAL Q 279 -12.58 -53.10 48.72
CA VAL Q 279 -12.06 -54.26 49.43
C VAL Q 279 -12.15 -55.47 48.50
N VAL Q 280 -11.10 -56.29 48.50
CA VAL Q 280 -11.12 -57.56 47.78
C VAL Q 280 -10.77 -58.67 48.75
N PHE Q 281 -11.37 -59.84 48.51
CA PHE Q 281 -11.09 -61.02 49.31
C PHE Q 281 -11.44 -62.27 48.51
N GLY Q 282 -11.01 -62.29 47.24
CA GLY Q 282 -11.22 -63.39 46.34
C GLY Q 282 -9.97 -64.22 46.14
N ALA Q 283 -9.89 -64.86 44.96
CA ALA Q 283 -8.84 -65.84 44.71
C ALA Q 283 -7.45 -65.22 44.76
N GLN Q 284 -7.32 -63.92 44.49
CA GLN Q 284 -6.02 -63.28 44.43
C GLN Q 284 -5.58 -62.69 45.76
N THR Q 285 -6.51 -62.51 46.77
CA THR Q 285 -5.84 -62.12 48.00
C THR Q 285 -5.43 -63.36 48.79
N PRO Q 286 -4.26 -63.33 49.42
CA PRO Q 286 -3.76 -64.53 50.11
C PRO Q 286 -4.66 -64.91 51.28
N LYS Q 287 -4.87 -66.23 51.43
CA LYS Q 287 -5.72 -66.76 52.48
C LYS Q 287 -5.14 -68.06 53.02
N ALA Q 288 -5.47 -68.37 54.27
CA ALA Q 288 -5.01 -69.62 54.87
C ALA Q 288 -5.50 -70.83 54.09
N THR Q 289 -6.72 -70.74 53.55
CA THR Q 289 -7.24 -71.74 52.62
C THR Q 289 -7.95 -71.00 51.49
N GLN Q 290 -7.57 -71.28 50.26
CA GLN Q 290 -8.34 -70.84 49.10
C GLN Q 290 -9.47 -71.84 48.87
N GLU Q 291 -10.71 -71.39 49.02
CA GLU Q 291 -11.85 -72.27 48.81
C GLU Q 291 -11.88 -72.78 47.37
N GLN Q 292 -12.68 -73.82 47.16
CA GLN Q 292 -12.86 -74.38 45.82
C GLN Q 292 -13.15 -73.27 44.81
N LEU Q 293 -12.35 -73.22 43.76
CA LEU Q 293 -12.45 -72.20 42.73
C LEU Q 293 -13.27 -72.74 41.57
N ASN Q 294 -14.39 -72.11 41.27
CA ASN Q 294 -15.27 -72.50 40.17
C ASN Q 294 -15.21 -71.46 39.08
N MET Q 295 -14.86 -71.89 37.88
CA MET Q 295 -14.76 -71.00 36.73
C MET Q 295 -15.64 -71.52 35.60
N PHE Q 296 -16.04 -70.61 34.73
CA PHE Q 296 -16.69 -70.91 33.47
C PHE Q 296 -15.91 -70.14 32.42
N VAL Q 297 -14.89 -70.79 31.86
CA VAL Q 297 -13.99 -70.16 30.91
C VAL Q 297 -14.62 -70.19 29.52
N PRO Q 298 -15.08 -69.05 28.98
CA PRO Q 298 -15.57 -69.04 27.61
C PRO Q 298 -14.44 -69.37 26.64
N LEU Q 299 -14.81 -69.97 25.52
CA LEU Q 299 -13.88 -70.29 24.45
C LEU Q 299 -14.03 -69.27 23.34
N LEU Q 300 -12.92 -68.65 22.97
CA LEU Q 300 -12.93 -67.41 22.18
C LEU Q 300 -12.86 -67.69 20.68
N PHE Q 301 -13.72 -68.59 20.22
CA PHE Q 301 -13.80 -68.93 18.80
C PHE Q 301 -14.91 -68.13 18.13
N TRP Q 302 -14.77 -67.94 16.82
CA TRP Q 302 -15.62 -67.01 16.07
C TRP Q 302 -17.09 -67.39 16.12
N PHE Q 303 -17.42 -68.63 16.43
CA PHE Q 303 -18.81 -69.08 16.37
C PHE Q 303 -19.56 -68.91 17.69
N ARG Q 304 -19.02 -68.09 18.61
CA ARG Q 304 -19.87 -67.54 19.67
C ARG Q 304 -21.11 -66.91 19.07
N ASP Q 305 -20.92 -66.14 18.00
CA ASP Q 305 -21.99 -65.48 17.27
C ASP Q 305 -23.00 -66.51 16.81
N PRO Q 306 -24.26 -66.43 17.25
CA PRO Q 306 -25.27 -67.40 16.78
C PRO Q 306 -25.41 -67.44 15.27
N ARG Q 307 -25.24 -66.30 14.59
CA ARG Q 307 -25.32 -66.29 13.13
C ARG Q 307 -24.26 -67.18 12.50
N LEU Q 308 -23.10 -67.31 13.15
CA LEU Q 308 -21.98 -68.07 12.61
C LEU Q 308 -21.89 -69.47 13.21
N ALA Q 309 -22.95 -69.94 13.85
CA ALA Q 309 -22.99 -71.31 14.34
C ALA Q 309 -22.70 -72.27 13.21
N ILE Q 310 -21.99 -73.35 13.53
CA ILE Q 310 -21.50 -74.29 12.53
C ILE Q 310 -22.46 -75.47 12.45
N ALA Q 311 -22.86 -75.82 11.23
CA ALA Q 311 -23.80 -76.91 11.03
C ALA Q 311 -23.18 -78.24 11.41
N SER Q 312 -23.87 -79.01 12.25
CA SER Q 312 -23.33 -80.26 12.76
C SER Q 312 -23.06 -81.26 11.63
N VAL Q 313 -23.92 -81.27 10.60
CA VAL Q 313 -23.77 -82.24 9.52
C VAL Q 313 -22.52 -81.93 8.68
N SER Q 314 -22.04 -80.69 8.69
CA SER Q 314 -20.87 -80.34 7.89
C SER Q 314 -19.55 -80.79 8.52
N ILE Q 315 -19.56 -81.25 9.77
CA ILE Q 315 -18.36 -81.75 10.43
C ILE Q 315 -18.68 -83.11 11.04
N PRO Q 316 -18.01 -84.19 10.62
CA PRO Q 316 -18.35 -85.52 11.12
C PRO Q 316 -18.07 -85.67 12.62
N TYR Q 317 -19.03 -86.26 13.33
CA TYR Q 317 -18.97 -86.38 14.78
C TYR Q 317 -17.68 -87.01 15.26
N GLY Q 318 -17.32 -88.16 14.69
CA GLY Q 318 -16.19 -88.92 15.19
C GLY Q 318 -14.85 -88.20 15.12
N GLN Q 319 -14.76 -87.14 14.32
CA GLN Q 319 -13.51 -86.40 14.12
C GLN Q 319 -13.72 -84.92 14.43
N ARG Q 320 -14.15 -84.65 15.67
CA ARG Q 320 -14.68 -83.34 16.04
C ARG Q 320 -14.32 -83.11 17.50
N PHE Q 321 -13.39 -82.18 17.77
CA PHE Q 321 -12.85 -82.10 19.12
C PHE Q 321 -12.48 -80.68 19.51
N ILE Q 322 -12.69 -80.37 20.78
CA ILE Q 322 -12.12 -79.21 21.46
C ILE Q 322 -11.07 -79.74 22.42
N THR Q 323 -9.81 -79.44 22.16
CA THR Q 323 -8.71 -79.89 23.02
C THR Q 323 -8.03 -78.69 23.65
N VAL Q 324 -7.70 -78.82 24.92
CA VAL Q 324 -7.19 -77.71 25.72
C VAL Q 324 -5.99 -78.20 26.53
N ASP Q 325 -4.90 -77.43 26.50
CA ASP Q 325 -3.68 -77.77 27.22
C ASP Q 325 -3.66 -76.98 28.54
N ILE Q 326 -3.57 -77.71 29.65
CA ILE Q 326 -3.67 -77.11 30.96
C ILE Q 326 -2.28 -76.67 31.42
N GLU Q 327 -2.19 -75.40 31.84
CA GLU Q 327 -0.99 -74.88 32.48
C GLU Q 327 -0.61 -75.72 33.69
N GLN Q 328 0.64 -75.60 34.13
CA GLN Q 328 1.02 -76.30 35.35
C GLN Q 328 0.72 -75.46 36.58
N GLN Q 329 0.61 -76.15 37.72
CA GLN Q 329 0.10 -75.53 38.93
C GLN Q 329 1.01 -74.42 39.46
N SER Q 330 2.33 -74.58 39.31
CA SER Q 330 3.25 -73.57 39.84
C SER Q 330 3.06 -72.21 39.18
N ASN Q 331 2.38 -72.15 38.03
CA ASN Q 331 2.04 -70.89 37.39
C ASN Q 331 0.64 -70.41 37.70
N ILE Q 332 -0.19 -71.25 38.33
CA ILE Q 332 -1.57 -70.90 38.64
C ILE Q 332 -1.75 -70.60 40.12
N LEU Q 333 -1.17 -71.42 40.99
CA LEU Q 333 -1.29 -71.24 42.44
C LEU Q 333 0.05 -70.84 43.03
N PHE Q 334 0.02 -69.90 43.98
CA PHE Q 334 1.24 -69.32 44.53
C PHE Q 334 1.15 -69.18 46.04
N THR Q 335 2.31 -69.25 46.67
CA THR Q 335 2.46 -69.00 48.10
C THR Q 335 2.56 -67.50 48.35
N ALA Q 336 2.14 -67.06 49.53
CA ALA Q 336 2.20 -65.65 49.90
C ALA Q 336 2.31 -65.56 51.41
N PRO Q 337 2.79 -64.43 51.94
CA PRO Q 337 2.89 -64.28 53.40
C PRO Q 337 1.53 -64.42 54.07
N GLY Q 338 1.54 -65.00 55.27
CA GLY Q 338 0.33 -65.17 56.04
C GLY Q 338 0.31 -64.29 57.29
N ASN Q 339 0.07 -64.90 58.44
CA ASN Q 339 -0.03 -64.16 59.70
C ASN Q 339 1.33 -64.08 60.40
N LEU Q 340 2.30 -63.52 59.68
CA LEU Q 340 3.67 -63.45 60.15
C LEU Q 340 4.32 -62.20 59.57
N PHE Q 341 4.82 -61.32 60.44
CA PHE Q 341 5.37 -60.03 60.02
C PHE Q 341 6.71 -59.78 60.70
N LEU Q 342 7.63 -59.20 59.94
CA LEU Q 342 8.92 -58.75 60.47
C LEU Q 342 8.74 -57.33 60.99
N GLN Q 343 8.85 -57.16 62.30
CA GLN Q 343 8.79 -55.84 62.91
C GLN Q 343 10.20 -55.26 62.96
N THR Q 344 10.40 -54.11 62.31
CA THR Q 344 11.68 -53.43 62.28
C THR Q 344 11.56 -52.13 63.08
N THR Q 345 12.36 -52.00 64.12
CA THR Q 345 12.22 -50.93 65.09
C THR Q 345 13.55 -50.22 65.30
N VAL Q 346 13.55 -48.89 65.19
CA VAL Q 346 14.70 -48.05 65.49
C VAL Q 346 14.31 -47.12 66.63
N GLU Q 347 15.10 -47.16 67.70
CA GLU Q 347 14.91 -46.29 68.86
C GLU Q 347 16.14 -45.42 69.05
N THR Q 348 15.92 -44.12 69.25
CA THR Q 348 17.01 -43.18 69.48
C THR Q 348 16.83 -42.56 70.87
N LEU Q 349 17.91 -42.54 71.64
CA LEU Q 349 17.93 -41.95 72.98
C LEU Q 349 18.92 -40.81 72.98
N LEU Q 350 18.42 -39.58 73.18
CA LEU Q 350 19.27 -38.40 73.28
C LEU Q 350 19.50 -38.11 74.76
N THR Q 351 20.62 -38.59 75.28
CA THR Q 351 21.09 -38.21 76.60
C THR Q 351 22.12 -37.10 76.47
N THR Q 352 22.26 -36.31 77.54
CA THR Q 352 23.18 -35.19 77.55
C THR Q 352 24.26 -35.30 78.62
N GLY Q 353 24.23 -36.34 79.45
CA GLY Q 353 25.13 -36.48 80.57
C GLY Q 353 26.30 -37.40 80.29
N ALA Q 354 26.79 -38.05 81.36
CA ALA Q 354 27.97 -38.90 81.25
C ALA Q 354 27.67 -40.14 80.42
N GLY Q 355 28.63 -40.53 79.59
CA GLY Q 355 28.42 -41.63 78.68
C GLY Q 355 27.41 -41.36 77.58
N LYS Q 356 27.14 -40.09 77.29
CA LYS Q 356 26.10 -39.74 76.34
C LYS Q 356 26.35 -40.42 75.00
N GLY Q 357 25.27 -40.82 74.34
CA GLY Q 357 25.37 -41.51 73.07
C GLY Q 357 25.67 -42.99 73.16
N THR Q 358 25.64 -43.57 74.36
CA THR Q 358 25.84 -45.00 74.55
C THR Q 358 24.80 -45.49 75.56
N ALA Q 359 24.60 -46.81 75.60
CA ALA Q 359 23.61 -47.42 76.48
C ALA Q 359 23.88 -47.15 77.96
N THR Q 360 24.97 -46.46 78.24
CA THR Q 360 25.29 -46.02 79.60
C THR Q 360 24.99 -44.55 79.83
N GLY Q 361 24.73 -43.79 78.77
CA GLY Q 361 24.31 -42.41 78.85
C GLY Q 361 23.24 -42.16 79.89
N VAL Q 362 23.26 -40.95 80.44
CA VAL Q 362 22.39 -40.58 81.53
C VAL Q 362 21.80 -39.21 81.24
N LEU Q 363 20.61 -38.94 81.80
CA LEU Q 363 19.84 -37.72 81.56
C LEU Q 363 19.27 -37.74 80.14
N LEU Q 364 18.19 -38.52 79.94
CA LEU Q 364 17.57 -38.68 78.63
C LEU Q 364 16.59 -37.53 78.39
N THR Q 365 16.79 -36.79 77.30
CA THR Q 365 15.95 -35.64 76.98
C THR Q 365 14.89 -35.95 75.92
N GLN Q 366 15.26 -36.62 74.83
CA GLN Q 366 14.33 -36.94 73.76
C GLN Q 366 14.35 -38.42 73.44
N TYR Q 367 13.17 -39.01 73.28
CA TYR Q 367 13.02 -40.39 72.84
C TYR Q 367 12.26 -40.43 71.52
N ASN Q 368 12.79 -41.20 70.57
CA ASN Q 368 12.10 -41.43 69.30
C ASN Q 368 12.09 -42.92 69.00
N ARG Q 369 10.98 -43.38 68.42
CA ARG Q 369 10.85 -44.76 68.00
C ARG Q 369 10.22 -44.80 66.62
N TYR Q 370 10.76 -45.66 65.75
CA TYR Q 370 10.24 -45.87 64.40
C TYR Q 370 10.05 -47.35 64.17
N THR Q 371 8.88 -47.74 63.67
CA THR Q 371 8.55 -49.16 63.53
C THR Q 371 7.78 -49.39 62.22
N THR Q 372 8.29 -50.32 61.41
CA THR Q 372 7.64 -50.76 60.19
C THR Q 372 7.29 -52.23 60.31
N TYR Q 373 6.39 -52.69 59.42
CA TYR Q 373 5.96 -54.07 59.38
C TYR Q 373 6.06 -54.60 57.96
N THR Q 374 6.66 -55.77 57.81
CA THR Q 374 6.86 -56.40 56.50
C THR Q 374 6.28 -57.80 56.53
N PRO Q 375 5.25 -58.09 55.73
CA PRO Q 375 4.77 -59.48 55.61
C PRO Q 375 5.90 -60.41 55.19
N THR Q 376 5.98 -61.56 55.86
CA THR Q 376 7.13 -62.45 55.75
C THR Q 376 6.67 -63.87 55.39
N LEU Q 377 7.43 -64.51 54.51
CA LEU Q 377 7.17 -65.90 54.14
C LEU Q 377 7.67 -66.84 55.23
N ALA Q 378 6.89 -67.89 55.47
CA ALA Q 378 7.34 -68.97 56.34
C ALA Q 378 8.25 -69.91 55.57
N SER Q 379 9.27 -70.42 56.27
CA SER Q 379 10.18 -71.38 55.66
C SER Q 379 9.50 -72.75 55.55
N GLY Q 380 9.69 -73.41 54.42
CA GLY Q 380 9.17 -74.75 54.26
C GLY Q 380 7.66 -74.85 54.18
N SER Q 381 6.99 -73.80 53.70
CA SER Q 381 5.54 -73.80 53.53
C SER Q 381 5.25 -73.56 52.05
N SER Q 382 4.80 -74.61 51.36
CA SER Q 382 4.62 -74.58 49.92
C SER Q 382 3.19 -74.98 49.58
N ILE Q 383 2.83 -74.80 48.30
CA ILE Q 383 1.50 -75.17 47.84
C ILE Q 383 1.38 -76.69 47.80
N ASP Q 384 0.15 -77.17 47.95
CA ASP Q 384 -0.16 -78.60 47.92
C ASP Q 384 -0.10 -79.07 46.47
N GLY Q 385 0.91 -79.87 46.15
CA GLY Q 385 1.02 -80.44 44.81
C GLY Q 385 -0.05 -81.45 44.46
N THR Q 386 -0.79 -81.94 45.45
CA THR Q 386 -1.85 -82.92 45.23
C THR Q 386 -3.22 -82.26 45.04
N GLN Q 387 -3.26 -80.96 44.77
CA GLN Q 387 -4.53 -80.27 44.55
C GLN Q 387 -5.20 -80.82 43.30
N ALA Q 388 -6.43 -81.27 43.45
CA ALA Q 388 -7.14 -81.96 42.38
C ALA Q 388 -7.87 -80.98 41.48
N VAL Q 389 -7.84 -81.25 40.17
CA VAL Q 389 -8.81 -80.67 39.26
C VAL Q 389 -10.08 -81.50 39.41
N GLN Q 390 -10.99 -81.05 40.28
CA GLN Q 390 -12.11 -81.90 40.68
C GLN Q 390 -13.13 -82.09 39.58
N ASN Q 391 -13.17 -81.21 38.59
CA ASN Q 391 -14.16 -81.32 37.53
C ASN Q 391 -13.81 -80.38 36.40
N ILE Q 392 -14.00 -80.84 35.17
CA ILE Q 392 -13.86 -79.98 33.99
C ILE Q 392 -14.85 -80.49 32.94
N GLU Q 393 -15.77 -79.62 32.53
CA GLU Q 393 -16.85 -80.00 31.62
C GLU Q 393 -17.02 -78.93 30.57
N LEU Q 394 -17.18 -79.36 29.32
CA LEU Q 394 -17.45 -78.44 28.22
C LEU Q 394 -18.94 -78.25 28.06
N TYR Q 395 -19.37 -76.99 28.04
CA TYR Q 395 -20.76 -76.63 27.79
C TYR Q 395 -20.91 -76.13 26.37
N ILE Q 396 -21.81 -76.74 25.62
CA ILE Q 396 -22.02 -76.42 24.21
C ILE Q 396 -23.45 -75.95 24.01
N ASN Q 397 -23.60 -74.85 23.27
CA ASN Q 397 -24.91 -74.33 22.90
C ASN Q 397 -25.35 -75.00 21.60
N ASN Q 398 -26.44 -75.75 21.66
CA ASN Q 398 -26.95 -76.48 20.52
C ASN Q 398 -28.21 -75.82 19.99
N ILE Q 399 -28.23 -75.54 18.69
CA ILE Q 399 -29.32 -74.83 18.05
C ILE Q 399 -30.08 -75.80 17.15
N PHE Q 400 -31.41 -75.73 17.23
CA PHE Q 400 -32.28 -76.61 16.47
C PHE Q 400 -33.16 -75.79 15.54
N VAL Q 401 -33.34 -76.28 14.31
CA VAL Q 401 -34.15 -75.60 13.31
C VAL Q 401 -35.12 -76.62 12.71
N THR Q 402 -36.05 -76.10 11.92
CA THR Q 402 -36.99 -76.97 11.23
C THR Q 402 -36.25 -77.77 10.15
N PRO Q 403 -36.69 -79.01 9.88
CA PRO Q 403 -36.01 -79.82 8.86
C PRO Q 403 -35.99 -79.17 7.49
N GLU Q 404 -37.05 -78.46 7.13
CA GLU Q 404 -37.11 -77.79 5.83
C GLU Q 404 -36.03 -76.73 5.71
N ILE Q 405 -35.84 -75.94 6.76
CA ILE Q 405 -34.85 -74.87 6.71
C ILE Q 405 -33.44 -75.44 6.77
N HIS Q 406 -33.26 -76.59 7.41
CA HIS Q 406 -31.93 -77.21 7.44
C HIS Q 406 -31.45 -77.56 6.04
N ASP Q 407 -32.31 -78.21 5.26
CA ASP Q 407 -31.91 -78.63 3.91
C ASP Q 407 -31.57 -77.43 3.04
N ILE Q 408 -32.48 -76.45 2.96
CA ILE Q 408 -32.24 -75.28 2.13
C ILE Q 408 -30.94 -74.60 2.53
N TYR Q 409 -30.70 -74.45 3.84
CA TYR Q 409 -29.48 -73.80 4.28
C TYR Q 409 -28.24 -74.62 3.93
N ILE Q 410 -28.31 -75.94 4.11
CA ILE Q 410 -27.15 -76.78 3.79
C ILE Q 410 -26.82 -76.70 2.31
N LYS Q 411 -27.84 -76.74 1.46
CA LYS Q 411 -27.62 -76.75 0.02
C LYS Q 411 -27.35 -75.36 -0.56
N ARG Q 412 -27.73 -74.29 0.13
CA ARG Q 412 -27.64 -72.95 -0.45
C ARG Q 412 -26.48 -72.14 0.09
N ILE Q 413 -26.26 -72.12 1.41
CA ILE Q 413 -25.07 -71.44 1.92
C ILE Q 413 -23.85 -72.18 1.38
N GLY Q 414 -23.03 -71.47 0.63
CA GLY Q 414 -21.92 -72.12 -0.03
C GLY Q 414 -20.72 -72.19 0.87
N PHE Q 415 -20.47 -71.11 1.60
CA PHE Q 415 -19.30 -70.97 2.44
C PHE Q 415 -19.68 -70.10 3.62
N THR Q 416 -18.81 -70.07 4.62
CA THR Q 416 -18.99 -69.22 5.79
C THR Q 416 -17.71 -68.43 6.01
N LEU Q 417 -17.82 -67.11 6.02
CA LEU Q 417 -16.67 -66.26 6.33
C LEU Q 417 -16.37 -66.35 7.81
N ILE Q 418 -15.17 -66.81 8.15
CA ILE Q 418 -14.78 -67.02 9.54
C ILE Q 418 -13.55 -66.16 9.84
N ARG Q 419 -13.15 -66.16 11.11
CA ARG Q 419 -12.00 -65.39 11.57
C ARG Q 419 -11.20 -66.22 12.55
N VAL Q 420 -9.90 -66.34 12.29
CA VAL Q 420 -9.02 -67.23 13.06
C VAL Q 420 -7.86 -66.43 13.62
N TYR Q 421 -7.20 -67.02 14.60
CA TYR Q 421 -6.04 -66.41 15.25
C TYR Q 421 -4.76 -66.78 14.51
N ARG Q 422 -3.82 -65.84 14.46
CA ARG Q 422 -2.48 -66.09 13.94
C ARG Q 422 -1.49 -65.37 14.84
N GLU Q 423 -0.62 -66.14 15.49
CA GLU Q 423 0.19 -65.65 16.60
C GLU Q 423 1.65 -65.92 16.35
N GLN Q 424 2.50 -64.93 16.65
CA GLN Q 424 3.94 -65.08 16.54
C GLN Q 424 4.59 -64.36 17.72
N VAL Q 425 5.50 -65.05 18.39
CA VAL Q 425 6.17 -64.54 19.57
C VAL Q 425 7.66 -64.57 19.31
N GLN Q 426 8.28 -63.40 19.23
CA GLN Q 426 9.70 -63.25 18.93
C GLN Q 426 10.42 -62.74 20.17
N ARG Q 427 11.31 -63.56 20.74
CA ARG Q 427 12.16 -63.11 21.83
C ARG Q 427 13.17 -62.09 21.31
N GLU Q 428 13.39 -61.04 22.11
CA GLU Q 428 14.13 -59.87 21.66
C GLU Q 428 15.08 -59.36 22.74
N VAL Q 429 16.24 -58.87 22.31
CA VAL Q 429 17.17 -58.19 23.19
C VAL Q 429 17.63 -56.90 22.55
N ASN Q 430 17.01 -56.54 21.43
CA ASN Q 430 17.39 -55.34 20.69
C ASN Q 430 16.55 -54.15 21.13
N ALA Q 431 17.18 -52.98 21.22
CA ALA Q 431 16.43 -51.76 21.49
C ALA Q 431 15.55 -51.39 20.31
N ALA Q 432 15.91 -51.81 19.11
CA ALA Q 432 15.12 -51.59 17.92
C ALA Q 432 15.37 -52.73 16.95
N ASP Q 433 14.32 -53.18 16.27
CA ASP Q 433 14.45 -54.28 15.34
C ASP Q 433 13.27 -54.27 14.39
N GLN Q 434 13.42 -54.99 13.28
CA GLN Q 434 12.39 -55.15 12.25
C GLN Q 434 12.09 -56.64 12.15
N VAL Q 435 10.96 -57.06 12.70
CA VAL Q 435 10.66 -58.47 12.89
C VAL Q 435 9.76 -58.96 11.77
N LEU Q 436 10.28 -59.89 10.97
CA LEU Q 436 9.46 -60.54 9.94
C LEU Q 436 8.34 -61.32 10.59
N GLN Q 437 7.11 -61.06 10.13
CA GLN Q 437 5.93 -61.72 10.67
C GLN Q 437 5.56 -62.91 9.80
N SER Q 438 6.45 -63.91 9.82
CA SER Q 438 6.38 -65.03 8.87
C SER Q 438 5.26 -66.01 9.19
N GLN Q 439 4.62 -65.93 10.35
CA GLN Q 439 3.53 -66.83 10.69
C GLN Q 439 2.15 -66.23 10.41
N LEU Q 440 2.10 -65.10 9.70
CA LEU Q 440 0.85 -64.52 9.21
C LEU Q 440 0.69 -64.86 7.73
N LYS Q 441 -0.52 -65.24 7.33
CA LYS Q 441 -0.67 -65.82 6.00
C LYS Q 441 -2.01 -65.60 5.32
N TRP Q 442 -2.88 -64.74 5.85
CA TRP Q 442 -4.22 -64.58 5.28
C TRP Q 442 -4.59 -63.10 5.32
N PRO Q 443 -5.74 -62.69 4.79
CA PRO Q 443 -6.17 -61.29 4.98
C PRO Q 443 -6.27 -60.96 6.45
N VAL Q 444 -5.46 -60.00 6.88
CA VAL Q 444 -5.37 -59.63 8.29
C VAL Q 444 -6.27 -58.43 8.55
N GLU Q 445 -7.24 -58.60 9.46
CA GLU Q 445 -8.09 -57.48 9.86
C GLU Q 445 -7.34 -56.51 10.76
N PHE Q 446 -6.80 -57.01 11.86
CA PHE Q 446 -6.02 -56.21 12.79
C PHE Q 446 -5.05 -57.12 13.51
N ILE Q 447 -4.15 -56.50 14.27
CA ILE Q 447 -3.10 -57.23 14.99
C ILE Q 447 -2.97 -56.63 16.38
N TYR Q 448 -3.16 -57.45 17.42
CA TYR Q 448 -2.76 -57.06 18.75
C TYR Q 448 -1.24 -57.12 18.84
N LEU Q 449 -0.64 -56.17 19.56
CA LEU Q 449 0.80 -56.07 19.65
C LEU Q 449 1.23 -55.72 21.06
N GLY Q 450 2.32 -56.32 21.51
CA GLY Q 450 2.89 -56.04 22.81
C GLY Q 450 4.31 -56.55 22.88
N LEU Q 451 5.08 -55.94 23.79
CA LEU Q 451 6.48 -56.29 24.02
C LEU Q 451 6.63 -56.58 25.51
N ARG Q 452 6.38 -57.84 25.90
CA ARG Q 452 6.32 -58.20 27.30
C ARG Q 452 7.70 -58.60 27.80
N PRO Q 453 8.22 -57.97 28.85
CA PRO Q 453 9.49 -58.43 29.42
C PRO Q 453 9.40 -59.89 29.87
N ALA Q 454 10.46 -60.65 29.55
CA ALA Q 454 10.47 -62.07 29.90
C ALA Q 454 10.37 -62.28 31.40
N ASN Q 455 10.81 -61.30 32.20
CA ASN Q 455 10.74 -61.45 33.65
C ASN Q 455 9.30 -61.46 34.16
N ASN Q 456 8.36 -60.87 33.40
CA ASN Q 456 6.96 -60.87 33.82
C ASN Q 456 6.41 -62.28 34.03
N ILE Q 457 7.03 -63.29 33.43
CA ILE Q 457 6.58 -64.67 33.56
C ILE Q 457 7.63 -65.56 34.22
N ALA Q 458 8.70 -64.98 34.75
CA ALA Q 458 9.76 -65.76 35.36
C ALA Q 458 9.33 -66.27 36.73
N ALA Q 459 9.73 -67.50 37.05
CA ALA Q 459 9.43 -68.08 38.36
C ALA Q 459 10.16 -67.35 39.48
N GLY Q 460 11.30 -66.73 39.16
CA GLY Q 460 12.01 -65.92 40.12
C GLY Q 460 11.41 -64.55 40.35
N ASN Q 461 10.44 -64.16 39.53
CA ASN Q 461 9.71 -62.91 39.74
C ASN Q 461 8.69 -63.13 40.85
N THR Q 462 8.95 -62.55 42.03
CA THR Q 462 8.06 -62.71 43.16
C THR Q 462 6.67 -62.13 42.89
N TYR Q 463 6.53 -61.27 41.89
CA TYR Q 463 5.24 -60.72 41.48
C TYR Q 463 4.75 -61.32 40.16
N GLN Q 464 5.19 -62.54 39.84
CA GLN Q 464 4.76 -63.17 38.59
C GLN Q 464 3.26 -63.37 38.56
N TRP Q 465 2.65 -63.65 39.72
CA TRP Q 465 1.22 -63.93 39.76
C TRP Q 465 0.40 -62.75 39.24
N ARG Q 466 0.93 -61.53 39.36
CA ARG Q 466 0.27 -60.33 38.86
C ARG Q 466 0.83 -59.86 37.53
N ASP Q 467 2.14 -59.96 37.32
CA ASP Q 467 2.79 -59.38 36.16
C ASP Q 467 2.61 -60.19 34.88
N TRP Q 468 2.16 -61.45 34.98
CA TRP Q 468 2.26 -62.35 33.84
C TRP Q 468 1.49 -61.86 32.62
N HIS Q 469 0.37 -61.15 32.84
CA HIS Q 469 -0.47 -60.69 31.74
C HIS Q 469 -0.16 -59.26 31.32
N HIS Q 470 0.70 -58.54 32.04
CA HIS Q 470 1.04 -57.18 31.65
C HIS Q 470 1.99 -57.18 30.45
N LEU Q 471 1.92 -56.11 29.67
CA LEU Q 471 2.78 -55.93 28.51
C LEU Q 471 3.70 -54.72 28.68
N THR Q 472 3.99 -54.36 29.93
CA THR Q 472 5.02 -53.40 30.28
C THR Q 472 5.90 -54.00 31.36
N SER Q 473 6.97 -53.27 31.69
CA SER Q 473 7.75 -53.59 32.88
C SER Q 473 7.08 -52.95 34.09
N VAL Q 474 6.85 -53.74 35.12
CA VAL Q 474 6.07 -53.33 36.28
C VAL Q 474 6.98 -53.27 37.50
N THR Q 475 7.13 -52.08 38.07
CA THR Q 475 7.90 -51.87 39.29
C THR Q 475 6.95 -51.59 40.44
N ASN Q 476 7.41 -51.89 41.66
CA ASN Q 476 6.58 -51.80 42.86
C ASN Q 476 7.01 -50.57 43.66
N GLU Q 477 6.12 -49.58 43.73
CA GLU Q 477 6.37 -48.36 44.48
C GLU Q 477 5.56 -48.38 45.77
N PRO Q 478 6.19 -48.46 46.93
CA PRO Q 478 5.43 -48.51 48.19
C PRO Q 478 4.85 -47.15 48.54
N VAL Q 479 3.64 -47.18 49.09
CA VAL Q 479 2.97 -46.00 49.64
C VAL Q 479 2.68 -46.28 51.10
N TYR Q 480 3.24 -45.47 51.99
CA TYR Q 480 3.17 -45.70 53.43
C TYR Q 480 2.11 -44.83 54.08
N ASP Q 481 1.33 -45.44 54.96
CA ASP Q 481 0.51 -44.72 55.92
C ASP Q 481 1.21 -44.80 57.28
N VAL Q 482 1.51 -43.64 57.85
CA VAL Q 482 2.34 -43.55 59.05
C VAL Q 482 1.55 -42.83 60.14
N SER Q 483 1.54 -43.43 61.34
CA SER Q 483 0.92 -42.82 62.51
C SER Q 483 1.97 -42.08 63.31
N GLN Q 484 1.82 -40.77 63.40
CA GLN Q 484 2.77 -39.90 64.09
C GLN Q 484 2.23 -39.55 65.47
N SER Q 485 3.06 -39.73 66.50
CA SER Q 485 2.66 -39.50 67.88
C SER Q 485 3.66 -38.61 68.59
N TYR Q 486 3.17 -37.85 69.57
CA TYR Q 486 3.99 -37.00 70.42
C TYR Q 486 3.50 -37.08 71.86
N ALA Q 487 4.45 -37.04 72.79
CA ALA Q 487 4.11 -37.05 74.21
C ALA Q 487 5.16 -36.26 74.99
N ARG Q 488 4.71 -35.49 75.96
CA ARG Q 488 5.60 -34.72 76.83
C ARG Q 488 5.17 -34.92 78.27
N VAL Q 489 6.14 -35.18 79.15
CA VAL Q 489 5.88 -35.53 80.54
C VAL Q 489 6.90 -34.83 81.42
N SER Q 490 6.41 -34.13 82.46
CA SER Q 490 7.27 -33.52 83.47
C SER Q 490 7.55 -34.54 84.56
N ILE Q 491 8.84 -34.82 84.80
CA ILE Q 491 9.22 -35.79 85.82
C ILE Q 491 9.57 -35.15 87.14
N ASP Q 492 9.48 -33.82 87.24
CA ASP Q 492 9.87 -33.06 88.43
C ASP Q 492 8.74 -32.10 88.76
N ASP Q 493 8.08 -32.31 89.90
CA ASP Q 493 6.86 -31.59 90.23
C ASP Q 493 7.10 -30.26 90.94
N THR Q 494 8.35 -29.84 91.15
CA THR Q 494 8.64 -28.54 91.72
C THR Q 494 9.41 -27.64 90.75
N VAL Q 495 9.56 -28.08 89.50
CA VAL Q 495 10.26 -27.32 88.47
C VAL Q 495 9.28 -27.04 87.33
N ALA Q 496 9.20 -25.78 86.92
CA ALA Q 496 8.33 -25.42 85.81
C ALA Q 496 8.78 -26.15 84.54
N PRO Q 497 7.89 -26.87 83.87
CA PRO Q 497 8.33 -27.68 82.72
C PRO Q 497 8.76 -26.87 81.51
N VAL Q 498 8.18 -25.70 81.29
CA VAL Q 498 8.56 -24.89 80.13
C VAL Q 498 10.02 -24.45 80.28
N GLY Q 499 10.87 -24.92 79.36
CA GLY Q 499 12.27 -24.57 79.35
C GLY Q 499 13.17 -25.50 80.13
N SER Q 500 12.63 -26.56 80.73
CA SER Q 500 13.37 -27.45 81.61
C SER Q 500 13.67 -28.77 80.94
N THR Q 501 14.86 -29.32 81.20
CA THR Q 501 15.21 -30.65 80.72
C THR Q 501 14.55 -31.76 81.53
N THR Q 502 13.74 -31.41 82.53
CA THR Q 502 12.87 -32.36 83.20
C THR Q 502 11.54 -32.51 82.47
N PHE Q 503 11.33 -31.77 81.39
CA PHE Q 503 10.11 -31.80 80.59
C PHE Q 503 10.39 -32.68 79.38
N LYS Q 504 10.20 -33.99 79.54
CA LYS Q 504 10.70 -34.95 78.58
C LYS Q 504 9.89 -34.94 77.29
N GLN Q 505 10.53 -35.44 76.23
CA GLN Q 505 9.92 -35.54 74.91
C GLN Q 505 9.96 -36.99 74.43
N SER Q 506 8.85 -37.42 73.85
CA SER Q 506 8.73 -38.76 73.27
C SER Q 506 7.92 -38.68 71.99
N ALA Q 507 8.32 -39.44 70.98
CA ALA Q 507 7.62 -39.47 69.70
C ALA Q 507 7.74 -40.85 69.09
N SER Q 508 6.76 -41.21 68.26
CA SER Q 508 6.75 -42.50 67.60
C SER Q 508 6.17 -42.39 66.20
N GLN Q 509 6.82 -43.05 65.24
CA GLN Q 509 6.31 -43.25 63.90
C GLN Q 509 6.06 -44.74 63.71
N VAL Q 510 4.81 -45.11 63.47
CA VAL Q 510 4.41 -46.51 63.33
C VAL Q 510 3.71 -46.69 62.00
N MET Q 511 4.17 -47.66 61.21
CA MET Q 511 3.57 -47.96 59.92
C MET Q 511 2.16 -48.50 60.15
N GLN Q 512 1.15 -47.73 59.76
CA GLN Q 512 -0.23 -48.21 59.85
C GLN Q 512 -0.52 -49.23 58.76
N ASN Q 513 -0.21 -48.89 57.51
CA ASN Q 513 -0.36 -49.83 56.42
C ASN Q 513 0.56 -49.41 55.29
N GLN Q 514 0.65 -50.27 54.29
CA GLN Q 514 1.48 -50.03 53.11
C GLN Q 514 0.74 -50.55 51.89
N TYR Q 515 0.69 -49.74 50.84
CA TYR Q 515 0.14 -50.13 49.56
C TYR Q 515 1.28 -50.31 48.56
N ILE Q 516 1.02 -51.09 47.52
CA ILE Q 516 2.00 -51.34 46.46
C ILE Q 516 1.45 -50.77 45.17
N VAL Q 517 2.08 -49.70 44.68
CA VAL Q 517 1.71 -49.10 43.40
C VAL Q 517 2.45 -49.85 42.29
N PRO Q 518 1.74 -50.48 41.36
CA PRO Q 518 2.42 -51.11 40.22
C PRO Q 518 2.69 -50.10 39.09
N VAL Q 519 3.92 -49.62 39.02
CA VAL Q 519 4.28 -48.57 38.08
C VAL Q 519 4.66 -49.19 36.75
N GLU Q 520 3.95 -48.83 35.69
CA GLU Q 520 4.17 -49.39 34.37
C GLU Q 520 5.23 -48.58 33.63
N THR Q 521 6.25 -49.26 33.12
CA THR Q 521 7.25 -48.68 32.24
C THR Q 521 7.03 -49.27 30.85
N GLU Q 522 6.61 -48.43 29.91
CA GLU Q 522 6.34 -48.88 28.55
C GLU Q 522 7.58 -49.51 27.93
N THR Q 523 7.36 -50.54 27.12
CA THR Q 523 8.44 -51.18 26.40
C THR Q 523 8.50 -50.80 24.93
N LEU Q 524 7.49 -50.10 24.41
CA LEU Q 524 7.45 -49.69 23.02
C LEU Q 524 7.39 -48.16 22.95
N ASP Q 525 8.31 -47.58 22.18
CA ASP Q 525 8.29 -46.16 21.89
C ASP Q 525 7.60 -45.84 20.57
N THR Q 526 8.05 -46.48 19.48
CA THR Q 526 7.48 -46.30 18.17
C THR Q 526 7.26 -47.65 17.51
N VAL Q 527 6.28 -47.71 16.60
CA VAL Q 527 5.99 -48.92 15.83
C VAL Q 527 5.73 -48.52 14.39
N ARG Q 528 6.35 -49.23 13.46
CA ARG Q 528 6.11 -49.07 12.03
C ARG Q 528 5.69 -50.42 11.45
N VAL Q 529 4.75 -50.37 10.51
CA VAL Q 529 4.30 -51.57 9.80
C VAL Q 529 4.66 -51.42 8.33
N LYS Q 530 5.39 -52.39 7.79
CA LYS Q 530 5.97 -52.33 6.46
C LYS Q 530 5.66 -53.60 5.69
N ALA Q 531 5.36 -53.46 4.41
CA ALA Q 531 5.12 -54.61 3.54
C ALA Q 531 5.60 -54.28 2.14
N HIS Q 532 6.33 -55.22 1.54
CA HIS Q 532 6.90 -55.06 0.20
C HIS Q 532 7.55 -53.70 0.01
N GLY Q 533 8.24 -53.22 1.05
CA GLY Q 533 8.92 -51.94 1.00
C GLY Q 533 8.05 -50.72 1.19
N ILE Q 534 6.76 -50.88 1.48
CA ILE Q 534 5.83 -49.77 1.57
C ILE Q 534 5.25 -49.72 2.99
N GLU Q 535 5.27 -48.53 3.58
CA GLU Q 535 4.73 -48.31 4.92
C GLU Q 535 3.21 -48.36 4.90
N LEU Q 536 2.63 -49.35 5.59
CA LEU Q 536 1.21 -49.27 5.90
C LEU Q 536 0.99 -48.33 7.08
N TYR Q 537 1.85 -48.41 8.08
CA TYR Q 537 1.90 -47.44 9.17
C TYR Q 537 3.32 -46.88 9.23
N ALA Q 538 3.45 -45.56 9.17
CA ALA Q 538 4.75 -44.92 9.33
C ALA Q 538 5.23 -45.14 10.75
N GLN Q 539 6.44 -44.69 11.08
CA GLN Q 539 6.92 -44.77 12.45
C GLN Q 539 6.14 -43.80 13.31
N TYR Q 540 5.29 -44.33 14.20
CA TYR Q 540 4.44 -43.52 15.06
C TYR Q 540 4.65 -43.92 16.51
N ARG Q 541 4.50 -42.95 17.40
CA ARG Q 541 4.61 -43.20 18.83
C ARG Q 541 3.57 -44.22 19.28
N ALA Q 542 3.90 -44.97 20.33
CA ALA Q 542 3.07 -46.10 20.74
C ALA Q 542 1.67 -45.67 21.15
N GLN Q 543 1.51 -44.43 21.63
CA GLN Q 543 0.20 -43.98 22.10
C GLN Q 543 -0.79 -43.82 20.95
N PHE Q 544 -0.32 -43.71 19.71
CA PHE Q 544 -1.24 -43.71 18.58
C PHE Q 544 -1.98 -45.03 18.48
N TYR Q 545 -1.26 -46.15 18.61
CA TYR Q 545 -1.89 -47.46 18.48
C TYR Q 545 -2.62 -47.88 19.74
N ARG Q 546 -2.22 -47.36 20.91
CA ARG Q 546 -2.82 -47.79 22.17
C ARG Q 546 -4.01 -46.92 22.57
N ASP Q 547 -3.91 -45.61 22.38
CA ASP Q 547 -4.96 -44.69 22.82
C ASP Q 547 -5.85 -44.24 21.69
N TYR Q 548 -5.28 -43.73 20.59
CA TYR Q 548 -6.10 -43.11 19.56
C TYR Q 548 -6.87 -44.15 18.77
N ILE Q 549 -6.19 -45.15 18.21
CA ILE Q 549 -6.87 -46.14 17.37
C ILE Q 549 -7.99 -46.85 18.12
N PRO Q 550 -7.77 -47.40 19.33
CA PRO Q 550 -8.90 -48.03 20.04
C PRO Q 550 -9.97 -47.04 20.48
N TRP Q 551 -9.64 -45.76 20.64
CA TRP Q 551 -10.68 -44.78 20.96
C TRP Q 551 -11.55 -44.49 19.74
N ASN Q 552 -10.93 -44.36 18.57
CA ASN Q 552 -11.66 -43.90 17.39
C ASN Q 552 -12.48 -45.02 16.75
N TYR Q 553 -11.93 -46.23 16.68
CA TYR Q 553 -12.57 -47.33 15.97
C TYR Q 553 -13.24 -48.30 16.93
N GLY Q 554 -14.17 -49.08 16.38
CA GLY Q 554 -14.69 -50.26 17.04
C GLY Q 554 -15.93 -50.05 17.88
N SER Q 555 -16.26 -48.81 18.25
CA SER Q 555 -17.41 -48.53 19.10
C SER Q 555 -17.33 -49.35 20.38
N PHE Q 556 -18.45 -49.95 20.81
CA PHE Q 556 -18.44 -50.77 22.00
C PHE Q 556 -17.74 -52.11 21.80
N ASN Q 557 -17.31 -52.44 20.58
CA ASN Q 557 -16.58 -53.67 20.34
C ASN Q 557 -15.11 -53.57 20.71
N LEU Q 558 -14.57 -52.36 20.82
CA LEU Q 558 -13.14 -52.17 21.06
C LEU Q 558 -12.98 -51.24 22.27
N VAL Q 559 -12.29 -51.73 23.29
CA VAL Q 559 -12.10 -51.00 24.54
C VAL Q 559 -10.73 -50.34 24.50
N THR Q 560 -10.67 -49.07 24.89
CA THR Q 560 -9.37 -48.44 25.10
C THR Q 560 -8.69 -49.17 26.25
N PRO Q 561 -7.58 -49.86 26.00
CA PRO Q 561 -7.05 -50.77 27.01
C PRO Q 561 -6.41 -50.04 28.18
N GLN Q 562 -6.55 -50.65 29.37
CA GLN Q 562 -5.91 -50.10 30.56
C GLN Q 562 -4.40 -50.31 30.53
N ASP Q 563 -3.96 -51.48 30.02
CA ASP Q 563 -2.54 -51.78 29.93
C ASP Q 563 -1.84 -50.77 29.04
N LYS Q 564 -0.77 -50.16 29.57
CA LYS Q 564 -0.02 -49.17 28.81
C LYS Q 564 0.76 -49.77 27.65
N GLY Q 565 0.81 -51.10 27.53
CA GLY Q 565 1.60 -51.74 26.50
C GLY Q 565 0.81 -52.41 25.39
N ALA Q 566 -0.52 -52.41 25.50
CA ALA Q 566 -1.36 -53.06 24.51
C ALA Q 566 -1.57 -52.12 23.31
N LEU Q 567 -1.09 -52.54 22.14
CA LEU Q 567 -1.19 -51.75 20.93
C LEU Q 567 -2.05 -52.47 19.90
N PHE Q 568 -2.85 -51.70 19.16
CA PHE Q 568 -3.85 -52.23 18.22
C PHE Q 568 -3.51 -51.75 16.82
N LEU Q 569 -2.96 -52.63 15.99
CA LEU Q 569 -2.66 -52.32 14.59
C LEU Q 569 -3.90 -52.59 13.77
N ASN Q 570 -4.54 -51.54 13.26
CA ASN Q 570 -5.84 -51.64 12.64
C ASN Q 570 -5.74 -51.54 11.12
N PHE Q 571 -6.50 -52.39 10.42
CA PHE Q 571 -6.57 -52.34 8.96
C PHE Q 571 -7.98 -52.33 8.42
N CYS Q 572 -9.01 -52.48 9.25
CA CYS Q 572 -10.40 -52.35 8.85
C CYS Q 572 -11.01 -51.14 9.53
N LEU Q 573 -12.26 -50.84 9.18
CA LEU Q 573 -12.95 -49.67 9.71
C LEU Q 573 -13.94 -50.00 10.80
N TYR Q 574 -14.38 -51.25 10.90
CA TYR Q 574 -15.32 -51.67 11.94
C TYR Q 574 -14.84 -52.95 12.61
N PRO Q 575 -13.69 -52.91 13.28
CA PRO Q 575 -13.20 -54.11 13.98
C PRO Q 575 -14.21 -54.57 15.02
N GLY Q 576 -14.61 -55.83 14.93
CA GLY Q 576 -15.65 -56.39 15.76
C GLY Q 576 -16.96 -56.64 15.04
N THR Q 577 -17.15 -56.07 13.86
CA THR Q 577 -18.31 -56.33 13.02
C THR Q 577 -18.04 -57.54 12.14
N TYR Q 578 -19.11 -58.27 11.82
CA TYR Q 578 -18.96 -59.41 10.91
C TYR Q 578 -18.62 -58.94 9.50
N GLN Q 579 -19.43 -58.04 8.95
CA GLN Q 579 -19.25 -57.53 7.60
C GLN Q 579 -17.84 -57.00 7.41
N PRO Q 580 -17.05 -57.58 6.50
CA PRO Q 580 -15.67 -57.12 6.30
C PRO Q 580 -15.62 -55.63 5.99
N SER Q 581 -14.52 -54.98 6.41
CA SER Q 581 -14.39 -53.54 6.29
C SER Q 581 -12.94 -53.10 6.08
N GLY Q 582 -12.12 -53.93 5.46
CA GLY Q 582 -10.74 -53.58 5.18
C GLY Q 582 -9.78 -54.63 5.73
N HIS Q 583 -8.64 -54.77 5.06
CA HIS Q 583 -7.63 -55.74 5.45
C HIS Q 583 -6.36 -55.48 4.64
N VAL Q 584 -5.30 -56.19 5.02
CA VAL Q 584 -4.05 -56.21 4.26
C VAL Q 584 -3.93 -57.59 3.61
N ASN Q 585 -3.73 -57.59 2.29
CA ASN Q 585 -3.97 -58.75 1.45
C ASN Q 585 -2.85 -59.78 1.58
N ILE Q 586 -3.05 -60.94 0.92
CA ILE Q 586 -2.20 -62.10 1.16
C ILE Q 586 -0.80 -61.92 0.59
N SER Q 587 -0.67 -61.18 -0.52
CA SER Q 587 0.66 -60.92 -1.07
C SER Q 587 1.52 -60.19 -0.04
N ARG Q 588 1.04 -59.03 0.44
CA ARG Q 588 1.72 -58.33 1.51
C ARG Q 588 1.75 -59.14 2.79
N ALA Q 589 0.76 -60.03 3.00
CA ALA Q 589 0.65 -60.78 4.24
C ALA Q 589 1.89 -61.58 4.58
N ARG Q 590 2.82 -61.75 3.64
CA ARG Q 590 4.06 -62.51 3.89
C ARG Q 590 5.26 -61.63 4.27
N GLU Q 591 5.77 -60.83 3.33
CA GLU Q 591 6.89 -59.94 3.61
C GLU Q 591 6.41 -58.89 4.63
N PHE Q 592 5.93 -59.33 5.77
CA PHE Q 592 5.28 -58.43 6.71
C PHE Q 592 6.26 -58.14 7.86
N TYR Q 593 6.63 -56.88 8.00
CA TYR Q 593 7.58 -56.45 9.02
C TYR Q 593 6.89 -55.50 9.99
N ILE Q 594 6.95 -55.83 11.28
CA ILE Q 594 6.57 -54.92 12.35
C ILE Q 594 7.87 -54.43 12.98
N GLU Q 595 8.15 -53.14 12.82
CA GLU Q 595 9.39 -52.53 13.30
C GLU Q 595 9.11 -51.68 14.51
N TYR Q 596 9.87 -51.90 15.59
CA TYR Q 596 9.69 -51.19 16.84
C TYR Q 596 10.99 -50.50 17.24
N THR Q 597 10.86 -49.50 18.12
CA THR Q 597 11.99 -48.97 18.86
C THR Q 597 11.61 -48.97 20.34
N SER Q 598 12.50 -49.48 21.17
CA SER Q 598 12.27 -49.55 22.60
C SER Q 598 13.30 -48.74 23.35
N SER Q 599 12.87 -48.10 24.43
CA SER Q 599 13.77 -47.50 25.40
C SER Q 599 14.05 -48.43 26.57
N PHE Q 600 13.48 -49.63 26.56
CA PHE Q 600 13.60 -50.58 27.66
C PHE Q 600 14.32 -51.86 27.26
N CYS Q 601 13.94 -52.48 26.14
CA CYS Q 601 14.49 -53.76 25.76
C CYS Q 601 15.98 -53.62 25.44
N ASP Q 602 16.81 -54.39 26.13
CA ASP Q 602 18.22 -54.55 25.80
C ASP Q 602 18.67 -55.91 26.29
N SER Q 603 19.99 -56.14 26.32
CA SER Q 603 20.48 -57.43 26.78
C SER Q 603 20.23 -57.63 28.28
N SER Q 604 20.06 -56.56 29.05
CA SER Q 604 19.71 -56.73 30.45
C SER Q 604 18.21 -56.89 30.68
N ASN Q 605 17.39 -56.70 29.64
CA ASN Q 605 15.94 -56.77 29.76
C ASN Q 605 15.36 -57.40 28.49
N PRO Q 606 15.52 -58.72 28.34
CA PRO Q 606 14.92 -59.39 27.18
C PRO Q 606 13.41 -59.34 27.23
N CYS Q 607 12.80 -59.10 26.07
CA CYS Q 607 11.35 -59.02 25.94
C CYS Q 607 10.88 -59.92 24.80
N ASP Q 608 9.62 -60.32 24.88
CA ASP Q 608 8.98 -61.15 23.86
C ASP Q 608 8.04 -60.26 23.05
N LEU Q 609 8.38 -60.06 21.78
CA LEU Q 609 7.50 -59.31 20.88
C LEU Q 609 6.34 -60.21 20.47
N ILE Q 610 5.14 -59.82 20.86
CA ILE Q 610 3.94 -60.63 20.65
C ILE Q 610 3.06 -59.93 19.62
N SER Q 611 2.81 -60.62 18.50
CA SER Q 611 1.87 -60.15 17.49
C SER Q 611 0.81 -61.23 17.29
N ILE Q 612 -0.45 -60.86 17.49
CA ILE Q 612 -1.58 -61.76 17.34
C ILE Q 612 -2.51 -61.14 16.31
N ALA Q 613 -2.62 -61.78 15.16
CA ALA Q 613 -3.47 -61.29 14.08
C ALA Q 613 -4.80 -62.03 14.08
N LYS Q 614 -5.85 -61.29 13.71
CA LYS Q 614 -7.16 -61.87 13.44
C LYS Q 614 -7.34 -61.84 11.93
N CYS Q 615 -7.39 -63.02 11.33
CA CYS Q 615 -7.39 -63.15 9.88
C CYS Q 615 -8.74 -63.67 9.38
N ILE Q 616 -9.11 -63.20 8.20
CA ILE Q 616 -10.32 -63.68 7.54
C ILE Q 616 -9.99 -64.99 6.82
N ASN Q 617 -10.87 -65.99 6.99
CA ASN Q 617 -10.76 -67.24 6.26
C ASN Q 617 -12.18 -67.73 5.99
N PHE Q 618 -12.27 -68.76 5.15
CA PHE Q 618 -13.57 -69.23 4.67
C PHE Q 618 -13.70 -70.73 4.93
N LEU Q 619 -14.89 -71.12 5.37
CA LEU Q 619 -15.21 -72.51 5.69
C LEU Q 619 -16.25 -73.01 4.70
N LEU Q 620 -15.88 -73.98 3.88
CA LEU Q 620 -16.76 -74.52 2.86
C LEU Q 620 -17.64 -75.64 3.42
N ASP R 12 -5.21 -58.24 -4.48
CA ASP R 12 -5.97 -59.05 -5.43
C ASP R 12 -5.48 -60.49 -5.48
N GLY R 13 -5.89 -61.28 -4.49
CA GLY R 13 -5.79 -62.71 -4.54
C GLY R 13 -7.16 -63.36 -4.70
N LYS R 14 -7.21 -64.66 -4.43
CA LYS R 14 -8.49 -65.36 -4.46
C LYS R 14 -9.35 -65.00 -3.26
N ALA R 15 -8.72 -64.87 -2.08
CA ALA R 15 -9.44 -64.38 -0.92
C ALA R 15 -10.00 -62.98 -1.13
N ASP R 16 -9.29 -62.15 -1.89
CA ASP R 16 -9.76 -60.81 -2.20
C ASP R 16 -11.04 -60.82 -3.03
N ARG R 17 -11.17 -61.79 -3.94
CA ARG R 17 -12.37 -61.87 -4.76
C ARG R 17 -13.60 -62.29 -3.96
N MET R 18 -13.41 -63.00 -2.84
CA MET R 18 -14.52 -63.36 -1.99
C MET R 18 -14.90 -62.26 -1.01
N ILE R 19 -14.04 -61.27 -0.80
CA ILE R 19 -14.29 -60.20 0.16
C ILE R 19 -14.69 -58.90 -0.54
N MET R 20 -14.05 -58.59 -1.66
CA MET R 20 -14.30 -57.35 -2.38
C MET R 20 -14.91 -57.55 -3.75
N ALA R 21 -14.66 -58.70 -4.39
CA ALA R 21 -15.21 -59.03 -5.70
C ALA R 21 -15.04 -57.89 -6.69
N ASN R 22 -13.85 -57.27 -6.66
CA ASN R 22 -13.62 -56.10 -7.51
C ASN R 22 -13.58 -56.48 -8.97
N ASP R 23 -13.16 -57.70 -9.29
CA ASP R 23 -13.27 -58.19 -10.67
C ASP R 23 -14.70 -58.13 -11.15
N LEU R 24 -15.63 -58.70 -10.37
CA LEU R 24 -17.04 -58.68 -10.74
C LEU R 24 -17.60 -57.27 -10.75
N LEU R 25 -17.15 -56.42 -9.82
CA LEU R 25 -17.65 -55.05 -9.75
C LEU R 25 -17.30 -54.27 -11.01
N ASN R 26 -16.05 -54.38 -11.46
CA ASN R 26 -15.63 -53.68 -12.67
C ASN R 26 -16.35 -54.21 -13.90
N ASP R 27 -16.67 -55.51 -13.92
CA ASP R 27 -17.47 -56.05 -15.01
C ASP R 27 -18.86 -55.44 -15.01
N ARG R 28 -19.45 -55.23 -13.82
CA ARG R 28 -20.78 -54.66 -13.75
C ARG R 28 -20.79 -53.21 -14.23
N ILE R 29 -19.73 -52.46 -13.95
CA ILE R 29 -19.63 -51.09 -14.45
C ILE R 29 -19.73 -51.08 -15.97
N LYS R 30 -18.82 -51.82 -16.64
CA LYS R 30 -18.82 -51.87 -18.09
C LYS R 30 -20.15 -52.39 -18.63
N SER R 31 -20.77 -53.34 -17.93
CA SER R 31 -22.06 -53.87 -18.37
C SER R 31 -23.14 -52.80 -18.33
N ILE R 32 -23.24 -52.09 -17.21
CA ILE R 32 -24.30 -51.09 -17.06
C ILE R 32 -24.06 -49.92 -18.02
N MET R 33 -22.80 -49.48 -18.15
CA MET R 33 -22.50 -48.39 -19.07
C MET R 33 -22.82 -48.79 -20.51
N CYS R 34 -22.70 -50.07 -20.84
CA CYS R 34 -23.06 -50.55 -22.17
C CYS R 34 -24.57 -50.53 -22.35
N LEU R 35 -25.31 -51.09 -21.39
CA LEU R 35 -26.76 -51.13 -21.50
C LEU R 35 -27.37 -49.74 -21.51
N ARG R 36 -26.88 -48.85 -20.63
CA ARG R 36 -27.44 -47.50 -20.55
C ARG R 36 -27.24 -46.74 -21.86
N ALA R 37 -26.11 -46.95 -22.52
CA ALA R 37 -25.90 -46.33 -23.83
C ALA R 37 -26.83 -46.95 -24.87
N LYS R 38 -26.79 -48.28 -25.01
CA LYS R 38 -27.63 -48.99 -25.96
C LYS R 38 -29.12 -48.77 -25.72
N GLN R 39 -29.50 -48.23 -24.57
CA GLN R 39 -30.88 -47.87 -24.29
C GLN R 39 -31.15 -46.38 -24.48
N GLY R 40 -30.15 -45.60 -24.85
CA GLY R 40 -30.36 -44.21 -25.18
C GLY R 40 -30.29 -43.23 -24.04
N PHE R 41 -29.63 -43.59 -22.93
CA PHE R 41 -29.43 -42.65 -21.86
C PHE R 41 -28.34 -41.66 -22.22
N SER R 42 -28.47 -40.42 -21.72
CA SER R 42 -27.48 -39.41 -22.01
C SER R 42 -26.22 -39.59 -21.17
N ASP R 43 -26.34 -40.23 -20.02
CA ASP R 43 -25.19 -40.44 -19.11
C ASP R 43 -25.02 -41.92 -18.83
N PRO R 44 -23.95 -42.55 -19.32
CA PRO R 44 -23.77 -43.99 -19.08
C PRO R 44 -23.34 -44.33 -17.66
N THR R 45 -23.06 -43.33 -16.84
CA THR R 45 -22.60 -43.58 -15.48
C THR R 45 -23.67 -44.34 -14.70
N PRO R 46 -23.35 -45.50 -14.13
CA PRO R 46 -24.34 -46.21 -13.32
C PRO R 46 -24.77 -45.38 -12.11
N THR R 47 -25.96 -45.70 -11.61
CA THR R 47 -26.41 -45.12 -10.35
C THR R 47 -25.79 -45.88 -9.19
N LEU R 48 -25.84 -45.27 -8.00
CA LEU R 48 -25.30 -45.94 -6.83
C LEU R 48 -26.21 -47.07 -6.37
N VAL R 49 -27.51 -47.01 -6.67
CA VAL R 49 -28.38 -48.15 -6.41
C VAL R 49 -27.95 -49.33 -7.28
N ASP R 50 -27.53 -49.06 -8.52
CA ASP R 50 -26.97 -50.12 -9.36
C ASP R 50 -25.77 -50.78 -8.69
N ILE R 51 -24.83 -49.96 -8.19
CA ILE R 51 -23.65 -50.49 -7.53
C ILE R 51 -24.04 -51.31 -6.31
N GLU R 52 -24.96 -50.79 -5.50
CA GLU R 52 -25.28 -51.40 -4.22
C GLU R 52 -26.06 -52.70 -4.34
N ARG R 53 -26.54 -53.05 -5.54
CA ARG R 53 -27.29 -54.29 -5.69
C ARG R 53 -26.43 -55.53 -5.45
N THR R 54 -25.11 -55.40 -5.56
CA THR R 54 -24.19 -56.49 -5.23
C THR R 54 -23.16 -56.11 -4.19
N HIS R 55 -22.66 -54.88 -4.22
CA HIS R 55 -21.60 -54.45 -3.33
C HIS R 55 -22.12 -53.44 -2.31
N ILE R 56 -21.35 -53.28 -1.24
CA ILE R 56 -21.67 -52.35 -0.17
C ILE R 56 -20.64 -51.23 -0.21
N LEU R 57 -21.12 -49.99 -0.12
CA LEU R 57 -20.26 -48.81 -0.16
C LEU R 57 -19.98 -48.35 1.26
N LEU R 58 -18.70 -48.35 1.64
CA LEU R 58 -18.34 -47.97 3.01
C LEU R 58 -18.39 -46.46 3.20
N ILE R 59 -18.04 -45.68 2.17
CA ILE R 59 -18.15 -44.23 2.20
C ILE R 59 -19.46 -43.88 1.51
N ASN R 60 -20.45 -43.42 2.30
CA ASN R 60 -21.79 -43.21 1.77
C ASN R 60 -22.54 -42.26 2.70
N SER R 61 -22.90 -41.08 2.20
CA SER R 61 -23.60 -40.09 2.99
C SER R 61 -25.11 -40.13 2.78
N HIS R 62 -25.63 -41.20 2.19
CA HIS R 62 -27.06 -41.30 1.92
C HIS R 62 -27.86 -41.46 3.21
N TYR R 63 -29.05 -40.88 3.21
CA TYR R 63 -30.02 -41.05 4.29
C TYR R 63 -31.42 -40.99 3.69
N LYS R 64 -32.38 -41.58 4.40
CA LYS R 64 -33.74 -41.40 3.90
C LYS R 64 -34.45 -40.29 4.67
N PRO R 65 -35.28 -39.49 4.01
CA PRO R 65 -36.09 -38.52 4.76
C PRO R 65 -37.08 -39.25 5.64
N PHE R 66 -37.40 -38.63 6.78
CA PHE R 66 -38.38 -39.23 7.68
C PHE R 66 -39.72 -38.51 7.55
N ALA R 67 -40.79 -39.29 7.63
CA ALA R 67 -42.13 -38.71 7.71
C ALA R 67 -42.18 -37.72 8.86
N ALA R 68 -42.63 -36.50 8.56
CA ALA R 68 -42.53 -35.39 9.49
C ALA R 68 -43.09 -35.75 10.86
N MET R 69 -42.30 -35.47 11.89
CA MET R 69 -42.55 -35.94 13.24
C MET R 69 -41.99 -34.92 14.21
N GLY R 70 -42.64 -34.82 15.37
CA GLY R 70 -42.14 -33.96 16.43
C GLY R 70 -42.68 -34.44 17.76
N TYR R 71 -41.99 -34.06 18.84
CA TYR R 71 -42.41 -34.47 20.16
C TYR R 71 -42.30 -33.31 21.14
N GLU R 72 -42.98 -33.46 22.27
CA GLU R 72 -42.99 -32.46 23.32
C GLU R 72 -43.47 -33.12 24.61
N TYR R 73 -42.79 -32.82 25.71
CA TYR R 73 -43.18 -33.34 27.00
C TYR R 73 -44.31 -32.52 27.60
N GLN R 74 -45.18 -33.20 28.35
CA GLN R 74 -46.29 -32.55 29.04
C GLN R 74 -46.37 -33.06 30.48
N LYS R 75 -46.64 -32.13 31.39
CA LYS R 75 -46.69 -32.39 32.82
C LYS R 75 -48.14 -32.42 33.29
N THR R 76 -48.48 -33.40 34.11
CA THR R 76 -49.83 -33.48 34.68
C THR R 76 -49.76 -33.92 36.13
N ARG R 77 -50.81 -33.55 36.86
CA ARG R 77 -50.94 -33.83 38.28
C ARG R 77 -51.92 -34.95 38.53
N PRO R 78 -51.87 -35.60 39.70
CA PRO R 78 -52.74 -36.74 39.97
C PRO R 78 -54.21 -36.36 40.03
N ASN R 79 -55.07 -37.36 39.81
CA ASN R 79 -56.50 -37.25 40.03
C ASN R 79 -56.89 -37.33 41.51
N THR R 80 -56.00 -37.84 42.35
CA THR R 80 -56.37 -38.38 43.67
C THR R 80 -56.05 -37.42 44.80
N GLY R 81 -56.01 -36.13 44.52
CA GLY R 81 -55.79 -35.17 45.58
C GLY R 81 -54.32 -35.07 45.96
N ASN R 82 -54.10 -34.54 47.16
CA ASN R 82 -52.73 -34.32 47.61
C ASN R 82 -52.04 -35.65 47.93
N PRO R 83 -50.80 -35.83 47.51
CA PRO R 83 -50.14 -37.12 47.66
C PRO R 83 -49.61 -37.36 49.06
N THR R 84 -49.60 -38.63 49.46
CA THR R 84 -49.03 -39.06 50.73
C THR R 84 -48.34 -40.40 50.54
N TYR R 85 -47.43 -40.71 51.46
CA TYR R 85 -46.94 -42.08 51.62
C TYR R 85 -48.12 -43.02 51.79
N ASN R 86 -47.93 -44.31 51.49
CA ASN R 86 -48.89 -45.35 51.82
C ASN R 86 -50.27 -45.06 51.21
N SER R 87 -50.28 -44.65 49.95
CA SER R 87 -51.52 -44.30 49.26
C SER R 87 -51.43 -44.78 47.82
N THR R 88 -52.49 -44.52 47.07
CA THR R 88 -52.55 -44.83 45.65
C THR R 88 -52.74 -43.54 44.86
N ILE R 89 -51.78 -43.25 43.98
CA ILE R 89 -51.80 -42.05 43.15
C ILE R 89 -52.22 -42.46 41.74
N GLN R 90 -53.06 -41.65 41.10
CA GLN R 90 -53.53 -41.94 39.76
C GLN R 90 -53.39 -40.71 38.87
N PHE R 91 -52.90 -40.92 37.65
CA PHE R 91 -52.74 -39.86 36.66
C PHE R 91 -53.56 -40.18 35.43
N SER R 92 -54.15 -39.13 34.84
CA SER R 92 -54.71 -39.25 33.51
C SER R 92 -53.60 -39.11 32.47
N ILE R 93 -53.77 -39.79 31.35
CA ILE R 93 -52.87 -39.62 30.20
C ILE R 93 -53.61 -38.73 29.21
N PRO R 94 -53.35 -37.42 29.22
CA PRO R 94 -54.20 -36.49 28.48
C PRO R 94 -54.15 -36.70 26.97
N GLN R 95 -55.23 -36.29 26.32
CA GLN R 95 -55.21 -36.16 24.87
C GLN R 95 -54.35 -34.96 24.49
N PHE R 96 -53.25 -35.22 23.79
CA PHE R 96 -52.35 -34.17 23.38
C PHE R 96 -51.63 -34.58 22.10
N GLY R 97 -50.85 -35.64 22.17
CA GLY R 97 -50.13 -36.11 21.01
C GLY R 97 -50.88 -37.20 20.24
N ASP R 98 -50.47 -37.37 18.99
CA ASP R 98 -50.99 -38.50 18.21
C ASP R 98 -50.50 -39.82 18.79
N PHE R 99 -49.34 -39.82 19.42
CA PHE R 99 -48.83 -40.95 20.17
C PHE R 99 -48.26 -40.42 21.49
N PHE R 100 -48.14 -41.30 22.47
CA PHE R 100 -47.39 -40.97 23.67
C PHE R 100 -46.33 -42.04 23.92
N SER R 101 -45.23 -41.63 24.56
CA SER R 101 -44.06 -42.47 24.65
C SER R 101 -43.51 -42.57 26.07
N ASP R 102 -42.21 -42.28 26.24
CA ASP R 102 -41.54 -42.48 27.52
C ASP R 102 -42.17 -41.61 28.62
N MET R 103 -42.20 -42.16 29.82
CA MET R 103 -42.84 -41.51 30.96
C MET R 103 -41.90 -41.49 32.16
N VAL R 104 -41.98 -40.41 32.93
CA VAL R 104 -41.15 -40.26 34.13
C VAL R 104 -41.93 -39.42 35.14
N VAL R 105 -41.79 -39.78 36.41
CA VAL R 105 -42.58 -39.18 37.50
C VAL R 105 -41.63 -38.38 38.38
N HIS R 106 -41.90 -37.09 38.51
CA HIS R 106 -41.18 -36.26 39.49
C HIS R 106 -41.80 -36.45 40.86
N VAL R 107 -40.96 -36.83 41.83
CA VAL R 107 -41.38 -37.01 43.22
C VAL R 107 -40.55 -36.06 44.07
N GLN R 108 -41.22 -35.34 44.98
CA GLN R 108 -40.56 -34.35 45.82
C GLN R 108 -40.91 -34.64 47.28
N LEU R 109 -39.91 -35.02 48.06
CA LEU R 109 -40.08 -35.32 49.47
C LEU R 109 -39.51 -34.17 50.31
N ALA R 110 -40.31 -33.67 51.24
CA ALA R 110 -39.88 -32.55 52.07
C ALA R 110 -38.68 -32.93 52.91
N ALA R 111 -37.85 -31.93 53.20
CA ALA R 111 -36.73 -32.12 54.11
C ALA R 111 -37.25 -32.48 55.50
N THR R 112 -36.45 -33.24 56.24
CA THR R 112 -36.89 -33.65 57.57
C THR R 112 -35.70 -33.95 58.47
N SER R 113 -36.00 -34.04 59.76
CA SER R 113 -35.05 -34.40 60.79
C SER R 113 -35.76 -35.32 61.78
N ALA R 114 -34.97 -36.04 62.57
CA ALA R 114 -35.56 -36.83 63.63
C ALA R 114 -36.01 -35.92 64.77
N SER R 115 -36.98 -36.40 65.53
CA SER R 115 -37.42 -35.67 66.72
C SER R 115 -36.34 -35.74 67.80
N ALA R 116 -36.32 -34.73 68.66
CA ALA R 116 -35.32 -34.67 69.71
C ALA R 116 -35.46 -35.87 70.65
N GLY R 117 -34.31 -36.41 71.08
CA GLY R 117 -34.29 -37.50 72.01
C GLY R 117 -33.30 -37.26 73.12
N THR R 118 -32.82 -38.33 73.76
CA THR R 118 -31.89 -38.20 74.87
C THR R 118 -30.73 -39.18 74.72
N VAL R 119 -29.65 -38.87 75.42
CA VAL R 119 -28.51 -39.80 75.52
C VAL R 119 -28.95 -41.02 76.31
N PRO R 120 -28.76 -42.23 75.80
CA PRO R 120 -29.27 -43.42 76.48
C PRO R 120 -28.43 -43.81 77.68
N ALA R 121 -28.93 -44.80 78.42
CA ALA R 121 -28.22 -45.30 79.58
C ALA R 121 -26.88 -45.90 79.17
N LEU R 122 -25.90 -45.80 80.06
CA LEU R 122 -24.58 -46.35 79.78
C LEU R 122 -24.62 -47.88 79.93
N PRO R 123 -23.75 -48.58 79.21
CA PRO R 123 -23.72 -50.05 79.30
C PRO R 123 -23.34 -50.53 80.70
N ALA R 124 -23.48 -51.84 80.90
CA ALA R 124 -23.24 -52.47 82.17
C ALA R 124 -21.74 -52.63 82.44
N PHE R 125 -21.41 -52.99 83.68
CA PHE R 125 -20.01 -53.15 84.06
C PHE R 125 -19.36 -54.29 83.28
N ILE R 126 -18.04 -54.19 83.12
CA ILE R 126 -17.25 -55.23 82.47
C ILE R 126 -16.59 -56.08 83.56
N GLY R 127 -15.75 -55.44 84.37
CA GLY R 127 -15.08 -56.12 85.46
C GLY R 127 -15.87 -56.11 86.74
N ALA R 128 -15.46 -56.97 87.67
CA ALA R 128 -16.18 -57.18 88.91
C ALA R 128 -15.63 -56.37 90.08
N ASP R 129 -14.62 -55.53 89.85
CA ASP R 129 -13.99 -54.76 90.91
C ASP R 129 -14.06 -53.28 90.60
N ASP R 130 -14.12 -52.48 91.68
CA ASP R 130 -14.03 -51.02 91.60
C ASP R 130 -15.04 -50.44 90.60
N GLN R 131 -16.26 -50.95 90.67
CA GLN R 131 -17.31 -50.51 89.76
C GLN R 131 -17.83 -49.14 90.19
N VAL R 132 -17.79 -48.18 89.27
CA VAL R 132 -18.24 -46.82 89.54
C VAL R 132 -19.12 -46.35 88.38
N LEU R 133 -20.30 -45.83 88.72
CA LEU R 133 -21.24 -45.29 87.75
C LEU R 133 -21.48 -43.83 88.07
N THR R 134 -21.14 -42.95 87.12
CA THR R 134 -21.52 -41.55 87.19
C THR R 134 -22.50 -41.25 86.07
N SER R 135 -22.79 -39.96 85.88
CA SER R 135 -23.67 -39.56 84.80
C SER R 135 -22.95 -39.50 83.45
N THR R 136 -21.63 -39.67 83.43
CA THR R 136 -20.86 -39.50 82.21
C THR R 136 -19.94 -40.66 81.86
N SER R 137 -19.82 -41.68 82.72
CA SER R 137 -18.98 -42.82 82.40
C SER R 137 -19.29 -43.98 83.33
N VAL R 138 -18.95 -45.18 82.85
CA VAL R 138 -19.01 -46.40 83.64
C VAL R 138 -17.59 -46.95 83.77
N VAL R 139 -17.16 -47.18 85.01
CA VAL R 139 -15.82 -47.69 85.28
C VAL R 139 -15.95 -49.00 86.05
N SER R 140 -15.15 -49.98 85.65
CA SER R 140 -15.02 -51.24 86.37
C SER R 140 -13.63 -51.79 86.10
N ALA R 141 -13.25 -52.83 86.84
CA ALA R 141 -11.90 -53.35 86.71
C ALA R 141 -11.86 -54.82 87.08
N THR R 142 -10.80 -55.48 86.63
CA THR R 142 -10.46 -56.83 87.04
C THR R 142 -9.02 -56.82 87.54
N GLU R 143 -8.78 -57.43 88.70
CA GLU R 143 -7.45 -57.47 89.27
C GLU R 143 -6.74 -58.77 88.90
N ASN R 144 -5.41 -58.71 88.88
CA ASN R 144 -4.61 -59.91 88.65
C ASN R 144 -3.33 -59.77 89.46
N THR R 145 -3.31 -60.36 90.65
CA THR R 145 -2.16 -60.23 91.54
C THR R 145 -1.01 -61.14 91.14
N THR R 146 -1.23 -62.13 90.28
CA THR R 146 -0.13 -62.97 89.83
C THR R 146 0.76 -62.24 88.83
N SER R 147 0.19 -61.84 87.69
CA SER R 147 0.97 -61.14 86.67
C SER R 147 1.26 -59.70 87.07
N GLY R 148 0.45 -59.11 87.93
CA GLY R 148 0.61 -57.71 88.27
C GLY R 148 -0.03 -56.74 87.30
N VAL R 149 -0.86 -57.22 86.39
CA VAL R 149 -1.53 -56.37 85.42
C VAL R 149 -2.90 -55.98 85.97
N TYR R 150 -3.10 -54.69 86.18
CA TYR R 150 -4.40 -54.14 86.56
C TYR R 150 -5.08 -53.63 85.31
N THR R 151 -6.31 -54.08 85.08
CA THR R 151 -7.05 -53.79 83.86
C THR R 151 -8.28 -52.97 84.20
N LEU R 152 -8.42 -51.82 83.56
CA LEU R 152 -9.46 -50.84 83.88
C LEU R 152 -10.33 -50.62 82.64
N TYR R 153 -11.64 -50.85 82.79
CA TYR R 153 -12.59 -50.66 81.70
C TYR R 153 -13.38 -49.39 81.94
N THR R 154 -13.44 -48.52 80.93
CA THR R 154 -14.20 -47.29 80.98
C THR R 154 -15.02 -47.16 79.71
N GLN R 155 -16.29 -46.78 79.86
CA GLN R 155 -17.14 -46.50 78.71
C GLN R 155 -17.91 -45.21 78.95
N SER R 156 -18.06 -44.42 77.89
CA SER R 156 -18.72 -43.11 77.98
C SER R 156 -19.30 -42.77 76.63
N TYR R 157 -20.10 -41.70 76.61
CA TYR R 157 -20.67 -41.16 75.38
C TYR R 157 -20.00 -39.84 75.07
N VAL R 158 -19.43 -39.73 73.87
CA VAL R 158 -18.78 -38.52 73.40
C VAL R 158 -19.43 -38.10 72.10
N ASN R 159 -19.11 -36.89 71.65
CA ASN R 159 -19.45 -36.46 70.31
C ASN R 159 -18.20 -36.61 69.42
N GLN R 160 -18.26 -36.06 68.21
CA GLN R 160 -17.13 -36.21 67.30
C GLN R 160 -15.88 -35.54 67.85
N GLN R 161 -16.05 -34.37 68.50
CA GLN R 161 -14.91 -33.64 69.05
C GLN R 161 -14.32 -34.30 70.28
N GLY R 162 -15.00 -35.30 70.85
CA GLY R 162 -14.53 -35.95 72.06
C GLY R 162 -15.12 -35.39 73.34
N THR R 163 -15.99 -34.39 73.25
CA THR R 163 -16.62 -33.84 74.43
C THR R 163 -17.60 -34.84 75.02
N THR R 164 -17.48 -35.08 76.32
CA THR R 164 -18.34 -36.04 77.01
C THR R 164 -19.79 -35.59 76.97
N GLN R 165 -20.70 -36.55 76.80
CA GLN R 165 -22.13 -36.31 76.87
C GLN R 165 -22.69 -36.88 78.17
N THR R 166 -23.71 -36.21 78.71
CA THR R 166 -24.33 -36.61 79.96
C THR R 166 -25.50 -37.54 79.68
N VAL R 167 -25.57 -38.65 80.42
CA VAL R 167 -26.71 -39.55 80.31
C VAL R 167 -28.00 -38.79 80.56
N ALA R 168 -29.01 -39.07 79.73
CA ALA R 168 -30.34 -38.47 79.75
C ALA R 168 -30.37 -37.03 79.30
N ALA R 169 -29.25 -36.48 78.84
CA ALA R 169 -29.23 -35.15 78.26
C ALA R 169 -29.76 -35.20 76.83
N ALA R 170 -29.90 -34.04 76.20
CA ALA R 170 -30.45 -33.96 74.86
C ALA R 170 -29.50 -34.60 73.84
N ALA R 171 -30.09 -35.21 72.82
CA ALA R 171 -29.38 -35.84 71.71
C ALA R 171 -30.40 -36.18 70.64
N THR R 172 -30.01 -36.05 69.38
CA THR R 172 -30.94 -36.27 68.27
C THR R 172 -30.28 -37.14 67.20
N ASN R 173 -31.02 -38.15 66.74
CA ASN R 173 -30.53 -39.05 65.72
C ASN R 173 -30.41 -38.34 64.37
N PHE R 174 -29.61 -38.93 63.49
CA PHE R 174 -29.56 -38.52 62.10
C PHE R 174 -30.58 -39.31 61.29
N VAL R 175 -30.78 -38.91 60.04
CA VAL R 175 -31.82 -39.49 59.21
C VAL R 175 -31.24 -39.77 57.81
N ARG R 176 -31.77 -40.81 57.18
CA ARG R 176 -31.23 -41.30 55.91
C ARG R 176 -32.35 -41.97 55.13
N TYR R 177 -32.16 -42.06 53.82
CA TYR R 177 -33.04 -42.81 52.94
C TYR R 177 -32.46 -44.20 52.65
N CYS R 178 -33.34 -45.13 52.28
CA CYS R 178 -32.88 -46.42 51.81
C CYS R 178 -32.14 -46.27 50.48
N GLU R 179 -31.46 -47.33 50.07
CA GLU R 179 -30.46 -47.20 49.02
C GLU R 179 -31.07 -46.71 47.71
N TYR R 180 -31.98 -47.47 47.14
CA TYR R 180 -32.52 -46.97 45.89
C TYR R 180 -33.96 -46.49 46.07
N PRO R 181 -34.17 -45.30 46.66
CA PRO R 181 -35.51 -44.96 47.16
C PRO R 181 -36.54 -44.79 46.07
N GLY R 182 -36.15 -44.33 44.87
CA GLY R 182 -37.12 -44.18 43.81
C GLY R 182 -37.67 -45.50 43.31
N LEU R 183 -36.90 -46.58 43.47
CA LEU R 183 -37.37 -47.90 43.08
C LEU R 183 -38.20 -48.57 44.17
N ARG R 184 -37.93 -48.26 45.44
CA ARG R 184 -38.74 -48.81 46.52
C ARG R 184 -40.02 -48.01 46.74
N LEU R 185 -40.00 -46.71 46.47
CA LEU R 185 -41.15 -45.86 46.76
C LEU R 185 -42.39 -46.30 45.98
N PHE R 186 -42.20 -46.84 44.78
CA PHE R 186 -43.31 -47.27 43.93
C PHE R 186 -43.51 -48.77 44.14
N LYS R 187 -44.43 -49.09 45.05
CA LYS R 187 -44.74 -50.50 45.30
C LYS R 187 -45.30 -51.17 44.06
N ARG R 188 -46.16 -50.48 43.32
CA ARG R 188 -46.71 -50.98 42.06
C ARG R 188 -46.81 -49.83 41.06
N VAL R 189 -46.72 -50.18 39.78
CA VAL R 189 -46.85 -49.24 38.68
C VAL R 189 -47.70 -49.90 37.61
N LYS R 190 -48.89 -49.35 37.36
CA LYS R 190 -49.88 -49.96 36.48
C LYS R 190 -50.24 -49.01 35.35
N PHE R 191 -50.23 -49.53 34.13
CA PHE R 191 -50.81 -48.87 32.96
C PHE R 191 -52.20 -49.47 32.77
N GLU R 192 -53.24 -48.68 33.06
CA GLU R 192 -54.60 -49.21 33.15
C GLU R 192 -55.47 -48.70 32.02
N VAL R 193 -56.23 -49.61 31.42
CA VAL R 193 -57.28 -49.29 30.45
C VAL R 193 -58.52 -50.07 30.88
N ASN R 194 -59.67 -49.38 30.94
CA ASN R 194 -60.91 -49.95 31.48
C ASN R 194 -60.75 -50.40 32.92
N GLY R 195 -59.86 -49.73 33.67
CA GLY R 195 -59.44 -50.24 34.96
C GLY R 195 -58.64 -51.51 34.92
N ASN R 196 -58.31 -52.04 33.73
CA ASN R 196 -57.56 -53.28 33.60
C ASN R 196 -56.09 -52.97 33.35
N PRO R 197 -55.19 -53.55 34.14
CA PRO R 197 -53.76 -53.32 33.89
C PRO R 197 -53.30 -53.98 32.60
N LEU R 198 -53.05 -53.18 31.57
CA LEU R 198 -52.44 -53.72 30.36
C LEU R 198 -51.02 -54.20 30.65
N ASP R 199 -50.33 -53.52 31.56
CA ASP R 199 -49.00 -53.93 32.01
C ASP R 199 -48.80 -53.33 33.39
N GLU R 200 -48.06 -54.05 34.24
CA GLU R 200 -47.79 -53.58 35.58
C GLU R 200 -46.56 -54.29 36.12
N TYR R 201 -45.89 -53.62 37.05
CA TYR R 201 -44.72 -54.20 37.71
C TYR R 201 -44.63 -53.65 39.12
N THR R 202 -43.80 -54.29 39.93
CA THR R 202 -43.55 -53.89 41.31
C THR R 202 -42.10 -53.46 41.47
N ALA R 203 -41.73 -53.11 42.70
CA ALA R 203 -40.35 -52.71 42.99
C ALA R 203 -39.36 -53.81 42.69
N LEU R 204 -39.80 -55.07 42.70
CA LEU R 204 -38.89 -56.17 42.39
C LEU R 204 -38.44 -56.11 40.92
N ALA R 205 -39.36 -55.78 40.01
CA ALA R 205 -38.97 -55.63 38.62
C ALA R 205 -38.06 -54.43 38.42
N ALA R 206 -38.26 -53.37 39.21
CA ALA R 206 -37.41 -52.19 39.08
C ALA R 206 -35.97 -52.49 39.49
N ILE R 207 -35.78 -53.26 40.57
CA ILE R 207 -34.42 -53.55 41.02
C ILE R 207 -33.74 -54.53 40.07
N MET R 208 -34.49 -55.45 39.46
CA MET R 208 -33.93 -56.28 38.41
C MET R 208 -33.42 -55.42 37.27
N TYR R 209 -34.20 -54.44 36.86
CA TYR R 209 -33.74 -53.48 35.86
C TYR R 209 -32.47 -52.79 36.33
N ASN R 210 -32.45 -52.37 37.59
CA ASN R 210 -31.25 -51.75 38.15
C ASN R 210 -30.05 -52.68 38.07
N LYS R 211 -30.29 -53.99 38.17
CA LYS R 211 -29.18 -54.95 38.16
C LYS R 211 -28.72 -55.28 36.75
N PHE R 212 -29.64 -55.35 35.79
CA PHE R 212 -29.34 -55.94 34.49
C PHE R 212 -29.27 -54.94 33.32
N HIS R 213 -29.82 -53.73 33.46
CA HIS R 213 -30.00 -52.88 32.30
C HIS R 213 -29.51 -51.44 32.50
N VAL R 214 -28.67 -51.19 33.50
CA VAL R 214 -28.10 -49.86 33.63
C VAL R 214 -26.59 -49.95 33.45
N PRO R 215 -26.09 -49.82 32.22
CA PRO R 215 -24.65 -49.78 32.02
C PRO R 215 -24.07 -48.46 32.54
N ASP R 216 -22.74 -48.46 32.72
CA ASP R 216 -22.10 -47.34 33.37
C ASP R 216 -22.26 -46.02 32.60
N PHE R 217 -22.45 -46.07 31.28
CA PHE R 217 -22.64 -44.81 30.58
C PHE R 217 -24.02 -44.21 30.82
N LYS R 218 -24.94 -44.95 31.42
CA LYS R 218 -26.22 -44.42 31.87
C LYS R 218 -26.37 -44.42 33.38
N LEU R 219 -25.33 -44.79 34.13
CA LEU R 219 -25.50 -45.12 35.55
C LEU R 219 -25.56 -43.87 36.44
N THR R 220 -24.74 -42.87 36.15
CA THR R 220 -24.74 -41.67 36.99
C THR R 220 -26.11 -40.99 36.97
N GLY R 221 -26.67 -40.81 35.77
CA GLY R 221 -27.99 -40.21 35.68
C GLY R 221 -29.07 -41.05 36.31
N TRP R 222 -28.97 -42.38 36.15
CA TRP R 222 -29.97 -43.29 36.72
C TRP R 222 -30.03 -43.16 38.23
N LYS R 223 -28.86 -43.15 38.89
CA LYS R 223 -28.82 -42.97 40.33
C LYS R 223 -29.47 -41.65 40.73
N ARG R 224 -29.15 -40.57 40.01
CA ARG R 224 -29.72 -39.28 40.35
C ARG R 224 -31.22 -39.22 40.08
N LEU R 225 -31.71 -40.04 39.13
CA LEU R 225 -33.15 -40.09 38.88
C LEU R 225 -33.89 -40.68 40.06
N ILE R 226 -33.31 -41.67 40.72
CA ILE R 226 -34.01 -42.42 41.76
C ILE R 226 -33.41 -42.18 43.13
N GLY R 227 -32.77 -41.03 43.32
CA GLY R 227 -32.35 -40.62 44.65
C GLY R 227 -31.23 -41.43 45.28
N GLN R 228 -30.44 -42.13 44.48
CA GLN R 228 -29.26 -42.82 44.99
C GLN R 228 -28.08 -41.86 44.93
N GLU R 229 -27.40 -41.68 46.06
CA GLU R 229 -26.24 -40.79 46.10
C GLU R 229 -25.13 -41.32 45.22
N VAL R 230 -24.32 -40.40 44.70
CA VAL R 230 -23.26 -40.72 43.75
C VAL R 230 -21.92 -40.47 44.42
N PRO R 231 -20.92 -41.35 44.22
CA PRO R 231 -19.61 -41.09 44.82
C PRO R 231 -18.94 -39.87 44.23
N VAL R 232 -18.28 -39.10 45.11
CA VAL R 232 -17.48 -37.95 44.70
C VAL R 232 -16.02 -38.26 45.01
N GLU R 233 -15.14 -37.89 44.08
CA GLU R 233 -13.72 -38.20 44.16
C GLU R 233 -12.96 -37.03 44.78
N ALA R 234 -12.15 -37.31 45.79
CA ALA R 234 -11.35 -36.30 46.47
C ALA R 234 -9.88 -36.72 46.46
N ALA R 235 -9.00 -35.76 46.20
CA ALA R 235 -7.57 -36.00 46.16
C ALA R 235 -6.92 -35.53 47.46
N SER R 236 -5.88 -36.24 47.86
CA SER R 236 -5.16 -35.94 49.09
C SER R 236 -3.93 -35.11 48.79
N ASN R 237 -3.23 -34.71 49.85
CA ASN R 237 -1.89 -34.17 49.70
C ASN R 237 -0.96 -35.25 49.14
N LEU R 238 0.23 -34.81 48.71
CA LEU R 238 1.22 -35.77 48.22
C LEU R 238 1.57 -36.76 49.32
N VAL R 239 1.47 -38.05 48.99
CA VAL R 239 1.82 -39.12 49.93
C VAL R 239 3.22 -39.60 49.60
N ASN R 240 3.60 -39.49 48.33
CA ASN R 240 4.94 -39.80 47.87
C ASN R 240 5.51 -38.57 47.18
N ILE R 241 6.75 -38.25 47.52
CA ILE R 241 7.50 -37.18 46.85
C ILE R 241 8.86 -37.75 46.47
N ALA R 242 9.18 -37.70 45.17
CA ALA R 242 10.40 -38.30 44.67
C ALA R 242 11.62 -37.77 45.43
N SER R 243 12.50 -38.70 45.81
CA SER R 243 13.80 -38.46 46.44
C SER R 243 13.70 -38.04 47.91
N THR R 244 12.55 -38.22 48.55
CA THR R 244 12.43 -37.99 49.98
C THR R 244 11.39 -38.96 50.54
N THR R 245 11.14 -38.87 51.84
CA THR R 245 10.30 -39.83 52.53
C THR R 245 9.63 -39.17 53.72
N PRO R 246 8.46 -39.67 54.15
CA PRO R 246 7.89 -39.20 55.42
C PRO R 246 8.57 -39.78 56.64
N TRP R 247 9.34 -40.86 56.49
CA TRP R 247 9.94 -41.53 57.63
C TRP R 247 11.13 -40.74 58.15
N GLY R 248 11.31 -40.76 59.47
CA GLY R 248 12.50 -40.18 60.06
C GLY R 248 13.75 -40.89 59.56
N SER R 249 14.82 -40.12 59.41
CA SER R 249 16.07 -40.66 58.88
C SER R 249 16.65 -41.84 59.66
N PRO R 250 16.48 -41.97 60.99
CA PRO R 250 17.08 -43.13 61.68
C PRO R 250 16.67 -44.49 61.12
N ILE R 251 15.53 -44.59 60.45
CA ILE R 251 15.06 -45.88 59.91
C ILE R 251 15.17 -45.94 58.40
N VAL R 252 15.63 -44.88 57.75
CA VAL R 252 15.61 -44.79 56.28
C VAL R 252 16.91 -45.35 55.71
N ALA R 253 16.78 -46.17 54.67
CA ALA R 253 17.91 -46.63 53.85
C ALA R 253 19.03 -47.23 54.69
N LEU R 254 18.67 -48.18 55.54
CA LEU R 254 19.65 -48.85 56.38
C LEU R 254 20.23 -50.06 55.67
N SER R 255 21.51 -50.33 55.96
CA SER R 255 22.20 -51.52 55.51
C SER R 255 22.64 -52.31 56.73
N ASP R 256 22.63 -53.64 56.63
CA ASP R 256 23.07 -54.43 57.77
C ASP R 256 24.59 -54.56 57.78
N VAL R 257 25.11 -55.35 58.72
CA VAL R 257 26.55 -55.44 58.91
C VAL R 257 27.26 -56.05 57.70
N ASN R 258 26.51 -56.72 56.81
CA ASN R 258 27.09 -57.30 55.61
C ASN R 258 26.87 -56.42 54.37
N GLY R 259 26.43 -55.18 54.55
CA GLY R 259 26.22 -54.27 53.45
C GLY R 259 24.93 -54.44 52.69
N THR R 260 24.12 -55.44 53.02
CA THR R 260 22.87 -55.67 52.32
C THR R 260 21.76 -54.82 52.93
N ALA R 261 20.85 -54.35 52.08
CA ALA R 261 19.76 -53.49 52.53
C ALA R 261 18.87 -54.22 53.52
N VAL R 262 18.46 -53.50 54.56
CA VAL R 262 17.65 -54.08 55.64
C VAL R 262 16.20 -54.17 55.19
N THR R 263 15.60 -55.34 55.36
CA THR R 263 14.18 -55.49 55.08
C THR R 263 13.36 -54.72 56.10
N GLY R 264 12.35 -54.00 55.61
CA GLY R 264 11.55 -53.15 56.47
C GLY R 264 12.13 -51.78 56.72
N SER R 265 13.25 -51.45 56.10
CA SER R 265 13.82 -50.11 56.19
C SER R 265 13.36 -49.32 54.98
N PRO R 266 12.47 -48.34 55.13
CA PRO R 266 11.98 -47.59 53.97
C PRO R 266 13.12 -46.90 53.22
N VAL R 267 12.92 -46.75 51.92
CA VAL R 267 13.80 -45.97 51.06
C VAL R 267 13.00 -44.79 50.52
N ASN R 268 13.71 -43.85 49.90
CA ASN R 268 13.05 -42.68 49.34
C ASN R 268 12.11 -43.10 48.21
N ALA R 269 10.98 -42.40 48.11
CA ALA R 269 10.02 -42.68 47.05
C ALA R 269 10.65 -42.43 45.69
N ALA R 270 10.19 -43.21 44.70
CA ALA R 270 10.66 -43.07 43.33
C ALA R 270 9.67 -42.33 42.43
N ILE R 271 8.43 -42.12 42.90
CA ILE R 271 7.44 -41.35 42.17
C ILE R 271 6.84 -40.31 43.12
N THR R 272 6.17 -39.32 42.53
CA THR R 272 5.45 -38.29 43.28
C THR R 272 3.95 -38.54 43.05
N ALA R 273 3.27 -39.03 44.07
CA ALA R 273 1.88 -39.47 43.94
C ALA R 273 1.03 -38.95 45.08
N ARG R 274 -0.26 -38.82 44.81
CA ARG R 274 -1.27 -38.51 45.82
C ARG R 274 -2.36 -39.56 45.75
N LYS R 275 -3.16 -39.63 46.82
CA LYS R 275 -4.23 -40.61 46.92
C LYS R 275 -5.55 -40.04 46.43
N LEU R 276 -6.38 -40.92 45.87
CA LEU R 276 -7.76 -40.64 45.59
C LEU R 276 -8.63 -41.44 46.57
N THR R 277 -9.66 -40.78 47.11
CA THR R 277 -10.65 -41.46 47.92
C THR R 277 -12.03 -41.06 47.42
N GLN R 278 -13.02 -41.88 47.74
CA GLN R 278 -14.41 -41.64 47.39
C GLN R 278 -15.18 -41.26 48.63
N VAL R 279 -15.97 -40.18 48.54
CA VAL R 279 -16.87 -39.78 49.61
C VAL R 279 -18.28 -39.76 49.05
N VAL R 280 -19.25 -40.05 49.92
CA VAL R 280 -20.65 -39.84 49.62
C VAL R 280 -21.23 -38.96 50.71
N PHE R 281 -22.21 -38.14 50.32
CA PHE R 281 -22.88 -37.25 51.25
C PHE R 281 -24.27 -36.89 50.75
N GLY R 282 -24.99 -37.90 50.25
CA GLY R 282 -26.33 -37.69 49.73
C GLY R 282 -27.43 -38.33 50.56
N ALA R 283 -28.45 -38.87 49.89
CA ALA R 283 -29.67 -39.28 50.58
C ALA R 283 -29.45 -40.49 51.49
N GLN R 284 -28.47 -41.33 51.19
CA GLN R 284 -28.22 -42.52 51.98
C GLN R 284 -27.22 -42.28 53.11
N THR R 285 -26.53 -41.15 53.10
CA THR R 285 -25.64 -40.81 54.19
C THR R 285 -26.43 -40.18 55.33
N PRO R 286 -26.30 -40.66 56.56
CA PRO R 286 -27.06 -40.08 57.67
C PRO R 286 -26.70 -38.62 57.89
N LYS R 287 -27.73 -37.81 58.16
CA LYS R 287 -27.56 -36.37 58.31
C LYS R 287 -28.52 -35.86 59.36
N ALA R 288 -28.14 -34.75 60.02
CA ALA R 288 -29.05 -34.08 60.93
C ALA R 288 -30.32 -33.67 60.21
N THR R 289 -30.17 -33.07 59.02
CA THR R 289 -31.29 -32.73 58.18
C THR R 289 -31.05 -33.34 56.80
N GLN R 290 -31.97 -34.19 56.37
CA GLN R 290 -31.99 -34.64 54.99
C GLN R 290 -32.73 -33.58 54.17
N GLU R 291 -32.03 -32.94 53.24
CA GLU R 291 -32.67 -31.88 52.47
C GLU R 291 -33.72 -32.46 51.53
N GLN R 292 -34.48 -31.56 50.91
CA GLN R 292 -35.57 -31.94 50.03
C GLN R 292 -35.08 -32.87 48.93
N LEU R 293 -35.67 -34.07 48.88
CA LEU R 293 -35.29 -35.07 47.89
C LEU R 293 -36.15 -34.89 46.64
N ASN R 294 -35.51 -34.73 45.50
CA ASN R 294 -36.19 -34.59 44.21
C ASN R 294 -35.78 -35.74 43.32
N MET R 295 -36.74 -36.54 42.91
CA MET R 295 -36.49 -37.68 42.04
C MET R 295 -37.32 -37.57 40.77
N PHE R 296 -36.81 -38.18 39.70
CA PHE R 296 -37.50 -38.31 38.42
C PHE R 296 -37.48 -39.79 38.08
N VAL R 297 -38.45 -40.53 38.60
CA VAL R 297 -38.49 -41.98 38.46
C VAL R 297 -39.05 -42.36 37.09
N PRO R 298 -38.26 -42.98 36.22
CA PRO R 298 -38.80 -43.44 34.94
C PRO R 298 -39.78 -44.58 35.12
N LEU R 299 -40.76 -44.65 34.23
CA LEU R 299 -41.71 -45.75 34.20
C LEU R 299 -41.24 -46.77 33.16
N LEU R 300 -41.01 -48.00 33.61
CA LEU R 300 -40.33 -49.00 32.80
C LEU R 300 -41.33 -49.81 31.98
N PHE R 301 -41.88 -49.16 30.97
CA PHE R 301 -42.85 -49.77 30.07
C PHE R 301 -42.28 -49.87 28.66
N TRP R 302 -42.80 -50.83 27.90
CA TRP R 302 -42.27 -51.10 26.56
C TRP R 302 -42.40 -49.89 25.65
N PHE R 303 -43.40 -49.04 25.86
CA PHE R 303 -43.61 -47.91 24.95
C PHE R 303 -42.65 -46.75 25.22
N ARG R 304 -41.72 -46.90 26.16
CA ARG R 304 -40.61 -45.95 26.28
C ARG R 304 -39.85 -45.86 24.96
N ASP R 305 -39.72 -46.97 24.27
CA ASP R 305 -39.15 -47.01 22.93
C ASP R 305 -39.98 -46.16 21.98
N PRO R 306 -39.37 -45.17 21.30
CA PRO R 306 -40.16 -44.33 20.37
C PRO R 306 -40.88 -45.12 19.28
N ARG R 307 -40.23 -46.13 18.70
CA ARG R 307 -40.88 -46.93 17.67
C ARG R 307 -42.18 -47.54 18.17
N LEU R 308 -42.26 -47.80 19.48
CA LEU R 308 -43.41 -48.47 20.08
C LEU R 308 -44.37 -47.51 20.73
N ALA R 309 -44.33 -46.23 20.34
CA ALA R 309 -45.24 -45.24 20.89
C ALA R 309 -46.68 -45.66 20.66
N ILE R 310 -47.53 -45.39 21.64
CA ILE R 310 -48.90 -45.88 21.65
C ILE R 310 -49.79 -44.84 20.97
N ALA R 311 -50.55 -45.29 19.97
CA ALA R 311 -51.46 -44.39 19.27
C ALA R 311 -52.59 -43.97 20.19
N SER R 312 -52.81 -42.66 20.32
CA SER R 312 -53.84 -42.16 21.21
C SER R 312 -55.23 -42.62 20.78
N VAL R 313 -55.46 -42.71 19.46
CA VAL R 313 -56.76 -43.13 18.96
C VAL R 313 -57.08 -44.57 19.33
N SER R 314 -56.06 -45.38 19.62
CA SER R 314 -56.28 -46.79 19.93
C SER R 314 -56.54 -47.05 21.40
N ILE R 315 -56.08 -46.18 22.29
CA ILE R 315 -56.43 -46.28 23.71
C ILE R 315 -57.13 -44.99 24.11
N PRO R 316 -58.44 -45.02 24.34
CA PRO R 316 -59.21 -43.79 24.46
C PRO R 316 -58.79 -42.95 25.66
N TYR R 317 -58.87 -41.64 25.50
CA TYR R 317 -58.73 -40.72 26.63
C TYR R 317 -59.90 -40.92 27.60
N GLY R 318 -59.67 -40.56 28.86
CA GLY R 318 -60.61 -40.86 29.93
C GLY R 318 -60.73 -42.33 30.24
N GLN R 319 -60.10 -43.20 29.45
CA GLN R 319 -60.11 -44.64 29.63
C GLN R 319 -58.71 -45.17 29.89
N ARG R 320 -57.78 -44.29 30.23
CA ARG R 320 -56.36 -44.64 30.34
C ARG R 320 -55.75 -43.88 31.50
N PHE R 321 -54.99 -44.59 32.34
CA PHE R 321 -54.44 -43.99 33.53
C PHE R 321 -53.08 -44.62 33.84
N ILE R 322 -52.24 -43.86 34.53
CA ILE R 322 -51.04 -44.38 35.19
C ILE R 322 -51.31 -44.35 36.68
N THR R 323 -51.33 -45.51 37.30
CA THR R 323 -51.64 -45.66 38.72
C THR R 323 -50.41 -46.16 39.45
N VAL R 324 -50.07 -45.49 40.55
CA VAL R 324 -48.86 -45.77 41.32
C VAL R 324 -49.23 -45.94 42.79
N ASP R 325 -48.81 -47.04 43.39
CA ASP R 325 -48.99 -47.29 44.81
C ASP R 325 -47.71 -46.93 45.54
N ILE R 326 -47.81 -46.07 46.56
CA ILE R 326 -46.65 -45.52 47.24
C ILE R 326 -46.35 -46.33 48.50
N GLU R 327 -45.07 -46.63 48.69
CA GLU R 327 -44.59 -47.37 49.85
C GLU R 327 -44.82 -46.58 51.13
N GLN R 328 -44.76 -47.28 52.27
CA GLN R 328 -44.86 -46.63 53.56
C GLN R 328 -43.58 -45.87 53.89
N GLN R 329 -43.72 -44.80 54.67
CA GLN R 329 -42.56 -43.97 55.01
C GLN R 329 -41.54 -44.76 55.82
N SER R 330 -42.00 -45.69 56.66
CA SER R 330 -41.10 -46.44 57.51
C SER R 330 -40.23 -47.42 56.73
N ASN R 331 -40.49 -47.63 55.44
CA ASN R 331 -39.64 -48.44 54.59
C ASN R 331 -38.76 -47.60 53.67
N ILE R 332 -38.91 -46.27 53.71
CA ILE R 332 -38.17 -45.38 52.84
C ILE R 332 -37.15 -44.55 53.61
N LEU R 333 -37.53 -44.07 54.80
CA LEU R 333 -36.73 -43.15 55.59
C LEU R 333 -36.41 -43.77 56.94
N PHE R 334 -35.17 -43.64 57.38
CA PHE R 334 -34.70 -44.35 58.57
C PHE R 334 -33.89 -43.39 59.45
N THR R 335 -33.94 -43.63 60.75
CA THR R 335 -33.02 -42.96 61.65
C THR R 335 -31.68 -43.69 61.65
N ALA R 336 -30.64 -42.96 62.02
CA ALA R 336 -29.28 -43.50 62.06
C ALA R 336 -28.52 -42.78 63.15
N PRO R 337 -27.47 -43.40 63.68
CA PRO R 337 -26.62 -42.70 64.66
C PRO R 337 -26.14 -41.36 64.13
N GLY R 338 -26.20 -40.34 64.98
CA GLY R 338 -25.74 -39.02 64.64
C GLY R 338 -24.42 -38.68 65.31
N ASN R 339 -24.35 -37.49 65.91
CA ASN R 339 -23.12 -37.03 66.57
C ASN R 339 -23.08 -37.53 68.01
N LEU R 340 -23.14 -38.85 68.14
CA LEU R 340 -23.11 -39.51 69.44
C LEU R 340 -22.38 -40.84 69.29
N PHE R 341 -21.36 -41.05 70.11
CA PHE R 341 -20.49 -42.21 69.98
C PHE R 341 -20.22 -42.84 71.34
N LEU R 342 -20.28 -44.17 71.39
CA LEU R 342 -19.86 -44.91 72.58
C LEU R 342 -18.35 -45.10 72.52
N GLN R 343 -17.65 -44.63 73.56
CA GLN R 343 -16.22 -44.82 73.67
C GLN R 343 -15.93 -45.98 74.62
N THR R 344 -15.23 -46.99 74.14
CA THR R 344 -14.84 -48.15 74.93
C THR R 344 -13.33 -48.10 75.14
N THR R 345 -12.90 -47.96 76.38
CA THR R 345 -11.50 -47.79 76.71
C THR R 345 -11.06 -48.87 77.68
N VAL R 346 -9.94 -49.53 77.35
CA VAL R 346 -9.30 -50.50 78.23
C VAL R 346 -7.88 -50.00 78.50
N GLU R 347 -7.54 -49.88 79.77
CA GLU R 347 -6.19 -49.53 80.18
C GLU R 347 -5.62 -50.68 80.99
N THR R 348 -4.33 -50.95 80.79
CA THR R 348 -3.64 -51.98 81.57
C THR R 348 -2.40 -51.35 82.20
N LEU R 349 -2.27 -51.51 83.51
CA LEU R 349 -1.17 -50.96 84.28
C LEU R 349 -0.39 -52.13 84.87
N LEU R 350 0.86 -52.30 84.42
CA LEU R 350 1.72 -53.36 84.93
C LEU R 350 2.59 -52.79 86.04
N THR R 351 2.26 -53.14 87.28
CA THR R 351 3.11 -52.84 88.42
C THR R 351 3.84 -54.11 88.86
N THR R 352 4.98 -53.90 89.52
CA THR R 352 5.81 -55.01 89.96
C THR R 352 5.94 -55.11 91.47
N GLY R 353 5.80 -54.00 92.20
CA GLY R 353 5.94 -54.01 93.64
C GLY R 353 4.70 -54.49 94.35
N ALA R 354 4.57 -54.08 95.61
CA ALA R 354 3.45 -54.51 96.43
C ALA R 354 2.13 -54.01 95.86
N GLY R 355 1.06 -54.74 96.15
CA GLY R 355 -0.23 -54.42 95.59
C GLY R 355 -0.34 -54.62 94.11
N LYS R 356 0.60 -55.35 93.50
CA LYS R 356 0.62 -55.49 92.05
C LYS R 356 -0.66 -56.15 91.55
N GLY R 357 -1.18 -55.63 90.44
CA GLY R 357 -2.42 -56.11 89.88
C GLY R 357 -3.67 -55.45 90.42
N THR R 358 -3.54 -54.43 91.27
CA THR R 358 -4.69 -53.75 91.86
C THR R 358 -4.50 -52.24 91.73
N ALA R 359 -5.53 -51.50 92.16
CA ALA R 359 -5.49 -50.05 92.13
C ALA R 359 -4.46 -49.45 93.09
N THR R 360 -3.81 -50.27 93.91
CA THR R 360 -2.77 -49.82 94.83
C THR R 360 -1.38 -50.30 94.43
N GLY R 361 -1.22 -50.78 93.20
CA GLY R 361 0.06 -51.32 92.77
C GLY R 361 1.13 -50.25 92.67
N VAL R 362 2.36 -50.65 92.95
CA VAL R 362 3.49 -49.74 93.09
C VAL R 362 4.54 -50.09 92.04
N LEU R 363 5.19 -49.05 91.49
CA LEU R 363 6.21 -49.15 90.45
C LEU R 363 5.61 -49.62 89.13
N LEU R 364 5.16 -48.67 88.32
CA LEU R 364 4.43 -48.93 87.08
C LEU R 364 5.40 -48.87 85.91
N THR R 365 5.65 -50.03 85.28
CA THR R 365 6.60 -50.10 84.18
C THR R 365 5.95 -49.95 82.81
N GLN R 366 4.77 -50.53 82.61
CA GLN R 366 4.11 -50.54 81.32
C GLN R 366 2.68 -50.03 81.45
N TYR R 367 2.32 -49.07 80.59
CA TYR R 367 0.96 -48.59 80.47
C TYR R 367 0.46 -48.84 79.06
N ASN R 368 -0.75 -49.36 78.92
CA ASN R 368 -1.38 -49.57 77.63
C ASN R 368 -2.79 -49.01 77.66
N ARG R 369 -3.24 -48.46 76.54
CA ARG R 369 -4.61 -48.00 76.39
C ARG R 369 -5.15 -48.44 75.03
N TYR R 370 -6.41 -48.87 75.03
CA TYR R 370 -7.12 -49.28 73.83
C TYR R 370 -8.46 -48.58 73.81
N THR R 371 -8.78 -47.90 72.71
CA THR R 371 -10.02 -47.15 72.61
C THR R 371 -10.68 -47.40 71.25
N THR R 372 -11.97 -47.71 71.28
CA THR R 372 -12.80 -47.82 70.09
C THR R 372 -13.97 -46.85 70.19
N TYR R 373 -14.59 -46.57 69.05
CA TYR R 373 -15.76 -45.71 68.99
C TYR R 373 -16.87 -46.41 68.22
N THR R 374 -18.08 -46.31 68.73
CA THR R 374 -19.24 -47.01 68.17
C THR R 374 -20.39 -46.03 68.04
N PRO R 375 -20.80 -45.66 66.81
CA PRO R 375 -21.92 -44.72 66.66
C PRO R 375 -23.18 -45.27 67.30
N THR R 376 -23.87 -44.42 68.05
CA THR R 376 -24.93 -44.84 68.95
C THR R 376 -26.20 -44.04 68.71
N LEU R 377 -27.34 -44.74 68.71
CA LEU R 377 -28.64 -44.10 68.54
C LEU R 377 -29.08 -43.39 69.82
N ALA R 378 -29.74 -42.25 69.64
CA ALA R 378 -30.36 -41.55 70.76
C ALA R 378 -31.68 -42.22 71.12
N SER R 379 -32.06 -42.07 72.38
CA SER R 379 -33.33 -42.62 72.86
C SER R 379 -34.48 -41.68 72.52
N GLY R 380 -35.60 -42.25 72.07
CA GLY R 380 -36.78 -41.45 71.81
C GLY R 380 -36.60 -40.45 70.69
N SER R 381 -35.75 -40.74 69.71
CA SER R 381 -35.57 -39.91 68.53
C SER R 381 -35.93 -40.75 67.32
N SER R 382 -37.08 -40.48 66.73
CA SER R 382 -37.57 -41.22 65.58
C SER R 382 -37.84 -40.25 64.42
N ILE R 383 -38.05 -40.81 63.24
CA ILE R 383 -38.29 -40.00 62.04
C ILE R 383 -39.60 -39.24 62.20
N ASP R 384 -39.84 -38.28 61.32
CA ASP R 384 -40.99 -37.38 61.38
C ASP R 384 -42.10 -37.94 60.50
N GLY R 385 -43.17 -38.43 61.13
CA GLY R 385 -44.28 -39.02 60.41
C GLY R 385 -45.13 -38.04 59.62
N THR R 386 -44.96 -36.74 59.83
CA THR R 386 -45.69 -35.73 59.06
C THR R 386 -44.92 -35.26 57.84
N GLN R 387 -43.88 -35.99 57.43
CA GLN R 387 -43.15 -35.58 56.24
C GLN R 387 -44.08 -35.56 55.03
N ALA R 388 -43.98 -34.50 54.25
CA ALA R 388 -44.87 -34.32 53.12
C ALA R 388 -44.25 -34.87 51.84
N VAL R 389 -45.04 -35.64 51.10
CA VAL R 389 -44.88 -35.72 49.65
C VAL R 389 -45.37 -34.38 49.09
N GLN R 390 -44.43 -33.46 48.86
CA GLN R 390 -44.85 -32.11 48.56
C GLN R 390 -45.22 -31.91 47.08
N ASN R 391 -44.72 -32.76 46.19
CA ASN R 391 -45.13 -32.68 44.79
C ASN R 391 -44.92 -34.04 44.13
N ILE R 392 -45.83 -34.38 43.23
CA ILE R 392 -45.66 -35.54 42.36
C ILE R 392 -46.40 -35.27 41.06
N GLU R 393 -45.72 -35.49 39.94
CA GLU R 393 -46.30 -35.22 38.64
C GLU R 393 -45.77 -36.23 37.63
N LEU R 394 -46.61 -36.54 36.64
CA LEU R 394 -46.26 -37.47 35.58
C LEU R 394 -45.87 -36.69 34.33
N TYR R 395 -44.69 -36.98 33.80
CA TYR R 395 -44.20 -36.39 32.56
C TYR R 395 -44.41 -37.38 31.43
N ILE R 396 -45.15 -36.97 30.41
CA ILE R 396 -45.48 -37.83 29.26
C ILE R 396 -44.91 -37.20 28.01
N ASN R 397 -44.11 -37.97 27.27
CA ASN R 397 -43.64 -37.53 25.97
C ASN R 397 -44.73 -37.75 24.93
N ASN R 398 -45.15 -36.68 24.27
CA ASN R 398 -46.18 -36.73 23.25
C ASN R 398 -45.55 -36.53 21.88
N ILE R 399 -45.83 -37.45 20.95
CA ILE R 399 -45.27 -37.40 19.61
C ILE R 399 -46.37 -36.99 18.64
N PHE R 400 -46.02 -36.13 17.69
CA PHE R 400 -46.94 -35.61 16.70
C PHE R 400 -46.46 -35.98 15.31
N VAL R 401 -47.40 -36.36 14.44
CA VAL R 401 -47.12 -36.73 13.06
C VAL R 401 -48.13 -36.02 12.16
N THR R 402 -47.83 -36.02 10.86
CA THR R 402 -48.75 -35.40 9.91
C THR R 402 -50.00 -36.25 9.76
N PRO R 403 -51.16 -35.61 9.53
CA PRO R 403 -52.41 -36.39 9.47
C PRO R 403 -52.47 -37.38 8.32
N GLU R 404 -51.75 -37.12 7.23
CA GLU R 404 -51.71 -38.09 6.13
C GLU R 404 -51.05 -39.38 6.58
N ILE R 405 -49.94 -39.28 7.31
CA ILE R 405 -49.22 -40.47 7.78
C ILE R 405 -50.02 -41.17 8.89
N HIS R 406 -50.60 -40.39 9.80
CA HIS R 406 -51.36 -40.99 10.89
C HIS R 406 -52.52 -41.84 10.38
N ASP R 407 -53.23 -41.35 9.36
CA ASP R 407 -54.33 -42.12 8.80
C ASP R 407 -53.83 -43.41 8.16
N ILE R 408 -52.69 -43.34 7.46
CA ILE R 408 -52.16 -44.53 6.80
C ILE R 408 -51.64 -45.53 7.82
N TYR R 409 -50.98 -45.04 8.88
CA TYR R 409 -50.42 -45.94 9.88
C TYR R 409 -51.53 -46.69 10.61
N ILE R 410 -52.57 -45.97 11.05
CA ILE R 410 -53.65 -46.60 11.80
C ILE R 410 -54.36 -47.64 10.95
N LYS R 411 -54.46 -47.38 9.64
CA LYS R 411 -55.17 -48.27 8.73
C LYS R 411 -54.34 -49.45 8.26
N ARG R 412 -53.02 -49.46 8.48
CA ARG R 412 -52.16 -50.44 7.86
C ARG R 412 -51.32 -51.26 8.83
N ILE R 413 -50.91 -50.70 9.97
CA ILE R 413 -50.01 -51.42 10.85
C ILE R 413 -50.68 -52.65 11.45
N GLY R 414 -51.99 -52.57 11.71
CA GLY R 414 -52.75 -53.73 12.14
C GLY R 414 -52.60 -54.09 13.61
N PHE R 415 -51.39 -54.49 14.01
CA PHE R 415 -51.11 -54.89 15.38
C PHE R 415 -49.69 -54.46 15.73
N THR R 416 -49.38 -54.50 17.03
CA THR R 416 -48.06 -54.14 17.50
C THR R 416 -47.64 -55.13 18.57
N LEU R 417 -46.35 -55.48 18.56
CA LEU R 417 -45.78 -56.48 19.45
C LEU R 417 -45.23 -55.80 20.71
N ILE R 418 -45.62 -56.31 21.89
CA ILE R 418 -45.23 -55.68 23.14
C ILE R 418 -44.65 -56.72 24.10
N ARG R 419 -43.94 -56.21 25.10
CA ARG R 419 -43.39 -57.00 26.20
C ARG R 419 -44.03 -56.57 27.51
N VAL R 420 -44.19 -57.54 28.43
CA VAL R 420 -45.03 -57.35 29.61
C VAL R 420 -44.42 -58.12 30.78
N TYR R 421 -44.60 -57.57 31.99
CA TYR R 421 -44.10 -58.19 33.21
C TYR R 421 -45.09 -59.21 33.76
N ARG R 422 -44.55 -60.36 34.18
CA ARG R 422 -45.31 -61.37 34.92
C ARG R 422 -44.45 -61.82 36.09
N GLU R 423 -44.94 -61.60 37.31
CA GLU R 423 -44.15 -61.74 38.53
C GLU R 423 -44.76 -62.80 39.44
N GLN R 424 -43.88 -63.52 40.15
CA GLN R 424 -44.31 -64.49 41.15
C GLN R 424 -43.34 -64.47 42.32
N VAL R 425 -43.90 -64.41 43.54
CA VAL R 425 -43.12 -64.46 44.77
C VAL R 425 -43.64 -65.61 45.62
N GLN R 426 -42.73 -66.50 46.02
CA GLN R 426 -43.10 -67.70 46.79
C GLN R 426 -42.27 -67.75 48.06
N ARG R 427 -42.95 -67.69 49.20
CA ARG R 427 -42.26 -67.86 50.48
C ARG R 427 -41.79 -69.30 50.62
N GLU R 428 -40.52 -69.47 50.98
CA GLU R 428 -39.90 -70.79 51.01
C GLU R 428 -39.12 -70.98 52.31
N VAL R 429 -39.08 -72.23 52.77
CA VAL R 429 -38.25 -72.63 53.90
C VAL R 429 -37.54 -73.94 53.55
N ASN R 430 -37.66 -74.36 52.29
CA ASN R 430 -37.09 -75.62 51.85
C ASN R 430 -35.76 -75.38 51.13
N ALA R 431 -34.75 -76.17 51.48
CA ALA R 431 -33.43 -76.01 50.86
C ALA R 431 -33.45 -76.41 49.39
N ALA R 432 -34.38 -77.27 49.00
CA ALA R 432 -34.60 -77.61 47.60
C ALA R 432 -36.09 -77.73 47.37
N ASP R 433 -36.57 -77.24 46.24
CA ASP R 433 -37.99 -77.33 45.91
C ASP R 433 -38.17 -77.18 44.41
N GLN R 434 -39.37 -77.55 43.97
CA GLN R 434 -39.78 -77.49 42.57
C GLN R 434 -41.07 -76.68 42.54
N VAL R 435 -40.99 -75.41 42.19
CA VAL R 435 -42.11 -74.48 42.33
C VAL R 435 -42.67 -74.15 40.95
N LEU R 436 -43.97 -74.37 40.79
CA LEU R 436 -44.66 -74.08 39.53
C LEU R 436 -44.83 -72.58 39.36
N GLN R 437 -44.55 -72.09 38.15
CA GLN R 437 -44.71 -70.67 37.82
C GLN R 437 -46.12 -70.47 37.30
N SER R 438 -47.03 -70.06 38.18
CA SER R 438 -48.44 -69.95 37.83
C SER R 438 -48.79 -68.65 37.15
N GLN R 439 -47.93 -67.62 37.24
CA GLN R 439 -48.21 -66.34 36.62
C GLN R 439 -47.89 -66.31 35.13
N LEU R 440 -47.06 -67.25 34.66
CA LEU R 440 -46.71 -67.28 33.24
C LEU R 440 -47.84 -67.89 32.42
N LYS R 441 -48.30 -67.16 31.40
CA LYS R 441 -49.28 -67.72 30.47
C LYS R 441 -49.02 -67.34 29.01
N TRP R 442 -47.98 -66.58 28.71
CA TRP R 442 -47.68 -66.10 27.37
C TRP R 442 -46.24 -66.45 27.02
N PRO R 443 -45.84 -66.28 25.75
CA PRO R 443 -44.46 -66.58 25.37
C PRO R 443 -43.44 -65.82 26.23
N VAL R 444 -42.49 -66.57 26.76
CA VAL R 444 -41.53 -66.06 27.74
C VAL R 444 -40.17 -65.89 27.05
N GLU R 445 -39.68 -64.65 27.00
CA GLU R 445 -38.35 -64.39 26.43
C GLU R 445 -37.26 -64.71 27.45
N PHE R 446 -37.40 -64.21 28.67
CA PHE R 446 -36.44 -64.50 29.72
C PHE R 446 -37.08 -64.19 31.08
N ILE R 447 -36.43 -64.69 32.13
CA ILE R 447 -36.93 -64.59 33.50
C ILE R 447 -35.81 -64.08 34.39
N TYR R 448 -36.09 -63.03 35.16
CA TYR R 448 -35.23 -62.66 36.27
C TYR R 448 -35.55 -63.57 37.45
N LEU R 449 -34.51 -64.18 38.04
CA LEU R 449 -34.70 -65.15 39.11
C LEU R 449 -33.83 -64.77 40.31
N GLY R 450 -34.42 -64.83 41.50
CA GLY R 450 -33.69 -64.53 42.72
C GLY R 450 -34.39 -65.13 43.92
N LEU R 451 -33.60 -65.34 44.98
CA LEU R 451 -34.09 -65.94 46.23
C LEU R 451 -33.63 -65.05 47.38
N ARG R 452 -34.48 -64.10 47.77
CA ARG R 452 -34.09 -63.08 48.73
C ARG R 452 -34.44 -63.51 50.15
N PRO R 453 -33.50 -63.46 51.08
CA PRO R 453 -33.85 -63.76 52.48
C PRO R 453 -34.89 -62.77 52.99
N ALA R 454 -35.93 -63.29 53.63
CA ALA R 454 -37.03 -62.44 54.06
C ALA R 454 -36.55 -61.34 55.01
N ASN R 455 -35.44 -61.58 55.72
CA ASN R 455 -34.92 -60.61 56.66
C ASN R 455 -34.37 -59.36 55.97
N ASN R 456 -34.13 -59.41 54.66
CA ASN R 456 -33.63 -58.23 53.96
C ASN R 456 -34.64 -57.09 53.94
N ILE R 457 -35.93 -57.40 54.11
CA ILE R 457 -37.00 -56.40 54.16
C ILE R 457 -37.69 -56.39 55.50
N ALA R 458 -37.10 -57.03 56.52
CA ALA R 458 -37.71 -57.08 57.84
C ALA R 458 -37.38 -55.79 58.60
N ALA R 459 -38.40 -55.25 59.28
CA ALA R 459 -38.20 -54.04 60.05
C ALA R 459 -37.17 -54.24 61.15
N GLY R 460 -37.02 -55.48 61.63
CA GLY R 460 -36.04 -55.77 62.66
C GLY R 460 -34.60 -55.71 62.17
N ASN R 461 -34.38 -55.76 60.86
CA ASN R 461 -33.03 -55.71 60.30
C ASN R 461 -32.61 -54.25 60.20
N THR R 462 -31.70 -53.83 61.07
CA THR R 462 -31.22 -52.45 61.06
C THR R 462 -30.52 -52.07 59.77
N TYR R 463 -30.19 -53.06 58.92
CA TYR R 463 -29.63 -52.81 57.61
C TYR R 463 -30.65 -52.99 56.49
N GLN R 464 -31.95 -52.88 56.81
CA GLN R 464 -32.97 -52.97 55.77
C GLN R 464 -32.84 -51.83 54.76
N TRP R 465 -32.41 -50.65 55.21
CA TRP R 465 -32.23 -49.53 54.29
C TRP R 465 -31.29 -49.88 53.16
N ARG R 466 -30.39 -50.84 53.38
CA ARG R 466 -29.43 -51.29 52.37
C ARG R 466 -29.74 -52.67 51.82
N ASP R 467 -30.17 -53.61 52.67
CA ASP R 467 -30.32 -55.00 52.24
C ASP R 467 -31.57 -55.26 51.42
N TRP R 468 -32.50 -54.30 51.34
CA TRP R 468 -33.83 -54.61 50.82
C TRP R 468 -33.80 -55.03 49.35
N HIS R 469 -32.81 -54.57 48.59
CA HIS R 469 -32.72 -54.89 47.17
C HIS R 469 -31.72 -55.99 46.84
N HIS R 470 -30.99 -56.49 47.84
CA HIS R 470 -30.03 -57.55 47.62
C HIS R 470 -30.72 -58.91 47.54
N LEU R 471 -30.30 -59.73 46.58
CA LEU R 471 -30.86 -61.06 46.38
C LEU R 471 -30.01 -62.15 47.04
N THR R 472 -29.15 -61.78 47.97
CA THR R 472 -28.38 -62.72 48.78
C THR R 472 -28.56 -62.34 50.25
N SER R 473 -27.96 -63.14 51.13
CA SER R 473 -27.89 -62.80 52.54
C SER R 473 -26.63 -61.99 52.79
N VAL R 474 -26.77 -60.84 53.43
CA VAL R 474 -25.66 -59.93 53.67
C VAL R 474 -25.25 -60.04 55.13
N THR R 475 -23.95 -60.19 55.36
CA THR R 475 -23.36 -60.11 56.69
C THR R 475 -22.39 -58.94 56.71
N ASN R 476 -22.27 -58.30 57.87
CA ASN R 476 -21.52 -57.06 58.01
C ASN R 476 -20.17 -57.36 58.64
N GLU R 477 -19.10 -57.11 57.90
CA GLU R 477 -17.74 -57.36 58.37
C GLU R 477 -17.04 -56.04 58.65
N PRO R 478 -16.63 -55.79 59.89
CA PRO R 478 -15.89 -54.55 60.16
C PRO R 478 -14.45 -54.64 59.65
N VAL R 479 -13.98 -53.52 59.11
CA VAL R 479 -12.56 -53.32 58.84
C VAL R 479 -12.13 -52.09 59.62
N TYR R 480 -11.05 -52.23 60.39
CA TYR R 480 -10.63 -51.19 61.33
C TYR R 480 -9.41 -50.45 60.82
N ASP R 481 -9.42 -49.13 61.01
CA ASP R 481 -8.22 -48.31 60.90
C ASP R 481 -7.78 -47.96 62.32
N VAL R 482 -6.54 -48.33 62.66
CA VAL R 482 -6.05 -48.27 64.02
C VAL R 482 -4.81 -47.39 64.07
N SER R 483 -4.75 -46.49 65.05
CA SER R 483 -3.60 -45.63 65.28
C SER R 483 -2.79 -46.19 66.44
N GLN R 484 -1.58 -46.66 66.14
CA GLN R 484 -0.67 -47.18 67.15
C GLN R 484 0.35 -46.11 67.52
N SER R 485 0.67 -46.02 68.81
CA SER R 485 1.65 -45.06 69.28
C SER R 485 2.43 -45.67 70.44
N TYR R 486 3.67 -45.21 70.60
CA TYR R 486 4.53 -45.62 71.71
C TYR R 486 5.14 -44.39 72.36
N ALA R 487 5.49 -44.55 73.64
CA ALA R 487 6.09 -43.46 74.40
C ALA R 487 6.97 -44.04 75.50
N ARG R 488 8.24 -43.66 75.49
CA ARG R 488 9.18 -43.97 76.56
C ARG R 488 9.66 -42.67 77.17
N VAL R 489 9.80 -42.66 78.51
CA VAL R 489 10.31 -41.50 79.24
C VAL R 489 11.02 -41.99 80.50
N SER R 490 12.28 -41.59 80.67
CA SER R 490 13.01 -41.86 81.91
C SER R 490 12.58 -40.89 83.00
N ILE R 491 12.38 -41.41 84.21
CA ILE R 491 11.89 -40.60 85.32
C ILE R 491 12.97 -40.39 86.38
N ASP R 492 14.23 -40.67 86.06
CA ASP R 492 15.35 -40.44 86.97
C ASP R 492 16.56 -40.08 86.14
N ASP R 493 17.07 -38.86 86.31
CA ASP R 493 18.12 -38.32 85.47
C ASP R 493 19.52 -38.73 85.90
N THR R 494 19.65 -39.56 86.95
CA THR R 494 20.96 -40.02 87.41
C THR R 494 21.20 -41.50 87.17
N VAL R 495 20.18 -42.26 86.75
CA VAL R 495 20.34 -43.65 86.34
C VAL R 495 20.15 -43.71 84.83
N ALA R 496 21.02 -44.47 84.15
CA ALA R 496 20.91 -44.62 82.72
C ALA R 496 19.57 -45.29 82.37
N PRO R 497 18.92 -44.88 81.27
CA PRO R 497 17.60 -45.45 80.97
C PRO R 497 17.65 -46.88 80.49
N VAL R 498 18.59 -47.24 79.60
CA VAL R 498 18.58 -48.55 78.97
C VAL R 498 18.67 -49.64 80.04
N GLY R 499 17.76 -50.61 79.95
CA GLY R 499 17.74 -51.72 80.90
C GLY R 499 17.33 -51.34 82.31
N SER R 500 16.79 -50.15 82.51
CA SER R 500 16.41 -49.67 83.83
C SER R 500 14.90 -49.62 83.96
N THR R 501 14.41 -49.97 85.14
CA THR R 501 12.98 -49.85 85.43
C THR R 501 12.55 -48.41 85.63
N THR R 502 13.48 -47.46 85.55
CA THR R 502 13.14 -46.04 85.45
C THR R 502 12.75 -45.65 84.04
N PHE R 503 13.14 -46.45 83.04
CA PHE R 503 12.81 -46.20 81.63
C PHE R 503 11.40 -46.74 81.39
N LYS R 504 10.41 -45.88 81.61
CA LYS R 504 9.02 -46.32 81.56
C LYS R 504 8.56 -46.53 80.12
N GLN R 505 7.51 -47.34 79.97
CA GLN R 505 6.92 -47.65 78.68
C GLN R 505 5.45 -47.28 78.69
N SER R 506 4.98 -46.74 77.57
CA SER R 506 3.57 -46.45 77.36
C SER R 506 3.21 -46.72 75.91
N ALA R 507 1.96 -47.11 75.68
CA ALA R 507 1.49 -47.40 74.33
C ALA R 507 -0.02 -47.18 74.27
N SER R 508 -0.51 -46.86 73.07
CA SER R 508 -1.93 -46.69 72.86
C SER R 508 -2.34 -47.25 71.51
N GLN R 509 -3.58 -47.75 71.45
CA GLN R 509 -4.24 -48.16 70.21
C GLN R 509 -5.59 -47.46 70.17
N VAL R 510 -5.76 -46.53 69.24
CA VAL R 510 -6.97 -45.74 69.13
C VAL R 510 -7.62 -46.03 67.78
N MET R 511 -8.93 -46.26 67.79
CA MET R 511 -9.66 -46.51 66.55
C MET R 511 -9.75 -45.23 65.73
N GLN R 512 -9.12 -45.23 64.56
CA GLN R 512 -9.19 -44.07 63.68
C GLN R 512 -10.52 -44.03 62.93
N ASN R 513 -10.97 -45.18 62.43
CA ASN R 513 -12.18 -45.26 61.63
C ASN R 513 -12.53 -46.74 61.49
N GLN R 514 -13.80 -47.00 61.19
CA GLN R 514 -14.27 -48.35 60.94
C GLN R 514 -15.07 -48.35 59.65
N TYR R 515 -14.79 -49.31 58.78
CA TYR R 515 -15.57 -49.54 57.57
C TYR R 515 -16.42 -50.79 57.76
N ILE R 516 -17.55 -50.83 57.07
CA ILE R 516 -18.43 -51.99 57.09
C ILE R 516 -18.39 -52.61 55.70
N VAL R 517 -17.94 -53.86 55.63
CA VAL R 517 -17.88 -54.61 54.38
C VAL R 517 -19.11 -55.50 54.31
N PRO R 518 -20.01 -55.29 53.34
CA PRO R 518 -21.16 -56.20 53.19
C PRO R 518 -20.71 -57.48 52.52
N VAL R 519 -20.84 -58.60 53.24
CA VAL R 519 -20.42 -59.90 52.74
C VAL R 519 -21.66 -60.66 52.27
N GLU R 520 -21.68 -61.03 51.00
CA GLU R 520 -22.82 -61.69 50.39
C GLU R 520 -22.68 -63.20 50.49
N THR R 521 -23.72 -63.85 51.01
CA THR R 521 -23.82 -65.31 51.00
C THR R 521 -24.91 -65.68 50.00
N GLU R 522 -24.52 -66.40 48.95
CA GLU R 522 -25.48 -66.75 47.91
C GLU R 522 -26.54 -67.68 48.47
N THR R 523 -27.78 -67.49 48.03
CA THR R 523 -28.91 -68.28 48.47
C THR R 523 -29.28 -69.38 47.50
N LEU R 524 -28.76 -69.36 46.28
CA LEU R 524 -29.04 -70.36 45.27
C LEU R 524 -27.76 -71.07 44.89
N ASP R 525 -27.77 -72.41 44.96
CA ASP R 525 -26.65 -73.21 44.49
C ASP R 525 -26.80 -73.60 43.02
N THR R 526 -27.94 -74.21 42.67
CA THR R 526 -28.20 -74.66 41.31
C THR R 526 -29.63 -74.31 40.93
N VAL R 527 -29.87 -74.24 39.62
CA VAL R 527 -31.19 -73.94 39.09
C VAL R 527 -31.46 -74.85 37.89
N ARG R 528 -32.65 -75.42 37.84
CA ARG R 528 -33.11 -76.29 36.76
C ARG R 528 -34.48 -75.82 36.30
N VAL R 529 -34.67 -75.78 34.98
CA VAL R 529 -35.92 -75.31 34.38
C VAL R 529 -36.57 -76.47 33.64
N LYS R 530 -37.84 -76.72 33.96
CA LYS R 530 -38.60 -77.85 33.44
C LYS R 530 -39.99 -77.36 33.05
N ALA R 531 -40.29 -77.36 31.76
CA ALA R 531 -41.56 -76.89 31.23
C ALA R 531 -42.28 -78.06 30.59
N HIS R 532 -43.52 -78.30 31.03
CA HIS R 532 -44.17 -79.59 30.82
C HIS R 532 -43.23 -80.70 31.22
N GLY R 533 -42.92 -81.60 30.30
CA GLY R 533 -41.90 -82.61 30.53
C GLY R 533 -40.73 -82.49 29.57
N ILE R 534 -40.28 -81.25 29.37
CA ILE R 534 -39.17 -80.97 28.47
C ILE R 534 -38.17 -80.11 29.22
N GLU R 535 -36.94 -80.60 29.35
CA GLU R 535 -35.90 -79.91 30.10
C GLU R 535 -35.41 -78.70 29.31
N LEU R 536 -35.78 -77.50 29.75
CA LEU R 536 -35.28 -76.30 29.10
C LEU R 536 -33.85 -75.99 29.56
N TYR R 537 -33.61 -76.01 30.86
CA TYR R 537 -32.28 -75.86 31.43
C TYR R 537 -32.07 -76.99 32.43
N ALA R 538 -31.00 -77.77 32.25
CA ALA R 538 -30.64 -78.79 33.21
C ALA R 538 -30.17 -78.13 34.50
N GLN R 539 -29.87 -78.95 35.51
CA GLN R 539 -29.46 -78.45 36.81
C GLN R 539 -28.03 -77.93 36.72
N TYR R 540 -27.88 -76.61 36.60
CA TYR R 540 -26.59 -75.96 36.47
C TYR R 540 -26.32 -75.08 37.69
N ARG R 541 -25.04 -74.82 37.93
CA ARG R 541 -24.65 -73.95 39.05
C ARG R 541 -25.18 -72.54 38.82
N ALA R 542 -25.42 -71.84 39.94
CA ALA R 542 -26.02 -70.50 39.88
C ALA R 542 -25.17 -69.55 39.06
N GLN R 543 -23.84 -69.68 39.14
CA GLN R 543 -22.96 -68.75 38.44
C GLN R 543 -23.14 -68.79 36.92
N PHE R 544 -23.69 -69.89 36.39
CA PHE R 544 -23.91 -69.99 34.94
C PHE R 544 -24.99 -69.01 34.49
N TYR R 545 -26.03 -68.81 35.30
CA TYR R 545 -27.09 -67.87 34.96
C TYR R 545 -26.76 -66.45 35.40
N ARG R 546 -25.92 -66.31 36.42
CA ARG R 546 -25.59 -64.99 36.94
C ARG R 546 -24.47 -64.34 36.13
N ASP R 547 -23.41 -65.11 35.83
CA ASP R 547 -22.23 -64.56 35.19
C ASP R 547 -22.20 -64.86 33.69
N TYR R 548 -22.32 -66.14 33.31
CA TYR R 548 -22.02 -66.52 31.94
C TYR R 548 -23.08 -66.04 30.96
N ILE R 549 -24.36 -66.35 31.23
CA ILE R 549 -25.42 -65.91 30.32
C ILE R 549 -25.46 -64.40 30.18
N PRO R 550 -25.45 -63.60 31.25
CA PRO R 550 -25.41 -62.13 31.06
C PRO R 550 -24.17 -61.64 30.34
N TRP R 551 -23.03 -62.32 30.48
CA TRP R 551 -21.85 -61.90 29.74
C TRP R 551 -22.00 -62.16 28.25
N ASN R 552 -22.51 -63.35 27.89
CA ASN R 552 -22.51 -63.78 26.50
C ASN R 552 -23.60 -63.13 25.67
N TYR R 553 -24.74 -62.79 26.28
CA TYR R 553 -25.91 -62.33 25.55
C TYR R 553 -26.17 -60.86 25.77
N GLY R 554 -26.89 -60.25 24.81
CA GLY R 554 -27.54 -58.96 25.03
C GLY R 554 -26.71 -57.73 24.76
N SER R 555 -25.40 -57.88 24.55
CA SER R 555 -24.45 -56.79 24.22
C SER R 555 -24.66 -55.68 25.27
N PHE R 556 -24.75 -54.39 24.90
CA PHE R 556 -24.95 -53.30 25.87
C PHE R 556 -26.37 -53.21 26.46
N ASN R 557 -27.25 -54.11 26.06
CA ASN R 557 -28.57 -54.18 26.66
C ASN R 557 -28.60 -55.02 27.93
N LEU R 558 -27.58 -55.83 28.18
CA LEU R 558 -27.57 -56.79 29.29
C LEU R 558 -26.30 -56.60 30.10
N VAL R 559 -26.44 -56.08 31.32
CA VAL R 559 -25.30 -55.84 32.20
C VAL R 559 -25.09 -57.09 33.06
N THR R 560 -23.83 -57.51 33.18
CA THR R 560 -23.51 -58.56 34.14
C THR R 560 -23.72 -58.02 35.54
N PRO R 561 -24.58 -58.63 36.35
CA PRO R 561 -25.02 -57.99 37.59
C PRO R 561 -23.97 -58.04 38.68
N GLN R 562 -23.94 -56.97 39.48
CA GLN R 562 -23.07 -56.91 40.64
C GLN R 562 -23.59 -57.81 41.77
N ASP R 563 -24.90 -57.84 41.96
CA ASP R 563 -25.52 -58.70 42.96
C ASP R 563 -25.23 -60.17 42.64
N LYS R 564 -24.55 -60.85 43.56
CA LYS R 564 -24.21 -62.26 43.38
C LYS R 564 -25.43 -63.17 43.40
N GLY R 565 -26.63 -62.64 43.57
CA GLY R 565 -27.82 -63.48 43.64
C GLY R 565 -28.81 -63.27 42.52
N ALA R 566 -28.47 -62.39 41.56
CA ALA R 566 -29.35 -62.11 40.42
C ALA R 566 -29.06 -63.11 39.32
N LEU R 567 -30.09 -63.81 38.87
CA LEU R 567 -29.97 -64.86 37.86
C LEU R 567 -30.85 -64.53 36.66
N PHE R 568 -30.33 -64.81 35.48
CA PHE R 568 -30.98 -64.50 34.21
C PHE R 568 -31.19 -65.79 33.45
N LEU R 569 -32.44 -66.21 33.28
CA LEU R 569 -32.79 -67.41 32.53
C LEU R 569 -33.19 -66.97 31.12
N ASN R 570 -32.29 -67.17 30.16
CA ASN R 570 -32.50 -66.68 28.81
C ASN R 570 -33.13 -67.74 27.93
N PHE R 571 -34.08 -67.31 27.09
CA PHE R 571 -34.71 -68.19 26.10
C PHE R 571 -34.73 -67.56 24.71
N CYS R 572 -33.97 -66.50 24.49
CA CYS R 572 -33.87 -65.87 23.18
C CYS R 572 -32.41 -65.54 22.91
N LEU R 573 -32.13 -65.19 21.66
CA LEU R 573 -30.75 -64.95 21.23
C LEU R 573 -30.32 -63.50 21.43
N TYR R 574 -31.25 -62.55 21.39
CA TYR R 574 -30.94 -61.13 21.51
C TYR R 574 -31.90 -60.47 22.49
N PRO R 575 -31.77 -60.77 23.79
CA PRO R 575 -32.65 -60.13 24.78
C PRO R 575 -32.36 -58.65 24.85
N GLY R 576 -33.39 -57.83 24.61
CA GLY R 576 -33.29 -56.38 24.61
C GLY R 576 -33.69 -55.75 23.29
N THR R 577 -33.53 -56.48 22.19
CA THR R 577 -33.92 -55.97 20.88
C THR R 577 -35.41 -56.22 20.64
N TYR R 578 -36.02 -55.34 19.86
CA TYR R 578 -37.45 -55.46 19.58
C TYR R 578 -37.73 -56.70 18.74
N GLN R 579 -36.92 -56.95 17.72
CA GLN R 579 -37.07 -58.08 16.84
C GLN R 579 -37.09 -59.38 17.64
N PRO R 580 -38.16 -60.17 17.54
CA PRO R 580 -38.19 -61.45 18.27
C PRO R 580 -37.01 -62.33 17.89
N SER R 581 -36.52 -63.05 18.89
CA SER R 581 -35.41 -63.96 18.66
C SER R 581 -35.50 -65.24 19.47
N GLY R 582 -36.68 -65.69 19.85
CA GLY R 582 -36.84 -66.94 20.60
C GLY R 582 -37.68 -66.75 21.86
N HIS R 583 -38.39 -67.81 22.24
CA HIS R 583 -39.28 -67.74 23.39
C HIS R 583 -39.70 -69.15 23.78
N VAL R 584 -40.17 -69.28 25.02
CA VAL R 584 -40.84 -70.48 25.49
C VAL R 584 -42.31 -70.38 25.15
N ASN R 585 -42.87 -71.43 24.57
CA ASN R 585 -44.20 -71.34 23.98
C ASN R 585 -45.29 -71.36 25.04
N ILE R 586 -46.46 -70.85 24.65
CA ILE R 586 -47.62 -70.74 25.53
C ILE R 586 -47.89 -72.08 26.19
N SER R 587 -47.97 -73.12 25.37
CA SER R 587 -48.18 -74.46 25.90
C SER R 587 -47.19 -74.76 27.00
N ARG R 588 -45.89 -74.59 26.71
CA ARG R 588 -44.86 -74.90 27.70
C ARG R 588 -44.91 -73.91 28.86
N ALA R 589 -45.50 -72.74 28.64
CA ALA R 589 -45.43 -71.70 29.65
C ALA R 589 -46.34 -71.96 30.84
N ARG R 590 -47.37 -72.78 30.70
CA ARG R 590 -48.38 -72.94 31.73
C ARG R 590 -48.17 -74.18 32.60
N GLU R 591 -47.05 -74.89 32.40
CA GLU R 591 -46.62 -75.98 33.29
C GLU R 591 -45.11 -75.80 33.48
N PHE R 592 -44.74 -74.67 34.07
CA PHE R 592 -43.37 -74.18 34.11
C PHE R 592 -42.85 -74.34 35.53
N TYR R 593 -41.74 -75.05 35.69
CA TYR R 593 -41.16 -75.30 37.00
C TYR R 593 -39.74 -74.74 37.06
N ILE R 594 -39.48 -73.94 38.08
CA ILE R 594 -38.13 -73.52 38.44
C ILE R 594 -37.73 -74.32 39.67
N GLU R 595 -36.72 -75.16 39.52
CA GLU R 595 -36.27 -76.05 40.60
C GLU R 595 -34.88 -75.61 41.04
N TYR R 596 -34.73 -75.35 42.33
CA TYR R 596 -33.49 -74.82 42.89
C TYR R 596 -32.99 -75.72 44.01
N THR R 597 -31.69 -75.64 44.26
CA THR R 597 -31.09 -76.16 45.48
C THR R 597 -30.42 -75.00 46.21
N SER R 598 -30.58 -74.97 47.53
CA SER R 598 -30.02 -73.91 48.36
C SER R 598 -29.30 -74.51 49.55
N SER R 599 -28.13 -73.96 49.87
CA SER R 599 -27.46 -74.25 51.12
C SER R 599 -27.66 -73.15 52.15
N PHE R 600 -28.62 -72.26 51.92
CA PHE R 600 -28.97 -71.21 52.87
C PHE R 600 -30.41 -71.29 53.36
N CYS R 601 -31.35 -71.60 52.47
CA CYS R 601 -32.76 -71.60 52.84
C CYS R 601 -33.08 -72.78 53.74
N ASP R 602 -33.64 -72.50 54.91
CA ASP R 602 -34.13 -73.54 55.82
C ASP R 602 -35.25 -72.93 56.65
N SER R 603 -35.65 -73.65 57.71
CA SER R 603 -36.73 -73.17 58.56
C SER R 603 -36.36 -71.89 59.29
N SER R 604 -35.07 -71.68 59.57
CA SER R 604 -34.63 -70.48 60.28
C SER R 604 -34.35 -69.31 59.35
N ASN R 605 -34.20 -69.56 58.05
CA ASN R 605 -33.88 -68.51 57.07
C ASN R 605 -34.89 -68.57 55.94
N PRO R 606 -36.11 -68.09 56.16
CA PRO R 606 -37.10 -68.08 55.06
C PRO R 606 -36.69 -67.12 53.96
N CYS R 607 -37.01 -67.50 52.74
CA CYS R 607 -36.65 -66.71 51.57
C CYS R 607 -37.82 -66.64 50.62
N ASP R 608 -37.80 -65.62 49.76
CA ASP R 608 -38.80 -65.42 48.71
C ASP R 608 -38.16 -65.78 47.38
N LEU R 609 -38.73 -66.75 46.68
CA LEU R 609 -38.27 -67.07 45.33
C LEU R 609 -39.01 -66.16 44.37
N ILE R 610 -38.37 -65.06 44.00
CA ILE R 610 -38.95 -64.09 43.08
C ILE R 610 -38.55 -64.47 41.67
N SER R 611 -39.55 -64.67 40.81
CA SER R 611 -39.33 -64.89 39.39
C SER R 611 -40.17 -63.87 38.63
N ILE R 612 -39.52 -63.09 37.78
CA ILE R 612 -40.17 -62.06 36.99
C ILE R 612 -39.87 -62.33 35.53
N ALA R 613 -40.91 -62.51 34.73
CA ALA R 613 -40.78 -62.86 33.33
C ALA R 613 -41.14 -61.67 32.46
N LYS R 614 -40.40 -61.51 31.36
CA LYS R 614 -40.76 -60.60 30.28
C LYS R 614 -41.45 -61.42 29.21
N CYS R 615 -42.74 -61.17 29.02
CA CYS R 615 -43.58 -61.99 28.18
C CYS R 615 -44.03 -61.22 26.94
N ILE R 616 -44.05 -61.92 25.82
CA ILE R 616 -44.44 -61.33 24.54
C ILE R 616 -45.95 -61.33 24.41
N ASN R 617 -46.51 -60.22 23.93
CA ASN R 617 -47.92 -60.14 23.61
C ASN R 617 -48.09 -59.14 22.48
N PHE R 618 -49.34 -58.93 22.06
CA PHE R 618 -49.62 -58.08 20.92
C PHE R 618 -50.81 -57.18 21.23
N LEU R 619 -50.79 -55.99 20.64
CA LEU R 619 -51.88 -55.02 20.74
C LEU R 619 -52.42 -54.75 19.35
N LEU R 620 -53.74 -54.65 19.26
CA LEU R 620 -54.43 -54.36 18.02
C LEU R 620 -54.74 -52.87 17.98
N ILE R 621 -54.50 -52.25 16.83
CA ILE R 621 -54.73 -50.82 16.69
C ILE R 621 -56.22 -50.50 16.84
N UNK S 1 21.11 -32.53 14.22
CA UNK S 1 21.92 -31.84 13.22
C UNK S 1 22.38 -32.80 12.14
N UNK S 2 21.79 -32.67 10.95
CA UNK S 2 22.15 -33.50 9.80
C UNK S 2 23.04 -32.71 8.84
N UNK S 3 23.80 -33.45 8.05
CA UNK S 3 24.79 -32.87 7.14
C UNK S 3 24.34 -33.13 5.70
N UNK S 4 23.50 -32.25 5.18
CA UNK S 4 23.13 -32.25 3.77
C UNK S 4 23.25 -30.84 3.22
N UNK S 5 24.45 -30.28 3.38
CA UNK S 5 24.93 -29.16 2.59
C UNK S 5 25.76 -29.66 1.42
N UNK S 6 25.35 -30.78 0.83
CA UNK S 6 26.12 -31.43 -0.22
C UNK S 6 26.09 -30.60 -1.50
N UNK S 7 27.16 -30.72 -2.28
CA UNK S 7 27.36 -29.92 -3.47
C UNK S 7 27.07 -30.76 -4.72
N UNK S 8 27.61 -30.34 -5.86
CA UNK S 8 27.42 -31.09 -7.10
C UNK S 8 28.32 -32.33 -7.15
N UNK S 9 29.56 -32.20 -6.70
CA UNK S 9 30.47 -33.34 -6.69
C UNK S 9 29.98 -34.41 -5.73
N UNK S 10 29.64 -34.02 -4.50
CA UNK S 10 29.09 -34.97 -3.53
C UNK S 10 27.75 -35.55 -4.01
N UNK S 11 27.07 -34.85 -4.93
CA UNK S 11 25.80 -35.36 -5.44
C UNK S 11 26.02 -36.51 -6.41
N UNK S 12 26.89 -36.31 -7.41
CA UNK S 12 27.16 -37.37 -8.38
C UNK S 12 27.73 -38.60 -7.69
N UNK S 13 28.35 -38.42 -6.52
CA UNK S 13 28.90 -39.55 -5.78
C UNK S 13 27.79 -40.34 -5.06
N UNK S 14 26.83 -39.63 -4.47
CA UNK S 14 25.71 -40.32 -3.85
C UNK S 14 24.91 -41.12 -4.88
N UNK S 15 24.76 -40.57 -6.08
CA UNK S 15 24.15 -41.32 -7.17
C UNK S 15 25.04 -42.44 -7.67
N UNK S 16 26.34 -42.40 -7.35
CA UNK S 16 27.24 -43.49 -7.71
C UNK S 16 27.14 -44.64 -6.73
N UNK S 17 27.13 -44.33 -5.43
CA UNK S 17 26.97 -45.38 -4.43
C UNK S 17 25.66 -46.14 -4.59
N UNK S 18 24.65 -45.49 -5.17
CA UNK S 18 23.38 -46.14 -5.42
C UNK S 18 23.47 -47.20 -6.50
N UNK S 19 24.47 -47.12 -7.38
CA UNK S 19 24.64 -48.12 -8.42
C UNK S 19 25.07 -49.47 -7.88
N UNK S 20 25.70 -49.49 -6.70
CA UNK S 20 26.18 -50.74 -6.08
C UNK S 20 25.55 -50.85 -4.69
N UNK S 21 24.29 -51.27 -4.65
CA UNK S 21 23.58 -51.43 -3.39
C UNK S 21 22.41 -52.40 -3.55
N UNK T 1 53.56 -26.70 -3.47
CA UNK T 1 52.22 -26.51 -4.00
C UNK T 1 52.07 -25.13 -4.62
N UNK T 2 51.40 -25.06 -5.76
CA UNK T 2 51.19 -23.81 -6.47
C UNK T 2 49.72 -23.40 -6.39
N UNK T 3 49.49 -22.10 -6.45
CA UNK T 3 48.12 -21.55 -6.43
C UNK T 3 47.61 -21.46 -7.86
N UNK T 4 47.21 -22.62 -8.38
CA UNK T 4 46.57 -22.71 -9.69
C UNK T 4 45.17 -23.32 -9.60
N UNK T 5 44.64 -23.50 -8.39
CA UNK T 5 43.21 -23.72 -8.23
C UNK T 5 42.50 -22.41 -8.50
N UNK T 6 42.56 -21.94 -9.74
CA UNK T 6 42.06 -20.63 -10.13
C UNK T 6 40.62 -20.74 -10.62
N UNK T 7 39.96 -19.59 -10.71
CA UNK T 7 38.56 -19.50 -11.05
C UNK T 7 38.40 -19.08 -12.51
N UNK T 8 37.14 -19.05 -12.96
CA UNK T 8 36.83 -18.61 -14.32
C UNK T 8 37.28 -17.16 -14.53
N UNK T 9 37.12 -16.31 -13.51
CA UNK T 9 37.56 -14.93 -13.63
C UNK T 9 39.06 -14.84 -13.87
N UNK T 10 39.84 -15.62 -13.11
CA UNK T 10 41.28 -15.66 -13.35
C UNK T 10 41.62 -16.40 -14.64
N UNK T 11 40.75 -17.32 -15.07
CA UNK T 11 41.01 -18.05 -16.30
C UNK T 11 40.92 -17.14 -17.53
N UNK T 12 39.83 -16.37 -17.62
CA UNK T 12 39.68 -15.43 -18.73
C UNK T 12 40.83 -14.43 -18.76
N UNK T 13 41.29 -14.00 -17.58
CA UNK T 13 42.46 -13.14 -17.52
C UNK T 13 43.70 -13.84 -18.04
N UNK T 14 43.89 -15.10 -17.65
CA UNK T 14 45.03 -15.87 -18.14
C UNK T 14 44.99 -16.00 -19.66
N UNK T 15 43.81 -16.34 -20.21
CA UNK T 15 43.68 -16.47 -21.65
C UNK T 15 43.83 -15.13 -22.35
N UNK T 16 43.51 -14.03 -21.67
CA UNK T 16 43.70 -12.70 -22.25
C UNK T 16 45.16 -12.26 -22.18
N UNK T 17 45.84 -12.58 -21.08
CA UNK T 17 47.28 -12.35 -21.01
C UNK T 17 48.01 -13.08 -22.13
N UNK T 18 47.48 -14.22 -22.55
CA UNK T 18 48.08 -14.96 -23.66
C UNK T 18 47.98 -14.19 -24.97
N UNK T 19 46.93 -13.37 -25.13
CA UNK T 19 46.74 -12.63 -26.38
C UNK T 19 47.90 -11.67 -26.62
N UNK T 20 48.29 -10.92 -25.59
CA UNK T 20 49.33 -9.90 -25.72
C UNK T 20 50.65 -10.48 -25.21
N UNK T 21 51.29 -11.27 -26.07
CA UNK T 21 52.59 -11.85 -25.76
C UNK T 21 53.31 -12.30 -27.03
N UNK U 1 30.86 3.15 3.34
CA UNK U 1 30.20 1.91 3.76
C UNK U 1 28.99 1.61 2.88
N UNK U 2 28.94 0.39 2.34
CA UNK U 2 27.86 -0.02 1.45
C UNK U 2 27.84 -1.53 1.28
N UNK U 3 26.70 -2.16 1.57
CA UNK U 3 26.58 -3.62 1.61
C UNK U 3 25.51 -4.06 0.62
N UNK U 4 25.89 -4.08 -0.67
CA UNK U 4 24.96 -4.45 -1.72
C UNK U 4 25.53 -5.51 -2.66
N UNK U 5 26.51 -6.30 -2.21
CA UNK U 5 26.99 -7.44 -2.98
C UNK U 5 26.06 -8.63 -2.72
N UNK U 6 24.84 -8.50 -3.25
CA UNK U 6 23.81 -9.50 -3.06
C UNK U 6 24.06 -10.72 -3.94
N UNK U 7 23.27 -11.76 -3.72
CA UNK U 7 23.39 -13.03 -4.41
C UNK U 7 22.27 -13.18 -5.43
N UNK U 8 22.30 -14.30 -6.16
CA UNK U 8 21.22 -14.60 -7.09
C UNK U 8 19.91 -14.80 -6.37
N UNK U 9 19.93 -15.47 -5.21
CA UNK U 9 18.72 -15.64 -4.44
C UNK U 9 18.25 -14.32 -3.84
N UNK U 10 19.19 -13.50 -3.35
CA UNK U 10 18.81 -12.19 -2.82
C UNK U 10 18.25 -11.28 -3.91
N UNK U 11 18.62 -11.53 -5.18
CA UNK U 11 18.09 -10.75 -6.28
C UNK U 11 16.65 -11.12 -6.58
N UNK U 12 16.36 -12.42 -6.62
CA UNK U 12 14.97 -12.87 -6.83
C UNK U 12 14.06 -12.36 -5.74
N UNK U 13 14.56 -12.25 -4.51
CA UNK U 13 13.77 -11.68 -3.42
C UNK U 13 13.56 -10.18 -3.63
N UNK U 14 14.57 -9.49 -4.17
CA UNK U 14 14.45 -8.06 -4.42
C UNK U 14 13.47 -7.78 -5.54
N UNK U 15 13.52 -8.57 -6.61
CA UNK U 15 12.58 -8.38 -7.72
C UNK U 15 11.15 -8.69 -7.30
N UNK U 16 10.97 -9.61 -6.35
CA UNK U 16 9.62 -9.93 -5.89
C UNK U 16 9.08 -8.87 -4.93
N UNK U 17 9.95 -8.30 -4.10
CA UNK U 17 9.53 -7.16 -3.28
C UNK U 17 9.19 -5.97 -4.15
N UNK U 18 9.74 -5.92 -5.36
CA UNK U 18 9.34 -4.89 -6.30
C UNK U 18 7.94 -5.13 -6.83
N UNK U 19 7.58 -6.40 -7.04
CA UNK U 19 6.21 -6.72 -7.46
C UNK U 19 5.19 -6.23 -6.46
N UNK U 20 5.51 -6.27 -5.17
CA UNK U 20 4.63 -5.81 -4.09
C UNK U 20 5.16 -4.47 -3.61
N UNK U 21 4.84 -3.41 -4.36
CA UNK U 21 5.27 -2.06 -4.02
C UNK U 21 4.33 -1.03 -4.61
N UNK V 1 -50.58 -77.04 -8.39
CA UNK V 1 -49.70 -75.89 -8.52
C UNK V 1 -49.95 -74.88 -7.41
N UNK V 2 -49.03 -74.83 -6.45
CA UNK V 2 -49.15 -73.89 -5.34
C UNK V 2 -48.76 -72.48 -5.80
N UNK V 3 -48.94 -71.51 -4.90
CA UNK V 3 -48.75 -70.11 -5.26
C UNK V 3 -48.45 -69.24 -4.05
N UNK V 4 -47.50 -69.66 -3.22
CA UNK V 4 -47.27 -69.02 -1.92
C UNK V 4 -45.99 -68.21 -1.88
N UNK V 5 -45.41 -67.84 -3.04
CA UNK V 5 -44.22 -67.01 -3.06
C UNK V 5 -44.61 -65.55 -2.82
N UNK V 6 -45.01 -65.28 -1.57
CA UNK V 6 -45.60 -64.01 -1.20
C UNK V 6 -44.54 -63.00 -0.76
N UNK V 7 -44.99 -61.78 -0.47
CA UNK V 7 -44.09 -60.65 -0.25
C UNK V 7 -43.97 -60.32 1.23
N UNK V 8 -43.17 -59.29 1.52
CA UNK V 8 -43.07 -58.79 2.89
C UNK V 8 -44.38 -58.16 3.34
N UNK V 9 -45.01 -57.36 2.47
CA UNK V 9 -46.32 -56.83 2.76
C UNK V 9 -47.34 -57.94 2.93
N UNK V 10 -47.24 -58.99 2.10
CA UNK V 10 -48.15 -60.13 2.24
C UNK V 10 -47.83 -60.94 3.49
N UNK V 11 -46.56 -61.06 3.86
CA UNK V 11 -46.20 -61.74 5.10
C UNK V 11 -46.81 -61.04 6.31
N UNK V 12 -46.67 -59.71 6.37
CA UNK V 12 -47.24 -58.96 7.47
C UNK V 12 -48.76 -59.08 7.51
N UNK V 13 -49.40 -59.03 6.34
CA UNK V 13 -50.85 -59.21 6.29
C UNK V 13 -51.26 -60.60 6.74
N UNK V 14 -50.48 -61.62 6.36
CA UNK V 14 -50.78 -62.98 6.81
C UNK V 14 -50.62 -63.12 8.31
N UNK V 15 -49.50 -62.62 8.86
CA UNK V 15 -49.31 -62.65 10.30
C UNK V 15 -50.38 -61.87 11.03
N UNK V 16 -50.93 -60.83 10.39
CA UNK V 16 -52.00 -60.05 11.00
C UNK V 16 -53.35 -60.74 10.93
N UNK V 17 -53.58 -61.56 9.90
CA UNK V 17 -54.79 -62.36 9.86
C UNK V 17 -54.80 -63.39 10.98
N UNK V 18 -53.62 -63.80 11.46
CA UNK V 18 -53.52 -64.72 12.57
C UNK V 18 -53.81 -64.05 13.90
N UNK V 19 -53.80 -62.72 13.95
CA UNK V 19 -54.07 -62.01 15.20
C UNK V 19 -55.55 -62.03 15.55
N UNK V 20 -56.43 -62.05 14.55
CA UNK V 20 -57.87 -61.98 14.76
C UNK V 20 -58.48 -63.32 14.36
N UNK V 21 -59.05 -64.02 15.35
CA UNK V 21 -59.69 -65.31 15.11
C UNK V 21 -60.78 -65.58 16.14
N UNK W 1 -54.04 -38.66 -12.68
CA UNK W 1 -53.17 -39.60 -12.00
C UNK W 1 -51.71 -39.19 -12.13
N UNK W 2 -51.05 -38.97 -10.99
CA UNK W 2 -49.65 -38.58 -11.01
C UNK W 2 -48.76 -39.81 -11.11
N UNK W 3 -47.46 -39.58 -11.28
CA UNK W 3 -46.49 -40.65 -11.42
C UNK W 3 -45.53 -40.72 -10.23
N UNK W 4 -45.94 -40.21 -9.07
CA UNK W 4 -45.12 -40.25 -7.87
C UNK W 4 -44.97 -41.69 -7.39
N UNK W 5 -44.50 -42.57 -8.28
CA UNK W 5 -44.18 -43.95 -7.95
C UNK W 5 -42.68 -44.21 -7.90
N UNK W 6 -41.90 -43.13 -7.74
CA UNK W 6 -40.47 -43.18 -7.68
C UNK W 6 -39.97 -44.00 -6.49
N UNK W 7 -38.68 -44.31 -6.51
CA UNK W 7 -38.08 -45.18 -5.52
C UNK W 7 -37.05 -44.38 -4.72
N UNK W 8 -36.12 -45.07 -4.03
CA UNK W 8 -35.10 -44.40 -3.22
C UNK W 8 -34.17 -43.51 -4.07
N UNK W 9 -33.76 -44.02 -5.23
CA UNK W 9 -32.86 -43.26 -6.09
C UNK W 9 -33.51 -41.96 -6.54
N UNK W 10 -34.81 -41.99 -6.82
CA UNK W 10 -35.46 -40.77 -7.26
C UNK W 10 -35.83 -39.87 -6.08
N UNK W 11 -36.01 -40.44 -4.90
CA UNK W 11 -36.17 -39.62 -3.69
C UNK W 11 -34.91 -38.80 -3.44
N UNK W 12 -33.74 -39.45 -3.51
CA UNK W 12 -32.47 -38.73 -3.38
C UNK W 12 -32.31 -37.70 -4.49
N UNK W 13 -32.98 -37.88 -5.63
CA UNK W 13 -32.93 -36.89 -6.69
C UNK W 13 -33.70 -35.63 -6.30
N UNK W 14 -34.92 -35.81 -5.77
CA UNK W 14 -35.70 -34.67 -5.31
C UNK W 14 -34.95 -33.92 -4.20
N UNK W 15 -34.41 -34.66 -3.23
CA UNK W 15 -33.68 -34.02 -2.14
C UNK W 15 -32.46 -33.26 -2.66
N UNK W 16 -31.85 -33.73 -3.75
CA UNK W 16 -30.71 -33.03 -4.32
C UNK W 16 -31.14 -31.79 -5.08
N UNK W 17 -32.24 -31.87 -5.85
CA UNK W 17 -32.73 -30.71 -6.58
C UNK W 17 -33.20 -29.61 -5.62
N UNK W 18 -33.61 -29.98 -4.41
CA UNK W 18 -34.00 -28.99 -3.42
C UNK W 18 -32.80 -28.28 -2.81
N UNK W 19 -31.61 -28.87 -2.89
CA UNK W 19 -30.43 -28.23 -2.33
C UNK W 19 -30.10 -26.93 -3.07
N UNK W 20 -30.38 -26.87 -4.37
CA UNK W 20 -30.24 -25.64 -5.15
C UNK W 20 -31.64 -25.09 -5.37
N UNK W 21 -32.05 -24.18 -4.49
CA UNK W 21 -33.39 -23.59 -4.57
C UNK W 21 -33.47 -22.33 -3.72
N UNK X 1 -22.82 -56.34 -25.95
CA UNK X 1 -23.65 -56.49 -24.76
C UNK X 1 -22.86 -57.15 -23.63
N UNK X 2 -23.46 -57.21 -22.44
CA UNK X 2 -22.81 -57.78 -21.26
C UNK X 2 -23.83 -58.01 -20.14
N UNK X 3 -23.88 -59.22 -19.58
CA UNK X 3 -24.95 -59.63 -18.70
C UNK X 3 -24.64 -59.43 -17.22
N UNK X 4 -23.72 -58.53 -16.88
CA UNK X 4 -23.42 -58.27 -15.47
C UNK X 4 -24.44 -57.28 -14.90
N UNK X 5 -25.65 -57.79 -14.74
CA UNK X 5 -26.73 -57.14 -14.00
C UNK X 5 -27.17 -58.04 -12.86
N UNK X 6 -26.20 -58.67 -12.20
CA UNK X 6 -26.48 -59.70 -11.22
C UNK X 6 -27.19 -59.14 -9.99
N UNK X 7 -27.93 -60.00 -9.30
CA UNK X 7 -28.67 -59.61 -8.11
C UNK X 7 -27.86 -59.91 -6.85
N UNK X 8 -28.55 -60.26 -5.76
CA UNK X 8 -27.87 -60.58 -4.50
C UNK X 8 -27.48 -62.06 -4.45
N UNK X 9 -28.44 -62.95 -4.66
CA UNK X 9 -28.14 -64.38 -4.66
C UNK X 9 -27.20 -64.76 -5.79
N UNK X 10 -27.20 -63.99 -6.89
CA UNK X 10 -26.30 -64.28 -7.99
C UNK X 10 -24.87 -63.90 -7.65
N UNK X 11 -24.67 -62.87 -6.82
CA UNK X 11 -23.34 -62.58 -6.30
C UNK X 11 -22.97 -63.53 -5.18
N UNK X 12 -23.88 -63.76 -4.22
CA UNK X 12 -23.69 -64.78 -3.20
C UNK X 12 -23.61 -66.20 -3.75
N UNK X 13 -23.67 -66.36 -5.08
CA UNK X 13 -23.31 -67.61 -5.76
C UNK X 13 -22.04 -67.48 -6.60
N UNK X 14 -21.62 -66.25 -6.94
CA UNK X 14 -20.37 -66.06 -7.68
C UNK X 14 -19.16 -66.00 -6.75
N UNK X 15 -19.30 -65.36 -5.59
CA UNK X 15 -18.23 -65.44 -4.59
C UNK X 15 -18.06 -66.87 -4.08
N UNK X 16 -19.16 -67.64 -4.06
CA UNK X 16 -19.04 -69.07 -3.73
C UNK X 16 -18.38 -69.83 -4.87
N UNK X 17 -18.62 -69.41 -6.12
CA UNK X 17 -17.96 -69.99 -7.28
C UNK X 17 -16.46 -69.68 -7.34
N UNK X 18 -15.89 -69.10 -6.29
CA UNK X 18 -14.47 -68.78 -6.23
C UNK X 18 -13.75 -69.60 -5.16
N UNK X 19 -14.30 -70.77 -4.82
CA UNK X 19 -13.65 -71.66 -3.86
C UNK X 19 -13.05 -72.87 -4.56
#